data_5LEX
#
_entry.id   5LEX
#
_cell.length_a   113.860
_cell.length_b   203.150
_cell.length_c   316.020
_cell.angle_alpha   90.00
_cell.angle_beta   90.00
_cell.angle_gamma   90.00
#
_symmetry.space_group_name_H-M   'P 21 21 21'
#
loop_
_entity.id
_entity.type
_entity.pdbx_description
1 polymer 'Proteasome subunit alpha type-2'
2 polymer 'Proteasome subunit alpha type-4'
3 polymer 'Proteasome subunit alpha type-7'
4 polymer 'Proteasome subunit alpha type-5'
5 polymer 'Proteasome subunit alpha type-1'
6 polymer 'Proteasome subunit alpha type-3'
7 polymer 'Proteasome subunit alpha type-6'
8 polymer 'Proteasome subunit beta type-7'
9 polymer 'Proteasome subunit beta type-3'
10 polymer 'Proteasome subunit beta type-2'
11 polymer 'Proteasome subunit beta type-5'
12 polymer 'Proteasome subunit beta type-1'
13 polymer 'Proteasome subunit beta type-4'
14 polymer 'Proteasome subunit beta type-6'
15 non-polymer 'POTASSIUM ION'
16 non-polymer 'MAGNESIUM ION'
17 non-polymer 'PENTAETHYLENE GLYCOL'
18 water water
#
loop_
_entity_poly.entity_id
_entity_poly.type
_entity_poly.pdbx_seq_one_letter_code
_entity_poly.pdbx_strand_id
1 'polypeptide(L)'
;MAERGYSFSLTTFSPSGKLVQIEYALAAVAGGAPSVGIKAANGVVLATEKKQKSILYDERSVHKVEPITKHIGLVYSGMG
PDYRVLVHRARKLAQQYYLVYQEPIPTAQLVQRVASVMQEYTQSGGVRPFGVSLLICGWNEGRPYLFQSDPSGAYFAWKA
TAMGKNYVNGKTFLEKRYNEDLELEDAIHTAILTLKESFEGQMTEDNIEVGICNEAGFRRLTPTEVKDYLAAIA
;
A,O
2 'polypeptide(L)'
;MSRRYDSRTTIFSPEGRLYQVEYAMEAIGHAGTCLGILANDGVLLAAERRNIHKLLDEVFFSEKIYKLNEDMACSVAGIT
SDANVLTNELRLIAQRYLLQYQEPIPCEQLVTALCDIKQAYTQFGGKRPFGVSLLYIGWDKHYGFQLYQSDPSGNYGGWK
ATCIGNNSAAAVSMLKQDYKEGEMTLKSALALAIKVLNKTMDVSKLSAEKVEIATLTRENGKTVIRVLKQKEVEQLIKKH
EEEEAKAEREKKEKEQKEKDK
;
B,P
3 'polypeptide(L)'
;MSYDRAITVFSPDGHLFQVEYAQEAVKKGSTAVGVRGRDIVVLGVEKKSVAKLQDERTVRKI(YCM)ALDDNVCMAFAGL
TADARIVINRARVECQSHRLTVEDPVTVEYITRYIASLKQRYTQSNGRRPFGISALIVGFDFDGTPRLYQTDPSGTYHAW
KANAIGRGAKSVREFLEKNYTDEAIETDDLTIKLVIKALLEVVQSGGKNIELAVMRRDQSLKILNPEEIEKYVAEIEKEK
EENEKKKQKKAS
;
C,Q
4 'polypeptide(L)'
;MFLTRSEYDRGVNTFSPEGRLFQVEYAIEAIKLGSTAIGIQTSEGVCLAVEKRITSPLMEPSSIEKIVEIDAHIGCAMSG
LIADAKTLIDKARVETQNHWFTYNETMTVESVTQAVSNLALQFGEEDADPGAMSRPFGVALLFGGVDEKGPQLFHMDPSG
TFVQCDARAIGSASEGAQSSLQEVYHKSMTLKEAIKSSLIILKQVMEEKLNATNIELATVQPGQNFHMFTKEELEEVIKD
I
;
D,R
5 'polypeptide(L)'
;MFRNQYDNDVTVWSPQGRIHQIEYAMEAVKQGSATVGLKSKTHAVLVALKRAQSELAAHQKKILHVDNHIGISIAGLTAD
ARLLCNFMRQECLDSRFVFDRPLPVSRLVSLIGSKTQIPTQRYGRRPYGVGLLIAGYDDMGPHIFQT(6V1)PSANYFDC
RAMSIGARSQSARTYLERHMSEFMECNLNELVKHGLRALRETLPAEQDLTTKNVSIGIVGKDLEFTIYDDDDVSPFLEGL
EERPQRKAQPAQPADEPAEKADEPMEH
;
E,S
6 'polypeptide(L)'
;MSSIGTGYDLSASTFSPDGRVFQVEYAMKAVENSSTAIGIRCKDGVVFGVEKLVLSKLYEEGSNKRLFNVDRHVGMAVAG
LLADARSLADIAREEASNFRSNFGYNIPLKHLADRVAMYVHAYTLYSAVRPFGCSFMLGSYSVNDGAQLYMIDPSGVSYG
YWGCAIGKARQAAKTEIEKLQMKEMTCRDIVKEVAKIIYIVHDEVKDKAFELELSWVGELTNGRHEIVPKDIREEAEKYA
KESLKEEDESDDDNM
;
F,T
7 'polypeptide(L)'
;MSRGSSAGFDRHITIFSPEGRLYQVEYAFKAINQGGLTSVAVRGKD(6V1)AVIVTQKKVPDKLLDSSTVTHLFKITENI
GCVMTGMTADSRSQVQRARYEAANWKYKYGYEIPVDMLCKRIADISQVYTQNAEMRPLGC(YCM)MILIGIDEEQGPQVY
KCDPAGYY(6V1)GFKATAAGVKQTESTSFLEKKVKKKFDWTFEQTVETAITCLSTVLSIDFKPSEIEVGVVTVENPKFR
ILTEAEIDAHLVALAERD
;
G,U
8 'polypeptide(L)'
;TTIAGVVYKDGIVLGADTRATEGMVVADKNCSKIHFISPNIYCCGAGTAADTDMTTQLISSNLELHSLSTGRLPRVVTAN
RMLKQMLFRYQGYIGAALVLGGVDVTGPHLYSIYPHGSTDKLPYVTMGSGSLAAMAVFEDKFRPDMEEEEAKNLVSEAIA
AGIFNDLGSGSNIDLCVISKNKLDFLRPYTVPNKKGTRLGRYRCEKGTTAVLTEKITPLEIEVLEETVQTMDTS
;
H,V
9 'polypeptide(L)'
;MSIMSYNGGAVMAMKGKNCVAIAADRRFGIQAQMVTTDFQKIFPMGDRLYIGLAGLATDVQTVAQRLKFRLNLYELKEGR
QIKPYTLMSMVANLLYEKRFGPYYTEPVIAGLDPKTFKPFICSLDLIGCPMVTDDFVVSGTCAEQMYGMCESLWEPNMDP
DHLFETISQAMLNAVDRDAVSGMGVIVHIIEKDKITTRTLKARMD
;
I,W
10 'polypeptide(L)'
;MEYLIGIQGPDYVLVASDRVAASNIVQMKDDHDKMFKMSEKILLLCVGEAGDTVQFAEYIQKNVQLYKMRNGYELSPTAA
ANFTRRNLAD(6V1)LRSRTPYHVNLLLAGYDEHEGPALYYMDYLAALAKAPFAAHGYGAFLTLSILDRYYTPTISRERA
VELLRKCLEELQKRFILNLPTFSVRIIDKNGIHDLDNISFPKQGS
;
J,X
11 'polypeptide(L)'
;TTTLAFKFRHGVIVAADSRATAGAYIASQTVKKVIEINPYLLGTMAGGAADCSFWERLLARQCRIYELRNKERISVAAAS
KLLANMVYQYKGMGLSMGTMICGWDKRGPGLYYVDSEGNRISGATFSVGSGSVYAYGVMDRGYSYDLEVEQAYDLARRAI
YQATYRDAYSGGAVNLYHVREDGWIRVSSDNVADLHEKYSGSTP
;
K,Y
12 'polypeptide(L)'
;RFSPYVFNGGTILAIAGEDFAIVASDTRLSEGFSIHTRDSPKCYKLTDKTVIGCSGFHGDCLTLTKIIEARLKMYKHSNN
KAMTTGAIAAMLSTILYSRRFFPYYVYNIIGGLDEEGKGAVYSFDPVGSYQRDSFKAGGSASAMLQPLLDNQVGFKNMQN
VEHVPLSLDRAMRLVKDVFISAAERDVYTGDALRICIVTKEGIREETVSLRKD
;
L,Z
13 'polypeptide(L)'
;TQNPMVTGTSVLGVKFEGGVVIAADMLGSYGSLARFRNISRIMRVNNSTMLGASGDYADFQYLKQVLGQMVIDEELLGDG
HSYSPRAIHSWLTRAMYSRRSKMNPLWNTMVIGGYADGESFLGYVDMLGVAYEAPSLATGYGAYLAQPLLREVLEKQPVL
SQTEARDLVERCMRVLYYRDARSYNRFQIATVTEKGVEIEGPLSTETNWDIAHMISGFE
;
M,a
14 'polypeptide(L)'
;TTIMAVQFDGGVVLGADSRTTTGSYIANRVTDKLTPIHDRIFCCRSGSAADTQAVADAVTYQLGFHSIELNEPPLVHTAA
SLFKEMCYRYREDLMAGIIIAGWDPQEGGQVYSVPMGGMMVRQSFAIGGSGSSYIYGYVDATYREGMTKEECLQFTANAL
ALAMERDGSSGGVIRLAAIAESGVERQVLLGDQIPKFAVATLPPA
;
N,b
#
loop_
_chem_comp.id
_chem_comp.type
_chem_comp.name
_chem_comp.formula
1PE non-polymer 'PENTAETHYLENE GLYCOL' 'C10 H22 O6'
K non-polymer 'POTASSIUM ION' 'K 1'
MG non-polymer 'MAGNESIUM ION' 'Mg 2'
#
# COMPACT_ATOMS: atom_id res chain seq x y z
N ARG A 4 -31.03 39.19 21.96
CA ARG A 4 -31.05 37.94 21.10
C ARG A 4 -32.48 37.43 20.67
N GLY A 5 -33.49 38.33 20.60
CA GLY A 5 -34.90 37.97 20.30
C GLY A 5 -35.82 37.85 21.54
N TYR A 6 -37.11 38.16 21.36
CA TYR A 6 -38.16 37.94 22.36
C TYR A 6 -38.85 36.59 22.05
N SER A 7 -38.81 35.62 22.98
CA SER A 7 -39.32 34.28 22.71
C SER A 7 -40.81 34.04 22.96
N PHE A 8 -41.42 34.98 23.67
CA PHE A 8 -42.83 34.89 24.07
C PHE A 8 -43.73 35.39 22.98
N SER A 9 -44.98 34.91 22.93
CA SER A 9 -45.95 35.36 21.91
C SER A 9 -46.39 36.79 22.20
N LEU A 10 -46.68 37.54 21.14
CA LEU A 10 -47.27 38.88 21.21
C LEU A 10 -48.74 38.87 20.86
N THR A 11 -49.24 37.80 20.26
CA THR A 11 -50.65 37.53 20.18
C THR A 11 -51.00 36.48 21.26
N THR A 12 -52.00 36.77 22.10
CA THR A 12 -52.55 35.87 23.09
C THR A 12 -54.08 35.95 23.12
N PHE A 13 -54.75 35.03 23.84
CA PHE A 13 -56.22 35.05 23.95
C PHE A 13 -56.63 36.02 25.02
N SER A 14 -57.66 36.80 24.70
CA SER A 14 -58.30 37.65 25.70
C SER A 14 -59.33 36.82 26.48
N PRO A 15 -59.91 37.36 27.57
CA PRO A 15 -60.86 36.57 28.34
C PRO A 15 -62.09 36.01 27.56
N SER A 16 -62.51 36.75 26.52
CA SER A 16 -63.62 36.34 25.66
C SER A 16 -63.20 35.45 24.51
N GLY A 17 -61.95 34.98 24.51
CA GLY A 17 -61.47 34.07 23.49
C GLY A 17 -61.08 34.71 22.17
N LYS A 18 -60.93 36.02 22.12
CA LYS A 18 -60.47 36.70 20.91
C LYS A 18 -58.93 36.82 20.93
N LEU A 19 -58.33 36.68 19.75
CA LEU A 19 -56.94 37.03 19.53
C LEU A 19 -56.92 38.44 18.96
N VAL A 20 -56.81 39.43 19.85
CA VAL A 20 -57.00 40.83 19.44
C VAL A 20 -55.92 41.36 18.48
N GLN A 21 -54.67 40.93 18.63
CA GLN A 21 -53.67 41.33 17.61
C GLN A 21 -54.06 40.95 16.18
N ILE A 22 -54.78 39.85 16.02
CA ILE A 22 -55.29 39.48 14.71
C ILE A 22 -56.45 40.39 14.32
N GLU A 23 -57.40 40.59 15.22
CA GLU A 23 -58.48 41.53 14.94
C GLU A 23 -57.95 42.93 14.53
N TYR A 24 -56.92 43.37 15.25
CA TYR A 24 -56.29 44.63 14.92
C TYR A 24 -55.53 44.59 13.60
N ALA A 25 -54.92 43.44 13.25
CA ALA A 25 -54.40 43.28 11.92
C ALA A 25 -55.48 43.40 10.86
N LEU A 26 -56.61 42.77 11.10
CA LEU A 26 -57.77 42.92 10.19
C LEU A 26 -58.22 44.34 10.00
N ALA A 27 -58.08 45.17 11.03
CA ALA A 27 -58.42 46.59 10.91
C ALA A 27 -57.43 47.34 9.98
N ALA A 28 -56.14 47.01 10.06
CA ALA A 28 -55.20 47.49 9.05
C ALA A 28 -55.64 47.09 7.63
N VAL A 29 -56.11 45.85 7.48
CA VAL A 29 -56.56 45.38 6.17
C VAL A 29 -57.74 46.20 5.72
N ALA A 30 -58.70 46.40 6.60
CA ALA A 30 -59.96 47.14 6.26
C ALA A 30 -59.75 48.59 5.88
N GLY A 31 -58.74 49.21 6.46
CA GLY A 31 -58.32 50.56 6.07
C GLY A 31 -57.34 50.63 4.91
N GLY A 32 -57.02 49.49 4.32
CA GLY A 32 -56.14 49.47 3.15
C GLY A 32 -56.91 49.79 1.90
N ALA A 33 -56.18 50.05 0.83
CA ALA A 33 -56.75 50.34 -0.47
C ALA A 33 -57.60 49.17 -0.98
N PRO A 34 -58.72 49.47 -1.68
CA PRO A 34 -59.56 48.38 -2.19
C PRO A 34 -58.90 47.41 -3.20
N SER A 35 -59.23 46.13 -3.08
CA SER A 35 -58.85 45.08 -4.06
C SER A 35 -60.04 44.19 -4.40
N VAL A 36 -60.05 43.69 -5.63
CA VAL A 36 -61.18 42.92 -6.18
C VAL A 36 -60.64 41.70 -6.90
N GLY A 37 -61.27 40.55 -6.65
CA GLY A 37 -61.00 39.35 -7.40
C GLY A 37 -62.28 38.77 -7.94
N ILE A 38 -62.31 38.46 -9.22
CA ILE A 38 -63.46 37.80 -9.83
C ILE A 38 -62.95 36.55 -10.58
N LYS A 39 -63.57 35.41 -10.29
CA LYS A 39 -63.39 34.17 -11.06
C LYS A 39 -64.42 34.08 -12.19
N ALA A 40 -63.95 34.21 -13.43
CA ALA A 40 -64.79 33.98 -14.62
C ALA A 40 -64.88 32.47 -14.89
N ALA A 41 -65.60 32.11 -15.93
CA ALA A 41 -65.65 30.72 -16.39
C ALA A 41 -64.27 30.28 -16.86
N ASN A 42 -63.68 31.09 -17.75
CA ASN A 42 -62.42 30.80 -18.48
C ASN A 42 -61.22 31.65 -18.01
N GLY A 43 -61.26 32.13 -16.76
CA GLY A 43 -60.19 32.98 -16.25
C GLY A 43 -60.45 33.63 -14.89
N VAL A 44 -59.46 34.39 -14.42
CA VAL A 44 -59.56 35.14 -13.16
C VAL A 44 -58.98 36.52 -13.33
N VAL A 45 -59.61 37.51 -12.71
CA VAL A 45 -59.16 38.89 -12.74
C VAL A 45 -58.93 39.39 -11.33
N LEU A 46 -57.79 40.04 -11.13
CA LEU A 46 -57.46 40.74 -9.89
C LEU A 46 -57.29 42.21 -10.20
N ALA A 47 -57.94 43.07 -9.43
CA ALA A 47 -57.81 44.50 -9.62
C ALA A 47 -57.69 45.23 -8.28
N THR A 48 -56.93 46.31 -8.30
CA THR A 48 -56.69 47.09 -7.11
C THR A 48 -56.55 48.55 -7.43
N GLU A 49 -56.88 49.37 -6.45
CA GLU A 49 -56.70 50.81 -6.51
C GLU A 49 -55.26 51.10 -6.14
N LYS A 50 -54.58 51.88 -6.94
CA LYS A 50 -53.34 52.52 -6.47
C LYS A 50 -53.59 53.85 -5.76
N LYS A 51 -53.61 53.80 -4.42
CA LYS A 51 -53.52 55.01 -3.54
C LYS A 51 -52.38 55.99 -4.01
N GLN A 52 -52.64 56.68 -5.12
CA GLN A 52 -51.66 57.51 -5.77
C GLN A 52 -51.90 58.98 -5.51
N LYS A 53 -51.29 59.49 -4.44
CA LYS A 53 -51.18 60.95 -4.25
C LYS A 53 -50.36 61.48 -5.44
N SER A 54 -49.80 62.66 -5.29
CA SER A 54 -48.74 63.17 -6.18
C SER A 54 -48.51 62.61 -7.62
N ILE A 55 -48.63 63.49 -8.63
CA ILE A 55 -48.11 63.23 -9.98
C ILE A 55 -46.56 62.98 -10.00
N LEU A 56 -45.86 63.23 -8.90
CA LEU A 56 -44.42 62.96 -8.78
C LEU A 56 -43.99 61.48 -8.76
N TYR A 57 -44.88 60.57 -8.37
CA TYR A 57 -44.59 59.15 -8.35
C TYR A 57 -44.33 58.63 -9.78
N ASP A 58 -43.40 57.69 -9.90
CA ASP A 58 -43.28 56.90 -11.09
C ASP A 58 -44.15 55.67 -10.82
N GLU A 59 -45.34 55.68 -11.41
N GLU A 59 -45.34 55.68 -11.41
CA GLU A 59 -46.36 54.66 -11.17
CA GLU A 59 -46.37 54.64 -11.15
C GLU A 59 -45.95 53.24 -11.57
C GLU A 59 -45.94 53.24 -11.56
N ARG A 60 -45.14 53.16 -12.63
CA ARG A 60 -44.57 51.90 -13.10
C ARG A 60 -43.41 51.33 -12.24
N SER A 61 -42.93 52.05 -11.24
CA SER A 61 -41.73 51.67 -10.47
C SER A 61 -41.95 50.52 -9.49
N VAL A 62 -43.12 50.44 -8.88
CA VAL A 62 -43.43 49.26 -8.09
C VAL A 62 -44.87 48.87 -8.38
N HIS A 63 -45.23 47.62 -8.07
CA HIS A 63 -46.53 47.06 -8.40
C HIS A 63 -47.15 46.37 -7.22
N LYS A 64 -48.47 46.35 -7.25
CA LYS A 64 -49.25 45.68 -6.25
C LYS A 64 -49.71 44.30 -6.73
N VAL A 65 -49.96 44.18 -8.03
CA VAL A 65 -50.33 42.94 -8.63
C VAL A 65 -49.04 42.25 -9.11
N GLU A 66 -48.74 41.09 -8.52
CA GLU A 66 -47.41 40.43 -8.73
C GLU A 66 -47.52 38.97 -9.18
N PRO A 67 -46.67 38.58 -10.14
CA PRO A 67 -46.54 37.15 -10.48
C PRO A 67 -45.80 36.35 -9.40
N ILE A 68 -46.36 35.21 -9.05
CA ILE A 68 -45.68 34.22 -8.21
C ILE A 68 -44.99 33.15 -9.12
N THR A 69 -45.73 32.61 -10.06
CA THR A 69 -45.22 31.66 -11.07
C THR A 69 -45.86 32.06 -12.39
N LYS A 70 -45.59 31.32 -13.46
CA LYS A 70 -46.20 31.61 -14.75
C LYS A 70 -47.70 31.58 -14.68
N HIS A 71 -48.24 30.81 -13.76
CA HIS A 71 -49.66 30.47 -13.71
C HIS A 71 -50.41 30.98 -12.45
N ILE A 72 -49.70 31.67 -11.55
CA ILE A 72 -50.23 32.19 -10.28
C ILE A 72 -49.84 33.65 -10.06
N GLY A 73 -50.82 34.47 -9.65
CA GLY A 73 -50.57 35.86 -9.26
C GLY A 73 -51.28 36.33 -7.97
N LEU A 74 -50.88 37.53 -7.50
CA LEU A 74 -51.24 38.05 -6.17
C LEU A 74 -51.61 39.53 -6.19
N VAL A 75 -52.51 39.88 -5.28
CA VAL A 75 -52.77 41.24 -4.88
C VAL A 75 -53.14 41.21 -3.40
N TYR A 76 -53.26 42.36 -2.75
CA TYR A 76 -53.49 42.44 -1.33
C TYR A 76 -54.28 43.70 -0.96
N SER A 77 -54.69 43.77 0.30
CA SER A 77 -55.12 44.99 0.91
C SER A 77 -54.50 45.02 2.30
N GLY A 78 -53.99 46.18 2.68
CA GLY A 78 -53.38 46.37 3.99
C GLY A 78 -52.05 47.04 3.80
N MET A 79 -51.07 46.57 4.55
CA MET A 79 -49.77 47.18 4.59
C MET A 79 -48.83 46.59 3.53
N GLY A 80 -48.45 47.42 2.57
CA GLY A 80 -47.62 47.02 1.46
C GLY A 80 -46.31 46.32 1.81
N PRO A 81 -45.52 46.89 2.73
CA PRO A 81 -44.24 46.22 3.06
C PRO A 81 -44.43 44.80 3.63
N ASP A 82 -45.51 44.58 4.39
CA ASP A 82 -45.81 43.23 4.83
C ASP A 82 -46.07 42.29 3.61
N TYR A 83 -46.81 42.77 2.63
CA TYR A 83 -47.11 42.04 1.42
C TYR A 83 -45.82 41.58 0.69
N ARG A 84 -44.84 42.49 0.56
CA ARG A 84 -43.60 42.22 -0.11
C ARG A 84 -42.88 41.01 0.52
N VAL A 85 -42.95 40.88 1.83
CA VAL A 85 -42.42 39.73 2.51
C VAL A 85 -43.08 38.43 1.98
N LEU A 86 -44.41 38.45 1.96
CA LEU A 86 -45.20 37.29 1.57
C LEU A 86 -45.05 36.93 0.08
N VAL A 87 -44.85 37.95 -0.76
CA VAL A 87 -44.59 37.73 -2.19
C VAL A 87 -43.27 36.93 -2.36
N HIS A 88 -42.22 37.42 -1.73
CA HIS A 88 -40.94 36.74 -1.69
C HIS A 88 -41.08 35.29 -1.17
N ARG A 89 -41.80 35.06 -0.07
CA ARG A 89 -41.95 33.68 0.47
CA ARG A 89 -41.95 33.68 0.49
C ARG A 89 -42.75 32.78 -0.46
N ALA A 90 -43.85 33.27 -1.03
CA ALA A 90 -44.64 32.51 -1.98
C ALA A 90 -43.84 32.08 -3.21
N ARG A 91 -43.00 32.98 -3.68
CA ARG A 91 -42.17 32.70 -4.82
C ARG A 91 -41.16 31.55 -4.52
N LYS A 92 -40.59 31.64 -3.33
CA LYS A 92 -39.60 30.76 -2.80
C LYS A 92 -40.27 29.40 -2.52
N LEU A 93 -41.51 29.42 -1.99
CA LEU A 93 -42.29 28.20 -1.82
C LEU A 93 -42.66 27.53 -3.17
N ALA A 94 -42.95 28.34 -4.19
CA ALA A 94 -43.36 27.81 -5.46
C ALA A 94 -42.17 27.08 -6.11
N GLN A 95 -40.98 27.63 -5.95
CA GLN A 95 -39.78 27.01 -6.50
C GLN A 95 -39.35 25.73 -5.76
N GLN A 96 -39.45 25.72 -4.44
CA GLN A 96 -39.14 24.54 -3.65
C GLN A 96 -40.01 23.34 -4.06
N TYR A 97 -41.30 23.59 -4.25
CA TYR A 97 -42.21 22.63 -4.77
C TYR A 97 -41.80 22.14 -6.16
N TYR A 98 -41.51 23.07 -7.06
CA TYR A 98 -41.14 22.70 -8.42
C TYR A 98 -39.85 21.86 -8.44
N LEU A 99 -38.93 22.11 -7.53
CA LEU A 99 -37.67 21.36 -7.53
C LEU A 99 -37.85 19.88 -7.17
N VAL A 100 -38.78 19.60 -6.28
CA VAL A 100 -39.14 18.27 -5.85
C VAL A 100 -40.06 17.58 -6.85
N TYR A 101 -41.12 18.24 -7.30
CA TYR A 101 -42.15 17.57 -8.10
C TYR A 101 -42.08 17.81 -9.59
N GLN A 102 -41.31 18.79 -10.03
CA GLN A 102 -41.12 19.10 -11.47
C GLN A 102 -42.44 19.40 -12.20
N GLU A 103 -43.34 20.03 -11.46
CA GLU A 103 -44.68 20.37 -11.91
C GLU A 103 -44.97 21.73 -11.25
N PRO A 104 -45.66 22.66 -11.94
CA PRO A 104 -45.97 23.93 -11.22
C PRO A 104 -46.88 23.67 -10.03
N ILE A 105 -46.63 24.37 -8.96
CA ILE A 105 -47.39 24.20 -7.72
C ILE A 105 -48.85 24.53 -8.01
N PRO A 106 -49.78 23.64 -7.66
CA PRO A 106 -51.18 23.99 -7.73
C PRO A 106 -51.52 25.20 -6.84
N THR A 107 -52.41 26.07 -7.33
CA THR A 107 -52.83 27.27 -6.62
C THR A 107 -53.15 26.95 -5.19
N ALA A 108 -53.97 25.94 -4.97
CA ALA A 108 -54.40 25.55 -3.61
C ALA A 108 -53.25 25.15 -2.70
N GLN A 109 -52.26 24.44 -3.23
CA GLN A 109 -51.08 24.08 -2.47
C GLN A 109 -50.26 25.31 -2.12
N LEU A 110 -50.11 26.24 -3.07
CA LEU A 110 -49.39 27.47 -2.80
C LEU A 110 -50.07 28.30 -1.69
N VAL A 111 -51.39 28.40 -1.76
CA VAL A 111 -52.13 29.13 -0.76
C VAL A 111 -51.95 28.50 0.62
N GLN A 112 -52.03 27.17 0.71
CA GLN A 112 -51.87 26.46 2.00
C GLN A 112 -50.55 26.80 2.63
N ARG A 113 -49.50 26.77 1.84
CA ARG A 113 -48.15 27.00 2.34
C ARG A 113 -47.99 28.44 2.77
N VAL A 114 -48.51 29.37 2.00
CA VAL A 114 -48.45 30.79 2.38
C VAL A 114 -49.30 31.09 3.62
N ALA A 115 -50.47 30.46 3.71
CA ALA A 115 -51.39 30.70 4.86
C ALA A 115 -50.72 30.22 6.15
N SER A 116 -49.97 29.15 6.01
CA SER A 116 -49.26 28.56 7.09
C SER A 116 -48.16 29.47 7.61
N VAL A 117 -47.52 30.24 6.71
CA VAL A 117 -46.52 31.21 7.14
C VAL A 117 -47.19 32.37 7.90
N MET A 118 -48.32 32.80 7.39
CA MET A 118 -49.15 33.77 8.08
C MET A 118 -49.59 33.30 9.47
N GLN A 119 -49.97 32.02 9.61
CA GLN A 119 -50.29 31.47 10.92
C GLN A 119 -49.12 31.59 11.88
N GLU A 120 -47.91 31.36 11.40
CA GLU A 120 -46.72 31.42 12.28
C GLU A 120 -46.56 32.74 12.99
N TYR A 121 -46.89 33.81 12.29
CA TYR A 121 -46.73 35.15 12.85
C TYR A 121 -47.84 35.54 13.81
N THR A 122 -48.76 34.63 14.11
CA THR A 122 -49.79 34.81 15.15
C THR A 122 -49.45 34.09 16.42
N GLN A 123 -48.28 33.44 16.48
CA GLN A 123 -47.95 32.51 17.56
C GLN A 123 -46.50 32.55 17.94
N SER A 124 -45.65 32.67 16.97
CA SER A 124 -44.21 32.68 17.18
C SER A 124 -43.72 33.89 18.04
N GLY A 125 -42.58 33.75 18.68
CA GLY A 125 -42.06 34.74 19.58
C GLY A 125 -41.69 36.08 18.97
N GLY A 126 -42.06 37.17 19.64
CA GLY A 126 -41.56 38.46 19.36
C GLY A 126 -41.99 39.14 18.08
N VAL A 127 -43.06 38.66 17.44
CA VAL A 127 -43.53 39.22 16.21
C VAL A 127 -45.03 39.52 16.25
N ARG A 128 -45.46 40.41 15.37
CA ARG A 128 -46.87 40.69 15.18
C ARG A 128 -47.33 39.99 13.93
N PRO A 129 -48.65 39.81 13.78
CA PRO A 129 -49.17 39.22 12.53
C PRO A 129 -48.93 40.13 11.38
N PHE A 130 -49.11 39.63 10.18
CA PHE A 130 -49.08 40.41 8.96
C PHE A 130 -50.35 41.18 8.88
N GLY A 131 -50.24 42.46 8.60
CA GLY A 131 -51.42 43.30 8.36
C GLY A 131 -51.82 43.35 6.92
N VAL A 132 -52.06 42.18 6.35
CA VAL A 132 -52.49 42.06 4.96
C VAL A 132 -53.40 40.88 4.80
N SER A 133 -54.30 41.03 3.84
CA SER A 133 -55.02 39.93 3.28
C SER A 133 -54.60 39.89 1.81
N LEU A 134 -54.33 38.66 1.36
CA LEU A 134 -53.93 38.35 -0.02
C LEU A 134 -55.10 37.80 -0.82
N LEU A 135 -55.15 38.18 -2.08
CA LEU A 135 -55.97 37.49 -3.06
C LEU A 135 -55.02 36.83 -4.07
N ILE A 136 -55.24 35.55 -4.29
CA ILE A 136 -54.33 34.68 -5.07
C ILE A 136 -55.15 34.05 -6.16
N CYS A 137 -54.76 34.29 -7.40
CA CYS A 137 -55.41 33.68 -8.53
C CYS A 137 -54.47 32.70 -9.23
N GLY A 138 -55.08 31.71 -9.87
CA GLY A 138 -54.33 30.74 -10.63
C GLY A 138 -55.16 29.88 -11.58
N TRP A 139 -54.43 29.16 -12.43
CA TRP A 139 -55.01 28.22 -13.38
C TRP A 139 -54.22 26.94 -13.31
N ASN A 140 -54.84 25.86 -12.89
CA ASN A 140 -54.25 24.50 -13.00
C ASN A 140 -55.36 23.46 -13.02
N GLU A 141 -55.06 22.31 -13.63
CA GLU A 141 -56.08 21.31 -13.97
C GLU A 141 -57.17 21.87 -14.88
N GLY A 142 -56.77 22.69 -15.85
CA GLY A 142 -57.70 23.27 -16.83
C GLY A 142 -58.84 24.07 -16.22
N ARG A 143 -58.60 24.74 -15.10
CA ARG A 143 -59.70 25.35 -14.31
C ARG A 143 -59.17 26.54 -13.48
N PRO A 144 -59.93 27.64 -13.39
CA PRO A 144 -59.46 28.83 -12.61
C PRO A 144 -59.68 28.74 -11.10
N TYR A 145 -58.81 29.36 -10.32
CA TYR A 145 -58.95 29.41 -8.87
C TYR A 145 -58.76 30.84 -8.33
N LEU A 146 -59.56 31.19 -7.32
CA LEU A 146 -59.42 32.46 -6.60
C LEU A 146 -59.50 32.19 -5.10
N PHE A 147 -58.44 32.56 -4.40
CA PHE A 147 -58.35 32.40 -2.98
C PHE A 147 -58.06 33.76 -2.28
N GLN A 148 -58.50 33.82 -1.02
CA GLN A 148 -58.10 34.84 -0.08
C GLN A 148 -57.40 34.25 1.13
N SER A 149 -56.36 34.90 1.62
CA SER A 149 -55.71 34.43 2.85
C SER A 149 -55.58 35.61 3.79
N ASP A 150 -56.03 35.43 5.04
CA ASP A 150 -56.18 36.50 6.02
CA ASP A 150 -56.18 36.51 6.01
C ASP A 150 -55.02 36.51 7.04
N PRO A 151 -54.88 37.59 7.82
CA PRO A 151 -53.83 37.66 8.84
C PRO A 151 -53.79 36.51 9.85
N SER A 152 -54.91 35.87 10.13
CA SER A 152 -54.90 34.66 10.99
C SER A 152 -54.20 33.45 10.31
N GLY A 153 -54.02 33.50 8.97
CA GLY A 153 -53.61 32.31 8.21
C GLY A 153 -54.78 31.46 7.74
N ALA A 154 -56.02 31.88 7.98
CA ALA A 154 -57.17 31.19 7.40
C ALA A 154 -57.28 31.59 5.93
N TYR A 155 -57.70 30.64 5.08
CA TYR A 155 -57.95 30.93 3.65
C TYR A 155 -59.33 30.43 3.21
N PHE A 156 -59.79 30.95 2.08
CA PHE A 156 -61.09 30.66 1.57
C PHE A 156 -61.06 30.76 0.07
N ALA A 157 -61.88 29.95 -0.57
CA ALA A 157 -62.05 30.02 -2.00
C ALA A 157 -63.28 30.85 -2.33
N TRP A 158 -63.09 31.78 -3.26
CA TRP A 158 -64.12 32.67 -3.69
C TRP A 158 -64.41 32.55 -5.17
N LYS A 159 -65.65 32.83 -5.52
CA LYS A 159 -66.06 33.10 -6.89
C LYS A 159 -65.78 34.58 -7.22
N ALA A 160 -65.97 35.45 -6.23
CA ALA A 160 -65.72 36.87 -6.36
C ALA A 160 -65.76 37.47 -4.99
N THR A 161 -64.90 38.46 -4.76
CA THR A 161 -64.85 39.15 -3.47
C THR A 161 -64.11 40.51 -3.52
N ALA A 162 -64.21 41.23 -2.41
CA ALA A 162 -63.57 42.54 -2.26
C ALA A 162 -62.95 42.65 -0.88
N MET A 163 -61.92 43.46 -0.79
CA MET A 163 -61.25 43.67 0.48
C MET A 163 -60.75 45.10 0.58
N GLY A 164 -60.34 45.49 1.77
CA GLY A 164 -59.85 46.84 1.97
C GLY A 164 -61.01 47.83 2.24
N LYS A 165 -60.76 49.13 2.12
CA LYS A 165 -61.78 50.15 2.33
C LYS A 165 -63.05 49.75 1.56
N ASN A 166 -64.21 49.88 2.19
CA ASN A 166 -65.51 49.82 1.50
C ASN A 166 -65.84 48.44 0.95
N TYR A 167 -65.30 47.41 1.58
CA TYR A 167 -65.37 46.06 1.03
C TYR A 167 -66.76 45.43 1.20
N VAL A 168 -67.40 45.71 2.34
CA VAL A 168 -68.75 45.23 2.59
C VAL A 168 -69.66 45.56 1.41
N ASN A 169 -69.65 46.82 0.98
CA ASN A 169 -70.43 47.25 -0.17
C ASN A 169 -69.96 46.67 -1.49
N GLY A 170 -68.64 46.52 -1.65
CA GLY A 170 -68.04 45.85 -2.81
C GLY A 170 -68.62 44.46 -2.96
N LYS A 171 -68.66 43.71 -1.87
CA LYS A 171 -69.22 42.33 -1.86
C LYS A 171 -70.72 42.26 -2.22
N THR A 172 -71.56 43.16 -1.70
CA THR A 172 -72.95 43.18 -2.12
C THR A 172 -73.11 43.66 -3.58
N PHE A 173 -72.24 44.56 -4.03
CA PHE A 173 -72.20 44.96 -5.46
C PHE A 173 -71.94 43.76 -6.37
N LEU A 174 -70.92 42.99 -6.06
CA LEU A 174 -70.58 41.76 -6.79
C LEU A 174 -71.68 40.70 -6.74
N GLU A 175 -72.23 40.47 -5.54
CA GLU A 175 -73.42 39.60 -5.34
C GLU A 175 -74.51 39.89 -6.35
N LYS A 176 -74.82 41.17 -6.54
CA LYS A 176 -75.85 41.59 -7.47
C LYS A 176 -75.26 41.92 -8.84
N ARG A 177 -74.44 41.04 -9.39
CA ARG A 177 -73.70 41.33 -10.66
C ARG A 177 -72.85 40.20 -11.24
N TYR A 178 -72.38 39.29 -10.39
CA TYR A 178 -71.62 38.12 -10.82
C TYR A 178 -72.55 36.99 -11.25
N ASN A 179 -72.25 36.32 -12.38
CA ASN A 179 -72.82 34.97 -12.66
C ASN A 179 -71.72 33.94 -12.99
N GLU A 180 -72.05 32.65 -12.84
CA GLU A 180 -71.10 31.54 -12.94
C GLU A 180 -70.62 31.32 -14.39
N ASP A 181 -71.43 31.70 -15.37
CA ASP A 181 -71.10 31.53 -16.80
C ASP A 181 -70.47 32.79 -17.45
N LEU A 182 -69.91 33.68 -16.65
CA LEU A 182 -69.38 34.95 -17.15
C LEU A 182 -67.97 34.85 -17.74
N GLU A 183 -67.78 35.44 -18.92
CA GLU A 183 -66.46 35.46 -19.59
C GLU A 183 -65.45 36.37 -18.90
N LEU A 184 -64.17 36.20 -19.24
CA LEU A 184 -63.07 36.96 -18.62
C LEU A 184 -63.10 38.45 -18.99
N GLU A 185 -63.37 38.76 -20.25
CA GLU A 185 -63.39 40.17 -20.67
C GLU A 185 -64.48 40.93 -19.92
N ASP A 186 -65.63 40.29 -19.72
CA ASP A 186 -66.76 40.90 -18.98
C ASP A 186 -66.40 41.04 -17.49
N ALA A 187 -65.73 40.04 -16.92
CA ALA A 187 -65.29 40.07 -15.52
C ALA A 187 -64.28 41.17 -15.22
N ILE A 188 -63.41 41.47 -16.18
CA ILE A 188 -62.48 42.60 -16.07
C ILE A 188 -63.27 43.90 -15.94
N HIS A 189 -64.26 44.08 -16.82
CA HIS A 189 -65.17 45.22 -16.79
C HIS A 189 -65.81 45.39 -15.41
N THR A 190 -66.35 44.32 -14.82
CA THR A 190 -67.14 44.47 -13.59
C THR A 190 -66.19 44.66 -12.38
N ALA A 191 -65.01 44.06 -12.44
CA ALA A 191 -63.98 44.30 -11.44
C ALA A 191 -63.62 45.78 -11.33
N ILE A 192 -63.43 46.40 -12.49
CA ILE A 192 -63.13 47.81 -12.55
C ILE A 192 -64.34 48.64 -12.07
N LEU A 193 -65.55 48.24 -12.45
CA LEU A 193 -66.76 48.87 -11.91
C LEU A 193 -66.87 48.74 -10.38
N THR A 194 -66.47 47.60 -9.84
CA THR A 194 -66.53 47.38 -8.41
C THR A 194 -65.60 48.34 -7.70
N LEU A 195 -64.46 48.62 -8.30
CA LEU A 195 -63.54 49.61 -7.74
C LEU A 195 -64.08 51.03 -7.84
N LYS A 196 -64.75 51.36 -8.96
CA LYS A 196 -65.36 52.69 -9.18
C LYS A 196 -66.40 53.03 -8.13
N GLU A 197 -67.07 52.00 -7.61
CA GLU A 197 -68.02 52.13 -6.47
C GLU A 197 -67.42 52.80 -5.25
N SER A 198 -66.13 52.60 -5.02
CA SER A 198 -65.46 53.15 -3.86
C SER A 198 -64.15 53.82 -4.24
N PHE A 199 -64.14 54.60 -5.32
CA PHE A 199 -62.86 55.14 -5.79
C PHE A 199 -62.61 56.49 -5.12
N GLU A 200 -63.28 57.53 -5.62
CA GLU A 200 -62.93 58.91 -5.29
C GLU A 200 -61.74 59.36 -6.13
N GLY A 201 -61.97 60.25 -7.11
CA GLY A 201 -60.86 60.90 -7.80
C GLY A 201 -60.78 60.81 -9.31
N GLN A 202 -61.60 59.97 -9.93
CA GLN A 202 -61.53 59.77 -11.39
C GLN A 202 -60.36 58.84 -11.77
N MET A 203 -60.71 57.69 -12.35
CA MET A 203 -59.75 56.66 -12.73
C MET A 203 -58.93 57.00 -13.98
N THR A 204 -57.69 56.54 -13.97
CA THR A 204 -56.82 56.51 -15.12
C THR A 204 -56.16 55.14 -15.08
N GLU A 205 -55.53 54.80 -16.17
CA GLU A 205 -54.77 53.57 -16.26
C GLU A 205 -53.47 53.60 -15.44
N ASP A 206 -53.14 54.76 -14.89
CA ASP A 206 -51.94 54.93 -14.06
C ASP A 206 -52.22 54.81 -12.56
N ASN A 207 -53.48 54.75 -12.15
CA ASN A 207 -53.80 54.61 -10.72
C ASN A 207 -54.75 53.46 -10.36
N ILE A 208 -55.05 52.59 -11.31
CA ILE A 208 -55.46 51.23 -10.97
C ILE A 208 -54.46 50.22 -11.59
N GLU A 209 -54.49 49.00 -11.07
CA GLU A 209 -53.66 47.92 -11.59
C GLU A 209 -54.51 46.67 -11.67
N VAL A 210 -54.36 45.96 -12.78
CA VAL A 210 -55.17 44.80 -13.12
C VAL A 210 -54.29 43.65 -13.58
N GLY A 211 -54.55 42.48 -13.00
CA GLY A 211 -53.91 41.23 -13.40
C GLY A 211 -54.96 40.23 -13.82
N ILE A 212 -54.58 39.43 -14.81
CA ILE A 212 -55.44 38.35 -15.31
C ILE A 212 -54.75 36.97 -15.29
N CYS A 213 -55.57 35.94 -15.15
CA CYS A 213 -55.13 34.57 -15.10
C CYS A 213 -55.99 33.74 -16.01
N ASN A 214 -55.37 33.01 -16.92
CA ASN A 214 -56.11 32.04 -17.74
C ASN A 214 -55.16 30.92 -18.17
N GLU A 215 -55.58 30.10 -19.13
CA GLU A 215 -54.77 29.02 -19.67
C GLU A 215 -53.35 29.43 -20.13
N ALA A 216 -53.21 30.61 -20.73
CA ALA A 216 -51.90 31.11 -21.16
C ALA A 216 -51.00 31.53 -19.99
N GLY A 217 -51.58 31.74 -18.81
CA GLY A 217 -50.84 32.02 -17.58
C GLY A 217 -51.29 33.34 -16.94
N PHE A 218 -50.57 33.74 -15.90
CA PHE A 218 -50.80 34.99 -15.22
C PHE A 218 -49.93 36.12 -15.78
N ARG A 219 -50.51 37.28 -15.98
CA ARG A 219 -49.74 38.50 -16.23
C ARG A 219 -50.53 39.79 -15.79
N ARG A 220 -49.80 40.89 -15.63
CA ARG A 220 -50.40 42.18 -15.44
C ARG A 220 -50.89 42.70 -16.75
N LEU A 221 -52.01 43.41 -16.73
CA LEU A 221 -52.42 44.18 -17.89
C LEU A 221 -51.53 45.39 -18.00
N THR A 222 -51.30 45.82 -19.22
CA THR A 222 -50.43 46.92 -19.49
C THR A 222 -51.26 48.24 -19.33
N PRO A 223 -50.59 49.38 -19.09
CA PRO A 223 -51.33 50.65 -19.08
C PRO A 223 -52.28 50.82 -20.27
N THR A 224 -51.79 50.56 -21.48
CA THR A 224 -52.60 50.70 -22.69
C THR A 224 -53.81 49.72 -22.77
N GLU A 225 -53.73 48.56 -22.14
CA GLU A 225 -54.86 47.61 -22.12
C GLU A 225 -55.94 48.10 -21.16
N VAL A 226 -55.51 48.57 -20.00
CA VAL A 226 -56.42 49.10 -18.99
C VAL A 226 -57.19 50.32 -19.51
N LYS A 227 -56.47 51.23 -20.18
CA LYS A 227 -57.04 52.45 -20.81
C LYS A 227 -58.22 52.14 -21.70
N ASP A 228 -58.06 51.10 -22.52
CA ASP A 228 -59.09 50.53 -23.40
C ASP A 228 -60.33 49.99 -22.61
N TYR A 229 -60.10 49.28 -21.51
CA TYR A 229 -61.21 48.83 -20.63
C TYR A 229 -61.86 50.02 -19.90
N LEU A 230 -61.06 51.06 -19.62
CA LEU A 230 -61.56 52.34 -19.04
C LEU A 230 -62.35 53.24 -19.97
N ALA A 231 -62.25 53.07 -21.28
CA ALA A 231 -63.02 53.93 -22.19
C ALA A 231 -64.56 53.73 -22.04
N ALA A 232 -64.98 52.46 -21.90
CA ALA A 232 -66.38 52.09 -21.59
C ALA A 232 -66.85 52.48 -20.16
N ILE A 233 -65.90 52.77 -19.27
CA ILE A 233 -66.12 53.27 -17.91
C ILE A 233 -65.62 54.71 -17.78
N SER B 2 -37.58 40.44 27.19
CA SER B 2 -38.00 41.63 28.03
C SER B 2 -39.27 41.33 28.89
N ARG B 3 -39.09 41.60 30.15
CA ARG B 3 -40.05 41.22 31.19
C ARG B 3 -41.32 42.02 31.12
N ARG B 4 -41.20 43.30 30.92
CA ARG B 4 -42.32 44.22 30.77
C ARG B 4 -43.34 43.72 29.73
N TYR B 5 -42.89 43.17 28.62
CA TYR B 5 -43.81 42.89 27.53
C TYR B 5 -44.32 41.46 27.54
N ASP B 6 -43.79 40.63 28.42
CA ASP B 6 -44.09 39.22 28.36
C ASP B 6 -45.42 38.97 29.08
N SER B 7 -46.45 38.56 28.33
CA SER B 7 -47.78 38.29 28.94
C SER B 7 -47.83 36.96 29.73
N ARG B 8 -46.80 36.12 29.66
CA ARG B 8 -46.62 34.98 30.57
C ARG B 8 -47.71 33.94 30.42
N THR B 9 -47.77 33.38 29.23
CA THR B 9 -48.82 32.50 28.82
C THR B 9 -48.78 31.12 29.49
N THR B 10 -47.64 30.70 30.06
CA THR B 10 -47.49 29.33 30.55
C THR B 10 -47.22 29.31 32.02
N ILE B 11 -47.95 30.15 32.77
CA ILE B 11 -47.87 30.11 34.23
C ILE B 11 -49.23 29.89 34.88
N PHE B 12 -49.20 29.44 36.11
CA PHE B 12 -50.42 29.29 36.90
C PHE B 12 -50.92 30.60 37.42
N SER B 13 -52.26 30.70 37.48
CA SER B 13 -52.99 31.69 38.27
C SER B 13 -53.05 31.31 39.76
N PRO B 14 -53.49 32.23 40.62
CA PRO B 14 -53.57 31.85 42.03
C PRO B 14 -54.47 30.65 42.42
N GLU B 15 -55.42 30.27 41.56
CA GLU B 15 -56.30 29.15 41.93
C GLU B 15 -55.90 27.83 41.28
N GLY B 16 -54.71 27.79 40.68
CA GLY B 16 -54.21 26.60 40.05
C GLY B 16 -54.75 26.48 38.66
N ARG B 17 -55.03 27.60 38.03
CA ARG B 17 -55.58 27.61 36.67
C ARG B 17 -54.60 28.14 35.63
N LEU B 18 -54.88 27.75 34.40
CA LEU B 18 -54.13 28.14 33.22
C LEU B 18 -55.02 29.03 32.38
N TYR B 19 -54.90 30.35 32.60
CA TYR B 19 -55.81 31.28 31.98
C TYR B 19 -55.89 31.22 30.49
N GLN B 20 -54.73 31.10 29.80
CA GLN B 20 -54.72 31.04 28.35
C GLN B 20 -55.51 29.84 27.80
N VAL B 21 -55.35 28.69 28.45
CA VAL B 21 -56.12 27.50 28.10
C VAL B 21 -57.64 27.77 28.22
N GLU B 22 -58.06 28.33 29.35
CA GLU B 22 -59.48 28.67 29.57
C GLU B 22 -60.04 29.63 28.52
N TYR B 23 -59.22 30.60 28.16
CA TYR B 23 -59.63 31.60 27.18
C TYR B 23 -59.70 30.99 25.79
N ALA B 24 -58.74 30.14 25.48
CA ALA B 24 -58.81 29.35 24.22
C ALA B 24 -60.12 28.54 24.17
N MET B 25 -60.48 27.90 25.28
CA MET B 25 -61.74 27.15 25.37
CA MET B 25 -61.76 27.15 25.37
C MET B 25 -62.98 28.04 25.14
N GLU B 26 -62.90 29.34 25.50
CA GLU B 26 -63.96 30.29 25.12
C GLU B 26 -64.01 30.50 23.62
N ALA B 27 -62.85 30.54 22.96
CA ALA B 27 -62.83 30.70 21.50
C ALA B 27 -63.57 29.53 20.80
N ILE B 28 -63.35 28.34 21.30
CA ILE B 28 -63.93 27.10 20.78
C ILE B 28 -65.43 27.08 20.98
N GLY B 29 -65.90 27.53 22.17
CA GLY B 29 -67.31 27.63 22.45
C GLY B 29 -68.12 28.40 21.41
N HIS B 30 -67.47 29.36 20.74
CA HIS B 30 -68.10 30.21 19.72
C HIS B 30 -67.98 29.66 18.30
N ALA B 31 -67.09 28.69 18.08
CA ALA B 31 -66.89 28.13 16.76
C ALA B 31 -68.03 27.19 16.32
N GLY B 32 -68.07 26.90 15.03
CA GLY B 32 -69.11 26.08 14.43
C GLY B 32 -69.30 24.78 15.20
N THR B 33 -70.55 24.41 15.43
CA THR B 33 -70.84 23.21 16.25
C THR B 33 -70.34 21.94 15.51
N CYS B 34 -69.87 20.99 16.30
CA CYS B 34 -69.26 19.81 15.76
C CYS B 34 -69.48 18.59 16.67
N LEU B 35 -70.17 17.55 16.16
CA LEU B 35 -70.46 16.33 16.94
C LEU B 35 -69.97 15.06 16.27
N GLY B 36 -69.77 14.04 17.10
CA GLY B 36 -69.44 12.71 16.64
C GLY B 36 -70.25 11.67 17.36
N ILE B 37 -70.64 10.63 16.64
CA ILE B 37 -71.48 9.56 17.20
C ILE B 37 -70.94 8.18 16.77
N LEU B 38 -70.61 7.37 17.79
CA LEU B 38 -70.20 5.96 17.65
C LEU B 38 -71.43 5.00 17.53
N ALA B 39 -71.43 4.21 16.46
CA ALA B 39 -72.44 3.15 16.23
C ALA B 39 -71.77 1.77 16.20
N ASN B 40 -72.57 0.71 16.11
CA ASN B 40 -72.04 -0.68 16.01
C ASN B 40 -71.32 -0.99 14.70
N ASP B 41 -71.81 -0.46 13.60
CA ASP B 41 -71.23 -0.63 12.26
C ASP B 41 -70.54 0.63 11.71
N GLY B 42 -70.14 1.56 12.55
CA GLY B 42 -69.47 2.76 12.01
C GLY B 42 -69.35 3.91 12.97
N VAL B 43 -68.84 5.02 12.46
CA VAL B 43 -68.67 6.24 13.23
C VAL B 43 -68.90 7.42 12.31
N LEU B 44 -69.41 8.51 12.86
CA LEU B 44 -69.72 9.69 12.08
C LEU B 44 -69.27 10.99 12.77
N LEU B 45 -69.09 12.00 11.94
CA LEU B 45 -68.85 13.35 12.34
C LEU B 45 -69.85 14.19 11.60
N ALA B 46 -70.42 15.15 12.30
CA ALA B 46 -71.39 16.08 11.71
C ALA B 46 -71.10 17.48 12.24
N ALA B 47 -70.89 18.42 11.34
CA ALA B 47 -70.41 19.73 11.72
C ALA B 47 -71.14 20.80 10.99
N GLU B 48 -71.36 21.91 11.72
CA GLU B 48 -71.88 23.12 11.16
C GLU B 48 -70.81 23.76 10.29
N ARG B 49 -71.20 24.14 9.09
CA ARG B 49 -70.36 24.95 8.23
C ARG B 49 -70.50 26.44 8.61
N ARG B 50 -69.36 27.13 8.74
CA ARG B 50 -69.34 28.61 8.85
C ARG B 50 -69.04 29.33 7.52
N ASN B 51 -68.30 28.65 6.63
CA ASN B 51 -68.11 29.08 5.23
C ASN B 51 -69.39 28.87 4.40
N ILE B 52 -70.32 29.83 4.53
CA ILE B 52 -71.67 29.79 3.93
C ILE B 52 -72.07 31.01 3.07
N HIS B 53 -71.22 32.03 2.93
CA HIS B 53 -71.53 33.18 2.03
C HIS B 53 -71.89 32.78 0.58
N LYS B 54 -72.79 33.53 -0.03
CA LYS B 54 -73.33 33.22 -1.37
C LYS B 54 -72.23 33.08 -2.43
N LEU B 55 -71.24 33.97 -2.38
CA LEU B 55 -70.10 33.98 -3.32
C LEU B 55 -68.89 33.04 -3.10
N LEU B 56 -68.93 32.16 -2.10
CA LEU B 56 -67.84 31.20 -1.89
C LEU B 56 -67.72 30.18 -3.07
N ASP B 57 -66.58 29.51 -3.23
CA ASP B 57 -66.35 28.68 -4.46
C ASP B 57 -66.51 27.18 -4.33
N GLU B 58 -66.30 26.60 -3.15
CA GLU B 58 -66.50 25.13 -3.00
C GLU B 58 -65.54 24.32 -3.92
N VAL B 59 -64.36 24.08 -3.38
CA VAL B 59 -63.20 23.60 -4.09
C VAL B 59 -62.66 22.36 -3.43
N PHE B 60 -62.71 22.26 -2.11
CA PHE B 60 -62.27 21.07 -1.38
C PHE B 60 -63.44 20.12 -1.14
N PHE B 61 -63.13 18.91 -0.71
CA PHE B 61 -64.16 17.89 -0.45
C PHE B 61 -64.93 18.15 0.86
N SER B 62 -64.34 18.95 1.74
CA SER B 62 -65.03 19.43 2.91
C SER B 62 -64.39 20.71 3.44
N GLU B 63 -64.99 21.29 4.49
CA GLU B 63 -64.54 22.53 5.10
C GLU B 63 -63.77 22.27 6.40
N LYS B 64 -64.25 21.32 7.20
CA LYS B 64 -63.73 21.05 8.55
C LYS B 64 -63.50 19.56 8.83
N ILE B 65 -63.69 18.67 7.84
CA ILE B 65 -63.43 17.24 8.07
C ILE B 65 -62.08 16.89 7.40
N TYR B 66 -61.14 16.41 8.18
CA TYR B 66 -59.81 16.06 7.64
C TYR B 66 -59.50 14.56 7.77
N LYS B 67 -59.15 13.96 6.65
CA LYS B 67 -58.57 12.61 6.65
C LYS B 67 -57.15 12.66 7.20
N LEU B 68 -56.85 11.79 8.16
CA LEU B 68 -55.58 11.76 8.85
C LEU B 68 -54.66 10.62 8.38
N ASN B 69 -55.25 9.47 8.10
CA ASN B 69 -54.62 8.34 7.44
C ASN B 69 -55.74 7.46 6.83
N GLU B 70 -55.43 6.22 6.43
CA GLU B 70 -56.41 5.31 5.81
C GLU B 70 -57.58 4.96 6.73
N ASP B 71 -57.32 4.93 8.03
CA ASP B 71 -58.30 4.50 9.03
C ASP B 71 -58.86 5.57 9.96
N MET B 72 -58.58 6.85 9.71
CA MET B 72 -58.89 7.91 10.67
C MET B 72 -59.17 9.23 10.03
N ALA B 73 -60.09 9.96 10.64
CA ALA B 73 -60.47 11.30 10.23
C ALA B 73 -60.71 12.11 11.46
N CYS B 74 -60.78 13.42 11.30
CA CYS B 74 -61.00 14.30 12.42
C CYS B 74 -61.78 15.47 11.98
N SER B 75 -62.39 16.14 12.95
CA SER B 75 -63.01 17.43 12.74
C SER B 75 -62.55 18.33 13.83
N VAL B 76 -62.74 19.62 13.59
CA VAL B 76 -62.16 20.67 14.45
C VAL B 76 -63.15 21.80 14.78
N ALA B 77 -62.94 22.39 15.95
CA ALA B 77 -63.67 23.60 16.31
C ALA B 77 -62.68 24.54 16.97
N GLY B 78 -62.66 25.78 16.48
CA GLY B 78 -61.78 26.79 17.05
C GLY B 78 -61.08 27.56 15.94
N ILE B 79 -59.82 27.90 16.15
CA ILE B 79 -59.11 28.78 15.23
C ILE B 79 -58.66 27.91 14.01
N THR B 80 -59.15 28.22 12.80
CA THR B 80 -58.93 27.37 11.62
C THR B 80 -57.45 27.18 11.24
N SER B 81 -56.70 28.27 11.09
CA SER B 81 -55.26 28.21 10.92
C SER B 81 -54.54 27.34 11.97
N ASP B 82 -54.90 27.47 13.25
CA ASP B 82 -54.31 26.57 14.26
C ASP B 82 -54.68 25.11 13.96
N ALA B 83 -55.94 24.87 13.57
CA ALA B 83 -56.36 23.54 13.18
C ALA B 83 -55.55 22.97 12.00
N ASN B 84 -55.22 23.81 11.02
CA ASN B 84 -54.35 23.36 9.90
C ASN B 84 -52.94 22.93 10.34
N VAL B 85 -52.38 23.58 11.33
CA VAL B 85 -51.07 23.18 11.88
C VAL B 85 -51.19 21.80 12.54
N LEU B 86 -52.25 21.60 13.32
CA LEU B 86 -52.36 20.40 14.13
C LEU B 86 -52.68 19.16 13.30
N THR B 87 -53.53 19.33 12.27
CA THR B 87 -53.95 18.25 11.43
C THR B 87 -52.81 17.84 10.53
N ASN B 88 -52.05 18.81 10.07
CA ASN B 88 -50.80 18.49 9.36
C ASN B 88 -49.82 17.70 10.23
N GLU B 89 -49.64 18.11 11.47
CA GLU B 89 -48.81 17.36 12.41
C GLU B 89 -49.36 15.94 12.68
N LEU B 90 -50.69 15.79 12.76
CA LEU B 90 -51.30 14.47 12.98
C LEU B 90 -50.94 13.47 11.84
N ARG B 91 -51.09 13.93 10.63
CA ARG B 91 -50.68 13.21 9.47
C ARG B 91 -49.24 12.75 9.55
N LEU B 92 -48.34 13.64 9.94
CA LEU B 92 -46.92 13.32 10.08
CA LEU B 92 -46.93 13.31 10.07
C LEU B 92 -46.67 12.27 11.16
N ILE B 93 -47.32 12.43 12.32
CA ILE B 93 -47.19 11.43 13.38
C ILE B 93 -47.63 10.03 12.88
N ALA B 94 -48.76 10.02 12.15
CA ALA B 94 -49.35 8.78 11.66
C ALA B 94 -48.36 8.09 10.69
N GLN B 95 -47.75 8.82 9.79
CA GLN B 95 -46.74 8.27 8.88
C GLN B 95 -45.43 7.87 9.56
N ARG B 96 -45.03 8.53 10.63
CA ARG B 96 -43.85 8.09 11.39
C ARG B 96 -44.04 6.77 12.09
N TYR B 97 -45.21 6.57 12.63
CA TYR B 97 -45.58 5.29 13.16
C TYR B 97 -45.58 4.17 12.08
N LEU B 98 -46.22 4.45 10.94
CA LEU B 98 -46.30 3.48 9.87
C LEU B 98 -44.93 3.12 9.33
N LEU B 99 -44.04 4.13 9.24
CA LEU B 99 -42.66 3.89 8.83
C LEU B 99 -41.93 2.88 9.72
N GLN B 100 -42.03 3.12 11.00
CA GLN B 100 -41.38 2.33 12.03
C GLN B 100 -41.95 0.92 12.27
N TYR B 101 -43.26 0.75 12.22
CA TYR B 101 -43.92 -0.51 12.63
C TYR B 101 -44.55 -1.23 11.43
N GLN B 102 -44.75 -0.53 10.31
CA GLN B 102 -45.46 -1.04 9.12
C GLN B 102 -46.87 -1.53 9.43
N GLU B 103 -47.51 -0.86 10.35
CA GLU B 103 -48.95 -1.05 10.62
C GLU B 103 -49.47 0.33 11.00
N PRO B 104 -50.78 0.57 10.80
CA PRO B 104 -51.34 1.90 11.10
C PRO B 104 -51.31 2.24 12.58
N ILE B 105 -51.22 3.50 12.87
CA ILE B 105 -51.20 3.95 14.27
C ILE B 105 -52.55 3.67 14.93
N PRO B 106 -52.53 3.03 16.09
CA PRO B 106 -53.81 2.90 16.76
C PRO B 106 -54.39 4.29 17.09
N CYS B 107 -55.68 4.48 16.88
CA CYS B 107 -56.36 5.76 17.07
C CYS B 107 -55.98 6.52 18.35
N GLU B 108 -55.99 5.83 19.47
CA GLU B 108 -55.67 6.46 20.73
C GLU B 108 -54.24 6.95 20.81
N GLN B 109 -53.33 6.22 20.18
CA GLN B 109 -51.91 6.62 20.18
C GLN B 109 -51.64 7.89 19.34
N LEU B 110 -52.34 8.05 18.24
CA LEU B 110 -52.31 9.28 17.49
C LEU B 110 -52.82 10.50 18.31
N VAL B 111 -53.97 10.34 18.96
CA VAL B 111 -54.54 11.39 19.80
C VAL B 111 -53.57 11.80 20.92
N THR B 112 -53.08 10.80 21.64
CA THR B 112 -52.12 10.99 22.71
C THR B 112 -50.85 11.70 22.26
N ALA B 113 -50.27 11.29 21.12
CA ALA B 113 -49.12 11.97 20.61
C ALA B 113 -49.37 13.48 20.43
N LEU B 114 -50.50 13.85 19.84
CA LEU B 114 -50.80 15.28 19.58
C LEU B 114 -51.07 16.01 20.89
N CYS B 115 -51.78 15.35 21.79
CA CYS B 115 -52.09 15.95 23.09
C CYS B 115 -50.84 16.27 23.88
N ASP B 116 -49.78 15.48 23.68
CA ASP B 116 -48.50 15.78 24.36
C ASP B 116 -47.84 17.10 23.82
N ILE B 117 -48.01 17.34 22.53
CA ILE B 117 -47.58 18.59 21.94
C ILE B 117 -48.39 19.77 22.54
N LYS B 118 -49.72 19.60 22.60
CA LYS B 118 -50.57 20.65 23.17
C LYS B 118 -50.23 20.92 24.62
N GLN B 119 -49.99 19.87 25.38
CA GLN B 119 -49.66 20.02 26.80
C GLN B 119 -48.41 20.83 26.94
N ALA B 120 -47.41 20.53 26.11
CA ALA B 120 -46.10 21.22 26.18
C ALA B 120 -46.22 22.74 26.00
N TYR B 121 -47.03 23.15 25.04
CA TYR B 121 -47.37 24.56 24.82
C TYR B 121 -48.03 25.23 26.03
N THR B 122 -48.59 24.48 26.98
CA THR B 122 -49.12 25.06 28.20
C THR B 122 -48.12 25.09 29.34
N GLN B 123 -46.98 24.42 29.19
CA GLN B 123 -46.01 24.28 30.30
C GLN B 123 -44.67 24.95 30.06
N PHE B 124 -44.19 24.94 28.81
CA PHE B 124 -43.00 25.71 28.47
C PHE B 124 -43.07 26.46 27.16
N GLY B 125 -42.14 27.38 26.98
CA GLY B 125 -42.02 28.14 25.74
C GLY B 125 -42.62 29.53 25.76
N GLY B 126 -43.46 29.89 26.71
CA GLY B 126 -44.06 31.23 26.67
C GLY B 126 -44.85 31.63 25.42
N LYS B 127 -45.33 30.64 24.67
CA LYS B 127 -46.26 30.88 23.54
C LYS B 127 -47.75 30.72 23.93
N ARG B 128 -48.62 31.26 23.07
CA ARG B 128 -50.04 31.02 23.17
C ARG B 128 -50.32 29.59 22.79
N PRO B 129 -51.28 28.95 23.47
CA PRO B 129 -51.68 27.58 23.08
C PRO B 129 -52.45 27.59 21.75
N PHE B 130 -52.72 26.40 21.23
CA PHE B 130 -53.51 26.26 20.01
C PHE B 130 -54.97 26.36 20.42
N GLY B 131 -55.74 27.17 19.71
CA GLY B 131 -57.15 27.43 20.06
C GLY B 131 -58.09 26.45 19.37
N VAL B 132 -57.91 25.17 19.65
CA VAL B 132 -58.54 24.10 18.88
C VAL B 132 -58.97 22.98 19.79
N SER B 133 -60.18 22.51 19.53
CA SER B 133 -60.62 21.20 20.02
C SER B 133 -60.88 20.28 18.82
N LEU B 134 -60.67 18.99 19.03
CA LEU B 134 -60.78 18.04 17.93
C LEU B 134 -61.62 16.87 18.32
N LEU B 135 -62.43 16.43 17.36
CA LEU B 135 -63.04 15.13 17.41
C LEU B 135 -62.36 14.20 16.38
N TYR B 136 -62.02 13.00 16.85
CA TYR B 136 -61.31 12.02 16.04
C TYR B 136 -62.19 10.78 15.91
N ILE B 137 -62.39 10.33 14.68
CA ILE B 137 -63.03 9.06 14.41
C ILE B 137 -62.05 8.10 13.69
N GLY B 138 -62.23 6.80 13.95
CA GLY B 138 -61.39 5.80 13.34
C GLY B 138 -61.68 4.36 13.67
N TRP B 139 -60.96 3.49 12.97
CA TRP B 139 -60.97 2.06 13.22
C TRP B 139 -59.55 1.59 13.45
N ASP B 140 -59.36 0.78 14.48
CA ASP B 140 -58.13 -0.02 14.58
C ASP B 140 -58.41 -1.47 15.03
N LYS B 141 -57.40 -2.32 14.88
CA LYS B 141 -57.51 -3.73 15.21
C LYS B 141 -57.50 -4.02 16.70
N HIS B 142 -57.22 -3.05 17.53
CA HIS B 142 -57.24 -3.28 18.97
C HIS B 142 -58.59 -3.03 19.62
N TYR B 143 -59.25 -1.91 19.27
CA TYR B 143 -60.57 -1.53 19.83
C TYR B 143 -61.64 -1.18 18.79
N GLY B 144 -61.40 -1.43 17.52
CA GLY B 144 -62.42 -1.24 16.49
C GLY B 144 -62.82 0.21 16.34
N PHE B 145 -64.10 0.44 16.10
CA PHE B 145 -64.64 1.78 15.91
C PHE B 145 -64.45 2.60 17.18
N GLN B 146 -63.93 3.83 17.00
CA GLN B 146 -63.64 4.72 18.13
C GLN B 146 -63.89 6.19 17.83
N LEU B 147 -64.16 6.95 18.90
CA LEU B 147 -64.40 8.39 18.85
C LEU B 147 -63.66 9.02 20.01
N TYR B 148 -62.83 10.02 19.71
CA TYR B 148 -62.07 10.71 20.74
C TYR B 148 -62.31 12.22 20.65
N GLN B 149 -62.12 12.87 21.80
CA GLN B 149 -62.16 14.31 21.86
C GLN B 149 -60.88 14.79 22.54
N SER B 150 -60.27 15.82 21.95
CA SER B 150 -59.16 16.54 22.63
C SER B 150 -59.39 18.05 22.66
N ASP B 151 -58.81 18.69 23.67
CA ASP B 151 -58.92 20.13 23.84
C ASP B 151 -57.54 20.86 24.09
N PRO B 152 -57.52 22.22 24.09
CA PRO B 152 -56.26 22.94 24.13
C PRO B 152 -55.37 22.69 25.34
N SER B 153 -55.85 22.18 26.45
CA SER B 153 -54.95 21.74 27.55
C SER B 153 -54.09 20.53 27.21
N GLY B 154 -54.39 19.82 26.12
CA GLY B 154 -53.76 18.53 25.82
C GLY B 154 -54.43 17.41 26.60
N ASN B 155 -55.69 17.62 27.00
CA ASN B 155 -56.53 16.61 27.59
C ASN B 155 -57.35 15.93 26.53
N TYR B 156 -57.65 14.66 26.76
CA TYR B 156 -58.48 13.92 25.79
C TYR B 156 -59.28 12.85 26.48
N GLY B 157 -60.28 12.38 25.76
CA GLY B 157 -61.03 11.25 26.21
C GLY B 157 -61.72 10.61 25.04
N GLY B 158 -62.07 9.31 25.24
CA GLY B 158 -62.92 8.57 24.35
C GLY B 158 -64.38 8.74 24.75
N TRP B 159 -65.23 8.71 23.73
CA TRP B 159 -66.66 8.95 23.86
C TRP B 159 -67.46 8.05 22.95
N LYS B 160 -68.69 7.74 23.35
CA LYS B 160 -69.66 7.07 22.51
C LYS B 160 -70.43 8.07 21.65
N ALA B 161 -70.59 9.27 22.21
CA ALA B 161 -71.10 10.41 21.48
C ALA B 161 -70.65 11.65 22.21
N THR B 162 -70.41 12.72 21.45
CA THR B 162 -69.99 14.00 22.05
C THR B 162 -70.15 15.14 21.08
N CYS B 163 -69.92 16.34 21.62
CA CYS B 163 -70.05 17.62 20.87
C CYS B 163 -69.07 18.65 21.41
N ILE B 164 -68.60 19.46 20.49
CA ILE B 164 -67.74 20.61 20.78
C ILE B 164 -68.27 21.77 19.95
N GLY B 165 -67.91 22.98 20.38
CA GLY B 165 -68.29 24.17 19.64
C GLY B 165 -69.56 24.76 20.13
N ASN B 166 -70.25 25.49 19.25
CA ASN B 166 -71.48 26.19 19.64
C ASN B 166 -72.61 25.29 20.20
N ASN B 167 -73.14 25.71 21.35
CA ASN B 167 -74.17 24.99 22.10
C ASN B 167 -73.83 23.51 22.47
N SER B 168 -72.57 23.26 22.86
CA SER B 168 -72.09 21.90 23.26
C SER B 168 -72.86 21.27 24.40
N ALA B 169 -73.03 22.02 25.49
CA ALA B 169 -73.80 21.57 26.67
C ALA B 169 -75.16 21.06 26.26
N ALA B 170 -75.84 21.84 25.41
CA ALA B 170 -77.21 21.56 24.93
C ALA B 170 -77.27 20.32 24.06
N ALA B 171 -76.24 20.15 23.21
CA ALA B 171 -76.11 18.95 22.38
C ALA B 171 -75.84 17.68 23.19
N VAL B 172 -74.99 17.76 24.22
CA VAL B 172 -74.67 16.60 25.08
C VAL B 172 -75.86 16.17 25.93
N SER B 173 -76.74 17.11 26.28
CA SER B 173 -78.02 16.79 26.90
C SER B 173 -78.80 15.88 25.96
N MET B 174 -79.09 16.38 24.77
CA MET B 174 -79.88 15.65 23.78
C MET B 174 -79.34 14.25 23.48
N LEU B 175 -78.00 14.12 23.37
CA LEU B 175 -77.35 12.83 23.16
C LEU B 175 -77.50 11.86 24.37
N LYS B 176 -77.25 12.33 25.59
CA LYS B 176 -77.46 11.54 26.82
C LYS B 176 -78.82 10.82 26.83
N GLN B 177 -79.86 11.47 26.32
CA GLN B 177 -81.18 10.87 26.32
C GLN B 177 -81.47 9.91 25.19
N ASP B 178 -81.05 10.26 23.97
CA ASP B 178 -81.45 9.50 22.78
C ASP B 178 -80.49 8.40 22.38
N TYR B 179 -79.32 8.37 22.98
CA TYR B 179 -78.29 7.47 22.52
C TYR B 179 -78.42 6.14 23.26
N LYS B 180 -78.54 5.07 22.47
CA LYS B 180 -78.70 3.71 22.97
C LYS B 180 -77.34 2.96 23.02
N GLU B 181 -76.72 2.92 24.21
CA GLU B 181 -75.45 2.19 24.43
C GLU B 181 -75.53 0.72 23.94
N GLY B 182 -74.59 0.32 23.09
CA GLY B 182 -74.60 -1.02 22.49
C GLY B 182 -75.62 -1.31 21.38
N GLU B 183 -76.50 -0.35 21.04
CA GLU B 183 -77.64 -0.64 20.12
C GLU B 183 -77.83 0.36 18.97
N MET B 184 -76.81 1.13 18.63
CA MET B 184 -76.92 2.14 17.54
C MET B 184 -76.39 1.61 16.22
N THR B 185 -77.05 2.01 15.13
CA THR B 185 -76.53 1.83 13.80
C THR B 185 -76.11 3.19 13.22
N LEU B 186 -75.40 3.14 12.10
CA LEU B 186 -75.01 4.32 11.36
C LEU B 186 -76.25 5.11 10.90
N LYS B 187 -77.32 4.39 10.61
CA LYS B 187 -78.59 5.00 10.16
C LYS B 187 -79.33 5.73 11.28
N SER B 188 -79.38 5.11 12.47
CA SER B 188 -79.98 5.74 13.64
C SER B 188 -79.11 6.88 14.19
N ALA B 189 -77.79 6.75 14.09
CA ALA B 189 -76.85 7.79 14.53
C ALA B 189 -76.89 9.01 13.60
N LEU B 190 -76.95 8.77 12.30
CA LEU B 190 -77.21 9.84 11.31
C LEU B 190 -78.50 10.63 11.59
N ALA B 191 -79.61 9.94 11.87
CA ALA B 191 -80.87 10.60 12.24
C ALA B 191 -80.72 11.44 13.52
N LEU B 192 -80.04 10.89 14.53
CA LEU B 192 -79.80 11.58 15.78
C LEU B 192 -78.93 12.85 15.58
N ALA B 193 -77.95 12.75 14.68
CA ALA B 193 -77.06 13.85 14.37
C ALA B 193 -77.89 15.02 13.85
N ILE B 194 -78.71 14.74 12.83
CA ILE B 194 -79.56 15.78 12.26
C ILE B 194 -80.53 16.36 13.32
N LYS B 195 -81.03 15.49 14.20
CA LYS B 195 -81.88 15.92 15.33
C LYS B 195 -81.19 16.96 16.21
N VAL B 196 -79.95 16.67 16.60
CA VAL B 196 -79.17 17.56 17.49
C VAL B 196 -78.76 18.85 16.77
N LEU B 197 -78.31 18.74 15.53
CA LEU B 197 -77.96 19.94 14.74
C LEU B 197 -79.16 20.82 14.45
N ASN B 198 -80.32 20.20 14.29
CA ASN B 198 -81.57 20.93 14.15
C ASN B 198 -81.93 21.71 15.42
N LYS B 199 -81.64 21.18 16.60
CA LYS B 199 -81.81 21.91 17.85
C LYS B 199 -80.74 22.99 17.98
N THR B 200 -79.48 22.59 17.92
CA THR B 200 -78.37 23.49 18.32
C THR B 200 -78.05 24.62 17.37
N MET B 201 -78.40 24.51 16.08
CA MET B 201 -78.32 25.66 15.19
C MET B 201 -79.62 26.42 15.37
N ASP B 202 -79.64 27.26 16.42
CA ASP B 202 -80.76 28.15 16.77
C ASP B 202 -80.76 29.43 15.91
N VAL B 203 -79.91 29.51 14.86
CA VAL B 203 -79.69 30.67 13.96
C VAL B 203 -79.28 30.18 12.52
N SER B 204 -80.18 29.53 11.75
CA SER B 204 -81.65 29.41 12.02
C SER B 204 -82.32 28.09 11.50
N LYS B 205 -83.11 28.12 10.40
CA LYS B 205 -83.89 26.94 9.92
C LYS B 205 -83.05 26.00 9.00
N LEU B 206 -82.66 24.83 9.54
CA LEU B 206 -81.54 23.96 9.04
C LEU B 206 -81.56 23.46 7.58
N SER B 207 -80.40 23.51 6.95
CA SER B 207 -80.27 23.32 5.51
C SER B 207 -79.05 22.45 5.24
N ALA B 208 -79.03 21.81 4.07
CA ALA B 208 -77.90 20.94 3.69
C ALA B 208 -76.65 21.77 3.36
N GLU B 209 -76.84 22.93 2.72
CA GLU B 209 -75.75 23.87 2.45
C GLU B 209 -74.97 24.20 3.74
N LYS B 210 -75.60 24.10 4.91
CA LYS B 210 -75.03 24.51 6.19
C LYS B 210 -74.41 23.41 7.08
N VAL B 211 -74.48 22.14 6.67
CA VAL B 211 -73.83 21.05 7.42
C VAL B 211 -73.00 20.08 6.56
N GLU B 212 -72.05 19.45 7.23
CA GLU B 212 -71.12 18.48 6.65
C GLU B 212 -71.18 17.23 7.48
N ILE B 213 -71.39 16.10 6.81
CA ILE B 213 -71.36 14.83 7.49
C ILE B 213 -70.37 13.92 6.78
N ALA B 214 -69.57 13.23 7.58
CA ALA B 214 -68.70 12.20 7.12
C ALA B 214 -68.96 10.95 7.94
N THR B 215 -68.94 9.81 7.27
CA THR B 215 -69.02 8.50 7.92
C THR B 215 -67.74 7.71 7.69
N LEU B 216 -67.42 6.85 8.66
CA LEU B 216 -66.32 5.93 8.63
C LEU B 216 -66.86 4.53 8.90
N THR B 217 -66.74 3.64 7.91
CA THR B 217 -67.16 2.23 8.01
C THR B 217 -66.08 1.23 7.57
N ARG B 218 -66.38 -0.05 7.75
CA ARG B 218 -65.55 -1.17 7.24
C ARG B 218 -66.26 -1.93 6.13
N GLU B 219 -65.52 -2.19 5.05
CA GLU B 219 -66.00 -2.94 3.88
C GLU B 219 -64.87 -3.78 3.28
N ASN B 220 -64.99 -5.10 3.39
CA ASN B 220 -64.03 -6.07 2.87
C ASN B 220 -62.63 -5.92 3.44
N GLY B 221 -62.53 -5.86 4.77
CA GLY B 221 -61.25 -5.69 5.46
C GLY B 221 -60.51 -4.38 5.21
N LYS B 222 -61.26 -3.34 4.84
CA LYS B 222 -60.71 -2.03 4.46
C LYS B 222 -61.60 -0.88 5.03
N THR B 223 -60.99 0.21 5.51
CA THR B 223 -61.72 1.32 6.09
C THR B 223 -62.19 2.26 4.99
N VAL B 224 -63.45 2.69 5.11
CA VAL B 224 -64.05 3.58 4.12
C VAL B 224 -64.49 4.87 4.82
N ILE B 225 -64.05 6.00 4.26
CA ILE B 225 -64.29 7.29 4.83
C ILE B 225 -64.93 8.11 3.72
N ARG B 226 -66.16 8.59 3.94
CA ARG B 226 -66.89 9.29 2.88
C ARG B 226 -67.53 10.53 3.41
N VAL B 227 -67.57 11.57 2.58
CA VAL B 227 -68.25 12.81 2.90
C VAL B 227 -69.54 12.74 2.15
N LEU B 228 -70.67 12.71 2.88
CA LEU B 228 -71.98 12.58 2.26
C LEU B 228 -72.23 13.73 1.28
N LYS B 229 -72.76 13.40 0.11
CA LYS B 229 -73.05 14.42 -0.94
C LYS B 229 -74.32 15.19 -0.52
N GLN B 230 -74.62 16.28 -1.21
CA GLN B 230 -75.69 17.18 -0.76
C GLN B 230 -77.09 16.58 -0.95
N LYS B 231 -77.23 15.67 -1.90
CA LYS B 231 -78.47 14.92 -2.09
C LYS B 231 -78.80 14.04 -0.85
N GLU B 232 -77.79 13.43 -0.25
CA GLU B 232 -78.01 12.56 0.90
C GLU B 232 -78.38 13.34 2.13
N VAL B 233 -77.70 14.46 2.32
CA VAL B 233 -77.93 15.34 3.48
C VAL B 233 -79.38 15.91 3.44
N GLU B 234 -79.85 16.36 2.28
CA GLU B 234 -81.23 16.83 2.11
C GLU B 234 -82.22 15.71 2.43
N GLN B 235 -81.96 14.52 1.89
CA GLN B 235 -82.82 13.35 2.07
C GLN B 235 -82.97 13.02 3.55
N LEU B 236 -81.89 13.10 4.33
CA LEU B 236 -81.96 12.83 5.78
C LEU B 236 -82.67 13.91 6.60
N ILE B 237 -82.53 15.17 6.19
CA ILE B 237 -83.22 16.31 6.81
C ILE B 237 -84.73 16.12 6.61
N LYS B 238 -85.12 15.79 5.38
CA LYS B 238 -86.50 15.38 5.04
C LYS B 238 -87.05 14.30 6.00
N LYS B 239 -86.33 13.20 6.16
CA LYS B 239 -86.76 12.08 7.05
C LYS B 239 -86.89 12.47 8.55
N HIS B 240 -86.10 13.44 8.99
CA HIS B 240 -86.27 14.05 10.31
C HIS B 240 -87.53 15.00 10.37
N GLU B 241 -87.82 15.71 9.26
CA GLU B 241 -89.00 16.60 9.16
C GLU B 241 -90.31 15.80 9.05
N GLU B 242 -90.25 14.69 8.32
CA GLU B 242 -91.32 13.69 8.29
C GLU B 242 -91.54 13.08 9.68
N GLU B 243 -90.46 12.72 10.37
CA GLU B 243 -90.56 12.10 11.70
C GLU B 243 -91.19 13.01 12.76
N GLU B 244 -90.89 14.31 12.72
CA GLU B 244 -91.60 15.34 13.56
C GLU B 244 -93.10 15.55 13.22
N ALA B 245 -93.56 15.08 12.06
CA ALA B 245 -95.01 15.00 11.76
C ALA B 245 -95.72 13.87 12.51
N LYS B 246 -95.01 12.75 12.73
CA LYS B 246 -95.47 11.64 13.59
C LYS B 246 -95.47 11.96 15.09
N ALA B 247 -94.79 13.05 15.51
CA ALA B 247 -94.41 13.31 16.91
C ALA B 247 -95.55 13.40 17.93
N GLU B 248 -96.78 13.72 17.49
CA GLU B 248 -97.95 13.86 18.38
C GLU B 248 -98.82 12.61 18.32
N ARG B 249 -99.44 12.37 17.16
CA ARG B 249 -100.19 11.14 16.87
C ARG B 249 -99.35 10.27 15.94
N SER C 2 -35.45 30.06 22.43
CA SER C 2 -35.81 29.35 23.69
C SER C 2 -36.13 30.35 24.79
N TYR C 3 -37.05 30.00 25.65
CA TYR C 3 -37.64 30.93 26.57
C TYR C 3 -36.95 30.93 27.94
N ASP C 4 -36.08 31.89 28.18
CA ASP C 4 -35.27 31.91 29.39
C ASP C 4 -35.89 32.79 30.47
N ARG C 5 -37.20 32.70 30.70
CA ARG C 5 -37.81 33.50 31.74
C ARG C 5 -37.81 32.67 32.98
N ALA C 6 -37.39 33.22 34.11
CA ALA C 6 -37.61 32.55 35.39
C ALA C 6 -39.10 32.61 35.71
N ILE C 7 -39.73 31.48 35.96
CA ILE C 7 -41.17 31.45 36.20
C ILE C 7 -41.46 31.25 37.69
N THR C 8 -40.76 30.34 38.31
CA THR C 8 -40.91 30.13 39.71
C THR C 8 -39.81 30.92 40.38
N VAL C 9 -40.19 31.91 41.16
CA VAL C 9 -39.25 32.72 41.93
C VAL C 9 -39.73 32.85 43.38
N PHE C 10 -38.81 33.20 44.26
CA PHE C 10 -39.16 33.54 45.61
C PHE C 10 -39.89 34.85 45.67
N SER C 11 -40.88 34.86 46.55
CA SER C 11 -41.57 36.08 47.00
C SER C 11 -41.07 36.47 48.37
N PRO C 12 -41.43 37.74 48.78
CA PRO C 12 -41.20 38.13 50.15
C PRO C 12 -41.87 37.02 51.02
N ASP C 13 -41.14 36.77 52.11
CA ASP C 13 -41.51 35.78 53.12
C ASP C 13 -41.29 34.36 52.74
N GLY C 14 -40.54 34.18 51.66
CA GLY C 14 -39.98 32.91 51.33
C GLY C 14 -40.88 31.96 50.60
N HIS C 15 -41.96 32.44 49.99
CA HIS C 15 -42.84 31.56 49.27
C HIS C 15 -42.42 31.38 47.79
N LEU C 16 -42.70 30.20 47.26
CA LEU C 16 -42.60 29.94 45.88
C LEU C 16 -44.01 29.87 45.30
N PHE C 17 -44.54 31.01 44.88
CA PHE C 17 -45.96 31.04 44.49
C PHE C 17 -46.41 30.09 43.38
N GLN C 18 -45.62 29.90 42.35
CA GLN C 18 -46.00 28.95 41.28
C GLN C 18 -46.20 27.49 41.75
N VAL C 19 -45.39 27.13 42.76
CA VAL C 19 -45.49 25.85 43.40
C VAL C 19 -46.78 25.77 44.25
N GLU C 20 -47.07 26.80 45.03
CA GLU C 20 -48.29 26.84 45.81
C GLU C 20 -49.49 26.81 44.90
N TYR C 21 -49.42 27.45 43.74
CA TYR C 21 -50.55 27.46 42.82
C TYR C 21 -50.69 26.10 42.15
N ALA C 22 -49.56 25.44 41.91
CA ALA C 22 -49.60 24.06 41.43
C ALA C 22 -50.31 23.12 42.45
N GLN C 23 -50.00 23.32 43.71
CA GLN C 23 -50.67 22.68 44.84
C GLN C 23 -52.17 22.91 44.88
N GLU C 24 -52.63 24.09 44.51
CA GLU C 24 -54.07 24.36 44.40
C GLU C 24 -54.70 23.58 43.28
N ALA C 25 -53.95 23.31 42.22
CA ALA C 25 -54.47 22.48 41.14
C ALA C 25 -54.69 21.02 41.60
N VAL C 26 -53.78 20.52 42.44
CA VAL C 26 -53.89 19.19 42.99
C VAL C 26 -55.17 19.10 43.88
N LYS C 27 -55.40 20.07 44.74
CA LYS C 27 -56.54 20.04 45.67
C LYS C 27 -57.89 20.07 44.96
N LYS C 28 -57.96 20.58 43.74
CA LYS C 28 -59.19 20.47 42.91
C LYS C 28 -59.27 19.21 42.03
N GLY C 29 -58.34 18.29 42.16
CA GLY C 29 -58.39 17.04 41.41
C GLY C 29 -59.19 16.00 42.18
N SER C 30 -59.65 14.97 41.45
CA SER C 30 -60.31 13.82 42.04
C SER C 30 -59.50 13.18 43.18
N THR C 31 -60.22 12.72 44.19
CA THR C 31 -59.60 12.18 45.37
C THR C 31 -58.92 10.88 44.96
N ALA C 32 -57.72 10.63 45.49
CA ALA C 32 -57.04 9.36 45.29
C ALA C 32 -56.53 8.85 46.62
N VAL C 33 -56.66 7.55 46.87
CA VAL C 33 -56.30 6.92 48.12
C VAL C 33 -55.40 5.72 47.89
N GLY C 34 -54.42 5.57 48.76
CA GLY C 34 -53.55 4.40 48.78
C GLY C 34 -53.44 3.82 50.19
N VAL C 35 -53.46 2.47 50.29
CA VAL C 35 -53.04 1.80 51.53
C VAL C 35 -52.04 0.68 51.26
N ARG C 36 -51.02 0.66 52.11
CA ARG C 36 -50.03 -0.37 52.16
C ARG C 36 -50.48 -1.51 53.11
N GLY C 37 -50.91 -2.64 52.50
CA GLY C 37 -51.24 -3.82 53.23
C GLY C 37 -50.02 -4.63 53.69
N ARG C 38 -50.28 -5.86 54.15
CA ARG C 38 -49.24 -6.78 54.63
C ARG C 38 -48.51 -7.38 53.42
N ASP C 39 -49.30 -8.01 52.55
CA ASP C 39 -48.81 -8.66 51.33
C ASP C 39 -49.54 -8.16 50.05
N ILE C 40 -50.22 -7.02 50.16
CA ILE C 40 -50.96 -6.41 49.05
C ILE C 40 -50.74 -4.88 49.13
N VAL C 41 -50.97 -4.18 48.02
CA VAL C 41 -51.10 -2.72 48.03
C VAL C 41 -52.27 -2.31 47.14
N VAL C 42 -53.02 -1.31 47.61
CA VAL C 42 -54.28 -0.94 46.98
C VAL C 42 -54.31 0.55 46.66
N LEU C 43 -54.93 0.89 45.54
CA LEU C 43 -55.16 2.26 45.16
C LEU C 43 -56.58 2.38 44.68
N GLY C 44 -57.22 3.49 45.02
CA GLY C 44 -58.56 3.76 44.53
C GLY C 44 -58.73 5.23 44.32
N VAL C 45 -59.62 5.60 43.40
CA VAL C 45 -59.81 7.01 43.04
C VAL C 45 -61.26 7.37 42.69
N GLU C 46 -61.61 8.61 43.01
CA GLU C 46 -62.98 9.14 42.85
C GLU C 46 -63.46 9.16 41.40
N LYS C 47 -64.79 9.18 41.27
CA LYS C 47 -65.60 9.36 40.03
C LYS C 47 -64.99 9.51 38.62
N LYS C 48 -64.58 10.68 38.13
CA LYS C 48 -64.70 12.03 38.72
C LYS C 48 -66.13 12.60 38.59
N SER C 49 -66.61 12.64 37.34
CA SER C 49 -67.91 13.21 36.98
C SER C 49 -68.93 12.15 36.48
N VAL C 50 -68.57 10.84 36.42
CA VAL C 50 -69.39 9.79 35.76
C VAL C 50 -69.49 10.07 34.23
N ALA C 51 -70.71 10.29 33.69
CA ALA C 51 -71.01 10.53 32.24
C ALA C 51 -71.25 9.24 31.49
N LYS C 52 -72.52 8.99 31.13
CA LYS C 52 -72.95 7.75 30.46
C LYS C 52 -72.25 7.51 29.12
N LEU C 53 -71.86 8.59 28.44
CA LEU C 53 -71.30 8.49 27.09
C LEU C 53 -69.75 8.43 27.02
N GLN C 54 -69.09 8.54 28.16
CA GLN C 54 -67.65 8.43 28.27
C GLN C 54 -67.24 6.97 28.18
N ASP C 55 -66.16 6.68 27.44
CA ASP C 55 -65.51 5.37 27.48
C ASP C 55 -64.61 5.33 28.71
N GLU C 56 -65.05 4.62 29.74
CA GLU C 56 -64.34 4.49 31.04
C GLU C 56 -62.82 4.21 30.89
N ARG C 57 -62.47 3.31 29.96
CA ARG C 57 -61.06 2.84 29.75
C ARG C 57 -60.09 4.00 29.52
N THR C 58 -60.55 4.96 28.73
CA THR C 58 -59.73 6.05 28.24
C THR C 58 -59.41 7.13 29.28
N VAL C 59 -60.01 7.07 30.48
CA VAL C 59 -59.78 8.11 31.48
C VAL C 59 -59.39 7.57 32.86
N ARG C 60 -58.83 6.38 32.91
CA ARG C 60 -58.34 5.83 34.17
C ARG C 60 -57.31 6.78 34.75
N LYS C 61 -57.21 6.81 36.07
CA LYS C 61 -56.16 7.56 36.74
C LYS C 61 -55.27 6.67 37.55
N ILE C 62 -55.32 5.38 37.29
CA ILE C 62 -54.35 4.46 37.88
C ILE C 62 -53.60 3.91 36.70
N YCM C 63 -52.28 3.82 36.82
CA YCM C 63 -51.37 3.55 35.67
CB YCM C 63 -50.70 4.86 35.16
SG YCM C 63 -51.91 6.05 34.71
CD YCM C 63 -52.64 5.57 33.18
CE YCM C 63 -53.38 6.77 32.56
OZ1 YCM C 63 -53.23 7.96 32.91
NZ2 YCM C 63 -54.22 6.44 31.59
C YCM C 63 -50.19 2.70 36.04
O YCM C 63 -49.49 3.02 37.00
N ALA C 64 -49.92 1.65 35.26
CA ALA C 64 -48.68 0.90 35.42
C ALA C 64 -47.47 1.72 34.92
N LEU C 65 -46.42 1.73 35.74
CA LEU C 65 -45.14 2.28 35.37
C LEU C 65 -44.25 1.16 34.86
N ASP C 66 -44.23 0.05 35.58
CA ASP C 66 -43.47 -1.13 35.23
C ASP C 66 -44.33 -2.33 35.71
N ASP C 67 -43.81 -3.56 35.67
CA ASP C 67 -44.60 -4.73 36.13
C ASP C 67 -44.87 -4.64 37.62
N ASN C 68 -43.87 -4.15 38.35
CA ASN C 68 -43.85 -4.15 39.82
C ASN C 68 -44.06 -2.76 40.48
N VAL C 69 -44.49 -1.75 39.72
CA VAL C 69 -44.77 -0.40 40.26
C VAL C 69 -45.89 0.28 39.49
N CYS C 70 -46.82 0.90 40.21
CA CYS C 70 -47.88 1.69 39.59
C CYS C 70 -48.19 2.90 40.42
N MET C 71 -49.03 3.76 39.88
CA MET C 71 -49.29 5.01 40.50
C MET C 71 -50.67 5.51 40.17
N ALA C 72 -51.14 6.34 41.09
CA ALA C 72 -52.28 7.15 40.84
C ALA C 72 -51.87 8.58 41.10
N PHE C 73 -52.69 9.49 40.62
CA PHE C 73 -52.40 10.91 40.67
C PHE C 73 -53.65 11.69 41.00
N ALA C 74 -53.47 12.92 41.49
CA ALA C 74 -54.52 13.91 41.56
C ALA C 74 -53.95 15.22 41.00
N GLY C 75 -54.75 15.87 40.17
CA GLY C 75 -54.44 17.15 39.63
C GLY C 75 -54.68 17.23 38.14
N LEU C 76 -53.76 17.89 37.41
CA LEU C 76 -53.94 18.19 35.99
C LEU C 76 -53.59 16.94 35.24
N THR C 77 -54.55 16.40 34.49
CA THR C 77 -54.39 15.05 33.94
C THR C 77 -53.35 15.06 32.83
N ALA C 78 -53.37 16.09 31.98
CA ALA C 78 -52.32 16.30 30.93
C ALA C 78 -50.87 16.33 31.47
N ASP C 79 -50.69 17.07 32.56
CA ASP C 79 -49.41 17.08 33.24
C ASP C 79 -49.03 15.69 33.71
N ALA C 80 -49.99 14.96 34.28
CA ALA C 80 -49.75 13.60 34.80
C ALA C 80 -49.27 12.63 33.71
N ARG C 81 -49.87 12.73 32.54
CA ARG C 81 -49.53 11.85 31.44
C ARG C 81 -48.01 12.04 31.13
N ILE C 82 -47.54 13.29 31.12
CA ILE C 82 -46.15 13.61 30.87
C ILE C 82 -45.27 12.97 31.91
N VAL C 83 -45.60 13.18 33.18
CA VAL C 83 -44.80 12.58 34.28
C VAL C 83 -44.81 11.04 34.17
N ILE C 84 -45.97 10.47 33.81
CA ILE C 84 -46.14 9.02 33.74
C ILE C 84 -45.20 8.46 32.67
N ASN C 85 -45.21 9.05 31.50
CA ASN C 85 -44.39 8.54 30.41
CA ASN C 85 -44.35 8.58 30.39
C ASN C 85 -42.87 8.71 30.68
N ARG C 86 -42.47 9.77 31.34
CA ARG C 86 -41.06 9.94 31.71
C ARG C 86 -40.59 8.87 32.70
N ALA C 87 -41.47 8.50 33.63
CA ALA C 87 -41.14 7.47 34.65
C ALA C 87 -41.09 6.09 34.02
N ARG C 88 -41.98 5.86 33.07
CA ARG C 88 -41.94 4.63 32.28
C ARG C 88 -40.64 4.49 31.48
N VAL C 89 -40.18 5.60 30.88
CA VAL C 89 -38.93 5.57 30.14
C VAL C 89 -37.81 5.24 31.10
N GLU C 90 -37.82 5.86 32.26
CA GLU C 90 -36.78 5.67 33.26
C GLU C 90 -36.71 4.30 33.87
N CYS C 91 -37.86 3.66 34.07
CA CYS C 91 -37.89 2.26 34.55
C CYS C 91 -37.13 1.31 33.61
N GLN C 92 -37.36 1.54 32.32
CA GLN C 92 -36.67 0.80 31.31
C GLN C 92 -35.16 1.16 31.23
N SER C 93 -34.77 2.42 31.45
CA SER C 93 -33.32 2.73 31.57
C SER C 93 -32.70 2.00 32.74
N HIS C 94 -33.32 2.09 33.90
CA HIS C 94 -32.81 1.37 35.05
C HIS C 94 -32.63 -0.11 34.68
N ARG C 95 -33.71 -0.80 34.31
CA ARG C 95 -33.65 -2.23 33.84
C ARG C 95 -32.49 -2.51 32.93
N LEU C 96 -32.26 -1.59 31.98
CA LEU C 96 -31.15 -1.67 31.04
C LEU C 96 -29.82 -1.66 31.78
N THR C 97 -29.48 -0.56 32.46
CA THR C 97 -28.12 -0.30 33.05
C THR C 97 -27.78 -1.03 34.41
N VAL C 98 -28.82 -1.57 35.07
CA VAL C 98 -28.73 -2.31 36.36
C VAL C 98 -29.24 -3.77 36.36
N GLU C 99 -30.08 -4.15 35.37
CA GLU C 99 -30.66 -5.49 35.25
C GLU C 99 -31.45 -5.93 36.49
N ASP C 100 -32.05 -4.95 37.16
CA ASP C 100 -33.04 -5.22 38.18
C ASP C 100 -34.20 -4.30 37.82
N PRO C 101 -35.41 -4.68 38.23
CA PRO C 101 -36.46 -3.67 38.24
C PRO C 101 -36.16 -2.58 39.28
N VAL C 102 -36.74 -1.41 39.08
CA VAL C 102 -36.54 -0.29 39.99
C VAL C 102 -37.13 -0.64 41.33
N THR C 103 -36.51 -0.18 42.42
CA THR C 103 -37.29 -0.05 43.67
C THR C 103 -38.39 1.00 43.50
N VAL C 104 -39.40 0.92 44.33
CA VAL C 104 -40.48 1.88 44.28
C VAL C 104 -39.90 3.24 44.71
N GLU C 105 -38.93 3.21 45.62
CA GLU C 105 -38.31 4.40 46.14
C GLU C 105 -37.49 5.11 45.06
N TYR C 106 -36.71 4.32 44.32
CA TYR C 106 -35.89 4.80 43.22
C TYR C 106 -36.73 5.59 42.24
N ILE C 107 -37.83 5.02 41.76
CA ILE C 107 -38.68 5.72 40.80
C ILE C 107 -39.45 6.86 41.41
N THR C 108 -39.75 6.75 42.70
CA THR C 108 -40.43 7.85 43.38
C THR C 108 -39.45 9.04 43.40
N ARG C 109 -38.21 8.77 43.81
CA ARG C 109 -37.15 9.73 43.90
C ARG C 109 -36.85 10.38 42.53
N TYR C 110 -36.89 9.59 41.48
CA TYR C 110 -36.80 10.08 40.14
C TYR C 110 -37.94 11.05 39.80
N ILE C 111 -39.19 10.66 40.03
CA ILE C 111 -40.33 11.53 39.73
C ILE C 111 -40.27 12.86 40.52
N ALA C 112 -39.87 12.77 41.76
CA ALA C 112 -39.79 13.91 42.65
C ALA C 112 -38.73 14.90 42.16
N SER C 113 -37.57 14.39 41.77
CA SER C 113 -36.52 15.29 41.30
C SER C 113 -36.91 15.89 39.92
N LEU C 114 -37.59 15.16 39.06
CA LEU C 114 -38.21 15.78 37.87
C LEU C 114 -39.08 16.97 38.22
N LYS C 115 -39.96 16.76 39.22
CA LYS C 115 -40.88 17.80 39.64
C LYS C 115 -40.13 18.98 40.27
N GLN C 116 -39.12 18.71 41.10
CA GLN C 116 -38.33 19.75 41.69
C GLN C 116 -37.61 20.59 40.62
N ARG C 117 -37.01 19.94 39.61
CA ARG C 117 -36.35 20.62 38.50
C ARG C 117 -37.26 21.60 37.81
N TYR C 118 -38.53 21.25 37.65
CA TYR C 118 -39.47 22.13 36.99
C TYR C 118 -39.94 23.28 37.93
N THR C 119 -39.46 23.33 39.18
CA THR C 119 -39.63 24.51 40.04
C THR C 119 -38.40 25.44 40.10
N GLN C 120 -37.33 25.03 39.41
CA GLN C 120 -36.06 25.74 39.46
C GLN C 120 -35.40 25.93 38.05
N SER C 121 -36.19 25.89 36.98
CA SER C 121 -35.70 25.96 35.62
C SER C 121 -36.40 26.99 34.78
N ASN C 122 -35.62 27.70 34.01
CA ASN C 122 -36.12 28.74 33.19
C ASN C 122 -37.14 28.23 32.21
N GLY C 123 -38.15 29.04 31.97
CA GLY C 123 -39.16 28.79 30.93
C GLY C 123 -40.29 27.76 31.14
N ARG C 124 -40.27 27.10 32.30
CA ARG C 124 -41.19 25.99 32.70
C ARG C 124 -41.99 26.37 33.92
N ARG C 125 -43.29 26.11 33.93
CA ARG C 125 -44.04 26.08 35.20
C ARG C 125 -43.92 24.69 35.85
N PRO C 126 -44.15 24.58 37.16
CA PRO C 126 -44.23 23.32 37.83
C PRO C 126 -45.38 22.41 37.35
N PHE C 127 -45.21 21.12 37.66
CA PHE C 127 -46.23 20.12 37.28
C PHE C 127 -47.37 20.27 38.28
N GLY C 128 -48.60 20.32 37.78
CA GLY C 128 -49.78 20.43 38.64
C GLY C 128 -50.36 19.10 39.14
N ILE C 129 -49.54 18.26 39.77
CA ILE C 129 -49.97 16.97 40.25
C ILE C 129 -49.20 16.50 41.47
N SER C 130 -49.90 15.69 42.27
CA SER C 130 -49.29 14.77 43.21
C SER C 130 -49.55 13.35 42.75
N ALA C 131 -48.74 12.43 43.27
CA ALA C 131 -48.82 11.06 42.86
C ALA C 131 -48.66 10.17 44.05
N LEU C 132 -49.45 9.09 44.07
CA LEU C 132 -49.25 7.98 45.02
C LEU C 132 -48.62 6.87 44.21
N ILE C 133 -47.47 6.38 44.67
CA ILE C 133 -46.70 5.40 43.94
C ILE C 133 -46.56 4.17 44.83
N VAL C 134 -46.99 3.02 44.33
CA VAL C 134 -47.04 1.78 45.11
C VAL C 134 -46.40 0.61 44.42
N GLY C 135 -46.05 -0.41 45.20
CA GLY C 135 -45.54 -1.67 44.67
C GLY C 135 -44.68 -2.46 45.62
N PHE C 136 -43.85 -3.34 45.07
CA PHE C 136 -43.00 -4.23 45.85
C PHE C 136 -41.60 -4.20 45.36
N ASP C 137 -40.66 -4.18 46.31
CA ASP C 137 -39.25 -4.40 46.02
C ASP C 137 -38.94 -5.91 45.77
N PHE C 138 -37.75 -6.18 45.21
CA PHE C 138 -37.25 -7.55 44.99
C PHE C 138 -37.36 -8.45 46.25
N ASP C 139 -37.15 -7.91 47.45
CA ASP C 139 -37.21 -8.68 48.72
C ASP C 139 -38.64 -8.90 49.28
N GLY C 140 -39.67 -8.48 48.54
CA GLY C 140 -41.06 -8.68 48.94
C GLY C 140 -41.71 -7.59 49.81
N THR C 141 -40.95 -6.59 50.24
CA THR C 141 -41.49 -5.50 51.07
C THR C 141 -42.45 -4.57 50.28
N PRO C 142 -43.72 -4.45 50.73
CA PRO C 142 -44.70 -3.55 50.08
C PRO C 142 -44.43 -2.07 50.40
N ARG C 143 -44.86 -1.16 49.51
CA ARG C 143 -44.43 0.25 49.52
C ARG C 143 -45.50 1.21 49.03
N LEU C 144 -45.67 2.32 49.76
CA LEU C 144 -46.55 3.40 49.33
C LEU C 144 -45.80 4.71 49.51
N TYR C 145 -45.57 5.41 48.42
CA TYR C 145 -44.88 6.71 48.42
C TYR C 145 -45.79 7.76 47.85
N GLN C 146 -45.56 9.00 48.28
CA GLN C 146 -46.28 10.15 47.72
C GLN C 146 -45.33 11.28 47.35
N THR C 147 -45.60 11.89 46.20
CA THR C 147 -44.87 13.05 45.70
C THR C 147 -45.83 14.24 45.54
N ASP C 148 -45.31 15.46 45.68
CA ASP C 148 -46.13 16.63 45.32
C ASP C 148 -45.36 17.57 44.41
N PRO C 149 -46.05 18.62 43.88
CA PRO C 149 -45.45 19.53 42.90
C PRO C 149 -44.11 20.13 43.26
N SER C 150 -43.80 20.29 44.54
CA SER C 150 -42.52 20.85 44.97
C SER C 150 -41.36 19.92 44.75
N GLY C 151 -41.63 18.63 44.47
CA GLY C 151 -40.63 17.58 44.45
C GLY C 151 -40.31 16.97 45.81
N THR C 152 -41.12 17.23 46.82
CA THR C 152 -40.90 16.50 48.08
C THR C 152 -41.58 15.16 47.96
N TYR C 153 -41.02 14.19 48.66
CA TYR C 153 -41.62 12.87 48.67
C TYR C 153 -41.46 12.20 50.03
N HIS C 154 -42.44 11.38 50.36
CA HIS C 154 -42.39 10.56 51.58
C HIS C 154 -43.05 9.20 51.39
N ALA C 155 -42.72 8.30 52.30
CA ALA C 155 -43.41 7.03 52.42
C ALA C 155 -44.57 7.16 53.39
N TRP C 156 -45.65 6.46 53.10
CA TRP C 156 -46.82 6.41 53.93
C TRP C 156 -47.28 4.95 54.13
N LYS C 157 -47.88 4.70 55.31
CA LYS C 157 -48.62 3.46 55.58
C LYS C 157 -49.91 3.47 54.78
N ALA C 158 -50.51 4.65 54.65
CA ALA C 158 -51.72 4.88 53.86
C ALA C 158 -51.83 6.38 53.74
N ASN C 159 -52.57 6.85 52.73
CA ASN C 159 -52.64 8.28 52.44
C ASN C 159 -53.69 8.62 51.39
N ALA C 160 -54.13 9.88 51.38
CA ALA C 160 -54.97 10.42 50.33
C ALA C 160 -54.38 11.72 49.76
N ILE C 161 -54.85 12.09 48.56
CA ILE C 161 -54.52 13.36 47.87
C ILE C 161 -55.73 13.74 46.99
N GLY C 162 -55.80 15.01 46.57
CA GLY C 162 -56.94 15.53 45.82
C GLY C 162 -57.94 16.21 46.74
N ARG C 163 -59.09 16.56 46.19
CA ARG C 163 -60.13 17.20 46.97
C ARG C 163 -60.62 16.30 48.12
N GLY C 164 -60.70 16.87 49.31
CA GLY C 164 -61.04 16.10 50.49
C GLY C 164 -60.04 15.05 50.94
N ALA C 165 -58.78 15.24 50.59
CA ALA C 165 -57.68 14.53 51.22
C ALA C 165 -57.61 14.75 52.75
N LYS C 166 -57.98 15.95 53.23
CA LYS C 166 -57.93 16.29 54.67
C LYS C 166 -58.76 15.30 55.51
N SER C 167 -60.05 15.20 55.17
CA SER C 167 -60.98 14.32 55.88
C SER C 167 -60.66 12.83 55.66
N VAL C 168 -60.33 12.43 54.43
CA VAL C 168 -59.98 11.03 54.13
C VAL C 168 -58.72 10.63 54.91
N ARG C 169 -57.73 11.51 55.03
CA ARG C 169 -56.56 11.23 55.88
C ARG C 169 -56.94 11.11 57.36
N GLU C 170 -57.88 11.94 57.84
CA GLU C 170 -58.43 11.84 59.21
C GLU C 170 -59.03 10.44 59.45
N PHE C 171 -59.84 9.97 58.51
CA PHE C 171 -60.46 8.64 58.57
C PHE C 171 -59.41 7.53 58.62
N LEU C 172 -58.43 7.57 57.73
CA LEU C 172 -57.37 6.56 57.69
C LEU C 172 -56.55 6.51 58.98
N GLU C 173 -56.27 7.66 59.58
CA GLU C 173 -55.49 7.74 60.84
C GLU C 173 -56.16 6.93 61.93
N LYS C 174 -57.49 7.01 62.00
CA LYS C 174 -58.26 6.35 63.05
C LYS C 174 -58.48 4.87 62.69
N ASN C 175 -58.62 4.58 61.39
CA ASN C 175 -59.02 3.25 60.89
C ASN C 175 -57.89 2.31 60.42
N TYR C 176 -56.69 2.84 60.20
CA TYR C 176 -55.54 1.99 59.86
C TYR C 176 -54.94 1.32 61.10
N THR C 177 -55.16 0.03 61.20
CA THR C 177 -54.70 -0.81 62.30
C THR C 177 -54.34 -2.20 61.73
N ASP C 178 -53.58 -2.98 62.51
CA ASP C 178 -53.21 -4.35 62.12
C ASP C 178 -54.44 -5.17 61.72
N GLU C 179 -55.54 -4.98 62.45
CA GLU C 179 -56.81 -5.67 62.19
C GLU C 179 -57.43 -5.32 60.81
N ALA C 180 -57.45 -4.05 60.45
CA ALA C 180 -58.00 -3.61 59.15
C ALA C 180 -57.15 -4.01 57.91
N ILE C 181 -55.87 -4.36 58.11
CA ILE C 181 -54.98 -4.87 57.05
C ILE C 181 -54.42 -6.32 57.27
N GLU C 182 -55.04 -7.10 58.15
CA GLU C 182 -54.60 -8.50 58.35
C GLU C 182 -54.80 -9.32 57.06
N THR C 183 -55.98 -9.16 56.43
CA THR C 183 -56.25 -9.76 55.15
C THR C 183 -56.46 -8.79 54.02
N ASP C 184 -56.44 -9.35 52.80
CA ASP C 184 -56.62 -8.60 51.56
C ASP C 184 -58.00 -7.97 51.35
N ASP C 185 -59.04 -8.73 51.61
CA ASP C 185 -60.44 -8.25 51.56
C ASP C 185 -60.65 -6.96 52.38
N LEU C 186 -60.02 -6.89 53.56
CA LEU C 186 -60.22 -5.80 54.51
C LEU C 186 -59.44 -4.58 54.05
N THR C 187 -58.21 -4.79 53.59
CA THR C 187 -57.37 -3.77 52.98
C THR C 187 -58.09 -3.07 51.82
N ILE C 188 -58.66 -3.88 50.95
CA ILE C 188 -59.44 -3.35 49.85
C ILE C 188 -60.65 -2.58 50.38
N LYS C 189 -61.36 -3.15 51.35
CA LYS C 189 -62.52 -2.50 51.99
C LYS C 189 -62.16 -1.15 52.67
N LEU C 190 -61.00 -1.11 53.32
CA LEU C 190 -60.50 0.11 53.98
C LEU C 190 -60.42 1.29 53.02
N VAL C 191 -59.96 1.03 51.80
CA VAL C 191 -59.87 2.03 50.70
C VAL C 191 -61.25 2.48 50.26
N ILE C 192 -62.14 1.52 50.07
CA ILE C 192 -63.50 1.82 49.60
C ILE C 192 -64.29 2.60 50.68
N LYS C 193 -64.16 2.22 51.96
CA LYS C 193 -64.79 3.01 53.05
C LYS C 193 -64.19 4.45 53.09
N ALA C 194 -62.87 4.55 52.95
CA ALA C 194 -62.19 5.85 52.91
C ALA C 194 -62.73 6.76 51.79
N LEU C 195 -62.90 6.21 50.58
CA LEU C 195 -63.50 6.95 49.46
C LEU C 195 -64.97 7.27 49.68
N LEU C 196 -65.78 6.26 49.99
CA LEU C 196 -67.26 6.39 50.14
C LEU C 196 -67.65 7.48 51.12
N GLU C 197 -66.72 7.89 51.96
CA GLU C 197 -66.86 9.09 52.75
C GLU C 197 -66.95 10.42 52.00
N VAL C 198 -66.12 10.55 51.00
CA VAL C 198 -66.06 11.77 50.20
C VAL C 198 -66.81 11.61 48.87
N VAL C 199 -66.92 10.36 48.38
CA VAL C 199 -67.43 10.10 47.01
C VAL C 199 -68.92 10.44 46.92
N GLN C 200 -69.24 11.48 46.15
CA GLN C 200 -70.58 12.16 46.18
C GLN C 200 -71.85 11.30 46.09
N SER C 201 -72.15 10.67 44.95
CA SER C 201 -73.17 9.56 44.90
C SER C 201 -72.51 8.16 44.90
N GLY C 202 -72.45 7.53 46.07
CA GLY C 202 -71.92 6.17 46.18
C GLY C 202 -72.81 5.12 45.46
N GLY C 203 -72.23 4.24 44.63
CA GLY C 203 -70.78 4.14 44.37
C GLY C 203 -70.32 2.88 43.63
N LYS C 204 -70.59 2.72 42.33
CA LYS C 204 -70.86 3.73 41.31
C LYS C 204 -69.49 4.23 40.83
N ASN C 205 -68.93 5.25 41.49
CA ASN C 205 -67.84 6.00 40.90
C ASN C 205 -66.59 5.92 41.77
N ILE C 206 -66.17 4.72 42.11
CA ILE C 206 -64.91 4.54 42.79
C ILE C 206 -64.13 3.57 41.91
N GLU C 207 -63.15 4.05 41.14
CA GLU C 207 -62.24 3.18 40.35
C GLU C 207 -61.19 2.60 41.31
N LEU C 208 -60.82 1.34 41.14
CA LEU C 208 -59.94 0.67 42.09
C LEU C 208 -59.03 -0.39 41.48
N ALA C 209 -57.86 -0.53 42.09
CA ALA C 209 -56.84 -1.46 41.61
C ALA C 209 -55.91 -1.94 42.71
N VAL C 210 -55.38 -3.13 42.48
CA VAL C 210 -54.66 -3.90 43.49
C VAL C 210 -53.39 -4.44 42.91
N MET C 211 -52.36 -4.63 43.76
CA MET C 211 -51.14 -5.29 43.36
C MET C 211 -50.64 -6.25 44.42
N ARG C 212 -50.67 -7.55 44.13
CA ARG C 212 -50.19 -8.58 45.05
C ARG C 212 -48.72 -8.84 44.83
N ARG C 213 -48.02 -9.29 45.88
CA ARG C 213 -46.58 -9.63 45.79
C ARG C 213 -46.34 -10.50 44.52
N ASP C 214 -45.47 -10.03 43.62
CA ASP C 214 -45.16 -10.74 42.34
C ASP C 214 -46.29 -10.74 41.27
N GLN C 215 -47.57 -10.78 41.67
CA GLN C 215 -48.67 -11.15 40.77
C GLN C 215 -49.09 -10.10 39.72
N SER C 216 -48.44 -8.94 39.68
CA SER C 216 -48.72 -7.82 38.73
C SER C 216 -50.09 -7.14 38.94
N LEU C 217 -50.38 -6.09 38.17
CA LEU C 217 -51.51 -5.20 38.47
C LEU C 217 -52.86 -5.73 37.98
N LYS C 218 -53.77 -6.03 38.91
CA LYS C 218 -55.20 -6.24 38.58
C LYS C 218 -55.96 -4.91 38.83
N ILE C 219 -56.81 -4.52 37.87
CA ILE C 219 -57.88 -3.53 38.12
C ILE C 219 -59.20 -4.29 38.34
N LEU C 220 -60.04 -3.81 39.27
CA LEU C 220 -61.39 -4.40 39.47
C LEU C 220 -62.50 -3.74 38.62
N ASN C 221 -63.38 -4.62 38.12
CA ASN C 221 -64.51 -4.24 37.29
CA ASN C 221 -64.52 -4.23 37.30
C ASN C 221 -65.69 -3.81 38.20
N PRO C 222 -66.71 -3.11 37.62
CA PRO C 222 -67.83 -2.64 38.47
C PRO C 222 -68.68 -3.73 39.16
N GLU C 223 -68.69 -4.96 38.62
CA GLU C 223 -69.33 -6.13 39.28
C GLU C 223 -68.50 -6.60 40.49
N GLU C 224 -67.16 -6.61 40.37
CA GLU C 224 -66.26 -6.98 41.48
C GLU C 224 -66.14 -5.90 42.58
N ILE C 225 -66.47 -4.65 42.22
CA ILE C 225 -66.46 -3.49 43.15
C ILE C 225 -67.70 -3.47 44.07
N GLU C 226 -68.89 -3.44 43.47
CA GLU C 226 -70.17 -3.33 44.23
C GLU C 226 -70.51 -4.58 45.05
N LYS C 227 -69.78 -5.67 44.80
CA LYS C 227 -69.70 -6.81 45.73
C LYS C 227 -69.15 -6.30 47.07
N TYR C 228 -67.97 -5.67 47.06
CA TYR C 228 -67.39 -5.10 48.30
C TYR C 228 -68.24 -3.97 48.92
N VAL C 229 -68.93 -3.19 48.09
CA VAL C 229 -69.76 -2.06 48.55
C VAL C 229 -70.90 -2.52 49.43
N ALA C 230 -71.73 -3.43 48.90
CA ALA C 230 -72.84 -4.08 49.63
C ALA C 230 -72.35 -4.88 50.84
N GLU C 231 -71.21 -5.58 50.67
CA GLU C 231 -70.55 -6.42 51.71
C GLU C 231 -70.02 -5.63 52.95
N ILE C 232 -69.77 -4.31 52.79
CA ILE C 232 -69.45 -3.39 53.92
C ILE C 232 -70.67 -2.57 54.42
N GLU C 233 -71.60 -2.25 53.51
CA GLU C 233 -72.79 -1.41 53.76
C GLU C 233 -73.82 -2.09 54.69
N LYS C 234 -74.10 -3.35 54.38
CA LYS C 234 -74.90 -4.18 55.25
C LYS C 234 -74.22 -4.50 56.60
N GLU C 235 -72.88 -4.51 56.64
CA GLU C 235 -72.15 -4.69 57.91
C GLU C 235 -72.16 -3.46 58.82
N LYS C 236 -72.26 -2.25 58.25
CA LYS C 236 -72.42 -1.00 59.05
C LYS C 236 -73.88 -0.69 59.52
N GLU C 237 -74.62 -1.73 59.93
CA GLU C 237 -76.02 -1.62 60.39
C GLU C 237 -76.20 -2.16 61.81
N GLU C 238 -75.56 -3.30 62.03
CA GLU C 238 -75.16 -3.80 63.36
C GLU C 238 -74.81 -2.66 64.32
N ASP D 9 -42.86 43.82 39.26
CA ASP D 9 -42.02 42.64 38.83
C ASP D 9 -40.69 43.08 38.15
N ARG D 10 -39.67 42.27 38.41
CA ARG D 10 -38.23 42.58 38.25
C ARG D 10 -37.50 41.26 38.10
N GLY D 11 -36.25 41.30 37.69
CA GLY D 11 -35.53 40.09 37.40
C GLY D 11 -34.89 39.48 38.63
N VAL D 12 -34.54 38.22 38.52
CA VAL D 12 -34.01 37.49 39.66
C VAL D 12 -32.65 37.95 40.17
N ASN D 13 -31.91 38.71 39.36
CA ASN D 13 -30.61 39.24 39.75
C ASN D 13 -30.63 40.77 40.02
N THR D 14 -31.77 41.27 40.50
CA THR D 14 -31.89 42.66 40.89
C THR D 14 -31.36 42.86 42.34
N PHE D 15 -30.48 43.85 42.48
CA PHE D 15 -30.08 44.36 43.80
C PHE D 15 -31.15 45.27 44.40
N SER D 16 -31.30 45.17 45.70
CA SER D 16 -32.08 46.16 46.48
C SER D 16 -31.23 47.37 46.77
N PRO D 17 -31.86 48.50 47.16
CA PRO D 17 -31.09 49.71 47.55
C PRO D 17 -30.07 49.52 48.68
N GLU D 18 -30.24 48.45 49.46
CA GLU D 18 -29.36 48.10 50.52
C GLU D 18 -28.21 47.23 50.07
N GLY D 19 -28.22 46.80 48.81
CA GLY D 19 -27.12 46.03 48.27
C GLY D 19 -27.19 44.53 48.48
N ARG D 20 -28.40 44.00 48.47
CA ARG D 20 -28.59 42.58 48.61
C ARG D 20 -29.39 42.16 47.40
N LEU D 21 -29.27 40.92 47.02
CA LEU D 21 -30.12 40.40 45.96
C LEU D 21 -31.43 39.96 46.63
N PHE D 22 -32.54 40.57 46.18
CA PHE D 22 -33.87 40.23 46.64
C PHE D 22 -34.09 38.70 46.76
N GLN D 23 -33.81 37.97 45.70
CA GLN D 23 -34.08 36.53 45.66
C GLN D 23 -33.31 35.76 46.72
N VAL D 24 -32.11 36.20 47.05
CA VAL D 24 -31.33 35.57 48.09
C VAL D 24 -31.91 35.89 49.45
N GLU D 25 -32.29 37.17 49.68
CA GLU D 25 -32.88 37.53 50.97
C GLU D 25 -34.18 36.76 51.19
N TYR D 26 -35.01 36.67 50.14
CA TYR D 26 -36.19 35.89 50.22
C TYR D 26 -35.92 34.38 50.42
N ALA D 27 -34.86 33.86 49.81
CA ALA D 27 -34.49 32.47 50.04
C ALA D 27 -34.10 32.24 51.50
N ILE D 28 -33.41 33.22 52.08
CA ILE D 28 -33.03 33.15 53.50
C ILE D 28 -34.28 33.07 54.44
N GLU D 29 -35.38 33.74 54.06
CA GLU D 29 -36.69 33.70 54.74
C GLU D 29 -37.33 32.31 54.64
N ALA D 30 -37.12 31.60 53.55
CA ALA D 30 -37.61 30.25 53.47
C ALA D 30 -36.92 29.33 54.47
N ILE D 31 -35.66 29.56 54.80
CA ILE D 31 -35.00 28.72 55.84
C ILE D 31 -35.75 28.77 57.18
N LYS D 32 -36.35 29.91 57.49
CA LYS D 32 -37.10 30.06 58.75
C LYS D 32 -38.37 29.17 58.78
N LEU D 33 -38.86 28.71 57.62
CA LEU D 33 -39.95 27.73 57.54
C LEU D 33 -39.52 26.27 57.74
N GLY D 34 -38.21 25.99 57.73
CA GLY D 34 -37.72 24.63 57.97
C GLY D 34 -37.65 24.19 59.43
N SER D 35 -37.55 22.88 59.60
CA SER D 35 -37.33 22.25 60.90
C SER D 35 -35.95 22.55 61.46
N THR D 36 -35.86 22.48 62.77
CA THR D 36 -34.64 22.90 63.44
C THR D 36 -33.57 21.81 63.37
N ALA D 37 -32.35 22.23 63.07
CA ALA D 37 -31.23 21.32 63.07
C ALA D 37 -30.13 21.93 63.84
N ILE D 38 -29.35 21.08 64.49
CA ILE D 38 -28.27 21.50 65.35
C ILE D 38 -26.99 20.72 65.04
N GLY D 39 -25.88 21.45 65.01
CA GLY D 39 -24.57 20.85 64.88
C GLY D 39 -23.67 21.32 65.99
N ILE D 40 -22.83 20.43 66.49
CA ILE D 40 -21.85 20.78 67.53
C ILE D 40 -20.52 20.11 67.25
N GLN D 41 -19.46 20.89 67.27
CA GLN D 41 -18.11 20.42 67.01
C GLN D 41 -17.33 20.29 68.31
N THR D 42 -16.85 19.08 68.58
CA THR D 42 -15.98 18.79 69.75
C THR D 42 -14.68 18.20 69.24
N SER D 43 -13.66 18.19 70.09
CA SER D 43 -12.41 17.49 69.81
C SER D 43 -12.55 15.96 69.60
N GLU D 44 -13.64 15.37 70.12
CA GLU D 44 -13.96 13.94 69.95
C GLU D 44 -14.87 13.62 68.76
N GLY D 45 -15.34 14.64 68.06
CA GLY D 45 -16.18 14.43 66.89
C GLY D 45 -17.24 15.49 66.79
N VAL D 46 -18.02 15.45 65.73
CA VAL D 46 -19.13 16.36 65.58
C VAL D 46 -20.42 15.55 65.58
N CYS D 47 -21.49 16.17 66.06
CA CYS D 47 -22.81 15.57 65.97
C CYS D 47 -23.77 16.50 65.30
N LEU D 48 -24.73 15.89 64.64
CA LEU D 48 -25.77 16.58 63.91
C LEU D 48 -27.05 15.99 64.45
N ALA D 49 -28.05 16.85 64.69
CA ALA D 49 -29.34 16.44 65.23
C ALA D 49 -30.42 17.27 64.59
N VAL D 50 -31.54 16.64 64.26
CA VAL D 50 -32.59 17.32 63.52
C VAL D 50 -34.00 16.83 63.92
N GLU D 51 -34.89 17.80 63.99
CA GLU D 51 -36.30 17.63 64.23
C GLU D 51 -36.89 17.13 62.96
N LYS D 52 -37.62 16.02 62.99
CA LYS D 52 -38.19 15.46 61.75
C LYS D 52 -39.45 16.20 61.31
N ARG D 53 -40.30 16.49 62.29
CA ARG D 53 -41.54 17.23 62.10
C ARG D 53 -42.60 16.40 61.40
N ILE D 54 -43.06 15.39 62.12
CA ILE D 54 -44.00 14.41 61.61
C ILE D 54 -45.39 15.07 61.59
N THR D 55 -46.04 15.06 60.43
CA THR D 55 -47.35 15.72 60.22
C THR D 55 -48.53 14.77 60.30
N SER D 56 -48.28 13.45 60.39
CA SER D 56 -49.34 12.43 60.49
C SER D 56 -48.75 11.08 60.99
N PRO D 57 -49.47 10.35 61.88
CA PRO D 57 -48.97 9.02 62.26
C PRO D 57 -48.91 7.98 61.09
N LEU D 58 -49.66 8.26 60.02
CA LEU D 58 -49.62 7.46 58.76
C LEU D 58 -48.29 7.55 57.95
N MET D 59 -47.54 8.61 58.18
CA MET D 59 -46.24 8.81 57.56
C MET D 59 -45.19 7.93 58.17
N GLU D 60 -44.38 7.26 57.35
CA GLU D 60 -43.22 6.50 57.84
C GLU D 60 -42.10 7.44 58.23
N PRO D 61 -41.78 7.53 59.54
CA PRO D 61 -40.73 8.44 60.02
C PRO D 61 -39.35 8.23 59.43
N SER D 62 -39.03 7.01 59.04
CA SER D 62 -37.70 6.72 58.51
C SER D 62 -37.56 7.22 57.06
N SER D 63 -38.68 7.48 56.37
CA SER D 63 -38.64 8.10 55.03
C SER D 63 -38.36 9.61 55.02
N ILE D 64 -38.22 10.22 56.18
CA ILE D 64 -37.79 11.61 56.29
C ILE D 64 -36.30 11.53 56.55
N GLU D 65 -35.48 11.93 55.58
CA GLU D 65 -34.04 12.03 55.82
C GLU D 65 -33.66 13.49 55.70
N LYS D 66 -33.15 14.03 56.79
CA LYS D 66 -32.66 15.38 56.84
C LYS D 66 -31.20 15.42 57.30
N ILE D 67 -30.67 14.30 57.80
CA ILE D 67 -29.23 14.10 57.88
C ILE D 67 -28.86 13.06 56.79
N VAL D 68 -27.84 13.36 55.99
CA VAL D 68 -27.36 12.44 54.94
C VAL D 68 -25.86 12.31 55.00
N GLU D 69 -25.38 11.10 54.67
CA GLU D 69 -23.96 10.85 54.49
C GLU D 69 -23.51 11.47 53.16
N ILE D 70 -22.42 12.25 53.20
CA ILE D 70 -21.76 12.77 52.00
C ILE D 70 -20.67 11.81 51.53
N ASP D 71 -19.73 11.55 52.43
CA ASP D 71 -18.71 10.51 52.34
C ASP D 71 -18.59 9.90 53.77
N ALA D 72 -17.72 8.93 53.94
CA ALA D 72 -17.54 8.20 55.20
C ALA D 72 -17.10 9.09 56.36
N HIS D 73 -16.52 10.23 56.02
CA HIS D 73 -15.94 11.17 56.98
C HIS D 73 -16.75 12.46 57.06
N ILE D 74 -17.89 12.54 56.37
CA ILE D 74 -18.67 13.76 56.28
C ILE D 74 -20.16 13.52 56.22
N GLY D 75 -20.90 14.13 57.16
CA GLY D 75 -22.36 14.22 57.07
C GLY D 75 -22.88 15.63 56.82
N CYS D 76 -24.17 15.67 56.52
CA CYS D 76 -24.86 16.89 56.20
C CYS D 76 -26.28 16.93 56.76
N ALA D 77 -26.55 17.93 57.60
CA ALA D 77 -27.90 18.25 58.05
C ALA D 77 -28.44 19.44 57.25
N MET D 78 -29.73 19.38 56.91
CA MET D 78 -30.37 20.40 56.10
C MET D 78 -31.66 20.96 56.74
N SER D 79 -31.92 22.25 56.52
CA SER D 79 -33.20 22.85 56.84
C SER D 79 -33.63 23.81 55.76
N GLY D 80 -34.89 23.71 55.37
CA GLY D 80 -35.54 24.71 54.55
C GLY D 80 -36.48 24.01 53.63
N LEU D 81 -36.38 24.28 52.33
CA LEU D 81 -37.09 23.51 51.31
C LEU D 81 -36.23 22.29 50.96
N ILE D 82 -36.64 21.14 51.46
CA ILE D 82 -35.89 19.92 51.42
C ILE D 82 -35.66 19.47 49.99
N ALA D 83 -36.62 19.69 49.10
CA ALA D 83 -36.49 19.23 47.72
C ALA D 83 -35.33 19.93 47.01
N ASP D 84 -35.14 21.20 47.32
CA ASP D 84 -34.01 21.97 46.84
C ASP D 84 -32.64 21.41 47.25
N ALA D 85 -32.56 20.82 48.44
CA ALA D 85 -31.29 20.29 48.94
C ALA D 85 -30.73 19.13 48.12
N LYS D 86 -31.58 18.39 47.40
CA LYS D 86 -31.14 17.18 46.67
C LYS D 86 -30.02 17.48 45.71
N THR D 87 -30.18 18.45 44.81
CA THR D 87 -29.08 18.73 43.91
C THR D 87 -27.79 19.15 44.63
N LEU D 88 -27.88 19.79 45.78
CA LEU D 88 -26.68 20.22 46.49
C LEU D 88 -25.91 19.06 47.13
N ILE D 89 -26.64 18.14 47.73
CA ILE D 89 -26.10 16.94 48.35
C ILE D 89 -25.43 16.03 47.30
N ASP D 90 -26.11 15.89 46.17
CA ASP D 90 -25.59 15.06 45.11
C ASP D 90 -24.32 15.66 44.63
N LYS D 91 -24.30 16.96 44.48
CA LYS D 91 -23.11 17.63 44.05
C LYS D 91 -21.96 17.45 45.05
N ALA D 92 -22.29 17.49 46.34
CA ALA D 92 -21.24 17.28 47.35
C ALA D 92 -20.66 15.88 47.22
N ARG D 93 -21.55 14.91 47.04
CA ARG D 93 -21.15 13.50 46.91
C ARG D 93 -20.23 13.26 45.74
N VAL D 94 -20.65 13.80 44.60
CA VAL D 94 -19.91 13.67 43.35
C VAL D 94 -18.57 14.38 43.42
N GLU D 95 -18.52 15.55 44.01
CA GLU D 95 -17.29 16.27 44.18
C GLU D 95 -16.29 15.47 45.06
N THR D 96 -16.76 14.81 46.14
CA THR D 96 -15.83 14.12 47.05
C THR D 96 -15.27 12.89 46.36
N GLN D 97 -16.09 12.23 45.54
CA GLN D 97 -15.63 11.10 44.76
C GLN D 97 -14.70 11.47 43.62
N ASN D 98 -14.92 12.61 42.99
CA ASN D 98 -14.01 13.13 41.99
C ASN D 98 -12.66 13.41 42.61
N HIS D 99 -12.69 13.99 43.78
CA HIS D 99 -11.46 14.31 44.47
C HIS D 99 -10.70 13.01 44.76
N TRP D 100 -11.41 11.99 45.23
CA TRP D 100 -10.81 10.73 45.55
C TRP D 100 -10.26 10.08 44.25
N PHE D 101 -11.03 10.14 43.17
CA PHE D 101 -10.58 9.61 41.87
C PHE D 101 -9.22 10.20 41.44
N THR D 102 -9.14 11.52 41.42
CA THR D 102 -8.02 12.24 40.89
C THR D 102 -6.81 12.22 41.80
N TYR D 103 -7.03 12.43 43.11
CA TYR D 103 -5.94 12.62 44.06
C TYR D 103 -5.67 11.47 45.00
N ASN D 104 -6.51 10.43 45.02
CA ASN D 104 -6.38 9.32 45.96
C ASN D 104 -6.25 9.72 47.44
N GLU D 105 -7.13 10.63 47.85
CA GLU D 105 -7.20 11.13 49.19
C GLU D 105 -8.63 11.61 49.46
N THR D 106 -8.92 11.82 50.73
CA THR D 106 -10.23 12.35 51.13
C THR D 106 -10.20 13.85 51.00
N MET D 107 -11.36 14.41 50.69
CA MET D 107 -11.52 15.84 50.50
C MET D 107 -11.78 16.43 51.88
N THR D 108 -11.23 17.61 52.16
CA THR D 108 -11.51 18.28 53.47
C THR D 108 -12.95 18.77 53.56
N VAL D 109 -13.44 18.88 54.79
CA VAL D 109 -14.81 19.34 55.04
C VAL D 109 -15.00 20.71 54.44
N GLU D 110 -14.01 21.58 54.69
CA GLU D 110 -14.01 22.95 54.17
C GLU D 110 -14.06 22.99 52.63
N SER D 111 -13.27 22.14 51.98
CA SER D 111 -13.33 21.99 50.49
C SER D 111 -14.69 21.53 49.97
N VAL D 112 -15.31 20.59 50.63
CA VAL D 112 -16.62 20.14 50.17
C VAL D 112 -17.60 21.25 50.31
N THR D 113 -17.55 21.96 51.43
CA THR D 113 -18.49 23.06 51.67
C THR D 113 -18.32 24.14 50.61
N GLN D 114 -17.06 24.54 50.41
CA GLN D 114 -16.68 25.50 49.37
C GLN D 114 -17.21 25.16 47.96
N ALA D 115 -17.08 23.90 47.57
CA ALA D 115 -17.53 23.47 46.25
C ALA D 115 -19.02 23.59 46.10
N VAL D 116 -19.75 23.21 47.14
CA VAL D 116 -21.20 23.34 47.13
C VAL D 116 -21.59 24.83 47.16
N SER D 117 -20.89 25.62 47.95
CA SER D 117 -21.24 27.04 48.03
C SER D 117 -20.99 27.82 46.71
N ASN D 118 -20.05 27.37 45.91
CA ASN D 118 -19.89 27.94 44.55
C ASN D 118 -21.07 27.75 43.59
N LEU D 119 -22.01 26.87 43.90
CA LEU D 119 -23.27 26.83 43.17
C LEU D 119 -24.26 27.92 43.58
N ALA D 120 -24.12 28.47 44.78
CA ALA D 120 -25.19 29.33 45.33
C ALA D 120 -25.76 30.49 44.48
N LEU D 121 -24.94 31.40 43.92
CA LEU D 121 -25.43 32.46 43.10
C LEU D 121 -25.44 32.15 41.63
N GLN D 122 -25.23 30.91 41.25
CA GLN D 122 -25.39 30.54 39.84
C GLN D 122 -26.85 30.34 39.41
N PHE D 123 -27.62 31.42 39.36
CA PHE D 123 -28.97 31.40 38.81
C PHE D 123 -29.14 32.67 38.00
N GLY D 124 -30.07 32.74 37.09
CA GLY D 124 -30.25 33.91 36.29
C GLY D 124 -31.06 33.52 35.12
N GLU D 125 -31.35 34.45 34.24
CA GLU D 125 -32.26 34.20 33.15
C GLU D 125 -31.94 34.82 31.77
N GLU D 126 -30.68 35.11 31.43
CA GLU D 126 -30.37 35.39 30.00
C GLU D 126 -28.97 34.95 29.49
N ASP D 127 -28.03 34.58 30.38
CA ASP D 127 -26.65 34.12 30.04
C ASP D 127 -26.50 32.61 29.79
N ALA D 128 -27.04 31.77 30.69
CA ALA D 128 -26.61 30.31 30.84
C ALA D 128 -27.37 29.30 29.90
N ASP D 129 -27.33 27.99 30.20
CA ASP D 129 -27.88 26.93 29.30
C ASP D 129 -29.38 27.07 29.05
N PRO D 130 -29.95 26.36 28.03
CA PRO D 130 -31.38 26.56 27.63
C PRO D 130 -32.41 26.58 28.80
N GLY D 131 -32.17 25.72 29.81
CA GLY D 131 -32.74 25.90 31.17
C GLY D 131 -31.94 25.61 32.45
N ALA D 132 -30.89 26.41 32.76
CA ALA D 132 -30.15 26.46 34.08
C ALA D 132 -31.04 26.98 35.24
N MET D 133 -30.47 27.08 36.47
CA MET D 133 -31.25 27.46 37.68
C MET D 133 -31.93 28.82 37.51
N SER D 134 -33.24 28.88 37.71
CA SER D 134 -34.00 30.11 37.65
C SER D 134 -34.08 30.96 38.98
N ARG D 135 -33.59 30.42 40.09
CA ARG D 135 -33.71 31.06 41.38
C ARG D 135 -32.71 30.41 42.31
N PRO D 136 -32.42 31.04 43.43
CA PRO D 136 -31.57 30.37 44.42
C PRO D 136 -32.20 29.15 45.12
N PHE D 137 -31.36 28.47 45.91
CA PHE D 137 -31.75 27.32 46.68
C PHE D 137 -32.28 27.78 48.02
N GLY D 138 -33.44 27.28 48.44
CA GLY D 138 -34.07 27.66 49.74
C GLY D 138 -33.70 26.77 50.92
N VAL D 139 -32.39 26.62 51.15
CA VAL D 139 -31.83 25.59 51.99
C VAL D 139 -30.68 26.15 52.73
N ALA D 140 -30.52 25.75 53.98
CA ALA D 140 -29.27 25.91 54.72
C ALA D 140 -28.74 24.55 55.06
N LEU D 141 -27.41 24.48 55.20
CA LEU D 141 -26.74 23.24 55.41
C LEU D 141 -25.67 23.32 56.47
N LEU D 142 -25.60 22.26 57.28
CA LEU D 142 -24.53 22.03 58.22
C LEU D 142 -23.76 20.81 57.71
N PHE D 143 -22.48 21.00 57.41
CA PHE D 143 -21.58 19.92 57.03
C PHE D 143 -20.71 19.61 58.25
N GLY D 144 -20.81 18.39 58.76
CA GLY D 144 -20.04 17.94 59.90
C GLY D 144 -19.20 16.75 59.52
N GLY D 145 -17.92 16.82 59.84
CA GLY D 145 -17.01 15.78 59.46
C GLY D 145 -15.66 15.86 60.09
N VAL D 146 -14.81 14.91 59.71
CA VAL D 146 -13.46 14.80 60.24
C VAL D 146 -12.47 14.67 59.09
N ASP D 147 -11.45 15.52 59.12
CA ASP D 147 -10.33 15.45 58.20
C ASP D 147 -9.07 15.63 59.06
N GLU D 148 -7.91 15.86 58.43
CA GLU D 148 -6.66 16.07 59.17
C GLU D 148 -6.60 17.37 60.00
N LYS D 149 -7.45 18.36 59.70
CA LYS D 149 -7.62 19.50 60.60
C LYS D 149 -8.32 19.09 61.90
N GLY D 150 -8.80 17.85 62.00
CA GLY D 150 -9.59 17.36 63.13
C GLY D 150 -11.10 17.43 62.85
N PRO D 151 -11.94 17.31 63.90
CA PRO D 151 -13.39 17.41 63.73
C PRO D 151 -13.80 18.81 63.30
N GLN D 152 -14.76 18.90 62.38
CA GLN D 152 -15.16 20.19 61.86
C GLN D 152 -16.61 20.32 61.44
N LEU D 153 -17.19 21.47 61.79
CA LEU D 153 -18.56 21.81 61.43
C LEU D 153 -18.58 23.15 60.67
N PHE D 154 -19.25 23.16 59.52
CA PHE D 154 -19.40 24.34 58.69
C PHE D 154 -20.86 24.56 58.39
N HIS D 155 -21.22 25.82 58.22
CA HIS D 155 -22.58 26.22 57.92
C HIS D 155 -22.56 26.87 56.54
N MET D 156 -23.60 26.65 55.75
CA MET D 156 -23.77 27.34 54.51
C MET D 156 -25.20 27.81 54.36
N ASP D 157 -25.42 29.00 53.80
CA ASP D 157 -26.78 29.51 53.50
C ASP D 157 -26.92 29.89 52.01
N PRO D 158 -28.13 30.27 51.54
CA PRO D 158 -28.33 30.48 50.12
C PRO D 158 -27.50 31.58 49.45
N SER D 159 -26.83 32.41 50.24
CA SER D 159 -25.95 33.44 49.69
C SER D 159 -24.63 32.90 49.19
N GLY D 160 -24.29 31.66 49.50
CA GLY D 160 -22.97 31.12 49.20
C GLY D 160 -21.93 31.46 50.22
N THR D 161 -22.32 32.12 51.30
CA THR D 161 -21.42 32.33 52.39
C THR D 161 -21.35 31.06 53.21
N PHE D 162 -20.13 30.63 53.54
CA PHE D 162 -19.94 29.46 54.41
C PHE D 162 -18.89 29.77 55.43
N VAL D 163 -19.00 29.16 56.61
CA VAL D 163 -18.10 29.48 57.72
C VAL D 163 -18.04 28.32 58.74
N GLN D 164 -16.88 28.13 59.37
CA GLN D 164 -16.70 27.12 60.43
C GLN D 164 -17.49 27.57 61.67
N CYS D 165 -18.08 26.64 62.41
CA CYS D 165 -18.89 26.97 63.62
C CYS D 165 -18.62 25.96 64.71
N ASP D 166 -18.35 26.42 65.92
CA ASP D 166 -18.18 25.50 67.06
C ASP D 166 -19.51 24.83 67.40
N ALA D 167 -20.61 25.52 67.17
CA ALA D 167 -21.95 24.99 67.30
C ALA D 167 -22.87 25.92 66.55
N ARG D 168 -23.96 25.40 65.99
CA ARG D 168 -24.84 26.20 65.20
C ARG D 168 -26.18 25.52 65.09
N ALA D 169 -27.25 26.29 65.07
CA ALA D 169 -28.60 25.78 64.78
C ALA D 169 -29.14 26.47 63.53
N ILE D 170 -30.05 25.82 62.83
CA ILE D 170 -30.64 26.42 61.64
C ILE D 170 -32.09 26.05 61.67
N GLY D 171 -32.90 26.77 60.87
CA GLY D 171 -34.35 26.53 60.83
C GLY D 171 -35.16 27.42 61.75
N SER D 172 -36.44 27.08 61.89
CA SER D 172 -37.49 27.89 62.60
C SER D 172 -37.10 28.40 63.99
N ALA D 173 -36.52 27.54 64.80
CA ALA D 173 -36.25 27.91 66.17
C ALA D 173 -34.75 28.16 66.41
N SER D 174 -34.05 28.66 65.39
CA SER D 174 -32.58 28.80 65.49
C SER D 174 -32.10 29.90 66.42
N GLU D 175 -32.85 30.99 66.47
N GLU D 175 -32.83 31.01 66.53
CA GLU D 175 -32.74 31.96 67.49
CA GLU D 175 -32.50 32.09 67.53
C GLU D 175 -33.65 31.26 68.46
C GLU D 175 -32.36 31.61 68.99
N GLY D 176 -33.46 31.41 69.72
CA GLY D 176 -33.61 30.36 70.67
C GLY D 176 -32.57 29.27 70.86
N ALA D 177 -32.50 28.38 69.87
CA ALA D 177 -31.58 27.26 69.95
C ALA D 177 -30.12 27.73 70.03
N GLN D 178 -29.77 28.71 69.19
CA GLN D 178 -28.43 29.31 69.22
C GLN D 178 -28.11 29.92 70.60
N SER D 179 -29.08 30.56 71.26
CA SER D 179 -28.83 31.12 72.61
C SER D 179 -28.47 30.05 73.63
N SER D 180 -29.27 28.97 73.61
CA SER D 180 -29.01 27.82 74.46
C SER D 180 -27.61 27.23 74.15
N LEU D 181 -27.22 27.21 72.86
CA LEU D 181 -25.89 26.68 72.50
C LEU D 181 -24.75 27.53 73.08
N GLN D 182 -24.88 28.86 73.08
CA GLN D 182 -23.85 29.76 73.69
C GLN D 182 -23.65 29.44 75.17
N GLU D 183 -24.75 29.10 75.83
CA GLU D 183 -24.77 28.82 77.26
C GLU D 183 -24.04 27.52 77.60
N VAL D 184 -24.39 26.44 76.92
CA VAL D 184 -23.78 25.12 77.18
C VAL D 184 -22.40 24.93 76.49
N TYR D 185 -22.16 25.51 75.33
CA TYR D 185 -20.91 25.18 74.62
C TYR D 185 -19.63 25.59 75.36
N HIS D 186 -18.71 24.63 75.52
CA HIS D 186 -17.31 24.92 75.87
C HIS D 186 -16.36 24.09 74.99
N LYS D 187 -15.12 24.56 74.79
CA LYS D 187 -14.17 23.94 73.84
C LYS D 187 -13.70 22.55 74.30
N SER D 188 -13.57 22.34 75.61
CA SER D 188 -13.21 21.01 76.16
C SER D 188 -14.40 20.01 76.36
N MET D 189 -15.60 20.38 75.93
CA MET D 189 -16.80 19.53 75.95
C MET D 189 -16.62 18.17 75.25
N THR D 190 -17.15 17.11 75.85
CA THR D 190 -17.10 15.75 75.25
C THR D 190 -18.18 15.59 74.18
N LEU D 191 -18.02 14.58 73.33
CA LEU D 191 -19.03 14.28 72.33
C LEU D 191 -20.35 13.85 72.97
N LYS D 192 -20.28 13.02 74.02
CA LYS D 192 -21.50 12.55 74.69
C LYS D 192 -22.31 13.67 75.35
N GLU D 193 -21.59 14.65 75.92
CA GLU D 193 -22.19 15.89 76.43
C GLU D 193 -22.84 16.69 75.30
N ALA D 194 -22.14 16.83 74.17
CA ALA D 194 -22.68 17.55 73.02
C ALA D 194 -23.93 16.89 72.43
N ILE D 195 -23.96 15.55 72.40
CA ILE D 195 -25.17 14.82 72.00
C ILE D 195 -26.35 15.10 72.95
N LYS D 196 -26.11 15.01 74.26
CA LYS D 196 -27.17 15.31 75.26
C LYS D 196 -27.65 16.77 75.13
N SER D 197 -26.71 17.72 75.09
CA SER D 197 -27.03 19.15 74.92
C SER D 197 -27.94 19.40 73.74
N SER D 198 -27.62 18.81 72.59
CA SER D 198 -28.41 19.07 71.39
C SER D 198 -29.79 18.41 71.45
N LEU D 199 -29.89 17.26 72.11
CA LEU D 199 -31.22 16.67 72.36
C LEU D 199 -32.03 17.51 73.35
N ILE D 200 -31.37 18.01 74.40
CA ILE D 200 -32.03 18.88 75.37
C ILE D 200 -32.63 20.07 74.65
N ILE D 201 -31.85 20.68 73.79
CA ILE D 201 -32.27 21.88 73.08
C ILE D 201 -33.37 21.60 72.05
N LEU D 202 -33.28 20.50 71.31
CA LEU D 202 -34.38 20.13 70.41
C LEU D 202 -35.67 19.89 71.20
N LYS D 203 -35.57 19.20 72.32
CA LYS D 203 -36.72 19.02 73.20
C LYS D 203 -37.44 20.34 73.52
N GLN D 204 -36.69 21.36 73.98
CA GLN D 204 -37.25 22.70 74.28
C GLN D 204 -37.96 23.29 73.08
N VAL D 205 -37.27 23.32 71.94
CA VAL D 205 -37.71 24.16 70.82
C VAL D 205 -38.76 23.50 69.94
N MET D 206 -38.84 22.17 69.99
CA MET D 206 -39.80 21.40 69.18
C MET D 206 -41.25 21.63 69.62
N GLU D 207 -42.19 21.73 68.67
CA GLU D 207 -43.63 21.87 68.98
C GLU D 207 -44.19 20.54 69.48
N GLU D 208 -43.68 19.42 68.94
CA GLU D 208 -44.07 18.06 69.44
C GLU D 208 -43.12 17.48 70.52
N LYS D 209 -43.70 16.63 71.39
CA LYS D 209 -42.93 15.95 72.46
C LYS D 209 -41.86 15.09 71.78
N LEU D 210 -40.58 15.37 72.06
CA LEU D 210 -39.47 14.60 71.54
C LEU D 210 -39.57 13.12 71.92
N ASN D 211 -39.30 12.25 70.96
CA ASN D 211 -39.14 10.80 71.18
C ASN D 211 -38.15 10.25 70.14
N ALA D 212 -37.96 8.92 70.16
CA ALA D 212 -36.95 8.25 69.35
C ALA D 212 -37.27 8.10 67.85
N THR D 213 -38.50 8.44 67.44
CA THR D 213 -38.96 8.39 66.05
C THR D 213 -39.15 9.74 65.36
N ASN D 214 -39.21 10.85 66.10
CA ASN D 214 -39.40 12.17 65.48
C ASN D 214 -38.18 13.11 65.52
N ILE D 215 -37.02 12.57 65.86
CA ILE D 215 -35.73 13.20 65.61
C ILE D 215 -34.77 12.28 64.82
N GLU D 216 -33.70 12.84 64.30
CA GLU D 216 -32.55 12.05 63.87
C GLU D 216 -31.29 12.61 64.49
N LEU D 217 -30.35 11.73 64.77
CA LEU D 217 -29.02 12.11 65.20
C LEU D 217 -27.94 11.29 64.47
N ALA D 218 -26.84 11.96 64.15
CA ALA D 218 -25.66 11.32 63.57
C ALA D 218 -24.38 11.91 64.12
N THR D 219 -23.30 11.13 64.09
CA THR D 219 -21.99 11.60 64.48
C THR D 219 -20.96 11.30 63.41
N VAL D 220 -19.84 11.99 63.48
CA VAL D 220 -18.63 11.55 62.83
C VAL D 220 -17.52 11.78 63.84
N GLN D 221 -16.65 10.78 64.00
CA GLN D 221 -15.56 10.80 64.98
C GLN D 221 -14.21 10.52 64.34
N PRO D 222 -13.10 10.95 64.98
CA PRO D 222 -11.74 10.58 64.48
C PRO D 222 -11.57 9.08 64.20
N GLY D 223 -11.89 8.27 65.19
CA GLY D 223 -11.84 6.84 64.98
C GLY D 223 -12.77 6.35 63.87
N GLN D 224 -13.98 6.89 63.81
CA GLN D 224 -15.11 6.16 63.25
C GLN D 224 -15.86 6.90 62.13
N ASN D 225 -16.33 6.12 61.17
CA ASN D 225 -17.12 6.67 60.07
C ASN D 225 -18.48 7.25 60.50
N PHE D 226 -19.04 8.03 59.58
CA PHE D 226 -20.37 8.61 59.73
C PHE D 226 -21.32 7.54 60.22
N HIS D 227 -22.04 7.85 61.28
CA HIS D 227 -22.97 6.92 61.89
C HIS D 227 -24.32 7.56 62.23
N MET D 228 -25.37 7.15 61.52
CA MET D 228 -26.76 7.46 61.89
C MET D 228 -27.21 6.61 63.09
N PHE D 229 -27.74 7.25 64.12
CA PHE D 229 -28.24 6.52 65.29
C PHE D 229 -29.52 5.73 64.98
N THR D 230 -29.57 4.52 65.52
CA THR D 230 -30.72 3.63 65.46
C THR D 230 -31.81 4.08 66.47
N LYS D 231 -33.06 3.58 66.31
CA LYS D 231 -34.12 3.78 67.30
C LYS D 231 -33.61 3.41 68.69
N GLU D 232 -33.01 2.23 68.81
CA GLU D 232 -32.46 1.71 70.09
C GLU D 232 -31.35 2.60 70.69
N GLU D 233 -30.38 3.03 69.87
CA GLU D 233 -29.34 3.96 70.37
C GLU D 233 -29.88 5.34 70.77
N LEU D 234 -30.96 5.77 70.11
CA LEU D 234 -31.64 7.04 70.44
C LEU D 234 -32.36 6.94 71.77
N GLU D 235 -33.13 5.87 71.93
CA GLU D 235 -33.77 5.57 73.21
C GLU D 235 -32.79 5.61 74.37
N GLU D 236 -31.59 5.03 74.22
CA GLU D 236 -30.54 5.08 75.26
C GLU D 236 -30.20 6.50 75.69
N VAL D 237 -29.94 7.38 74.73
CA VAL D 237 -29.60 8.79 75.02
C VAL D 237 -30.82 9.60 75.52
N ILE D 238 -32.02 9.28 75.04
CA ILE D 238 -33.26 9.93 75.48
C ILE D 238 -33.57 9.71 76.97
N LYS D 239 -33.11 8.62 77.58
CA LYS D 239 -33.40 8.28 79.01
C LYS D 239 -33.07 9.36 80.05
N ASP D 240 -31.89 9.96 79.89
CA ASP D 240 -31.43 11.10 80.73
C ASP D 240 -32.30 12.35 80.54
N ILE D 241 -32.85 12.51 79.34
CA ILE D 241 -33.45 13.73 78.83
C ILE D 241 -34.94 13.49 78.60
N ASN E 4 -36.73 54.08 40.38
CA ASN E 4 -38.08 53.35 40.61
C ASN E 4 -38.46 52.47 39.37
N GLN E 5 -39.03 53.07 38.32
CA GLN E 5 -38.95 52.45 36.96
C GLN E 5 -37.50 52.45 36.44
N TYR E 6 -36.62 53.24 37.05
CA TYR E 6 -35.20 53.25 36.74
C TYR E 6 -34.32 52.49 37.73
N ASP E 7 -34.84 51.71 38.65
CA ASP E 7 -33.85 51.13 39.59
C ASP E 7 -33.70 49.62 39.58
N ASN E 8 -34.39 48.91 38.71
CA ASN E 8 -34.29 47.48 38.74
C ASN E 8 -33.38 46.84 37.68
N ASP E 9 -33.02 47.58 36.62
CA ASP E 9 -32.25 47.03 35.48
C ASP E 9 -30.97 47.78 35.20
N VAL E 10 -29.88 47.04 35.18
CA VAL E 10 -28.58 47.62 34.86
C VAL E 10 -28.51 48.24 33.46
N THR E 11 -29.43 47.89 32.56
CA THR E 11 -29.54 48.53 31.26
C THR E 11 -30.39 49.80 31.14
N VAL E 12 -30.92 50.31 32.25
CA VAL E 12 -31.80 51.49 32.20
C VAL E 12 -31.06 52.66 32.81
N TRP E 13 -30.64 53.60 31.98
CA TRP E 13 -30.13 54.90 32.44
C TRP E 13 -31.26 55.64 33.06
N SER E 14 -30.96 56.32 34.15
CA SER E 14 -31.94 57.27 34.75
C SER E 14 -31.87 58.62 34.00
N PRO E 15 -32.91 59.46 34.20
CA PRO E 15 -32.84 60.76 33.57
C PRO E 15 -31.65 61.65 34.05
N GLN E 16 -31.03 61.34 35.19
CA GLN E 16 -29.85 62.04 35.68
C GLN E 16 -28.52 61.51 35.17
N GLY E 17 -28.55 60.49 34.28
CA GLY E 17 -27.35 59.90 33.75
C GLY E 17 -26.69 58.99 34.78
N ARG E 18 -27.53 58.27 35.53
CA ARG E 18 -27.02 57.29 36.50
C ARG E 18 -27.61 55.92 36.23
N ILE E 19 -26.98 54.92 36.82
CA ILE E 19 -27.47 53.55 36.74
C ILE E 19 -27.60 53.09 38.17
N HIS E 20 -28.83 53.08 38.64
CA HIS E 20 -29.13 52.69 40.03
C HIS E 20 -28.66 51.27 40.41
N GLN E 21 -28.81 50.28 39.49
CA GLN E 21 -28.35 48.97 39.85
C GLN E 21 -26.86 48.90 40.23
N ILE E 22 -26.04 49.72 39.59
CA ILE E 22 -24.62 49.80 39.89
C ILE E 22 -24.37 50.48 41.23
N GLU E 23 -25.06 51.60 41.48
CA GLU E 23 -25.03 52.21 42.83
C GLU E 23 -25.48 51.24 43.91
N TYR E 24 -26.54 50.47 43.67
CA TYR E 24 -27.00 49.53 44.69
C TYR E 24 -25.99 48.45 44.95
N ALA E 25 -25.34 47.97 43.89
CA ALA E 25 -24.24 47.02 44.08
C ALA E 25 -23.12 47.59 44.97
N MET E 26 -22.85 48.88 44.84
CA MET E 26 -21.80 49.52 45.66
C MET E 26 -22.11 49.54 47.12
N GLU E 27 -23.40 49.48 47.46
CA GLU E 27 -23.84 49.39 48.86
C GLU E 27 -23.47 48.08 49.48
N ALA E 28 -23.47 47.02 48.67
CA ALA E 28 -22.96 45.75 49.16
C ALA E 28 -21.54 45.91 49.72
N VAL E 29 -20.71 46.71 49.08
CA VAL E 29 -19.33 46.83 49.58
C VAL E 29 -19.23 47.75 50.82
N LYS E 30 -20.03 48.82 50.86
CA LYS E 30 -20.04 49.73 52.04
C LYS E 30 -20.45 48.99 53.31
N GLN E 31 -21.26 47.93 53.16
CA GLN E 31 -21.73 47.16 54.29
C GLN E 31 -20.80 46.03 54.73
N GLY E 32 -19.79 45.67 53.93
CA GLY E 32 -18.81 44.68 54.35
C GLY E 32 -17.97 45.21 55.50
N SER E 33 -17.31 44.33 56.24
CA SER E 33 -16.38 44.82 57.24
C SER E 33 -15.16 45.47 56.56
N ALA E 34 -14.56 46.41 57.25
CA ALA E 34 -13.52 47.20 56.67
C ALA E 34 -12.26 46.40 56.39
N THR E 35 -11.58 46.84 55.34
CA THR E 35 -10.22 46.46 55.08
C THR E 35 -9.38 47.66 54.63
N VAL E 36 -8.09 47.56 54.89
CA VAL E 36 -7.11 48.58 54.60
C VAL E 36 -6.04 48.01 53.68
N GLY E 37 -5.62 48.81 52.71
CA GLY E 37 -4.47 48.51 51.86
C GLY E 37 -3.49 49.65 51.85
N LEU E 38 -2.20 49.34 51.98
CA LEU E 38 -1.16 50.37 51.87
C LEU E 38 0.17 49.83 51.39
N LYS E 39 1.05 50.72 50.96
CA LYS E 39 2.38 50.30 50.47
C LYS E 39 3.50 51.23 50.79
N SER E 40 4.69 50.63 50.85
CA SER E 40 5.96 51.31 50.95
C SER E 40 6.72 51.20 49.61
N LYS E 41 8.00 51.59 49.59
CA LYS E 41 8.91 51.39 48.44
C LYS E 41 9.04 49.89 48.09
N THR E 42 9.01 49.04 49.10
CA THR E 42 9.32 47.62 48.98
C THR E 42 8.19 46.64 49.22
N HIS E 43 7.17 47.00 50.00
CA HIS E 43 6.08 46.05 50.32
C HIS E 43 4.67 46.60 50.09
N ALA E 44 3.74 45.68 49.82
CA ALA E 44 2.32 46.02 49.80
C ALA E 44 1.65 45.20 50.88
N VAL E 45 0.80 45.82 51.72
CA VAL E 45 0.13 45.15 52.83
C VAL E 45 -1.37 45.35 52.79
N LEU E 46 -2.07 44.28 53.13
CA LEU E 46 -3.50 44.30 53.36
C LEU E 46 -3.76 43.99 54.83
N VAL E 47 -4.77 44.62 55.39
CA VAL E 47 -5.15 44.33 56.77
C VAL E 47 -6.65 44.26 56.73
N ALA E 48 -7.25 43.28 57.39
CA ALA E 48 -8.72 43.18 57.38
C ALA E 48 -9.35 42.81 58.72
N LEU E 49 -10.50 43.43 58.99
CA LEU E 49 -11.36 43.04 60.11
C LEU E 49 -12.27 41.93 59.68
N LYS E 50 -12.25 40.85 60.41
CA LYS E 50 -13.17 39.75 60.16
C LYS E 50 -14.33 39.83 61.16
N ARG E 51 -15.58 39.80 60.66
CA ARG E 51 -16.80 39.75 61.49
C ARG E 51 -17.19 38.26 61.74
N ALA E 52 -17.62 37.97 62.96
CA ALA E 52 -18.12 36.62 63.31
C ALA E 52 -19.63 36.68 63.55
N GLN E 53 -20.39 35.92 62.75
CA GLN E 53 -21.87 35.92 62.81
C GLN E 53 -22.42 35.70 64.24
N SER E 54 -21.75 34.85 65.03
CA SER E 54 -21.98 34.74 66.51
C SER E 54 -20.63 34.52 67.28
N GLU E 55 -20.71 34.36 68.61
CA GLU E 55 -19.51 34.12 69.44
C GLU E 55 -18.83 32.77 69.16
N LEU E 56 -19.63 31.78 68.75
CA LEU E 56 -19.16 30.42 68.43
C LEU E 56 -18.70 30.20 66.98
N ALA E 57 -19.15 31.07 66.07
CA ALA E 57 -18.67 31.08 64.66
C ALA E 57 -17.22 31.59 64.56
N ALA E 58 -16.49 31.10 63.55
CA ALA E 58 -15.05 31.42 63.33
C ALA E 58 -14.62 32.86 63.05
N HIS E 59 -15.25 33.53 62.11
CA HIS E 59 -14.70 34.82 61.65
C HIS E 59 -14.37 34.61 60.16
N GLN E 60 -15.10 35.35 59.33
CA GLN E 60 -15.11 35.21 57.88
C GLN E 60 -13.73 35.50 57.25
N LYS E 61 -13.28 34.64 56.33
CA LYS E 61 -12.07 34.96 55.58
C LYS E 61 -12.29 36.24 54.74
N LYS E 62 -11.33 37.16 54.85
CA LYS E 62 -11.29 38.37 54.03
C LYS E 62 -10.08 38.51 53.05
N ILE E 63 -9.07 37.68 53.20
CA ILE E 63 -7.83 37.80 52.46
C ILE E 63 -7.61 36.45 51.70
N LEU E 64 -7.42 36.55 50.38
CA LEU E 64 -7.21 35.42 49.48
C LEU E 64 -5.93 35.56 48.66
N HIS E 65 -5.20 34.46 48.58
CA HIS E 65 -4.01 34.31 47.72
C HIS E 65 -4.46 34.23 46.22
N VAL E 66 -3.80 34.98 45.34
CA VAL E 66 -4.10 34.92 43.88
C VAL E 66 -2.94 34.26 43.13
N ASP E 67 -1.74 34.77 43.33
CA ASP E 67 -0.52 34.18 42.81
C ASP E 67 0.57 34.48 43.83
N ASN E 68 1.77 33.99 43.60
CA ASN E 68 2.87 34.25 44.52
C ASN E 68 3.17 35.74 44.75
N HIS E 69 2.71 36.58 43.81
CA HIS E 69 3.03 37.97 43.79
C HIS E 69 1.77 38.87 43.97
N ILE E 70 0.61 38.26 44.18
CA ILE E 70 -0.65 38.97 44.27
C ILE E 70 -1.56 38.32 45.31
N GLY E 71 -2.16 39.15 46.17
CA GLY E 71 -3.27 38.76 46.99
C GLY E 71 -4.33 39.86 47.08
N ILE E 72 -5.48 39.49 47.61
CA ILE E 72 -6.62 40.36 47.63
C ILE E 72 -7.29 40.38 49.00
N SER E 73 -8.01 41.48 49.24
CA SER E 73 -8.91 41.62 50.32
C SER E 73 -10.26 41.94 49.74
N ILE E 74 -11.31 41.47 50.37
CA ILE E 74 -12.65 41.53 49.78
C ILE E 74 -13.64 42.27 50.68
N ALA E 75 -14.61 42.94 50.08
CA ALA E 75 -15.78 43.48 50.78
C ALA E 75 -17.03 43.43 49.88
N GLY E 76 -18.12 42.89 50.37
CA GLY E 76 -19.33 42.71 49.57
C GLY E 76 -19.74 41.25 49.58
N LEU E 77 -20.36 40.79 48.48
CA LEU E 77 -20.87 39.41 48.43
C LEU E 77 -19.74 38.41 48.29
N THR E 78 -19.59 37.50 49.24
CA THR E 78 -18.49 36.57 49.24
C THR E 78 -18.44 35.68 47.98
N ALA E 79 -19.60 35.30 47.46
CA ALA E 79 -19.72 34.41 46.33
C ALA E 79 -19.22 35.09 45.11
N ASP E 80 -19.52 36.40 44.97
CA ASP E 80 -18.91 37.18 43.89
C ASP E 80 -17.41 37.38 44.10
N ALA E 81 -16.95 37.44 45.34
CA ALA E 81 -15.55 37.54 45.62
C ALA E 81 -14.82 36.28 45.19
N ARG E 82 -15.34 35.12 45.54
CA ARG E 82 -14.73 33.86 45.13
C ARG E 82 -14.71 33.68 43.58
N LEU E 83 -15.75 34.10 42.89
CA LEU E 83 -15.85 33.95 41.43
C LEU E 83 -14.82 34.85 40.75
N LEU E 84 -14.70 36.09 41.21
CA LEU E 84 -13.68 37.00 40.74
C LEU E 84 -12.26 36.58 41.08
N CYS E 85 -12.05 36.11 42.30
CA CYS E 85 -10.76 35.61 42.72
C CYS E 85 -10.35 34.40 41.84
N ASN E 86 -11.31 33.56 41.45
CA ASN E 86 -11.00 32.39 40.63
C ASN E 86 -10.61 32.85 39.19
N PHE E 87 -11.33 33.83 38.66
CA PHE E 87 -10.96 34.49 37.42
C PHE E 87 -9.51 35.03 37.43
N MET E 88 -9.15 35.71 38.52
CA MET E 88 -7.84 36.30 38.66
C MET E 88 -6.76 35.25 38.75
N ARG E 89 -7.03 34.21 39.51
CA ARG E 89 -6.14 33.07 39.62
C ARG E 89 -5.84 32.44 38.28
N GLN E 90 -6.88 32.30 37.46
CA GLN E 90 -6.79 31.68 36.14
C GLN E 90 -5.97 32.53 35.18
N GLU E 91 -6.18 33.85 35.19
CA GLU E 91 -5.41 34.76 34.36
C GLU E 91 -3.91 34.75 34.75
N CYS E 92 -3.61 34.66 36.03
CA CYS E 92 -2.26 34.49 36.49
C CYS E 92 -1.60 33.20 36.06
N LEU E 93 -2.35 32.10 36.14
CA LEU E 93 -1.84 30.81 35.68
C LEU E 93 -1.56 30.82 34.19
N ASP E 94 -2.49 31.37 33.41
CA ASP E 94 -2.34 31.44 31.98
C ASP E 94 -1.11 32.20 31.59
N SER E 95 -0.90 33.31 32.25
CA SER E 95 0.23 34.14 31.95
C SER E 95 1.52 33.44 32.27
N ARG E 96 1.62 32.70 33.38
CA ARG E 96 2.81 31.87 33.64
C ARG E 96 2.96 30.68 32.68
N PHE E 97 1.84 30.12 32.24
CA PHE E 97 1.87 29.03 31.30
C PHE E 97 2.52 29.50 29.99
N VAL E 98 2.04 30.60 29.47
CA VAL E 98 2.40 31.11 28.17
C VAL E 98 3.77 31.78 28.14
N PHE E 99 4.06 32.65 29.14
CA PHE E 99 5.26 33.51 29.15
C PHE E 99 6.33 33.16 30.17
N ASP E 100 6.02 32.22 31.05
CA ASP E 100 6.91 31.84 32.11
C ASP E 100 7.32 32.99 32.99
N ARG E 101 6.41 33.96 33.17
CA ARG E 101 6.64 35.10 34.05
CA ARG E 101 6.64 35.09 34.06
C ARG E 101 5.35 35.64 34.66
N PRO E 102 5.45 36.28 35.85
CA PRO E 102 4.23 36.73 36.51
C PRO E 102 3.49 37.75 35.69
N LEU E 103 2.18 37.72 35.78
CA LEU E 103 1.35 38.69 35.10
C LEU E 103 1.53 40.00 35.83
N PRO E 104 1.88 41.08 35.10
CA PRO E 104 1.96 42.35 35.79
C PRO E 104 0.64 42.76 36.44
N VAL E 105 0.73 43.37 37.63
CA VAL E 105 -0.47 43.65 38.47
C VAL E 105 -1.43 44.56 37.75
N SER E 106 -0.92 45.62 37.09
CA SER E 106 -1.80 46.55 36.36
C SER E 106 -2.53 45.88 35.20
N ARG E 107 -1.92 44.89 34.58
CA ARG E 107 -2.61 44.12 33.52
C ARG E 107 -3.68 43.22 34.08
N LEU E 108 -3.44 42.58 35.21
CA LEU E 108 -4.48 41.82 35.83
C LEU E 108 -5.68 42.76 36.19
N VAL E 109 -5.40 43.92 36.70
CA VAL E 109 -6.47 44.83 37.11
C VAL E 109 -7.29 45.27 35.89
N SER E 110 -6.63 45.62 34.79
CA SER E 110 -7.34 45.85 33.52
C SER E 110 -8.28 44.75 33.07
N LEU E 111 -7.85 43.50 33.22
CA LEU E 111 -8.68 42.35 32.90
C LEU E 111 -9.95 42.31 33.76
N ILE E 112 -9.80 42.57 35.05
CA ILE E 112 -10.95 42.66 35.97
C ILE E 112 -11.95 43.72 35.49
N GLY E 113 -11.44 44.87 35.12
CA GLY E 113 -12.28 46.00 34.63
C GLY E 113 -13.11 45.66 33.41
N SER E 114 -12.45 45.00 32.50
CA SER E 114 -13.06 44.59 31.25
C SER E 114 -14.08 43.49 31.52
N LYS E 115 -13.72 42.52 32.34
CA LYS E 115 -14.62 41.46 32.69
C LYS E 115 -15.87 41.94 33.50
N THR E 116 -15.65 42.79 34.48
CA THR E 116 -16.77 43.26 35.35
C THR E 116 -17.65 44.31 34.67
N GLN E 117 -17.15 44.96 33.63
CA GLN E 117 -17.98 45.94 32.92
C GLN E 117 -19.06 45.27 32.10
N ILE E 118 -18.77 44.08 31.59
CA ILE E 118 -19.64 43.41 30.64
C ILE E 118 -21.10 43.26 31.10
N PRO E 119 -21.32 42.65 32.27
CA PRO E 119 -22.70 42.55 32.73
C PRO E 119 -23.36 43.88 33.13
N THR E 120 -22.63 44.99 33.23
CA THR E 120 -23.29 46.29 33.50
C THR E 120 -24.07 46.82 32.30
N GLN E 121 -23.95 46.14 31.14
CA GLN E 121 -24.49 46.68 29.89
C GLN E 121 -25.47 45.76 29.22
N ARG E 122 -25.78 44.62 29.84
CA ARG E 122 -26.63 43.62 29.23
C ARG E 122 -27.85 43.30 30.06
N TYR E 123 -28.97 43.21 29.42
CA TYR E 123 -30.21 43.03 30.09
C TYR E 123 -30.26 41.72 30.83
N GLY E 124 -30.74 41.76 32.05
CA GLY E 124 -30.85 40.56 32.86
C GLY E 124 -29.55 40.15 33.50
N ARG E 125 -28.49 40.94 33.38
CA ARG E 125 -27.27 40.64 34.08
C ARG E 125 -27.16 41.62 35.23
N ARG E 126 -26.16 41.47 36.07
CA ARG E 126 -26.02 42.34 37.16
C ARG E 126 -24.57 42.71 37.41
N PRO E 127 -24.29 43.90 37.97
CA PRO E 127 -22.96 44.09 38.47
C PRO E 127 -22.47 43.00 39.47
N TYR E 128 -21.17 42.88 39.57
CA TYR E 128 -20.53 42.14 40.63
C TYR E 128 -20.68 42.98 41.89
N GLY E 129 -21.06 42.38 43.00
CA GLY E 129 -21.33 43.15 44.21
C GLY E 129 -20.15 43.06 45.15
N VAL E 130 -18.95 43.27 44.66
CA VAL E 130 -17.77 43.08 45.47
C VAL E 130 -16.77 44.15 45.13
N GLY E 131 -16.03 44.56 46.13
CA GLY E 131 -15.00 45.55 45.91
C GLY E 131 -13.78 44.84 46.38
N LEU E 132 -12.66 45.05 45.69
CA LEU E 132 -11.39 44.46 46.08
C LEU E 132 -10.33 45.49 46.39
N LEU E 133 -9.49 45.15 47.34
CA LEU E 133 -8.17 45.74 47.45
C LEU E 133 -7.18 44.70 47.04
N ILE E 134 -6.26 45.08 46.15
CA ILE E 134 -5.33 44.15 45.50
C ILE E 134 -3.94 44.60 45.82
N ALA E 135 -3.19 43.71 46.47
CA ALA E 135 -1.78 43.96 46.79
C ALA E 135 -0.91 43.13 45.87
N GLY E 136 0.12 43.74 45.32
CA GLY E 136 0.99 43.02 44.41
C GLY E 136 2.37 43.57 44.35
N TYR E 137 3.30 42.77 43.85
CA TYR E 137 4.65 43.21 43.56
C TYR E 137 5.11 42.67 42.20
N ASP E 138 5.68 43.55 41.40
CA ASP E 138 6.22 43.20 40.09
C ASP E 138 7.40 44.13 39.73
N ASP E 139 7.74 44.25 38.45
CA ASP E 139 8.91 45.06 38.04
C ASP E 139 8.76 46.53 38.34
N MET E 140 7.53 47.04 38.40
CA MET E 140 7.29 48.42 38.79
C MET E 140 7.08 48.60 40.32
N GLY E 141 7.35 47.55 41.11
CA GLY E 141 7.43 47.62 42.57
C GLY E 141 6.11 47.23 43.20
N PRO E 142 5.86 47.69 44.43
CA PRO E 142 4.58 47.37 45.09
C PRO E 142 3.40 48.10 44.50
N HIS E 143 2.24 47.47 44.61
CA HIS E 143 0.99 48.11 44.21
C HIS E 143 -0.16 47.84 45.20
N ILE E 144 -1.05 48.83 45.25
CA ILE E 144 -2.35 48.67 45.87
C ILE E 144 -3.39 49.19 44.89
N PHE E 145 -4.23 48.29 44.39
CA PHE E 145 -5.33 48.69 43.53
C PHE E 145 -6.64 48.41 44.25
N GLN E 146 -7.66 49.13 43.81
CA GLN E 146 -8.98 49.00 44.31
C GLN E 146 -9.89 48.80 43.13
N THR E 147 -10.78 47.81 43.20
CA THR E 147 -11.77 47.57 42.14
C THR E 147 -13.15 47.76 42.71
N 6V1 E 148 -14.11 48.15 41.85
CA 6V1 E 148 -15.51 48.43 42.24
C 6V1 E 148 -16.53 47.73 41.38
O 6V1 E 148 -16.25 47.40 40.27
CB 6V1 E 148 -15.90 49.88 42.01
SG 6V1 E 148 -14.75 50.86 42.93
C1 6V1 E 148 -15.83 51.92 43.92
C2 6V1 E 148 -16.39 51.34 45.21
N3 6V1 E 148 -16.58 52.35 46.10
C4 6V1 E 148 -15.71 53.35 45.85
C5 6V1 E 148 -15.22 53.26 44.39
C6 6V1 E 148 -17.69 52.39 47.07
O7 6V1 E 148 -16.75 50.17 45.41
O8 6V1 E 148 -15.33 54.19 46.67
C3 6V1 E 148 -17.59 51.34 48.17
N PRO E 149 -17.77 47.65 41.88
CA PRO E 149 -18.91 47.12 41.12
C PRO E 149 -19.27 47.86 39.84
N SER E 150 -18.92 49.13 39.74
CA SER E 150 -19.04 49.86 38.48
C SER E 150 -18.07 49.39 37.39
N ALA E 151 -17.10 48.53 37.76
CA ALA E 151 -16.00 48.05 36.89
C ALA E 151 -14.85 49.03 36.81
N ASN E 152 -14.99 50.22 37.38
CA ASN E 152 -13.89 51.15 37.51
C ASN E 152 -12.85 50.65 38.51
N TYR E 153 -11.60 51.09 38.39
CA TYR E 153 -10.54 50.70 39.32
C TYR E 153 -9.59 51.84 39.50
N PHE E 154 -8.78 51.76 40.55
CA PHE E 154 -7.97 52.87 40.98
C PHE E 154 -6.64 52.35 41.46
N ASP E 155 -5.60 53.14 41.23
CA ASP E 155 -4.26 52.86 41.67
C ASP E 155 -4.08 53.76 42.89
N CYS E 156 -3.60 53.18 43.99
CA CYS E 156 -3.66 53.82 45.30
C CYS E 156 -2.34 53.86 46.03
N ARG E 157 -2.07 54.96 46.70
CA ARG E 157 -1.02 55.00 47.68
C ARG E 157 -1.43 54.13 48.88
N ALA E 158 -2.72 54.22 49.21
CA ALA E 158 -3.36 53.45 50.24
C ALA E 158 -4.86 53.60 50.10
N MET E 159 -5.61 52.68 50.70
CA MET E 159 -7.05 52.75 50.57
C MET E 159 -7.71 51.97 51.70
N SER E 160 -8.98 52.31 51.98
CA SER E 160 -9.84 51.49 52.84
C SER E 160 -11.25 51.50 52.27
N ILE E 161 -11.90 50.35 52.39
CA ILE E 161 -13.29 50.14 51.93
C ILE E 161 -14.05 49.40 53.02
N GLY E 162 -15.37 49.48 52.91
CA GLY E 162 -16.28 48.80 53.83
C GLY E 162 -16.80 49.74 54.91
N ALA E 163 -17.41 49.14 55.93
CA ALA E 163 -18.17 49.90 56.90
C ALA E 163 -17.24 50.70 57.78
N ARG E 164 -17.59 51.97 57.91
CA ARG E 164 -16.79 52.94 58.63
C ARG E 164 -15.33 53.12 58.15
N SER E 165 -15.08 52.81 56.89
CA SER E 165 -13.78 52.97 56.27
C SER E 165 -13.33 54.44 56.10
N GLN E 166 -14.29 55.38 56.10
CA GLN E 166 -13.98 56.82 55.98
C GLN E 166 -12.99 57.24 57.09
N SER E 167 -13.12 56.61 58.25
CA SER E 167 -12.20 56.87 59.34
C SER E 167 -10.80 56.40 59.05
N ALA E 168 -10.70 55.22 58.42
CA ALA E 168 -9.41 54.66 58.05
C ALA E 168 -8.76 55.59 57.02
N ARG E 169 -9.55 55.97 56.02
CA ARG E 169 -9.08 56.87 54.93
C ARG E 169 -8.46 58.14 55.49
N THR E 170 -9.16 58.72 56.45
CA THR E 170 -8.71 59.94 57.11
C THR E 170 -7.40 59.72 57.88
N TYR E 171 -7.24 58.58 58.55
CA TYR E 171 -5.94 58.24 59.17
C TYR E 171 -4.85 58.05 58.04
N LEU E 172 -5.18 57.33 57.00
CA LEU E 172 -4.18 57.05 55.94
C LEU E 172 -3.67 58.33 55.28
N GLU E 173 -4.56 59.28 54.98
CA GLU E 173 -4.15 60.63 54.45
C GLU E 173 -3.21 61.35 55.37
N ARG E 174 -3.51 61.26 56.66
CA ARG E 174 -2.76 61.94 57.68
C ARG E 174 -1.31 61.45 57.69
N HIS E 175 -1.07 60.17 57.41
CA HIS E 175 0.25 59.59 57.60
C HIS E 175 0.92 59.07 56.31
N MET E 176 0.34 59.36 55.15
CA MET E 176 0.76 58.70 53.90
C MET E 176 2.12 59.15 53.41
N SER E 177 2.51 60.39 53.72
CA SER E 177 3.84 60.89 53.39
C SER E 177 4.95 60.12 54.12
N GLU E 178 4.59 59.34 55.13
CA GLU E 178 5.54 58.51 55.86
C GLU E 178 5.67 57.14 55.20
N PHE E 179 4.66 56.69 54.45
CA PHE E 179 4.59 55.26 54.05
C PHE E 179 5.76 54.79 53.17
N MET E 180 6.21 55.63 52.24
CA MET E 180 7.18 55.18 51.21
C MET E 180 8.50 54.69 51.83
N GLU E 181 8.91 55.28 52.93
CA GLU E 181 10.15 54.93 53.59
C GLU E 181 10.00 54.04 54.81
N CYS E 182 8.80 53.48 55.07
CA CYS E 182 8.63 52.59 56.22
C CYS E 182 9.28 51.25 55.98
N ASN E 183 9.92 50.69 57.01
CA ASN E 183 10.21 49.27 57.08
C ASN E 183 8.87 48.54 57.26
N LEU E 184 8.90 47.22 57.16
CA LEU E 184 7.66 46.45 57.06
C LEU E 184 6.82 46.49 58.36
N ASN E 185 7.46 46.40 59.52
CA ASN E 185 6.72 46.44 60.80
C ASN E 185 5.97 47.76 60.94
N GLU E 186 6.67 48.87 60.70
CA GLU E 186 6.07 50.22 60.67
C GLU E 186 4.88 50.27 59.72
N LEU E 187 5.02 49.72 58.53
CA LEU E 187 3.94 49.77 57.56
C LEU E 187 2.68 48.99 57.97
N VAL E 188 2.86 47.81 58.55
CA VAL E 188 1.72 47.00 59.02
C VAL E 188 1.06 47.70 60.25
N LYS E 189 1.88 48.22 61.15
CA LYS E 189 1.44 49.04 62.34
C LYS E 189 0.49 50.13 61.82
N HIS E 190 0.93 50.85 60.77
CA HIS E 190 0.11 51.85 60.12
C HIS E 190 -1.22 51.28 59.59
N GLY E 191 -1.18 50.14 58.91
CA GLY E 191 -2.42 49.50 58.46
C GLY E 191 -3.39 49.15 59.58
N LEU E 192 -2.85 48.58 60.65
CA LEU E 192 -3.61 48.18 61.82
C LEU E 192 -4.24 49.41 62.52
N ARG E 193 -3.48 50.48 62.69
CA ARG E 193 -4.00 51.70 63.29
C ARG E 193 -5.13 52.30 62.46
N ALA E 194 -4.98 52.27 61.15
CA ALA E 194 -6.05 52.77 60.28
C ALA E 194 -7.32 51.91 60.45
N LEU E 195 -7.11 50.61 60.53
CA LEU E 195 -8.21 49.68 60.66
C LEU E 195 -8.86 49.87 62.05
N ARG E 196 -8.05 50.08 63.06
CA ARG E 196 -8.54 50.26 64.41
C ARG E 196 -9.48 51.48 64.58
N GLU E 197 -9.26 52.53 63.78
CA GLU E 197 -10.13 53.70 63.70
C GLU E 197 -11.53 53.41 63.22
N THR E 198 -11.76 52.28 62.57
CA THR E 198 -13.09 51.96 62.09
C THR E 198 -13.91 51.31 63.20
N LEU E 199 -13.29 50.94 64.33
CA LEU E 199 -13.95 50.20 65.41
C LEU E 199 -14.66 51.08 66.41
N PRO E 200 -15.87 50.64 66.88
CA PRO E 200 -16.54 51.27 68.00
C PRO E 200 -15.57 51.45 69.17
N ALA E 201 -15.71 52.54 69.92
CA ALA E 201 -14.78 52.91 71.01
C ALA E 201 -14.47 51.77 72.01
N GLU E 202 -15.49 50.93 72.27
CA GLU E 202 -15.33 49.76 73.15
C GLU E 202 -14.30 48.81 72.54
N GLN E 203 -14.58 48.41 71.30
CA GLN E 203 -13.99 47.22 70.71
C GLN E 203 -12.53 47.44 70.33
N ASP E 204 -11.78 46.35 70.30
CA ASP E 204 -10.33 46.38 70.03
C ASP E 204 -9.89 45.31 69.01
N LEU E 205 -8.72 45.52 68.40
CA LEU E 205 -8.12 44.53 67.49
C LEU E 205 -7.66 43.34 68.32
N THR E 206 -8.05 42.14 67.90
CA THR E 206 -7.61 40.91 68.57
C THR E 206 -7.02 39.99 67.50
N THR E 207 -6.43 38.89 67.97
CA THR E 207 -5.99 37.83 67.09
C THR E 207 -7.16 37.07 66.46
N LYS E 208 -8.35 37.10 67.07
CA LYS E 208 -9.54 36.48 66.47
C LYS E 208 -10.12 37.32 65.31
N ASN E 209 -10.01 38.66 65.38
CA ASN E 209 -10.64 39.53 64.34
C ASN E 209 -9.72 40.21 63.28
N VAL E 210 -8.39 40.08 63.40
CA VAL E 210 -7.47 40.68 62.42
C VAL E 210 -6.87 39.62 61.50
N SER E 211 -6.84 39.94 60.21
CA SER E 211 -6.16 39.17 59.19
C SER E 211 -5.23 40.10 58.44
N ILE E 212 -4.02 39.62 58.16
CA ILE E 212 -2.99 40.39 57.47
C ILE E 212 -2.49 39.66 56.23
N GLY E 213 -2.27 40.43 55.17
CA GLY E 213 -1.67 39.96 53.95
C GLY E 213 -0.49 40.83 53.56
N ILE E 214 0.63 40.21 53.21
CA ILE E 214 1.86 40.95 52.86
C ILE E 214 2.53 40.34 51.62
N VAL E 215 2.97 41.20 50.72
CA VAL E 215 3.83 40.83 49.62
C VAL E 215 4.88 41.89 49.41
N GLY E 216 6.06 41.49 48.95
CA GLY E 216 7.04 42.45 48.47
C GLY E 216 8.32 41.84 47.92
N LYS E 217 9.34 42.68 47.85
CA LYS E 217 10.60 42.36 47.19
C LYS E 217 11.21 41.05 47.70
N ASP E 218 11.12 40.82 49.00
CA ASP E 218 11.78 39.68 49.64
C ASP E 218 10.77 38.57 50.02
N LEU E 219 9.51 38.67 49.58
CA LEU E 219 8.43 37.93 50.21
C LEU E 219 7.26 37.64 49.28
N GLU E 220 6.93 36.37 49.14
CA GLU E 220 5.74 35.97 48.39
C GLU E 220 4.48 36.32 49.18
N PHE E 221 3.37 36.56 48.48
CA PHE E 221 2.12 36.85 49.18
C PHE E 221 1.81 35.82 50.30
N THR E 222 1.76 36.30 51.55
CA THR E 222 1.60 35.47 52.72
C THR E 222 0.44 36.02 53.57
N ILE E 223 -0.40 35.10 54.07
CA ILE E 223 -1.54 35.45 54.86
C ILE E 223 -1.26 35.09 56.32
N TYR E 224 -1.58 36.01 57.22
CA TYR E 224 -1.45 35.79 58.64
C TYR E 224 -2.78 35.86 59.35
N ASP E 225 -3.15 34.78 60.03
CA ASP E 225 -4.37 34.69 60.84
C ASP E 225 -4.03 34.22 62.25
N ASP E 226 -4.94 34.53 63.17
CA ASP E 226 -4.98 33.90 64.48
C ASP E 226 -3.64 34.03 65.22
N ASP E 227 -3.01 32.95 65.69
CA ASP E 227 -1.77 33.12 66.45
C ASP E 227 -0.67 33.85 65.65
N ASP E 228 -0.66 33.73 64.33
CA ASP E 228 0.36 34.40 63.48
C ASP E 228 0.25 35.94 63.36
N VAL E 229 -0.88 36.55 63.80
CA VAL E 229 -0.98 38.02 63.83
C VAL E 229 -0.46 38.62 65.13
N SER E 230 -0.28 37.81 66.17
CA SER E 230 0.21 38.30 67.48
C SER E 230 1.50 39.13 67.44
N PRO E 231 2.52 38.72 66.66
CA PRO E 231 3.72 39.55 66.51
C PRO E 231 3.45 40.97 65.99
N PHE E 232 2.48 41.12 65.11
CA PHE E 232 2.10 42.43 64.58
C PHE E 232 1.29 43.27 65.58
N LEU E 233 0.52 42.64 66.46
CA LEU E 233 -0.33 43.37 67.42
C LEU E 233 0.41 43.82 68.66
N GLU E 234 1.40 43.05 69.12
CA GLU E 234 2.24 43.46 70.23
C GLU E 234 3.18 44.54 69.68
N GLY E 235 3.44 45.56 70.49
CA GLY E 235 4.02 46.79 69.96
C GLY E 235 3.07 47.50 69.02
N LEU E 236 1.85 47.80 69.51
CA LEU E 236 1.07 48.98 69.13
C LEU E 236 1.22 49.87 70.35
N GLU E 237 2.48 50.22 70.63
CA GLU E 237 2.92 50.84 71.87
C GLU E 237 3.39 52.26 71.55
N GLY F 7 -44.60 54.62 30.27
CA GLY F 7 -43.12 54.89 30.46
C GLY F 7 -42.24 54.76 29.16
N TYR F 8 -41.95 55.90 28.51
CA TYR F 8 -41.40 55.96 27.16
C TYR F 8 -39.89 56.10 27.08
N ASP F 9 -39.20 56.09 28.21
CA ASP F 9 -37.79 56.34 28.26
C ASP F 9 -37.01 55.22 28.93
N LEU F 10 -37.53 53.98 28.85
CA LEU F 10 -36.93 52.83 29.54
C LEU F 10 -36.07 51.93 28.65
N SER F 11 -36.19 52.08 27.33
CA SER F 11 -35.46 51.23 26.39
C SER F 11 -35.03 52.00 25.16
N ALA F 12 -33.79 51.76 24.76
CA ALA F 12 -33.30 52.18 23.43
C ALA F 12 -34.04 51.60 22.20
N SER F 13 -34.86 50.55 22.38
CA SER F 13 -35.75 50.11 21.28
C SER F 13 -37.12 50.80 21.21
N THR F 14 -37.31 51.85 22.01
CA THR F 14 -38.60 52.57 22.06
C THR F 14 -38.40 54.05 21.71
N PHE F 15 -39.04 54.47 20.64
CA PHE F 15 -39.17 55.86 20.33
C PHE F 15 -40.21 56.47 21.27
N SER F 16 -39.96 57.71 21.68
CA SER F 16 -40.97 58.54 22.24
C SER F 16 -41.91 59.08 21.16
N PRO F 17 -43.10 59.62 21.55
CA PRO F 17 -44.03 60.14 20.52
C PRO F 17 -43.52 61.33 19.71
N ASP F 18 -42.47 61.98 20.21
CA ASP F 18 -41.82 63.10 19.44
C ASP F 18 -40.57 62.66 18.67
N GLY F 19 -40.27 61.36 18.70
CA GLY F 19 -39.27 60.78 17.83
C GLY F 19 -37.92 60.80 18.48
N ARG F 20 -37.87 60.75 19.80
CA ARG F 20 -36.59 60.77 20.48
C ARG F 20 -36.31 59.39 21.03
N VAL F 21 -35.06 59.15 21.37
CA VAL F 21 -34.67 57.93 22.05
C VAL F 21 -34.04 58.35 23.38
N PHE F 22 -34.88 58.50 24.42
CA PHE F 22 -34.40 59.05 25.65
C PHE F 22 -33.25 58.26 26.31
N GLN F 23 -33.18 56.96 26.14
CA GLN F 23 -32.06 56.23 26.74
C GLN F 23 -30.69 56.70 26.23
N VAL F 24 -30.65 57.13 24.98
CA VAL F 24 -29.46 57.70 24.39
C VAL F 24 -29.23 59.10 24.96
N GLU F 25 -30.28 59.91 25.03
CA GLU F 25 -30.17 61.21 25.72
C GLU F 25 -29.70 61.10 27.17
N TYR F 26 -30.15 60.07 27.92
CA TYR F 26 -29.76 59.95 29.32
C TYR F 26 -28.32 59.57 29.48
N ALA F 27 -27.82 58.74 28.57
CA ALA F 27 -26.38 58.41 28.46
C ALA F 27 -25.52 59.63 28.16
N MET F 28 -26.00 60.47 27.24
CA MET F 28 -25.40 61.79 26.98
C MET F 28 -25.28 62.63 28.28
N LYS F 29 -26.27 62.54 29.17
CA LYS F 29 -26.24 63.28 30.39
C LYS F 29 -25.12 62.80 31.28
N ALA F 30 -24.80 61.53 31.24
CA ALA F 30 -23.63 61.02 32.01
C ALA F 30 -22.28 61.65 31.62
N VAL F 31 -22.15 61.91 30.32
CA VAL F 31 -20.95 62.55 29.75
C VAL F 31 -20.98 64.02 30.14
N GLU F 32 -22.11 64.66 29.94
CA GLU F 32 -22.27 66.05 30.36
C GLU F 32 -22.08 66.33 31.86
N ASN F 33 -22.14 65.33 32.71
CA ASN F 33 -21.74 65.47 34.11
C ASN F 33 -20.27 65.19 34.42
N SER F 34 -19.54 64.71 33.44
CA SER F 34 -18.14 64.41 33.63
C SER F 34 -17.33 65.69 33.55
N SER F 35 -16.17 65.69 34.17
CA SER F 35 -15.22 66.79 33.98
C SER F 35 -14.73 66.85 32.52
N THR F 36 -14.16 67.97 32.14
CA THR F 36 -14.00 68.30 30.76
C THR F 36 -12.68 67.71 30.12
N ALA F 37 -12.82 67.22 28.90
CA ALA F 37 -11.65 66.91 28.09
C ALA F 37 -11.70 67.77 26.82
N ILE F 38 -10.54 68.20 26.35
CA ILE F 38 -10.45 68.88 25.02
C ILE F 38 -9.37 68.34 24.09
N GLY F 39 -9.62 68.56 22.81
CA GLY F 39 -8.67 68.26 21.78
C GLY F 39 -8.55 69.42 20.85
N ILE F 40 -7.31 69.70 20.45
CA ILE F 40 -7.06 70.72 19.45
C ILE F 40 -6.13 70.19 18.36
N ARG F 41 -6.61 70.30 17.12
CA ARG F 41 -5.83 70.06 15.93
C ARG F 41 -5.06 71.31 15.50
N CYS F 42 -3.78 71.16 15.26
CA CYS F 42 -3.04 72.26 14.72
C CYS F 42 -2.29 71.92 13.43
N LYS F 43 -1.29 72.73 13.11
CA LYS F 43 -0.60 72.66 11.85
C LYS F 43 0.09 71.32 11.68
N ASP F 44 0.65 70.78 12.77
CA ASP F 44 1.58 69.67 12.79
C ASP F 44 1.25 68.59 13.83
N GLY F 45 -0.02 68.53 14.26
CA GLY F 45 -0.49 67.47 15.19
C GLY F 45 -1.78 67.77 15.89
N VAL F 46 -2.07 66.93 16.88
CA VAL F 46 -3.23 67.05 17.72
C VAL F 46 -2.76 66.93 19.16
N VAL F 47 -3.34 67.76 20.04
CA VAL F 47 -3.01 67.76 21.46
C VAL F 47 -4.27 67.52 22.27
N PHE F 48 -4.17 66.71 23.31
CA PHE F 48 -5.29 66.43 24.20
C PHE F 48 -4.96 66.88 25.59
N GLY F 49 -5.99 67.41 26.23
CA GLY F 49 -5.91 67.73 27.66
C GLY F 49 -7.18 67.33 28.40
N VAL F 50 -7.02 66.91 29.65
CA VAL F 50 -8.13 66.50 30.45
C VAL F 50 -8.04 67.12 31.83
N GLU F 51 -9.17 67.64 32.28
CA GLU F 51 -9.37 68.08 33.68
C GLU F 51 -9.69 66.83 34.49
N LYS F 52 -8.76 66.36 35.28
CA LYS F 52 -8.98 65.12 36.00
C LYS F 52 -9.26 65.44 37.46
N LEU F 53 -10.52 65.29 37.87
CA LEU F 53 -10.87 65.68 39.23
C LEU F 53 -10.23 64.70 40.23
N VAL F 54 -9.69 65.20 41.35
CA VAL F 54 -9.13 64.30 42.35
C VAL F 54 -10.14 64.12 43.45
N LEU F 55 -10.70 62.90 43.47
CA LEU F 55 -11.74 62.54 44.40
C LEU F 55 -11.18 62.11 45.73
N SER F 56 -9.92 61.68 45.76
CA SER F 56 -9.18 61.44 47.01
C SER F 56 -7.68 61.63 46.83
N LYS F 57 -7.03 62.16 47.84
CA LYS F 57 -5.58 62.30 47.83
C LYS F 57 -4.85 60.96 48.04
N LEU F 58 -5.60 59.90 48.34
CA LEU F 58 -5.05 58.55 48.48
C LEU F 58 -4.68 57.91 47.13
N TYR F 59 -5.33 58.35 46.08
CA TYR F 59 -5.01 57.95 44.73
C TYR F 59 -3.63 58.41 44.24
N GLU F 60 -3.03 57.61 43.38
CA GLU F 60 -1.72 57.88 42.76
C GLU F 60 -1.86 58.90 41.67
N GLU F 61 -0.89 59.79 41.59
CA GLU F 61 -0.85 60.80 40.52
C GLU F 61 -0.59 60.13 39.20
N GLY F 62 -1.63 59.99 38.36
CA GLY F 62 -1.63 59.09 37.21
C GLY F 62 -2.90 58.23 37.12
N SER F 63 -3.40 57.72 38.26
CA SER F 63 -4.63 56.89 38.27
C SER F 63 -5.78 57.39 37.40
N ASN F 64 -6.75 56.53 37.16
CA ASN F 64 -7.87 56.86 36.29
C ASN F 64 -7.51 57.74 35.15
N LYS F 65 -6.44 57.39 34.43
CA LYS F 65 -6.15 57.97 33.11
C LYS F 65 -7.38 58.05 32.25
N ARG F 66 -7.53 59.18 31.58
CA ARG F 66 -8.58 59.39 30.58
C ARG F 66 -8.02 59.58 29.16
N LEU F 67 -6.72 59.42 29.03
CA LEU F 67 -6.07 59.44 27.75
C LEU F 67 -5.46 58.09 27.53
N PHE F 68 -5.79 57.48 26.39
CA PHE F 68 -5.31 56.12 26.00
C PHE F 68 -4.59 56.11 24.66
N ASN F 69 -3.60 55.23 24.51
CA ASN F 69 -3.08 54.86 23.17
C ASN F 69 -3.95 53.74 22.64
N VAL F 70 -4.59 53.93 21.51
CA VAL F 70 -5.36 52.83 20.91
C VAL F 70 -4.64 52.18 19.71
N ASP F 71 -3.72 52.93 19.13
CA ASP F 71 -2.71 52.37 18.23
C ASP F 71 -1.49 53.23 18.42
N ARG F 72 -0.36 52.86 17.78
CA ARG F 72 0.86 53.58 18.01
C ARG F 72 0.75 54.99 17.52
N HIS F 73 -0.12 55.20 16.52
CA HIS F 73 -0.38 56.50 15.89
C HIS F 73 -1.69 57.19 16.34
N VAL F 74 -2.44 56.60 17.26
CA VAL F 74 -3.77 57.09 17.64
C VAL F 74 -3.95 57.18 19.16
N GLY F 75 -4.31 58.39 19.62
CA GLY F 75 -4.74 58.65 20.97
C GLY F 75 -6.25 58.76 21.08
N MET F 76 -6.75 58.42 22.27
CA MET F 76 -8.13 58.52 22.59
C MET F 76 -8.25 59.30 23.89
N ALA F 77 -9.16 60.27 23.86
CA ALA F 77 -9.48 61.08 25.05
C ALA F 77 -10.98 60.92 25.38
N VAL F 78 -11.27 60.64 26.65
CA VAL F 78 -12.64 60.23 27.04
C VAL F 78 -13.29 61.14 28.08
N ALA F 79 -14.61 61.16 28.06
CA ALA F 79 -15.41 61.69 29.17
C ALA F 79 -16.61 60.83 29.38
N GLY F 80 -17.00 60.66 30.64
CA GLY F 80 -18.25 59.96 30.97
C GLY F 80 -17.95 58.82 31.85
N LEU F 81 -18.71 57.76 31.72
CA LEU F 81 -18.56 56.61 32.59
C LEU F 81 -17.27 55.85 32.20
N LEU F 82 -16.33 55.74 33.13
CA LEU F 82 -15.00 55.39 32.76
C LEU F 82 -14.91 53.91 32.30
N ALA F 83 -15.57 52.99 32.99
CA ALA F 83 -15.61 51.58 32.61
C ALA F 83 -16.17 51.39 31.19
N ASP F 84 -17.19 52.16 30.81
CA ASP F 84 -17.65 52.15 29.44
C ASP F 84 -16.54 52.68 28.51
N ALA F 85 -15.89 53.77 28.89
CA ALA F 85 -14.82 54.33 28.07
C ALA F 85 -13.66 53.34 27.82
N ARG F 86 -13.24 52.63 28.85
CA ARG F 86 -12.16 51.66 28.77
C ARG F 86 -12.46 50.48 27.86
N SER F 87 -13.71 50.10 27.87
CA SER F 87 -14.15 49.01 27.09
C SER F 87 -14.17 49.43 25.60
N LEU F 88 -14.56 50.68 25.36
CA LEU F 88 -14.46 51.27 24.05
C LEU F 88 -13.03 51.39 23.54
N ALA F 89 -12.11 51.72 24.44
CA ALA F 89 -10.70 51.76 24.06
C ALA F 89 -10.18 50.38 23.62
N ASP F 90 -10.66 49.31 24.26
CA ASP F 90 -10.37 47.98 23.83
C ASP F 90 -10.98 47.61 22.44
N ILE F 91 -12.19 48.03 22.17
CA ILE F 91 -12.81 47.86 20.86
C ILE F 91 -11.99 48.60 19.82
N ALA F 92 -11.63 49.85 20.10
CA ALA F 92 -10.83 50.60 19.18
C ALA F 92 -9.51 49.91 18.95
N ARG F 93 -8.88 49.41 20.01
CA ARG F 93 -7.62 48.72 19.87
C ARG F 93 -7.78 47.51 18.94
N GLU F 94 -8.79 46.67 19.22
CA GLU F 94 -9.02 45.46 18.45
C GLU F 94 -9.26 45.80 16.98
N GLU F 95 -10.00 46.86 16.69
CA GLU F 95 -10.27 47.28 15.34
C GLU F 95 -9.00 47.67 14.58
N ALA F 96 -8.13 48.43 15.24
CA ALA F 96 -6.86 48.82 14.65
C ALA F 96 -5.92 47.62 14.44
N SER F 97 -5.87 46.71 15.41
CA SER F 97 -5.08 45.51 15.34
C SER F 97 -5.53 44.62 14.13
N ASN F 98 -6.84 44.39 14.00
CA ASN F 98 -7.40 43.60 12.92
C ASN F 98 -7.17 44.22 11.58
N PHE F 99 -7.32 45.54 11.50
CA PHE F 99 -6.99 46.27 10.29
C PHE F 99 -5.57 46.01 9.82
N ARG F 100 -4.60 46.13 10.71
CA ARG F 100 -3.22 45.88 10.33
C ARG F 100 -3.02 44.41 9.88
N SER F 101 -3.63 43.45 10.57
CA SER F 101 -3.58 42.07 10.17
C SER F 101 -4.17 41.73 8.76
N ASN F 102 -5.32 42.32 8.42
CA ASN F 102 -6.06 42.03 7.17
C ASN F 102 -5.51 42.76 5.96
N PHE F 103 -5.19 44.03 6.16
CA PHE F 103 -4.82 44.94 5.07
C PHE F 103 -3.40 45.36 5.09
N GLY F 104 -2.70 45.18 6.19
CA GLY F 104 -1.25 45.37 6.18
C GLY F 104 -0.67 46.72 6.43
N TYR F 105 -1.41 47.68 6.99
CA TYR F 105 -0.85 49.01 7.31
C TYR F 105 -1.66 49.69 8.46
N ASN F 106 -1.14 50.78 9.04
CA ASN F 106 -1.84 51.57 10.10
C ASN F 106 -3.22 52.03 9.69
N ILE F 107 -4.21 51.74 10.52
CA ILE F 107 -5.58 52.08 10.18
C ILE F 107 -5.66 53.63 9.98
N PRO F 108 -6.28 54.08 8.89
CA PRO F 108 -6.56 55.50 8.72
C PRO F 108 -7.51 55.95 9.84
N LEU F 109 -7.26 57.11 10.42
CA LEU F 109 -8.03 57.58 11.58
C LEU F 109 -9.51 57.63 11.30
N LYS F 110 -9.84 58.20 10.16
CA LYS F 110 -11.21 58.33 9.74
C LYS F 110 -11.92 56.99 9.72
N HIS F 111 -11.25 55.98 9.18
CA HIS F 111 -11.83 54.67 9.12
C HIS F 111 -12.03 54.08 10.54
N LEU F 112 -11.04 54.21 11.40
CA LEU F 112 -11.15 53.70 12.75
C LEU F 112 -12.30 54.41 13.49
N ALA F 113 -12.37 55.72 13.34
CA ALA F 113 -13.52 56.49 13.91
C ALA F 113 -14.83 55.95 13.40
N ASP F 114 -15.02 55.77 12.08
CA ASP F 114 -16.29 55.26 11.57
C ASP F 114 -16.65 53.86 12.11
N ARG F 115 -15.65 53.00 12.25
CA ARG F 115 -15.90 51.66 12.69
C ARG F 115 -16.30 51.62 14.14
N VAL F 116 -15.56 52.29 14.99
CA VAL F 116 -15.88 52.29 16.40
C VAL F 116 -17.25 52.98 16.62
N ALA F 117 -17.56 54.03 15.84
CA ALA F 117 -18.87 54.70 15.93
C ALA F 117 -20.02 53.80 15.60
N MET F 118 -19.86 52.91 14.61
CA MET F 118 -20.90 51.93 14.29
C MET F 118 -21.08 50.93 15.38
N TYR F 119 -20.01 50.58 16.07
CA TYR F 119 -20.13 49.74 17.28
C TYR F 119 -20.96 50.46 18.36
N VAL F 120 -20.63 51.71 18.64
CA VAL F 120 -21.36 52.54 19.59
C VAL F 120 -22.84 52.62 19.17
N HIS F 121 -23.10 52.81 17.87
CA HIS F 121 -24.44 52.89 17.36
C HIS F 121 -25.28 51.66 17.58
N ALA F 122 -24.65 50.49 17.51
CA ALA F 122 -25.35 49.24 17.70
C ALA F 122 -25.95 49.12 19.10
N TYR F 123 -25.41 49.83 20.07
CA TYR F 123 -25.96 49.75 21.40
C TYR F 123 -27.05 50.81 21.65
N THR F 124 -27.64 51.35 20.59
CA THR F 124 -28.72 52.31 20.65
C THR F 124 -30.05 51.90 20.00
N LEU F 125 -30.19 50.62 19.71
CA LEU F 125 -31.36 50.09 19.01
C LEU F 125 -32.23 49.05 19.78
N TYR F 126 -31.73 48.56 20.89
CA TYR F 126 -32.23 47.31 21.47
C TYR F 126 -32.58 47.41 22.95
N SER F 127 -33.61 46.71 23.39
CA SER F 127 -33.85 46.56 24.83
C SER F 127 -32.74 45.69 25.48
N ALA F 128 -32.09 44.81 24.70
CA ALA F 128 -31.13 43.87 25.27
C ALA F 128 -29.87 44.51 25.83
N VAL F 129 -29.54 45.71 25.39
CA VAL F 129 -28.32 46.39 25.85
C VAL F 129 -28.60 47.87 26.07
N ARG F 130 -27.74 48.54 26.84
CA ARG F 130 -27.82 49.99 26.97
C ARG F 130 -26.76 50.75 26.20
N PRO F 131 -27.07 52.03 25.87
CA PRO F 131 -26.07 52.91 25.28
C PRO F 131 -24.85 53.14 26.17
N PHE F 132 -23.68 53.30 25.52
CA PHE F 132 -22.45 53.66 26.22
C PHE F 132 -22.60 55.04 26.85
N GLY F 133 -22.13 55.20 28.07
CA GLY F 133 -22.20 56.47 28.74
C GLY F 133 -20.94 57.26 28.56
N CYS F 134 -20.48 57.36 27.32
CA CYS F 134 -19.25 58.06 27.08
CA CYS F 134 -19.24 57.99 27.04
C CYS F 134 -19.18 58.68 25.72
N SER F 135 -18.38 59.75 25.65
CA SER F 135 -17.98 60.43 24.43
C SER F 135 -16.46 60.40 24.44
N PHE F 136 -15.88 60.31 23.25
CA PHE F 136 -14.45 60.21 23.15
C PHE F 136 -13.93 60.85 21.88
N MET F 137 -12.71 61.32 21.96
CA MET F 137 -12.05 61.90 20.80
C MET F 137 -10.93 60.96 20.42
N LEU F 138 -10.67 60.91 19.12
CA LEU F 138 -9.55 60.18 18.53
C LEU F 138 -8.67 61.16 17.77
N GLY F 139 -7.38 61.12 18.04
CA GLY F 139 -6.40 61.96 17.35
C GLY F 139 -5.22 61.22 16.75
N SER F 140 -4.79 61.66 15.56
CA SER F 140 -3.55 61.16 14.99
CA SER F 140 -3.56 61.15 14.97
C SER F 140 -2.86 62.17 14.09
N TYR F 141 -1.63 61.83 13.73
CA TYR F 141 -0.85 62.54 12.73
C TYR F 141 0.00 61.57 11.89
N SER F 142 0.03 61.82 10.59
CA SER F 142 0.97 61.19 9.63
C SER F 142 1.32 62.24 8.53
N VAL F 143 2.36 61.98 7.76
CA VAL F 143 2.73 62.90 6.66
C VAL F 143 1.66 62.88 5.56
N ASN F 144 1.21 61.69 5.16
CA ASN F 144 0.14 61.60 4.14
C ASN F 144 -1.24 62.22 4.45
N ASP F 145 -1.75 61.95 5.65
CA ASP F 145 -3.11 62.32 6.06
C ASP F 145 -3.19 63.63 6.87
N GLY F 146 -2.04 64.16 7.27
CA GLY F 146 -1.96 65.29 8.19
C GLY F 146 -2.47 64.96 9.61
N ALA F 147 -2.80 66.02 10.34
CA ALA F 147 -3.40 65.94 11.66
C ALA F 147 -4.89 65.71 11.53
N GLN F 148 -5.44 64.80 12.33
CA GLN F 148 -6.88 64.56 12.32
C GLN F 148 -7.43 64.31 13.69
N LEU F 149 -8.58 64.90 13.95
CA LEU F 149 -9.24 64.86 15.27
C LEU F 149 -10.71 64.56 15.07
N TYR F 150 -11.16 63.42 15.60
CA TYR F 150 -12.57 62.98 15.49
C TYR F 150 -13.18 62.87 16.85
N MET F 151 -14.48 63.05 16.92
CA MET F 151 -15.21 62.90 18.21
C MET F 151 -16.48 62.14 17.99
N ILE F 152 -16.73 61.21 18.92
CA ILE F 152 -17.83 60.27 18.85
C ILE F 152 -18.59 60.37 20.16
N ASP F 153 -19.91 60.44 20.05
CA ASP F 153 -20.79 60.49 21.22
C ASP F 153 -21.64 59.20 21.36
N PRO F 154 -22.46 59.11 22.46
CA PRO F 154 -23.22 57.93 22.70
C PRO F 154 -24.26 57.55 21.63
N SER F 155 -24.68 58.46 20.74
CA SER F 155 -25.55 58.01 19.67
C SER F 155 -24.80 57.22 18.56
N GLY F 156 -23.47 57.36 18.52
CA GLY F 156 -22.64 56.87 17.46
C GLY F 156 -22.36 57.83 16.34
N VAL F 157 -22.76 59.08 16.48
CA VAL F 157 -22.40 60.12 15.51
C VAL F 157 -20.90 60.44 15.71
N SER F 158 -20.23 60.67 14.57
CA SER F 158 -18.81 60.87 14.45
C SER F 158 -18.53 62.03 13.49
N TYR F 159 -17.74 62.99 13.91
CA TYR F 159 -17.37 64.12 13.02
C TYR F 159 -15.89 64.43 13.23
N GLY F 160 -15.32 65.06 12.23
CA GLY F 160 -13.99 65.65 12.34
C GLY F 160 -14.00 67.11 12.83
N TYR F 161 -12.97 67.46 13.58
CA TYR F 161 -12.84 68.77 14.24
C TYR F 161 -11.49 69.48 14.12
N TRP F 162 -11.51 70.82 14.14
CA TRP F 162 -10.34 71.62 14.44
C TRP F 162 -10.09 71.75 15.93
N GLY F 163 -11.19 71.81 16.66
CA GLY F 163 -11.14 71.83 18.12
C GLY F 163 -12.40 71.24 18.70
N CYS F 164 -12.26 70.62 19.86
CA CYS F 164 -13.36 69.92 20.43
C CYS F 164 -13.27 69.85 21.93
N ALA F 165 -14.46 69.80 22.53
CA ALA F 165 -14.59 69.66 23.98
C ALA F 165 -15.80 68.83 24.36
N ILE F 166 -15.62 68.03 25.38
CA ILE F 166 -16.64 67.13 25.87
C ILE F 166 -16.60 67.23 27.39
N GLY F 167 -17.76 66.99 28.00
CA GLY F 167 -17.92 67.07 29.44
C GLY F 167 -18.64 68.34 29.80
N LYS F 168 -18.57 68.68 31.07
CA LYS F 168 -19.51 69.63 31.67
C LYS F 168 -19.26 71.08 31.36
N ALA F 169 -18.00 71.45 31.18
CA ALA F 169 -17.65 72.81 30.72
C ALA F 169 -17.35 72.86 29.19
N ARG F 170 -18.08 72.02 28.46
CA ARG F 170 -18.01 71.94 26.99
CA ARG F 170 -18.00 71.94 27.00
C ARG F 170 -18.10 73.31 26.32
N GLN F 171 -19.22 73.98 26.52
CA GLN F 171 -19.46 75.26 25.87
C GLN F 171 -18.40 76.33 26.19
N ALA F 172 -18.12 76.51 27.49
CA ALA F 172 -17.08 77.45 27.94
C ALA F 172 -15.74 77.10 27.28
N ALA F 173 -15.42 75.82 27.17
CA ALA F 173 -14.16 75.41 26.52
C ALA F 173 -14.15 75.76 25.02
N LYS F 174 -15.27 75.48 24.32
CA LYS F 174 -15.40 75.81 22.88
C LYS F 174 -15.20 77.30 22.62
N THR F 175 -15.77 78.18 23.44
CA THR F 175 -15.59 79.62 23.20
C THR F 175 -14.12 80.06 23.42
N GLU F 176 -13.40 79.47 24.37
CA GLU F 176 -11.97 79.74 24.50
C GLU F 176 -11.13 79.18 23.33
N ILE F 177 -11.48 77.98 22.85
CA ILE F 177 -10.80 77.33 21.71
C ILE F 177 -10.92 78.16 20.43
N GLU F 178 -12.14 78.62 20.12
CA GLU F 178 -12.43 79.56 19.00
C GLU F 178 -11.58 80.83 18.93
N LYS F 179 -10.94 81.23 20.02
CA LYS F 179 -10.01 82.38 20.02
C LYS F 179 -8.63 82.06 19.50
N LEU F 180 -8.30 80.78 19.38
CA LEU F 180 -7.02 80.35 18.82
C LEU F 180 -7.06 80.25 17.30
N GLN F 181 -5.99 80.73 16.67
CA GLN F 181 -5.74 80.39 15.27
C GLN F 181 -4.93 79.07 15.20
N MET F 182 -5.59 77.96 15.47
CA MET F 182 -4.90 76.67 15.59
C MET F 182 -4.31 76.17 14.27
N LYS F 183 -4.90 76.53 13.12
CA LYS F 183 -4.38 76.16 11.77
C LYS F 183 -2.92 76.50 11.54
N GLU F 184 -2.46 77.60 12.15
CA GLU F 184 -1.12 78.14 11.94
C GLU F 184 -0.18 77.89 13.13
N MET F 185 -0.61 77.18 14.15
CA MET F 185 0.19 76.99 15.37
C MET F 185 0.73 75.58 15.41
N THR F 186 1.73 75.39 16.26
CA THR F 186 2.32 74.07 16.48
C THR F 186 1.97 73.49 17.82
N CYS F 187 2.10 72.17 17.89
CA CYS F 187 1.89 71.42 19.11
C CYS F 187 2.62 71.98 20.35
N ARG F 188 3.88 72.41 20.21
CA ARG F 188 4.61 73.00 21.35
C ARG F 188 3.90 74.25 21.89
N ASP F 189 3.26 75.01 21.00
CA ASP F 189 2.48 76.19 21.37
C ASP F 189 1.11 75.78 21.96
N ILE F 190 0.43 74.85 21.30
CA ILE F 190 -0.93 74.49 21.65
C ILE F 190 -1.04 73.83 23.04
N VAL F 191 -0.07 73.02 23.48
CA VAL F 191 -0.11 72.45 24.85
C VAL F 191 -0.34 73.52 25.93
N LYS F 192 0.35 74.66 25.79
CA LYS F 192 0.25 75.75 26.77
C LYS F 192 -1.17 76.30 26.77
N GLU F 193 -1.74 76.42 25.58
CA GLU F 193 -3.11 76.86 25.39
C GLU F 193 -4.19 75.88 25.82
N VAL F 194 -3.92 74.58 25.69
CA VAL F 194 -4.81 73.54 26.20
C VAL F 194 -4.84 73.61 27.72
N ALA F 195 -3.67 73.71 28.34
CA ALA F 195 -3.58 73.84 29.78
C ALA F 195 -4.28 75.08 30.28
N LYS F 196 -4.05 76.18 29.56
CA LYS F 196 -4.68 77.46 29.87
C LYS F 196 -6.21 77.31 29.86
N ILE F 197 -6.77 76.74 28.79
CA ILE F 197 -8.20 76.58 28.69
C ILE F 197 -8.78 75.68 29.78
N ILE F 198 -8.07 74.61 30.15
CA ILE F 198 -8.54 73.74 31.23
C ILE F 198 -8.60 74.57 32.54
N TYR F 199 -7.61 75.38 32.85
CA TYR F 199 -7.64 76.20 34.07
C TYR F 199 -8.74 77.26 34.07
N ILE F 200 -9.13 77.73 32.90
CA ILE F 200 -10.22 78.69 32.77
C ILE F 200 -11.59 78.08 33.09
N VAL F 201 -11.89 76.95 32.47
CA VAL F 201 -13.20 76.29 32.60
C VAL F 201 -13.43 75.49 33.90
N HIS F 202 -12.33 75.25 34.60
CA HIS F 202 -12.33 74.59 35.88
C HIS F 202 -12.97 75.47 36.93
N ASP F 203 -14.00 74.93 37.57
CA ASP F 203 -14.75 75.59 38.64
C ASP F 203 -14.09 75.25 40.00
N GLU F 204 -13.11 76.06 40.38
CA GLU F 204 -12.23 75.76 41.54
C GLU F 204 -12.92 75.97 42.92
N VAL F 205 -14.03 76.71 42.95
CA VAL F 205 -14.95 76.67 44.11
C VAL F 205 -15.66 75.30 44.13
N LYS F 206 -16.46 74.93 43.13
CA LYS F 206 -17.35 73.75 43.26
C LYS F 206 -16.59 72.43 43.45
N ASP F 207 -15.60 72.15 42.61
CA ASP F 207 -14.78 70.92 42.78
C ASP F 207 -13.28 71.26 42.82
N LYS F 208 -12.60 70.85 43.89
CA LYS F 208 -11.49 71.63 44.47
C LYS F 208 -10.17 71.52 43.75
N ALA F 209 -9.77 70.26 43.58
CA ALA F 209 -8.42 69.85 43.24
C ALA F 209 -8.49 69.00 42.00
N PHE F 210 -7.55 69.26 41.08
CA PHE F 210 -7.43 68.48 39.87
C PHE F 210 -5.97 68.28 39.42
N GLU F 211 -5.77 67.21 38.65
CA GLU F 211 -4.57 66.95 37.88
C GLU F 211 -4.91 67.29 36.45
N LEU F 212 -3.95 67.90 35.77
CA LEU F 212 -4.04 68.08 34.37
C LEU F 212 -3.43 66.86 33.67
N GLU F 213 -4.11 66.35 32.67
CA GLU F 213 -3.56 65.24 31.89
C GLU F 213 -3.34 65.72 30.44
N LEU F 214 -2.12 65.54 29.91
CA LEU F 214 -1.78 66.00 28.56
C LEU F 214 -1.12 64.89 27.72
N SER F 215 -1.56 64.78 26.47
CA SER F 215 -0.95 63.95 25.49
C SER F 215 -1.03 64.64 24.12
N TRP F 216 -0.19 64.17 23.19
CA TRP F 216 -0.11 64.68 21.85
C TRP F 216 0.39 63.64 20.80
N VAL F 217 0.08 63.97 19.55
CA VAL F 217 0.55 63.20 18.43
C VAL F 217 0.83 64.16 17.27
N GLY F 218 2.05 64.14 16.74
CA GLY F 218 2.43 65.07 15.68
C GLY F 218 3.80 64.84 15.10
N GLU F 219 4.24 65.76 14.24
CA GLU F 219 5.54 65.72 13.60
C GLU F 219 6.63 65.55 14.69
N LEU F 220 6.48 66.24 15.80
CA LEU F 220 7.46 66.19 16.88
C LEU F 220 7.52 64.89 17.70
N THR F 221 6.56 63.99 17.51
CA THR F 221 6.58 62.63 18.07
C THR F 221 6.72 61.53 16.98
N ASN F 222 6.91 61.99 15.74
CA ASN F 222 7.01 61.16 14.54
C ASN F 222 5.78 60.33 14.34
N GLY F 223 4.64 60.95 14.58
CA GLY F 223 3.38 60.30 14.35
C GLY F 223 3.02 59.26 15.41
N ARG F 224 3.75 59.20 16.52
CA ARG F 224 3.41 58.35 17.66
C ARG F 224 2.61 59.15 18.74
N HIS F 225 1.54 58.55 19.27
CA HIS F 225 0.77 59.16 20.34
C HIS F 225 1.44 58.88 21.65
N GLU F 226 1.63 59.93 22.44
CA GLU F 226 2.54 59.90 23.58
C GLU F 226 2.08 60.87 24.65
N ILE F 227 2.34 60.52 25.90
CA ILE F 227 2.20 61.45 27.00
C ILE F 227 3.07 62.68 26.75
N VAL F 228 2.56 63.88 27.01
CA VAL F 228 3.38 65.08 27.02
C VAL F 228 4.36 64.88 28.18
N PRO F 229 5.66 65.09 27.94
CA PRO F 229 6.65 64.93 29.02
C PRO F 229 6.41 65.84 30.24
N LYS F 230 6.79 65.35 31.41
CA LYS F 230 6.55 65.98 32.72
C LYS F 230 6.95 67.47 32.77
N ASP F 231 8.19 67.74 32.39
CA ASP F 231 8.71 69.11 32.36
C ASP F 231 7.87 70.08 31.45
N ILE F 232 7.42 69.61 30.29
CA ILE F 232 6.61 70.43 29.42
C ILE F 232 5.19 70.60 30.00
N ARG F 233 4.63 69.56 30.63
CA ARG F 233 3.33 69.68 31.30
CA ARG F 233 3.32 69.63 31.29
C ARG F 233 3.40 70.75 32.37
N GLU F 234 4.46 70.71 33.17
CA GLU F 234 4.63 71.62 34.30
C GLU F 234 4.78 73.06 33.88
N GLU F 235 5.51 73.29 32.79
CA GLU F 235 5.63 74.62 32.24
C GLU F 235 4.29 75.12 31.66
N ALA F 236 3.51 74.24 31.06
CA ALA F 236 2.21 74.63 30.54
C ALA F 236 1.26 74.94 31.71
N GLU F 237 1.38 74.17 32.78
CA GLU F 237 0.58 74.44 33.98
C GLU F 237 0.96 75.82 34.54
N LYS F 238 2.26 76.06 34.66
CA LYS F 238 2.76 77.31 35.22
C LYS F 238 2.30 78.53 34.39
N TYR F 239 2.38 78.44 33.07
CA TYR F 239 1.79 79.41 32.14
C TYR F 239 0.30 79.63 32.31
N ALA F 240 -0.45 78.53 32.46
CA ALA F 240 -1.92 78.58 32.58
C ALA F 240 -2.32 79.31 33.87
N LYS F 241 -1.63 78.94 34.95
CA LYS F 241 -1.89 79.41 36.30
C LYS F 241 -1.60 80.91 36.40
N GLU F 242 -0.46 81.34 35.84
CA GLU F 242 -0.09 82.75 35.83
C GLU F 242 -0.92 83.61 34.88
N SER F 243 -1.37 83.05 33.77
CA SER F 243 -2.29 83.72 32.84
C SER F 243 -3.67 83.99 33.44
N LEU F 244 -4.12 83.10 34.33
CA LEU F 244 -5.33 83.25 35.16
C LEU F 244 -5.22 84.53 36.10
N LYS F 245 -4.05 84.76 36.73
CA LYS F 245 -3.67 86.04 37.35
C LYS F 245 -4.84 86.71 38.06
N SER G 2 -61.47 53.46 18.78
CA SER G 2 -60.83 54.01 17.53
C SER G 2 -60.76 55.54 17.50
N ARG G 3 -59.85 56.02 16.62
CA ARG G 3 -59.36 57.42 16.48
C ARG G 3 -58.41 57.82 17.62
N GLY G 4 -57.13 57.48 17.44
CA GLY G 4 -56.11 57.64 18.48
C GLY G 4 -56.30 56.78 19.77
N SER G 5 -56.97 55.61 19.61
CA SER G 5 -57.08 54.64 20.71
C SER G 5 -55.76 53.77 20.86
N SER G 6 -55.57 53.28 22.10
CA SER G 6 -54.40 52.53 22.52
C SER G 6 -54.79 51.42 23.49
N ALA G 7 -54.23 50.25 23.25
CA ALA G 7 -54.30 49.10 24.15
C ALA G 7 -52.86 48.55 24.38
N GLY G 8 -52.59 48.17 25.63
CA GLY G 8 -51.41 47.41 25.97
C GLY G 8 -50.16 48.21 25.70
N PHE G 9 -49.23 47.58 24.99
CA PHE G 9 -47.94 48.15 24.73
C PHE G 9 -47.80 48.72 23.31
N ASP G 10 -48.94 48.98 22.65
CA ASP G 10 -48.96 49.43 21.27
C ASP G 10 -48.34 50.81 21.00
N ARG G 11 -48.02 51.57 22.03
CA ARG G 11 -47.17 52.75 21.87
C ARG G 11 -45.66 52.54 22.15
N HIS G 12 -45.29 51.39 22.67
CA HIS G 12 -43.92 51.11 23.07
C HIS G 12 -43.15 50.18 22.12
N ILE G 13 -43.85 49.23 21.52
CA ILE G 13 -43.29 48.27 20.55
C ILE G 13 -44.17 48.20 19.31
N THR G 14 -43.64 47.61 18.28
CA THR G 14 -44.33 47.52 17.02
C THR G 14 -45.41 46.41 16.95
N ILE G 15 -46.48 46.59 17.74
CA ILE G 15 -47.68 45.78 17.64
C ILE G 15 -48.81 46.68 17.17
N PHE G 16 -49.89 46.10 16.68
CA PHE G 16 -51.01 46.85 16.20
C PHE G 16 -51.74 47.52 17.34
N SER G 17 -52.16 48.75 17.09
CA SER G 17 -53.13 49.45 17.94
C SER G 17 -54.50 49.02 17.46
N PRO G 18 -55.58 49.46 18.16
CA PRO G 18 -56.88 48.94 17.77
C PRO G 18 -57.32 49.33 16.34
N GLU G 19 -56.77 50.46 15.88
CA GLU G 19 -57.10 50.96 14.54
C GLU G 19 -56.31 50.23 13.49
N GLY G 20 -55.30 49.46 13.88
CA GLY G 20 -54.41 48.82 12.93
C GLY G 20 -53.13 49.59 12.64
N ARG G 21 -52.78 50.54 13.51
CA ARG G 21 -51.62 51.36 13.31
C ARG G 21 -50.40 50.81 14.05
N LEU G 22 -49.22 51.24 13.61
CA LEU G 22 -47.95 50.97 14.31
C LEU G 22 -47.38 52.31 14.81
N TYR G 23 -47.78 52.71 16.01
CA TYR G 23 -47.33 53.95 16.54
C TYR G 23 -45.80 54.12 16.55
N GLN G 24 -45.05 53.05 16.78
CA GLN G 24 -43.61 53.15 16.86
C GLN G 24 -43.02 53.51 15.48
N VAL G 25 -43.65 52.97 14.41
CA VAL G 25 -43.24 53.34 13.06
C VAL G 25 -43.58 54.85 12.80
N GLU G 26 -44.80 55.24 13.10
CA GLU G 26 -45.16 56.66 13.02
C GLU G 26 -44.18 57.59 13.79
N TYR G 27 -43.77 57.20 14.97
CA TYR G 27 -42.79 57.96 15.71
C TYR G 27 -41.36 57.99 15.07
N ALA G 28 -41.01 56.94 14.32
CA ALA G 28 -39.78 56.95 13.56
C ALA G 28 -39.80 58.04 12.48
N PHE G 29 -40.94 58.29 11.87
CA PHE G 29 -41.08 59.40 10.94
C PHE G 29 -40.82 60.77 11.62
N LYS G 30 -41.28 60.95 12.85
CA LYS G 30 -41.01 62.20 13.59
C LYS G 30 -39.51 62.30 13.88
N ALA G 31 -38.86 61.16 14.16
CA ALA G 31 -37.42 61.16 14.43
C ALA G 31 -36.61 61.71 13.26
N ILE G 32 -37.10 61.51 12.04
CA ILE G 32 -36.47 62.03 10.82
C ILE G 32 -36.33 63.55 10.86
N ASN G 33 -37.34 64.23 11.36
CA ASN G 33 -37.33 65.70 11.48
C ASN G 33 -36.50 66.27 12.63
N GLN G 34 -36.13 65.43 13.61
CA GLN G 34 -35.24 65.87 14.72
C GLN G 34 -33.90 66.47 14.24
N GLY G 35 -33.33 65.94 13.17
CA GLY G 35 -32.13 66.51 12.52
C GLY G 35 -32.30 67.95 12.02
N GLY G 36 -33.53 68.35 11.71
CA GLY G 36 -33.81 69.73 11.30
C GLY G 36 -33.47 70.08 9.86
N LEU G 37 -33.11 69.09 9.06
CA LEU G 37 -32.71 69.29 7.66
C LEU G 37 -33.78 68.84 6.67
N THR G 38 -33.67 69.37 5.46
CA THR G 38 -34.48 68.98 4.28
C THR G 38 -33.55 68.60 3.07
N SER G 39 -34.04 67.65 2.27
CA SER G 39 -33.31 67.13 1.10
C SER G 39 -34.30 67.05 -0.07
N VAL G 40 -33.84 67.36 -1.27
CA VAL G 40 -34.65 67.30 -2.48
C VAL G 40 -33.91 66.47 -3.55
N ALA G 41 -34.66 65.82 -4.42
CA ALA G 41 -34.05 65.08 -5.51
C ALA G 41 -34.92 65.10 -6.72
N VAL G 42 -34.31 65.27 -7.90
CA VAL G 42 -35.09 65.34 -9.15
C VAL G 42 -34.38 64.64 -10.30
N ARG G 43 -35.19 64.12 -11.21
CA ARG G 43 -34.74 63.29 -12.29
C ARG G 43 -35.17 63.97 -13.59
N GLY G 44 -34.25 64.10 -14.53
CA GLY G 44 -34.53 64.50 -15.91
C GLY G 44 -34.24 63.35 -16.84
N LYS G 45 -34.31 63.61 -18.16
CA LYS G 45 -33.97 62.61 -19.18
C LYS G 45 -32.49 62.25 -19.14
N ASP G 46 -31.63 63.23 -18.84
CA ASP G 46 -30.18 63.12 -18.94
C ASP G 46 -29.47 62.92 -17.63
N 6V1 G 47 -30.07 63.35 -16.53
CA 6V1 G 47 -29.41 63.33 -15.23
C 6V1 G 47 -30.37 63.15 -14.08
O 6V1 G 47 -31.58 63.23 -14.25
CB 6V1 G 47 -28.47 64.54 -15.05
SG 6V1 G 47 -29.17 66.14 -15.35
C1 6V1 G 47 -27.99 67.53 -15.46
C2 6V1 G 47 -26.79 67.42 -14.51
N3 6V1 G 47 -25.62 67.72 -15.11
C4 6V1 G 47 -25.84 68.13 -16.39
C5 6V1 G 47 -27.31 67.93 -16.79
C6 6V1 G 47 -24.30 67.55 -14.50
O7 6V1 G 47 -26.91 67.08 -13.32
O8 6V1 G 47 -24.94 68.55 -17.14
C3 6V1 G 47 -23.70 68.91 -14.15
N ALA G 48 -29.80 62.83 -12.93
CA ALA G 48 -30.48 62.81 -11.65
C ALA G 48 -29.62 63.53 -10.63
N VAL G 49 -30.30 64.30 -9.76
CA VAL G 49 -29.61 65.19 -8.82
CA VAL G 49 -29.64 65.21 -8.81
C VAL G 49 -30.20 65.09 -7.41
N ILE G 50 -29.30 65.20 -6.43
CA ILE G 50 -29.66 65.28 -5.04
C ILE G 50 -29.05 66.57 -4.52
N VAL G 51 -29.85 67.35 -3.81
CA VAL G 51 -29.41 68.55 -3.09
C VAL G 51 -29.89 68.50 -1.66
N THR G 52 -29.02 68.82 -0.71
CA THR G 52 -29.43 68.88 0.69
C THR G 52 -28.75 70.07 1.36
N GLN G 53 -29.26 70.40 2.54
CA GLN G 53 -28.72 71.50 3.33
C GLN G 53 -27.46 71.04 3.98
N LYS G 54 -26.50 71.94 4.08
CA LYS G 54 -25.32 71.67 4.82
C LYS G 54 -25.25 72.72 5.92
N LYS G 55 -25.61 72.32 7.14
CA LYS G 55 -25.62 73.17 8.32
C LYS G 55 -24.37 72.87 9.14
N VAL G 56 -23.49 73.86 9.24
CA VAL G 56 -22.23 73.83 10.01
C VAL G 56 -22.31 75.03 10.99
N PRO G 57 -23.09 74.87 12.09
CA PRO G 57 -23.22 75.99 13.07
C PRO G 57 -21.89 76.31 13.76
N ASP G 58 -21.17 75.26 14.11
CA ASP G 58 -19.95 75.31 14.91
C ASP G 58 -18.73 75.65 14.01
N LYS G 59 -18.08 76.77 14.21
CA LYS G 59 -16.81 77.06 13.48
C LYS G 59 -15.64 76.03 13.65
N LEU G 60 -15.72 75.24 14.73
CA LEU G 60 -14.67 74.30 15.12
C LEU G 60 -14.75 72.89 14.47
N LEU G 61 -15.83 72.62 13.76
CA LEU G 61 -15.98 71.46 12.93
C LEU G 61 -15.13 71.61 11.72
N ASP G 62 -14.58 70.47 11.30
CA ASP G 62 -13.94 70.33 10.00
C ASP G 62 -15.07 70.02 9.06
N SER G 63 -15.49 71.04 8.32
CA SER G 63 -16.68 70.99 7.46
C SER G 63 -16.61 69.99 6.33
N SER G 64 -15.40 69.63 5.92
CA SER G 64 -15.23 68.55 4.96
C SER G 64 -15.81 67.23 5.45
N THR G 65 -15.90 67.02 6.76
CA THR G 65 -16.44 65.78 7.35
C THR G 65 -17.93 65.83 7.68
N VAL G 66 -18.58 66.95 7.41
CA VAL G 66 -20.03 67.11 7.60
C VAL G 66 -20.65 66.95 6.24
N THR G 67 -21.27 65.81 6.01
CA THR G 67 -21.97 65.55 4.75
C THR G 67 -23.12 64.57 4.99
N HIS G 68 -24.16 64.66 4.16
CA HIS G 68 -25.22 63.67 4.07
C HIS G 68 -25.28 63.06 2.70
N LEU G 69 -24.20 63.24 1.92
CA LEU G 69 -24.06 62.65 0.61
C LEU G 69 -23.10 61.47 0.72
N PHE G 70 -23.55 60.33 0.21
CA PHE G 70 -22.77 59.09 0.27
C PHE G 70 -22.74 58.32 -1.05
N LYS G 71 -21.52 57.86 -1.38
CA LYS G 71 -21.29 56.93 -2.49
C LYS G 71 -21.62 55.53 -1.96
N ILE G 72 -22.54 54.84 -2.64
CA ILE G 72 -22.89 53.45 -2.33
C ILE G 72 -22.00 52.49 -3.15
N THR G 73 -22.06 52.67 -4.46
CA THR G 73 -21.14 52.08 -5.43
C THR G 73 -20.60 53.28 -6.24
N GLU G 74 -19.79 53.02 -7.26
CA GLU G 74 -19.31 54.07 -8.11
C GLU G 74 -20.45 54.74 -8.90
N ASN G 75 -21.50 53.99 -9.20
CA ASN G 75 -22.62 54.50 -10.00
C ASN G 75 -23.89 54.82 -9.21
N ILE G 76 -23.85 54.65 -7.89
CA ILE G 76 -25.04 54.84 -7.08
C ILE G 76 -24.71 55.79 -5.97
N GLY G 77 -25.47 56.88 -5.96
CA GLY G 77 -25.30 57.85 -4.94
C GLY G 77 -26.50 57.92 -4.03
N CYS G 78 -26.32 58.60 -2.94
CA CYS G 78 -27.33 58.61 -1.92
C CYS G 78 -27.30 59.85 -1.04
N VAL G 79 -28.50 60.33 -0.69
CA VAL G 79 -28.64 61.38 0.39
C VAL G 79 -29.46 60.80 1.53
N MET G 80 -28.96 60.98 2.73
CA MET G 80 -29.58 60.52 3.97
C MET G 80 -30.25 61.71 4.71
N THR G 81 -31.50 61.51 5.14
CA THR G 81 -32.18 62.45 5.95
C THR G 81 -32.64 61.78 7.26
N GLY G 82 -32.28 62.38 8.40
CA GLY G 82 -32.72 61.92 9.67
C GLY G 82 -31.61 61.73 10.67
N MET G 83 -31.82 60.82 11.60
CA MET G 83 -30.86 60.58 12.65
C MET G 83 -29.55 60.10 11.96
N THR G 84 -28.46 60.71 12.36
CA THR G 84 -27.19 60.62 11.66
C THR G 84 -26.56 59.23 11.75
N ALA G 85 -26.37 58.75 12.98
CA ALA G 85 -25.81 57.43 13.25
C ALA G 85 -26.68 56.31 12.64
N ASP G 86 -28.00 56.41 12.76
CA ASP G 86 -28.85 55.50 12.04
C ASP G 86 -28.60 55.53 10.55
N SER G 87 -28.50 56.73 10.01
CA SER G 87 -28.21 56.95 8.59
C SER G 87 -26.90 56.27 8.15
N ARG G 88 -25.85 56.44 8.93
CA ARG G 88 -24.59 55.85 8.63
C ARG G 88 -24.67 54.35 8.51
N SER G 89 -25.35 53.75 9.48
CA SER G 89 -25.62 52.32 9.50
CA SER G 89 -25.63 52.30 9.48
C SER G 89 -26.38 51.89 8.24
N GLN G 90 -27.33 52.70 7.80
CA GLN G 90 -28.08 52.27 6.64
C GLN G 90 -27.22 52.35 5.34
N VAL G 91 -26.33 53.34 5.27
CA VAL G 91 -25.40 53.50 4.19
C VAL G 91 -24.46 52.25 4.14
N GLN G 92 -23.90 51.81 5.27
CA GLN G 92 -23.09 50.59 5.30
C GLN G 92 -23.83 49.39 4.79
N ARG G 93 -25.06 49.21 5.22
CA ARG G 93 -25.81 48.10 4.79
C ARG G 93 -25.98 48.15 3.29
N ALA G 94 -26.30 49.30 2.75
CA ALA G 94 -26.51 49.47 1.33
C ALA G 94 -25.23 49.12 0.54
N ARG G 95 -24.10 49.60 0.99
CA ARG G 95 -22.83 49.31 0.38
C ARG G 95 -22.56 47.81 0.37
N TYR G 96 -22.85 47.18 1.51
CA TYR G 96 -22.68 45.77 1.67
C TYR G 96 -23.61 45.03 0.70
N GLU G 97 -24.88 45.41 0.64
CA GLU G 97 -25.83 44.74 -0.24
C GLU G 97 -25.42 44.85 -1.70
N ALA G 98 -24.93 46.03 -2.08
CA ALA G 98 -24.51 46.26 -3.43
C ALA G 98 -23.27 45.44 -3.85
N ALA G 99 -22.28 45.39 -2.98
CA ALA G 99 -21.05 44.64 -3.23
C ALA G 99 -21.40 43.13 -3.32
N ASN G 100 -22.25 42.67 -2.42
CA ASN G 100 -22.63 41.30 -2.39
C ASN G 100 -23.40 40.91 -3.70
N TRP G 101 -24.29 41.76 -4.17
CA TRP G 101 -25.03 41.53 -5.40
C TRP G 101 -24.07 41.35 -6.57
N LYS G 102 -23.11 42.25 -6.67
CA LYS G 102 -22.13 42.20 -7.75
C LYS G 102 -21.27 40.91 -7.77
N TYR G 103 -20.88 40.48 -6.57
CA TYR G 103 -20.13 39.27 -6.37
C TYR G 103 -20.90 38.03 -6.81
N LYS G 104 -22.16 37.95 -6.40
CA LYS G 104 -22.99 36.80 -6.72
C LYS G 104 -23.54 36.77 -8.12
N TYR G 105 -23.86 37.92 -8.70
CA TYR G 105 -24.64 37.95 -9.95
C TYR G 105 -23.89 38.49 -11.15
N GLY G 106 -22.75 39.14 -10.91
CA GLY G 106 -21.87 39.58 -11.97
C GLY G 106 -22.20 40.88 -12.70
N TYR G 107 -23.04 41.71 -12.10
CA TYR G 107 -23.47 42.98 -12.66
C TYR G 107 -23.93 43.87 -11.54
N GLU G 108 -23.84 45.16 -11.77
CA GLU G 108 -24.15 46.17 -10.77
C GLU G 108 -25.62 46.12 -10.31
N ILE G 109 -25.84 46.24 -9.00
CA ILE G 109 -27.23 46.26 -8.51
C ILE G 109 -28.01 47.44 -9.15
N PRO G 110 -29.19 47.16 -9.71
CA PRO G 110 -30.11 48.21 -10.13
C PRO G 110 -30.50 49.04 -8.90
N VAL G 111 -30.67 50.35 -9.08
CA VAL G 111 -31.11 51.24 -8.00
C VAL G 111 -32.45 50.81 -7.38
N ASP G 112 -33.41 50.43 -8.20
CA ASP G 112 -34.69 49.92 -7.69
C ASP G 112 -34.57 48.71 -6.74
N MET G 113 -33.64 47.81 -7.06
CA MET G 113 -33.42 46.63 -6.29
C MET G 113 -32.73 46.97 -5.02
N LEU G 114 -31.75 47.85 -5.06
CA LEU G 114 -31.04 48.23 -3.83
C LEU G 114 -32.02 48.91 -2.82
N CYS G 115 -32.89 49.77 -3.35
CA CYS G 115 -33.89 50.47 -2.57
C CYS G 115 -34.84 49.46 -1.96
N LYS G 116 -35.29 48.52 -2.78
CA LYS G 116 -36.22 47.49 -2.34
C LYS G 116 -35.64 46.62 -1.22
N ARG G 117 -34.40 46.26 -1.39
CA ARG G 117 -33.71 45.52 -0.40
C ARG G 117 -33.63 46.26 0.92
N ILE G 118 -33.22 47.51 0.90
CA ILE G 118 -33.12 48.29 2.13
C ILE G 118 -34.53 48.47 2.81
N ALA G 119 -35.55 48.63 2.00
CA ALA G 119 -36.90 48.70 2.47
C ALA G 119 -37.36 47.39 3.13
N ASP G 120 -37.01 46.26 2.51
CA ASP G 120 -37.37 44.96 3.04
C ASP G 120 -36.71 44.75 4.38
N ILE G 121 -35.49 45.20 4.54
CA ILE G 121 -34.79 45.09 5.81
C ILE G 121 -35.47 46.01 6.86
N SER G 122 -35.87 47.21 6.45
CA SER G 122 -36.56 48.14 7.36
C SER G 122 -37.90 47.51 7.78
N GLN G 123 -38.54 46.80 6.84
CA GLN G 123 -39.78 46.12 7.17
C GLN G 123 -39.65 45.20 8.39
N VAL G 124 -38.53 44.51 8.48
CA VAL G 124 -38.36 43.57 9.55
C VAL G 124 -38.47 44.27 10.93
N TYR G 125 -37.94 45.50 11.03
CA TYR G 125 -38.01 46.21 12.29
C TYR G 125 -39.44 46.73 12.64
N THR G 126 -40.36 46.76 11.68
CA THR G 126 -41.72 47.08 11.93
C THR G 126 -42.56 45.89 12.44
N GLN G 127 -42.02 44.68 12.36
CA GLN G 127 -42.74 43.43 12.67
C GLN G 127 -42.13 42.63 13.81
N ASN G 128 -40.88 42.92 14.15
CA ASN G 128 -40.22 42.27 15.23
C ASN G 128 -40.06 43.23 16.41
N ALA G 129 -40.46 42.86 17.61
CA ALA G 129 -40.55 43.77 18.72
C ALA G 129 -39.27 44.26 19.35
N GLU G 130 -38.19 43.51 19.20
CA GLU G 130 -37.03 43.77 20.06
C GLU G 130 -36.10 44.99 19.65
N MET G 131 -36.23 45.47 18.43
CA MET G 131 -35.44 46.60 17.98
C MET G 131 -36.32 47.70 17.47
N ARG G 132 -35.87 48.95 17.50
CA ARG G 132 -36.68 50.03 16.92
C ARG G 132 -36.44 50.16 15.44
N PRO G 133 -37.38 50.75 14.70
CA PRO G 133 -37.00 51.28 13.39
C PRO G 133 -35.88 52.32 13.43
N LEU G 134 -35.20 52.46 12.28
CA LEU G 134 -34.15 53.46 12.12
C LEU G 134 -34.89 54.74 11.79
N GLY G 135 -34.54 55.81 12.51
CA GLY G 135 -35.15 57.11 12.27
C GLY G 135 -34.56 57.88 11.12
N CYS G 136 -34.61 57.28 9.93
CA CYS G 136 -33.98 57.85 8.76
C CYS G 136 -34.62 57.43 7.46
N YCM G 137 -34.31 58.22 6.47
CA YCM G 137 -34.86 58.13 5.13
CB YCM G 137 -35.61 59.45 4.99
SG YCM G 137 -36.62 59.25 3.59
CD YCM G 137 -38.22 59.24 4.50
CE YCM G 137 -39.34 60.31 4.40
OZ1 YCM G 137 -40.33 60.09 3.68
NZ2 YCM G 137 -39.28 61.48 5.14
C YCM G 137 -33.69 58.19 4.11
O YCM G 137 -32.79 59.02 4.24
N MET G 138 -33.75 57.36 3.09
CA MET G 138 -32.67 57.23 2.12
C MET G 138 -33.24 57.57 0.78
N ILE G 139 -32.54 58.46 0.07
CA ILE G 139 -32.83 58.68 -1.34
C ILE G 139 -31.62 58.22 -2.18
N LEU G 140 -31.88 57.42 -3.21
CA LEU G 140 -30.85 56.83 -4.05
C LEU G 140 -30.97 57.37 -5.46
N ILE G 141 -29.82 57.76 -6.07
CA ILE G 141 -29.80 58.09 -7.50
C ILE G 141 -28.83 57.17 -8.27
N GLY G 142 -29.21 56.86 -9.51
CA GLY G 142 -28.34 56.13 -10.45
C GLY G 142 -28.90 56.08 -11.86
N ILE G 143 -28.08 55.68 -12.83
CA ILE G 143 -28.57 55.48 -14.20
C ILE G 143 -28.88 54.00 -14.43
N ASP G 144 -30.07 53.70 -14.92
CA ASP G 144 -30.42 52.41 -15.45
C ASP G 144 -30.24 52.37 -16.97
N GLU G 145 -29.69 51.26 -17.47
CA GLU G 145 -29.36 51.05 -18.90
C GLU G 145 -30.58 51.21 -19.84
N GLU G 146 -31.75 50.73 -19.38
CA GLU G 146 -32.98 50.87 -20.16
C GLU G 146 -33.81 52.11 -19.75
N GLN G 147 -34.02 52.30 -18.44
CA GLN G 147 -34.96 53.33 -17.98
C GLN G 147 -34.41 54.76 -17.90
N GLY G 148 -33.10 54.91 -17.97
CA GLY G 148 -32.44 56.18 -17.78
C GLY G 148 -32.21 56.51 -16.31
N PRO G 149 -32.04 57.82 -15.99
CA PRO G 149 -31.85 58.26 -14.61
C PRO G 149 -32.97 57.86 -13.66
N GLN G 150 -32.62 57.50 -12.46
CA GLN G 150 -33.58 57.03 -11.50
C GLN G 150 -33.39 57.73 -10.19
N VAL G 151 -34.52 58.02 -9.55
CA VAL G 151 -34.55 58.44 -8.14
C VAL G 151 -35.48 57.54 -7.39
N TYR G 152 -35.00 57.04 -6.28
CA TYR G 152 -35.75 56.13 -5.43
C TYR G 152 -35.64 56.59 -4.00
N LYS G 153 -36.68 56.34 -3.23
CA LYS G 153 -36.66 56.63 -1.79
C LYS G 153 -37.30 55.50 -1.02
N CYS G 154 -36.73 55.19 0.12
CA CYS G 154 -37.37 54.29 1.06
C CYS G 154 -37.43 54.93 2.45
N ASP G 155 -38.35 54.45 3.30
CA ASP G 155 -38.60 55.05 4.59
C ASP G 155 -38.65 54.01 5.74
N PRO G 156 -38.82 54.47 7.01
CA PRO G 156 -38.79 53.55 8.14
C PRO G 156 -39.98 52.60 8.26
N ALA G 157 -41.05 52.81 7.48
CA ALA G 157 -42.15 51.85 7.37
C ALA G 157 -41.84 50.68 6.42
N GLY G 158 -40.73 50.78 5.66
CA GLY G 158 -40.41 49.82 4.59
C GLY G 158 -41.13 50.11 3.30
N TYR G 159 -41.76 51.27 3.14
CA TYR G 159 -42.33 51.66 1.84
C TYR G 159 -41.17 52.16 0.93
N TYR G 160 -41.30 51.96 -0.38
CA TYR G 160 -40.30 52.48 -1.33
C TYR G 160 -40.94 52.81 -2.64
N 6V1 G 161 -40.37 53.79 -3.31
CA 6V1 G 161 -40.89 54.15 -4.60
C 6V1 G 161 -39.84 54.81 -5.44
O 6V1 G 161 -38.84 55.34 -4.90
CB 6V1 G 161 -42.10 55.08 -4.41
SG 6V1 G 161 -43.09 55.08 -5.89
C1 6V1 G 161 -44.40 53.84 -5.71
C2 6V1 G 161 -45.54 54.14 -4.72
N3 6V1 G 161 -46.77 54.18 -5.31
C4 6V1 G 161 -46.65 53.99 -6.65
C5 6V1 G 161 -45.21 53.67 -7.02
C6 6V1 G 161 -48.08 54.27 -4.62
O7 6V1 G 161 -45.29 54.24 -3.50
O8 6V1 G 161 -47.54 53.99 -7.54
C3 6V1 G 161 -48.11 55.25 -3.46
N GLY G 162 -40.05 54.72 -6.74
CA GLY G 162 -39.40 55.55 -7.74
C GLY G 162 -40.15 56.89 -8.00
N PHE G 163 -39.39 57.94 -8.28
CA PHE G 163 -39.94 59.28 -8.43
C PHE G 163 -39.43 60.06 -9.63
N LYS G 164 -40.24 60.98 -10.11
CA LYS G 164 -39.80 62.05 -11.01
C LYS G 164 -39.03 63.11 -10.23
N ALA G 165 -39.55 63.43 -9.05
CA ALA G 165 -38.79 64.21 -8.05
C ALA G 165 -39.37 63.90 -6.70
N THR G 166 -38.58 64.12 -5.65
CA THR G 166 -39.07 63.89 -4.29
C THR G 166 -38.27 64.69 -3.24
N ALA G 167 -38.68 64.55 -1.99
CA ALA G 167 -38.02 65.24 -0.89
C ALA G 167 -38.10 64.46 0.40
N ALA G 168 -37.31 64.88 1.36
CA ALA G 168 -37.30 64.30 2.69
C ALA G 168 -36.98 65.34 3.72
N GLY G 169 -37.41 65.10 4.96
CA GLY G 169 -37.10 65.97 6.09
C GLY G 169 -38.15 67.05 6.37
N VAL G 170 -37.72 68.08 7.10
CA VAL G 170 -38.64 68.98 7.78
C VAL G 170 -39.66 69.57 6.81
N LYS G 171 -39.17 69.98 5.63
CA LYS G 171 -40.00 70.65 4.62
C LYS G 171 -40.41 69.75 3.44
N GLN G 172 -40.59 68.46 3.72
CA GLN G 172 -41.01 67.48 2.71
C GLN G 172 -42.30 67.85 1.96
N THR G 173 -43.37 68.15 2.70
CA THR G 173 -44.69 68.46 2.12
C THR G 173 -44.68 69.70 1.23
N GLU G 174 -43.93 70.70 1.70
CA GLU G 174 -43.82 72.00 1.02
C GLU G 174 -42.99 71.82 -0.25
N SER G 175 -41.90 71.01 -0.18
CA SER G 175 -41.12 70.68 -1.37
C SER G 175 -41.96 69.88 -2.36
N THR G 176 -42.71 68.90 -1.87
CA THR G 176 -43.62 68.10 -2.69
C THR G 176 -44.60 69.01 -3.46
N SER G 177 -45.29 69.94 -2.76
CA SER G 177 -46.16 70.93 -3.41
C SER G 177 -45.45 71.78 -4.47
N PHE G 178 -44.25 72.25 -4.16
CA PHE G 178 -43.45 73.06 -5.10
C PHE G 178 -43.17 72.26 -6.38
N LEU G 179 -42.71 71.00 -6.19
CA LEU G 179 -42.32 70.12 -7.32
C LEU G 179 -43.52 69.67 -8.12
N GLU G 180 -44.63 69.35 -7.43
CA GLU G 180 -45.93 69.09 -8.09
C GLU G 180 -46.37 70.18 -9.07
N LYS G 181 -46.47 71.44 -8.61
CA LYS G 181 -46.91 72.58 -9.46
C LYS G 181 -45.95 72.82 -10.64
N LYS G 182 -44.67 72.57 -10.40
CA LYS G 182 -43.65 72.73 -11.44
C LYS G 182 -43.69 71.62 -12.54
N VAL G 183 -43.89 70.35 -12.17
CA VAL G 183 -44.16 69.28 -13.21
C VAL G 183 -45.42 69.38 -14.08
N LYS G 184 -46.51 69.97 -13.58
CA LYS G 184 -47.80 70.02 -14.32
C LYS G 184 -47.69 70.87 -15.59
N LYS G 185 -47.05 72.03 -15.43
CA LYS G 185 -46.61 72.93 -16.54
C LYS G 185 -45.84 72.21 -17.65
N LYS G 186 -44.92 71.33 -17.23
CA LYS G 186 -43.98 70.65 -18.14
C LYS G 186 -44.63 69.53 -19.06
N PHE G 187 -44.57 69.74 -20.39
CA PHE G 187 -44.97 68.74 -21.45
C PHE G 187 -44.22 67.38 -21.33
N ASP G 188 -45.00 66.29 -21.43
CA ASP G 188 -44.59 64.90 -21.10
C ASP G 188 -44.16 64.70 -19.61
N TRP G 189 -44.73 65.55 -18.72
CA TRP G 189 -44.60 65.48 -17.24
C TRP G 189 -43.14 65.22 -16.77
N THR G 190 -42.20 66.00 -17.33
CA THR G 190 -40.72 65.77 -17.16
C THR G 190 -39.91 67.09 -16.97
N PHE G 191 -39.01 67.06 -15.96
CA PHE G 191 -38.14 68.19 -15.58
C PHE G 191 -36.93 68.21 -16.50
N GLU G 192 -36.50 69.42 -16.85
CA GLU G 192 -35.41 69.59 -17.82
C GLU G 192 -34.14 70.10 -17.13
N GLN G 193 -34.25 71.27 -16.49
CA GLN G 193 -33.13 72.01 -15.92
C GLN G 193 -33.04 71.52 -14.47
N THR G 194 -32.39 70.38 -14.29
CA THR G 194 -32.62 69.58 -13.09
C THR G 194 -31.88 70.08 -11.83
N VAL G 195 -30.62 70.46 -11.95
CA VAL G 195 -29.91 71.05 -10.80
C VAL G 195 -30.57 72.40 -10.39
N GLU G 196 -30.96 73.22 -11.35
CA GLU G 196 -31.67 74.52 -11.05
C GLU G 196 -32.98 74.29 -10.29
N THR G 197 -33.79 73.34 -10.74
CA THR G 197 -35.06 73.01 -10.07
C THR G 197 -34.83 72.55 -8.63
N ALA G 198 -33.84 71.68 -8.41
CA ALA G 198 -33.61 71.13 -7.07
C ALA G 198 -33.19 72.18 -6.05
N ILE G 199 -32.33 73.10 -6.47
CA ILE G 199 -31.86 74.16 -5.59
C ILE G 199 -32.94 75.21 -5.37
N THR G 200 -33.58 75.63 -6.46
CA THR G 200 -34.71 76.54 -6.41
C THR G 200 -35.80 76.02 -5.45
N CYS G 201 -36.18 74.74 -5.59
CA CYS G 201 -37.15 74.14 -4.67
C CYS G 201 -36.69 74.27 -3.24
N LEU G 202 -35.48 73.84 -2.97
CA LEU G 202 -35.00 73.90 -1.61
C LEU G 202 -34.98 75.33 -1.04
N SER G 203 -34.63 76.31 -1.88
CA SER G 203 -34.41 77.67 -1.46
C SER G 203 -35.75 78.39 -1.18
N THR G 204 -36.76 78.09 -2.01
CA THR G 204 -38.14 78.52 -1.79
C THR G 204 -38.71 78.01 -0.46
N VAL G 205 -38.73 76.69 -0.28
CA VAL G 205 -39.41 76.10 0.89
C VAL G 205 -38.75 76.46 2.23
N LEU G 206 -37.45 76.75 2.22
CA LEU G 206 -36.71 77.30 3.39
C LEU G 206 -36.61 78.85 3.46
N SER G 207 -36.95 79.52 2.37
CA SER G 207 -36.77 80.96 2.19
C SER G 207 -35.37 81.46 2.54
N ILE G 208 -34.32 80.82 1.99
CA ILE G 208 -32.94 81.18 2.36
C ILE G 208 -32.15 81.90 1.27
N ASP G 209 -32.08 81.37 0.06
CA ASP G 209 -31.15 81.93 -0.98
C ASP G 209 -29.67 81.70 -0.56
N PHE G 210 -29.14 80.56 -1.00
CA PHE G 210 -27.98 79.95 -0.38
C PHE G 210 -26.64 80.55 -0.78
N LYS G 211 -25.68 80.44 0.15
CA LYS G 211 -24.26 80.48 -0.17
C LYS G 211 -23.84 79.08 -0.67
N PRO G 212 -22.77 79.01 -1.47
CA PRO G 212 -22.35 77.69 -1.99
C PRO G 212 -21.89 76.67 -0.94
N SER G 213 -21.47 77.13 0.24
CA SER G 213 -21.12 76.26 1.36
C SER G 213 -22.31 75.82 2.24
N GLU G 214 -23.52 76.28 1.93
CA GLU G 214 -24.72 75.88 2.70
C GLU G 214 -25.55 74.79 2.04
N ILE G 215 -25.14 74.34 0.85
CA ILE G 215 -25.72 73.15 0.24
C ILE G 215 -24.66 72.21 -0.27
N GLU G 216 -25.08 70.98 -0.51
CA GLU G 216 -24.30 69.90 -1.13
C GLU G 216 -25.11 69.39 -2.31
N VAL G 217 -24.41 69.08 -3.40
CA VAL G 217 -25.06 68.59 -4.60
C VAL G 217 -24.35 67.34 -5.12
N GLY G 218 -25.15 66.34 -5.47
CA GLY G 218 -24.69 65.10 -6.07
C GLY G 218 -25.42 64.84 -7.36
N VAL G 219 -24.72 64.32 -8.37
CA VAL G 219 -25.27 64.06 -9.67
C VAL G 219 -24.84 62.70 -10.23
N VAL G 220 -25.67 62.16 -11.12
CA VAL G 220 -25.32 61.09 -12.03
C VAL G 220 -25.92 61.49 -13.34
N THR G 221 -25.23 61.23 -14.45
CA THR G 221 -25.74 61.57 -15.79
C THR G 221 -25.60 60.37 -16.72
N VAL G 222 -26.46 60.30 -17.73
CA VAL G 222 -26.39 59.29 -18.78
C VAL G 222 -24.99 59.20 -19.46
N GLU G 223 -24.41 60.36 -19.76
CA GLU G 223 -23.08 60.46 -20.35
C GLU G 223 -21.96 60.17 -19.31
N ASN G 224 -22.19 60.45 -18.04
CA ASN G 224 -21.19 60.26 -16.97
C ASN G 224 -21.88 59.62 -15.77
N PRO G 225 -22.02 58.28 -15.79
CA PRO G 225 -22.86 57.66 -14.77
C PRO G 225 -22.23 57.54 -13.41
N LYS G 226 -20.93 57.81 -13.26
CA LYS G 226 -20.31 57.77 -11.93
C LYS G 226 -20.89 58.88 -11.08
N PHE G 227 -21.35 58.53 -9.90
CA PHE G 227 -21.79 59.48 -8.91
C PHE G 227 -20.71 60.54 -8.66
N ARG G 228 -21.11 61.81 -8.74
CA ARG G 228 -20.21 62.92 -8.56
C ARG G 228 -20.76 63.91 -7.54
N ILE G 229 -19.88 64.37 -6.66
CA ILE G 229 -20.18 65.42 -5.74
C ILE G 229 -19.62 66.73 -6.27
N LEU G 230 -20.46 67.77 -6.35
CA LEU G 230 -20.03 69.09 -6.84
C LEU G 230 -19.15 69.78 -5.84
N THR G 231 -18.19 70.52 -6.35
CA THR G 231 -17.36 71.35 -5.52
C THR G 231 -18.18 72.64 -5.19
N GLU G 232 -17.63 73.45 -4.30
CA GLU G 232 -18.19 74.73 -3.98
C GLU G 232 -18.26 75.66 -5.20
N ALA G 233 -17.16 75.70 -5.97
CA ALA G 233 -17.10 76.53 -7.20
C ALA G 233 -18.15 76.13 -8.24
N GLU G 234 -18.30 74.83 -8.46
CA GLU G 234 -19.34 74.34 -9.36
C GLU G 234 -20.76 74.72 -8.88
N ILE G 235 -21.04 74.56 -7.58
CA ILE G 235 -22.31 74.98 -6.97
C ILE G 235 -22.51 76.49 -7.11
N ASP G 236 -21.48 77.25 -6.78
CA ASP G 236 -21.52 78.71 -6.98
C ASP G 236 -21.94 79.11 -8.38
N ALA G 237 -21.40 78.42 -9.40
CA ALA G 237 -21.73 78.77 -10.80
C ALA G 237 -23.21 78.59 -11.10
N HIS G 238 -23.85 77.64 -10.43
CA HIS G 238 -25.29 77.42 -10.57
C HIS G 238 -26.06 78.48 -9.80
N LEU G 239 -25.62 78.79 -8.58
CA LEU G 239 -26.22 79.86 -7.77
C LEU G 239 -26.16 81.23 -8.49
N VAL G 240 -25.02 81.54 -9.10
CA VAL G 240 -24.88 82.79 -9.87
C VAL G 240 -25.79 82.79 -11.11
N ALA G 241 -25.90 81.63 -11.78
CA ALA G 241 -26.68 81.52 -13.03
C ALA G 241 -28.18 81.70 -12.80
N LEU G 242 -28.64 81.19 -11.65
CA LEU G 242 -30.02 81.41 -11.18
C LEU G 242 -30.32 82.87 -10.84
N ALA G 243 -29.41 83.52 -10.12
CA ALA G 243 -29.56 84.92 -9.72
C ALA G 243 -29.81 85.93 -10.86
N GLU G 244 -29.43 85.60 -12.10
CA GLU G 244 -29.47 86.51 -13.25
C GLU G 244 -30.54 86.23 -14.35
N ARG G 245 -31.83 86.58 -14.18
CA ARG G 245 -32.81 86.39 -15.29
C ARG G 245 -34.05 87.26 -15.26
N THR H 1 -20.42 11.41 -24.10
CA THR H 1 -21.15 12.63 -24.47
C THR H 1 -20.30 13.55 -25.34
N THR H 2 -20.94 14.14 -26.31
CA THR H 2 -20.40 15.26 -27.02
C THR H 2 -21.38 16.43 -26.90
N ILE H 3 -20.92 17.53 -26.30
CA ILE H 3 -21.65 18.79 -26.31
C ILE H 3 -20.75 19.91 -26.79
N ALA H 4 -21.37 20.92 -27.38
CA ALA H 4 -20.64 22.01 -28.01
C ALA H 4 -21.51 23.26 -28.11
N GLY H 5 -20.82 24.37 -28.29
CA GLY H 5 -21.47 25.64 -28.58
C GLY H 5 -20.61 26.55 -29.45
N VAL H 6 -21.30 27.42 -30.16
CA VAL H 6 -20.71 28.38 -31.07
C VAL H 6 -21.46 29.73 -30.94
N VAL H 7 -20.69 30.82 -31.01
CA VAL H 7 -21.20 32.17 -31.17
C VAL H 7 -21.24 32.49 -32.68
N TYR H 8 -22.41 32.83 -33.22
CA TYR H 8 -22.57 33.27 -34.62
C TYR H 8 -23.00 34.75 -34.72
N LYS H 9 -23.25 35.26 -35.92
CA LYS H 9 -23.44 36.69 -36.11
C LYS H 9 -24.50 37.25 -35.15
N ASP H 10 -25.61 36.51 -35.03
CA ASP H 10 -26.84 36.95 -34.36
C ASP H 10 -27.17 36.20 -33.08
N GLY H 11 -26.23 35.42 -32.51
CA GLY H 11 -26.59 34.60 -31.38
C GLY H 11 -25.67 33.43 -31.10
N ILE H 12 -26.27 32.37 -30.54
CA ILE H 12 -25.59 31.22 -30.03
C ILE H 12 -26.23 29.99 -30.70
N VAL H 13 -25.40 29.01 -31.05
CA VAL H 13 -25.87 27.61 -31.32
C VAL H 13 -25.21 26.64 -30.38
N LEU H 14 -26.03 25.89 -29.67
CA LEU H 14 -25.63 24.79 -28.79
C LEU H 14 -26.05 23.45 -29.40
N GLY H 15 -25.25 22.46 -29.10
CA GLY H 15 -25.40 21.12 -29.65
C GLY H 15 -25.07 20.02 -28.68
N ALA H 16 -25.74 18.89 -28.85
CA ALA H 16 -25.50 17.73 -28.04
C ALA H 16 -25.88 16.44 -28.75
N ASP H 17 -25.22 15.35 -28.36
CA ASP H 17 -25.67 14.00 -28.73
C ASP H 17 -26.75 13.57 -27.72
N THR H 18 -27.32 12.38 -27.93
CA THR H 18 -28.39 11.89 -27.05
C THR H 18 -28.17 10.53 -26.37
N ARG H 19 -26.93 10.07 -26.28
CA ARG H 19 -26.63 8.78 -25.65
C ARG H 19 -26.26 8.92 -24.22
N ALA H 20 -26.82 8.09 -23.36
CA ALA H 20 -26.28 7.96 -22.00
C ALA H 20 -25.82 6.53 -21.80
N THR H 21 -24.66 6.34 -21.22
CA THR H 21 -24.11 5.02 -20.96
C THR H 21 -23.97 4.74 -19.48
N GLU H 22 -24.07 3.47 -19.10
CA GLU H 22 -23.77 2.96 -17.76
C GLU H 22 -22.72 1.92 -18.08
N GLY H 23 -21.49 2.17 -17.66
CA GLY H 23 -20.37 1.33 -18.07
C GLY H 23 -20.14 1.50 -19.57
N MET H 24 -20.09 0.38 -20.29
CA MET H 24 -19.97 0.42 -21.74
C MET H 24 -21.26 -0.17 -22.36
N VAL H 25 -22.39 0.11 -21.72
CA VAL H 25 -23.71 -0.23 -22.19
C VAL H 25 -24.51 1.06 -22.33
N VAL H 26 -25.28 1.15 -23.40
CA VAL H 26 -26.20 2.24 -23.64
C VAL H 26 -27.46 2.02 -22.83
N ALA H 27 -27.70 2.95 -21.91
CA ALA H 27 -28.83 2.95 -20.96
C ALA H 27 -29.96 3.75 -21.53
N ASP H 28 -29.62 4.90 -22.10
CA ASP H 28 -30.58 5.73 -22.79
C ASP H 28 -30.11 6.06 -24.21
N LYS H 29 -30.97 5.78 -25.18
CA LYS H 29 -30.74 6.18 -26.55
C LYS H 29 -31.13 7.60 -26.83
N ASN H 30 -32.07 8.16 -26.06
CA ASN H 30 -32.61 9.51 -26.39
C ASN H 30 -32.71 10.44 -25.20
N CYS H 31 -31.56 10.62 -24.62
CA CYS H 31 -31.35 11.42 -23.45
C CYS H 31 -31.31 12.89 -23.94
N SER H 32 -31.80 13.81 -23.11
CA SER H 32 -31.86 15.23 -23.45
C SER H 32 -30.79 15.94 -22.67
N LYS H 33 -29.80 16.49 -23.36
CA LYS H 33 -28.65 17.11 -22.70
C LYS H 33 -28.60 18.65 -22.78
N ILE H 34 -29.51 19.25 -23.53
CA ILE H 34 -29.62 20.69 -23.61
C ILE H 34 -30.72 21.17 -22.63
N HIS H 35 -30.28 21.67 -21.47
CA HIS H 35 -31.14 22.09 -20.31
C HIS H 35 -31.61 23.56 -20.34
N PHE H 36 -32.90 23.76 -20.10
CA PHE H 36 -33.48 25.11 -19.90
C PHE H 36 -32.86 25.77 -18.68
N ILE H 37 -32.32 26.97 -18.86
CA ILE H 37 -31.91 27.82 -17.73
C ILE H 37 -32.94 28.93 -17.52
N SER H 38 -33.15 29.72 -18.56
CA SER H 38 -34.22 30.70 -18.66
C SER H 38 -34.67 30.82 -20.12
N PRO H 39 -35.73 31.59 -20.41
CA PRO H 39 -36.17 31.60 -21.81
C PRO H 39 -35.12 32.08 -22.83
N ASN H 40 -34.12 32.84 -22.37
CA ASN H 40 -33.01 33.32 -23.21
C ASN H 40 -31.63 32.65 -22.93
N ILE H 41 -31.59 31.65 -22.06
CA ILE H 41 -30.36 30.96 -21.68
C ILE H 41 -30.55 29.47 -21.58
N TYR H 42 -29.67 28.72 -22.24
CA TYR H 42 -29.65 27.24 -22.13
C TYR H 42 -28.25 26.75 -21.78
N CYS H 43 -28.17 25.48 -21.41
CA CYS H 43 -26.96 24.88 -20.86
C CYS H 43 -26.87 23.40 -21.20
N CYS H 44 -25.90 23.03 -22.03
CA CYS H 44 -25.60 21.61 -22.30
C CYS H 44 -24.85 21.05 -21.12
N GLY H 45 -25.10 19.77 -20.81
CA GLY H 45 -24.42 19.12 -19.72
C GLY H 45 -23.74 17.79 -20.10
N ALA H 46 -22.55 17.59 -19.57
CA ALA H 46 -21.80 16.36 -19.69
C ALA H 46 -21.25 16.00 -18.34
N GLY H 47 -21.11 14.71 -18.07
CA GLY H 47 -20.55 14.28 -16.80
C GLY H 47 -21.54 13.37 -16.14
N THR H 48 -21.62 13.43 -14.81
CA THR H 48 -22.63 12.63 -14.04
C THR H 48 -24.01 13.21 -14.31
N ALA H 49 -24.91 12.45 -14.91
CA ALA H 49 -26.19 12.98 -15.38
C ALA H 49 -27.08 13.55 -14.28
N ALA H 50 -27.14 12.93 -13.11
CA ALA H 50 -27.93 13.41 -11.99
C ALA H 50 -27.40 14.80 -11.58
N ASP H 51 -26.07 14.99 -11.65
CA ASP H 51 -25.43 16.27 -11.31
C ASP H 51 -25.64 17.39 -12.29
N THR H 52 -25.64 17.10 -13.58
CA THR H 52 -25.89 18.13 -14.57
C THR H 52 -27.38 18.56 -14.51
N ASP H 53 -28.28 17.58 -14.35
CA ASP H 53 -29.68 17.80 -14.22
C ASP H 53 -30.04 18.65 -12.99
N MET H 54 -29.58 18.25 -11.84
CA MET H 54 -29.93 18.94 -10.62
C MET H 54 -29.29 20.33 -10.58
N THR H 55 -28.06 20.44 -11.07
CA THR H 55 -27.33 21.68 -11.02
C THR H 55 -28.00 22.74 -11.91
N THR H 56 -28.39 22.33 -13.11
CA THR H 56 -29.07 23.23 -14.01
C THR H 56 -30.49 23.59 -13.57
N GLN H 57 -31.24 22.64 -13.03
CA GLN H 57 -32.53 22.93 -12.43
C GLN H 57 -32.42 23.97 -11.29
N LEU H 58 -31.45 23.78 -10.40
CA LEU H 58 -31.32 24.61 -9.22
C LEU H 58 -30.97 26.02 -9.66
N ILE H 59 -30.01 26.15 -10.57
CA ILE H 59 -29.67 27.45 -11.04
C ILE H 59 -30.83 28.13 -11.79
N SER H 60 -31.53 27.36 -12.60
CA SER H 60 -32.67 27.87 -13.37
C SER H 60 -33.75 28.45 -12.46
N SER H 61 -34.03 27.69 -11.41
CA SER H 61 -34.98 27.99 -10.39
C SER H 61 -34.61 29.31 -9.66
N ASN H 62 -33.34 29.45 -9.29
CA ASN H 62 -32.80 30.63 -8.68
C ASN H 62 -32.83 31.84 -9.59
N LEU H 63 -32.62 31.61 -10.88
CA LEU H 63 -32.76 32.69 -11.85
C LEU H 63 -34.18 33.12 -12.11
N GLU H 64 -35.14 32.21 -12.00
CA GLU H 64 -36.51 32.60 -12.14
C GLU H 64 -36.86 33.49 -10.93
N LEU H 65 -36.46 33.11 -9.72
CA LEU H 65 -36.60 33.96 -8.51
C LEU H 65 -35.96 35.36 -8.71
N HIS H 66 -34.76 35.38 -9.24
CA HIS H 66 -34.06 36.57 -9.55
C HIS H 66 -34.83 37.49 -10.53
N SER H 67 -35.31 36.91 -11.63
CA SER H 67 -35.99 37.71 -12.64
C SER H 67 -37.37 38.11 -12.25
N LEU H 68 -38.04 37.33 -11.44
CA LEU H 68 -39.32 37.70 -10.85
C LEU H 68 -39.15 38.99 -9.99
N SER H 69 -38.06 39.02 -9.23
CA SER H 69 -37.72 40.12 -8.38
C SER H 69 -37.30 41.35 -9.17
N THR H 70 -36.36 41.20 -10.11
CA THR H 70 -35.88 42.31 -10.90
C THR H 70 -36.81 42.76 -12.02
N GLY H 71 -37.73 41.89 -12.41
CA GLY H 71 -38.63 42.12 -13.55
C GLY H 71 -37.91 42.26 -14.90
N ARG H 72 -36.69 41.76 -14.99
CA ARG H 72 -35.88 41.87 -16.20
C ARG H 72 -35.43 40.48 -16.67
N LEU H 73 -35.05 40.43 -17.92
CA LEU H 73 -34.51 39.22 -18.45
C LEU H 73 -33.12 38.92 -17.78
N PRO H 74 -32.88 37.68 -17.42
CA PRO H 74 -31.62 37.36 -16.80
C PRO H 74 -30.40 37.49 -17.74
N ARG H 75 -29.25 37.63 -17.13
CA ARG H 75 -28.01 37.75 -17.84
C ARG H 75 -27.21 36.46 -17.75
N VAL H 76 -26.44 36.19 -18.80
CA VAL H 76 -25.70 34.97 -18.86
C VAL H 76 -24.61 35.00 -17.78
N VAL H 77 -23.97 36.15 -17.54
CA VAL H 77 -22.95 36.22 -16.47
C VAL H 77 -23.50 35.76 -15.14
N THR H 78 -24.79 35.97 -14.89
CA THR H 78 -25.36 35.60 -13.66
C THR H 78 -25.45 34.09 -13.52
N ALA H 79 -25.95 33.42 -14.56
CA ALA H 79 -25.96 31.94 -14.60
C ALA H 79 -24.54 31.41 -14.41
N ASN H 80 -23.60 32.05 -15.08
CA ASN H 80 -22.20 31.65 -15.02
C ASN H 80 -21.67 31.71 -13.61
N ARG H 81 -21.84 32.85 -12.95
CA ARG H 81 -21.42 33.03 -11.56
C ARG H 81 -22.05 32.05 -10.62
N MET H 82 -23.36 31.88 -10.73
CA MET H 82 -24.03 30.98 -9.84
C MET H 82 -23.49 29.53 -10.01
N LEU H 83 -23.32 29.11 -11.24
CA LEU H 83 -22.85 27.73 -11.49
C LEU H 83 -21.47 27.54 -10.97
N LYS H 84 -20.58 28.48 -11.31
CA LYS H 84 -19.17 28.32 -11.00
C LYS H 84 -18.91 28.40 -9.51
N GLN H 85 -19.63 29.25 -8.80
CA GLN H 85 -19.47 29.34 -7.34
C GLN H 85 -20.00 28.12 -6.60
N MET H 86 -21.07 27.53 -7.10
CA MET H 86 -21.55 26.34 -6.51
C MET H 86 -20.55 25.17 -6.79
N LEU H 87 -20.16 24.99 -8.05
CA LEU H 87 -19.21 23.93 -8.41
C LEU H 87 -17.88 24.07 -7.66
N PHE H 88 -17.39 25.30 -7.49
CA PHE H 88 -16.17 25.50 -6.76
C PHE H 88 -16.26 25.06 -5.34
N ARG H 89 -17.35 25.44 -4.68
CA ARG H 89 -17.65 25.00 -3.30
C ARG H 89 -17.56 23.46 -3.19
N TYR H 90 -18.05 22.73 -4.17
CA TYR H 90 -18.12 21.27 -4.07
C TYR H 90 -16.81 20.57 -4.54
N GLN H 91 -15.82 21.35 -4.99
CA GLN H 91 -14.46 20.90 -5.18
C GLN H 91 -14.36 19.79 -6.22
N GLY H 92 -15.20 19.86 -7.24
CA GLY H 92 -15.20 18.82 -8.26
C GLY H 92 -16.04 17.61 -7.97
N TYR H 93 -16.60 17.51 -6.76
CA TYR H 93 -17.48 16.38 -6.42
C TYR H 93 -18.78 16.41 -7.12
N ILE H 94 -19.19 17.53 -7.68
CA ILE H 94 -20.36 17.58 -8.53
C ILE H 94 -19.84 17.51 -9.92
N GLY H 95 -20.18 16.45 -10.64
CA GLY H 95 -19.48 16.12 -11.87
C GLY H 95 -20.17 16.68 -13.06
N ALA H 96 -20.22 18.00 -13.11
CA ALA H 96 -20.99 18.71 -14.10
C ALA H 96 -20.01 19.51 -14.94
N ALA H 97 -19.98 19.21 -16.22
CA ALA H 97 -19.24 19.93 -17.20
C ALA H 97 -20.29 20.52 -18.15
N LEU H 98 -20.22 21.85 -18.35
CA LEU H 98 -21.35 22.58 -18.91
C LEU H 98 -20.96 23.49 -20.04
N VAL H 99 -21.85 23.63 -21.00
CA VAL H 99 -21.71 24.65 -22.01
C VAL H 99 -22.91 25.60 -21.87
N LEU H 100 -22.64 26.81 -21.40
CA LEU H 100 -23.64 27.77 -21.13
C LEU H 100 -23.67 28.80 -22.23
N GLY H 101 -24.84 28.95 -22.83
CA GLY H 101 -25.03 29.87 -23.90
C GLY H 101 -26.33 30.64 -23.73
N GLY H 102 -26.28 31.91 -24.06
CA GLY H 102 -27.50 32.71 -24.11
C GLY H 102 -27.32 34.05 -24.74
N VAL H 103 -28.45 34.75 -24.83
CA VAL H 103 -28.48 36.11 -25.35
C VAL H 103 -29.20 37.05 -24.37
N ASP H 104 -28.47 38.07 -23.91
CA ASP H 104 -29.00 39.00 -22.93
C ASP H 104 -28.93 40.46 -23.44
N VAL H 105 -29.25 41.44 -22.59
CA VAL H 105 -29.17 42.82 -22.98
C VAL H 105 -27.82 43.24 -23.47
N THR H 106 -26.75 42.60 -23.01
CA THR H 106 -25.42 42.85 -23.59
C THR H 106 -25.02 41.97 -24.80
N GLY H 107 -25.96 41.28 -25.44
CA GLY H 107 -25.65 40.42 -26.59
C GLY H 107 -25.38 38.92 -26.31
N PRO H 108 -24.82 38.17 -27.32
CA PRO H 108 -24.55 36.69 -27.16
C PRO H 108 -23.39 36.38 -26.25
N HIS H 109 -23.48 35.31 -25.45
CA HIS H 109 -22.39 34.90 -24.58
C HIS H 109 -22.36 33.41 -24.52
N LEU H 110 -21.14 32.85 -24.49
CA LEU H 110 -20.92 31.43 -24.42
C LEU H 110 -19.81 31.15 -23.46
N TYR H 111 -20.05 30.25 -22.52
CA TYR H 111 -19.07 29.93 -21.52
C TYR H 111 -18.93 28.41 -21.48
N SER H 112 -17.76 27.89 -21.21
CA SER H 112 -17.67 26.55 -20.74
C SER H 112 -17.38 26.58 -19.25
N ILE H 113 -17.96 25.64 -18.52
CA ILE H 113 -17.82 25.56 -17.08
C ILE H 113 -17.46 24.14 -16.69
N TYR H 114 -16.37 24.02 -15.95
CA TYR H 114 -15.82 22.75 -15.56
C TYR H 114 -16.21 22.37 -14.13
N PRO H 115 -16.11 21.07 -13.77
CA PRO H 115 -16.59 20.59 -12.46
C PRO H 115 -15.98 21.23 -11.25
N HIS H 116 -14.70 21.60 -11.32
CA HIS H 116 -14.02 22.24 -10.20
C HIS H 116 -14.39 23.78 -10.06
N GLY H 117 -15.12 24.34 -11.02
CA GLY H 117 -15.56 25.71 -10.99
C GLY H 117 -14.84 26.71 -11.87
N SER H 118 -13.94 26.30 -12.76
CA SER H 118 -13.31 27.23 -13.67
C SER H 118 -14.25 27.40 -14.81
N THR H 119 -14.15 28.54 -15.46
CA THR H 119 -14.92 28.83 -16.65
C THR H 119 -14.04 29.57 -17.69
N ASP H 120 -14.42 29.43 -18.93
CA ASP H 120 -13.71 30.01 -20.06
C ASP H 120 -14.79 30.71 -20.87
N LYS H 121 -14.56 31.96 -21.21
CA LYS H 121 -15.44 32.68 -22.10
C LYS H 121 -14.85 32.64 -23.52
N LEU H 122 -15.53 32.02 -24.48
CA LEU H 122 -14.95 31.75 -25.76
C LEU H 122 -15.97 31.78 -26.83
N PRO H 123 -15.54 31.90 -28.08
CA PRO H 123 -16.50 31.87 -29.19
C PRO H 123 -16.94 30.46 -29.65
N TYR H 124 -16.24 29.42 -29.19
CA TYR H 124 -16.62 28.04 -29.43
C TYR H 124 -15.99 27.14 -28.41
N VAL H 125 -16.75 26.17 -27.94
CA VAL H 125 -16.32 25.24 -26.90
C VAL H 125 -16.93 23.84 -27.10
N THR H 126 -16.27 22.86 -26.52
CA THR H 126 -16.73 21.53 -26.49
C THR H 126 -16.41 20.92 -25.16
N MET H 127 -17.22 19.92 -24.77
CA MET H 127 -17.03 19.16 -23.56
CA MET H 127 -17.02 19.13 -23.57
C MET H 127 -17.55 17.72 -23.77
N GLY H 128 -17.16 16.84 -22.86
CA GLY H 128 -17.55 15.45 -22.92
C GLY H 128 -16.43 14.59 -23.51
N SER H 129 -16.66 13.30 -23.48
CA SER H 129 -15.70 12.33 -23.99
C SER H 129 -15.45 12.51 -25.51
N GLY H 130 -16.40 13.11 -26.21
CA GLY H 130 -16.28 13.38 -27.64
C GLY H 130 -15.81 14.77 -27.96
N SER H 131 -15.26 15.47 -26.99
CA SER H 131 -15.01 16.86 -27.18
C SER H 131 -13.81 17.20 -28.06
N LEU H 132 -12.80 16.33 -28.14
CA LEU H 132 -11.70 16.59 -29.05
C LEU H 132 -12.08 16.39 -30.51
N ALA H 133 -12.97 15.47 -30.79
CA ALA H 133 -13.49 15.28 -32.14
C ALA H 133 -14.28 16.46 -32.62
N ALA H 134 -15.20 16.92 -31.76
CA ALA H 134 -15.96 18.10 -32.02
C ALA H 134 -15.02 19.31 -32.16
N MET H 135 -14.03 19.42 -31.30
CA MET H 135 -13.13 20.59 -31.37
C MET H 135 -12.27 20.61 -32.62
N ALA H 136 -11.97 19.43 -33.16
CA ALA H 136 -11.20 19.39 -34.40
C ALA H 136 -12.05 20.01 -35.48
N VAL H 137 -13.35 19.70 -35.53
CA VAL H 137 -14.24 20.30 -36.53
C VAL H 137 -14.24 21.82 -36.42
N PHE H 138 -14.32 22.33 -35.19
CA PHE H 138 -14.37 23.77 -34.97
C PHE H 138 -13.05 24.43 -35.38
N GLU H 139 -11.90 23.89 -34.96
CA GLU H 139 -10.65 24.50 -35.32
C GLU H 139 -10.46 24.50 -36.83
N ASP H 140 -10.99 23.50 -37.51
CA ASP H 140 -10.85 23.41 -38.95
C ASP H 140 -11.78 24.36 -39.72
N LYS H 141 -12.98 24.60 -39.21
CA LYS H 141 -14.06 25.21 -39.98
C LYS H 141 -14.74 26.45 -39.39
N PHE H 142 -14.48 26.78 -38.15
CA PHE H 142 -15.14 27.92 -37.55
C PHE H 142 -14.61 29.19 -38.20
N ARG H 143 -15.52 30.09 -38.53
CA ARG H 143 -15.21 31.47 -38.93
C ARG H 143 -16.00 32.40 -37.99
N PRO H 144 -15.47 33.57 -37.70
CA PRO H 144 -16.35 34.57 -37.01
C PRO H 144 -17.56 35.00 -37.85
N ASP H 145 -18.59 35.48 -37.16
CA ASP H 145 -19.81 36.03 -37.79
C ASP H 145 -20.45 35.11 -38.82
N MET H 146 -20.61 33.86 -38.48
CA MET H 146 -21.34 32.97 -39.35
C MET H 146 -22.81 33.34 -39.38
N GLU H 147 -23.45 33.01 -40.49
CA GLU H 147 -24.89 33.09 -40.58
C GLU H 147 -25.50 31.90 -39.83
N GLU H 148 -26.76 32.04 -39.45
CA GLU H 148 -27.47 31.06 -38.64
C GLU H 148 -27.32 29.62 -39.18
N GLU H 149 -27.53 29.44 -40.48
CA GLU H 149 -27.47 28.11 -41.08
C GLU H 149 -26.04 27.54 -41.15
N GLU H 150 -25.04 28.35 -41.46
CA GLU H 150 -23.65 27.95 -41.34
C GLU H 150 -23.30 27.47 -39.96
N ALA H 151 -23.74 28.20 -38.94
CA ALA H 151 -23.42 27.87 -37.57
C ALA H 151 -24.10 26.57 -37.16
N LYS H 152 -25.34 26.35 -37.61
CA LYS H 152 -26.09 25.15 -37.29
C LYS H 152 -25.43 23.92 -37.93
N ASN H 153 -25.00 24.08 -39.17
CA ASN H 153 -24.22 23.06 -39.92
C ASN H 153 -22.92 22.71 -39.21
N LEU H 154 -22.18 23.73 -38.78
CA LEU H 154 -20.95 23.51 -38.09
C LEU H 154 -21.17 22.73 -36.78
N VAL H 155 -22.13 23.17 -35.96
CA VAL H 155 -22.38 22.49 -34.68
C VAL H 155 -22.85 21.05 -34.89
N SER H 156 -23.75 20.81 -35.83
CA SER H 156 -24.17 19.43 -36.05
C SER H 156 -23.04 18.53 -36.57
N GLU H 157 -22.13 19.07 -37.37
CA GLU H 157 -20.91 18.36 -37.77
C GLU H 157 -19.99 18.05 -36.61
N ALA H 158 -19.81 19.01 -35.72
CA ALA H 158 -18.99 18.80 -34.58
C ALA H 158 -19.57 17.70 -33.69
N ILE H 159 -20.88 17.69 -33.48
CA ILE H 159 -21.52 16.68 -32.68
C ILE H 159 -21.41 15.31 -33.42
N ALA H 160 -21.70 15.28 -34.70
CA ALA H 160 -21.54 14.07 -35.50
C ALA H 160 -20.12 13.46 -35.34
N ALA H 161 -19.10 14.31 -35.33
CA ALA H 161 -17.74 13.83 -35.15
C ALA H 161 -17.56 13.08 -33.83
N GLY H 162 -18.16 13.60 -32.77
CA GLY H 162 -18.18 12.96 -31.49
C GLY H 162 -18.95 11.65 -31.56
N ILE H 163 -20.13 11.67 -32.19
CA ILE H 163 -21.00 10.50 -32.28
C ILE H 163 -20.30 9.28 -32.96
N PHE H 164 -19.54 9.56 -34.01
CA PHE H 164 -18.98 8.53 -34.82
C PHE H 164 -17.59 8.04 -34.37
N ASN H 165 -16.87 8.86 -33.60
CA ASN H 165 -15.54 8.57 -33.15
C ASN H 165 -15.38 8.34 -31.66
N ASP H 166 -16.41 8.54 -30.87
CA ASP H 166 -16.36 8.34 -29.41
C ASP H 166 -17.39 7.30 -29.06
N LEU H 167 -16.92 6.25 -28.40
CA LEU H 167 -17.82 5.18 -27.98
C LEU H 167 -18.82 5.67 -26.91
N GLY H 168 -18.46 6.73 -26.24
CA GLY H 168 -19.33 7.34 -25.27
C GLY H 168 -20.44 8.22 -25.83
N SER H 169 -20.47 8.44 -27.15
CA SER H 169 -21.42 9.30 -27.79
C SER H 169 -22.19 8.56 -28.81
N GLY H 170 -23.41 9.00 -29.09
CA GLY H 170 -24.21 8.37 -30.12
C GLY H 170 -25.62 8.94 -30.29
N SER H 171 -26.40 8.21 -31.06
CA SER H 171 -27.78 8.44 -31.33
C SER H 171 -27.98 9.79 -32.01
N ASN H 172 -28.90 10.63 -31.52
CA ASN H 172 -29.30 11.84 -32.25
C ASN H 172 -28.43 13.04 -31.98
N ILE H 173 -28.57 14.01 -32.86
CA ILE H 173 -28.08 15.39 -32.66
C ILE H 173 -29.24 16.32 -32.31
N ASP H 174 -29.20 16.91 -31.10
CA ASP H 174 -30.10 18.01 -30.70
C ASP H 174 -29.38 19.34 -30.89
N LEU H 175 -30.10 20.36 -31.38
CA LEU H 175 -29.56 21.74 -31.34
C LEU H 175 -30.47 22.72 -30.57
N CYS H 176 -29.88 23.81 -30.10
CA CYS H 176 -30.62 24.95 -29.59
C CYS H 176 -30.03 26.24 -30.17
N VAL H 177 -30.87 26.98 -30.89
CA VAL H 177 -30.51 28.25 -31.54
C VAL H 177 -31.18 29.42 -30.78
N ILE H 178 -30.35 30.30 -30.26
CA ILE H 178 -30.73 31.43 -29.46
C ILE H 178 -30.28 32.71 -30.14
N SER H 179 -31.23 33.56 -30.51
CA SER H 179 -30.96 34.96 -30.97
C SER H 179 -31.76 35.99 -30.16
N LYS H 180 -31.56 37.29 -30.47
CA LYS H 180 -32.42 38.37 -29.90
C LYS H 180 -33.92 38.11 -30.17
N ASN H 181 -34.21 37.65 -31.37
CA ASN H 181 -35.57 37.51 -31.83
C ASN H 181 -36.26 36.17 -31.54
N LYS H 182 -35.52 35.11 -31.23
CA LYS H 182 -36.05 33.74 -31.39
C LYS H 182 -35.30 32.68 -30.54
N LEU H 183 -36.02 31.60 -30.22
CA LEU H 183 -35.44 30.41 -29.64
C LEU H 183 -35.98 29.17 -30.35
N ASP H 184 -35.09 28.47 -31.04
CA ASP H 184 -35.39 27.19 -31.71
C ASP H 184 -34.74 26.06 -30.99
N PHE H 185 -35.59 25.26 -30.35
CA PHE H 185 -35.16 24.09 -29.61
C PHE H 185 -35.41 22.91 -30.51
N LEU H 186 -34.34 22.42 -31.15
CA LEU H 186 -34.45 21.47 -32.25
C LEU H 186 -34.04 20.07 -31.71
N ARG H 187 -35.05 19.30 -31.28
CA ARG H 187 -34.86 17.99 -30.68
CA ARG H 187 -34.86 17.99 -30.68
C ARG H 187 -35.87 17.00 -31.27
N PRO H 188 -35.43 16.06 -32.12
CA PRO H 188 -34.05 15.91 -32.65
C PRO H 188 -33.79 16.90 -33.78
N TYR H 189 -32.55 17.31 -33.97
CA TYR H 189 -32.14 18.06 -35.17
C TYR H 189 -31.89 17.13 -36.35
N THR H 190 -31.04 16.12 -36.13
CA THR H 190 -30.74 15.04 -37.13
C THR H 190 -30.81 13.69 -36.40
N VAL H 191 -31.13 12.66 -37.15
CA VAL H 191 -31.17 11.29 -36.66
C VAL H 191 -30.24 10.50 -37.61
N PRO H 192 -28.89 10.56 -37.38
CA PRO H 192 -27.91 9.86 -38.20
C PRO H 192 -27.79 8.36 -37.89
N ASN H 193 -28.41 7.87 -36.83
CA ASN H 193 -28.41 6.46 -36.48
C ASN H 193 -29.81 5.90 -36.26
N LYS H 194 -29.98 4.66 -36.67
CA LYS H 194 -31.26 3.97 -36.73
C LYS H 194 -30.97 2.49 -36.37
N LYS H 195 -31.86 1.86 -35.60
CA LYS H 195 -31.78 0.45 -35.33
C LYS H 195 -32.02 -0.26 -36.65
N GLY H 196 -31.29 -1.34 -36.91
CA GLY H 196 -31.56 -2.17 -38.09
C GLY H 196 -32.89 -2.86 -37.94
N THR H 197 -33.33 -3.51 -39.00
CA THR H 197 -34.57 -4.30 -38.94
C THR H 197 -34.56 -5.61 -38.12
N ARG H 198 -35.74 -5.96 -37.61
CA ARG H 198 -36.02 -7.26 -37.07
C ARG H 198 -36.38 -8.18 -38.25
N LEU H 199 -35.61 -9.24 -38.43
CA LEU H 199 -35.85 -10.22 -39.52
C LEU H 199 -36.92 -11.27 -39.21
N GLY H 200 -36.95 -11.79 -37.98
CA GLY H 200 -37.99 -12.79 -37.54
C GLY H 200 -39.06 -12.19 -36.61
N ARG H 201 -40.11 -12.94 -36.27
CA ARG H 201 -41.19 -12.47 -35.34
C ARG H 201 -41.26 -13.36 -34.09
N TYR H 202 -41.03 -12.76 -32.92
CA TYR H 202 -40.98 -13.48 -31.62
C TYR H 202 -42.21 -13.23 -30.69
N ARG H 203 -43.36 -13.10 -31.33
CA ARG H 203 -44.65 -12.88 -30.70
C ARG H 203 -45.18 -14.22 -30.15
N CYS H 204 -45.02 -14.39 -28.84
CA CYS H 204 -45.54 -15.62 -28.21
C CYS H 204 -47.06 -15.52 -27.96
N GLU H 205 -47.76 -16.55 -28.44
CA GLU H 205 -49.18 -16.73 -28.26
C GLU H 205 -49.56 -17.09 -26.83
N LYS H 206 -50.80 -16.76 -26.45
CA LYS H 206 -51.29 -16.99 -25.09
C LYS H 206 -51.10 -18.48 -24.74
N GLY H 207 -50.53 -18.75 -23.56
CA GLY H 207 -50.30 -20.12 -23.09
C GLY H 207 -48.87 -20.65 -23.22
N THR H 208 -48.03 -19.94 -24.00
CA THR H 208 -46.60 -20.26 -24.17
C THR H 208 -45.84 -20.22 -22.84
N THR H 209 -46.12 -19.21 -22.01
CA THR H 209 -45.58 -19.08 -20.66
C THR H 209 -46.45 -19.86 -19.68
N ALA H 210 -45.88 -20.82 -18.99
CA ALA H 210 -46.56 -21.54 -17.92
C ALA H 210 -46.73 -20.61 -16.68
N VAL H 211 -47.92 -20.63 -16.12
CA VAL H 211 -48.26 -19.83 -14.98
C VAL H 211 -48.51 -20.76 -13.79
N LEU H 212 -47.97 -20.41 -12.63
CA LEU H 212 -48.26 -21.10 -11.37
C LEU H 212 -49.47 -20.54 -10.58
N THR H 213 -49.55 -19.22 -10.48
CA THR H 213 -50.55 -18.54 -9.63
C THR H 213 -51.05 -17.35 -10.39
N GLU H 214 -52.33 -17.05 -10.21
CA GLU H 214 -52.99 -15.91 -10.85
C GLU H 214 -53.97 -15.24 -9.86
N LYS H 215 -54.04 -13.91 -9.94
CA LYS H 215 -55.02 -13.13 -9.19
C LYS H 215 -55.42 -11.90 -10.01
N ILE H 216 -56.71 -11.78 -10.28
CA ILE H 216 -57.32 -10.60 -10.87
C ILE H 216 -57.85 -9.75 -9.72
N THR H 217 -57.41 -8.50 -9.69
CA THR H 217 -57.94 -7.50 -8.79
C THR H 217 -58.63 -6.44 -9.66
N PRO H 218 -59.99 -6.41 -9.62
CA PRO H 218 -60.70 -5.35 -10.39
C PRO H 218 -60.59 -3.96 -9.74
N LEU H 219 -60.58 -2.92 -10.57
CA LEU H 219 -60.51 -1.49 -10.15
C LEU H 219 -61.74 -0.64 -10.66
N GLU H 220 -61.68 0.70 -10.52
CA GLU H 220 -62.75 1.64 -11.01
C GLU H 220 -62.63 2.18 -12.43
N SER I 2 -18.94 -6.40 -5.89
CA SER I 2 -19.84 -5.23 -6.13
C SER I 2 -21.04 -5.19 -5.18
N ILE I 3 -21.38 -3.99 -4.68
CA ILE I 3 -22.45 -3.83 -3.71
C ILE I 3 -23.78 -4.27 -4.31
N MET I 4 -23.98 -4.05 -5.61
CA MET I 4 -25.23 -4.32 -6.30
C MET I 4 -25.39 -5.75 -6.62
N SER I 5 -24.33 -6.51 -6.62
CA SER I 5 -24.53 -7.92 -6.79
C SER I 5 -24.64 -8.72 -5.48
N TYR I 6 -24.55 -8.07 -4.34
CA TYR I 6 -24.49 -8.83 -3.06
C TYR I 6 -25.81 -9.65 -2.82
N ASN I 7 -26.95 -9.05 -3.13
CA ASN I 7 -28.23 -9.70 -3.02
C ASN I 7 -28.78 -10.17 -4.35
N GLY I 8 -28.27 -9.60 -5.41
CA GLY I 8 -28.71 -9.97 -6.75
C GLY I 8 -30.09 -9.38 -7.00
N GLY I 9 -30.69 -9.74 -8.14
CA GLY I 9 -32.05 -9.36 -8.44
C GLY I 9 -32.23 -8.60 -9.74
N ALA I 10 -33.46 -8.58 -10.21
CA ALA I 10 -33.76 -8.04 -11.51
C ALA I 10 -35.18 -7.54 -11.53
N VAL I 11 -35.40 -6.40 -12.15
CA VAL I 11 -36.73 -5.94 -12.43
C VAL I 11 -36.82 -5.37 -13.84
N MET I 12 -38.01 -5.41 -14.45
CA MET I 12 -38.20 -4.70 -15.67
C MET I 12 -39.62 -4.26 -15.85
N ALA I 13 -39.82 -3.28 -16.68
CA ALA I 13 -41.13 -2.79 -17.00
C ALA I 13 -41.26 -2.63 -18.45
N MET I 14 -42.48 -2.72 -18.93
CA MET I 14 -42.73 -2.71 -20.33
CA MET I 14 -42.72 -2.71 -20.34
C MET I 14 -44.08 -2.09 -20.67
N LYS I 15 -44.08 -1.29 -21.73
CA LYS I 15 -45.23 -0.58 -22.22
C LYS I 15 -46.00 -1.31 -23.33
N GLY I 16 -47.33 -1.32 -23.22
CA GLY I 16 -48.23 -1.78 -24.25
C GLY I 16 -49.26 -0.73 -24.61
N LYS I 17 -50.27 -1.14 -25.35
N LYS I 17 -50.30 -1.22 -25.30
CA LYS I 17 -51.20 -0.14 -25.90
CA LYS I 17 -51.51 -0.47 -25.66
C LYS I 17 -51.79 0.95 -24.92
C LYS I 17 -52.50 -0.56 -24.54
N ASN I 18 -52.62 0.59 -23.94
CA ASN I 18 -53.35 1.10 -22.78
C ASN I 18 -53.13 0.21 -21.55
N CYS I 19 -51.87 -0.13 -21.32
CA CYS I 19 -51.47 -1.11 -20.31
C CYS I 19 -49.97 -1.08 -20.14
N VAL I 20 -49.49 -1.46 -18.96
CA VAL I 20 -48.09 -1.60 -18.67
C VAL I 20 -47.90 -2.85 -17.85
N ALA I 21 -46.65 -3.33 -17.82
CA ALA I 21 -46.27 -4.52 -17.10
C ALA I 21 -45.00 -4.26 -16.35
N ILE I 22 -44.87 -4.89 -15.20
CA ILE I 22 -43.70 -4.80 -14.39
C ILE I 22 -43.51 -6.20 -13.80
N ALA I 23 -42.25 -6.63 -13.73
CA ALA I 23 -41.88 -7.99 -13.36
C ALA I 23 -40.60 -7.98 -12.54
N ALA I 24 -40.44 -8.99 -11.70
CA ALA I 24 -39.26 -9.09 -10.87
C ALA I 24 -38.98 -10.53 -10.55
N ASP I 25 -37.72 -10.86 -10.34
CA ASP I 25 -37.35 -12.13 -9.80
C ASP I 25 -37.73 -12.15 -8.33
N ARG I 26 -37.69 -13.33 -7.70
CA ARG I 26 -38.20 -13.52 -6.33
CA ARG I 26 -38.20 -13.52 -6.33
C ARG I 26 -37.14 -13.94 -5.31
N ARG I 27 -35.90 -14.16 -5.76
CA ARG I 27 -34.81 -14.54 -4.87
C ARG I 27 -34.39 -13.44 -3.90
N PHE I 28 -34.21 -13.80 -2.64
CA PHE I 28 -33.44 -13.04 -1.71
C PHE I 28 -32.31 -13.96 -1.30
N GLY I 29 -31.10 -13.52 -1.58
CA GLY I 29 -29.92 -14.27 -1.26
C GLY I 29 -28.82 -13.35 -0.82
N ILE I 30 -27.86 -13.95 -0.13
CA ILE I 30 -26.69 -13.28 0.36
C ILE I 30 -25.47 -13.99 -0.29
N GLN I 31 -24.87 -13.26 -1.24
CA GLN I 31 -23.82 -13.77 -2.11
C GLN I 31 -24.26 -15.07 -2.75
N ALA I 32 -23.58 -16.19 -2.58
CA ALA I 32 -24.03 -17.41 -3.24
C ALA I 32 -25.32 -18.00 -2.64
N GLN I 33 -25.60 -17.75 -1.36
CA GLN I 33 -26.67 -18.41 -0.62
C GLN I 33 -28.07 -17.84 -0.80
N MET I 34 -28.97 -18.66 -1.34
CA MET I 34 -30.41 -18.33 -1.35
C MET I 34 -30.88 -18.41 0.11
N VAL I 35 -31.61 -17.40 0.54
CA VAL I 35 -32.22 -17.35 1.90
C VAL I 35 -33.74 -17.56 1.80
N THR I 36 -34.36 -16.96 0.81
CA THR I 36 -35.77 -17.03 0.62
C THR I 36 -36.12 -16.95 -0.87
N THR I 37 -37.29 -17.43 -1.26
CA THR I 37 -37.74 -17.40 -2.65
C THR I 37 -39.08 -16.67 -2.89
N ASP I 38 -39.48 -15.80 -1.96
CA ASP I 38 -40.72 -15.00 -2.12
C ASP I 38 -40.50 -13.56 -1.66
N PHE I 39 -39.36 -13.00 -2.01
CA PHE I 39 -38.97 -11.69 -1.52
C PHE I 39 -39.59 -10.63 -2.43
N GLN I 40 -40.23 -9.67 -1.82
CA GLN I 40 -40.96 -8.68 -2.55
C GLN I 40 -40.06 -7.49 -2.98
N LYS I 41 -40.16 -7.14 -4.25
CA LYS I 41 -39.41 -6.07 -4.86
C LYS I 41 -40.26 -5.07 -5.60
N ILE I 42 -41.52 -5.40 -5.87
CA ILE I 42 -42.47 -4.52 -6.54
C ILE I 42 -43.52 -4.12 -5.51
N PHE I 43 -43.70 -2.81 -5.37
CA PHE I 43 -44.57 -2.17 -4.33
C PHE I 43 -45.55 -1.25 -4.99
N PRO I 44 -46.86 -1.42 -4.68
CA PRO I 44 -47.89 -0.52 -5.22
C PRO I 44 -47.74 0.86 -4.63
N MET I 45 -47.89 1.87 -5.48
CA MET I 45 -47.81 3.26 -5.06
C MET I 45 -49.11 3.98 -5.47
N GLY I 46 -50.20 3.25 -5.50
CA GLY I 46 -51.32 3.68 -6.29
C GLY I 46 -52.05 2.50 -6.85
N ASP I 47 -53.28 2.78 -7.24
CA ASP I 47 -54.11 1.72 -7.79
C ASP I 47 -53.51 1.17 -9.11
N ARG I 48 -52.96 2.08 -9.92
CA ARG I 48 -52.44 1.77 -11.25
C ARG I 48 -50.97 2.16 -11.42
N LEU I 49 -50.21 2.08 -10.34
CA LEU I 49 -48.86 2.63 -10.33
C LEU I 49 -47.98 1.89 -9.32
N TYR I 50 -46.90 1.32 -9.83
CA TYR I 50 -46.05 0.42 -9.08
C TYR I 50 -44.59 0.85 -9.30
N ILE I 51 -43.77 0.56 -8.29
CA ILE I 51 -42.35 0.77 -8.32
C ILE I 51 -41.68 -0.54 -7.99
N GLY I 52 -40.72 -0.92 -8.84
CA GLY I 52 -39.93 -2.10 -8.65
C GLY I 52 -38.55 -1.65 -8.34
N LEU I 53 -37.95 -2.25 -7.32
CA LEU I 53 -36.61 -1.89 -6.93
C LEU I 53 -35.65 -3.08 -6.91
N ALA I 54 -34.54 -2.96 -7.63
CA ALA I 54 -33.43 -3.94 -7.54
C ALA I 54 -32.23 -3.27 -6.91
N GLY I 55 -31.34 -4.06 -6.38
CA GLY I 55 -30.22 -3.58 -5.67
C GLY I 55 -30.11 -4.24 -4.30
N LEU I 56 -29.46 -3.52 -3.40
CA LEU I 56 -29.22 -4.02 -2.06
C LEU I 56 -30.55 -4.08 -1.30
N ALA I 57 -30.84 -5.26 -0.75
CA ALA I 57 -32.20 -5.60 -0.30
C ALA I 57 -32.62 -4.65 0.84
N THR I 58 -31.73 -4.38 1.78
CA THR I 58 -32.03 -3.43 2.86
C THR I 58 -32.51 -2.09 2.33
N ASP I 59 -31.90 -1.58 1.24
CA ASP I 59 -32.23 -0.31 0.62
C ASP I 59 -33.44 -0.40 -0.27
N VAL I 60 -33.68 -1.56 -0.84
CA VAL I 60 -34.96 -1.82 -1.54
C VAL I 60 -36.12 -1.54 -0.57
N GLN I 61 -36.01 -2.10 0.61
CA GLN I 61 -37.05 -1.98 1.62
C GLN I 61 -37.12 -0.54 2.21
N THR I 62 -35.98 0.05 2.55
CA THR I 62 -35.93 1.39 3.05
C THR I 62 -36.44 2.47 2.07
N VAL I 63 -36.05 2.37 0.82
CA VAL I 63 -36.52 3.29 -0.16
C VAL I 63 -38.02 3.16 -0.36
N ALA I 64 -38.54 1.93 -0.48
CA ALA I 64 -39.99 1.70 -0.63
C ALA I 64 -40.76 2.31 0.54
N GLN I 65 -40.32 2.06 1.76
CA GLN I 65 -40.98 2.59 2.97
C GLN I 65 -40.90 4.12 3.06
N ARG I 66 -39.74 4.69 2.74
CA ARG I 66 -39.54 6.14 2.90
C ARG I 66 -40.33 6.88 1.82
N LEU I 67 -40.41 6.25 0.67
CA LEU I 67 -41.16 6.78 -0.44
C LEU I 67 -42.66 6.82 -0.16
N LYS I 68 -43.15 5.74 0.41
CA LYS I 68 -44.55 5.60 0.77
C LYS I 68 -44.99 6.64 1.80
N PHE I 69 -44.16 6.84 2.80
CA PHE I 69 -44.30 7.93 3.76
C PHE I 69 -44.55 9.22 3.04
N ARG I 70 -43.72 9.51 2.08
CA ARG I 70 -43.79 10.76 1.32
C ARG I 70 -45.02 10.80 0.44
N LEU I 71 -45.33 9.71 -0.22
CA LEU I 71 -46.49 9.65 -1.08
C LEU I 71 -47.80 9.78 -0.27
N ASN I 72 -47.86 9.14 0.89
CA ASN I 72 -49.05 9.16 1.70
C ASN I 72 -49.34 10.59 2.14
N LEU I 73 -48.30 11.33 2.54
CA LEU I 73 -48.47 12.75 2.87
C LEU I 73 -48.90 13.59 1.70
N TYR I 74 -48.28 13.33 0.56
CA TYR I 74 -48.65 14.01 -0.66
C TYR I 74 -50.13 13.86 -0.99
N GLU I 75 -50.62 12.62 -0.96
CA GLU I 75 -52.02 12.37 -1.34
C GLU I 75 -53.02 12.99 -0.34
N LEU I 76 -52.73 12.90 0.96
CA LEU I 76 -53.57 13.54 1.98
C LEU I 76 -53.71 15.06 1.80
N LYS I 77 -52.61 15.68 1.44
CA LYS I 77 -52.45 17.14 1.41
C LYS I 77 -52.90 17.70 0.10
N GLU I 78 -52.65 16.99 -0.97
CA GLU I 78 -53.15 17.37 -2.28
C GLU I 78 -54.58 16.82 -2.41
N GLY I 79 -55.23 17.19 -3.48
CA GLY I 79 -56.53 16.58 -3.67
C GLY I 79 -56.63 15.09 -3.98
N ARG I 80 -55.53 14.36 -4.13
CA ARG I 80 -55.45 13.42 -5.26
C ARG I 80 -54.37 12.37 -5.29
N GLN I 81 -54.52 11.45 -6.22
CA GLN I 81 -53.55 10.36 -6.43
C GLN I 81 -52.39 10.90 -7.26
N ILE I 82 -51.18 10.49 -6.91
CA ILE I 82 -50.00 10.96 -7.66
C ILE I 82 -50.03 10.51 -9.12
N LYS I 83 -49.61 11.41 -10.00
CA LYS I 83 -49.31 11.12 -11.38
C LYS I 83 -47.95 10.35 -11.51
N PRO I 84 -47.85 9.45 -12.50
CA PRO I 84 -46.60 8.68 -12.72
C PRO I 84 -45.28 9.50 -12.81
N TYR I 85 -45.29 10.48 -13.71
CA TYR I 85 -44.23 11.44 -13.86
C TYR I 85 -43.83 12.16 -12.55
N THR I 86 -44.84 12.49 -11.74
CA THR I 86 -44.63 13.13 -10.46
C THR I 86 -43.99 12.18 -9.42
N LEU I 87 -44.39 10.90 -9.44
CA LEU I 87 -43.76 9.91 -8.58
C LEU I 87 -42.27 9.76 -8.95
N MET I 88 -41.99 9.70 -10.25
CA MET I 88 -40.62 9.73 -10.70
C MET I 88 -39.79 10.88 -10.07
N SER I 89 -40.30 12.10 -10.11
CA SER I 89 -39.58 13.27 -9.57
C SER I 89 -39.40 13.16 -8.10
N MET I 90 -40.42 12.64 -7.43
CA MET I 90 -40.37 12.42 -5.99
C MET I 90 -39.29 11.41 -5.66
N VAL I 91 -39.18 10.35 -6.45
CA VAL I 91 -38.14 9.35 -6.21
C VAL I 91 -36.77 9.94 -6.50
N ALA I 92 -36.65 10.67 -7.61
CA ALA I 92 -35.38 11.34 -7.96
C ALA I 92 -34.84 12.18 -6.81
N ASN I 93 -35.76 12.93 -6.23
CA ASN I 93 -35.48 13.84 -5.17
C ASN I 93 -35.01 13.13 -3.92
N LEU I 94 -35.70 12.03 -3.54
CA LEU I 94 -35.30 11.23 -2.41
C LEU I 94 -33.92 10.60 -2.59
N LEU I 95 -33.65 10.06 -3.76
CA LEU I 95 -32.32 9.47 -4.03
C LEU I 95 -31.20 10.50 -4.11
N TYR I 96 -31.43 11.63 -4.75
CA TYR I 96 -30.38 12.66 -4.82
C TYR I 96 -30.08 13.34 -3.49
N GLU I 97 -31.00 13.36 -2.52
CA GLU I 97 -30.66 13.80 -1.15
C GLU I 97 -29.53 13.03 -0.58
N LYS I 98 -29.40 11.77 -1.00
CA LYS I 98 -28.28 10.91 -0.59
C LYS I 98 -27.14 10.84 -1.57
N ARG I 99 -26.94 11.90 -2.34
CA ARG I 99 -25.98 11.95 -3.41
C ARG I 99 -24.60 11.47 -3.00
N PHE I 100 -24.15 11.87 -1.82
CA PHE I 100 -22.86 11.46 -1.32
C PHE I 100 -22.81 10.26 -0.37
N GLY I 101 -23.89 9.50 -0.26
CA GLY I 101 -23.91 8.23 0.48
C GLY I 101 -25.20 7.55 0.07
N PRO I 102 -25.25 7.12 -1.18
CA PRO I 102 -26.52 6.74 -1.77
C PRO I 102 -27.14 5.44 -1.26
N TYR I 103 -28.43 5.33 -1.49
CA TYR I 103 -29.11 4.08 -1.39
C TYR I 103 -28.65 3.29 -2.63
N TYR I 104 -28.39 1.99 -2.44
CA TYR I 104 -27.95 1.12 -3.55
C TYR I 104 -29.12 0.44 -4.17
N THR I 105 -29.93 1.23 -4.84
CA THR I 105 -31.09 0.70 -5.51
C THR I 105 -31.39 1.51 -6.73
N GLU I 106 -31.82 0.87 -7.78
CA GLU I 106 -32.07 1.49 -9.07
C GLU I 106 -33.52 1.14 -9.53
N PRO I 107 -34.49 1.97 -9.16
CA PRO I 107 -35.89 1.62 -9.37
C PRO I 107 -36.40 1.68 -10.80
N VAL I 108 -37.48 0.94 -11.06
CA VAL I 108 -38.29 1.18 -12.24
C VAL I 108 -39.70 1.48 -11.77
N ILE I 109 -40.39 2.32 -12.52
CA ILE I 109 -41.73 2.70 -12.23
C ILE I 109 -42.59 2.37 -13.42
N ALA I 110 -43.73 1.75 -13.18
CA ALA I 110 -44.71 1.46 -14.25
C ALA I 110 -46.09 1.83 -13.78
N GLY I 111 -46.81 2.57 -14.60
CA GLY I 111 -48.16 2.89 -14.26
C GLY I 111 -48.95 3.50 -15.39
N LEU I 112 -50.19 3.82 -15.06
CA LEU I 112 -51.10 4.50 -15.95
C LEU I 112 -51.49 5.81 -15.28
N ASP I 113 -51.63 6.87 -16.07
CA ASP I 113 -52.12 8.15 -15.51
C ASP I 113 -53.50 7.94 -14.82
N PRO I 114 -53.65 8.40 -13.55
CA PRO I 114 -54.96 8.17 -12.85
C PRO I 114 -56.19 8.84 -13.45
N LYS I 115 -55.98 9.79 -14.38
CA LYS I 115 -57.10 10.39 -15.13
C LYS I 115 -57.13 9.98 -16.62
N THR I 116 -56.03 10.12 -17.35
CA THR I 116 -55.96 9.74 -18.80
C THR I 116 -55.79 8.24 -19.11
N PHE I 117 -55.27 7.50 -18.13
CA PHE I 117 -54.95 6.08 -18.28
C PHE I 117 -53.84 5.79 -19.32
N LYS I 118 -53.03 6.80 -19.62
CA LYS I 118 -51.96 6.69 -20.60
C LYS I 118 -50.85 5.92 -19.89
N PRO I 119 -50.17 5.03 -20.61
CA PRO I 119 -49.11 4.21 -19.99
C PRO I 119 -47.85 5.02 -19.74
N PHE I 120 -47.14 4.72 -18.64
CA PHE I 120 -45.90 5.38 -18.28
C PHE I 120 -44.89 4.38 -17.76
N ILE I 121 -43.65 4.46 -18.23
CA ILE I 121 -42.55 3.73 -17.60
C ILE I 121 -41.30 4.58 -17.50
N CYS I 122 -40.53 4.33 -16.46
CA CYS I 122 -39.23 4.92 -16.31
C CYS I 122 -38.33 4.09 -15.40
N SER I 123 -37.06 4.45 -15.36
CA SER I 123 -36.13 3.94 -14.38
C SER I 123 -35.26 5.07 -13.87
N LEU I 124 -34.61 4.87 -12.75
CA LEU I 124 -33.68 5.84 -12.24
C LEU I 124 -32.41 5.15 -11.81
N ASP I 125 -31.28 5.84 -11.91
CA ASP I 125 -30.05 5.34 -11.30
C ASP I 125 -30.05 5.66 -9.78
N LEU I 126 -29.01 5.22 -9.07
CA LEU I 126 -29.02 5.22 -7.65
C LEU I 126 -28.92 6.61 -7.02
N ILE I 127 -28.54 7.64 -7.78
CA ILE I 127 -28.55 8.99 -7.29
C ILE I 127 -29.69 9.82 -7.89
N GLY I 128 -30.63 9.18 -8.58
CA GLY I 128 -31.83 9.79 -9.01
C GLY I 128 -31.90 10.42 -10.38
N CYS I 129 -31.02 10.03 -11.28
CA CYS I 129 -31.18 10.46 -12.65
C CYS I 129 -32.31 9.70 -13.30
N PRO I 130 -33.31 10.39 -13.84
CA PRO I 130 -34.43 9.63 -14.47
C PRO I 130 -34.27 9.38 -15.96
N MET I 131 -34.74 8.23 -16.42
CA MET I 131 -34.89 7.92 -17.81
C MET I 131 -36.32 7.46 -18.11
N VAL I 132 -37.05 8.20 -18.94
CA VAL I 132 -38.34 7.79 -19.44
C VAL I 132 -38.14 7.18 -20.82
N THR I 133 -38.83 6.07 -21.13
CA THR I 133 -38.90 5.52 -22.50
C THR I 133 -40.33 5.13 -22.90
N ASP I 134 -40.53 4.88 -24.19
CA ASP I 134 -41.79 4.38 -24.73
C ASP I 134 -41.85 2.88 -24.96
N ASP I 135 -40.86 2.11 -24.46
CA ASP I 135 -40.78 0.66 -24.75
C ASP I 135 -40.57 -0.22 -23.53
N PHE I 136 -39.41 -0.13 -22.92
CA PHE I 136 -39.08 -0.93 -21.77
C PHE I 136 -37.94 -0.31 -21.00
N VAL I 137 -37.81 -0.77 -19.77
CA VAL I 137 -36.70 -0.39 -18.92
C VAL I 137 -36.33 -1.62 -18.11
N VAL I 138 -35.08 -1.69 -17.71
CA VAL I 138 -34.59 -2.79 -16.91
C VAL I 138 -33.62 -2.33 -15.82
N SER I 139 -33.45 -3.13 -14.78
CA SER I 139 -32.55 -2.80 -13.69
C SER I 139 -32.21 -4.06 -12.93
N GLY I 140 -30.93 -4.31 -12.72
CA GLY I 140 -30.50 -5.43 -11.94
C GLY I 140 -29.20 -6.03 -12.38
N THR I 141 -28.84 -7.16 -11.78
CA THR I 141 -27.57 -7.80 -12.08
C THR I 141 -27.47 -8.42 -13.47
N CYS I 142 -28.58 -8.66 -14.14
CA CYS I 142 -28.59 -9.23 -15.48
C CYS I 142 -29.15 -8.23 -16.48
N ALA I 143 -28.81 -6.98 -16.34
CA ALA I 143 -29.24 -5.96 -17.27
C ALA I 143 -28.88 -6.21 -18.73
N GLU I 144 -27.68 -6.72 -18.99
CA GLU I 144 -27.30 -7.02 -20.37
C GLU I 144 -28.18 -8.14 -21.00
N GLN I 145 -28.38 -9.18 -20.22
CA GLN I 145 -29.30 -10.25 -20.58
C GLN I 145 -30.72 -9.74 -20.83
N MET I 146 -31.21 -8.86 -19.93
CA MET I 146 -32.50 -8.29 -20.08
C MET I 146 -32.57 -7.37 -21.31
N TYR I 147 -31.56 -6.54 -21.58
CA TYR I 147 -31.56 -5.77 -22.82
C TYR I 147 -31.62 -6.64 -24.06
N GLY I 148 -30.89 -7.77 -24.09
CA GLY I 148 -30.87 -8.60 -25.25
C GLY I 148 -32.26 -9.12 -25.55
N MET I 149 -32.94 -9.64 -24.52
CA MET I 149 -34.30 -10.16 -24.70
C MET I 149 -35.30 -9.06 -25.14
N CYS I 150 -35.36 -7.98 -24.39
CA CYS I 150 -36.27 -6.84 -24.71
C CYS I 150 -36.05 -6.22 -26.07
N GLU I 151 -34.81 -6.05 -26.43
CA GLU I 151 -34.46 -5.41 -27.68
C GLU I 151 -34.86 -6.28 -28.87
N SER I 152 -34.92 -7.60 -28.68
CA SER I 152 -35.33 -8.53 -29.71
C SER I 152 -36.81 -8.88 -29.70
N LEU I 153 -37.44 -8.91 -28.53
CA LEU I 153 -38.85 -9.26 -28.44
C LEU I 153 -39.85 -8.11 -28.47
N TRP I 154 -39.51 -6.95 -27.96
CA TRP I 154 -40.52 -5.93 -27.74
C TRP I 154 -41.04 -5.39 -29.08
N GLU I 155 -42.35 -5.37 -29.25
CA GLU I 155 -42.97 -4.67 -30.36
C GLU I 155 -43.97 -3.61 -29.82
N PRO I 156 -44.33 -2.60 -30.65
CA PRO I 156 -45.34 -1.60 -30.20
C PRO I 156 -46.79 -2.07 -30.09
N ASN I 157 -47.53 -1.36 -29.28
CA ASN I 157 -48.99 -1.48 -29.22
C ASN I 157 -49.50 -2.89 -28.89
N MET I 158 -48.81 -3.54 -27.97
CA MET I 158 -49.16 -4.86 -27.57
C MET I 158 -50.36 -4.88 -26.63
N ASP I 159 -51.30 -5.81 -26.86
CA ASP I 159 -52.45 -5.98 -25.99
C ASP I 159 -52.00 -6.71 -24.72
N PRO I 160 -52.80 -6.65 -23.63
CA PRO I 160 -52.45 -7.26 -22.34
C PRO I 160 -51.91 -8.70 -22.40
N ASP I 161 -52.51 -9.55 -23.24
CA ASP I 161 -52.06 -10.96 -23.40
C ASP I 161 -50.64 -11.08 -23.99
N HIS I 162 -50.38 -10.35 -25.08
CA HIS I 162 -49.09 -10.36 -25.75
C HIS I 162 -48.03 -9.66 -24.88
N LEU I 163 -48.40 -8.57 -24.22
CA LEU I 163 -47.51 -7.95 -23.26
C LEU I 163 -47.08 -8.91 -22.18
N PHE I 164 -48.04 -9.68 -21.65
CA PHE I 164 -47.72 -10.68 -20.62
C PHE I 164 -46.70 -11.73 -21.08
N GLU I 165 -46.92 -12.27 -22.27
CA GLU I 165 -46.03 -13.30 -22.83
C GLU I 165 -44.61 -12.73 -23.08
N THR I 166 -44.53 -11.53 -23.67
CA THR I 166 -43.25 -10.87 -23.91
C THR I 166 -42.44 -10.55 -22.64
N ILE I 167 -43.07 -9.90 -21.68
CA ILE I 167 -42.34 -9.51 -20.48
C ILE I 167 -41.91 -10.79 -19.79
N SER I 168 -42.77 -11.81 -19.78
CA SER I 168 -42.46 -13.05 -19.09
C SER I 168 -41.26 -13.78 -19.72
N GLN I 169 -41.25 -13.82 -21.06
CA GLN I 169 -40.18 -14.49 -21.81
C GLN I 169 -38.87 -13.71 -21.69
N ALA I 170 -38.96 -12.38 -21.71
CA ALA I 170 -37.80 -11.53 -21.48
C ALA I 170 -37.16 -11.77 -20.12
N MET I 171 -37.97 -11.77 -19.06
CA MET I 171 -37.49 -12.06 -17.72
C MET I 171 -36.91 -13.47 -17.56
N LEU I 172 -37.68 -14.49 -17.93
CA LEU I 172 -37.33 -15.86 -17.64
C LEU I 172 -35.99 -16.26 -18.28
N ASN I 173 -35.84 -15.92 -19.55
CA ASN I 173 -34.64 -16.19 -20.32
C ASN I 173 -33.43 -15.32 -19.89
N ALA I 174 -33.65 -14.07 -19.51
CA ALA I 174 -32.62 -13.24 -18.92
C ALA I 174 -32.05 -13.80 -17.63
N VAL I 175 -32.91 -14.10 -16.66
CA VAL I 175 -32.48 -14.51 -15.32
C VAL I 175 -31.86 -15.92 -15.31
N ASP I 176 -32.21 -16.71 -16.32
CA ASP I 176 -31.59 -18.01 -16.50
C ASP I 176 -30.19 -17.97 -17.03
N ARG I 177 -29.71 -16.78 -17.40
CA ARG I 177 -28.29 -16.55 -17.62
C ARG I 177 -27.60 -15.72 -16.51
N ASP I 178 -28.25 -15.59 -15.34
CA ASP I 178 -27.68 -14.88 -14.19
C ASP I 178 -27.73 -15.74 -12.96
N ALA I 179 -26.60 -16.01 -12.36
CA ALA I 179 -26.56 -16.91 -11.21
C ALA I 179 -27.34 -16.39 -10.01
N VAL I 180 -27.35 -15.07 -9.83
CA VAL I 180 -27.88 -14.48 -8.62
C VAL I 180 -29.22 -13.78 -8.79
N SER I 181 -29.89 -14.06 -9.89
CA SER I 181 -31.26 -13.68 -10.08
C SER I 181 -32.10 -14.92 -10.35
N GLY I 182 -33.37 -14.84 -9.98
CA GLY I 182 -34.37 -15.86 -10.38
C GLY I 182 -35.11 -16.37 -9.16
N MET I 183 -35.03 -17.69 -8.98
CA MET I 183 -35.84 -18.46 -8.04
C MET I 183 -37.30 -18.05 -8.11
N GLY I 184 -37.80 -17.82 -9.31
CA GLY I 184 -39.15 -17.43 -9.52
C GLY I 184 -39.22 -16.05 -10.13
N VAL I 185 -40.35 -15.78 -10.78
CA VAL I 185 -40.68 -14.48 -11.35
C VAL I 185 -42.14 -14.10 -11.09
N ILE I 186 -42.37 -12.86 -10.69
CA ILE I 186 -43.73 -12.31 -10.54
C ILE I 186 -43.95 -11.24 -11.61
N VAL I 187 -45.16 -11.19 -12.17
CA VAL I 187 -45.50 -10.20 -13.21
C VAL I 187 -46.85 -9.56 -12.86
N HIS I 188 -46.93 -8.21 -12.94
CA HIS I 188 -48.18 -7.47 -12.74
C HIS I 188 -48.51 -6.86 -14.07
N ILE I 189 -49.67 -7.13 -14.62
CA ILE I 189 -50.15 -6.40 -15.78
C ILE I 189 -51.14 -5.38 -15.26
N ILE I 190 -51.00 -4.13 -15.70
CA ILE I 190 -51.82 -3.03 -15.20
C ILE I 190 -52.64 -2.46 -16.32
N GLU I 191 -53.94 -2.62 -16.21
CA GLU I 191 -54.91 -2.08 -17.14
C GLU I 191 -55.81 -1.01 -16.43
N LYS I 192 -56.60 -0.29 -17.23
CA LYS I 192 -57.56 0.72 -16.75
C LYS I 192 -58.48 0.13 -15.68
N ASP I 193 -59.03 -1.05 -15.95
CA ASP I 193 -60.08 -1.64 -15.10
C ASP I 193 -59.63 -2.74 -14.13
N LYS I 194 -58.39 -3.22 -14.21
CA LYS I 194 -57.89 -4.31 -13.32
C LYS I 194 -56.37 -4.48 -13.30
N ILE I 195 -55.91 -5.10 -12.23
CA ILE I 195 -54.55 -5.55 -12.05
C ILE I 195 -54.59 -7.08 -12.10
N THR I 196 -53.72 -7.65 -12.94
CA THR I 196 -53.49 -9.09 -13.06
C THR I 196 -52.09 -9.43 -12.55
N THR I 197 -52.01 -10.26 -11.51
CA THR I 197 -50.75 -10.68 -10.90
C THR I 197 -50.55 -12.22 -11.08
N ARG I 198 -49.42 -12.59 -11.70
CA ARG I 198 -49.05 -13.99 -11.89
C ARG I 198 -47.64 -14.31 -11.39
N THR I 199 -47.45 -15.52 -10.86
CA THR I 199 -46.14 -16.05 -10.72
C THR I 199 -45.97 -17.09 -11.83
N LEU I 200 -44.74 -17.18 -12.34
CA LEU I 200 -44.42 -18.00 -13.53
C LEU I 200 -43.81 -19.30 -13.11
N LYS I 201 -44.00 -20.31 -13.92
CA LYS I 201 -43.24 -21.52 -13.74
C LYS I 201 -41.81 -21.20 -14.20
N ALA I 202 -40.85 -21.47 -13.34
CA ALA I 202 -39.51 -21.00 -13.53
C ALA I 202 -38.49 -21.92 -12.91
N ARG I 203 -37.29 -21.90 -13.47
CA ARG I 203 -36.15 -22.62 -12.89
C ARG I 203 -35.92 -22.17 -11.43
N MET I 204 -35.62 -23.16 -10.59
CA MET I 204 -35.32 -22.96 -9.18
C MET I 204 -33.89 -23.34 -8.83
N ASP I 205 -32.98 -23.15 -9.79
CA ASP I 205 -31.52 -23.27 -9.54
C ASP I 205 -30.70 -21.94 -9.69
N MET J 1 -18.20 -20.33 16.86
CA MET J 1 -19.11 -19.36 16.19
CA MET J 1 -19.06 -19.28 16.19
C MET J 1 -20.53 -19.70 16.04
N GLU J 2 -21.40 -18.71 15.98
CA GLU J 2 -22.71 -18.85 16.60
C GLU J 2 -23.76 -19.35 15.66
N TYR J 3 -24.57 -20.29 16.12
CA TYR J 3 -25.58 -20.91 15.31
C TYR J 3 -26.96 -20.59 15.89
N LEU J 4 -27.86 -20.18 15.00
CA LEU J 4 -29.25 -19.93 15.28
C LEU J 4 -30.06 -20.68 14.27
N ILE J 5 -31.19 -21.26 14.71
CA ILE J 5 -32.11 -21.92 13.84
C ILE J 5 -33.54 -21.71 14.32
N GLY J 6 -34.43 -21.58 13.35
CA GLY J 6 -35.86 -21.50 13.55
C GLY J 6 -36.64 -22.36 12.56
N ILE J 7 -37.70 -22.99 13.05
CA ILE J 7 -38.62 -23.76 12.27
C ILE J 7 -40.07 -23.37 12.71
N GLN J 8 -40.85 -22.90 11.75
CA GLN J 8 -42.20 -22.49 11.96
C GLN J 8 -43.06 -23.61 11.51
N GLY J 9 -43.88 -24.14 12.42
CA GLY J 9 -45.03 -24.98 12.11
C GLY J 9 -46.40 -24.27 12.08
N PRO J 10 -47.49 -25.04 11.99
CA PRO J 10 -48.83 -24.44 11.76
C PRO J 10 -49.30 -23.48 12.84
N ASP J 11 -48.93 -23.78 14.08
CA ASP J 11 -49.39 -23.04 15.22
C ASP J 11 -48.27 -22.92 16.28
N TYR J 12 -47.03 -22.86 15.85
CA TYR J 12 -45.90 -22.64 16.77
C TYR J 12 -44.67 -22.26 15.97
N VAL J 13 -43.63 -21.84 16.68
CA VAL J 13 -42.31 -21.66 16.11
C VAL J 13 -41.34 -22.25 17.09
N LEU J 14 -40.41 -23.02 16.56
CA LEU J 14 -39.40 -23.70 17.34
C LEU J 14 -38.07 -23.00 16.99
N VAL J 15 -37.26 -22.73 18.00
CA VAL J 15 -35.98 -22.08 17.84
C VAL J 15 -34.92 -22.69 18.72
N ALA J 16 -33.69 -22.58 18.26
CA ALA J 16 -32.57 -23.13 18.97
C ALA J 16 -31.38 -22.33 18.65
N SER J 17 -30.40 -22.40 19.53
CA SER J 17 -29.18 -21.64 19.41
C SER J 17 -28.10 -22.36 20.21
N ASP J 18 -26.86 -22.28 19.77
CA ASP J 18 -25.78 -22.87 20.54
C ASP J 18 -25.49 -22.08 21.83
N ARG J 19 -24.69 -22.68 22.70
CA ARG J 19 -24.48 -22.15 24.03
C ARG J 19 -23.02 -21.88 24.34
N VAL J 20 -22.25 -21.77 23.30
CA VAL J 20 -20.85 -21.43 23.44
C VAL J 20 -20.63 -19.92 23.35
N ALA J 21 -19.79 -19.38 24.23
CA ALA J 21 -19.16 -18.09 24.02
C ALA J 21 -17.70 -18.37 23.86
N ALA J 22 -17.17 -18.08 22.70
CA ALA J 22 -15.78 -18.38 22.46
C ALA J 22 -14.94 -17.15 22.31
N SER J 23 -13.65 -17.32 22.57
CA SER J 23 -12.67 -16.27 22.46
C SER J 23 -11.33 -16.91 22.11
N ASN J 24 -10.82 -16.61 20.91
CA ASN J 24 -9.49 -17.09 20.44
C ASN J 24 -9.62 -18.62 20.25
N ILE J 25 -8.82 -19.43 20.94
CA ILE J 25 -8.93 -20.88 20.83
C ILE J 25 -9.88 -21.56 21.85
N VAL J 26 -10.46 -20.82 22.81
CA VAL J 26 -11.16 -21.45 23.94
C VAL J 26 -12.64 -21.15 23.99
N GLN J 27 -13.42 -22.11 24.47
CA GLN J 27 -14.80 -21.84 24.95
CA GLN J 27 -14.77 -21.84 24.91
C GLN J 27 -14.60 -21.17 26.29
N MET J 28 -15.22 -20.01 26.46
CA MET J 28 -15.23 -19.31 27.76
C MET J 28 -16.48 -19.57 28.57
N LYS J 29 -17.56 -19.95 27.91
CA LYS J 29 -18.80 -20.26 28.54
C LYS J 29 -19.47 -21.35 27.71
N ASP J 30 -19.98 -22.37 28.38
CA ASP J 30 -20.72 -23.48 27.76
C ASP J 30 -22.23 -23.40 27.97
N ASP J 31 -22.69 -22.48 28.83
CA ASP J 31 -24.13 -22.26 29.06
C ASP J 31 -24.63 -20.87 28.60
N HIS J 32 -24.05 -20.33 27.54
CA HIS J 32 -24.48 -19.04 27.01
C HIS J 32 -25.85 -19.12 26.36
N ASP J 33 -26.61 -18.04 26.46
CA ASP J 33 -27.99 -17.98 25.98
C ASP J 33 -28.09 -16.81 24.99
N LYS J 34 -28.51 -17.09 23.76
CA LYS J 34 -28.49 -16.13 22.67
C LYS J 34 -29.88 -15.63 22.36
N MET J 35 -30.81 -15.96 23.23
CA MET J 35 -32.24 -15.62 23.06
C MET J 35 -32.64 -14.49 24.02
N PHE J 36 -33.53 -13.62 23.55
CA PHE J 36 -33.97 -12.46 24.30
C PHE J 36 -35.47 -12.43 24.25
N LYS J 37 -36.11 -12.52 25.42
CA LYS J 37 -37.58 -12.40 25.50
C LYS J 37 -37.95 -10.92 25.30
N MET J 38 -38.68 -10.61 24.22
CA MET J 38 -39.15 -9.25 23.94
C MET J 38 -40.50 -8.99 24.62
N SER J 39 -41.36 -9.99 24.57
CA SER J 39 -42.74 -9.94 25.02
C SER J 39 -43.16 -11.37 25.38
N GLU J 40 -44.45 -11.57 25.67
CA GLU J 40 -44.92 -12.88 26.08
C GLU J 40 -44.82 -13.93 24.98
N LYS J 41 -44.96 -13.48 23.73
CA LYS J 41 -45.00 -14.36 22.57
C LYS J 41 -43.96 -13.95 21.52
N ILE J 42 -42.83 -13.36 21.95
CA ILE J 42 -41.75 -12.93 21.05
C ILE J 42 -40.35 -13.19 21.62
N LEU J 43 -39.54 -13.85 20.79
CA LEU J 43 -38.14 -14.10 21.07
C LEU J 43 -37.30 -13.50 19.94
N LEU J 44 -36.19 -12.88 20.34
CA LEU J 44 -35.24 -12.36 19.43
C LEU J 44 -33.95 -13.14 19.65
N LEU J 45 -33.42 -13.74 18.60
CA LEU J 45 -32.18 -14.52 18.69
C LEU J 45 -31.16 -13.68 17.94
N CYS J 46 -30.02 -13.43 18.59
CA CYS J 46 -29.06 -12.42 18.13
C CYS J 46 -27.62 -12.90 18.22
N VAL J 47 -26.91 -12.82 17.08
CA VAL J 47 -25.50 -13.18 17.02
C VAL J 47 -24.74 -12.10 16.27
N GLY J 48 -23.41 -12.09 16.42
CA GLY J 48 -22.58 -11.17 15.69
C GLY J 48 -21.47 -10.64 16.56
N GLU J 49 -21.13 -9.37 16.39
CA GLU J 49 -19.94 -8.89 17.01
C GLU J 49 -20.13 -8.72 18.51
N ALA J 50 -19.09 -8.98 19.27
CA ALA J 50 -19.11 -8.68 20.67
C ALA J 50 -19.49 -7.22 20.94
N GLY J 51 -20.30 -7.03 21.97
CA GLY J 51 -20.78 -5.73 22.40
C GLY J 51 -22.06 -5.43 21.65
N ASP J 52 -21.96 -5.35 20.31
CA ASP J 52 -23.10 -5.00 19.49
C ASP J 52 -24.30 -5.88 19.77
N THR J 53 -24.08 -7.19 19.98
CA THR J 53 -25.16 -8.13 20.04
C THR J 53 -26.05 -7.80 21.22
N VAL J 54 -25.45 -7.76 22.42
CA VAL J 54 -26.23 -7.50 23.61
C VAL J 54 -26.75 -6.04 23.61
N GLN J 55 -25.92 -5.06 23.27
CA GLN J 55 -26.37 -3.68 23.24
C GLN J 55 -27.56 -3.49 22.32
N PHE J 56 -27.50 -4.09 21.14
CA PHE J 56 -28.62 -3.96 20.22
C PHE J 56 -29.90 -4.65 20.73
N ALA J 57 -29.78 -5.93 21.15
CA ALA J 57 -30.91 -6.76 21.53
C ALA J 57 -31.67 -6.19 22.77
N GLU J 58 -30.90 -5.79 23.77
CA GLU J 58 -31.44 -5.20 24.96
C GLU J 58 -32.12 -3.87 24.72
N TYR J 59 -31.57 -3.08 23.80
CA TYR J 59 -32.21 -1.83 23.40
C TYR J 59 -33.59 -2.06 22.75
N ILE J 60 -33.65 -3.00 21.82
CA ILE J 60 -34.94 -3.40 21.22
C ILE J 60 -35.91 -3.94 22.28
N GLN J 61 -35.37 -4.74 23.21
CA GLN J 61 -36.15 -5.37 24.24
C GLN J 61 -36.83 -4.31 25.15
N LYS J 62 -36.04 -3.41 25.73
CA LYS J 62 -36.60 -2.34 26.55
C LYS J 62 -37.64 -1.49 25.83
N ASN J 63 -37.46 -1.26 24.54
CA ASN J 63 -38.38 -0.45 23.79
C ASN J 63 -39.67 -1.16 23.48
N VAL J 64 -39.60 -2.47 23.20
CA VAL J 64 -40.83 -3.32 23.07
C VAL J 64 -41.61 -3.37 24.42
N GLN J 65 -40.90 -3.56 25.52
CA GLN J 65 -41.46 -3.51 26.83
C GLN J 65 -42.06 -2.14 27.15
N LEU J 66 -41.40 -1.07 26.76
CA LEU J 66 -41.90 0.28 26.98
C LEU J 66 -43.20 0.49 26.19
N TYR J 67 -43.26 -0.05 24.98
CA TYR J 67 -44.48 0.07 24.19
C TYR J 67 -45.70 -0.55 24.95
N LYS J 68 -45.48 -1.75 25.50
CA LYS J 68 -46.48 -2.43 26.33
C LYS J 68 -46.93 -1.57 27.53
N MET J 69 -45.97 -1.06 28.29
CA MET J 69 -46.28 -0.18 29.41
C MET J 69 -47.07 1.05 29.01
N ARG J 70 -46.73 1.64 27.88
CA ARG J 70 -47.44 2.83 27.45
C ARG J 70 -48.85 2.55 27.00
N ASN J 71 -49.00 1.47 26.27
CA ASN J 71 -50.24 1.22 25.55
C ASN J 71 -51.14 0.15 26.14
N GLY J 72 -50.66 -0.61 27.11
CA GLY J 72 -51.43 -1.67 27.72
C GLY J 72 -51.52 -2.99 26.95
N TYR J 73 -51.12 -3.03 25.68
CA TYR J 73 -51.00 -4.30 24.90
C TYR J 73 -49.63 -4.31 24.23
N GLU J 74 -49.28 -5.46 23.62
CA GLU J 74 -47.96 -5.70 23.03
C GLU J 74 -47.91 -5.42 21.52
N LEU J 75 -46.72 -5.19 21.00
CA LEU J 75 -46.56 -5.20 19.56
C LEU J 75 -46.74 -6.61 19.02
N SER J 76 -47.32 -6.73 17.83
CA SER J 76 -47.33 -8.00 17.14
C SER J 76 -45.89 -8.45 16.76
N PRO J 77 -45.65 -9.74 16.48
CA PRO J 77 -44.34 -10.16 15.90
C PRO J 77 -43.90 -9.36 14.67
N THR J 78 -44.81 -9.06 13.77
CA THR J 78 -44.47 -8.40 12.53
C THR J 78 -44.08 -6.93 12.85
N ALA J 79 -44.87 -6.26 13.68
CA ALA J 79 -44.53 -4.95 14.15
C ALA J 79 -43.17 -4.84 14.86
N ALA J 80 -42.86 -5.79 15.73
CA ALA J 80 -41.57 -5.80 16.43
C ALA J 80 -40.43 -6.05 15.41
N ALA J 81 -40.70 -6.84 14.39
CA ALA J 81 -39.66 -7.17 13.41
C ALA J 81 -39.34 -5.93 12.61
N ASN J 82 -40.39 -5.22 12.20
CA ASN J 82 -40.18 -4.05 11.44
C ASN J 82 -39.55 -2.90 12.23
N PHE J 83 -39.94 -2.77 13.50
CA PHE J 83 -39.26 -1.87 14.44
C PHE J 83 -37.76 -2.19 14.58
N THR J 84 -37.43 -3.48 14.68
CA THR J 84 -36.05 -3.94 14.85
C THR J 84 -35.25 -3.52 13.58
N ARG J 85 -35.87 -3.74 12.44
CA ARG J 85 -35.31 -3.42 11.14
C ARG J 85 -35.05 -1.95 10.99
N ARG J 86 -36.04 -1.13 11.37
CA ARG J 86 -35.95 0.30 11.22
C ARG J 86 -34.71 0.76 11.94
N ASN J 87 -34.49 0.24 13.14
CA ASN J 87 -33.40 0.66 13.96
C ASN J 87 -32.07 0.23 13.37
N LEU J 88 -31.98 -1.00 12.91
CA LEU J 88 -30.73 -1.50 12.34
C LEU J 88 -30.38 -0.73 11.11
N ALA J 89 -31.35 -0.55 10.22
CA ALA J 89 -31.14 0.15 8.97
C ALA J 89 -30.77 1.64 9.19
N ASP J 90 -31.42 2.30 10.18
CA ASP J 90 -31.12 3.71 10.49
C ASP J 90 -29.70 3.82 11.00
N 6V1 J 91 -29.19 2.78 11.66
CA 6V1 J 91 -27.82 2.80 12.19
C 6V1 J 91 -26.75 2.48 11.17
O 6V1 J 91 -25.57 2.72 11.41
CB 6V1 J 91 -27.75 1.97 13.49
SG 6V1 J 91 -28.28 3.00 14.89
C1 6V1 J 91 -29.91 2.62 15.48
C2 6V1 J 91 -29.83 1.44 16.43
N3 6V1 J 91 -30.21 1.80 17.71
C4 6V1 J 91 -30.78 3.01 17.69
C5 6V1 J 91 -30.67 3.67 16.32
C6 6V1 J 91 -29.88 1.21 19.02
O7 6V1 J 91 -29.42 0.33 15.97
O8 6V1 J 91 -31.19 3.58 18.68
C3 6V1 J 91 -29.62 -0.26 19.02
N LEU J 92 -27.16 1.98 10.01
CA LEU J 92 -26.25 1.36 9.07
C LEU J 92 -25.26 2.34 8.49
N ARG J 93 -25.72 3.53 8.16
CA ARG J 93 -24.84 4.55 7.64
C ARG J 93 -24.42 5.58 8.67
N SER J 94 -24.66 5.32 9.95
CA SER J 94 -24.32 6.25 11.03
C SER J 94 -22.93 5.94 11.58
N ARG J 95 -22.53 6.71 12.58
CA ARG J 95 -21.34 6.50 13.42
C ARG J 95 -21.49 5.25 14.33
N THR J 96 -22.70 4.72 14.49
CA THR J 96 -22.90 3.58 15.35
C THR J 96 -23.64 2.42 14.69
N PRO J 97 -23.06 1.78 13.64
CA PRO J 97 -23.67 0.61 13.05
C PRO J 97 -23.55 -0.59 14.01
N TYR J 98 -24.52 -1.51 13.97
CA TYR J 98 -24.51 -2.71 14.85
C TYR J 98 -24.29 -3.93 13.96
N HIS J 99 -23.20 -4.65 14.15
N HIS J 99 -23.17 -4.66 14.13
CA HIS J 99 -22.90 -5.82 13.34
CA HIS J 99 -22.90 -5.86 13.30
C HIS J 99 -23.55 -7.06 13.97
C HIS J 99 -23.55 -7.07 13.96
N VAL J 100 -24.83 -7.25 13.64
CA VAL J 100 -25.63 -8.31 14.23
C VAL J 100 -26.50 -9.00 13.20
N ASN J 101 -26.68 -10.31 13.36
CA ASN J 101 -27.65 -11.09 12.57
C ASN J 101 -28.67 -11.65 13.50
N LEU J 102 -29.92 -11.69 13.05
CA LEU J 102 -31.03 -12.02 13.88
C LEU J 102 -32.01 -13.00 13.28
N LEU J 103 -32.69 -13.70 14.21
CA LEU J 103 -34.00 -14.23 13.98
C LEU J 103 -34.96 -13.63 15.00
N LEU J 104 -36.17 -13.37 14.54
CA LEU J 104 -37.27 -13.02 15.39
C LEU J 104 -38.36 -14.08 15.24
N ALA J 105 -38.73 -14.70 16.36
CA ALA J 105 -39.80 -15.68 16.40
C ALA J 105 -40.89 -15.15 17.27
N GLY J 106 -42.12 -15.40 16.82
CA GLY J 106 -43.27 -15.07 17.63
C GLY J 106 -44.58 -15.70 17.20
N TYR J 107 -45.58 -15.53 18.06
CA TYR J 107 -46.93 -16.00 17.85
C TYR J 107 -47.88 -14.82 18.04
N ASP J 108 -48.68 -14.54 17.03
CA ASP J 108 -49.73 -13.52 17.11
C ASP J 108 -51.11 -14.20 17.23
N GLU J 109 -51.94 -13.73 18.17
CA GLU J 109 -53.29 -14.24 18.37
C GLU J 109 -54.10 -14.34 17.09
N HIS J 110 -53.90 -13.42 16.12
CA HIS J 110 -54.69 -13.37 14.88
C HIS J 110 -54.00 -13.88 13.64
N GLU J 111 -52.69 -13.73 13.55
CA GLU J 111 -51.93 -14.12 12.38
C GLU J 111 -51.20 -15.45 12.54
N GLY J 112 -51.09 -15.91 13.78
CA GLY J 112 -50.48 -17.19 14.05
C GLY J 112 -48.96 -17.03 14.10
N PRO J 113 -48.23 -18.12 13.92
CA PRO J 113 -46.79 -18.10 14.18
C PRO J 113 -46.04 -17.39 13.10
N ALA J 114 -44.91 -16.81 13.45
CA ALA J 114 -44.06 -16.13 12.48
C ALA J 114 -42.57 -16.26 12.82
N LEU J 115 -41.78 -16.40 11.75
CA LEU J 115 -40.31 -16.41 11.85
C LEU J 115 -39.76 -15.41 10.84
N TYR J 116 -38.85 -14.57 11.33
CA TYR J 116 -38.28 -13.49 10.55
C TYR J 116 -36.79 -13.62 10.60
N TYR J 117 -36.21 -13.41 9.42
CA TYR J 117 -34.75 -13.41 9.24
C TYR J 117 -34.23 -12.02 8.92
N MET J 118 -33.18 -11.64 9.65
CA MET J 118 -32.53 -10.39 9.40
C MET J 118 -31.00 -10.50 9.38
N ASP J 119 -30.36 -9.88 8.40
CA ASP J 119 -28.92 -9.82 8.39
C ASP J 119 -28.48 -8.43 8.88
N TYR J 120 -27.16 -8.24 9.04
CA TYR J 120 -26.60 -7.04 9.55
C TYR J 120 -26.83 -5.85 8.67
N LEU J 121 -27.11 -6.06 7.39
CA LEU J 121 -27.52 -4.92 6.56
C LEU J 121 -28.96 -4.43 6.82
N ALA J 122 -29.72 -5.15 7.64
CA ALA J 122 -31.12 -4.90 7.92
C ALA J 122 -32.09 -5.25 6.80
N ALA J 123 -31.74 -6.24 5.99
CA ALA J 123 -32.72 -6.80 5.07
C ALA J 123 -33.61 -7.73 5.92
N LEU J 124 -34.92 -7.60 5.78
CA LEU J 124 -35.87 -8.41 6.54
C LEU J 124 -36.62 -9.40 5.63
N ALA J 125 -36.64 -10.67 6.01
CA ALA J 125 -37.39 -11.70 5.25
C ALA J 125 -38.20 -12.63 6.14
N LYS J 126 -39.45 -12.86 5.74
CA LYS J 126 -40.27 -13.85 6.43
C LYS J 126 -39.97 -15.19 5.83
N ALA J 127 -39.82 -16.21 6.67
CA ALA J 127 -39.43 -17.53 6.21
C ALA J 127 -40.09 -18.66 6.99
N PRO J 128 -40.42 -19.80 6.35
CA PRO J 128 -40.87 -20.96 7.11
C PRO J 128 -39.83 -21.64 7.99
N PHE J 129 -38.54 -21.53 7.64
CA PHE J 129 -37.41 -21.86 8.54
C PHE J 129 -36.16 -21.09 8.10
N ALA J 130 -35.14 -21.06 8.96
CA ALA J 130 -33.98 -20.24 8.69
C ALA J 130 -32.91 -20.49 9.68
N ALA J 131 -31.71 -20.09 9.33
CA ALA J 131 -30.57 -20.28 10.19
C ALA J 131 -29.47 -19.27 9.90
N HIS J 132 -28.67 -18.98 10.92
CA HIS J 132 -27.54 -18.12 10.84
C HIS J 132 -26.30 -18.85 11.32
N GLY J 133 -25.14 -18.38 10.90
CA GLY J 133 -23.87 -18.89 11.33
C GLY J 133 -23.32 -19.77 10.22
N TYR J 134 -22.02 -20.04 10.24
CA TYR J 134 -21.44 -21.11 9.42
C TYR J 134 -22.21 -22.42 9.44
N GLY J 135 -22.76 -22.80 10.60
CA GLY J 135 -23.55 -23.99 10.74
C GLY J 135 -24.75 -24.01 9.83
N ALA J 136 -25.27 -22.85 9.47
CA ALA J 136 -26.36 -22.78 8.47
C ALA J 136 -26.03 -23.38 7.12
N PHE J 137 -24.76 -23.30 6.73
CA PHE J 137 -24.35 -23.83 5.44
C PHE J 137 -24.48 -25.36 5.40
N LEU J 138 -24.26 -26.02 6.53
CA LEU J 138 -24.45 -27.46 6.68
C LEU J 138 -25.87 -27.97 6.97
N THR J 139 -26.75 -27.11 7.45
CA THR J 139 -28.05 -27.52 7.95
C THR J 139 -29.25 -27.08 7.11
N LEU J 140 -29.16 -26.01 6.36
CA LEU J 140 -30.28 -25.54 5.58
C LEU J 140 -30.80 -26.50 4.53
N SER J 141 -29.94 -27.31 3.91
CA SER J 141 -30.38 -28.28 2.92
C SER J 141 -31.07 -29.46 3.59
N ILE J 142 -30.68 -29.77 4.82
CA ILE J 142 -31.37 -30.77 5.65
C ILE J 142 -32.81 -30.27 5.96
N LEU J 143 -32.97 -29.00 6.30
CA LEU J 143 -34.32 -28.43 6.38
C LEU J 143 -35.10 -28.45 5.04
N ASP J 144 -34.46 -28.10 3.93
CA ASP J 144 -35.15 -28.07 2.64
C ASP J 144 -35.61 -29.44 2.26
N ARG J 145 -34.81 -30.44 2.66
CA ARG J 145 -35.06 -31.82 2.32
C ARG J 145 -36.31 -32.42 3.06
N TYR J 146 -36.42 -32.13 4.35
CA TYR J 146 -37.35 -32.77 5.25
C TYR J 146 -38.49 -31.85 5.78
N TYR J 147 -38.38 -30.53 5.70
CA TYR J 147 -39.48 -29.66 6.15
C TYR J 147 -40.74 -29.77 5.28
N THR J 148 -41.91 -29.80 5.93
CA THR J 148 -43.22 -29.56 5.29
C THR J 148 -43.97 -28.57 6.17
N PRO J 149 -44.86 -27.74 5.56
CA PRO J 149 -45.57 -26.67 6.37
C PRO J 149 -46.42 -27.21 7.54
N THR J 150 -46.93 -28.45 7.44
CA THR J 150 -47.74 -29.02 8.50
C THR J 150 -46.93 -29.76 9.57
N ILE J 151 -45.61 -29.69 9.52
CA ILE J 151 -44.77 -30.39 10.50
C ILE J 151 -45.23 -30.16 11.96
N SER J 152 -45.39 -31.26 12.68
CA SER J 152 -45.78 -31.21 14.08
C SER J 152 -44.58 -30.87 14.92
N ARG J 153 -44.80 -30.50 16.18
CA ARG J 153 -43.68 -30.04 17.02
C ARG J 153 -42.75 -31.20 17.41
N GLU J 154 -43.29 -32.38 17.67
CA GLU J 154 -42.44 -33.56 17.91
C GLU J 154 -41.51 -33.84 16.71
N ARG J 155 -42.05 -33.67 15.50
CA ARG J 155 -41.30 -33.90 14.26
C ARG J 155 -40.29 -32.79 14.00
N ALA J 156 -40.69 -31.55 14.30
CA ALA J 156 -39.79 -30.39 14.22
C ALA J 156 -38.61 -30.51 15.19
N VAL J 157 -38.84 -31.02 16.39
CA VAL J 157 -37.73 -31.30 17.32
C VAL J 157 -36.83 -32.43 16.79
N GLU J 158 -37.41 -33.39 16.07
CA GLU J 158 -36.63 -34.47 15.44
C GLU J 158 -35.74 -33.94 14.31
N LEU J 159 -36.33 -33.11 13.44
CA LEU J 159 -35.66 -32.41 12.37
C LEU J 159 -34.55 -31.51 12.87
N LEU J 160 -34.86 -30.74 13.89
CA LEU J 160 -33.82 -29.97 14.58
C LEU J 160 -32.67 -30.85 15.01
N ARG J 161 -32.99 -31.96 15.63
CA ARG J 161 -31.96 -32.88 16.10
C ARG J 161 -31.08 -33.40 14.97
N LYS J 162 -31.66 -33.55 13.77
CA LYS J 162 -30.91 -33.99 12.59
C LYS J 162 -29.86 -32.95 12.16
N CYS J 163 -30.30 -31.68 12.18
CA CYS J 163 -29.46 -30.55 11.95
C CYS J 163 -28.33 -30.48 12.96
N LEU J 164 -28.65 -30.60 14.23
CA LEU J 164 -27.63 -30.51 15.28
C LEU J 164 -26.64 -31.66 15.23
N GLU J 165 -27.14 -32.85 14.89
CA GLU J 165 -26.27 -34.03 14.72
C GLU J 165 -25.33 -33.85 13.53
N GLU J 166 -25.83 -33.26 12.46
CA GLU J 166 -24.97 -32.87 11.35
C GLU J 166 -23.84 -31.90 11.71
N LEU J 167 -24.04 -30.97 12.61
CA LEU J 167 -22.93 -30.16 13.11
C LEU J 167 -21.91 -30.95 13.88
N GLN J 168 -22.36 -31.93 14.68
CA GLN J 168 -21.42 -32.78 15.43
C GLN J 168 -20.56 -33.60 14.47
N LYS J 169 -21.16 -34.05 13.37
CA LYS J 169 -20.46 -34.90 12.46
C LYS J 169 -19.47 -34.11 11.60
N ARG J 170 -19.99 -33.08 10.99
CA ARG J 170 -19.34 -32.43 9.86
C ARG J 170 -18.72 -31.04 10.14
N PHE J 171 -19.18 -30.31 11.15
CA PHE J 171 -18.74 -28.92 11.39
C PHE J 171 -17.45 -28.89 12.21
N ILE J 172 -16.48 -28.09 11.81
CA ILE J 172 -15.19 -28.08 12.54
C ILE J 172 -15.21 -27.46 13.93
N LEU J 173 -16.26 -26.76 14.28
CA LEU J 173 -16.36 -26.18 15.62
C LEU J 173 -17.09 -27.07 16.59
N ASN J 174 -16.58 -27.05 17.81
CA ASN J 174 -17.10 -27.76 18.97
C ASN J 174 -18.27 -27.00 19.57
N LEU J 175 -19.45 -27.34 19.09
CA LEU J 175 -20.71 -26.86 19.66
C LEU J 175 -21.52 -27.98 20.34
N PRO J 176 -21.17 -28.37 21.59
CA PRO J 176 -21.75 -29.54 22.23
C PRO J 176 -23.16 -29.46 22.78
N THR J 177 -23.70 -28.25 23.03
CA THR J 177 -25.02 -28.11 23.62
C THR J 177 -25.80 -26.96 22.98
N PHE J 178 -27.13 -27.10 22.95
CA PHE J 178 -28.00 -26.09 22.39
C PHE J 178 -29.22 -25.80 23.26
N SER J 179 -29.60 -24.51 23.32
CA SER J 179 -30.85 -24.04 23.92
C SER J 179 -31.96 -24.25 22.94
N VAL J 180 -33.11 -24.67 23.42
CA VAL J 180 -34.27 -24.94 22.57
C VAL J 180 -35.54 -24.36 23.22
N ARG J 181 -36.36 -23.66 22.43
CA ARG J 181 -37.55 -23.05 22.90
C ARG J 181 -38.62 -23.08 21.83
N ILE J 182 -39.89 -23.09 22.25
CA ILE J 182 -41.02 -23.06 21.33
C ILE J 182 -41.92 -21.93 21.78
N ILE J 183 -42.61 -21.33 20.83
CA ILE J 183 -43.60 -20.33 21.09
C ILE J 183 -44.89 -20.73 20.41
N ASP J 184 -46.00 -20.61 21.14
CA ASP J 184 -47.34 -20.88 20.61
C ASP J 184 -48.36 -19.95 21.28
N LYS J 185 -49.66 -20.23 21.11
CA LYS J 185 -50.79 -19.57 21.83
C LYS J 185 -50.56 -19.26 23.32
N ASN J 186 -49.89 -20.16 24.03
CA ASN J 186 -49.66 -20.03 25.48
C ASN J 186 -48.30 -19.51 25.84
N GLY J 187 -47.64 -18.87 24.89
CA GLY J 187 -46.37 -18.19 25.15
C GLY J 187 -45.14 -19.01 24.82
N ILE J 188 -44.10 -18.77 25.61
CA ILE J 188 -42.78 -19.24 25.35
C ILE J 188 -42.49 -20.34 26.31
N HIS J 189 -42.10 -21.50 25.78
CA HIS J 189 -41.76 -22.65 26.59
C HIS J 189 -40.29 -23.04 26.40
N ASP J 190 -39.62 -23.34 27.50
CA ASP J 190 -38.29 -23.92 27.50
C ASP J 190 -38.42 -25.42 27.35
N LEU J 191 -37.79 -25.96 26.31
CA LEU J 191 -37.61 -27.39 26.17
C LEU J 191 -36.24 -27.74 26.75
N ASP J 192 -35.94 -29.02 26.87
CA ASP J 192 -34.65 -29.43 27.41
C ASP J 192 -33.60 -29.12 26.37
N ASN J 193 -32.40 -28.90 26.88
CA ASN J 193 -31.32 -28.72 26.00
C ASN J 193 -31.09 -30.03 25.24
N ILE J 194 -30.59 -29.86 24.02
CA ILE J 194 -30.09 -30.95 23.21
C ILE J 194 -28.60 -30.88 23.39
N SER J 195 -28.01 -31.96 23.90
CA SER J 195 -26.59 -32.02 24.25
C SER J 195 -25.96 -33.26 23.64
N PHE J 196 -24.63 -33.24 23.52
CA PHE J 196 -23.85 -34.38 22.96
C PHE J 196 -22.68 -34.83 23.87
N THR K 1 0.67 -11.88 31.11
CA THR K 1 -0.25 -11.78 32.26
C THR K 1 -1.05 -13.05 32.35
N THR K 2 -1.23 -13.53 33.59
CA THR K 2 -2.22 -14.56 33.83
C THR K 2 -3.05 -14.15 35.01
N THR K 3 -4.36 -14.14 34.80
CA THR K 3 -5.31 -13.94 35.89
C THR K 3 -6.34 -15.04 35.83
N LEU K 4 -6.87 -15.42 37.00
CA LEU K 4 -8.03 -16.32 37.03
C LEU K 4 -8.99 -16.02 38.14
N ALA K 5 -10.21 -16.47 37.96
CA ALA K 5 -11.18 -16.44 39.04
C ALA K 5 -12.16 -17.61 38.92
N PHE K 6 -12.66 -18.09 40.06
CA PHE K 6 -13.75 -19.08 40.05
C PHE K 6 -14.62 -18.96 41.29
N LYS K 7 -15.92 -19.15 41.06
CA LYS K 7 -16.92 -19.33 42.07
C LYS K 7 -16.86 -20.74 42.62
N PHE K 8 -17.14 -20.86 43.92
CA PHE K 8 -17.34 -22.15 44.53
C PHE K 8 -18.21 -21.96 45.76
N ARG K 9 -18.44 -23.02 46.52
CA ARG K 9 -19.45 -22.92 47.57
C ARG K 9 -19.10 -21.86 48.62
N HIS K 10 -17.81 -21.65 48.88
CA HIS K 10 -17.34 -20.70 49.88
C HIS K 10 -16.92 -19.33 49.32
N GLY K 11 -17.40 -18.97 48.13
CA GLY K 11 -17.19 -17.64 47.57
C GLY K 11 -16.51 -17.61 46.22
N VAL K 12 -15.61 -16.66 46.01
CA VAL K 12 -14.88 -16.62 44.77
C VAL K 12 -13.42 -16.39 45.02
N ILE K 13 -12.61 -17.22 44.37
CA ILE K 13 -11.16 -17.12 44.37
C ILE K 13 -10.73 -16.29 43.17
N VAL K 14 -9.67 -15.53 43.38
CA VAL K 14 -9.13 -14.60 42.40
C VAL K 14 -7.62 -14.63 42.54
N ALA K 15 -6.93 -14.87 41.44
CA ALA K 15 -5.48 -14.94 41.47
C ALA K 15 -4.86 -14.34 40.24
N ALA K 16 -3.63 -13.87 40.41
CA ALA K 16 -2.91 -13.20 39.34
C ALA K 16 -1.43 -13.35 39.50
N ASP K 17 -0.71 -13.26 38.39
CA ASP K 17 0.74 -13.04 38.40
C ASP K 17 1.00 -11.53 38.63
N SER K 18 2.25 -11.10 38.57
CA SER K 18 2.57 -9.71 38.81
C SER K 18 3.56 -9.07 37.83
N ARG K 19 3.66 -9.59 36.59
CA ARG K 19 4.67 -9.14 35.62
C ARG K 19 4.09 -8.16 34.65
N ALA K 20 4.87 -7.13 34.36
CA ALA K 20 4.57 -6.24 33.26
C ALA K 20 5.74 -6.17 32.30
N THR K 21 5.40 -6.18 31.03
CA THR K 21 6.38 -6.11 29.97
C THR K 21 6.12 -4.95 29.03
N ALA K 22 7.19 -4.46 28.45
CA ALA K 22 7.15 -3.49 27.36
C ALA K 22 7.95 -4.15 26.27
N GLY K 23 7.27 -4.75 25.30
CA GLY K 23 7.94 -5.67 24.34
C GLY K 23 8.46 -6.88 25.12
N ALA K 24 9.73 -7.24 24.92
CA ALA K 24 10.36 -8.32 25.70
C ALA K 24 11.11 -7.86 26.97
N TYR K 25 11.16 -6.55 27.21
CA TYR K 25 11.71 -6.02 28.45
C TYR K 25 10.71 -6.25 29.56
N ILE K 26 11.19 -6.73 30.70
CA ILE K 26 10.35 -6.89 31.90
C ILE K 26 10.38 -5.56 32.67
N ALA K 27 9.25 -4.86 32.63
CA ALA K 27 9.14 -3.49 33.21
C ALA K 27 8.94 -3.57 34.71
N SER K 28 8.17 -4.57 35.17
CA SER K 28 7.96 -4.78 36.60
C SER K 28 7.64 -6.24 36.87
N GLN K 29 8.05 -6.71 38.05
CA GLN K 29 7.60 -7.99 38.65
C GLN K 29 6.76 -7.79 39.93
N THR K 30 6.36 -6.55 40.25
CA THR K 30 5.57 -6.27 41.45
C THR K 30 4.25 -5.56 41.13
N VAL K 31 3.62 -5.91 40.02
CA VAL K 31 2.37 -5.26 39.63
C VAL K 31 1.20 -5.88 40.40
N LYS K 32 0.32 -4.99 40.89
CA LYS K 32 -0.89 -5.39 41.59
C LYS K 32 -1.99 -5.53 40.57
N LYS K 33 -2.28 -6.73 40.12
CA LYS K 33 -3.27 -6.90 39.06
C LYS K 33 -4.65 -7.19 39.58
N VAL K 34 -4.80 -7.29 40.89
CA VAL K 34 -6.13 -7.41 41.53
C VAL K 34 -6.45 -6.05 42.10
N ILE K 35 -7.56 -5.50 41.63
CA ILE K 35 -7.89 -4.13 41.91
C ILE K 35 -9.04 -4.16 42.89
N GLU K 36 -8.77 -3.49 44.00
CA GLU K 36 -9.67 -3.42 45.11
C GLU K 36 -10.64 -2.28 44.72
N ILE K 37 -11.78 -2.66 44.15
CA ILE K 37 -12.86 -1.75 43.74
C ILE K 37 -13.61 -1.27 44.97
N ASN K 38 -13.68 -2.12 45.98
CA ASN K 38 -14.18 -1.76 47.33
C ASN K 38 -14.19 -2.99 48.23
N PRO K 39 -14.65 -2.88 49.47
CA PRO K 39 -14.53 -4.08 50.32
C PRO K 39 -15.31 -5.37 49.94
N TYR K 40 -16.21 -5.32 48.95
CA TYR K 40 -17.05 -6.47 48.53
C TYR K 40 -16.88 -6.90 47.05
N LEU K 41 -16.04 -6.17 46.30
CA LEU K 41 -15.92 -6.25 44.85
C LEU K 41 -14.46 -6.13 44.47
N LEU K 42 -13.99 -7.10 43.71
CA LEU K 42 -12.67 -7.01 43.09
C LEU K 42 -12.77 -7.07 41.57
N GLY K 43 -11.80 -6.41 40.92
CA GLY K 43 -11.58 -6.50 39.49
C GLY K 43 -10.17 -6.97 39.25
N THR K 44 -9.92 -7.47 38.05
CA THR K 44 -8.58 -7.89 37.64
C THR K 44 -8.10 -7.14 36.38
N MET K 45 -6.78 -7.09 36.26
CA MET K 45 -6.08 -6.37 35.22
C MET K 45 -5.45 -7.34 34.20
N ALA K 46 -5.82 -7.22 32.93
CA ALA K 46 -5.09 -7.83 31.83
C ALA K 46 -5.27 -7.02 30.58
N GLY K 47 -4.22 -6.91 29.78
CA GLY K 47 -4.28 -6.16 28.51
C GLY K 47 -3.52 -4.90 28.78
N GLY K 48 -4.16 -3.75 28.64
CA GLY K 48 -3.54 -2.46 28.96
C GLY K 48 -3.62 -2.16 30.45
N ALA K 49 -2.48 -1.94 31.09
CA ALA K 49 -2.43 -1.64 32.53
C ALA K 49 -3.17 -0.33 32.84
N ALA K 50 -2.84 0.72 32.10
CA ALA K 50 -3.52 2.00 32.27
C ALA K 50 -5.02 1.88 32.01
N ASP K 51 -5.41 1.10 31.00
CA ASP K 51 -6.83 1.01 30.63
C ASP K 51 -7.61 0.33 31.73
N CYS K 52 -7.09 -0.79 32.23
CA CYS K 52 -7.77 -1.46 33.33
C CYS K 52 -7.84 -0.62 34.59
N SER K 53 -6.70 -0.09 35.05
CA SER K 53 -6.64 0.71 36.24
C SER K 53 -7.53 1.95 36.21
N PHE K 54 -7.51 2.67 35.11
CA PHE K 54 -8.33 3.85 34.96
C PHE K 54 -9.83 3.55 34.97
N TRP K 55 -10.24 2.61 34.13
CA TRP K 55 -11.66 2.34 34.01
C TRP K 55 -12.25 1.66 35.27
N GLU K 56 -11.47 0.87 35.98
CA GLU K 56 -11.97 0.20 37.15
C GLU K 56 -11.98 1.14 38.34
N ARG K 57 -11.05 2.08 38.37
CA ARG K 57 -11.05 3.13 39.33
C ARG K 57 -12.27 3.98 39.13
N LEU K 58 -12.68 4.11 37.87
CA LEU K 58 -13.88 4.87 37.53
C LEU K 58 -15.14 4.13 37.91
N LEU K 59 -15.09 2.82 37.72
CA LEU K 59 -16.13 1.97 38.20
C LEU K 59 -16.30 2.10 39.71
N ALA K 60 -15.19 2.11 40.46
CA ALA K 60 -15.21 2.24 41.90
C ALA K 60 -15.90 3.53 42.34
N ARG K 61 -15.56 4.66 41.70
CA ARG K 61 -16.22 5.93 41.91
C ARG K 61 -17.72 5.82 41.72
N GLN K 62 -18.13 5.19 40.63
CA GLN K 62 -19.53 5.08 40.29
C GLN K 62 -20.34 4.15 41.27
N CYS K 63 -19.73 3.03 41.69
CA CYS K 63 -20.33 2.15 42.67
C CYS K 63 -20.52 2.89 44.04
N ARG K 64 -19.55 3.73 44.42
CA ARG K 64 -19.61 4.46 45.67
C ARG K 64 -20.70 5.50 45.67
N ILE K 65 -20.83 6.21 44.57
CA ILE K 65 -21.97 7.10 44.34
C ILE K 65 -23.30 6.36 44.35
N TYR K 66 -23.35 5.17 43.70
CA TYR K 66 -24.54 4.31 43.70
C TYR K 66 -24.95 3.96 45.13
N GLU K 67 -23.97 3.54 45.92
CA GLU K 67 -24.19 3.21 47.29
C GLU K 67 -24.75 4.40 48.11
N LEU K 68 -24.17 5.59 47.93
CA LEU K 68 -24.62 6.79 48.64
C LEU K 68 -26.01 7.21 48.20
N ARG K 69 -26.34 7.11 46.92
CA ARG K 69 -27.67 7.49 46.43
C ARG K 69 -28.79 6.52 46.79
N ASN K 70 -28.50 5.22 46.76
CA ASN K 70 -29.52 4.16 46.92
C ASN K 70 -29.55 3.47 48.27
N LYS K 71 -28.58 3.75 49.13
CA LYS K 71 -28.46 3.15 50.46
C LYS K 71 -28.26 1.63 50.47
N GLU K 72 -27.66 1.09 49.40
CA GLU K 72 -27.24 -0.30 49.35
C GLU K 72 -26.08 -0.53 48.40
N ARG K 73 -25.30 -1.56 48.65
CA ARG K 73 -24.26 -2.00 47.73
C ARG K 73 -24.86 -2.39 46.37
N ILE K 74 -24.16 -1.97 45.34
CA ILE K 74 -24.44 -2.35 43.97
C ILE K 74 -24.21 -3.85 43.85
N SER K 75 -25.06 -4.50 43.07
CA SER K 75 -24.86 -5.89 42.71
C SER K 75 -23.66 -6.08 41.75
N VAL K 76 -23.21 -7.30 41.66
CA VAL K 76 -22.11 -7.67 40.78
C VAL K 76 -22.56 -7.55 39.32
N ALA K 77 -23.79 -7.96 39.04
CA ALA K 77 -24.38 -7.77 37.72
C ALA K 77 -24.37 -6.32 37.26
N ALA K 78 -24.81 -5.43 38.14
CA ALA K 78 -24.90 -4.03 37.83
C ALA K 78 -23.56 -3.34 37.73
N ALA K 79 -22.59 -3.71 38.57
CA ALA K 79 -21.25 -3.15 38.48
C ALA K 79 -20.56 -3.54 37.16
N SER K 80 -20.60 -4.84 36.85
CA SER K 80 -19.99 -5.35 35.65
C SER K 80 -20.70 -4.68 34.45
N LYS K 81 -22.00 -4.40 34.56
CA LYS K 81 -22.70 -3.74 33.46
C LYS K 81 -22.32 -2.29 33.28
N LEU K 82 -22.10 -1.60 34.39
CA LEU K 82 -21.63 -0.25 34.31
C LEU K 82 -20.33 -0.23 33.56
N LEU K 83 -19.41 -1.11 33.93
CA LEU K 83 -18.08 -1.17 33.30
C LEU K 83 -18.22 -1.47 31.78
N ALA K 84 -19.07 -2.41 31.44
CA ALA K 84 -19.27 -2.77 30.04
C ALA K 84 -19.81 -1.61 29.25
N ASN K 85 -20.79 -0.89 29.82
CA ASN K 85 -21.36 0.24 29.10
C ASN K 85 -20.39 1.40 28.91
N MET K 86 -19.49 1.59 29.86
CA MET K 86 -18.47 2.60 29.75
C MET K 86 -17.50 2.32 28.59
N VAL K 87 -17.00 1.08 28.52
CA VAL K 87 -15.99 0.76 27.51
C VAL K 87 -16.60 0.60 26.12
N TYR K 88 -17.89 0.25 26.06
CA TYR K 88 -18.56 0.07 24.76
C TYR K 88 -18.46 1.30 23.85
N GLN K 89 -18.57 2.51 24.44
CA GLN K 89 -18.45 3.79 23.67
C GLN K 89 -17.12 3.92 22.92
N TYR K 90 -16.07 3.33 23.45
CA TYR K 90 -14.74 3.40 22.90
C TYR K 90 -14.33 2.26 22.00
N LYS K 91 -15.25 1.39 21.60
CA LYS K 91 -14.85 0.22 20.79
C LYS K 91 -14.18 0.69 19.50
N GLY K 92 -13.09 0.02 19.13
CA GLY K 92 -12.38 0.32 17.91
C GLY K 92 -11.37 1.44 18.02
N MET K 93 -11.20 2.02 19.21
CA MET K 93 -10.23 3.08 19.46
C MET K 93 -8.93 2.61 20.10
N GLY K 94 -8.87 1.31 20.40
CA GLY K 94 -7.64 0.72 20.88
C GLY K 94 -7.58 0.51 22.38
N LEU K 95 -8.71 0.52 23.08
CA LEU K 95 -8.67 0.10 24.50
C LEU K 95 -8.35 -1.37 24.53
N SER K 96 -7.53 -1.77 25.50
CA SER K 96 -7.20 -3.18 25.72
C SER K 96 -7.47 -3.51 27.17
N MET K 97 -8.59 -4.18 27.42
CA MET K 97 -8.98 -4.55 28.77
C MET K 97 -9.60 -5.96 28.74
N GLY K 98 -9.11 -6.84 29.59
CA GLY K 98 -9.81 -8.07 29.90
C GLY K 98 -9.89 -8.19 31.40
N THR K 99 -11.10 -8.18 31.96
CA THR K 99 -11.27 -8.18 33.40
C THR K 99 -12.35 -9.13 33.94
N MET K 100 -12.13 -9.58 35.16
CA MET K 100 -13.15 -10.30 35.90
C MET K 100 -13.65 -9.43 37.05
N ILE K 101 -14.97 -9.25 37.15
CA ILE K 101 -15.57 -8.51 38.26
C ILE K 101 -16.14 -9.58 39.18
N CYS K 102 -15.64 -9.60 40.43
CA CYS K 102 -15.84 -10.69 41.39
C CYS K 102 -16.44 -10.11 42.67
N GLY K 103 -17.55 -10.67 43.12
CA GLY K 103 -18.19 -10.25 44.37
C GLY K 103 -19.11 -11.26 45.01
N TRP K 104 -19.84 -10.81 46.04
CA TRP K 104 -20.89 -11.58 46.68
C TRP K 104 -22.03 -10.62 46.98
N ASP K 105 -23.22 -10.85 46.42
CA ASP K 105 -24.38 -10.02 46.66
C ASP K 105 -25.61 -10.85 47.05
N LYS K 106 -26.84 -10.32 46.90
CA LYS K 106 -28.05 -11.06 47.28
C LYS K 106 -28.30 -12.35 46.47
N ARG K 107 -27.69 -12.48 45.28
CA ARG K 107 -27.74 -13.73 44.52
C ARG K 107 -26.54 -14.69 44.84
N GLY K 108 -25.73 -14.34 45.83
CA GLY K 108 -24.60 -15.18 46.25
C GLY K 108 -23.32 -14.78 45.56
N PRO K 109 -22.37 -15.73 45.46
CA PRO K 109 -21.11 -15.40 44.77
C PRO K 109 -21.33 -15.01 43.31
N GLY K 110 -20.62 -13.97 42.86
CA GLY K 110 -20.79 -13.37 41.52
C GLY K 110 -19.47 -13.22 40.76
N LEU K 111 -19.50 -13.58 39.49
CA LEU K 111 -18.31 -13.53 38.66
C LEU K 111 -18.68 -13.25 37.21
N TYR K 112 -18.25 -12.09 36.74
CA TYR K 112 -18.40 -11.67 35.33
C TYR K 112 -17.06 -11.40 34.62
N TYR K 113 -16.99 -11.83 33.36
CA TYR K 113 -15.88 -11.46 32.46
C TYR K 113 -16.36 -10.28 31.63
N VAL K 114 -15.55 -9.23 31.61
CA VAL K 114 -15.85 -8.01 30.87
C VAL K 114 -14.60 -7.57 30.08
N ASP K 115 -14.75 -7.28 28.81
CA ASP K 115 -13.61 -6.79 28.03
C ASP K 115 -13.90 -5.57 27.15
N SER K 116 -12.83 -5.04 26.59
CA SER K 116 -12.88 -3.89 25.68
C SER K 116 -13.51 -4.17 24.35
N GLU K 117 -13.63 -5.44 23.95
CA GLU K 117 -14.37 -5.79 22.71
C GLU K 117 -15.87 -5.71 22.89
N GLY K 118 -16.34 -5.59 24.15
CA GLY K 118 -17.74 -5.48 24.45
C GLY K 118 -18.41 -6.70 25.14
N ASN K 119 -17.66 -7.76 25.38
CA ASN K 119 -18.22 -8.93 26.03
C ASN K 119 -18.52 -8.65 27.49
N ARG K 120 -19.62 -9.23 27.95
CA ARG K 120 -19.93 -9.28 29.38
C ARG K 120 -20.67 -10.56 29.66
N ILE K 121 -20.04 -11.47 30.39
CA ILE K 121 -20.62 -12.78 30.60
C ILE K 121 -20.35 -13.27 32.00
N SER K 122 -21.39 -13.87 32.59
CA SER K 122 -21.28 -14.53 33.90
C SER K 122 -20.74 -15.94 33.71
N GLY K 123 -20.06 -16.47 34.72
CA GLY K 123 -19.62 -17.85 34.65
C GLY K 123 -18.99 -18.33 35.93
N ALA K 124 -18.73 -19.62 35.94
CA ALA K 124 -18.20 -20.31 37.12
C ALA K 124 -16.70 -20.10 37.27
N THR K 125 -15.99 -20.19 36.13
CA THR K 125 -14.53 -20.02 36.09
C THR K 125 -14.16 -19.22 34.83
N PHE K 126 -13.09 -18.44 34.94
CA PHE K 126 -12.48 -17.70 33.84
C PHE K 126 -10.99 -17.58 34.07
N SER K 127 -10.26 -17.48 32.96
CA SER K 127 -8.85 -17.06 33.02
C SER K 127 -8.66 -16.10 31.89
N VAL K 128 -7.85 -15.09 32.14
CA VAL K 128 -7.63 -13.98 31.18
C VAL K 128 -6.15 -13.63 31.14
N GLY K 129 -5.66 -13.35 29.92
CA GLY K 129 -4.30 -12.89 29.69
C GLY K 129 -3.55 -13.84 28.77
N SER K 130 -2.30 -13.49 28.50
CA SER K 130 -1.49 -14.23 27.58
C SER K 130 -1.26 -15.63 28.09
N GLY K 131 -1.15 -15.78 29.42
CA GLY K 131 -1.07 -17.11 30.06
C GLY K 131 -2.34 -17.90 30.36
N SER K 132 -3.49 -17.35 29.99
CA SER K 132 -4.74 -17.98 30.35
C SER K 132 -4.90 -19.42 29.84
N VAL K 133 -4.47 -19.71 28.61
CA VAL K 133 -4.56 -21.09 28.09
C VAL K 133 -3.86 -22.13 29.00
N TYR K 134 -2.72 -21.77 29.56
CA TYR K 134 -1.99 -22.61 30.50
C TYR K 134 -2.72 -22.77 31.85
N ALA K 135 -3.26 -21.68 32.37
CA ALA K 135 -4.03 -21.74 33.63
C ALA K 135 -5.31 -22.51 33.44
N TYR K 136 -5.97 -22.40 32.29
CA TYR K 136 -7.22 -23.13 32.08
C TYR K 136 -7.01 -24.64 32.20
N GLY K 137 -5.88 -25.13 31.71
CA GLY K 137 -5.58 -26.54 31.76
C GLY K 137 -5.51 -27.08 33.18
N VAL K 138 -4.77 -26.41 34.04
CA VAL K 138 -4.61 -26.92 35.41
C VAL K 138 -5.84 -26.61 36.24
N MET K 139 -6.38 -25.40 36.15
CA MET K 139 -7.67 -25.08 36.78
C MET K 139 -8.79 -26.04 36.40
N ASP K 140 -8.99 -26.30 35.13
CA ASP K 140 -10.09 -27.14 34.71
C ASP K 140 -10.00 -28.57 35.24
N ARG K 141 -8.77 -29.10 35.34
CA ARG K 141 -8.59 -30.47 35.81
C ARG K 141 -8.74 -30.60 37.31
N GLY K 142 -8.69 -29.50 38.04
CA GLY K 142 -8.84 -29.54 39.49
C GLY K 142 -10.09 -28.95 40.09
N TYR K 143 -10.92 -28.29 39.29
CA TYR K 143 -11.96 -27.42 39.81
C TYR K 143 -13.17 -28.22 40.15
N SER K 144 -13.77 -27.85 41.29
CA SER K 144 -15.08 -28.31 41.74
C SER K 144 -15.75 -27.22 42.54
N TYR K 145 -17.07 -27.08 42.36
CA TYR K 145 -17.89 -26.22 43.20
C TYR K 145 -17.77 -26.64 44.68
N ASP K 146 -17.60 -27.94 44.93
CA ASP K 146 -17.50 -28.48 46.30
C ASP K 146 -16.07 -28.57 46.86
N LEU K 147 -15.15 -27.77 46.32
CA LEU K 147 -13.79 -27.70 46.84
C LEU K 147 -13.80 -27.12 48.25
N GLU K 148 -12.97 -27.70 49.13
CA GLU K 148 -12.64 -27.11 50.41
C GLU K 148 -11.81 -25.86 50.17
N VAL K 149 -11.87 -24.92 51.11
CA VAL K 149 -11.20 -23.62 51.00
C VAL K 149 -9.70 -23.75 50.72
N GLU K 150 -8.97 -24.51 51.53
CA GLU K 150 -7.52 -24.61 51.33
C GLU K 150 -7.18 -25.29 49.96
N GLN K 151 -8.05 -26.19 49.48
CA GLN K 151 -7.88 -26.86 48.19
C GLN K 151 -8.11 -25.88 47.06
N ALA K 152 -9.08 -24.99 47.22
CA ALA K 152 -9.33 -23.94 46.23
C ALA K 152 -8.16 -22.97 46.12
N TYR K 153 -7.58 -22.61 47.25
CA TYR K 153 -6.37 -21.77 47.25
C TYR K 153 -5.22 -22.49 46.53
N ASP K 154 -5.00 -23.79 46.81
CA ASP K 154 -3.92 -24.58 46.18
C ASP K 154 -4.06 -24.63 44.66
N LEU K 155 -5.29 -24.86 44.18
CA LEU K 155 -5.60 -24.93 42.78
C LEU K 155 -5.29 -23.64 42.02
N ALA K 156 -5.76 -22.51 42.58
CA ALA K 156 -5.54 -21.19 41.99
C ALA K 156 -4.06 -20.87 41.91
N ARG K 157 -3.36 -21.09 43.01
CA ARG K 157 -1.96 -20.77 43.11
C ARG K 157 -1.14 -21.60 42.12
N ARG K 158 -1.50 -22.89 42.00
CA ARG K 158 -0.80 -23.83 41.13
C ARG K 158 -1.07 -23.49 39.66
N ALA K 159 -2.31 -23.15 39.30
CA ALA K 159 -2.69 -22.81 37.96
C ALA K 159 -1.95 -21.53 37.44
N ILE K 160 -1.92 -20.50 38.27
CA ILE K 160 -1.13 -19.35 37.95
C ILE K 160 0.35 -19.70 37.85
N TYR K 161 0.87 -20.45 38.82
CA TYR K 161 2.27 -20.86 38.76
C TYR K 161 2.65 -21.55 37.41
N GLN K 162 1.82 -22.49 36.95
CA GLN K 162 2.08 -23.28 35.74
C GLN K 162 2.06 -22.38 34.50
N ALA K 163 1.16 -21.39 34.51
CA ALA K 163 1.15 -20.35 33.52
C ALA K 163 2.44 -19.54 33.49
N THR K 164 2.96 -19.11 34.64
CA THR K 164 4.22 -18.37 34.65
C THR K 164 5.39 -19.20 34.07
N TYR K 165 5.29 -20.52 34.18
CA TYR K 165 6.32 -21.43 33.71
C TYR K 165 6.38 -21.43 32.17
N ARG K 166 5.21 -21.59 31.52
CA ARG K 166 5.16 -21.71 30.05
C ARG K 166 5.10 -20.37 29.30
N ASP K 167 4.45 -19.37 29.85
CA ASP K 167 4.26 -18.06 29.20
C ASP K 167 5.35 -17.10 29.62
N ALA K 168 6.09 -16.63 28.63
CA ALA K 168 7.15 -15.66 28.86
C ALA K 168 6.64 -14.34 29.43
N TYR K 169 5.41 -13.97 29.08
CA TYR K 169 4.78 -12.73 29.55
C TYR K 169 4.11 -12.80 30.92
N SER K 170 4.19 -13.96 31.61
CA SER K 170 3.67 -14.10 32.97
C SER K 170 4.80 -14.47 33.93
N GLY K 171 4.72 -13.91 35.13
CA GLY K 171 5.74 -14.14 36.13
C GLY K 171 5.68 -13.28 37.37
N GLY K 172 6.77 -13.34 38.14
CA GLY K 172 6.90 -12.58 39.37
C GLY K 172 6.42 -13.30 40.60
N ALA K 173 5.19 -13.03 41.01
CA ALA K 173 4.63 -13.59 42.20
C ALA K 173 3.19 -13.92 41.96
N VAL K 174 2.65 -14.92 42.67
CA VAL K 174 1.19 -15.18 42.58
C VAL K 174 0.51 -14.52 43.79
N ASN K 175 -0.49 -13.71 43.49
CA ASN K 175 -1.26 -12.99 44.49
C ASN K 175 -2.65 -13.56 44.46
N LEU K 176 -3.12 -13.96 45.64
CA LEU K 176 -4.36 -14.69 45.80
C LEU K 176 -5.31 -13.96 46.75
N TYR K 177 -6.58 -13.93 46.36
CA TYR K 177 -7.65 -13.27 47.09
C TYR K 177 -8.86 -14.20 47.17
N HIS K 178 -9.67 -13.97 48.19
CA HIS K 178 -10.88 -14.75 48.44
C HIS K 178 -12.03 -13.80 48.79
N VAL K 179 -13.04 -13.76 47.93
CA VAL K 179 -14.24 -13.01 48.20
C VAL K 179 -15.18 -13.88 48.99
N ARG K 180 -15.41 -13.46 50.24
CA ARG K 180 -16.37 -14.08 51.17
C ARG K 180 -17.60 -13.16 51.32
N GLU K 181 -18.66 -13.67 51.94
CA GLU K 181 -19.95 -12.94 52.04
C GLU K 181 -19.86 -11.57 52.75
N ASP K 182 -18.98 -11.50 53.75
CA ASP K 182 -18.72 -10.26 54.49
C ASP K 182 -17.47 -9.46 54.01
N GLY K 183 -17.07 -9.62 52.76
CA GLY K 183 -15.91 -8.91 52.20
C GLY K 183 -14.85 -9.81 51.63
N TRP K 184 -13.97 -9.24 50.84
CA TRP K 184 -12.81 -9.97 50.35
C TRP K 184 -11.70 -9.90 51.38
N ILE K 185 -10.81 -10.89 51.29
CA ILE K 185 -9.53 -10.89 51.98
C ILE K 185 -8.40 -11.23 51.00
N ARG K 186 -7.23 -10.74 51.35
CA ARG K 186 -5.97 -11.04 50.70
C ARG K 186 -5.38 -12.27 51.36
N VAL K 187 -5.32 -13.38 50.63
CA VAL K 187 -4.92 -14.67 51.24
C VAL K 187 -3.41 -14.92 51.17
N SER K 188 -2.75 -14.56 50.09
CA SER K 188 -1.29 -14.77 50.02
C SER K 188 -0.60 -14.11 48.83
N SER K 189 0.68 -13.80 49.01
CA SER K 189 1.56 -13.35 47.96
C SER K 189 2.82 -14.20 47.98
N ASP K 190 2.99 -15.06 46.97
CA ASP K 190 4.14 -15.98 46.95
C ASP K 190 4.99 -15.78 45.70
N ASN K 191 6.26 -15.48 45.90
CA ASN K 191 7.16 -15.40 44.78
C ASN K 191 7.26 -16.75 44.04
N VAL K 192 7.24 -16.69 42.73
CA VAL K 192 7.27 -17.87 41.87
C VAL K 192 8.54 -18.70 42.11
N ALA K 193 9.66 -18.04 42.45
CA ALA K 193 10.93 -18.72 42.79
C ALA K 193 10.83 -19.52 44.09
N ASP K 194 10.08 -19.01 45.06
CA ASP K 194 9.81 -19.78 46.27
C ASP K 194 8.83 -20.94 46.02
N LEU K 195 7.80 -20.75 45.17
CA LEU K 195 6.90 -21.85 44.81
C LEU K 195 7.60 -22.96 44.05
N HIS K 196 8.63 -22.59 43.27
CA HIS K 196 9.39 -23.57 42.52
C HIS K 196 10.09 -24.53 43.49
N GLU K 197 10.80 -23.96 44.47
CA GLU K 197 11.42 -24.72 45.55
C GLU K 197 10.42 -25.71 46.19
N LYS K 198 9.20 -25.24 46.45
CA LYS K 198 8.12 -26.02 47.03
C LYS K 198 7.52 -27.13 46.14
N TYR K 199 7.13 -26.84 44.90
CA TYR K 199 6.38 -27.83 44.11
C TYR K 199 7.32 -28.90 43.51
N SER K 200 8.64 -28.67 43.60
CA SER K 200 9.70 -29.66 43.35
C SER K 200 10.64 -29.80 44.57
N ARG L 1 4.20 12.47 5.60
CA ARG L 1 3.40 12.61 6.84
C ARG L 1 4.30 13.34 7.87
N PHE L 2 3.86 14.50 8.32
CA PHE L 2 4.38 15.08 9.56
C PHE L 2 4.25 14.07 10.72
N SER L 3 5.34 13.80 11.48
CA SER L 3 5.25 13.10 12.77
CA SER L 3 5.23 13.09 12.78
C SER L 3 5.31 14.09 13.92
N PRO L 4 4.37 14.01 14.88
CA PRO L 4 4.40 14.96 16.00
C PRO L 4 5.36 14.61 17.12
N TYR L 5 6.09 13.54 16.96
CA TYR L 5 7.00 13.05 18.00
C TYR L 5 8.42 12.91 17.47
N VAL L 6 9.36 13.06 18.36
CA VAL L 6 10.74 12.74 18.09
C VAL L 6 11.32 12.26 19.42
N PHE L 7 12.33 11.36 19.34
CA PHE L 7 12.97 10.85 20.55
C PHE L 7 14.14 11.73 20.97
N ASN L 8 14.18 12.25 22.20
CA ASN L 8 15.23 13.20 22.59
C ASN L 8 16.21 12.67 23.61
N GLY L 9 16.09 11.39 23.94
CA GLY L 9 17.07 10.75 24.76
C GLY L 9 16.91 11.07 26.25
N GLY L 10 17.88 10.62 27.02
CA GLY L 10 17.78 10.82 28.44
C GLY L 10 17.45 9.56 29.23
N THR L 11 18.14 9.49 30.37
CA THR L 11 17.95 8.49 31.37
C THR L 11 17.68 9.13 32.76
N ILE L 12 16.66 8.61 33.44
CA ILE L 12 16.28 9.00 34.76
C ILE L 12 16.32 7.82 35.73
N LEU L 13 16.50 8.17 37.01
CA LEU L 13 16.61 7.18 38.07
C LEU L 13 16.06 7.77 39.37
N ALA L 14 15.32 6.95 40.13
CA ALA L 14 14.93 7.35 41.49
C ALA L 14 15.06 6.19 42.46
N ILE L 15 15.52 6.51 43.68
CA ILE L 15 15.69 5.54 44.76
C ILE L 15 15.02 6.03 46.05
N ALA L 16 14.26 5.14 46.70
CA ALA L 16 13.61 5.41 47.97
C ALA L 16 14.39 4.81 49.13
N GLY L 17 14.90 5.68 50.00
CA GLY L 17 15.43 5.28 51.31
C GLY L 17 14.44 5.34 52.44
N GLU L 18 14.90 4.96 53.64
CA GLU L 18 14.06 5.01 54.86
C GLU L 18 13.63 6.47 55.17
N ASP L 19 14.52 7.43 54.94
CA ASP L 19 14.25 8.86 55.19
C ASP L 19 14.80 9.78 54.10
N PHE L 20 14.86 9.28 52.87
CA PHE L 20 15.36 10.12 51.79
C PHE L 20 14.81 9.59 50.50
N ALA L 21 14.82 10.42 49.47
CA ALA L 21 14.63 9.98 48.11
C ALA L 21 15.63 10.66 47.22
N ILE L 22 16.16 9.90 46.28
CA ILE L 22 17.09 10.41 45.25
C ILE L 22 16.36 10.41 43.92
N VAL L 23 16.54 11.47 43.15
CA VAL L 23 16.12 11.47 41.75
C VAL L 23 17.29 11.99 40.95
N ALA L 24 17.66 11.24 39.91
CA ALA L 24 18.85 11.53 39.14
C ALA L 24 18.61 11.39 37.66
N SER L 25 19.40 12.13 36.89
CA SER L 25 19.27 12.13 35.44
C SER L 25 20.54 12.66 34.80
N ASP L 26 20.74 12.30 33.55
CA ASP L 26 21.86 12.82 32.80
C ASP L 26 21.37 14.13 32.20
N THR L 27 22.28 14.93 31.64
CA THR L 27 21.97 16.26 31.16
C THR L 27 22.05 16.45 29.65
N ARG L 28 22.14 15.38 28.88
CA ARG L 28 22.26 15.50 27.42
C ARG L 28 20.90 15.53 26.79
N LEU L 29 20.68 16.48 25.90
CA LEU L 29 19.50 16.46 25.07
C LEU L 29 19.93 16.20 23.65
N SER L 30 19.31 15.21 23.00
CA SER L 30 19.78 14.64 21.72
C SER L 30 18.66 14.65 20.73
N GLU L 31 19.00 14.51 19.46
CA GLU L 31 18.04 14.24 18.42
C GLU L 31 18.77 13.65 17.23
N GLY L 32 18.23 12.56 16.66
CA GLY L 32 18.91 11.83 15.58
C GLY L 32 20.29 11.36 16.02
N PHE L 33 21.34 11.76 15.32
CA PHE L 33 22.69 11.51 15.76
C PHE L 33 23.38 12.75 16.37
N SER L 34 22.63 13.80 16.75
CA SER L 34 23.19 15.05 17.22
C SER L 34 22.91 15.32 18.67
N ILE L 35 23.68 16.22 19.24
CA ILE L 35 23.47 16.70 20.59
C ILE L 35 22.96 18.12 20.47
N HIS L 36 21.75 18.37 20.94
CA HIS L 36 21.24 19.73 21.04
C HIS L 36 22.00 20.51 22.11
N THR L 37 22.06 19.96 23.32
CA THR L 37 22.80 20.63 24.38
C THR L 37 23.27 19.63 25.38
N ARG L 38 24.39 19.97 26.03
CA ARG L 38 24.97 19.14 27.09
C ARG L 38 24.50 19.50 28.48
N ASP L 39 23.61 20.49 28.59
CA ASP L 39 23.16 20.99 29.88
C ASP L 39 21.64 21.15 29.88
N SER L 40 20.93 20.05 29.92
CA SER L 40 19.47 20.05 29.91
C SER L 40 19.04 18.95 30.86
N PRO L 41 18.87 19.29 32.13
CA PRO L 41 18.40 18.28 33.07
C PRO L 41 16.92 17.87 32.87
N LYS L 42 16.62 16.73 33.46
CA LYS L 42 15.35 16.07 33.29
C LYS L 42 14.60 15.94 34.59
N CYS L 43 15.16 16.54 35.66
CA CYS L 43 14.51 16.57 36.97
CA CYS L 43 14.53 16.59 36.98
C CYS L 43 13.90 17.96 37.16
N TYR L 44 12.70 17.98 37.76
CA TYR L 44 11.98 19.21 38.05
C TYR L 44 11.45 19.14 39.49
N LYS L 45 11.76 20.18 40.26
CA LYS L 45 11.25 20.31 41.62
C LYS L 45 9.76 20.68 41.55
N LEU L 46 8.92 19.90 42.23
CA LEU L 46 7.48 20.16 42.30
C LEU L 46 7.03 20.84 43.61
N THR L 47 7.49 20.30 44.75
CA THR L 47 7.30 20.89 46.10
C THR L 47 8.58 20.63 46.86
N ASP L 48 8.64 21.12 48.09
CA ASP L 48 9.73 20.87 49.04
C ASP L 48 10.02 19.37 49.29
N LYS L 49 9.04 18.50 49.08
CA LYS L 49 9.13 17.07 49.30
C LYS L 49 9.04 16.25 48.04
N THR L 50 8.86 16.83 46.86
CA THR L 50 8.62 16.02 45.63
C THR L 50 9.40 16.53 44.43
N VAL L 51 10.06 15.62 43.73
CA VAL L 51 10.78 15.92 42.52
C VAL L 51 10.31 14.91 41.47
N ILE L 52 10.25 15.35 40.22
CA ILE L 52 9.84 14.49 39.12
C ILE L 52 10.93 14.44 38.04
N GLY L 53 11.14 13.26 37.46
CA GLY L 53 12.08 13.09 36.37
C GLY L 53 11.31 12.77 35.11
N CYS L 54 11.62 13.41 33.99
CA CYS L 54 10.91 13.21 32.71
C CYS L 54 11.88 13.01 31.58
N SER L 55 11.66 11.99 30.78
CA SER L 55 12.45 11.81 29.58
C SER L 55 11.54 11.33 28.48
N GLY L 56 11.98 11.52 27.26
CA GLY L 56 11.27 11.00 26.10
C GLY L 56 11.29 12.13 25.11
N PHE L 57 10.13 12.52 24.61
CA PHE L 57 9.99 13.58 23.66
C PHE L 57 10.01 14.91 24.45
N HIS L 58 11.01 15.75 24.20
CA HIS L 58 11.22 16.95 25.00
C HIS L 58 10.07 17.96 24.92
N GLY L 59 9.43 18.10 23.76
CA GLY L 59 8.25 18.92 23.61
C GLY L 59 7.18 18.58 24.61
N ASP L 60 6.96 17.28 24.83
CA ASP L 60 5.98 16.84 25.78
C ASP L 60 6.48 16.99 27.20
N CYS L 61 7.77 16.76 27.46
CA CYS L 61 8.29 16.96 28.81
C CYS L 61 8.06 18.38 29.29
N LEU L 62 8.32 19.33 28.43
CA LEU L 62 8.11 20.72 28.75
C LEU L 62 6.68 21.03 29.01
N THR L 63 5.80 20.59 28.13
CA THR L 63 4.39 20.87 28.26
C THR L 63 3.79 20.24 29.53
N LEU L 64 4.07 18.97 29.73
CA LEU L 64 3.56 18.24 30.85
C LEU L 64 4.01 18.85 32.19
N THR L 65 5.29 19.18 32.33
CA THR L 65 5.78 19.77 33.59
C THR L 65 5.13 21.16 33.88
N LYS L 66 4.88 21.95 32.86
CA LYS L 66 4.10 23.17 32.98
C LYS L 66 2.66 22.95 33.38
N ILE L 67 2.04 21.89 32.84
CA ILE L 67 0.72 21.51 33.30
C ILE L 67 0.72 21.14 34.78
N ILE L 68 1.69 20.34 35.18
CA ILE L 68 1.77 19.88 36.55
C ILE L 68 1.94 21.06 37.48
N GLU L 69 2.85 21.97 37.14
CA GLU L 69 3.08 23.18 37.97
C GLU L 69 1.81 24.01 38.18
N ALA L 70 1.03 24.20 37.12
CA ALA L 70 -0.26 24.87 37.17
C ALA L 70 -1.25 24.12 38.05
N ARG L 71 -1.38 22.83 37.83
CA ARG L 71 -2.29 22.02 38.64
C ARG L 71 -1.95 21.97 40.14
N LEU L 72 -0.66 22.02 40.50
CA LEU L 72 -0.26 22.12 41.90
C LEU L 72 -0.72 23.41 42.58
N LYS L 73 -0.62 24.55 41.88
CA LYS L 73 -1.11 25.83 42.37
C LYS L 73 -2.62 25.86 42.48
N MET L 74 -3.34 25.36 41.48
CA MET L 74 -4.79 25.24 41.59
C MET L 74 -5.19 24.44 42.81
N TYR L 75 -4.53 23.32 43.04
CA TYR L 75 -4.82 22.46 44.21
C TYR L 75 -4.59 23.27 45.50
N LYS L 76 -3.45 23.94 45.61
CA LYS L 76 -3.12 24.72 46.78
C LYS L 76 -4.15 25.83 47.03
N HIS L 77 -4.58 26.50 45.97
CA HIS L 77 -5.65 27.46 46.07
C HIS L 77 -7.01 26.93 46.55
N SER L 78 -7.46 25.78 46.08
CA SER L 78 -8.81 25.36 46.47
C SER L 78 -8.85 24.48 47.72
N ASN L 79 -7.72 23.91 48.14
CA ASN L 79 -7.63 23.09 49.36
C ASN L 79 -6.74 23.66 50.49
N ASN L 80 -5.96 24.70 50.26
CA ASN L 80 -5.11 25.31 51.30
C ASN L 80 -4.03 24.44 51.92
N LYS L 81 -3.43 23.63 51.08
CA LYS L 81 -2.27 22.85 51.45
C LYS L 81 -1.58 22.40 50.13
N ALA L 82 -0.28 22.13 50.22
CA ALA L 82 0.48 21.61 49.12
C ALA L 82 0.08 20.13 48.90
N MET L 83 0.13 19.70 47.65
CA MET L 83 -0.13 18.33 47.32
C MET L 83 0.94 17.43 47.87
N THR L 84 0.52 16.26 48.35
CA THR L 84 1.44 15.23 48.79
C THR L 84 2.03 14.50 47.60
N THR L 85 3.13 13.80 47.84
CA THR L 85 3.81 13.02 46.82
C THR L 85 2.83 12.06 46.16
N GLY L 86 2.10 11.30 46.97
CA GLY L 86 1.07 10.38 46.52
C GLY L 86 -0.08 11.00 45.77
N ALA L 87 -0.50 12.19 46.19
CA ALA L 87 -1.55 12.90 45.44
C ALA L 87 -1.07 13.41 44.10
N ILE L 88 0.17 13.83 44.02
CA ILE L 88 0.77 14.23 42.70
C ILE L 88 0.81 13.02 41.75
N ALA L 89 1.21 11.87 42.29
CA ALA L 89 1.28 10.67 41.49
C ALA L 89 -0.09 10.30 40.95
N ALA L 90 -1.09 10.33 41.83
CA ALA L 90 -2.47 10.03 41.45
C ALA L 90 -2.99 10.99 40.39
N MET L 91 -2.71 12.26 40.58
CA MET L 91 -3.10 13.29 39.60
C MET L 91 -2.41 13.13 38.27
N LEU L 92 -1.11 12.89 38.31
CA LEU L 92 -0.35 12.69 37.08
C LEU L 92 -0.92 11.54 36.23
N SER L 93 -1.37 10.48 36.89
CA SER L 93 -1.98 9.36 36.22
C SER L 93 -3.19 9.77 35.43
N THR L 94 -4.03 10.64 36.00
CA THR L 94 -5.19 11.18 35.23
C THR L 94 -4.77 12.13 34.10
N ILE L 95 -3.71 12.88 34.28
CA ILE L 95 -3.30 13.81 33.24
C ILE L 95 -2.79 13.07 32.05
N LEU L 96 -2.02 12.03 32.30
CA LEU L 96 -1.50 11.20 31.21
C LEU L 96 -2.62 10.49 30.45
N TYR L 97 -3.64 10.03 31.19
CA TYR L 97 -4.72 9.25 30.58
C TYR L 97 -5.63 10.15 29.79
N SER L 98 -5.70 11.42 30.16
CA SER L 98 -6.48 12.38 29.34
C SER L 98 -6.01 12.45 27.86
N ARG L 99 -4.74 12.11 27.65
CA ARG L 99 -4.18 11.98 26.31
C ARG L 99 -4.04 10.53 25.85
N ARG L 100 -4.86 9.64 26.38
CA ARG L 100 -4.84 8.22 26.01
C ARG L 100 -4.82 7.99 24.51
N PHE L 101 -5.55 8.79 23.76
CA PHE L 101 -5.59 8.68 22.29
C PHE L 101 -4.62 9.62 21.49
N PHE L 102 -3.79 10.43 22.19
CA PHE L 102 -2.61 11.17 21.55
C PHE L 102 -1.55 11.38 22.64
N PRO L 103 -0.81 10.35 23.02
CA PRO L 103 -0.15 10.37 24.29
C PRO L 103 0.96 11.36 24.42
N TYR L 104 1.20 11.83 25.64
CA TYR L 104 2.47 12.41 26.03
C TYR L 104 3.54 11.32 25.97
N TYR L 105 4.53 11.52 25.12
CA TYR L 105 5.63 10.57 24.98
C TYR L 105 6.69 10.88 26.03
N VAL L 106 6.38 10.51 27.25
CA VAL L 106 7.18 10.85 28.40
C VAL L 106 7.21 9.64 29.31
N TYR L 107 8.39 9.30 29.86
CA TYR L 107 8.54 8.38 30.95
C TYR L 107 8.81 9.20 32.21
N ASN L 108 7.94 9.04 33.20
CA ASN L 108 7.98 9.84 34.41
C ASN L 108 8.32 8.97 35.59
N ILE L 109 9.23 9.46 36.43
CA ILE L 109 9.47 8.89 37.72
C ILE L 109 9.40 9.98 38.75
N ILE L 110 8.53 9.82 39.75
CA ILE L 110 8.43 10.78 40.89
C ILE L 110 9.23 10.27 42.07
N GLY L 111 10.00 11.13 42.69
CA GLY L 111 10.71 10.79 43.90
C GLY L 111 10.47 11.83 44.95
N GLY L 112 10.17 11.38 46.18
CA GLY L 112 9.96 12.30 47.28
C GLY L 112 9.71 11.60 48.60
N LEU L 113 9.21 12.35 49.57
CA LEU L 113 8.85 11.82 50.88
C LEU L 113 7.35 11.67 51.00
N ASP L 114 6.93 10.59 51.66
CA ASP L 114 5.52 10.35 51.89
C ASP L 114 5.10 11.09 53.16
N GLU L 115 3.87 10.89 53.65
CA GLU L 115 3.37 11.66 54.82
C GLU L 115 3.92 11.21 56.18
N GLU L 116 4.46 9.99 56.24
CA GLU L 116 5.23 9.54 57.40
C GLU L 116 6.74 9.90 57.31
N GLY L 117 7.18 10.66 56.30
CA GLY L 117 8.59 11.06 56.18
C GLY L 117 9.47 10.05 55.44
N LYS L 118 8.87 8.97 54.95
CA LYS L 118 9.66 7.92 54.32
C LYS L 118 9.84 8.19 52.82
N GLY L 119 10.94 7.67 52.28
CA GLY L 119 11.21 7.76 50.83
C GLY L 119 10.12 7.11 50.02
N ALA L 120 9.68 7.77 48.97
CA ALA L 120 8.69 7.24 48.05
C ALA L 120 9.08 7.48 46.62
N VAL L 121 8.96 6.44 45.81
CA VAL L 121 9.18 6.49 44.37
C VAL L 121 7.94 5.95 43.65
N TYR L 122 7.48 6.71 42.65
CA TYR L 122 6.37 6.29 41.79
C TYR L 122 6.82 6.33 40.33
N SER L 123 6.52 5.26 39.59
CA SER L 123 6.98 5.19 38.20
C SER L 123 5.78 5.03 37.27
N PHE L 124 5.85 5.65 36.11
CA PHE L 124 4.69 5.74 35.23
C PHE L 124 5.01 5.22 33.84
N ASP L 125 3.99 4.73 33.13
CA ASP L 125 4.10 4.57 31.69
C ASP L 125 3.50 5.81 31.02
N PRO L 126 3.65 5.95 29.68
CA PRO L 126 3.18 7.17 29.01
C PRO L 126 1.69 7.50 29.10
N VAL L 127 0.82 6.53 29.31
CA VAL L 127 -0.63 6.80 29.46
C VAL L 127 -1.14 6.67 30.91
N GLY L 128 -0.24 6.60 31.90
CA GLY L 128 -0.56 6.87 33.31
C GLY L 128 -0.68 5.67 34.24
N SER L 129 -0.49 4.44 33.73
CA SER L 129 -0.33 3.28 34.60
C SER L 129 0.83 3.57 35.54
N TYR L 130 0.61 3.37 36.84
CA TYR L 130 1.68 3.67 37.79
C TYR L 130 1.66 2.78 39.00
N GLN L 131 2.76 2.78 39.72
CA GLN L 131 2.81 2.12 40.98
C GLN L 131 3.94 2.69 41.82
N ARG L 132 3.91 2.34 43.10
CA ARG L 132 4.98 2.64 43.99
C ARG L 132 6.10 1.62 43.88
N ASP L 133 7.35 2.06 43.96
CA ASP L 133 8.52 1.20 43.84
C ASP L 133 9.57 1.56 44.87
N SER L 134 10.47 0.64 45.17
CA SER L 134 11.62 0.93 46.01
C SER L 134 12.70 1.72 45.22
N PHE L 135 12.82 1.39 43.94
CA PHE L 135 13.75 2.09 43.05
C PHE L 135 13.32 1.86 41.59
N LYS L 136 13.73 2.74 40.70
CA LYS L 136 13.34 2.63 39.32
C LYS L 136 14.25 3.40 38.38
N ALA L 137 14.61 2.79 37.25
CA ALA L 137 15.28 3.48 36.17
C ALA L 137 14.32 3.63 34.99
N GLY L 138 14.49 4.74 34.28
CA GLY L 138 13.64 5.00 33.15
C GLY L 138 14.40 5.67 32.04
N GLY L 139 13.79 5.67 30.87
CA GLY L 139 14.38 6.30 29.73
C GLY L 139 15.37 5.42 29.01
N SER L 140 16.29 6.08 28.36
CA SER L 140 17.09 5.50 27.32
C SER L 140 17.95 4.31 27.77
N ALA L 141 18.58 4.46 28.93
CA ALA L 141 19.46 3.44 29.42
C ALA L 141 18.80 2.57 30.49
N SER L 142 17.46 2.51 30.56
CA SER L 142 16.84 1.83 31.70
C SER L 142 17.15 0.39 31.79
N ALA L 143 17.26 -0.28 30.66
CA ALA L 143 17.61 -1.66 30.63
C ALA L 143 19.05 -1.89 31.03
N MET L 144 19.89 -0.87 30.92
CA MET L 144 21.26 -0.97 31.46
C MET L 144 21.39 -0.69 32.95
N LEU L 145 20.51 0.13 33.51
CA LEU L 145 20.57 0.47 34.93
C LEU L 145 19.84 -0.52 35.80
N GLN L 146 18.67 -0.97 35.35
CA GLN L 146 17.73 -1.68 36.20
C GLN L 146 18.27 -3.01 36.71
N PRO L 147 18.89 -3.82 35.85
CA PRO L 147 19.43 -5.07 36.41
C PRO L 147 20.42 -4.97 37.57
N LEU L 148 21.35 -4.01 37.52
CA LEU L 148 22.28 -3.83 38.65
C LEU L 148 21.54 -3.37 39.91
N LEU L 149 20.53 -2.53 39.76
CA LEU L 149 19.73 -2.10 40.92
C LEU L 149 18.94 -3.28 41.52
N ASP L 150 18.32 -4.09 40.66
CA ASP L 150 17.66 -5.32 41.12
C ASP L 150 18.57 -6.14 41.99
N ASN L 151 19.84 -6.18 41.60
CA ASN L 151 20.84 -6.99 42.23
C ASN L 151 21.39 -6.36 43.52
N GLN L 152 21.79 -5.11 43.43
CA GLN L 152 22.42 -4.40 44.55
C GLN L 152 21.47 -3.81 45.58
N VAL L 153 20.29 -3.41 45.15
CA VAL L 153 19.30 -2.87 46.07
C VAL L 153 18.26 -3.94 46.48
N GLY L 154 17.81 -4.77 45.54
CA GLY L 154 16.82 -5.82 45.85
C GLY L 154 17.43 -7.11 46.34
N PHE L 155 18.76 -7.16 46.30
CA PHE L 155 19.55 -8.31 46.71
C PHE L 155 19.28 -9.58 45.89
N LYS L 156 18.80 -9.40 44.68
CA LYS L 156 18.36 -10.51 43.86
C LYS L 156 19.48 -11.38 43.29
N ASN L 157 19.18 -12.67 43.23
CA ASN L 157 20.12 -13.72 42.79
C ASN L 157 21.31 -13.94 43.69
N MET L 158 21.28 -13.38 44.92
CA MET L 158 22.36 -13.53 45.91
C MET L 158 22.01 -14.44 47.10
N GLN L 159 22.94 -15.35 47.41
CA GLN L 159 22.89 -16.16 48.63
C GLN L 159 23.89 -15.57 49.61
N ASN L 160 23.61 -15.78 50.90
CA ASN L 160 24.61 -15.51 51.95
C ASN L 160 25.12 -14.05 51.92
N VAL L 161 24.16 -13.11 51.86
CA VAL L 161 24.40 -11.66 52.01
C VAL L 161 23.34 -11.07 52.97
N GLU L 162 23.79 -10.31 53.97
CA GLU L 162 22.87 -9.63 54.90
C GLU L 162 22.06 -8.57 54.13
N HIS L 163 20.73 -8.68 54.22
CA HIS L 163 19.82 -7.70 53.59
C HIS L 163 19.78 -6.40 54.45
N VAL L 164 20.89 -5.65 54.45
CA VAL L 164 20.98 -4.38 55.20
C VAL L 164 20.14 -3.24 54.59
N PRO L 165 19.67 -2.28 55.46
CA PRO L 165 18.95 -1.09 54.95
C PRO L 165 19.86 -0.20 54.07
N LEU L 166 19.26 0.53 53.16
CA LEU L 166 20.04 1.30 52.19
C LEU L 166 20.47 2.66 52.72
N SER L 167 21.76 2.80 53.03
CA SER L 167 22.29 4.11 53.41
C SER L 167 22.31 5.06 52.24
N LEU L 168 22.23 6.35 52.55
CA LEU L 168 22.32 7.40 51.53
C LEU L 168 23.65 7.28 50.80
N ASP L 169 24.73 7.08 51.57
CA ASP L 169 26.08 6.96 50.99
C ASP L 169 26.16 5.84 49.95
N ARG L 170 25.70 4.65 50.31
CA ARG L 170 25.70 3.53 49.39
C ARG L 170 24.80 3.87 48.19
N ALA L 171 23.62 4.47 48.43
CA ALA L 171 22.69 4.74 47.33
C ALA L 171 23.33 5.70 46.34
N MET L 172 24.00 6.70 46.89
CA MET L 172 24.75 7.67 46.10
C MET L 172 25.87 7.09 45.22
N ARG L 173 26.67 6.20 45.81
CA ARG L 173 27.71 5.45 45.12
C ARG L 173 27.04 4.62 44.02
N LEU L 174 25.92 3.96 44.30
CA LEU L 174 25.20 3.19 43.28
C LEU L 174 24.76 4.04 42.10
N VAL L 175 24.18 5.20 42.42
CA VAL L 175 23.62 6.08 41.41
C VAL L 175 24.69 6.52 40.45
N LYS L 176 25.84 6.87 40.97
CA LYS L 176 26.94 7.32 40.14
C LYS L 176 27.52 6.17 39.29
N ASP L 177 27.70 5.00 39.90
CA ASP L 177 28.21 3.84 39.19
C ASP L 177 27.33 3.37 38.03
N VAL L 178 26.01 3.33 38.20
CA VAL L 178 25.15 2.88 37.11
C VAL L 178 25.15 3.88 35.96
N PHE L 179 25.26 5.18 36.27
CA PHE L 179 25.28 6.18 35.21
C PHE L 179 26.59 6.21 34.45
N ILE L 180 27.68 6.08 35.17
CA ILE L 180 28.99 5.93 34.54
C ILE L 180 29.04 4.68 33.66
N SER L 181 28.53 3.56 34.17
CA SER L 181 28.42 2.33 33.37
C SER L 181 27.50 2.56 32.15
N ALA L 182 26.42 3.29 32.34
CA ALA L 182 25.51 3.54 31.22
C ALA L 182 26.09 4.48 30.19
N ALA L 183 26.84 5.47 30.62
CA ALA L 183 27.48 6.37 29.67
C ALA L 183 28.50 5.63 28.74
N GLU L 184 29.06 4.49 29.19
CA GLU L 184 29.94 3.71 28.34
C GLU L 184 29.23 3.13 27.11
N ARG L 185 27.95 2.81 27.23
CA ARG L 185 27.24 2.00 26.25
C ARG L 185 26.01 2.61 25.59
N ASP L 186 25.22 3.39 26.32
CA ASP L 186 24.12 4.15 25.70
C ASP L 186 24.68 5.45 25.08
N VAL L 187 24.54 5.60 23.76
CA VAL L 187 25.02 6.79 23.07
C VAL L 187 24.29 8.05 23.53
N TYR L 188 23.05 7.91 23.99
CA TYR L 188 22.30 9.10 24.50
C TYR L 188 22.62 9.59 25.91
N THR L 189 23.28 8.78 26.73
CA THR L 189 23.55 9.12 28.13
C THR L 189 24.97 9.62 28.24
N GLY L 190 25.10 10.85 28.69
CA GLY L 190 26.41 11.46 28.77
C GLY L 190 26.41 12.85 29.34
N ASP L 191 27.56 13.49 29.22
CA ASP L 191 27.80 14.90 29.63
C ASP L 191 27.88 15.15 31.14
N ALA L 192 26.77 14.99 31.82
CA ALA L 192 26.75 15.20 33.25
C ALA L 192 25.58 14.47 33.89
N LEU L 193 25.75 14.15 35.16
CA LEU L 193 24.75 13.49 35.99
C LEU L 193 24.32 14.52 37.04
N ARG L 194 23.03 14.86 37.05
CA ARG L 194 22.45 15.71 38.08
C ARG L 194 21.72 14.80 39.09
N ILE L 195 22.04 14.95 40.38
CA ILE L 195 21.41 14.18 41.47
C ILE L 195 20.68 15.10 42.46
N CYS L 196 19.36 14.90 42.64
CA CYS L 196 18.56 15.61 43.65
C CYS L 196 18.31 14.69 44.83
N ILE L 197 18.61 15.16 46.04
CA ILE L 197 18.39 14.39 47.27
C ILE L 197 17.32 15.08 48.13
N VAL L 198 16.20 14.40 48.31
CA VAL L 198 15.08 14.92 49.07
C VAL L 198 15.11 14.34 50.47
N THR L 199 15.26 15.20 51.47
CA THR L 199 15.08 14.83 52.91
C THR L 199 14.14 15.82 53.61
N LYS L 200 13.86 15.60 54.89
CA LYS L 200 13.07 16.53 55.71
C LYS L 200 13.65 17.97 55.73
N GLU L 201 14.98 18.08 55.64
CA GLU L 201 15.66 19.37 55.63
C GLU L 201 15.50 20.12 54.29
N GLY L 202 15.05 19.44 53.24
CA GLY L 202 14.81 20.07 51.93
C GLY L 202 15.46 19.28 50.80
N ILE L 203 15.81 19.98 49.74
CA ILE L 203 16.31 19.34 48.54
C ILE L 203 17.69 19.84 48.17
N ARG L 204 18.70 18.96 48.23
CA ARG L 204 20.02 19.35 47.72
C ARG L 204 20.43 18.66 46.41
N GLU L 205 21.42 19.29 45.77
CA GLU L 205 21.79 19.06 44.40
C GLU L 205 23.28 18.73 44.37
N GLU L 206 23.64 17.61 43.75
CA GLU L 206 25.04 17.32 43.34
C GLU L 206 25.07 17.19 41.80
N THR L 207 26.21 17.55 41.19
CA THR L 207 26.45 17.15 39.80
C THR L 207 27.82 16.46 39.62
N VAL L 208 27.84 15.38 38.82
CA VAL L 208 29.05 14.62 38.48
C VAL L 208 29.27 14.67 36.96
N SER L 209 30.52 14.78 36.54
CA SER L 209 30.86 14.83 35.12
C SER L 209 30.72 13.45 34.48
N LEU L 210 30.16 13.37 33.28
CA LEU L 210 30.17 12.13 32.46
C LEU L 210 30.89 12.32 31.15
N ARG L 211 31.22 11.19 30.50
CA ARG L 211 31.84 11.20 29.16
C ARG L 211 31.07 12.06 28.17
N LYS L 212 31.81 12.84 27.37
CA LYS L 212 31.26 13.78 26.39
C LYS L 212 31.15 13.29 24.93
N ASP L 213 31.69 12.09 24.64
CA ASP L 213 31.53 11.43 23.30
C ASP L 213 30.19 10.71 23.10
N THR M 1 0.96 24.14 7.97
CA THR M 1 1.64 23.61 6.75
C THR M 1 1.88 22.12 6.85
N GLN M 2 1.36 21.35 5.90
CA GLN M 2 1.73 19.95 5.68
C GLN M 2 2.99 19.81 4.77
N ASN M 3 3.09 20.69 3.79
CA ASN M 3 4.16 20.73 2.82
C ASN M 3 4.84 22.07 2.73
N PRO M 4 6.06 22.20 3.21
CA PRO M 4 6.71 23.48 3.11
C PRO M 4 6.97 23.86 1.67
N MET M 5 6.98 25.16 1.37
CA MET M 5 7.10 25.63 0.02
C MET M 5 8.42 26.38 -0.10
N VAL M 6 8.42 27.72 -0.08
CA VAL M 6 9.66 28.48 -0.08
C VAL M 6 10.26 28.37 1.30
N THR M 7 11.55 28.00 1.39
CA THR M 7 12.20 27.67 2.67
C THR M 7 13.58 28.36 2.85
N GLY M 8 13.98 28.56 4.10
CA GLY M 8 15.26 29.06 4.41
C GLY M 8 16.07 28.02 5.15
N THR M 9 17.38 28.10 4.99
CA THR M 9 18.28 27.12 5.57
C THR M 9 18.74 27.58 6.99
N SER M 10 19.93 27.20 7.39
CA SER M 10 20.45 27.40 8.72
C SER M 10 20.37 28.82 9.30
N VAL M 11 20.26 28.86 10.62
CA VAL M 11 20.36 30.08 11.40
C VAL M 11 21.33 29.73 12.51
N LEU M 12 22.26 30.64 12.77
CA LEU M 12 23.30 30.44 13.78
C LEU M 12 23.07 31.49 14.88
N GLY M 13 23.52 31.16 16.09
CA GLY M 13 23.57 32.04 17.20
C GLY M 13 24.69 31.71 18.15
N VAL M 14 25.30 32.76 18.70
CA VAL M 14 26.29 32.59 19.79
C VAL M 14 26.18 33.77 20.81
N LYS M 15 26.35 33.44 22.08
CA LYS M 15 26.42 34.41 23.14
C LYS M 15 27.83 34.93 23.24
N PHE M 16 27.93 36.23 23.53
CA PHE M 16 29.18 36.87 23.88
C PHE M 16 28.97 37.77 25.09
N GLU M 17 30.06 38.28 25.65
CA GLU M 17 29.97 39.14 26.82
C GLU M 17 29.33 40.49 26.48
N GLY M 18 28.11 40.68 26.94
CA GLY M 18 27.34 41.87 26.62
C GLY M 18 26.32 41.70 25.50
N GLY M 19 26.08 40.46 25.05
CA GLY M 19 25.14 40.29 23.97
C GLY M 19 25.09 38.93 23.30
N VAL M 20 24.42 38.90 22.16
CA VAL M 20 24.19 37.73 21.40
C VAL M 20 24.26 38.17 19.97
N VAL M 21 24.77 37.29 19.13
CA VAL M 21 24.78 37.52 17.68
C VAL M 21 24.04 36.36 16.99
N ILE M 22 23.20 36.65 16.02
CA ILE M 22 22.65 35.63 15.15
C ILE M 22 22.94 35.94 13.67
N ALA M 23 22.95 34.90 12.85
CA ALA M 23 23.21 35.06 11.42
C ALA M 23 22.31 34.16 10.60
N ALA M 24 21.95 34.68 9.43
CA ALA M 24 21.21 33.90 8.47
C ALA M 24 21.35 34.50 7.09
N ASP M 25 21.38 33.61 6.10
CA ASP M 25 21.49 34.01 4.73
C ASP M 25 20.16 34.55 4.24
N MET M 26 20.19 35.16 3.07
CA MET M 26 19.05 35.90 2.57
C MET M 26 18.31 35.16 1.47
N LEU M 27 18.27 33.84 1.56
CA LEU M 27 17.67 33.00 0.50
C LEU M 27 16.35 32.29 0.87
N GLY M 28 15.35 32.42 0.01
CA GLY M 28 14.23 31.56 -0.01
C GLY M 28 14.38 30.54 -1.17
N SER M 29 14.60 29.27 -0.81
CA SER M 29 14.69 28.17 -1.83
C SER M 29 13.34 27.53 -2.04
N TYR M 30 13.10 27.08 -3.26
CA TYR M 30 11.90 26.37 -3.67
C TYR M 30 12.38 25.04 -4.18
N GLY M 31 12.46 24.09 -3.28
CA GLY M 31 13.20 22.89 -3.55
C GLY M 31 14.65 23.29 -3.73
N SER M 32 15.27 22.78 -4.78
CA SER M 32 16.68 23.08 -5.03
C SER M 32 16.86 24.47 -5.67
N LEU M 33 15.78 25.03 -6.24
CA LEU M 33 15.84 26.34 -6.88
C LEU M 33 16.10 27.45 -5.86
N ALA M 34 17.14 28.23 -6.09
CA ALA M 34 17.46 29.43 -5.31
C ALA M 34 16.55 30.53 -5.85
N ARG M 35 15.37 30.68 -5.28
CA ARG M 35 14.29 31.42 -5.93
C ARG M 35 14.18 32.91 -5.57
N PHE M 36 14.19 33.20 -4.27
CA PHE M 36 14.06 34.58 -3.73
C PHE M 36 15.32 34.88 -3.00
N ARG M 37 16.13 35.70 -3.63
CA ARG M 37 17.53 35.89 -3.21
C ARG M 37 17.80 37.12 -2.35
N ASN M 38 16.79 37.88 -1.99
CA ASN M 38 17.03 39.00 -1.10
C ASN M 38 15.91 39.15 -0.05
N ILE M 39 15.74 38.11 0.77
CA ILE M 39 14.71 38.11 1.79
C ILE M 39 15.45 38.03 3.10
N SER M 40 14.91 38.71 4.11
CA SER M 40 15.43 38.66 5.48
C SER M 40 14.71 37.58 6.26
N ARG M 41 15.50 36.76 6.94
CA ARG M 41 15.00 35.71 7.75
C ARG M 41 15.25 36.02 9.21
N ILE M 42 15.52 37.29 9.48
CA ILE M 42 15.73 37.80 10.81
C ILE M 42 14.69 38.89 11.11
N MET M 43 14.27 38.93 12.36
CA MET M 43 13.26 39.88 12.87
C MET M 43 13.73 40.52 14.17
N ARG M 44 13.64 41.83 14.24
CA ARG M 44 13.70 42.51 15.53
C ARG M 44 12.34 42.32 16.17
N VAL M 45 12.29 41.68 17.32
CA VAL M 45 11.00 41.52 18.04
C VAL M 45 10.70 42.81 18.84
N ASN M 46 11.62 43.19 19.71
CA ASN M 46 11.53 44.45 20.48
C ASN M 46 12.95 44.84 20.83
N ASN M 47 13.17 45.80 21.69
CA ASN M 47 14.54 46.23 21.95
C ASN M 47 15.50 45.22 22.57
N SER M 48 14.98 44.19 23.20
CA SER M 48 15.77 43.28 23.93
C SER M 48 15.91 41.94 23.17
N THR M 49 15.16 41.74 22.08
CA THR M 49 14.94 40.42 21.53
C THR M 49 14.95 40.42 20.03
N MET M 50 15.59 39.39 19.47
CA MET M 50 15.52 39.13 18.03
C MET M 50 15.32 37.66 17.74
N LEU M 51 14.92 37.40 16.49
CA LEU M 51 14.53 36.07 16.07
C LEU M 51 15.00 35.77 14.65
N GLY M 52 15.55 34.58 14.45
CA GLY M 52 15.89 34.07 13.10
C GLY M 52 15.23 32.73 12.83
N ALA M 53 14.76 32.54 11.61
CA ALA M 53 13.95 31.39 11.26
C ALA M 53 14.43 30.60 10.02
N SER M 54 14.60 29.29 10.23
CA SER M 54 14.68 28.27 9.18
C SER M 54 13.30 27.77 8.80
N GLY M 55 13.19 27.15 7.65
CA GLY M 55 11.98 26.47 7.29
C GLY M 55 11.09 27.36 6.44
N ASP M 56 9.80 27.06 6.42
CA ASP M 56 8.85 27.69 5.55
C ASP M 56 8.73 29.20 5.83
N TYR M 57 8.95 29.95 4.78
CA TYR M 57 9.03 31.37 4.85
C TYR M 57 7.65 31.99 5.09
N ALA M 58 6.60 31.47 4.46
CA ALA M 58 5.23 31.97 4.70
C ALA M 58 4.84 31.84 6.17
N ASP M 59 5.20 30.72 6.81
CA ASP M 59 4.96 30.53 8.21
C ASP M 59 5.76 31.49 9.09
N PHE M 60 7.00 31.77 8.70
CA PHE M 60 7.76 32.79 9.39
C PHE M 60 7.12 34.20 9.28
N GLN M 61 6.59 34.56 8.11
CA GLN M 61 5.92 35.83 7.94
C GLN M 61 4.67 35.96 8.81
N TYR M 62 3.99 34.85 9.05
CA TYR M 62 2.85 34.79 9.91
C TYR M 62 3.28 35.01 11.34
N LEU M 63 4.32 34.34 11.78
CA LEU M 63 4.81 34.53 13.11
C LEU M 63 5.28 35.95 13.30
N LYS M 64 5.92 36.56 12.31
CA LYS M 64 6.33 37.98 12.39
C LYS M 64 5.14 38.91 12.59
N GLN M 65 4.07 38.65 11.85
CA GLN M 65 2.84 39.44 11.93
C GLN M 65 2.20 39.30 13.34
N VAL M 66 2.13 38.08 13.87
CA VAL M 66 1.55 37.82 15.19
C VAL M 66 2.38 38.42 16.32
N LEU M 67 3.66 38.17 16.26
CA LEU M 67 4.58 38.59 17.28
C LEU M 67 4.79 40.14 17.22
N GLY M 68 4.78 40.69 16.02
CA GLY M 68 4.84 42.12 15.87
C GLY M 68 3.64 42.82 16.49
N GLN M 69 2.45 42.28 16.28
CA GLN M 69 1.24 42.85 16.82
C GLN M 69 1.19 42.69 18.36
N MET M 70 1.75 41.61 18.91
CA MET M 70 1.84 41.46 20.36
C MET M 70 2.70 42.53 20.97
N VAL M 71 3.78 42.90 20.31
CA VAL M 71 4.71 43.85 20.88
C VAL M 71 4.07 45.26 20.84
N ILE M 72 3.41 45.59 19.73
CA ILE M 72 2.64 46.81 19.63
C ILE M 72 1.59 46.90 20.73
N ASP M 73 0.77 45.84 20.93
CA ASP M 73 -0.26 45.74 22.00
C ASP M 73 0.31 46.06 23.36
N GLU M 74 1.45 45.47 23.65
CA GLU M 74 2.12 45.72 24.90
C GLU M 74 2.61 47.18 25.05
N GLU M 75 3.19 47.76 24.00
CA GLU M 75 3.68 49.13 24.04
C GLU M 75 2.57 50.19 24.17
N LEU M 76 1.37 49.85 23.73
CA LEU M 76 0.24 50.71 23.90
C LEU M 76 -0.03 50.99 25.37
N LEU M 77 0.27 50.03 26.23
CA LEU M 77 -0.05 50.19 27.64
C LEU M 77 0.90 51.12 28.37
N GLY M 78 2.12 51.27 27.88
CA GLY M 78 3.11 52.17 28.46
C GLY M 78 3.22 52.03 29.95
N ASP M 79 3.29 50.79 30.41
CA ASP M 79 3.11 50.45 31.81
C ASP M 79 4.39 49.97 32.52
N GLY M 80 5.55 50.16 31.89
CA GLY M 80 6.84 49.74 32.47
C GLY M 80 7.23 48.25 32.37
N HIS M 81 6.45 47.42 31.67
CA HIS M 81 6.74 46.00 31.55
C HIS M 81 6.90 45.70 30.09
N SER M 82 7.83 44.81 29.79
CA SER M 82 8.15 44.40 28.42
C SER M 82 8.34 42.92 28.39
N TYR M 83 7.90 42.29 27.31
CA TYR M 83 8.26 40.93 27.09
C TYR M 83 9.81 40.82 27.06
N SER M 84 10.37 40.04 27.99
CA SER M 84 11.76 39.67 27.96
C SER M 84 12.02 38.62 26.85
N PRO M 85 13.30 38.39 26.51
CA PRO M 85 13.65 37.35 25.52
C PRO M 85 13.17 35.97 25.92
N ARG M 86 13.32 35.65 27.20
CA ARG M 86 12.80 34.43 27.79
C ARG M 86 11.31 34.24 27.67
N ALA M 87 10.58 35.33 27.81
CA ALA M 87 9.14 35.27 27.65
C ALA M 87 8.70 35.04 26.23
N ILE M 88 9.39 35.70 25.30
CA ILE M 88 9.09 35.53 23.86
C ILE M 88 9.39 34.10 23.45
N HIS M 89 10.51 33.57 23.91
CA HIS M 89 10.83 32.17 23.74
C HIS M 89 9.78 31.24 24.34
N SER M 90 9.31 31.53 25.56
CA SER M 90 8.29 30.71 26.20
C SER M 90 7.03 30.68 25.36
N TRP M 91 6.61 31.84 24.91
CA TRP M 91 5.39 31.95 24.10
C TRP M 91 5.54 31.14 22.81
N LEU M 92 6.73 31.21 22.23
CA LEU M 92 6.98 30.58 20.96
C LEU M 92 6.98 29.07 21.13
N THR M 93 7.53 28.60 22.22
CA THR M 93 7.43 27.18 22.51
C THR M 93 5.95 26.78 22.57
N ARG M 94 5.14 27.56 23.28
CA ARG M 94 3.74 27.21 23.40
C ARG M 94 3.01 27.21 22.08
N ALA M 95 3.26 28.19 21.28
CA ALA M 95 2.58 28.33 20.01
C ALA M 95 2.97 27.19 19.03
N MET M 96 4.24 26.82 18.96
CA MET M 96 4.65 25.71 18.12
C MET M 96 4.11 24.38 18.63
N TYR M 97 4.21 24.15 19.92
CA TYR M 97 3.61 22.94 20.52
C TYR M 97 2.13 22.78 20.22
N SER M 98 1.42 23.90 20.40
CA SER M 98 -0.02 23.94 20.18
C SER M 98 -0.39 23.59 18.72
N ARG M 99 0.33 24.15 17.77
CA ARG M 99 0.15 23.88 16.34
C ARG M 99 0.52 22.44 15.97
N ARG M 100 1.60 21.92 16.58
CA ARG M 100 1.99 20.51 16.46
C ARG M 100 0.89 19.58 16.98
N SER M 101 0.26 19.96 18.12
CA SER M 101 -0.75 19.12 18.74
C SER M 101 -2.07 19.16 18.03
N LYS M 102 -2.25 20.10 17.12
CA LYS M 102 -3.36 20.08 16.16
C LYS M 102 -3.04 19.41 14.82
N MET M 103 -1.84 18.84 14.68
CA MET M 103 -1.37 18.16 13.45
C MET M 103 -1.29 19.16 12.28
N ASN M 104 -0.92 20.40 12.59
CA ASN M 104 -0.88 21.46 11.62
C ASN M 104 0.23 22.41 11.98
N PRO M 105 1.47 21.94 11.85
CA PRO M 105 2.56 22.75 12.37
C PRO M 105 2.83 24.03 11.58
N LEU M 106 3.57 24.91 12.24
CA LEU M 106 4.26 26.01 11.60
C LEU M 106 5.64 25.43 11.33
N TRP M 107 5.99 25.31 10.06
CA TRP M 107 7.15 24.50 9.64
C TRP M 107 8.45 25.33 9.76
N ASN M 108 8.89 25.56 10.98
CA ASN M 108 10.01 26.41 11.23
C ASN M 108 10.86 25.85 12.34
N THR M 109 12.16 26.16 12.30
CA THR M 109 13.03 26.05 13.46
C THR M 109 13.61 27.42 13.72
N MET M 110 13.63 27.84 15.00
CA MET M 110 13.94 29.21 15.36
C MET M 110 14.95 29.38 16.43
N VAL M 111 15.67 30.51 16.31
CA VAL M 111 16.70 30.91 17.20
C VAL M 111 16.28 32.30 17.71
N ILE M 112 16.09 32.41 19.03
CA ILE M 112 15.76 33.67 19.71
C ILE M 112 17.02 34.09 20.43
N GLY M 113 17.45 35.30 20.13
CA GLY M 113 18.60 35.89 20.78
C GLY M 113 18.12 37.09 21.54
N GLY M 114 18.73 37.36 22.68
CA GLY M 114 18.33 38.55 23.46
C GLY M 114 19.32 39.01 24.47
N TYR M 115 19.10 40.21 24.97
CA TYR M 115 19.88 40.74 26.06
C TYR M 115 18.95 41.53 26.98
N ALA M 116 18.96 41.19 28.27
CA ALA M 116 18.09 41.79 29.28
C ALA M 116 18.66 41.61 30.67
N ASP M 117 18.61 42.66 31.48
CA ASP M 117 19.09 42.61 32.89
C ASP M 117 20.54 42.11 33.03
N GLY M 118 21.44 42.50 32.14
CA GLY M 118 22.81 41.94 32.15
C GLY M 118 23.06 40.49 31.74
N GLU M 119 22.04 39.79 31.26
CA GLU M 119 22.13 38.37 30.89
C GLU M 119 21.88 38.21 29.38
N SER M 120 22.80 37.56 28.67
CA SER M 120 22.58 37.13 27.27
C SER M 120 21.62 35.96 27.19
N PHE M 121 20.62 36.05 26.32
CA PHE M 121 19.70 34.95 26.10
C PHE M 121 19.82 34.34 24.68
N LEU M 122 19.86 33.01 24.61
CA LEU M 122 19.84 32.33 23.32
C LEU M 122 19.01 31.07 23.46
N GLY M 123 17.93 30.98 22.71
CA GLY M 123 17.06 29.86 22.81
C GLY M 123 16.59 29.34 21.46
N TYR M 124 16.32 28.03 21.45
CA TYR M 124 15.93 27.28 20.27
C TYR M 124 14.47 26.82 20.41
N VAL M 125 13.70 26.90 19.32
CA VAL M 125 12.38 26.32 19.27
C VAL M 125 12.18 25.65 17.91
N ASP M 126 11.75 24.38 17.89
CA ASP M 126 11.44 23.72 16.60
C ASP M 126 9.94 23.58 16.45
N MET M 127 9.52 23.01 15.33
CA MET M 127 8.11 22.89 14.96
C MET M 127 7.31 21.91 15.77
N LEU M 128 7.97 21.15 16.62
CA LEU M 128 7.27 20.29 17.52
C LEU M 128 7.21 20.84 18.93
N GLY M 129 7.72 22.05 19.18
CA GLY M 129 7.79 22.56 20.57
C GLY M 129 8.97 22.09 21.39
N VAL M 130 9.98 21.48 20.74
CA VAL M 130 11.24 21.18 21.43
C VAL M 130 11.94 22.50 21.59
N ALA M 131 12.36 22.79 22.81
CA ALA M 131 12.95 24.06 23.12
C ALA M 131 13.98 23.95 24.23
N TYR M 132 15.02 24.75 24.15
CA TYR M 132 16.05 24.73 25.16
C TYR M 132 16.92 25.97 24.97
N GLU M 133 17.84 26.15 25.89
CA GLU M 133 18.77 27.29 25.78
C GLU M 133 20.23 26.75 25.78
N ALA M 134 21.10 27.42 25.03
CA ALA M 134 22.52 27.04 25.02
C ALA M 134 23.39 28.21 24.67
N PRO M 135 24.69 28.11 24.99
CA PRO M 135 25.66 29.17 24.60
C PRO M 135 25.76 29.43 23.09
N SER M 136 25.52 28.41 22.27
CA SER M 136 25.48 28.54 20.79
C SER M 136 24.46 27.59 20.21
N LEU M 137 23.90 27.96 19.08
CA LEU M 137 22.87 27.21 18.41
C LEU M 137 23.13 27.26 16.96
N ALA M 138 22.64 26.25 16.25
CA ALA M 138 22.74 26.17 14.79
C ALA M 138 21.67 25.19 14.24
N THR M 139 20.77 25.70 13.40
CA THR M 139 19.70 24.94 12.91
C THR M 139 20.14 24.34 11.56
N GLY M 140 19.38 23.35 11.06
CA GLY M 140 19.61 22.83 9.73
C GLY M 140 20.96 22.16 9.57
N TYR M 141 21.58 22.35 8.42
CA TYR M 141 22.93 21.84 8.20
C TYR M 141 23.93 22.49 9.17
N GLY M 142 23.61 23.68 9.68
CA GLY M 142 24.38 24.24 10.74
C GLY M 142 24.61 23.36 11.93
N ALA M 143 23.62 22.57 12.30
CA ALA M 143 23.79 21.61 13.40
C ALA M 143 24.99 20.68 13.20
N TYR M 144 25.25 20.30 11.95
CA TYR M 144 26.30 19.36 11.57
C TYR M 144 27.61 20.02 11.23
N LEU M 145 27.54 21.19 10.61
CA LEU M 145 28.70 21.92 10.09
C LEU M 145 29.20 23.03 11.00
N ALA M 146 28.32 23.86 11.56
CA ALA M 146 28.72 25.05 12.34
C ALA M 146 28.92 24.70 13.80
N GLN M 147 27.94 24.04 14.39
CA GLN M 147 27.94 23.78 15.85
C GLN M 147 29.19 23.06 16.35
N PRO M 148 29.75 22.09 15.59
CA PRO M 148 31.03 21.56 16.05
C PRO M 148 32.11 22.62 16.26
N LEU M 149 32.22 23.56 15.32
CA LEU M 149 33.20 24.64 15.41
C LEU M 149 32.88 25.58 16.59
N LEU M 150 31.63 26.05 16.65
CA LEU M 150 31.16 26.87 17.74
C LEU M 150 31.48 26.24 19.09
N ARG M 151 31.08 25.00 19.33
CA ARG M 151 31.29 24.39 20.66
C ARG M 151 32.76 24.11 20.96
N GLU M 152 33.56 23.88 19.92
CA GLU M 152 34.97 23.65 20.14
C GLU M 152 35.65 24.89 20.71
N VAL M 153 35.27 26.06 20.20
CA VAL M 153 35.75 27.34 20.70
C VAL M 153 35.23 27.60 22.13
N LEU M 154 33.92 27.59 22.29
CA LEU M 154 33.27 27.76 23.60
C LEU M 154 33.66 26.83 24.75
N GLU M 155 34.33 25.70 24.46
CA GLU M 155 34.81 24.77 25.49
C GLU M 155 36.18 25.27 25.96
N LYS M 156 37.04 25.61 25.00
CA LYS M 156 38.32 26.30 25.27
C LYS M 156 38.19 27.70 25.96
N GLN M 157 37.06 28.37 25.75
CA GLN M 157 36.87 29.79 26.11
C GLN M 157 35.39 30.12 26.14
N PRO M 158 34.71 29.80 27.25
CA PRO M 158 33.26 30.03 27.36
C PRO M 158 32.79 31.49 27.20
N VAL M 159 33.70 32.44 27.49
CA VAL M 159 33.39 33.88 27.38
C VAL M 159 34.14 34.47 26.18
N LEU M 160 33.35 34.92 25.21
CA LEU M 160 33.84 35.46 23.96
C LEU M 160 33.53 36.92 23.97
N SER M 161 34.40 37.70 23.35
CA SER M 161 34.10 39.08 23.06
C SER M 161 33.23 39.16 21.82
N GLN M 162 32.65 40.34 21.61
CA GLN M 162 31.79 40.57 20.47
C GLN M 162 32.52 40.35 19.15
N THR M 163 33.81 40.70 19.10
CA THR M 163 34.51 40.62 17.82
C THR M 163 34.92 39.16 17.54
N GLU M 164 35.37 38.44 18.58
CA GLU M 164 35.60 36.97 18.52
C GLU M 164 34.36 36.17 18.03
N ALA M 165 33.20 36.53 18.55
CA ALA M 165 31.93 35.91 18.23
C ALA M 165 31.49 36.23 16.82
N ARG M 166 31.69 37.47 16.42
CA ARG M 166 31.46 37.88 15.03
C ARG M 166 32.41 37.13 14.02
N ASP M 167 33.71 37.03 14.30
CA ASP M 167 34.63 36.31 13.40
CA ASP M 167 34.62 36.26 13.39
C ASP M 167 34.26 34.80 13.34
N LEU M 168 33.82 34.25 14.47
CA LEU M 168 33.49 32.86 14.57
C LEU M 168 32.26 32.52 13.70
N VAL M 169 31.27 33.39 13.78
CA VAL M 169 30.14 33.35 12.91
C VAL M 169 30.52 33.42 11.44
N GLU M 170 31.30 34.41 11.03
CA GLU M 170 31.73 34.52 9.61
C GLU M 170 32.38 33.22 9.08
N ARG M 171 33.17 32.58 9.94
CA ARG M 171 33.85 31.32 9.63
C ARG M 171 32.84 30.18 9.43
N CYS M 172 31.83 30.10 10.27
CA CYS M 172 30.76 29.12 10.13
C CYS M 172 29.94 29.34 8.89
N MET M 173 29.66 30.59 8.56
CA MET M 173 28.88 30.90 7.35
C MET M 173 29.67 30.55 6.07
N ARG M 174 30.99 30.63 6.14
CA ARG M 174 31.83 30.21 5.06
C ARG M 174 31.72 28.67 4.86
N VAL M 175 31.91 27.91 5.94
CA VAL M 175 31.77 26.48 5.91
C VAL M 175 30.41 26.08 5.31
N LEU M 176 29.34 26.80 5.69
CA LEU M 176 28.02 26.52 5.19
C LEU M 176 27.87 26.79 3.71
N TYR M 177 28.46 27.89 3.24
CA TYR M 177 28.42 28.21 1.82
C TYR M 177 29.19 27.17 1.01
N TYR M 178 30.25 26.62 1.59
CA TYR M 178 30.98 25.53 0.93
C TYR M 178 30.22 24.18 0.81
N ARG M 179 29.42 23.82 1.81
CA ARG M 179 28.93 22.48 2.00
C ARG M 179 27.41 22.25 2.10
N ASP M 180 26.62 23.31 2.19
CA ASP M 180 25.18 23.25 2.13
C ASP M 180 24.75 23.74 0.74
N ALA M 181 24.20 22.84 -0.07
CA ALA M 181 23.67 23.13 -1.38
C ALA M 181 22.43 24.07 -1.42
N ARG M 182 21.88 24.45 -0.28
CA ARG M 182 20.76 25.38 -0.26
C ARG M 182 21.21 26.70 0.35
N SER M 183 22.50 26.90 0.55
CA SER M 183 22.96 28.20 1.03
C SER M 183 23.20 29.22 -0.09
N TYR M 184 23.50 30.42 0.35
CA TYR M 184 23.66 31.56 -0.55
C TYR M 184 24.68 32.51 0.09
N ASN M 185 25.49 33.18 -0.72
CA ASN M 185 26.58 33.96 -0.14
C ASN M 185 26.25 35.40 0.09
N ARG M 186 25.15 35.64 0.76
CA ARG M 186 24.61 36.96 0.99
C ARG M 186 23.82 36.77 2.27
N PHE M 187 24.33 37.30 3.37
CA PHE M 187 23.73 37.01 4.66
C PHE M 187 23.60 38.25 5.55
N GLN M 188 22.85 38.09 6.62
CA GLN M 188 22.76 39.15 7.62
C GLN M 188 23.29 38.67 8.93
N ILE M 189 23.72 39.62 9.72
CA ILE M 189 24.10 39.42 11.08
C ILE M 189 23.25 40.37 11.93
N ALA M 190 22.68 39.86 13.01
CA ALA M 190 21.95 40.67 13.95
C ALA M 190 22.56 40.54 15.30
N THR M 191 22.68 41.67 15.97
CA THR M 191 23.34 41.71 17.25
C THR M 191 22.42 42.41 18.24
N VAL M 192 22.33 41.87 19.45
CA VAL M 192 21.58 42.52 20.52
C VAL M 192 22.56 42.71 21.66
N THR M 193 22.58 43.94 22.14
CA THR M 193 23.34 44.42 23.28
C THR M 193 22.44 45.32 24.18
N GLU M 194 23.02 45.89 25.23
CA GLU M 194 22.44 47.03 26.01
C GLU M 194 21.76 48.10 25.18
N LYS M 195 22.34 48.41 24.02
CA LYS M 195 21.86 49.47 23.15
C LYS M 195 20.67 49.05 22.31
N GLY M 196 20.34 47.77 22.24
CA GLY M 196 19.25 47.34 21.38
C GLY M 196 19.68 46.35 20.32
N VAL M 197 18.90 46.30 19.26
CA VAL M 197 19.06 45.35 18.17
C VAL M 197 19.46 46.05 16.87
N GLU M 198 20.59 45.65 16.30
CA GLU M 198 21.05 46.05 14.95
C GLU M 198 21.07 44.83 14.01
N ILE M 199 20.58 45.04 12.80
CA ILE M 199 20.64 44.07 11.74
C ILE M 199 21.57 44.65 10.68
N GLU M 200 22.68 43.94 10.40
CA GLU M 200 23.61 44.31 9.33
C GLU M 200 23.49 43.39 8.13
N GLY M 201 23.63 43.99 6.96
CA GLY M 201 23.71 43.28 5.70
C GLY M 201 23.34 44.18 4.55
N PRO M 202 23.32 43.67 3.32
CA PRO M 202 23.79 42.33 2.97
C PRO M 202 25.34 42.18 3.05
N LEU M 203 25.79 41.02 3.54
CA LEU M 203 27.20 40.68 3.69
C LEU M 203 27.49 39.44 2.87
N SER M 204 28.75 39.26 2.53
CA SER M 204 29.27 38.06 1.82
C SER M 204 30.47 37.56 2.60
N THR M 205 30.78 36.28 2.48
CA THR M 205 32.12 35.76 2.91
C THR M 205 33.05 35.71 1.70
N GLU M 206 34.34 35.93 1.97
CA GLU M 206 35.41 35.53 1.05
C GLU M 206 35.39 33.99 0.96
N THR M 207 35.75 33.46 -0.21
CA THR M 207 35.87 32.02 -0.38
C THR M 207 37.19 31.70 -1.04
N ASN M 208 37.75 30.54 -0.74
CA ASN M 208 38.98 30.05 -1.36
C ASN M 208 38.70 28.76 -2.19
N TRP M 209 39.15 28.78 -3.44
CA TRP M 209 38.91 27.77 -4.40
C TRP M 209 40.22 27.20 -4.90
N ASP M 210 41.25 27.26 -4.06
CA ASP M 210 42.61 26.80 -4.43
C ASP M 210 42.62 25.31 -4.75
N ILE M 211 41.82 24.56 -3.99
CA ILE M 211 41.80 23.12 -4.14
C ILE M 211 41.34 22.71 -5.54
N ALA M 212 40.56 23.54 -6.24
CA ALA M 212 40.15 23.28 -7.62
C ALA M 212 41.28 22.94 -8.58
N HIS M 213 42.51 23.37 -8.27
CA HIS M 213 43.72 23.02 -9.02
C HIS M 213 44.57 21.88 -8.45
N MET M 214 44.18 21.28 -7.32
CA MET M 214 44.93 20.18 -6.67
C MET M 214 44.32 18.79 -7.01
N ILE M 215 44.05 18.54 -8.32
CA ILE M 215 43.33 17.34 -8.79
C ILE M 215 43.98 16.68 -10.04
N SER M 216 44.63 15.51 -9.89
CA SER M 216 45.36 14.85 -11.02
C SER M 216 45.92 13.44 -10.70
N THR N 1 1.93 27.45 -17.89
CA THR N 1 1.74 28.94 -17.81
C THR N 1 3.06 29.65 -17.65
N THR N 2 3.16 30.82 -18.24
CA THR N 2 4.22 31.75 -17.86
C THR N 2 3.63 33.12 -17.58
N ILE N 3 3.98 33.70 -16.42
CA ILE N 3 3.51 35.03 -16.04
C ILE N 3 4.69 35.86 -15.59
N MET N 4 4.55 37.15 -15.81
CA MET N 4 5.64 38.07 -15.54
C MET N 4 5.10 39.45 -15.29
N ALA N 5 5.74 40.17 -14.37
CA ALA N 5 5.51 41.58 -14.25
C ALA N 5 6.78 42.33 -13.93
N VAL N 6 6.86 43.55 -14.44
CA VAL N 6 8.02 44.41 -14.27
C VAL N 6 7.65 45.83 -13.82
N GLN N 7 8.40 46.32 -12.84
CA GLN N 7 8.25 47.72 -12.38
C GLN N 7 9.07 48.68 -13.25
N PHE N 8 8.46 49.79 -13.64
CA PHE N 8 9.19 50.96 -14.15
C PHE N 8 8.85 52.24 -13.37
N ASP N 9 9.53 53.33 -13.66
CA ASP N 9 9.29 54.61 -12.99
C ASP N 9 7.96 55.21 -13.48
N GLY N 10 6.90 55.10 -12.67
CA GLY N 10 5.54 55.47 -13.04
C GLY N 10 4.51 54.35 -13.20
N GLY N 11 4.90 53.09 -13.14
CA GLY N 11 3.93 52.08 -13.50
C GLY N 11 4.44 50.69 -13.51
N VAL N 12 3.64 49.81 -14.09
CA VAL N 12 3.99 48.40 -14.23
C VAL N 12 3.62 47.85 -15.60
N VAL N 13 4.41 46.85 -16.00
CA VAL N 13 4.12 46.03 -17.15
C VAL N 13 3.86 44.59 -16.68
N LEU N 14 2.81 43.99 -17.21
CA LEU N 14 2.42 42.61 -16.90
C LEU N 14 2.35 41.84 -18.20
N GLY N 15 2.69 40.54 -18.14
CA GLY N 15 2.49 39.64 -19.26
C GLY N 15 2.13 38.25 -18.84
N ALA N 16 1.47 37.57 -19.77
CA ALA N 16 1.25 36.14 -19.69
C ALA N 16 1.10 35.51 -21.04
N ASP N 17 1.33 34.20 -21.06
CA ASP N 17 0.93 33.34 -22.21
C ASP N 17 -0.57 33.10 -22.10
N SER N 18 -1.13 32.30 -22.98
CA SER N 18 -2.57 32.11 -23.04
C SER N 18 -3.02 30.63 -23.08
N ARG N 19 -2.15 29.72 -22.65
CA ARG N 19 -2.45 28.29 -22.73
C ARG N 19 -2.98 27.74 -21.40
N THR N 20 -4.14 27.10 -21.45
CA THR N 20 -4.65 26.28 -20.34
C THR N 20 -4.74 24.82 -20.75
N THR N 21 -4.07 23.98 -20.00
CA THR N 21 -4.07 22.56 -20.28
C THR N 21 -4.80 21.74 -19.27
N THR N 22 -5.41 20.66 -19.74
CA THR N 22 -5.77 19.53 -18.91
C THR N 22 -4.94 18.36 -19.39
N GLY N 23 -3.97 17.96 -18.57
CA GLY N 23 -2.97 16.95 -19.00
C GLY N 23 -2.24 17.65 -20.15
N SER N 24 -2.26 17.04 -21.32
CA SER N 24 -1.63 17.64 -22.47
C SER N 24 -2.58 18.01 -23.59
N TYR N 25 -3.88 18.04 -23.28
CA TYR N 25 -4.89 18.70 -24.12
C TYR N 25 -4.95 20.21 -23.81
N ILE N 26 -5.09 21.03 -24.83
CA ILE N 26 -5.17 22.45 -24.65
C ILE N 26 -6.67 22.76 -24.63
N ALA N 27 -7.17 23.04 -23.43
CA ALA N 27 -8.61 23.32 -23.24
C ALA N 27 -8.95 24.75 -23.66
N ASN N 28 -8.00 25.67 -23.51
CA ASN N 28 -8.12 27.04 -24.03
C ASN N 28 -6.77 27.49 -24.54
N ARG N 29 -6.72 27.86 -25.81
CA ARG N 29 -5.47 28.34 -26.43
C ARG N 29 -5.35 29.87 -26.36
N VAL N 30 -6.41 30.57 -25.93
CA VAL N 30 -6.36 32.04 -25.87
C VAL N 30 -6.90 32.55 -24.51
N THR N 31 -6.50 31.90 -23.42
CA THR N 31 -6.84 32.29 -22.09
C THR N 31 -6.37 33.73 -21.77
N ASP N 32 -7.20 34.47 -21.02
CA ASP N 32 -6.77 35.71 -20.46
C ASP N 32 -6.40 35.53 -19.00
N LYS N 33 -5.11 35.54 -18.71
CA LYS N 33 -4.59 35.27 -17.37
C LYS N 33 -4.24 36.52 -16.54
N LEU N 34 -4.47 37.69 -17.11
CA LEU N 34 -4.21 38.94 -16.47
C LEU N 34 -5.58 39.44 -16.06
N THR N 35 -5.96 39.29 -14.80
CA THR N 35 -7.33 39.70 -14.43
C THR N 35 -7.31 41.02 -13.66
N PRO N 36 -8.13 41.97 -14.10
CA PRO N 36 -8.30 43.20 -13.29
C PRO N 36 -8.97 42.98 -11.93
N ILE N 37 -8.35 43.54 -10.88
CA ILE N 37 -8.82 43.48 -9.51
C ILE N 37 -9.45 44.84 -9.08
N HIS N 38 -8.91 45.95 -9.59
CA HIS N 38 -9.47 47.29 -9.43
C HIS N 38 -9.01 48.10 -10.66
N ASP N 39 -9.36 49.37 -10.77
CA ASP N 39 -9.00 50.21 -11.94
C ASP N 39 -7.53 50.19 -12.37
N ARG N 40 -6.60 50.14 -11.43
CA ARG N 40 -5.16 50.11 -11.72
C ARG N 40 -4.38 49.01 -11.00
N ILE N 41 -5.05 47.90 -10.67
CA ILE N 41 -4.42 46.73 -10.01
C ILE N 41 -4.86 45.47 -10.72
N PHE N 42 -3.89 44.66 -11.11
CA PHE N 42 -4.13 43.41 -11.84
C PHE N 42 -3.49 42.27 -11.12
N CYS N 43 -4.01 41.09 -11.32
CA CYS N 43 -3.23 39.88 -10.95
C CYS N 43 -2.95 39.01 -12.18
N CYS N 44 -1.76 38.43 -12.19
CA CYS N 44 -1.37 37.38 -13.14
C CYS N 44 -1.61 36.08 -12.43
N ARG N 45 -2.36 35.20 -13.06
CA ARG N 45 -2.77 33.91 -12.48
C ARG N 45 -2.00 32.74 -13.06
N SER N 46 -1.42 31.91 -12.19
CA SER N 46 -1.00 30.57 -12.54
C SER N 46 -1.42 29.54 -11.47
N GLY N 47 -1.51 28.29 -11.92
CA GLY N 47 -1.89 27.17 -11.10
C GLY N 47 -3.27 26.72 -11.49
N SER N 48 -4.03 26.23 -10.54
CA SER N 48 -5.41 25.77 -10.84
C SER N 48 -6.28 26.93 -11.31
N ALA N 49 -6.90 26.78 -12.46
CA ALA N 49 -7.76 27.82 -12.98
C ALA N 49 -8.94 28.07 -12.05
N ALA N 50 -9.53 27.02 -11.51
CA ALA N 50 -10.69 27.16 -10.66
C ALA N 50 -10.30 28.00 -9.39
N ASP N 51 -9.17 27.66 -8.78
CA ASP N 51 -8.68 28.30 -7.60
C ASP N 51 -8.34 29.81 -7.78
N THR N 52 -7.57 30.13 -8.83
CA THR N 52 -7.13 31.44 -9.08
C THR N 52 -8.27 32.37 -9.53
N GLN N 53 -9.21 31.84 -10.30
CA GLN N 53 -10.44 32.57 -10.59
C GLN N 53 -11.30 32.85 -9.34
N ALA N 54 -11.44 31.85 -8.50
CA ALA N 54 -12.28 31.99 -7.32
C ALA N 54 -11.70 33.03 -6.37
N VAL N 55 -10.40 32.95 -6.14
CA VAL N 55 -9.69 33.83 -5.27
C VAL N 55 -9.65 35.27 -5.81
N ALA N 56 -9.45 35.43 -7.10
CA ALA N 56 -9.44 36.75 -7.73
C ALA N 56 -10.81 37.42 -7.66
N ASP N 57 -11.92 36.68 -7.84
CA ASP N 57 -13.27 37.24 -7.66
C ASP N 57 -13.53 37.66 -6.23
N ALA N 58 -13.06 36.84 -5.29
CA ALA N 58 -13.22 37.18 -3.91
C ALA N 58 -12.46 38.43 -3.50
N VAL N 59 -11.21 38.56 -3.95
CA VAL N 59 -10.40 39.70 -3.62
C VAL N 59 -10.95 40.96 -4.29
N THR N 60 -11.44 40.81 -5.52
CA THR N 60 -12.11 41.89 -6.20
C THR N 60 -13.24 42.45 -5.33
N TYR N 61 -14.05 41.56 -4.76
CA TYR N 61 -15.14 41.92 -3.88
C TYR N 61 -14.64 42.62 -2.59
N GLN N 62 -13.66 42.04 -1.93
CA GLN N 62 -13.15 42.67 -0.71
C GLN N 62 -12.56 44.09 -0.97
N LEU N 63 -11.77 44.21 -2.03
CA LEU N 63 -11.08 45.40 -2.34
C LEU N 63 -12.02 46.53 -2.81
N GLY N 64 -13.06 46.18 -3.55
CA GLY N 64 -14.04 47.11 -3.99
C GLY N 64 -14.82 47.71 -2.83
N PHE N 65 -15.23 46.87 -1.88
CA PHE N 65 -15.94 47.30 -0.69
C PHE N 65 -15.04 48.20 0.16
N HIS N 66 -13.82 47.75 0.41
CA HIS N 66 -12.80 48.47 1.13
C HIS N 66 -12.50 49.85 0.53
N SER N 67 -12.41 49.88 -0.78
CA SER N 67 -12.19 51.13 -1.48
C SER N 67 -13.30 52.16 -1.29
N ILE N 68 -14.54 51.72 -1.37
CA ILE N 68 -15.71 52.63 -1.17
C ILE N 68 -15.73 53.20 0.25
N GLU N 69 -15.46 52.36 1.24
CA GLU N 69 -15.47 52.70 2.68
C GLU N 69 -14.45 53.77 3.03
N LEU N 70 -13.27 53.59 2.50
CA LEU N 70 -12.20 54.54 2.69
C LEU N 70 -12.35 55.75 1.77
N ASN N 71 -13.14 55.61 0.70
CA ASN N 71 -13.31 56.62 -0.35
C ASN N 71 -11.99 57.07 -1.03
N GLU N 72 -11.11 56.12 -1.28
CA GLU N 72 -9.81 56.37 -1.87
C GLU N 72 -9.44 55.19 -2.77
N PRO N 73 -8.64 55.47 -3.82
CA PRO N 73 -8.16 54.31 -4.58
C PRO N 73 -7.38 53.30 -3.71
N PRO N 74 -7.51 52.04 -4.00
CA PRO N 74 -6.82 51.07 -3.19
C PRO N 74 -5.30 51.01 -3.45
N LEU N 75 -4.53 50.78 -2.39
CA LEU N 75 -3.12 50.53 -2.46
C LEU N 75 -2.80 49.18 -3.08
N VAL N 76 -1.74 49.10 -3.89
CA VAL N 76 -1.39 47.83 -4.50
C VAL N 76 -1.06 46.81 -3.40
N HIS N 77 -0.34 47.26 -2.38
CA HIS N 77 0.02 46.46 -1.22
C HIS N 77 -1.16 45.84 -0.49
N THR N 78 -2.25 46.57 -0.44
CA THR N 78 -3.47 46.07 0.15
C THR N 78 -4.05 44.92 -0.70
N ALA N 79 -4.14 45.09 -2.00
CA ALA N 79 -4.64 44.04 -2.85
C ALA N 79 -3.77 42.77 -2.71
N ALA N 80 -2.49 42.95 -2.59
CA ALA N 80 -1.58 41.87 -2.40
C ALA N 80 -1.76 41.23 -1.06
N SER N 81 -1.96 42.04 -0.01
CA SER N 81 -2.21 41.51 1.32
C SER N 81 -3.46 40.64 1.34
N LEU N 82 -4.50 41.03 0.61
CA LEU N 82 -5.69 40.26 0.56
C LEU N 82 -5.49 38.90 -0.13
N PHE N 83 -4.74 38.89 -1.21
CA PHE N 83 -4.39 37.65 -1.87
C PHE N 83 -3.58 36.79 -0.90
N LYS N 84 -2.56 37.39 -0.28
CA LYS N 84 -1.69 36.70 0.65
C LYS N 84 -2.50 36.02 1.74
N GLU N 85 -3.47 36.72 2.37
CA GLU N 85 -4.22 36.14 3.45
C GLU N 85 -5.02 34.90 2.99
N MET N 86 -5.60 34.97 1.83
CA MET N 86 -6.40 33.89 1.33
CA MET N 86 -6.40 33.89 1.33
C MET N 86 -5.51 32.71 0.89
N CYS N 87 -4.44 32.97 0.17
CA CYS N 87 -3.52 31.94 -0.26
C CYS N 87 -2.78 31.29 0.88
N TYR N 88 -2.54 32.01 2.00
CA TYR N 88 -1.83 31.41 3.15
C TYR N 88 -2.74 30.58 4.03
N ARG N 89 -3.91 31.11 4.30
CA ARG N 89 -4.90 30.46 5.13
C ARG N 89 -5.36 29.13 4.52
N TYR N 90 -5.59 29.17 3.21
CA TYR N 90 -6.07 28.03 2.46
C TYR N 90 -4.96 27.35 1.62
N ARG N 91 -3.70 27.42 2.09
CA ARG N 91 -2.54 26.86 1.39
C ARG N 91 -2.66 25.35 1.16
N GLU N 92 -3.30 24.65 2.07
CA GLU N 92 -3.53 23.25 1.89
C GLU N 92 -4.66 22.99 0.89
N ASP N 93 -5.45 23.97 0.47
CA ASP N 93 -6.57 23.69 -0.40
C ASP N 93 -6.58 24.49 -1.69
N LEU N 94 -5.51 25.19 -2.01
CA LEU N 94 -5.41 25.96 -3.20
C LEU N 94 -4.13 25.62 -3.89
N MET N 95 -4.13 25.75 -5.18
CA MET N 95 -2.94 25.60 -5.99
C MET N 95 -2.87 26.88 -6.83
N ALA N 96 -2.21 27.90 -6.31
CA ALA N 96 -2.28 29.23 -6.89
C ALA N 96 -0.90 29.86 -6.77
N GLY N 97 -0.36 30.34 -7.87
CA GLY N 97 0.86 31.13 -7.83
C GLY N 97 0.50 32.42 -8.51
N ILE N 98 0.49 33.51 -7.72
CA ILE N 98 0.00 34.80 -8.16
C ILE N 98 1.07 35.91 -8.21
N ILE N 99 0.92 36.77 -9.17
CA ILE N 99 1.66 38.03 -9.17
C ILE N 99 0.64 39.16 -9.15
N ILE N 100 0.77 40.07 -8.17
CA ILE N 100 -0.11 41.25 -8.09
C ILE N 100 0.73 42.45 -8.51
N ALA N 101 0.23 43.16 -9.51
CA ALA N 101 0.90 44.37 -9.91
C ALA N 101 -0.08 45.49 -10.24
N GLY N 102 0.34 46.70 -9.98
CA GLY N 102 -0.41 47.84 -10.39
C GLY N 102 0.19 49.14 -9.95
N TRP N 103 -0.65 50.17 -9.96
CA TRP N 103 -0.23 51.54 -9.61
C TRP N 103 -1.21 52.11 -8.58
N ASP N 104 -0.67 52.80 -7.58
CA ASP N 104 -1.50 53.69 -6.71
C ASP N 104 -0.78 55.02 -6.48
N PRO N 105 -1.52 56.03 -6.02
CA PRO N 105 -0.90 57.36 -5.90
C PRO N 105 0.15 57.51 -4.82
N GLN N 106 0.17 56.59 -3.89
CA GLN N 106 1.04 56.73 -2.75
C GLN N 106 2.41 56.12 -3.04
N GLU N 107 2.46 54.95 -3.67
CA GLU N 107 3.72 54.23 -3.86
C GLU N 107 4.10 54.02 -5.33
N GLY N 108 3.25 54.46 -6.26
CA GLY N 108 3.47 54.26 -7.69
C GLY N 108 3.29 52.82 -8.18
N GLY N 109 4.21 52.38 -9.05
CA GLY N 109 4.17 51.11 -9.66
C GLY N 109 4.79 50.04 -8.79
N GLN N 110 4.07 48.95 -8.60
CA GLN N 110 4.54 47.93 -7.70
C GLN N 110 4.21 46.55 -8.18
N VAL N 111 5.11 45.64 -7.87
CA VAL N 111 4.99 44.23 -8.22
C VAL N 111 5.17 43.42 -6.95
N TYR N 112 4.21 42.54 -6.68
CA TYR N 112 4.30 41.61 -5.54
C TYR N 112 4.16 40.19 -6.05
N SER N 113 5.02 39.29 -5.58
CA SER N 113 4.76 37.84 -5.74
C SER N 113 4.08 37.23 -4.53
N VAL N 114 3.03 36.47 -4.78
CA VAL N 114 2.45 35.55 -3.81
C VAL N 114 2.54 34.12 -4.40
N PRO N 115 3.66 33.45 -4.19
CA PRO N 115 3.78 32.07 -4.63
C PRO N 115 2.99 31.10 -3.78
N MET N 116 2.97 29.84 -4.23
CA MET N 116 2.26 28.81 -3.49
C MET N 116 2.81 28.72 -2.07
N GLY N 117 1.89 28.60 -1.11
CA GLY N 117 2.23 28.67 0.27
C GLY N 117 1.81 29.99 0.90
N GLY N 118 1.66 31.02 0.09
CA GLY N 118 1.16 32.28 0.53
C GLY N 118 2.11 33.21 1.22
N MET N 119 3.40 33.15 0.90
CA MET N 119 4.32 34.19 1.29
C MET N 119 4.06 35.36 0.37
N MET N 120 4.57 36.53 0.76
CA MET N 120 4.43 37.71 -0.06
C MET N 120 5.69 38.50 -0.03
N VAL N 121 6.11 38.94 -1.19
CA VAL N 121 7.37 39.68 -1.30
C VAL N 121 7.27 40.66 -2.48
N ARG N 122 7.72 41.87 -2.24
CA ARG N 122 7.78 42.87 -3.28
C ARG N 122 9.03 42.65 -4.10
N GLN N 123 8.92 42.81 -5.39
CA GLN N 123 10.06 42.68 -6.32
C GLN N 123 10.13 43.71 -7.44
N SER N 124 11.34 44.02 -7.94
CA SER N 124 11.49 44.84 -9.19
C SER N 124 10.80 44.22 -10.37
N PHE N 125 10.93 42.92 -10.46
CA PHE N 125 10.20 42.14 -11.42
C PHE N 125 10.00 40.75 -10.89
N ALA N 126 8.96 40.11 -11.38
CA ALA N 126 8.59 38.77 -10.92
C ALA N 126 8.22 37.90 -12.10
N ILE N 127 8.51 36.61 -11.95
CA ILE N 127 8.05 35.63 -12.93
C ILE N 127 7.47 34.49 -12.15
N GLY N 128 6.63 33.73 -12.81
CA GLY N 128 6.01 32.54 -12.22
C GLY N 128 5.34 31.67 -13.29
N GLY N 129 4.77 30.56 -12.85
CA GLY N 129 4.22 29.53 -13.74
C GLY N 129 5.28 28.49 -14.11
N SER N 130 4.84 27.38 -14.69
CA SER N 130 5.72 26.30 -15.02
C SER N 130 6.83 26.74 -16.01
N GLY N 131 6.49 27.58 -16.96
CA GLY N 131 7.45 28.13 -17.89
C GLY N 131 8.59 28.99 -17.34
N SER N 132 8.36 29.57 -16.16
CA SER N 132 9.33 30.43 -15.55
C SER N 132 10.68 29.76 -15.32
N SER N 133 10.70 28.48 -15.05
CA SER N 133 11.97 27.77 -14.85
C SER N 133 12.95 28.03 -16.00
N TYR N 134 12.41 28.03 -17.21
CA TYR N 134 13.23 28.11 -18.39
C TYR N 134 13.77 29.50 -18.71
N ILE N 135 13.38 30.53 -17.96
CA ILE N 135 13.82 31.86 -18.20
C ILE N 135 14.50 32.52 -17.04
N TYR N 136 14.82 31.82 -15.96
CA TYR N 136 15.56 32.46 -14.85
C TYR N 136 16.91 33.01 -15.33
N GLY N 137 17.65 32.21 -16.10
CA GLY N 137 18.90 32.63 -16.59
C GLY N 137 18.80 33.87 -17.44
N TYR N 138 17.84 33.88 -18.36
CA TYR N 138 17.61 34.94 -19.29
C TYR N 138 17.29 36.28 -18.57
N VAL N 139 16.32 36.26 -17.66
CA VAL N 139 15.96 37.45 -16.93
C VAL N 139 17.11 37.90 -16.05
N ASP N 140 17.88 37.01 -15.42
CA ASP N 140 19.02 37.43 -14.60
C ASP N 140 20.12 38.09 -15.43
N ALA N 141 20.25 37.71 -16.70
CA ALA N 141 21.25 38.28 -17.58
C ALA N 141 20.82 39.59 -18.26
N THR N 142 19.53 39.76 -18.50
CA THR N 142 18.99 40.81 -19.32
C THR N 142 18.47 41.98 -18.41
N TYR N 143 17.87 41.70 -17.28
CA TYR N 143 17.31 42.78 -16.43
C TYR N 143 18.33 43.88 -16.22
N ARG N 144 17.92 45.12 -16.42
CA ARG N 144 18.73 46.34 -16.06
C ARG N 144 17.84 47.25 -15.18
N GLU N 145 18.47 47.81 -14.16
CA GLU N 145 17.84 48.87 -13.37
C GLU N 145 17.53 50.06 -14.31
N GLY N 146 16.31 50.60 -14.20
CA GLY N 146 15.96 51.85 -14.88
C GLY N 146 15.42 51.76 -16.29
N MET N 147 14.93 50.61 -16.68
CA MET N 147 14.30 50.43 -17.98
C MET N 147 13.10 51.33 -18.12
N THR N 148 12.85 51.80 -19.32
CA THR N 148 11.63 52.53 -19.62
C THR N 148 10.47 51.57 -19.75
N LYS N 149 9.28 52.13 -19.87
CA LYS N 149 8.10 51.31 -20.12
C LYS N 149 8.21 50.45 -21.39
N GLU N 150 8.70 51.04 -22.46
CA GLU N 150 8.85 50.32 -23.73
C GLU N 150 9.86 49.15 -23.65
N GLU N 151 10.96 49.39 -22.96
CA GLU N 151 11.94 48.37 -22.66
C GLU N 151 11.37 47.24 -21.84
N CYS N 152 10.58 47.57 -20.80
CA CYS N 152 9.91 46.57 -19.98
C CYS N 152 8.94 45.74 -20.80
N LEU N 153 8.22 46.38 -21.72
CA LEU N 153 7.34 45.62 -22.61
C LEU N 153 8.11 44.62 -23.51
N GLN N 154 9.25 45.04 -24.03
CA GLN N 154 10.05 44.20 -24.90
C GLN N 154 10.72 43.08 -24.09
N PHE N 155 11.23 43.39 -22.90
CA PHE N 155 11.86 42.44 -21.98
C PHE N 155 10.88 41.33 -21.61
N THR N 156 9.67 41.76 -21.30
CA THR N 156 8.61 40.86 -20.99
C THR N 156 8.21 39.96 -22.19
N ALA N 157 8.00 40.55 -23.35
CA ALA N 157 7.58 39.77 -24.49
C ALA N 157 8.65 38.72 -24.93
N ASN N 158 9.93 39.11 -24.82
CA ASN N 158 11.04 38.25 -25.15
C ASN N 158 11.09 37.08 -24.18
N ALA N 159 11.05 37.38 -22.85
CA ALA N 159 11.09 36.39 -21.82
C ALA N 159 9.96 35.39 -21.99
N LEU N 160 8.75 35.89 -22.22
CA LEU N 160 7.62 35.02 -22.39
C LEU N 160 7.68 34.16 -23.64
N ALA N 161 8.15 34.73 -24.74
CA ALA N 161 8.29 33.96 -25.98
C ALA N 161 9.27 32.78 -25.85
N LEU N 162 10.35 33.00 -25.12
CA LEU N 162 11.33 32.00 -24.82
C LEU N 162 10.79 30.86 -23.96
N ALA N 163 10.12 31.19 -22.88
CA ALA N 163 9.42 30.25 -22.06
C ALA N 163 8.40 29.48 -22.90
N MET N 164 7.63 30.19 -23.74
CA MET N 164 6.63 29.53 -24.55
C MET N 164 7.19 28.53 -25.57
N GLU N 165 8.39 28.74 -26.03
CA GLU N 165 9.00 27.90 -27.00
C GLU N 165 9.34 26.54 -26.34
N ARG N 166 9.76 26.60 -25.09
CA ARG N 166 10.22 25.44 -24.33
C ARG N 166 9.20 24.64 -23.47
N ASP N 167 8.27 25.32 -22.83
CA ASP N 167 7.32 24.73 -21.96
C ASP N 167 6.11 24.31 -22.73
N GLY N 168 5.84 23.00 -22.78
CA GLY N 168 4.60 22.45 -23.36
C GLY N 168 3.36 22.99 -22.64
N SER N 169 3.49 23.36 -21.38
CA SER N 169 2.36 23.96 -20.67
C SER N 169 2.11 25.47 -20.93
N SER N 170 2.98 26.12 -21.69
CA SER N 170 2.83 27.55 -22.05
C SER N 170 2.74 27.67 -23.58
N GLY N 171 2.09 28.71 -24.10
CA GLY N 171 1.99 28.88 -25.52
C GLY N 171 0.81 29.76 -25.88
N GLY N 172 0.56 29.81 -27.17
CA GLY N 172 -0.56 30.55 -27.69
C GLY N 172 -0.17 31.97 -28.04
N VAL N 173 -0.82 32.98 -27.41
CA VAL N 173 -0.51 34.41 -27.63
C VAL N 173 0.10 35.00 -26.40
N ILE N 174 0.76 36.14 -26.57
CA ILE N 174 1.27 36.86 -25.45
C ILE N 174 0.27 38.03 -25.18
N ARG N 175 -0.23 38.11 -23.96
CA ARG N 175 -1.03 39.26 -23.50
C ARG N 175 -0.19 40.11 -22.57
N LEU N 176 -0.18 41.38 -22.88
CA LEU N 176 0.55 42.38 -22.17
C LEU N 176 -0.40 43.44 -21.69
N ALA N 177 0.00 44.04 -20.60
CA ALA N 177 -0.70 45.21 -20.04
C ALA N 177 0.31 46.14 -19.39
N ALA N 178 0.10 47.43 -19.61
CA ALA N 178 0.84 48.43 -18.91
C ALA N 178 -0.15 49.23 -18.05
N ILE N 179 0.29 49.51 -16.83
CA ILE N 179 -0.53 50.24 -15.86
C ILE N 179 0.25 51.43 -15.31
N ALA N 180 -0.38 52.60 -15.37
CA ALA N 180 0.19 53.83 -14.82
C ALA N 180 -0.97 54.78 -14.41
N GLU N 181 -0.64 55.99 -13.92
CA GLU N 181 -1.66 56.94 -13.51
C GLU N 181 -2.66 57.19 -14.61
N SER N 182 -2.17 57.40 -15.83
CA SER N 182 -3.04 57.66 -16.98
C SER N 182 -4.05 56.53 -17.29
N GLY N 183 -3.76 55.30 -16.88
CA GLY N 183 -4.69 54.18 -17.11
C GLY N 183 -4.00 52.86 -17.45
N VAL N 184 -4.77 51.99 -18.10
CA VAL N 184 -4.36 50.64 -18.47
C VAL N 184 -4.41 50.49 -20.00
N GLU N 185 -3.32 50.02 -20.58
CA GLU N 185 -3.22 49.74 -22.01
C GLU N 185 -2.95 48.26 -22.15
N ARG N 186 -3.85 47.56 -22.83
CA ARG N 186 -3.72 46.12 -23.09
C ARG N 186 -3.45 45.88 -24.54
N GLN N 187 -2.63 44.87 -24.79
CA GLN N 187 -2.41 44.40 -26.16
C GLN N 187 -2.09 42.93 -26.21
N VAL N 188 -2.23 42.37 -27.40
CA VAL N 188 -1.90 41.00 -27.71
C VAL N 188 -0.79 40.93 -28.77
N LEU N 189 0.23 40.10 -28.52
CA LEU N 189 1.18 39.69 -29.55
C LEU N 189 0.82 38.29 -30.01
N LEU N 190 0.47 38.18 -31.28
CA LEU N 190 0.17 36.92 -31.92
C LEU N 190 0.99 36.65 -33.23
N GLY N 191 1.08 35.38 -33.61
CA GLY N 191 1.81 34.96 -34.82
C GLY N 191 3.19 35.59 -34.93
N ASP N 192 3.43 36.29 -36.03
CA ASP N 192 4.74 36.95 -36.29
C ASP N 192 5.16 38.09 -35.38
N GLN N 193 4.22 38.58 -34.58
CA GLN N 193 4.48 39.64 -33.65
C GLN N 193 5.22 39.13 -32.43
N ILE N 194 5.20 37.79 -32.22
CA ILE N 194 5.89 37.18 -31.10
C ILE N 194 7.38 37.14 -31.44
N PRO N 195 8.25 37.65 -30.55
CA PRO N 195 9.68 37.54 -30.80
C PRO N 195 10.13 36.12 -31.10
N LYS N 196 11.03 36.01 -32.06
CA LYS N 196 11.40 34.76 -32.73
C LYS N 196 12.87 34.58 -32.43
N PHE N 197 13.29 33.34 -32.13
CA PHE N 197 14.73 33.00 -31.95
C PHE N 197 15.06 31.65 -32.67
N ALA N 198 15.85 31.66 -33.73
CA ALA N 198 16.14 30.39 -34.52
C ALA N 198 16.29 29.03 -33.74
N VAL N 199 15.74 27.93 -34.29
CA VAL N 199 16.17 26.57 -33.93
C VAL N 199 17.62 26.48 -34.45
N ALA N 200 18.55 26.03 -33.58
CA ALA N 200 20.00 26.02 -33.87
C ALA N 200 20.49 24.83 -34.74
N THR N 201 20.21 24.85 -36.06
CA THR N 201 20.58 23.77 -37.06
C THR N 201 22.13 23.63 -37.15
N LEU N 202 22.64 22.47 -37.62
CA LEU N 202 24.09 22.27 -37.85
C LEU N 202 24.66 23.21 -38.94
N ARG O 4 35.86 -28.70 -26.63
CA ARG O 4 35.71 -28.81 -25.13
C ARG O 4 36.74 -29.74 -24.43
N GLY O 5 37.98 -29.84 -24.98
CA GLY O 5 39.06 -30.70 -24.42
C GLY O 5 39.20 -32.10 -25.01
N TYR O 6 40.35 -32.71 -24.75
CA TYR O 6 40.48 -34.17 -24.73
C TYR O 6 40.17 -34.60 -23.28
N SER O 7 39.13 -35.41 -23.08
CA SER O 7 38.73 -35.85 -21.73
C SER O 7 39.47 -37.07 -21.12
N PHE O 8 40.18 -37.81 -21.95
CA PHE O 8 40.86 -39.05 -21.55
C PHE O 8 42.20 -38.74 -20.97
N SER O 9 42.72 -39.60 -20.09
CA SER O 9 44.06 -39.42 -19.51
C SER O 9 45.14 -39.64 -20.56
N LEU O 10 46.23 -38.90 -20.42
CA LEU O 10 47.44 -39.09 -21.21
C LEU O 10 48.54 -39.79 -20.41
N THR O 11 48.42 -39.85 -19.08
CA THR O 11 49.23 -40.75 -18.26
C THR O 11 48.35 -41.96 -17.86
N THR O 12 48.85 -43.16 -18.14
CA THR O 12 48.18 -44.41 -17.85
C THR O 12 49.20 -45.41 -17.30
N PHE O 13 48.72 -46.52 -16.76
CA PHE O 13 49.61 -47.56 -16.28
C PHE O 13 50.09 -48.43 -17.43
N SER O 14 51.38 -48.76 -17.40
CA SER O 14 51.95 -49.74 -18.31
C SER O 14 51.76 -51.14 -17.68
N PRO O 15 52.04 -52.22 -18.45
CA PRO O 15 51.81 -53.58 -17.91
C PRO O 15 52.57 -53.95 -16.62
N SER O 16 53.74 -53.31 -16.44
CA SER O 16 54.56 -53.47 -15.22
C SER O 16 54.16 -52.50 -14.10
N GLY O 17 53.05 -51.78 -14.25
CA GLY O 17 52.56 -50.88 -13.21
C GLY O 17 53.23 -49.53 -13.12
N LYS O 18 54.03 -49.16 -14.12
CA LYS O 18 54.64 -47.84 -14.12
C LYS O 18 53.69 -46.84 -14.79
N LEU O 19 53.70 -45.60 -14.28
CA LEU O 19 53.16 -44.45 -15.00
C LEU O 19 54.29 -43.72 -15.74
N VAL O 20 54.51 -44.11 -17.01
CA VAL O 20 55.71 -43.68 -17.75
C VAL O 20 55.76 -42.20 -18.06
N GLN O 21 54.62 -41.55 -18.30
CA GLN O 21 54.63 -40.07 -18.44
C GLN O 21 55.19 -39.36 -17.20
N ILE O 22 55.02 -39.92 -16.02
CA ILE O 22 55.61 -39.37 -14.81
C ILE O 22 57.11 -39.66 -14.82
N GLU O 23 57.50 -40.91 -15.10
CA GLU O 23 58.92 -41.25 -15.21
C GLU O 23 59.65 -40.36 -16.22
N TYR O 24 58.99 -40.11 -17.33
CA TYR O 24 59.54 -39.22 -18.33
C TYR O 24 59.54 -37.77 -17.88
N ALA O 25 58.55 -37.35 -17.10
CA ALA O 25 58.63 -36.04 -16.46
C ALA O 25 59.85 -35.96 -15.54
N LEU O 26 60.08 -36.99 -14.73
CA LEU O 26 61.28 -37.04 -13.89
C LEU O 26 62.59 -36.93 -14.65
N ALA O 27 62.62 -37.43 -15.88
CA ALA O 27 63.80 -37.30 -16.72
C ALA O 27 64.01 -35.85 -17.14
N ALA O 28 62.95 -35.13 -17.48
CA ALA O 28 63.07 -33.67 -17.65
C ALA O 28 63.65 -32.98 -16.39
N VAL O 29 63.22 -33.41 -15.21
CA VAL O 29 63.72 -32.84 -13.95
C VAL O 29 65.21 -33.13 -13.81
N ALA O 30 65.60 -34.38 -14.03
CA ALA O 30 67.00 -34.81 -13.90
C ALA O 30 67.98 -34.13 -14.88
N GLY O 31 67.51 -33.77 -16.06
CA GLY O 31 68.31 -32.97 -17.02
C GLY O 31 68.22 -31.46 -16.82
N GLY O 32 67.49 -31.01 -15.80
CA GLY O 32 67.35 -29.59 -15.51
C GLY O 32 68.57 -29.10 -14.75
N ALA O 33 68.70 -27.79 -14.63
CA ALA O 33 69.77 -27.17 -13.86
C ALA O 33 69.76 -27.56 -12.38
N PRO O 34 70.93 -27.65 -11.74
CA PRO O 34 70.95 -28.12 -10.34
C PRO O 34 70.30 -27.15 -9.35
N SER O 35 69.63 -27.70 -8.33
CA SER O 35 69.12 -26.94 -7.20
C SER O 35 69.45 -27.64 -5.87
N VAL O 36 69.62 -26.83 -4.83
CA VAL O 36 70.02 -27.31 -3.51
C VAL O 36 69.16 -26.66 -2.45
N GLY O 37 68.74 -27.48 -1.49
CA GLY O 37 68.08 -26.96 -0.30
C GLY O 37 68.75 -27.51 0.94
N ILE O 38 69.05 -26.65 1.90
CA ILE O 38 69.58 -27.07 3.21
C ILE O 38 68.78 -26.41 4.31
N LYS O 39 68.30 -27.24 5.22
CA LYS O 39 67.65 -26.79 6.47
C LYS O 39 68.72 -26.66 7.57
N ALA O 40 68.98 -25.41 7.98
CA ALA O 40 69.82 -25.13 9.14
C ALA O 40 68.98 -25.26 10.43
N ALA O 41 69.62 -25.04 11.58
CA ALA O 41 68.93 -25.01 12.87
C ALA O 41 67.95 -23.83 12.90
N ASN O 42 68.47 -22.65 12.57
CA ASN O 42 67.78 -21.36 12.64
C ASN O 42 67.39 -20.77 11.27
N GLY O 43 67.23 -21.61 10.24
CA GLY O 43 66.91 -21.12 8.90
C GLY O 43 66.97 -22.16 7.78
N VAL O 44 66.67 -21.72 6.56
CA VAL O 44 66.73 -22.58 5.37
C VAL O 44 67.34 -21.81 4.23
N VAL O 45 68.12 -22.51 3.42
CA VAL O 45 68.73 -21.92 2.24
C VAL O 45 68.35 -22.71 1.00
N LEU O 46 67.99 -21.99 -0.05
CA LEU O 46 67.73 -22.55 -1.37
C LEU O 46 68.74 -21.95 -2.34
N ALA O 47 69.37 -22.78 -3.14
CA ALA O 47 70.31 -22.28 -4.11
C ALA O 47 70.17 -23.03 -5.43
N THR O 48 70.42 -22.31 -6.52
CA THR O 48 70.29 -22.89 -7.85
C THR O 48 71.29 -22.27 -8.79
N GLU O 49 71.63 -23.06 -9.81
CA GLU O 49 72.52 -22.64 -10.89
C GLU O 49 71.64 -21.92 -11.89
N LYS O 50 72.06 -20.74 -12.31
CA LYS O 50 71.49 -20.13 -13.51
C LYS O 50 72.24 -20.57 -14.74
N LYS O 51 71.66 -21.57 -15.44
CA LYS O 51 72.02 -21.90 -16.83
C LYS O 51 72.07 -20.61 -17.71
N GLN O 52 73.15 -19.83 -17.53
CA GLN O 52 73.31 -18.52 -18.17
C GLN O 52 74.32 -18.62 -19.30
N LYS O 53 73.83 -19.01 -20.49
CA LYS O 53 74.59 -18.85 -21.74
C LYS O 53 74.84 -17.34 -21.92
N SER O 54 75.17 -16.90 -23.13
CA SER O 54 75.16 -15.47 -23.55
C SER O 54 75.22 -14.32 -22.49
N ILE O 55 76.25 -13.47 -22.60
CA ILE O 55 76.26 -12.16 -21.91
C ILE O 55 75.06 -11.25 -22.30
N LEU O 56 74.32 -11.61 -23.35
CA LEU O 56 73.17 -10.84 -23.80
C LEU O 56 71.92 -10.86 -22.88
N TYR O 57 71.80 -11.87 -22.03
CA TYR O 57 70.71 -11.95 -21.07
C TYR O 57 70.83 -10.83 -20.05
N ASP O 58 69.67 -10.32 -19.61
CA ASP O 58 69.62 -9.50 -18.42
C ASP O 58 69.31 -10.48 -17.30
N GLU O 59 70.34 -10.84 -16.52
CA GLU O 59 70.27 -11.84 -15.43
C GLU O 59 69.24 -11.50 -14.35
N ARG O 60 69.11 -10.21 -14.04
CA ARG O 60 68.13 -9.75 -13.02
C ARG O 60 66.67 -9.70 -13.50
N SER O 61 66.41 -9.93 -14.80
CA SER O 61 65.08 -9.79 -15.38
C SER O 61 64.06 -10.89 -14.99
N VAL O 62 64.50 -12.14 -14.87
CA VAL O 62 63.65 -13.24 -14.45
C VAL O 62 64.40 -13.99 -13.36
N HIS O 63 63.68 -14.57 -12.39
CA HIS O 63 64.29 -15.27 -11.27
C HIS O 63 63.77 -16.67 -11.14
N LYS O 64 64.60 -17.52 -10.57
CA LYS O 64 64.28 -18.89 -10.33
C LYS O 64 63.86 -19.10 -8.89
N VAL O 65 64.47 -18.33 -7.99
CA VAL O 65 64.11 -18.37 -6.59
C VAL O 65 63.04 -17.31 -6.36
N GLU O 66 61.84 -17.74 -5.95
CA GLU O 66 60.66 -16.87 -5.87
C GLU O 66 59.95 -16.89 -4.52
N PRO O 67 59.52 -15.69 -4.07
CA PRO O 67 58.66 -15.62 -2.89
C PRO O 67 57.24 -16.09 -3.20
N ILE O 68 56.68 -16.92 -2.32
CA ILE O 68 55.26 -17.28 -2.34
C ILE O 68 54.50 -16.36 -1.36
N THR O 69 54.99 -16.24 -0.13
CA THR O 69 54.46 -15.32 0.88
C THR O 69 55.66 -14.68 1.54
N LYS O 70 55.44 -13.84 2.55
CA LYS O 70 56.54 -13.24 3.33
C LYS O 70 57.43 -14.31 3.98
N HIS O 71 56.89 -15.50 4.25
CA HIS O 71 57.54 -16.54 5.06
C HIS O 71 57.85 -17.85 4.29
N ILE O 72 57.49 -17.92 2.99
CA ILE O 72 57.66 -19.11 2.11
C ILE O 72 58.29 -18.76 0.76
N GLY O 73 59.28 -19.56 0.35
CA GLY O 73 59.90 -19.41 -0.98
C GLY O 73 60.14 -20.71 -1.74
N LEU O 74 60.49 -20.56 -3.02
CA LEU O 74 60.54 -21.67 -3.98
C LEU O 74 61.76 -21.64 -4.87
N VAL O 75 62.19 -22.84 -5.25
CA VAL O 75 63.05 -23.02 -6.40
C VAL O 75 62.63 -24.35 -7.06
N TYR O 76 63.19 -24.67 -8.23
CA TYR O 76 62.84 -25.87 -8.98
C TYR O 76 64.03 -26.45 -9.75
N SER O 77 63.84 -27.64 -10.28
CA SER O 77 64.66 -28.14 -11.37
C SER O 77 63.70 -28.70 -12.40
N GLY O 78 63.93 -28.38 -13.66
CA GLY O 78 63.17 -28.94 -14.77
C GLY O 78 62.83 -27.80 -15.68
N MET O 79 61.60 -27.81 -16.18
CA MET O 79 61.19 -26.90 -17.21
C MET O 79 60.62 -25.63 -16.58
N GLY O 80 61.29 -24.52 -16.83
CA GLY O 80 60.95 -23.22 -16.24
C GLY O 80 59.51 -22.77 -16.45
N PRO O 81 59.03 -22.76 -17.70
CA PRO O 81 57.63 -22.32 -17.90
C PRO O 81 56.59 -23.14 -17.10
N ASP O 82 56.83 -24.43 -16.92
CA ASP O 82 55.96 -25.22 -16.03
C ASP O 82 56.03 -24.67 -14.60
N TYR O 83 57.23 -24.33 -14.13
CA TYR O 83 57.42 -23.77 -12.79
C TYR O 83 56.61 -22.51 -12.55
N ARG O 84 56.58 -21.62 -13.55
CA ARG O 84 55.89 -20.37 -13.46
C ARG O 84 54.41 -20.57 -13.20
N VAL O 85 53.82 -21.59 -13.82
CA VAL O 85 52.44 -21.98 -13.58
C VAL O 85 52.24 -22.27 -12.08
N LEU O 86 53.13 -23.11 -11.54
CA LEU O 86 53.03 -23.55 -10.16
C LEU O 86 53.31 -22.43 -9.14
N VAL O 87 54.17 -21.48 -9.50
CA VAL O 87 54.43 -20.31 -8.66
C VAL O 87 53.14 -19.48 -8.52
N HIS O 88 52.54 -19.15 -9.64
CA HIS O 88 51.24 -18.46 -9.67
C HIS O 88 50.17 -19.22 -8.83
N ARG O 89 50.05 -20.55 -8.97
CA ARG O 89 49.04 -21.29 -8.19
C ARG O 89 49.35 -21.30 -6.74
N ALA O 90 50.61 -21.53 -6.36
CA ALA O 90 50.99 -21.49 -4.93
C ALA O 90 50.69 -20.15 -4.27
N ARG O 91 50.92 -19.08 -5.01
CA ARG O 91 50.66 -17.73 -4.52
C ARG O 91 49.16 -17.52 -4.25
N LYS O 92 48.37 -18.00 -5.22
CA LYS O 92 46.91 -17.91 -5.25
C LYS O 92 46.37 -18.80 -4.12
N LEU O 93 46.96 -19.99 -3.93
CA LEU O 93 46.58 -20.86 -2.81
C LEU O 93 46.90 -20.23 -1.45
N ALA O 94 48.01 -19.52 -1.39
CA ALA O 94 48.44 -18.95 -0.13
C ALA O 94 47.48 -17.83 0.30
N GLN O 95 47.03 -17.07 -0.68
CA GLN O 95 46.10 -16.02 -0.40
C GLN O 95 44.70 -16.52 -0.04
N GLN O 96 44.24 -17.57 -0.71
CA GLN O 96 42.92 -18.14 -0.40
C GLN O 96 42.84 -18.61 1.04
N TYR O 97 43.90 -19.25 1.47
CA TYR O 97 44.07 -19.69 2.84
C TYR O 97 44.04 -18.50 3.78
N TYR O 98 44.82 -17.48 3.47
CA TYR O 98 44.90 -16.29 4.35
C TYR O 98 43.52 -15.59 4.47
N LEU O 99 42.74 -15.60 3.39
CA LEU O 99 41.43 -14.93 3.42
C LEU O 99 40.46 -15.61 4.38
N VAL O 100 40.51 -16.92 4.46
CA VAL O 100 39.67 -17.72 5.35
C VAL O 100 40.21 -17.71 6.77
N TYR O 101 41.50 -17.95 6.96
CA TYR O 101 42.04 -18.15 8.32
C TYR O 101 42.71 -16.94 8.93
N GLN O 102 43.05 -15.93 8.14
CA GLN O 102 43.73 -14.70 8.63
C GLN O 102 45.07 -14.97 9.33
N GLU O 103 45.79 -15.97 8.82
CA GLU O 103 47.03 -16.49 9.38
C GLU O 103 47.84 -16.92 8.16
N PRO O 104 49.16 -16.71 8.17
CA PRO O 104 49.88 -17.17 6.97
C PRO O 104 49.86 -18.69 6.86
N ILE O 105 49.76 -19.19 5.65
CA ILE O 105 49.61 -20.61 5.40
C ILE O 105 50.86 -21.32 5.89
N PRO O 106 50.71 -22.36 6.73
CA PRO O 106 51.87 -23.16 7.11
C PRO O 106 52.52 -23.80 5.89
N THR O 107 53.84 -23.83 5.88
CA THR O 107 54.61 -24.37 4.76
C THR O 107 54.07 -25.72 4.33
N ALA O 108 53.84 -26.61 5.28
CA ALA O 108 53.31 -27.95 4.98
C ALA O 108 51.92 -27.93 4.31
N GLN O 109 51.05 -27.05 4.77
CA GLN O 109 49.74 -26.87 4.12
C GLN O 109 49.90 -26.36 2.69
N LEU O 110 50.79 -25.40 2.47
CA LEU O 110 51.02 -24.92 1.10
C LEU O 110 51.54 -26.05 0.18
N VAL O 111 52.48 -26.84 0.69
CA VAL O 111 53.06 -27.93 -0.09
C VAL O 111 51.98 -28.96 -0.47
N GLN O 112 51.13 -29.33 0.49
CA GLN O 112 50.00 -30.27 0.23
C GLN O 112 49.11 -29.81 -0.89
N ARG O 113 48.76 -28.53 -0.85
CA ARG O 113 47.86 -27.97 -1.84
C ARG O 113 48.54 -27.90 -3.20
N VAL O 114 49.81 -27.54 -3.25
CA VAL O 114 50.53 -27.51 -4.52
C VAL O 114 50.76 -28.93 -5.09
N ALA O 115 51.03 -29.88 -4.21
CA ALA O 115 51.30 -31.24 -4.64
C ALA O 115 50.04 -31.84 -5.26
N SER O 116 48.93 -31.49 -4.65
CA SER O 116 47.64 -31.92 -5.09
C SER O 116 47.31 -31.40 -6.51
N VAL O 117 47.76 -30.19 -6.86
CA VAL O 117 47.59 -29.64 -8.22
C VAL O 117 48.47 -30.43 -9.19
N MET O 118 49.68 -30.72 -8.76
CA MET O 118 50.57 -31.58 -9.54
C MET O 118 49.96 -32.96 -9.79
N GLN O 119 49.33 -33.54 -8.77
CA GLN O 119 48.65 -34.81 -8.94
C GLN O 119 47.61 -34.75 -10.04
N GLU O 120 46.86 -33.64 -10.10
CA GLU O 120 45.79 -33.53 -11.09
C GLU O 120 46.28 -33.72 -12.49
N TYR O 121 47.44 -33.16 -12.77
CA TYR O 121 48.01 -33.24 -14.11
C TYR O 121 48.62 -34.64 -14.50
N THR O 122 48.47 -35.64 -13.61
CA THR O 122 48.83 -37.03 -13.89
C THR O 122 47.63 -37.87 -14.21
N GLN O 123 46.45 -37.26 -14.22
CA GLN O 123 45.18 -38.02 -14.25
C GLN O 123 44.10 -37.35 -15.06
N SER O 124 44.01 -36.04 -14.94
CA SER O 124 43.06 -35.24 -15.65
C SER O 124 43.17 -35.34 -17.19
N GLY O 125 42.10 -35.08 -17.89
CA GLY O 125 42.07 -35.25 -19.33
C GLY O 125 42.97 -34.32 -20.13
N GLY O 126 43.66 -34.88 -21.12
CA GLY O 126 44.26 -34.12 -22.19
C GLY O 126 45.47 -33.32 -21.84
N VAL O 127 46.08 -33.60 -20.69
CA VAL O 127 47.27 -32.89 -20.26
C VAL O 127 48.41 -33.85 -19.92
N ARG O 128 49.62 -33.29 -19.91
CA ARG O 128 50.80 -34.02 -19.42
C ARG O 128 51.10 -33.53 -18.01
N PRO O 129 51.81 -34.34 -17.21
CA PRO O 129 52.31 -33.85 -15.92
C PRO O 129 53.24 -32.64 -16.08
N PHE O 130 53.52 -31.99 -14.97
CA PHE O 130 54.52 -30.94 -14.93
C PHE O 130 55.89 -31.59 -14.94
N GLY O 131 56.78 -31.07 -15.78
CA GLY O 131 58.18 -31.49 -15.77
C GLY O 131 59.07 -30.68 -14.83
N VAL O 132 58.68 -30.63 -13.56
CA VAL O 132 59.45 -29.92 -12.55
C VAL O 132 59.34 -30.63 -11.23
N SER O 133 60.40 -30.52 -10.44
CA SER O 133 60.36 -30.77 -9.02
C SER O 133 60.64 -29.42 -8.34
N LEU O 134 59.84 -29.13 -7.32
CA LEU O 134 59.95 -27.92 -6.52
C LEU O 134 60.66 -28.19 -5.23
N LEU O 135 61.41 -27.21 -4.77
CA LEU O 135 61.87 -27.17 -3.37
C LEU O 135 61.24 -25.95 -2.75
N ILE O 136 60.63 -26.17 -1.58
CA ILE O 136 59.83 -25.17 -0.88
C ILE O 136 60.37 -25.02 0.51
N CYS O 137 60.75 -23.80 0.87
CA CYS O 137 61.23 -23.50 2.20
C CYS O 137 60.26 -22.57 2.91
N GLY O 138 60.24 -22.68 4.25
CA GLY O 138 59.45 -21.78 5.07
C GLY O 138 59.77 -21.80 6.54
N TRP O 139 59.19 -20.84 7.25
CA TRP O 139 59.33 -20.69 8.69
C TRP O 139 57.97 -20.45 9.28
N ASN O 140 57.50 -21.37 10.12
CA ASN O 140 56.27 -21.17 10.92
C ASN O 140 56.29 -22.10 12.13
N GLU O 141 55.58 -21.70 13.18
CA GLU O 141 55.71 -22.30 14.55
C GLU O 141 57.14 -22.24 15.04
N GLY O 142 57.81 -21.11 14.80
CA GLY O 142 59.17 -20.90 15.29
C GLY O 142 60.19 -21.95 14.86
N ARG O 143 60.06 -22.46 13.64
CA ARG O 143 60.81 -23.62 13.21
C ARG O 143 60.91 -23.65 11.66
N PRO O 144 62.07 -24.03 11.10
CA PRO O 144 62.23 -24.07 9.63
C PRO O 144 61.73 -25.34 8.95
N TYR O 145 61.32 -25.23 7.69
CA TYR O 145 60.84 -26.38 6.92
C TYR O 145 61.47 -26.39 5.54
N LEU O 146 61.80 -27.58 5.05
CA LEU O 146 62.23 -27.78 3.67
C LEU O 146 61.49 -28.98 3.05
N PHE O 147 60.81 -28.73 1.94
CA PHE O 147 60.06 -29.76 1.27
C PHE O 147 60.41 -29.82 -0.20
N GLN O 148 60.20 -31.01 -0.75
CA GLN O 148 60.27 -31.26 -2.20
C GLN O 148 58.93 -31.80 -2.72
N SER O 149 58.52 -31.37 -3.89
CA SER O 149 57.32 -31.92 -4.49
C SER O 149 57.64 -32.30 -5.92
N ASP O 150 57.30 -33.53 -6.27
CA ASP O 150 57.70 -34.17 -7.55
C ASP O 150 56.57 -34.13 -8.59
N PRO O 151 56.88 -34.40 -9.88
CA PRO O 151 55.84 -34.44 -10.91
C PRO O 151 54.64 -35.38 -10.63
N SER O 152 54.82 -36.46 -9.86
CA SER O 152 53.68 -37.29 -9.44
C SER O 152 52.72 -36.59 -8.47
N GLY O 153 53.17 -35.50 -7.84
CA GLY O 153 52.43 -34.90 -6.75
C GLY O 153 52.80 -35.48 -5.39
N ALA O 154 53.77 -36.37 -5.32
CA ALA O 154 54.29 -36.83 -4.03
C ALA O 154 55.19 -35.74 -3.47
N TYR O 155 55.20 -35.58 -2.13
CA TYR O 155 56.11 -34.63 -1.45
C TYR O 155 56.85 -35.30 -0.28
N PHE O 156 57.94 -34.68 0.12
CA PHE O 156 58.81 -35.22 1.16
C PHE O 156 59.43 -34.04 1.91
N ALA O 157 59.61 -34.22 3.21
CA ALA O 157 60.34 -33.28 4.04
C ALA O 157 61.81 -33.70 4.16
N TRP O 158 62.70 -32.76 3.86
CA TRP O 158 64.13 -32.97 3.83
C TRP O 158 64.85 -32.10 4.87
N LYS O 159 65.97 -32.61 5.39
CA LYS O 159 67.00 -31.81 6.10
C LYS O 159 67.92 -31.14 5.07
N ALA O 160 68.19 -31.82 3.97
CA ALA O 160 68.97 -31.27 2.89
C ALA O 160 68.80 -32.17 1.68
N THR O 161 68.85 -31.59 0.49
CA THR O 161 68.79 -32.38 -0.75
C THR O 161 69.25 -31.62 -2.01
N ALA O 162 69.33 -32.34 -3.12
CA ALA O 162 69.71 -31.78 -4.42
C ALA O 162 68.83 -32.36 -5.51
N MET O 163 68.68 -31.62 -6.59
CA MET O 163 67.87 -32.08 -7.69
C MET O 163 68.41 -31.53 -8.99
N GLY O 164 67.95 -32.07 -10.11
CA GLY O 164 68.49 -31.67 -11.42
C GLY O 164 69.77 -32.41 -11.79
N LYS O 165 70.52 -31.92 -12.79
CA LYS O 165 71.77 -32.57 -13.26
C LYS O 165 72.67 -32.85 -12.06
N ASN O 166 73.22 -34.06 -12.01
CA ASN O 166 74.23 -34.44 -11.04
C ASN O 166 73.74 -34.51 -9.57
N TYR O 167 72.48 -34.84 -9.39
CA TYR O 167 71.83 -34.74 -8.07
C TYR O 167 72.22 -35.88 -7.15
N VAL O 168 72.34 -37.08 -7.74
CA VAL O 168 72.78 -38.25 -6.97
C VAL O 168 74.08 -37.96 -6.20
N ASN O 169 75.05 -37.35 -6.87
CA ASN O 169 76.32 -36.95 -6.23
C ASN O 169 76.16 -35.79 -5.25
N GLY O 170 75.30 -34.83 -5.60
CA GLY O 170 74.94 -33.72 -4.72
C GLY O 170 74.46 -34.27 -3.38
N LYS O 171 73.56 -35.24 -3.42
CA LYS O 171 73.01 -35.88 -2.20
C LYS O 171 74.06 -36.60 -1.34
N THR O 172 74.97 -37.35 -1.95
CA THR O 172 76.04 -37.99 -1.17
C THR O 172 77.06 -36.94 -0.65
N PHE O 173 77.28 -35.84 -1.40
CA PHE O 173 78.08 -34.71 -0.90
C PHE O 173 77.49 -34.11 0.37
N LEU O 174 76.19 -33.82 0.34
CA LEU O 174 75.48 -33.26 1.49
C LEU O 174 75.47 -34.23 2.67
N GLU O 175 75.18 -35.50 2.38
CA GLU O 175 75.26 -36.59 3.35
C GLU O 175 76.57 -36.60 4.17
N LYS O 176 77.70 -36.41 3.51
CA LYS O 176 79.02 -36.32 4.19
C LYS O 176 79.41 -34.85 4.43
N ARG O 177 78.50 -34.06 5.02
CA ARG O 177 78.71 -32.59 5.22
C ARG O 177 77.65 -31.82 6.02
N TYR O 178 76.40 -32.29 6.02
CA TYR O 178 75.31 -31.69 6.80
C TYR O 178 75.34 -32.20 8.24
N ASN O 179 75.14 -31.31 9.22
CA ASN O 179 74.71 -31.72 10.56
C ASN O 179 73.45 -30.94 11.03
N GLU O 180 72.72 -31.52 11.99
CA GLU O 180 71.41 -30.96 12.42
C GLU O 180 71.58 -29.66 13.23
N ASP O 181 72.74 -29.44 13.85
CA ASP O 181 73.01 -28.22 14.65
C ASP O 181 73.74 -27.08 13.87
N LEU O 182 73.66 -27.11 12.55
CA LEU O 182 74.40 -26.17 11.67
C LEU O 182 73.66 -24.82 11.52
N GLU O 183 74.39 -23.72 11.68
CA GLU O 183 73.84 -22.36 11.50
C GLU O 183 73.55 -22.02 10.04
N LEU O 184 72.76 -20.95 9.84
CA LEU O 184 72.31 -20.54 8.49
C LEU O 184 73.45 -19.99 7.63
N GLU O 185 74.32 -19.16 8.20
CA GLU O 185 75.44 -18.59 7.41
C GLU O 185 76.38 -19.71 6.92
N ASP O 186 76.57 -20.75 7.75
CA ASP O 186 77.37 -21.92 7.34
C ASP O 186 76.66 -22.79 6.27
N ALA O 187 75.33 -22.97 6.41
CA ALA O 187 74.51 -23.71 5.43
C ALA O 187 74.46 -23.06 4.05
N ILE O 188 74.48 -21.73 4.00
CA ILE O 188 74.62 -21.00 2.73
C ILE O 188 75.94 -21.40 2.05
N HIS O 189 77.04 -21.36 2.83
CA HIS O 189 78.37 -21.74 2.32
C HIS O 189 78.33 -23.13 1.69
N THR O 190 77.74 -24.11 2.38
CA THR O 190 77.83 -25.50 1.89
C THR O 190 76.86 -25.74 0.70
N ALA O 191 75.73 -25.02 0.69
CA ALA O 191 74.83 -25.04 -0.46
C ALA O 191 75.54 -24.60 -1.73
N ILE O 192 76.30 -23.52 -1.63
CA ILE O 192 77.08 -23.00 -2.75
C ILE O 192 78.18 -24.01 -3.12
N LEU O 193 78.84 -24.60 -2.12
CA LEU O 193 79.82 -25.66 -2.39
C LEU O 193 79.20 -26.89 -3.09
N THR O 194 77.97 -27.23 -2.71
CA THR O 194 77.26 -28.36 -3.34
C THR O 194 77.01 -28.09 -4.82
N LEU O 195 76.69 -26.84 -5.16
CA LEU O 195 76.54 -26.45 -6.57
C LEU O 195 77.87 -26.48 -7.31
N LYS O 196 78.96 -26.04 -6.65
CA LYS O 196 80.30 -26.04 -7.24
C LYS O 196 80.79 -27.43 -7.65
N GLU O 197 80.33 -28.46 -6.92
CA GLU O 197 80.56 -29.87 -7.27
C GLU O 197 80.14 -30.23 -8.68
N SER O 198 79.10 -29.57 -9.18
CA SER O 198 78.57 -29.88 -10.50
C SER O 198 78.32 -28.61 -11.29
N PHE O 199 79.27 -27.67 -11.26
CA PHE O 199 79.02 -26.39 -11.92
C PHE O 199 79.49 -26.47 -13.37
N GLU O 200 80.80 -26.35 -13.58
CA GLU O 200 81.41 -26.10 -14.91
C GLU O 200 81.31 -24.62 -15.28
N GLY O 201 82.42 -23.90 -15.29
CA GLY O 201 82.44 -22.54 -15.84
C GLY O 201 82.93 -21.40 -14.97
N GLN O 202 83.11 -21.63 -13.66
CA GLN O 202 83.50 -20.58 -12.72
C GLN O 202 82.29 -19.70 -12.31
N MET O 203 81.97 -19.72 -11.02
CA MET O 203 80.81 -19.01 -10.47
C MET O 203 81.00 -17.50 -10.36
N THR O 204 79.91 -16.78 -10.55
CA THR O 204 79.80 -15.38 -10.25
C THR O 204 78.49 -15.23 -9.53
N GLU O 205 78.30 -14.07 -8.93
CA GLU O 205 77.04 -13.72 -8.29
C GLU O 205 75.90 -13.46 -9.30
N ASP O 206 76.22 -13.44 -10.59
CA ASP O 206 75.24 -13.23 -11.67
C ASP O 206 74.75 -14.53 -12.32
N ASN O 207 75.35 -15.67 -11.98
CA ASN O 207 74.87 -16.95 -12.51
C ASN O 207 74.55 -18.03 -11.47
N ILE O 208 74.55 -17.70 -10.19
CA ILE O 208 73.80 -18.47 -9.22
C ILE O 208 72.75 -17.57 -8.56
N GLU O 209 71.74 -18.19 -7.97
CA GLU O 209 70.73 -17.49 -7.23
C GLU O 209 70.49 -18.21 -5.92
N VAL O 210 70.38 -17.43 -4.84
CA VAL O 210 70.25 -17.93 -3.50
C VAL O 210 69.11 -17.23 -2.79
N GLY O 211 68.28 -18.03 -2.12
CA GLY O 211 67.23 -17.54 -1.24
C GLY O 211 67.41 -18.10 0.15
N ILE O 212 67.01 -17.29 1.14
CA ILE O 212 67.05 -17.71 2.54
C ILE O 212 65.70 -17.52 3.25
N CYS O 213 65.48 -18.35 4.25
CA CYS O 213 64.28 -18.34 5.04
C CYS O 213 64.66 -18.39 6.50
N ASN O 214 64.14 -17.46 7.28
CA ASN O 214 64.30 -17.53 8.74
C ASN O 214 63.14 -16.81 9.43
N GLU O 215 63.28 -16.53 10.73
CA GLU O 215 62.29 -15.80 11.51
C GLU O 215 61.84 -14.45 10.91
N ALA O 216 62.77 -13.73 10.30
CA ALA O 216 62.42 -12.46 9.62
C ALA O 216 61.64 -12.64 8.32
N GLY O 217 61.66 -13.85 7.74
CA GLY O 217 60.87 -14.19 6.56
C GLY O 217 61.74 -14.66 5.42
N PHE O 218 61.14 -14.88 4.26
CA PHE O 218 61.86 -15.33 3.07
C PHE O 218 62.27 -14.15 2.21
N ARG O 219 63.49 -14.20 1.68
CA ARG O 219 63.91 -13.28 0.62
C ARG O 219 65.07 -13.85 -0.22
N ARG O 220 65.24 -13.28 -1.42
CA ARG O 220 66.41 -13.58 -2.24
C ARG O 220 67.59 -12.85 -1.69
N LEU O 221 68.77 -13.47 -1.76
CA LEU O 221 70.03 -12.74 -1.52
C LEU O 221 70.30 -11.82 -2.70
N THR O 222 70.92 -10.67 -2.43
CA THR O 222 71.24 -9.72 -3.51
C THR O 222 72.52 -10.16 -4.20
N PRO O 223 72.76 -9.69 -5.43
CA PRO O 223 74.04 -9.95 -6.06
C PRO O 223 75.23 -9.67 -5.14
N THR O 224 75.23 -8.52 -4.46
CA THR O 224 76.34 -8.13 -3.56
C THR O 224 76.48 -9.04 -2.31
N GLU O 225 75.40 -9.64 -1.82
CA GLU O 225 75.48 -10.60 -0.69
C GLU O 225 76.10 -11.92 -1.13
N VAL O 226 75.69 -12.41 -2.30
CA VAL O 226 76.22 -13.64 -2.88
C VAL O 226 77.73 -13.52 -3.16
N LYS O 227 78.14 -12.39 -3.75
CA LYS O 227 79.56 -12.06 -4.06
C LYS O 227 80.48 -12.22 -2.85
N ASP O 228 80.01 -11.72 -1.72
CA ASP O 228 80.66 -11.92 -0.41
C ASP O 228 80.78 -13.38 0.04
N TYR O 229 79.71 -14.17 -0.11
CA TYR O 229 79.77 -15.62 0.19
C TYR O 229 80.69 -16.36 -0.78
N LEU O 230 80.75 -15.86 -2.02
CA LEU O 230 81.67 -16.36 -3.06
C LEU O 230 83.15 -16.04 -2.83
N ALA O 231 83.46 -15.08 -1.94
CA ALA O 231 84.78 -14.94 -1.34
C ALA O 231 84.78 -15.87 -0.13
N ALA O 232 85.73 -16.81 -0.10
CA ALA O 232 85.69 -18.03 0.74
C ALA O 232 85.40 -19.26 -0.12
N ILE O 233 84.78 -19.04 -1.28
CA ILE O 233 84.74 -20.04 -2.37
C ILE O 233 85.48 -19.49 -3.61
N SER P 2 42.18 -37.43 -31.90
CA SER P 2 41.40 -37.59 -30.62
C SER P 2 41.00 -39.02 -30.27
N ARG P 3 40.29 -39.71 -31.18
CA ARG P 3 40.16 -41.17 -31.09
C ARG P 3 41.53 -41.78 -31.14
N ARG P 4 42.35 -41.30 -32.05
CA ARG P 4 43.70 -41.80 -32.26
C ARG P 4 44.50 -41.82 -30.94
N TYR P 5 44.35 -40.82 -30.07
CA TYR P 5 45.22 -40.72 -28.92
C TYR P 5 44.64 -41.32 -27.66
N ASP P 6 43.39 -41.75 -27.72
CA ASP P 6 42.70 -42.18 -26.52
C ASP P 6 43.10 -43.59 -26.19
N SER P 7 43.75 -43.74 -25.03
CA SER P 7 44.19 -44.95 -24.31
CA SER P 7 44.24 -45.10 -24.68
C SER P 7 43.11 -46.03 -24.13
N ARG P 8 41.90 -45.51 -23.95
CA ARG P 8 40.70 -46.29 -23.69
C ARG P 8 40.83 -47.06 -22.42
N THR P 9 40.98 -46.31 -21.32
CA THR P 9 41.22 -46.87 -20.01
C THR P 9 40.04 -47.61 -19.38
N THR P 10 38.81 -47.38 -19.84
CA THR P 10 37.63 -47.90 -19.14
C THR P 10 36.84 -48.82 -20.03
N ILE P 11 37.53 -49.69 -20.74
CA ILE P 11 36.89 -50.67 -21.56
C ILE P 11 37.39 -52.06 -21.21
N PHE P 12 36.57 -53.04 -21.52
CA PHE P 12 36.93 -54.43 -21.36
C PHE P 12 37.89 -54.89 -22.43
N SER P 13 38.81 -55.76 -21.98
CA SER P 13 39.63 -56.59 -22.87
C SER P 13 38.80 -57.76 -23.41
N PRO P 14 39.35 -58.50 -24.38
CA PRO P 14 38.60 -59.66 -24.84
C PRO P 14 38.27 -60.79 -23.83
N GLU P 15 38.96 -60.87 -22.69
CA GLU P 15 38.67 -61.92 -21.72
C GLU P 15 37.83 -61.42 -20.55
N GLY P 16 37.30 -60.20 -20.66
CA GLY P 16 36.42 -59.63 -19.62
C GLY P 16 37.20 -58.94 -18.52
N ARG P 17 38.36 -58.44 -18.88
CA ARG P 17 39.29 -57.88 -17.93
C ARG P 17 39.43 -56.40 -18.14
N LEU P 18 39.83 -55.75 -17.06
CA LEU P 18 40.07 -54.34 -17.01
C LEU P 18 41.58 -54.15 -16.84
N TYR P 19 42.26 -54.00 -17.96
CA TYR P 19 43.71 -53.96 -17.95
C TYR P 19 44.33 -52.90 -17.08
N GLN P 20 43.80 -51.67 -17.11
CA GLN P 20 44.34 -50.58 -16.27
C GLN P 20 44.25 -50.91 -14.77
N VAL P 21 43.15 -51.53 -14.35
CA VAL P 21 42.99 -52.01 -12.96
C VAL P 21 44.12 -53.02 -12.63
N GLU P 22 44.31 -54.02 -13.48
CA GLU P 22 45.33 -55.06 -13.26
C GLU P 22 46.73 -54.47 -13.17
N TYR P 23 47.00 -53.49 -14.03
CA TYR P 23 48.33 -52.86 -14.06
C TYR P 23 48.52 -51.99 -12.82
N ALA P 24 47.46 -51.30 -12.39
CA ALA P 24 47.50 -50.57 -11.11
C ALA P 24 47.85 -51.55 -9.98
N MET P 25 47.19 -52.72 -9.98
CA MET P 25 47.45 -53.74 -8.96
CA MET P 25 47.43 -53.81 -9.01
C MET P 25 48.92 -54.21 -8.99
N GLU P 26 49.58 -54.16 -10.15
CA GLU P 26 51.06 -54.43 -10.21
C GLU P 26 51.83 -53.32 -9.53
N ALA P 27 51.37 -52.08 -9.68
CA ALA P 27 52.05 -50.94 -9.01
C ALA P 27 52.04 -51.13 -7.48
N ILE P 28 50.88 -51.56 -6.98
CA ILE P 28 50.65 -51.79 -5.55
C ILE P 28 51.50 -52.93 -5.04
N GLY P 29 51.60 -54.02 -5.82
CA GLY P 29 52.48 -55.17 -5.49
C GLY P 29 53.94 -54.81 -5.19
N HIS P 30 54.44 -53.72 -5.79
CA HIS P 30 55.81 -53.21 -5.59
C HIS P 30 55.94 -52.18 -4.44
N ALA P 31 54.83 -51.66 -3.94
CA ALA P 31 54.86 -50.63 -2.90
C ALA P 31 55.16 -51.21 -1.54
N GLY P 32 55.49 -50.33 -0.60
CA GLY P 32 55.84 -50.71 0.75
C GLY P 32 54.81 -51.64 1.34
N THR P 33 55.26 -52.69 1.99
CA THR P 33 54.34 -53.70 2.54
C THR P 33 53.50 -53.10 3.69
N CYS P 34 52.26 -53.57 3.77
CA CYS P 34 51.30 -52.98 4.67
C CYS P 34 50.25 -54.01 5.16
N LEU P 35 50.22 -54.27 6.46
CA LEU P 35 49.31 -55.27 7.05
C LEU P 35 48.43 -54.72 8.17
N GLY P 36 47.33 -55.40 8.40
CA GLY P 36 46.44 -55.08 9.50
C GLY P 36 46.00 -56.35 10.18
N ILE P 37 45.83 -56.27 11.50
CA ILE P 37 45.43 -57.42 12.29
C ILE P 37 44.36 -57.01 13.31
N LEU P 38 43.23 -57.72 13.24
CA LEU P 38 42.11 -57.62 14.19
C LEU P 38 42.32 -58.49 15.45
N ALA P 39 42.25 -57.84 16.62
CA ALA P 39 42.27 -58.53 17.91
C ALA P 39 40.94 -58.34 18.67
N ASN P 40 40.78 -59.00 19.81
CA ASN P 40 39.57 -58.83 20.62
C ASN P 40 39.44 -57.44 21.25
N ASP P 41 40.55 -56.87 21.67
CA ASP P 41 40.60 -55.56 22.36
C ASP P 41 41.23 -54.47 21.50
N GLY P 42 41.23 -54.64 20.18
CA GLY P 42 41.80 -53.59 19.34
C GLY P 42 42.08 -53.99 17.92
N VAL P 43 42.68 -53.06 17.18
CA VAL P 43 43.09 -53.31 15.81
C VAL P 43 44.38 -52.58 15.56
N LEU P 44 45.19 -53.10 14.64
CA LEU P 44 46.44 -52.49 14.31
C LEU P 44 46.69 -52.44 12.81
N LEU P 45 47.60 -51.54 12.46
CA LEU P 45 48.17 -51.42 11.13
C LEU P 45 49.66 -51.38 11.33
N ALA P 46 50.38 -52.07 10.46
CA ALA P 46 51.84 -52.08 10.49
C ALA P 46 52.32 -52.00 9.05
N ALA P 47 53.16 -51.01 8.77
CA ALA P 47 53.59 -50.74 7.41
C ALA P 47 55.08 -50.50 7.32
N GLU P 48 55.64 -50.96 6.21
CA GLU P 48 56.99 -50.65 5.83
C GLU P 48 57.06 -49.19 5.41
N ARG P 49 58.05 -48.48 5.93
CA ARG P 49 58.36 -47.16 5.44
C ARG P 49 59.25 -47.24 4.21
N ARG P 50 58.91 -46.46 3.18
CA ARG P 50 59.79 -46.23 2.01
C ARG P 50 60.55 -44.89 2.05
N ASN P 51 59.96 -43.90 2.71
CA ASN P 51 60.62 -42.64 3.09
C ASN P 51 61.53 -42.96 4.26
N ILE P 52 62.62 -43.67 3.96
CA ILE P 52 63.36 -44.40 4.99
C ILE P 52 64.66 -44.81 4.43
N HIS P 53 65.74 -44.17 4.87
CA HIS P 53 65.74 -42.87 5.53
C HIS P 53 66.38 -42.02 4.42
N LYS P 54 67.14 -41.01 4.83
CA LYS P 54 68.21 -40.49 4.02
C LYS P 54 68.79 -39.32 4.90
N LEU P 55 68.84 -38.14 4.31
CA LEU P 55 68.69 -36.86 5.00
C LEU P 55 67.18 -36.37 5.08
N LEU P 56 66.18 -37.28 5.14
CA LEU P 56 64.76 -36.88 5.34
C LEU P 56 64.55 -36.20 6.71
N ASP P 57 63.45 -35.44 6.89
CA ASP P 57 63.32 -34.57 8.09
C ASP P 57 62.41 -35.03 9.22
N GLU P 58 61.43 -35.88 8.96
CA GLU P 58 60.55 -36.40 10.02
C GLU P 58 59.79 -35.23 10.71
N VAL P 59 58.66 -34.91 10.09
CA VAL P 59 57.88 -33.71 10.39
C VAL P 59 56.43 -34.08 10.73
N PHE P 60 55.87 -35.12 10.08
CA PHE P 60 54.53 -35.59 10.37
C PHE P 60 54.54 -36.72 11.38
N PHE P 61 53.36 -37.05 11.91
CA PHE P 61 53.24 -38.09 12.95
C PHE P 61 53.36 -39.51 12.35
N SER P 62 53.16 -39.63 11.03
CA SER P 62 53.45 -40.86 10.30
C SER P 62 53.64 -40.58 8.81
N GLU P 63 53.97 -41.62 8.06
CA GLU P 63 54.27 -41.54 6.62
C GLU P 63 53.12 -42.05 5.76
N LYS P 64 52.48 -43.12 6.22
CA LYS P 64 51.44 -43.84 5.48
C LYS P 64 50.20 -44.19 6.35
N ILE P 65 50.14 -43.76 7.62
CA ILE P 65 48.96 -44.01 8.47
C ILE P 65 48.15 -42.71 8.54
N TYR P 66 46.91 -42.75 8.09
CA TYR P 66 46.06 -41.56 8.09
C TYR P 66 44.85 -41.74 9.00
N LYS P 67 44.69 -40.80 9.92
CA LYS P 67 43.45 -40.68 10.67
C LYS P 67 42.36 -40.14 9.74
N LEU P 68 41.21 -40.81 9.74
CA LEU P 68 40.10 -40.46 8.88
C LEU P 68 38.99 -39.70 9.60
N ASN P 69 38.71 -40.11 10.84
CA ASN P 69 37.83 -39.43 11.76
C ASN P 69 38.22 -39.87 13.21
N GLU P 70 37.37 -39.61 14.20
CA GLU P 70 37.65 -39.98 15.61
C GLU P 70 37.79 -41.49 15.85
N ASP P 71 37.09 -42.28 15.05
CA ASP P 71 37.02 -43.73 15.21
C ASP P 71 37.69 -44.56 14.13
N MET P 72 38.45 -43.96 13.21
CA MET P 72 38.94 -44.67 12.05
C MET P 72 40.25 -44.15 11.54
N ALA P 73 41.06 -45.08 11.05
CA ALA P 73 42.35 -44.76 10.42
C ALA P 73 42.52 -45.67 9.24
N CYS P 74 43.47 -45.34 8.39
CA CYS P 74 43.77 -46.18 7.25
C CYS P 74 45.23 -46.15 6.93
N SER P 75 45.64 -47.13 6.16
CA SER P 75 46.96 -47.16 5.58
C SER P 75 46.82 -47.49 4.12
N VAL P 76 47.86 -47.15 3.38
CA VAL P 76 47.83 -47.20 1.90
C VAL P 76 49.08 -47.89 1.29
N ALA P 77 48.88 -48.51 0.13
CA ALA P 77 49.97 -49.02 -0.65
C ALA P 77 49.71 -48.68 -2.11
N GLY P 78 50.68 -48.06 -2.76
CA GLY P 78 50.57 -47.70 -4.16
C GLY P 78 51.09 -46.30 -4.41
N ILE P 79 50.40 -45.57 -5.28
CA ILE P 79 50.89 -44.26 -5.70
C ILE P 79 50.53 -43.26 -4.57
N THR P 80 51.54 -42.64 -3.93
CA THR P 80 51.31 -41.80 -2.74
C THR P 80 50.37 -40.59 -3.00
N SER P 81 50.66 -39.79 -4.02
CA SER P 81 49.77 -38.69 -4.46
C SER P 81 48.32 -39.13 -4.69
N ASP P 82 48.11 -40.28 -5.35
CA ASP P 82 46.75 -40.82 -5.47
C ASP P 82 46.15 -41.12 -4.10
N ALA P 83 46.97 -41.69 -3.20
CA ALA P 83 46.51 -41.94 -1.83
C ALA P 83 46.08 -40.66 -1.10
N ASN P 84 46.80 -39.55 -1.32
CA ASN P 84 46.44 -38.26 -0.72
C ASN P 84 45.07 -37.71 -1.19
N VAL P 85 44.73 -37.93 -2.45
CA VAL P 85 43.41 -37.56 -2.98
C VAL P 85 42.33 -38.42 -2.31
N LEU P 86 42.56 -39.72 -2.17
CA LEU P 86 41.52 -40.64 -1.68
C LEU P 86 41.29 -40.48 -0.20
N THR P 87 42.35 -40.25 0.57
CA THR P 87 42.22 -40.08 2.02
C THR P 87 41.58 -38.75 2.36
N ASN P 88 41.91 -37.72 1.60
CA ASN P 88 41.21 -36.46 1.70
C ASN P 88 39.71 -36.59 1.42
N GLU P 89 39.37 -37.34 0.37
CA GLU P 89 37.98 -37.63 0.09
C GLU P 89 37.29 -38.47 1.18
N LEU P 90 38.02 -39.38 1.82
CA LEU P 90 37.45 -40.20 2.91
C LEU P 90 37.03 -39.34 4.10
N ARG P 91 37.91 -38.43 4.45
CA ARG P 91 37.65 -37.46 5.48
C ARG P 91 36.40 -36.67 5.20
N LEU P 92 36.24 -36.24 3.96
CA LEU P 92 35.05 -35.48 3.55
C LEU P 92 33.78 -36.30 3.66
N ILE P 93 33.84 -37.55 3.22
CA ILE P 93 32.68 -38.43 3.28
C ILE P 93 32.25 -38.64 4.72
N ALA P 94 33.25 -38.81 5.57
CA ALA P 94 33.01 -39.03 7.00
C ALA P 94 32.33 -37.81 7.61
N GLN P 95 32.80 -36.60 7.30
CA GLN P 95 32.18 -35.39 7.83
C GLN P 95 30.80 -35.11 7.26
N ARG P 96 30.55 -35.53 6.02
CA ARG P 96 29.20 -35.36 5.44
C ARG P 96 28.19 -36.24 6.13
N TYR P 97 28.60 -37.43 6.47
CA TYR P 97 27.74 -38.31 7.26
C TYR P 97 27.48 -37.73 8.64
N LEU P 98 28.52 -37.28 9.31
CA LEU P 98 28.37 -36.73 10.64
C LEU P 98 27.48 -35.47 10.65
N LEU P 99 27.58 -34.65 9.61
CA LEU P 99 26.74 -33.49 9.46
C LEU P 99 25.26 -33.88 9.44
N GLN P 100 24.96 -34.87 8.62
CA GLN P 100 23.61 -35.31 8.36
C GLN P 100 22.92 -36.10 9.45
N TYR P 101 23.67 -36.99 10.12
CA TYR P 101 23.11 -37.89 11.12
C TYR P 101 23.53 -37.55 12.58
N GLN P 102 24.56 -36.72 12.76
CA GLN P 102 25.17 -36.41 14.05
C GLN P 102 25.58 -37.66 14.82
N GLU P 103 26.06 -38.66 14.09
CA GLU P 103 26.77 -39.81 14.67
C GLU P 103 27.86 -40.17 13.66
N PRO P 104 28.92 -40.85 14.12
CA PRO P 104 30.02 -41.19 13.19
C PRO P 104 29.63 -42.20 12.10
N ILE P 105 30.27 -42.12 10.95
CA ILE P 105 30.00 -43.02 9.84
C ILE P 105 30.44 -44.46 10.23
N PRO P 106 29.54 -45.43 10.07
CA PRO P 106 30.01 -46.77 10.32
C PRO P 106 31.12 -47.13 9.35
N CYS P 107 32.14 -47.80 9.85
CA CYS P 107 33.33 -48.12 9.08
C CYS P 107 33.06 -48.64 7.69
N GLU P 108 32.18 -49.64 7.60
CA GLU P 108 31.89 -50.25 6.31
C GLU P 108 31.27 -49.26 5.30
N GLN P 109 30.47 -48.33 5.81
CA GLN P 109 29.81 -47.34 4.96
C GLN P 109 30.82 -46.35 4.37
N LEU P 110 31.84 -45.99 5.14
CA LEU P 110 32.90 -45.16 4.64
C LEU P 110 33.68 -45.86 3.51
N VAL P 111 34.03 -47.12 3.73
CA VAL P 111 34.76 -47.89 2.74
C VAL P 111 33.97 -48.00 1.43
N THR P 112 32.70 -48.38 1.57
CA THR P 112 31.79 -48.52 0.45
C THR P 112 31.67 -47.22 -0.34
N ALA P 113 31.53 -46.09 0.36
CA ALA P 113 31.38 -44.82 -0.34
C ALA P 113 32.59 -44.55 -1.23
N LEU P 114 33.78 -44.79 -0.72
CA LEU P 114 35.01 -44.57 -1.49
C LEU P 114 35.14 -45.58 -2.64
N CYS P 115 34.79 -46.83 -2.35
CA CYS P 115 34.84 -47.86 -3.39
C CYS P 115 33.92 -47.56 -4.57
N ASP P 116 32.80 -46.84 -4.32
CA ASP P 116 31.90 -46.44 -5.44
C ASP P 116 32.57 -45.41 -6.36
N ILE P 117 33.38 -44.54 -5.77
CA ILE P 117 34.15 -43.58 -6.55
C ILE P 117 35.18 -44.34 -7.42
N LYS P 118 35.91 -45.26 -6.79
CA LYS P 118 36.92 -46.03 -7.51
C LYS P 118 36.27 -46.82 -8.64
N GLN P 119 35.12 -47.43 -8.37
CA GLN P 119 34.44 -48.24 -9.38
C GLN P 119 34.14 -47.36 -10.58
N ALA P 120 33.65 -46.14 -10.32
CA ALA P 120 33.19 -45.22 -11.36
C ALA P 120 34.32 -44.86 -12.34
N TYR P 121 35.50 -44.59 -11.79
CA TYR P 121 36.72 -44.41 -12.57
C TYR P 121 37.09 -45.61 -13.45
N THR P 122 36.60 -46.83 -13.18
CA THR P 122 36.82 -47.97 -14.06
C THR P 122 35.72 -48.17 -15.08
N GLN P 123 34.61 -47.44 -14.98
CA GLN P 123 33.46 -47.66 -15.87
C GLN P 123 33.13 -46.49 -16.79
N PHE P 124 33.31 -45.26 -16.32
CA PHE P 124 33.18 -44.10 -17.21
C PHE P 124 34.25 -43.08 -17.06
N GLY P 125 34.36 -42.19 -18.04
CA GLY P 125 35.25 -41.02 -17.95
C GLY P 125 36.53 -41.14 -18.75
N GLY P 126 36.93 -42.33 -19.14
CA GLY P 126 38.21 -42.47 -19.82
C GLY P 126 39.49 -42.00 -19.10
N LYS P 127 39.45 -41.96 -17.77
CA LYS P 127 40.65 -41.66 -16.97
C LYS P 127 41.34 -42.94 -16.47
N ARG P 128 42.60 -42.76 -16.08
CA ARG P 128 43.32 -43.80 -15.37
C ARG P 128 42.69 -43.96 -13.97
N PRO P 129 42.64 -45.20 -13.47
CA PRO P 129 42.18 -45.43 -12.10
C PRO P 129 43.18 -44.95 -11.07
N PHE P 130 42.80 -44.99 -9.79
CA PHE P 130 43.71 -44.60 -8.70
C PHE P 130 44.54 -45.83 -8.38
N GLY P 131 45.87 -45.65 -8.28
CA GLY P 131 46.80 -46.77 -8.08
C GLY P 131 47.06 -47.04 -6.61
N VAL P 132 46.01 -47.41 -5.90
CA VAL P 132 46.03 -47.47 -4.46
C VAL P 132 45.17 -48.62 -3.96
N SER P 133 45.72 -49.31 -2.98
CA SER P 133 44.96 -50.20 -2.12
C SER P 133 45.00 -49.66 -0.71
N LEU P 134 43.94 -49.88 0.04
CA LEU P 134 43.85 -49.34 1.38
C LEU P 134 43.46 -50.42 2.36
N LEU P 135 44.07 -50.34 3.55
CA LEU P 135 43.58 -51.01 4.73
C LEU P 135 42.97 -49.99 5.70
N TYR P 136 41.79 -50.33 6.22
CA TYR P 136 41.03 -49.46 7.08
C TYR P 136 40.85 -50.17 8.38
N ILE P 137 41.14 -49.46 9.48
CA ILE P 137 40.82 -49.92 10.82
C ILE P 137 39.89 -48.94 11.54
N GLY P 138 39.07 -49.48 12.43
CA GLY P 138 38.09 -48.68 13.14
C GLY P 138 37.22 -49.40 14.14
N TRP P 139 36.49 -48.55 14.88
CA TRP P 139 35.45 -49.01 15.78
C TRP P 139 34.13 -48.33 15.42
N ASP P 140 33.04 -49.10 15.42
CA ASP P 140 31.70 -48.52 15.44
C ASP P 140 30.76 -49.31 16.32
N LYS P 141 29.62 -48.70 16.60
CA LYS P 141 28.62 -49.27 17.51
C LYS P 141 27.83 -50.40 16.92
N HIS P 142 27.96 -50.67 15.62
CA HIS P 142 27.24 -51.78 15.01
C HIS P 142 28.01 -53.10 15.07
N TYR P 143 29.30 -53.08 14.73
CA TYR P 143 30.14 -54.27 14.68
C TYR P 143 31.45 -54.17 15.46
N GLY P 144 31.65 -53.12 16.24
CA GLY P 144 32.87 -52.97 17.01
C GLY P 144 34.13 -52.84 16.17
N PHE P 145 35.20 -53.44 16.66
CA PHE P 145 36.49 -53.42 15.99
C PHE P 145 36.42 -54.10 14.62
N GLN P 146 36.97 -53.41 13.61
CA GLN P 146 36.91 -53.89 12.23
C GLN P 146 38.16 -53.56 11.42
N LEU P 147 38.37 -54.36 10.39
CA LEU P 147 39.46 -54.19 9.44
C LEU P 147 38.92 -54.43 8.07
N TYR P 148 39.19 -53.50 7.14
CA TYR P 148 38.76 -53.61 5.75
C TYR P 148 39.91 -53.41 4.79
N GLN P 149 39.76 -54.00 3.61
CA GLN P 149 40.69 -53.82 2.52
C GLN P 149 39.94 -53.41 1.27
N SER P 150 40.45 -52.40 0.57
CA SER P 150 39.94 -52.07 -0.74
C SER P 150 41.05 -51.95 -1.77
N ASP P 151 40.69 -52.19 -3.05
CA ASP P 151 41.64 -52.09 -4.15
C ASP P 151 41.14 -51.24 -5.37
N PRO P 152 42.01 -50.99 -6.35
CA PRO P 152 41.66 -50.03 -7.41
C PRO P 152 40.42 -50.35 -8.23
N SER P 153 39.94 -51.60 -8.28
CA SER P 153 38.66 -51.89 -8.94
C SER P 153 37.44 -51.30 -8.21
N GLY P 154 37.60 -50.84 -6.97
CA GLY P 154 36.48 -50.47 -6.11
C GLY P 154 35.88 -51.70 -5.43
N ASN P 155 36.66 -52.78 -5.33
CA ASN P 155 36.30 -53.94 -4.55
C ASN P 155 36.81 -53.80 -3.17
N TYR P 156 36.09 -54.40 -2.23
CA TYR P 156 36.51 -54.38 -0.83
C TYR P 156 36.06 -55.62 -0.10
N GLY P 157 36.67 -55.83 1.05
CA GLY P 157 36.24 -56.87 1.95
C GLY P 157 36.74 -56.58 3.34
N GLY P 158 36.04 -57.19 4.30
CA GLY P 158 36.42 -57.21 5.71
C GLY P 158 37.27 -58.42 5.98
N TRP P 159 38.21 -58.25 6.89
CA TRP P 159 39.25 -59.24 7.18
C TRP P 159 39.52 -59.27 8.69
N LYS P 160 39.96 -60.42 9.18
CA LYS P 160 40.48 -60.56 10.53
C LYS P 160 41.98 -60.24 10.56
N ALA P 161 42.63 -60.53 9.44
CA ALA P 161 44.01 -60.10 9.21
C ALA P 161 44.23 -60.12 7.71
N THR P 162 45.10 -59.23 7.24
CA THR P 162 45.42 -59.19 5.82
C THR P 162 46.70 -58.37 5.54
N CYS P 163 47.12 -58.40 4.28
CA CYS P 163 48.33 -57.68 3.83
C CYS P 163 48.16 -57.24 2.37
N ILE P 164 48.78 -56.09 2.09
CA ILE P 164 48.84 -55.54 0.75
C ILE P 164 50.25 -55.04 0.55
N GLY P 165 50.64 -54.89 -0.70
CA GLY P 165 51.98 -54.39 -1.02
C GLY P 165 53.01 -55.49 -1.19
N ASN P 166 54.28 -55.15 -0.98
CA ASN P 166 55.37 -56.10 -1.23
C ASN P 166 55.28 -57.40 -0.43
N ASN P 167 55.46 -58.53 -1.14
CA ASN P 167 55.34 -59.89 -0.59
C ASN P 167 54.01 -60.22 0.15
N SER P 168 52.88 -59.74 -0.38
CA SER P 168 51.56 -59.98 0.22
C SER P 168 51.23 -61.44 0.37
N ALA P 169 51.38 -62.20 -0.71
CA ALA P 169 51.06 -63.65 -0.74
C ALA P 169 51.75 -64.36 0.40
N ALA P 170 53.05 -64.07 0.53
CA ALA P 170 53.92 -64.63 1.59
C ALA P 170 53.46 -64.24 3.02
N ALA P 171 53.03 -62.98 3.19
CA ALA P 171 52.48 -62.49 4.47
C ALA P 171 51.15 -63.16 4.84
N VAL P 172 50.26 -63.36 3.86
CA VAL P 172 48.94 -63.97 4.11
C VAL P 172 49.07 -65.46 4.44
N SER P 173 50.12 -66.12 3.93
CA SER P 173 50.47 -67.47 4.35
C SER P 173 50.74 -67.47 5.84
N MET P 174 51.73 -66.68 6.25
CA MET P 174 52.13 -66.60 7.65
C MET P 174 50.99 -66.30 8.62
N LEU P 175 50.10 -65.38 8.23
CA LEU P 175 48.91 -65.01 9.03
C LEU P 175 47.88 -66.17 9.13
N LYS P 176 47.57 -66.82 8.01
CA LYS P 176 46.66 -67.98 7.99
C LYS P 176 47.04 -69.03 9.04
N GLN P 177 48.34 -69.24 9.25
CA GLN P 177 48.80 -70.24 10.22
C GLN P 177 48.82 -69.76 11.67
N ASP P 178 49.27 -68.52 11.92
CA ASP P 178 49.51 -68.07 13.32
C ASP P 178 48.34 -67.37 13.98
N TYR P 179 47.33 -67.00 13.19
CA TYR P 179 46.26 -66.15 13.68
C TYR P 179 45.17 -67.04 14.29
N LYS P 180 44.86 -66.76 15.57
CA LYS P 180 43.88 -67.50 16.36
C LYS P 180 42.49 -66.81 16.32
N GLU P 181 41.58 -67.29 15.46
CA GLU P 181 40.20 -66.76 15.37
C GLU P 181 39.49 -66.72 16.72
N GLY P 182 38.95 -65.55 17.07
CA GLY P 182 38.31 -65.34 18.38
C GLY P 182 39.21 -65.22 19.63
N GLU P 183 40.54 -65.37 19.48
CA GLU P 183 41.43 -65.47 20.64
C GLU P 183 42.71 -64.60 20.62
N MET P 184 42.73 -63.53 19.84
CA MET P 184 43.90 -62.65 19.76
C MET P 184 43.75 -61.44 20.67
N THR P 185 44.88 -60.99 21.22
CA THR P 185 44.96 -59.69 21.88
C THR P 185 45.84 -58.76 21.05
N LEU P 186 45.80 -57.48 21.42
CA LEU P 186 46.62 -56.45 20.77
C LEU P 186 48.10 -56.74 20.95
N LYS P 187 48.43 -57.37 22.08
CA LYS P 187 49.83 -57.75 22.39
C LYS P 187 50.33 -58.93 21.55
N SER P 188 49.49 -59.95 21.37
CA SER P 188 49.83 -61.09 20.50
C SER P 188 49.78 -60.71 19.01
N ALA P 189 48.88 -59.79 18.63
CA ALA P 189 48.80 -59.31 17.23
C ALA P 189 49.98 -58.43 16.85
N LEU P 190 50.39 -57.55 17.76
CA LEU P 190 51.65 -56.78 17.63
C LEU P 190 52.89 -57.68 17.42
N ALA P 191 53.01 -58.74 18.21
CA ALA P 191 54.13 -59.69 18.05
C ALA P 191 54.06 -60.38 16.69
N LEU P 192 52.85 -60.76 16.27
CA LEU P 192 52.64 -61.41 14.96
C LEU P 192 52.98 -60.46 13.80
N ALA P 193 52.65 -59.18 13.98
CA ALA P 193 52.94 -58.16 12.95
C ALA P 193 54.45 -58.09 12.71
N ILE P 194 55.21 -57.92 13.79
CA ILE P 194 56.69 -57.89 13.70
C ILE P 194 57.26 -59.18 13.10
N LYS P 195 56.65 -60.32 13.45
CA LYS P 195 57.01 -61.61 12.88
C LYS P 195 56.90 -61.60 11.35
N VAL P 196 55.76 -61.13 10.84
CA VAL P 196 55.48 -61.12 9.40
C VAL P 196 56.34 -60.08 8.67
N LEU P 197 56.47 -58.88 9.25
CA LEU P 197 57.35 -57.86 8.66
C LEU P 197 58.82 -58.26 8.67
N ASN P 198 59.22 -59.04 9.66
CA ASN P 198 60.56 -59.62 9.70
C ASN P 198 60.79 -60.63 8.59
N LYS P 199 59.78 -61.42 8.23
CA LYS P 199 59.88 -62.32 7.05
C LYS P 199 59.83 -61.52 5.76
N THR P 200 58.80 -60.71 5.58
CA THR P 200 58.53 -60.10 4.27
C THR P 200 59.47 -58.98 3.82
N MET P 201 60.12 -58.27 4.73
CA MET P 201 61.14 -57.30 4.33
C MET P 201 62.42 -58.03 4.06
N ASP P 202 62.61 -58.39 2.78
CA ASP P 202 63.89 -58.99 2.31
C ASP P 202 65.14 -58.09 2.56
N VAL P 203 64.89 -56.79 2.86
CA VAL P 203 65.90 -55.88 3.46
C VAL P 203 66.19 -56.43 4.88
N SER P 204 67.27 -57.21 4.99
CA SER P 204 67.43 -58.35 5.98
C SER P 204 67.18 -58.07 7.51
N LYS P 205 68.09 -57.36 8.18
CA LYS P 205 67.97 -57.09 9.62
C LYS P 205 67.01 -55.88 9.81
N LEU P 206 65.71 -56.19 9.94
CA LEU P 206 64.58 -55.25 10.24
C LEU P 206 64.86 -54.27 11.40
N SER P 207 64.41 -53.04 11.23
CA SER P 207 64.77 -51.94 12.11
C SER P 207 63.52 -51.10 12.41
N ALA P 208 63.54 -50.36 13.52
CA ALA P 208 62.41 -49.50 13.91
C ALA P 208 62.28 -48.29 12.99
N GLU P 209 63.42 -47.74 12.57
CA GLU P 209 63.48 -46.66 11.59
C GLU P 209 62.70 -47.01 10.31
N LYS P 210 62.58 -48.29 10.00
CA LYS P 210 61.94 -48.77 8.77
C LYS P 210 60.45 -49.23 8.85
N VAL P 211 59.82 -49.21 10.05
CA VAL P 211 58.38 -49.57 10.18
C VAL P 211 57.56 -48.60 11.02
N GLU P 212 56.26 -48.60 10.71
CA GLU P 212 55.28 -47.76 11.37
C GLU P 212 54.17 -48.66 11.88
N ILE P 213 53.83 -48.50 13.15
CA ILE P 213 52.71 -49.23 13.71
C ILE P 213 51.77 -48.24 14.36
N ALA P 214 50.48 -48.44 14.11
CA ALA P 214 49.43 -47.70 14.77
C ALA P 214 48.45 -48.71 15.35
N THR P 215 47.97 -48.42 16.55
CA THR P 215 46.91 -49.20 17.18
C THR P 215 45.67 -48.34 17.35
N LEU P 216 44.52 -49.02 17.31
CA LEU P 216 43.21 -48.44 17.58
C LEU P 216 42.50 -49.26 18.68
N THR P 217 42.24 -48.62 19.82
CA THR P 217 41.56 -49.25 20.97
C THR P 217 40.39 -48.40 21.51
N ARG P 218 39.69 -48.98 22.49
CA ARG P 218 38.65 -48.26 23.25
C ARG P 218 39.05 -48.05 24.71
N GLU P 219 38.85 -46.84 25.20
CA GLU P 219 39.11 -46.43 26.60
C GLU P 219 38.08 -45.40 27.07
N ASN P 220 37.26 -45.81 28.04
CA ASN P 220 36.22 -44.97 28.66
C ASN P 220 35.19 -44.45 27.67
N GLY P 221 34.63 -45.35 26.87
CA GLY P 221 33.64 -44.99 25.83
C GLY P 221 34.14 -44.08 24.71
N LYS P 222 35.45 -44.12 24.45
CA LYS P 222 36.12 -43.22 23.49
C LYS P 222 37.21 -43.97 22.71
N THR P 223 37.32 -43.71 21.41
CA THR P 223 38.29 -44.42 20.56
C THR P 223 39.65 -43.78 20.66
N VAL P 224 40.68 -44.60 20.77
CA VAL P 224 42.04 -44.11 20.89
C VAL P 224 42.85 -44.64 19.72
N ILE P 225 43.54 -43.73 19.05
CA ILE P 225 44.34 -44.06 17.88
C ILE P 225 45.74 -43.51 18.17
N ARG P 226 46.74 -44.39 18.22
CA ARG P 226 48.10 -44.01 18.64
C ARG P 226 49.10 -44.55 17.61
N VAL P 227 50.09 -43.74 17.27
CA VAL P 227 51.20 -44.19 16.43
C VAL P 227 52.31 -44.51 17.43
N LEU P 228 52.72 -45.79 17.51
CA LEU P 228 53.74 -46.21 18.46
C LEU P 228 55.03 -45.42 18.23
N LYS P 229 55.64 -44.95 19.34
CA LYS P 229 56.90 -44.19 19.29
C LYS P 229 58.02 -45.18 18.99
N GLN P 230 59.19 -44.65 18.65
CA GLN P 230 60.30 -45.50 18.19
C GLN P 230 60.85 -46.40 19.32
N LYS P 231 60.70 -45.95 20.58
CA LYS P 231 61.10 -46.77 21.76
C LYS P 231 60.24 -48.04 21.88
N GLU P 232 58.94 -47.96 21.57
CA GLU P 232 58.03 -49.11 21.67
C GLU P 232 58.31 -50.11 20.55
N VAL P 233 58.56 -49.59 19.34
CA VAL P 233 58.85 -50.44 18.16
C VAL P 233 60.16 -51.23 18.32
N GLU P 234 61.24 -50.58 18.80
CA GLU P 234 62.52 -51.27 19.11
C GLU P 234 62.30 -52.36 20.16
N GLN P 235 61.57 -52.01 21.21
CA GLN P 235 61.31 -52.92 22.33
C GLN P 235 60.56 -54.20 21.85
N LEU P 236 59.61 -54.06 20.93
CA LEU P 236 58.90 -55.23 20.36
C LEU P 236 59.74 -56.09 19.40
N ILE P 237 60.63 -55.45 18.63
CA ILE P 237 61.56 -56.14 17.74
C ILE P 237 62.48 -57.01 18.60
N LYS P 238 63.03 -56.42 19.68
CA LYS P 238 63.81 -57.14 20.69
C LYS P 238 63.08 -58.40 21.22
N LYS P 239 61.82 -58.26 21.64
CA LYS P 239 61.02 -59.42 22.14
C LYS P 239 60.75 -60.51 21.12
N HIS P 240 60.67 -60.15 19.84
CA HIS P 240 60.65 -61.12 18.73
C HIS P 240 62.04 -61.80 18.51
N GLU P 241 63.14 -61.04 18.68
CA GLU P 241 64.53 -61.57 18.57
C GLU P 241 64.91 -62.48 19.76
N GLU P 242 64.44 -62.10 20.96
CA GLU P 242 64.48 -62.96 22.13
C GLU P 242 63.67 -64.24 21.93
N GLU P 243 62.44 -64.11 21.41
CA GLU P 243 61.58 -65.28 21.18
C GLU P 243 62.15 -66.32 20.19
N GLU P 244 62.82 -65.86 19.12
CA GLU P 244 63.58 -66.77 18.18
C GLU P 244 64.81 -67.41 18.89
N ALA P 245 64.60 -68.61 19.44
CA ALA P 245 65.31 -69.16 20.65
C ALA P 245 64.54 -68.63 21.90
N LYS P 246 63.44 -69.28 22.31
CA LYS P 246 63.34 -70.76 22.57
C LYS P 246 63.43 -71.79 21.42
N ALA P 247 62.91 -71.44 20.24
CA ALA P 247 62.99 -72.29 19.02
C ALA P 247 64.30 -73.10 18.75
N GLU P 248 65.41 -72.86 19.47
CA GLU P 248 66.65 -73.66 19.37
C GLU P 248 66.94 -74.43 20.65
N SER Q 2 33.67 -33.82 -20.26
CA SER Q 2 32.89 -35.09 -20.27
C SER Q 2 33.28 -35.96 -21.47
N TYR Q 3 33.24 -37.25 -21.29
CA TYR Q 3 33.85 -38.19 -22.20
C TYR Q 3 32.84 -38.74 -23.21
N ASP Q 4 32.81 -38.18 -24.41
CA ASP Q 4 31.84 -38.59 -25.41
C ASP Q 4 32.39 -39.64 -26.40
N ARG Q 5 33.08 -40.67 -25.94
CA ARG Q 5 33.59 -41.67 -26.85
C ARG Q 5 32.54 -42.76 -26.90
N ALA Q 6 32.17 -43.21 -28.09
CA ALA Q 6 31.38 -44.41 -28.20
C ALA Q 6 32.24 -45.60 -27.81
N ILE Q 7 31.81 -46.41 -26.86
CA ILE Q 7 32.62 -47.52 -26.37
C ILE Q 7 32.09 -48.83 -26.88
N THR Q 8 30.78 -49.01 -26.81
CA THR Q 8 30.16 -50.18 -27.38
C THR Q 8 29.68 -49.83 -28.78
N VAL Q 9 30.23 -50.48 -29.79
CA VAL Q 9 29.84 -50.28 -31.17
C VAL Q 9 29.64 -51.64 -31.85
N PHE Q 10 28.95 -51.64 -32.98
CA PHE Q 10 28.87 -52.82 -33.82
C PHE Q 10 30.18 -53.12 -34.52
N SER Q 11 30.46 -54.42 -34.62
CA SER Q 11 31.46 -54.99 -35.48
C SER Q 11 30.84 -55.57 -36.72
N PRO Q 12 31.73 -55.91 -37.71
CA PRO Q 12 31.19 -56.26 -39.02
C PRO Q 12 30.20 -57.39 -39.20
N ASP Q 13 30.13 -58.30 -38.24
CA ASP Q 13 29.12 -59.37 -38.38
C ASP Q 13 27.96 -59.21 -37.35
N GLY Q 14 27.67 -57.95 -37.00
CA GLY Q 14 26.59 -57.61 -36.13
C GLY Q 14 26.83 -57.79 -34.66
N HIS Q 15 28.04 -57.98 -34.23
CA HIS Q 15 28.31 -58.20 -32.80
C HIS Q 15 28.58 -56.92 -32.07
N LEU Q 16 28.22 -56.91 -30.80
CA LEU Q 16 28.58 -55.85 -29.91
C LEU Q 16 29.67 -56.37 -29.00
N PHE Q 17 30.92 -56.23 -29.41
CA PHE Q 17 32.00 -56.88 -28.67
C PHE Q 17 32.18 -56.48 -27.20
N GLN Q 18 31.98 -55.22 -26.82
CA GLN Q 18 32.08 -54.84 -25.39
C GLN Q 18 31.07 -55.58 -24.51
N VAL Q 19 29.90 -55.87 -25.10
CA VAL Q 19 28.86 -56.64 -24.42
C VAL Q 19 29.31 -58.12 -24.30
N GLU Q 20 29.87 -58.68 -25.36
CA GLU Q 20 30.38 -60.06 -25.31
C GLU Q 20 31.50 -60.14 -24.30
N TYR Q 21 32.32 -59.11 -24.17
CA TYR Q 21 33.43 -59.14 -23.23
C TYR Q 21 32.91 -59.01 -21.82
N ALA Q 22 31.87 -58.22 -21.64
CA ALA Q 22 31.20 -58.12 -20.34
C ALA Q 22 30.66 -59.50 -19.93
N GLN Q 23 30.07 -60.22 -20.90
CA GLN Q 23 29.65 -61.59 -20.74
C GLN Q 23 30.81 -62.56 -20.36
N GLU Q 24 32.00 -62.38 -20.90
CA GLU Q 24 33.17 -63.15 -20.44
C GLU Q 24 33.53 -62.85 -18.98
N ALA Q 25 33.28 -61.62 -18.51
CA ALA Q 25 33.53 -61.30 -17.12
C ALA Q 25 32.56 -62.06 -16.22
N VAL Q 26 31.32 -62.21 -16.66
CA VAL Q 26 30.32 -62.99 -15.92
C VAL Q 26 30.76 -64.47 -15.82
N LYS Q 27 31.23 -65.06 -16.92
CA LYS Q 27 31.61 -66.46 -16.94
C LYS Q 27 32.80 -66.79 -16.04
N LYS Q 28 33.66 -65.83 -15.74
CA LYS Q 28 34.69 -65.99 -14.72
C LYS Q 28 34.27 -65.65 -13.29
N GLY Q 29 33.00 -65.34 -13.06
CA GLY Q 29 32.52 -65.07 -11.71
C GLY Q 29 32.11 -66.37 -11.04
N SER Q 30 32.03 -66.32 -9.71
CA SER Q 30 31.47 -67.41 -8.93
C SER Q 30 30.11 -67.88 -9.41
N THR Q 31 29.90 -69.18 -9.35
CA THR Q 31 28.67 -69.79 -9.83
C THR Q 31 27.55 -69.35 -8.91
N ALA Q 32 26.40 -69.00 -9.49
CA ALA Q 32 25.19 -68.67 -8.72
C ALA Q 32 24.03 -69.42 -9.31
N VAL Q 33 23.18 -69.97 -8.43
CA VAL Q 33 22.07 -70.82 -8.83
C VAL Q 33 20.82 -70.35 -8.16
N GLY Q 34 19.73 -70.38 -8.91
CA GLY Q 34 18.41 -70.08 -8.39
C GLY Q 34 17.44 -71.19 -8.78
N VAL Q 35 16.58 -71.56 -7.83
CA VAL Q 35 15.44 -72.42 -8.13
C VAL Q 35 14.15 -71.85 -7.55
N ARG Q 36 13.14 -71.78 -8.40
CA ARG Q 36 11.81 -71.39 -8.04
C ARG Q 36 11.04 -72.64 -7.55
N GLY Q 37 10.84 -72.72 -6.23
CA GLY Q 37 10.00 -73.77 -5.62
C GLY Q 37 8.51 -73.51 -5.75
N ARG Q 38 7.73 -74.30 -5.02
CA ARG Q 38 6.25 -74.19 -5.03
C ARG Q 38 5.82 -72.96 -4.19
N ASP Q 39 6.29 -72.95 -2.94
CA ASP Q 39 6.02 -71.87 -1.97
C ASP Q 39 7.32 -71.30 -1.34
N ILE Q 40 8.45 -71.56 -1.98
CA ILE Q 40 9.75 -71.06 -1.54
C ILE Q 40 10.55 -70.65 -2.79
N VAL Q 41 11.56 -69.82 -2.61
CA VAL Q 41 12.53 -69.52 -3.65
C VAL Q 41 13.93 -69.51 -3.03
N VAL Q 42 14.88 -70.14 -3.71
CA VAL Q 42 16.21 -70.40 -3.15
C VAL Q 42 17.28 -69.82 -4.06
N LEU Q 43 18.34 -69.28 -3.46
CA LEU Q 43 19.51 -68.85 -4.19
C LEU Q 43 20.73 -69.34 -3.45
N GLY Q 44 21.73 -69.77 -4.21
CA GLY Q 44 22.97 -70.23 -3.60
C GLY Q 44 24.10 -69.88 -4.51
N VAL Q 45 25.28 -69.69 -3.91
CA VAL Q 45 26.44 -69.24 -4.68
C VAL Q 45 27.75 -69.84 -4.19
N GLU Q 46 28.66 -70.04 -5.13
CA GLU Q 46 29.95 -70.66 -4.88
C GLU Q 46 30.83 -69.88 -3.89
N LYS Q 47 31.76 -70.62 -3.27
CA LYS Q 47 32.83 -70.16 -2.35
C LYS Q 47 33.05 -68.68 -2.12
N LYS Q 48 33.32 -67.96 -3.22
CA LYS Q 48 34.27 -66.81 -3.28
C LYS Q 48 35.65 -67.51 -3.16
N SER Q 49 36.38 -67.35 -2.05
CA SER Q 49 37.76 -67.84 -1.95
C SER Q 49 37.93 -68.94 -0.93
N VAL Q 50 36.92 -69.15 -0.10
CA VAL Q 50 37.15 -69.51 1.30
C VAL Q 50 38.06 -68.37 1.84
N ALA Q 51 39.24 -68.73 2.35
CA ALA Q 51 40.17 -67.83 3.10
C ALA Q 51 39.73 -67.70 4.57
N LYS Q 52 40.51 -68.31 5.46
CA LYS Q 52 40.22 -68.36 6.90
C LYS Q 52 40.09 -66.98 7.55
N LEU Q 53 40.77 -65.98 7.00
CA LEU Q 53 40.86 -64.67 7.62
C LEU Q 53 39.79 -63.64 7.16
N GLN Q 54 38.97 -64.04 6.20
CA GLN Q 54 37.94 -63.21 5.68
C GLN Q 54 36.77 -63.15 6.66
N ASP Q 55 36.19 -61.95 6.80
CA ASP Q 55 34.91 -61.77 7.50
C ASP Q 55 33.81 -62.11 6.50
N GLU Q 56 33.23 -63.29 6.67
CA GLU Q 56 32.17 -63.84 5.81
C GLU Q 56 31.06 -62.81 5.43
N ARG Q 57 30.62 -62.04 6.44
CA ARG Q 57 29.50 -61.06 6.30
C ARG Q 57 29.71 -60.06 5.16
N THR Q 58 30.94 -59.59 5.05
CA THR Q 58 31.29 -58.48 4.17
C THR Q 58 31.35 -58.87 2.70
N VAL Q 59 31.25 -60.15 2.36
CA VAL Q 59 31.40 -60.59 0.96
C VAL Q 59 30.26 -61.46 0.47
N ARG Q 60 29.09 -61.36 1.09
CA ARG Q 60 27.93 -62.07 0.60
C ARG Q 60 27.67 -61.65 -0.85
N LYS Q 61 27.26 -62.60 -1.67
CA LYS Q 61 26.89 -62.34 -3.04
C LYS Q 61 25.36 -62.53 -3.19
N ILE Q 62 24.63 -62.56 -2.08
CA ILE Q 62 23.16 -62.52 -2.10
C ILE Q 62 22.72 -61.27 -1.33
N YCM Q 63 21.79 -60.50 -1.90
CA YCM Q 63 21.48 -59.11 -1.45
CB YCM Q 63 22.12 -58.05 -2.35
SG YCM Q 63 23.77 -57.90 -1.73
CD YCM Q 63 25.17 -58.43 -2.68
CE YCM Q 63 26.37 -57.60 -2.15
OZ1 YCM Q 63 27.13 -56.96 -2.89
NZ2 YCM Q 63 26.55 -57.60 -0.82
C YCM Q 63 20.03 -58.80 -1.47
O YCM Q 63 19.38 -59.04 -2.50
N ALA Q 64 19.48 -58.28 -0.38
CA ALA Q 64 18.11 -57.78 -0.38
C ALA Q 64 18.03 -56.47 -1.17
N LEU Q 65 17.03 -56.40 -2.03
CA LEU Q 65 16.68 -55.17 -2.76
C LEU Q 65 15.56 -54.44 -2.02
N ASP Q 66 14.59 -55.20 -1.56
CA ASP Q 66 13.46 -54.70 -0.79
C ASP Q 66 13.05 -55.86 0.17
N ASP Q 67 11.93 -55.76 0.89
CA ASP Q 67 11.49 -56.87 1.80
C ASP Q 67 11.14 -58.14 1.03
N ASN Q 68 10.51 -57.93 -0.13
CA ASN Q 68 9.95 -58.99 -0.96
C ASN Q 68 10.73 -59.33 -2.26
N VAL Q 69 11.97 -58.84 -2.41
CA VAL Q 69 12.80 -59.14 -3.59
C VAL Q 69 14.28 -59.14 -3.23
N CYS Q 70 15.01 -60.12 -3.73
CA CYS Q 70 16.44 -60.16 -3.55
C CYS Q 70 17.10 -60.72 -4.78
N MET Q 71 18.43 -60.67 -4.79
CA MET Q 71 19.16 -61.05 -5.96
C MET Q 71 20.52 -61.60 -5.61
N ALA Q 72 21.02 -62.40 -6.54
CA ALA Q 72 22.38 -62.78 -6.53
C ALA Q 72 22.91 -62.40 -7.87
N PHE Q 73 24.23 -62.38 -7.97
CA PHE Q 73 24.91 -61.95 -9.17
C PHE Q 73 26.11 -62.85 -9.43
N ALA Q 74 26.56 -62.85 -10.66
CA ALA Q 74 27.87 -63.36 -11.02
C ALA Q 74 28.57 -62.33 -11.89
N GLY Q 75 29.85 -62.10 -11.59
CA GLY Q 75 30.69 -61.25 -12.37
C GLY Q 75 31.46 -60.28 -11.50
N LEU Q 76 31.57 -59.04 -11.97
CA LEU Q 76 32.43 -58.04 -11.33
C LEU Q 76 31.69 -57.55 -10.12
N THR Q 77 32.27 -57.69 -8.94
CA THR Q 77 31.52 -57.43 -7.69
C THR Q 77 31.24 -55.94 -7.50
N ALA Q 78 32.23 -55.11 -7.80
CA ALA Q 78 32.09 -53.63 -7.79
C ALA Q 78 30.97 -53.13 -8.69
N ASP Q 79 30.92 -53.65 -9.92
CA ASP Q 79 29.85 -53.31 -10.79
C ASP Q 79 28.50 -53.70 -10.16
N ALA Q 80 28.44 -54.91 -9.56
CA ALA Q 80 27.21 -55.41 -8.95
C ALA Q 80 26.69 -54.51 -7.83
N ARG Q 81 27.61 -53.98 -7.02
CA ARG Q 81 27.23 -53.13 -5.91
C ARG Q 81 26.50 -51.87 -6.45
N ILE Q 82 26.99 -51.34 -7.56
CA ILE Q 82 26.38 -50.19 -8.20
C ILE Q 82 24.96 -50.53 -8.64
N VAL Q 83 24.82 -51.64 -9.38
CA VAL Q 83 23.49 -52.04 -9.88
C VAL Q 83 22.55 -52.27 -8.69
N ILE Q 84 23.07 -52.88 -7.63
CA ILE Q 84 22.28 -53.21 -6.45
C ILE Q 84 21.73 -51.92 -5.81
N ASN Q 85 22.60 -50.95 -5.58
CA ASN Q 85 22.17 -49.70 -4.98
C ASN Q 85 21.15 -48.92 -5.83
N ARG Q 86 21.31 -48.92 -7.16
CA ARG Q 86 20.38 -48.26 -8.04
C ARG Q 86 18.99 -48.92 -7.98
N ALA Q 87 18.95 -50.23 -7.84
CA ALA Q 87 17.69 -50.95 -7.78
C ALA Q 87 16.99 -50.71 -6.44
N ARG Q 88 17.80 -50.64 -5.38
CA ARG Q 88 17.29 -50.30 -4.06
C ARG Q 88 16.68 -48.91 -4.07
N VAL Q 89 17.32 -47.96 -4.74
CA VAL Q 89 16.79 -46.62 -4.83
C VAL Q 89 15.44 -46.65 -5.54
N GLU Q 90 15.38 -47.39 -6.63
CA GLU Q 90 14.18 -47.52 -7.43
C GLU Q 90 13.01 -48.21 -6.78
N CYS Q 91 13.28 -49.23 -5.96
CA CYS Q 91 12.24 -49.90 -5.16
C CYS Q 91 11.53 -48.92 -4.23
N GLN Q 92 12.33 -48.05 -3.63
CA GLN Q 92 11.80 -46.96 -2.82
C GLN Q 92 11.08 -45.88 -3.61
N SER Q 93 11.53 -45.53 -4.81
CA SER Q 93 10.71 -44.65 -5.68
C SER Q 93 9.36 -45.28 -6.02
N HIS Q 94 9.35 -46.52 -6.48
CA HIS Q 94 8.09 -47.21 -6.79
C HIS Q 94 7.16 -47.14 -5.55
N ARG Q 95 7.58 -47.70 -4.41
CA ARG Q 95 6.84 -47.59 -3.11
C ARG Q 95 6.28 -46.20 -2.87
N LEU Q 96 7.08 -45.17 -3.14
CA LEU Q 96 6.68 -43.78 -3.00
C LEU Q 96 5.52 -43.49 -3.92
N THR Q 97 5.70 -43.56 -5.22
CA THR Q 97 4.74 -43.07 -6.26
C THR Q 97 3.48 -43.99 -6.55
N VAL Q 98 3.56 -45.26 -6.12
CA VAL Q 98 2.48 -46.26 -6.34
C VAL Q 98 1.94 -46.94 -5.05
N GLU Q 99 2.64 -46.78 -3.93
CA GLU Q 99 2.20 -47.31 -2.64
C GLU Q 99 1.96 -48.84 -2.65
N ASP Q 100 2.73 -49.55 -3.46
CA ASP Q 100 2.84 -51.01 -3.41
C ASP Q 100 4.32 -51.30 -3.49
N PRO Q 101 4.72 -52.48 -3.01
CA PRO Q 101 6.05 -52.94 -3.34
C PRO Q 101 6.12 -53.29 -4.83
N VAL Q 102 7.34 -53.28 -5.37
CA VAL Q 102 7.57 -53.60 -6.76
C VAL Q 102 7.24 -55.07 -6.99
N THR Q 103 6.71 -55.40 -8.16
CA THR Q 103 6.80 -56.82 -8.63
C THR Q 103 8.28 -57.16 -8.89
N VAL Q 104 8.56 -58.46 -8.90
CA VAL Q 104 9.90 -58.92 -9.17
C VAL Q 104 10.22 -58.59 -10.62
N GLU Q 105 9.21 -58.64 -11.48
CA GLU Q 105 9.38 -58.33 -12.88
C GLU Q 105 9.74 -56.87 -13.10
N TYR Q 106 9.01 -55.99 -12.42
CA TYR Q 106 9.19 -54.57 -12.54
C TYR Q 106 10.63 -54.20 -12.27
N ILE Q 107 11.16 -54.65 -11.15
CA ILE Q 107 12.51 -54.32 -10.81
C ILE Q 107 13.52 -55.07 -11.70
N THR Q 108 13.16 -56.25 -12.19
CA THR Q 108 14.02 -56.96 -13.12
C THR Q 108 14.15 -56.13 -14.40
N ARG Q 109 13.00 -55.69 -14.89
CA ARG Q 109 12.91 -54.82 -16.06
C ARG Q 109 13.68 -53.49 -15.93
N TYR Q 110 13.62 -52.90 -14.73
CA TYR Q 110 14.39 -51.74 -14.41
C TYR Q 110 15.90 -52.00 -14.49
N ILE Q 111 16.38 -53.06 -13.85
CA ILE Q 111 17.78 -53.41 -13.87
C ILE Q 111 18.29 -53.71 -15.30
N ALA Q 112 17.48 -54.41 -16.06
CA ALA Q 112 17.80 -54.73 -17.44
C ALA Q 112 17.94 -53.45 -18.35
N SER Q 113 17.02 -52.50 -18.21
CA SER Q 113 17.09 -51.30 -19.03
C SER Q 113 18.27 -50.41 -18.59
N LEU Q 114 18.60 -50.37 -17.29
CA LEU Q 114 19.85 -49.79 -16.88
C LEU Q 114 21.04 -50.40 -17.62
N LYS Q 115 21.12 -51.73 -17.61
CA LYS Q 115 22.21 -52.41 -18.24
C LYS Q 115 22.22 -52.12 -19.79
N GLN Q 116 21.05 -52.17 -20.43
CA GLN Q 116 20.97 -51.88 -21.84
C GLN Q 116 21.47 -50.47 -22.16
N ARG Q 117 21.11 -49.49 -21.34
CA ARG Q 117 21.56 -48.10 -21.52
C ARG Q 117 23.09 -48.00 -21.55
N TYR Q 118 23.74 -48.75 -20.67
CA TYR Q 118 25.18 -48.70 -20.60
C TYR Q 118 25.82 -49.40 -21.78
N THR Q 119 25.03 -49.98 -22.69
CA THR Q 119 25.56 -50.56 -23.96
C THR Q 119 25.33 -49.65 -25.18
N GLN Q 120 24.62 -48.55 -24.93
CA GLN Q 120 24.25 -47.65 -25.96
C GLN Q 120 24.51 -46.16 -25.60
N SER Q 121 25.42 -45.91 -24.67
CA SER Q 121 25.74 -44.58 -24.17
C SER Q 121 27.22 -44.24 -24.22
N ASN Q 122 27.50 -43.04 -24.68
CA ASN Q 122 28.82 -42.54 -24.75
C ASN Q 122 29.54 -42.54 -23.41
N GLY Q 123 30.81 -42.88 -23.46
CA GLY Q 123 31.72 -42.83 -22.32
C GLY Q 123 31.69 -43.92 -21.24
N ARG Q 124 30.77 -44.86 -21.38
CA ARG Q 124 30.49 -45.92 -20.40
C ARG Q 124 30.77 -47.29 -21.03
N ARG Q 125 31.44 -48.17 -20.31
CA ARG Q 125 31.42 -49.61 -20.66
C ARG Q 125 30.20 -50.28 -20.03
N PRO Q 126 29.78 -51.41 -20.58
CA PRO Q 126 28.72 -52.17 -19.97
C PRO Q 126 29.05 -52.72 -18.57
N PHE Q 127 28.00 -53.08 -17.85
CA PHE Q 127 28.14 -53.67 -16.52
C PHE Q 127 28.56 -55.10 -16.72
N GLY Q 128 29.57 -55.51 -15.97
CA GLY Q 128 30.11 -56.89 -16.10
C GLY Q 128 29.45 -57.91 -15.19
N ILE Q 129 28.11 -57.98 -15.22
CA ILE Q 129 27.38 -58.86 -14.34
C ILE Q 129 26.11 -59.36 -14.99
N SER Q 130 25.73 -60.58 -14.54
CA SER Q 130 24.37 -61.07 -14.60
C SER Q 130 23.81 -61.15 -13.21
N ALA Q 131 22.50 -61.17 -13.15
CA ALA Q 131 21.81 -61.24 -11.91
C ALA Q 131 20.68 -62.26 -11.97
N LEU Q 132 20.51 -63.00 -10.89
CA LEU Q 132 19.29 -63.78 -10.64
C LEU Q 132 18.47 -63.00 -9.61
N ILE Q 133 17.23 -62.70 -9.97
CA ILE Q 133 16.38 -61.90 -9.14
C ILE Q 133 15.18 -62.74 -8.78
N VAL Q 134 14.93 -62.86 -7.47
CA VAL Q 134 13.84 -63.72 -6.97
C VAL Q 134 12.92 -63.04 -6.01
N GLY Q 135 11.75 -63.62 -5.83
CA GLY Q 135 10.83 -63.17 -4.77
C GLY Q 135 9.39 -63.52 -5.03
N PHE Q 136 8.48 -62.79 -4.39
CA PHE Q 136 7.03 -63.05 -4.48
C PHE Q 136 6.27 -61.78 -4.78
N ASP Q 137 5.32 -61.90 -5.69
CA ASP Q 137 4.35 -60.83 -5.94
C ASP Q 137 3.26 -60.80 -4.84
N PHE Q 138 2.47 -59.73 -4.83
CA PHE Q 138 1.31 -59.55 -3.91
C PHE Q 138 0.35 -60.77 -3.88
N ASP Q 139 0.15 -61.42 -5.03
CA ASP Q 139 -0.75 -62.60 -5.13
C ASP Q 139 -0.13 -63.95 -4.72
N GLY Q 140 1.10 -63.94 -4.22
CA GLY Q 140 1.76 -65.15 -3.72
C GLY Q 140 2.54 -65.98 -4.74
N THR Q 141 2.49 -65.59 -6.02
CA THR Q 141 3.25 -66.30 -7.05
C THR Q 141 4.79 -66.10 -6.91
N PRO Q 142 5.55 -67.20 -6.75
CA PRO Q 142 7.03 -67.13 -6.66
C PRO Q 142 7.65 -66.85 -8.02
N ARG Q 143 8.85 -66.23 -8.04
CA ARG Q 143 9.45 -65.68 -9.27
C ARG Q 143 10.97 -65.81 -9.30
N LEU Q 144 11.50 -66.23 -10.45
CA LEU Q 144 12.92 -66.24 -10.66
C LEU Q 144 13.17 -65.61 -12.02
N TYR Q 145 13.89 -64.47 -12.04
CA TYR Q 145 14.26 -63.76 -13.26
C TYR Q 145 15.76 -63.69 -13.37
N GLN Q 146 16.23 -63.60 -14.61
CA GLN Q 146 17.63 -63.40 -14.85
C GLN Q 146 17.84 -62.23 -15.81
N THR Q 147 18.89 -61.44 -15.53
CA THR Q 147 19.38 -60.39 -16.42
C THR Q 147 20.84 -60.64 -16.83
N ASP Q 148 21.21 -60.15 -18.01
CA ASP Q 148 22.63 -60.20 -18.39
C ASP Q 148 23.10 -58.85 -18.91
N PRO Q 149 24.42 -58.72 -19.18
CA PRO Q 149 25.00 -57.41 -19.47
C PRO Q 149 24.37 -56.68 -20.66
N SER Q 150 23.75 -57.40 -21.60
CA SER Q 150 23.10 -56.81 -22.74
C SER Q 150 21.82 -56.08 -22.40
N GLY Q 151 21.31 -56.27 -21.18
CA GLY Q 151 19.98 -55.82 -20.80
C GLY Q 151 18.84 -56.75 -21.19
N THR Q 152 19.16 -57.97 -21.60
CA THR Q 152 18.14 -58.96 -21.89
C THR Q 152 17.71 -59.54 -20.55
N TYR Q 153 16.44 -59.89 -20.47
CA TYR Q 153 15.97 -60.53 -19.24
C TYR Q 153 14.90 -61.56 -19.54
N HIS Q 154 14.86 -62.62 -18.73
CA HIS Q 154 13.84 -63.68 -18.82
C HIS Q 154 13.49 -64.26 -17.47
N ALA Q 155 12.34 -64.91 -17.41
CA ALA Q 155 11.93 -65.73 -16.25
C ALA Q 155 12.37 -67.19 -16.46
N TRP Q 156 12.75 -67.82 -15.35
CA TRP Q 156 13.21 -69.17 -15.30
C TRP Q 156 12.51 -69.93 -14.16
N LYS Q 157 12.31 -71.23 -14.40
CA LYS Q 157 11.94 -72.21 -13.33
C LYS Q 157 13.12 -72.46 -12.41
N ALA Q 158 14.31 -72.48 -12.99
CA ALA Q 158 15.55 -72.61 -12.26
C ALA Q 158 16.62 -72.25 -13.25
N ASN Q 159 17.80 -71.86 -12.76
CA ASN Q 159 18.86 -71.41 -13.64
C ASN Q 159 20.19 -71.26 -12.90
N ALA Q 160 21.28 -71.22 -13.66
CA ALA Q 160 22.60 -70.85 -13.16
C ALA Q 160 23.26 -69.78 -14.01
N ILE Q 161 24.23 -69.08 -13.41
CA ILE Q 161 25.10 -68.10 -14.07
C ILE Q 161 26.47 -68.13 -13.39
N GLY Q 162 27.49 -67.62 -14.07
CA GLY Q 162 28.89 -67.73 -13.58
C GLY Q 162 29.66 -68.90 -14.18
N ARG Q 163 30.85 -69.17 -13.67
CA ARG Q 163 31.67 -70.27 -14.14
C ARG Q 163 30.97 -71.60 -13.93
N GLY Q 164 30.94 -72.38 -15.01
CA GLY Q 164 30.22 -73.63 -15.02
C GLY Q 164 28.71 -73.54 -14.94
N ALA Q 165 28.13 -72.43 -15.37
CA ALA Q 165 26.69 -72.35 -15.61
C ALA Q 165 26.18 -73.39 -16.66
N LYS Q 166 27.02 -73.70 -17.66
CA LYS Q 166 26.64 -74.66 -18.76
C LYS Q 166 26.24 -76.00 -18.18
N SER Q 167 27.16 -76.59 -17.44
CA SER Q 167 26.94 -77.92 -16.84
C SER Q 167 25.85 -77.88 -15.75
N VAL Q 168 25.85 -76.84 -14.90
CA VAL Q 168 24.86 -76.73 -13.82
C VAL Q 168 23.46 -76.60 -14.43
N ARG Q 169 23.31 -75.85 -15.52
CA ARG Q 169 22.03 -75.77 -16.22
C ARG Q 169 21.63 -77.15 -16.80
N GLU Q 170 22.60 -77.89 -17.34
CA GLU Q 170 22.38 -79.30 -17.81
C GLU Q 170 21.82 -80.18 -16.68
N PHE Q 171 22.43 -80.09 -15.49
CA PHE Q 171 21.97 -80.81 -14.28
C PHE Q 171 20.55 -80.43 -13.85
N LEU Q 172 20.25 -79.14 -13.79
CA LEU Q 172 18.91 -78.65 -13.43
C LEU Q 172 17.82 -79.10 -14.41
N GLU Q 173 18.14 -79.11 -15.71
CA GLU Q 173 17.19 -79.54 -16.75
C GLU Q 173 16.70 -80.94 -16.49
N LYS Q 174 17.61 -81.84 -16.09
CA LYS Q 174 17.30 -83.25 -15.89
C LYS Q 174 16.68 -83.47 -14.51
N ASN Q 175 17.11 -82.68 -13.52
CA ASN Q 175 16.72 -82.84 -12.09
C ASN Q 175 15.56 -81.99 -11.56
N TYR Q 176 15.18 -80.93 -12.27
CA TYR Q 176 14.01 -80.13 -11.90
C TYR Q 176 12.69 -80.83 -12.30
N THR Q 177 12.00 -81.36 -11.30
CA THR Q 177 10.74 -82.07 -11.47
C THR Q 177 9.86 -81.75 -10.28
N ASP Q 178 8.56 -82.01 -10.43
CA ASP Q 178 7.59 -81.80 -9.33
C ASP Q 178 8.05 -82.47 -8.02
N GLU Q 179 8.63 -83.69 -8.13
CA GLU Q 179 9.17 -84.46 -6.99
C GLU Q 179 10.34 -83.76 -6.25
N ALA Q 180 11.30 -83.20 -6.99
CA ALA Q 180 12.43 -82.45 -6.39
C ALA Q 180 12.07 -81.10 -5.72
N ILE Q 181 10.89 -80.53 -6.06
CA ILE Q 181 10.39 -79.26 -5.46
C ILE Q 181 9.03 -79.39 -4.72
N GLU Q 182 8.63 -80.62 -4.38
CA GLU Q 182 7.38 -80.84 -3.62
C GLU Q 182 7.49 -80.18 -2.24
N THR Q 183 8.62 -80.40 -1.56
CA THR Q 183 8.91 -79.73 -0.30
C THR Q 183 10.11 -78.78 -0.35
N ASP Q 184 10.19 -77.97 0.70
CA ASP Q 184 11.24 -76.99 0.90
C ASP Q 184 12.65 -77.56 1.08
N ASP Q 185 12.78 -78.60 1.91
CA ASP Q 185 14.06 -79.35 2.10
C ASP Q 185 14.72 -79.84 0.80
N LEU Q 186 13.88 -80.30 -0.13
CA LEU Q 186 14.35 -80.87 -1.41
C LEU Q 186 14.75 -79.76 -2.35
N THR Q 187 13.94 -78.69 -2.40
CA THR Q 187 14.25 -77.48 -3.16
C THR Q 187 15.62 -76.92 -2.76
N ILE Q 188 15.83 -76.81 -1.46
CA ILE Q 188 17.11 -76.33 -0.95
C ILE Q 188 18.21 -77.30 -1.36
N LYS Q 189 17.95 -78.61 -1.20
CA LYS Q 189 18.91 -79.68 -1.62
C LYS Q 189 19.25 -79.65 -3.12
N LEU Q 190 18.24 -79.41 -3.96
CA LEU Q 190 18.43 -79.31 -5.41
C LEU Q 190 19.47 -78.26 -5.80
N VAL Q 191 19.45 -77.11 -5.11
CA VAL Q 191 20.44 -76.04 -5.28
C VAL Q 191 21.86 -76.47 -4.87
N ILE Q 192 21.94 -77.10 -3.70
CA ILE Q 192 23.22 -77.51 -3.14
C ILE Q 192 23.83 -78.61 -4.03
N LYS Q 193 23.02 -79.57 -4.49
CA LYS Q 193 23.52 -80.64 -5.40
C LYS Q 193 23.99 -79.98 -6.73
N ALA Q 194 23.21 -79.04 -7.24
CA ALA Q 194 23.55 -78.31 -8.46
C ALA Q 194 24.92 -77.60 -8.32
N LEU Q 195 25.13 -76.91 -7.21
CA LEU Q 195 26.43 -76.30 -6.94
C LEU Q 195 27.58 -77.30 -6.76
N LEU Q 196 27.40 -78.29 -5.90
CA LEU Q 196 28.39 -79.39 -5.69
C LEU Q 196 28.86 -80.05 -6.99
N GLU Q 197 28.07 -79.88 -8.06
CA GLU Q 197 28.45 -80.31 -9.41
C GLU Q 197 29.65 -79.57 -9.97
N VAL Q 198 29.85 -78.29 -9.64
CA VAL Q 198 31.10 -77.62 -10.01
C VAL Q 198 31.95 -77.10 -8.85
N VAL Q 199 31.36 -76.93 -7.67
CA VAL Q 199 32.03 -76.20 -6.57
C VAL Q 199 33.27 -76.95 -6.04
N ASN Q 205 32.81 -72.57 1.66
CA ASN Q 205 32.14 -72.77 0.35
C ASN Q 205 30.64 -72.36 0.30
N ILE Q 206 29.96 -72.57 -0.83
CA ILE Q 206 28.47 -72.42 -0.94
C ILE Q 206 27.76 -71.50 0.12
N GLU Q 207 27.55 -70.22 -0.21
CA GLU Q 207 26.60 -69.35 0.54
C GLU Q 207 25.20 -69.70 0.05
N LEU Q 208 24.23 -69.69 0.95
CA LEU Q 208 22.86 -70.02 0.57
C LEU Q 208 21.81 -69.26 1.34
N ALA Q 209 20.71 -68.97 0.65
CA ALA Q 209 19.62 -68.18 1.20
C ALA Q 209 18.27 -68.53 0.58
N VAL Q 210 17.23 -68.28 1.37
CA VAL Q 210 15.87 -68.69 1.05
C VAL Q 210 14.92 -67.55 1.28
N MET Q 211 13.81 -67.55 0.53
CA MET Q 211 12.72 -66.60 0.79
C MET Q 211 11.40 -67.33 0.75
N ARG Q 212 10.72 -67.43 1.89
CA ARG Q 212 9.38 -68.06 1.96
C ARG Q 212 8.30 -67.01 1.74
N ARG Q 213 7.15 -67.43 1.20
CA ARG Q 213 6.03 -66.50 0.92
C ARG Q 213 5.80 -65.62 2.16
N ASP Q 214 5.84 -64.31 1.96
CA ASP Q 214 5.66 -63.31 3.06
C ASP Q 214 6.81 -63.22 4.10
N GLN Q 215 7.47 -64.34 4.44
CA GLN Q 215 8.33 -64.41 5.64
C GLN Q 215 9.67 -63.63 5.61
N SER Q 216 9.99 -62.95 4.48
CA SER Q 216 11.24 -62.18 4.29
C SER Q 216 12.51 -63.08 4.25
N LEU Q 217 13.68 -62.48 3.99
CA LEU Q 217 14.88 -63.23 3.59
C LEU Q 217 15.62 -63.84 4.77
N LYS Q 218 15.65 -65.19 4.84
CA LYS Q 218 16.57 -65.91 5.75
C LYS Q 218 17.83 -66.36 4.95
N ILE Q 219 19.01 -66.13 5.53
CA ILE Q 219 20.28 -66.76 5.09
C ILE Q 219 20.62 -67.94 6.03
N LEU Q 220 21.17 -69.03 5.49
CA LEU Q 220 21.72 -70.15 6.30
C LEU Q 220 23.25 -69.85 6.31
N ASN Q 221 24.10 -69.96 7.34
CA ASN Q 221 24.11 -70.87 8.51
C ASN Q 221 24.99 -72.09 8.18
N PRO Q 222 26.33 -71.98 8.40
CA PRO Q 222 27.24 -73.06 7.96
C PRO Q 222 27.09 -74.45 8.62
N GLU Q 223 26.53 -74.51 9.84
CA GLU Q 223 26.15 -75.80 10.46
C GLU Q 223 24.94 -76.46 9.77
N GLU Q 224 23.92 -75.65 9.44
CA GLU Q 224 22.71 -76.12 8.74
C GLU Q 224 22.95 -76.50 7.27
N ILE Q 225 24.02 -75.93 6.69
CA ILE Q 225 24.41 -76.17 5.29
C ILE Q 225 25.14 -77.50 5.12
N GLU Q 226 26.22 -77.71 5.89
CA GLU Q 226 27.03 -78.98 5.79
C GLU Q 226 26.28 -80.23 6.18
N LYS Q 227 25.12 -80.06 6.82
CA LYS Q 227 24.12 -81.14 6.94
C LYS Q 227 23.75 -81.63 5.55
N TYR Q 228 23.25 -80.73 4.72
CA TYR Q 228 22.89 -81.09 3.35
C TYR Q 228 24.10 -81.53 2.50
N VAL Q 229 25.31 -80.99 2.77
CA VAL Q 229 26.53 -81.32 2.01
C VAL Q 229 26.90 -82.80 2.15
N ALA Q 230 27.06 -83.24 3.40
CA ALA Q 230 27.33 -84.64 3.73
C ALA Q 230 26.21 -85.58 3.25
N GLU Q 231 24.97 -85.13 3.40
CA GLU Q 231 23.74 -85.87 3.00
C GLU Q 231 23.59 -86.14 1.48
N ILE Q 232 24.26 -85.32 0.64
CA ILE Q 232 24.39 -85.53 -0.84
C ILE Q 232 25.73 -86.19 -1.28
N GLU Q 233 26.82 -85.91 -0.55
CA GLU Q 233 28.19 -86.41 -0.81
C GLU Q 233 28.32 -87.92 -0.62
N LYS Q 234 27.79 -88.40 0.50
CA LYS Q 234 27.69 -89.84 0.74
C LYS Q 234 26.71 -90.55 -0.21
N GLU Q 235 25.70 -89.85 -0.72
CA GLU Q 235 24.79 -90.41 -1.75
C GLU Q 235 25.42 -90.52 -3.16
N LYS Q 236 26.38 -89.63 -3.50
CA LYS Q 236 27.17 -89.74 -4.74
C LYS Q 236 28.46 -90.62 -4.58
N GLU Q 237 28.51 -91.43 -3.52
CA GLU Q 237 29.51 -92.53 -3.37
C GLU Q 237 28.82 -93.88 -3.55
N GLU Q 238 27.62 -94.03 -2.98
CA GLU Q 238 26.73 -95.20 -3.21
C GLU Q 238 26.44 -95.37 -4.72
N ASN Q 239 26.32 -94.22 -5.40
CA ASN Q 239 26.20 -94.09 -6.88
C ASN Q 239 27.51 -94.21 -7.69
N GLU Q 240 28.53 -94.84 -7.09
CA GLU Q 240 29.71 -95.34 -7.78
C GLU Q 240 29.79 -96.84 -7.56
N ASP R 9 40.52 -48.36 -36.39
CA ASP R 9 39.38 -47.73 -35.63
C ASP R 9 39.08 -46.27 -36.10
N ARG R 10 37.77 -45.97 -36.06
CA ARG R 10 37.10 -44.91 -36.81
C ARG R 10 35.82 -44.58 -36.05
N GLY R 11 35.20 -43.46 -36.37
CA GLY R 11 34.06 -43.01 -35.62
C GLY R 11 32.77 -43.62 -36.09
N VAL R 12 31.74 -43.55 -35.24
CA VAL R 12 30.48 -44.21 -35.52
C VAL R 12 29.72 -43.66 -36.69
N ASN R 13 30.06 -42.44 -37.12
CA ASN R 13 29.44 -41.79 -38.29
C ASN R 13 30.34 -41.75 -39.57
N THR R 14 31.21 -42.72 -39.72
CA THR R 14 32.02 -42.82 -40.91
C THR R 14 31.26 -43.47 -42.06
N PHE R 15 31.31 -42.84 -43.22
CA PHE R 15 30.85 -43.46 -44.48
C PHE R 15 31.89 -44.44 -45.04
N SER R 16 31.43 -45.53 -45.62
CA SER R 16 32.27 -46.42 -46.44
C SER R 16 32.42 -45.83 -47.84
N PRO R 17 33.42 -46.34 -48.61
CA PRO R 17 33.58 -45.92 -50.00
C PRO R 17 32.35 -46.12 -50.91
N GLU R 18 31.45 -47.01 -50.50
CA GLU R 18 30.23 -47.29 -51.21
C GLU R 18 29.10 -46.38 -50.80
N GLY R 19 29.31 -45.52 -49.79
CA GLY R 19 28.29 -44.56 -49.39
C GLY R 19 27.27 -45.03 -48.40
N ARG R 20 27.68 -45.91 -47.50
CA ARG R 20 26.82 -46.41 -46.44
C ARG R 20 27.53 -46.13 -45.13
N LEU R 21 26.79 -46.00 -44.04
CA LEU R 21 27.40 -45.83 -42.75
C LEU R 21 27.70 -47.22 -42.26
N PHE R 22 29.00 -47.49 -42.02
CA PHE R 22 29.44 -48.77 -41.47
C PHE R 22 28.52 -49.31 -40.33
N GLN R 23 28.27 -48.46 -39.33
CA GLN R 23 27.52 -48.88 -38.14
C GLN R 23 26.12 -49.33 -38.48
N VAL R 24 25.49 -48.68 -39.46
CA VAL R 24 24.15 -49.07 -39.89
C VAL R 24 24.17 -50.40 -40.65
N GLU R 25 25.16 -50.58 -41.52
CA GLU R 25 25.31 -51.86 -42.27
C GLU R 25 25.54 -52.97 -41.30
N TYR R 26 26.44 -52.75 -40.34
CA TYR R 26 26.68 -53.74 -39.31
C TYR R 26 25.44 -54.00 -38.42
N ALA R 27 24.64 -52.97 -38.11
CA ALA R 27 23.42 -53.18 -37.36
C ALA R 27 22.44 -54.03 -38.15
N ILE R 28 22.39 -53.83 -39.45
CA ILE R 28 21.55 -54.65 -40.35
C ILE R 28 21.96 -56.14 -40.35
N GLU R 29 23.26 -56.43 -40.20
CA GLU R 29 23.82 -57.78 -40.00
C GLU R 29 23.34 -58.39 -38.69
N ALA R 30 23.17 -57.58 -37.65
CA ALA R 30 22.63 -58.13 -36.40
C ALA R 30 21.21 -58.60 -36.53
N ILE R 31 20.42 -57.99 -37.38
CA ILE R 31 19.04 -58.48 -37.61
C ILE R 31 19.03 -59.95 -38.10
N LYS R 32 20.01 -60.33 -38.92
CA LYS R 32 20.11 -61.70 -39.45
C LYS R 32 20.33 -62.71 -38.35
N LEU R 33 20.83 -62.29 -37.18
CA LEU R 33 20.94 -63.20 -36.04
C LEU R 33 19.64 -63.34 -35.24
N GLY R 34 18.63 -62.48 -35.47
CA GLY R 34 17.35 -62.59 -34.76
C GLY R 34 16.44 -63.71 -35.24
N SER R 35 15.48 -64.04 -34.39
CA SER R 35 14.38 -64.95 -34.72
C SER R 35 13.47 -64.41 -35.81
N THR R 36 12.84 -65.33 -36.52
CA THR R 36 12.03 -64.94 -37.64
C THR R 36 10.64 -64.37 -37.18
N ALA R 37 10.22 -63.29 -37.80
CA ALA R 37 8.93 -62.74 -37.54
C ALA R 37 8.29 -62.48 -38.86
N ILE R 38 6.99 -62.64 -38.89
CA ILE R 38 6.20 -62.52 -40.09
C ILE R 38 4.98 -61.58 -39.85
N GLY R 39 4.73 -60.69 -40.80
CA GLY R 39 3.56 -59.92 -40.82
C GLY R 39 2.82 -60.08 -42.12
N ILE R 40 1.49 -60.05 -42.05
CA ILE R 40 0.65 -60.10 -43.24
C ILE R 40 -0.51 -59.13 -43.09
N GLN R 41 -0.72 -58.32 -44.12
CA GLN R 41 -1.80 -57.37 -44.17
C GLN R 41 -2.95 -57.87 -45.10
N THR R 42 -4.14 -58.02 -44.52
CA THR R 42 -5.36 -58.35 -45.28
C THR R 42 -6.41 -57.26 -45.07
N SER R 43 -7.43 -57.23 -45.92
CA SER R 43 -8.57 -56.33 -45.74
C SER R 43 -9.36 -56.57 -44.44
N GLU R 44 -9.21 -57.76 -43.85
CA GLU R 44 -9.86 -58.12 -42.56
C GLU R 44 -8.98 -57.87 -41.34
N GLY R 45 -7.76 -57.44 -41.53
CA GLY R 45 -6.85 -57.18 -40.40
C GLY R 45 -5.42 -57.59 -40.71
N VAL R 46 -4.52 -57.33 -39.80
CA VAL R 46 -3.18 -57.76 -39.96
C VAL R 46 -2.85 -58.77 -38.88
N CYS R 47 -1.93 -59.68 -39.19
CA CYS R 47 -1.41 -60.61 -38.19
C CYS R 47 0.10 -60.58 -38.15
N LEU R 48 0.60 -60.82 -36.97
CA LEU R 48 2.00 -60.80 -36.66
C LEU R 48 2.25 -62.11 -35.99
N ALA R 49 3.36 -62.75 -36.35
CA ALA R 49 3.71 -64.09 -35.84
C ALA R 49 5.21 -64.13 -35.68
N VAL R 50 5.66 -64.76 -34.61
CA VAL R 50 7.05 -64.76 -34.31
C VAL R 50 7.50 -66.09 -33.64
N GLU R 51 8.67 -66.53 -34.08
CA GLU R 51 9.43 -67.63 -33.52
C GLU R 51 10.02 -67.15 -32.20
N LYS R 52 9.77 -67.85 -31.10
CA LYS R 52 10.28 -67.43 -29.79
C LYS R 52 11.74 -67.75 -29.61
N ARG R 53 12.11 -68.97 -30.02
CA ARG R 53 13.45 -69.47 -29.98
C ARG R 53 13.92 -69.79 -28.57
N ILE R 54 13.30 -70.83 -28.01
CA ILE R 54 13.50 -71.26 -26.64
C ILE R 54 14.84 -71.98 -26.57
N THR R 55 15.74 -71.53 -25.68
CA THR R 55 17.10 -72.05 -25.54
C THR R 55 17.24 -73.07 -24.41
N SER R 56 16.19 -73.27 -23.61
CA SER R 56 16.19 -74.25 -22.51
C SER R 56 14.75 -74.54 -22.01
N PRO R 57 14.42 -75.81 -21.67
CA PRO R 57 13.09 -76.05 -21.06
C PRO R 57 12.85 -75.36 -19.68
N LEU R 58 13.94 -74.98 -18.99
CA LEU R 58 13.87 -74.21 -17.74
C LEU R 58 13.33 -72.77 -17.89
N MET R 59 13.46 -72.21 -19.09
CA MET R 59 13.00 -70.87 -19.39
C MET R 59 11.49 -70.84 -19.48
N GLU R 60 10.86 -69.84 -18.87
CA GLU R 60 9.43 -69.62 -19.02
C GLU R 60 9.17 -69.02 -20.38
N PRO R 61 8.51 -69.77 -21.29
CA PRO R 61 8.16 -69.25 -22.64
C PRO R 61 7.34 -67.97 -22.69
N SER R 62 6.50 -67.72 -21.69
CA SER R 62 5.65 -66.54 -21.72
C SER R 62 6.44 -65.28 -21.38
N SER R 63 7.62 -65.43 -20.73
CA SER R 63 8.50 -64.27 -20.46
C SER R 63 9.29 -63.77 -21.69
N ILE R 64 9.13 -64.42 -22.84
CA ILE R 64 9.69 -63.94 -24.09
C ILE R 64 8.57 -63.20 -24.76
N GLU R 65 8.68 -61.89 -24.86
CA GLU R 65 7.68 -61.11 -25.58
C GLU R 65 8.40 -60.46 -26.76
N LYS R 66 7.96 -60.80 -27.95
CA LYS R 66 8.50 -60.26 -29.18
C LYS R 66 7.42 -59.66 -30.04
N ILE R 67 6.16 -59.93 -29.72
CA ILE R 67 5.06 -59.10 -30.18
C ILE R 67 4.57 -58.26 -28.96
N VAL R 68 4.42 -56.96 -29.14
CA VAL R 68 3.95 -56.03 -28.07
C VAL R 68 2.87 -55.12 -28.61
N GLU R 69 1.92 -54.81 -27.74
CA GLU R 69 0.91 -53.80 -27.99
C GLU R 69 1.54 -52.39 -27.90
N ILE R 70 1.34 -51.60 -28.94
CA ILE R 70 1.74 -50.19 -28.95
C ILE R 70 0.58 -49.32 -28.40
N ASP R 71 -0.58 -49.44 -29.03
CA ASP R 71 -1.88 -48.92 -28.59
C ASP R 71 -2.89 -50.01 -28.98
N ALA R 72 -4.15 -49.76 -28.70
CA ALA R 72 -5.22 -50.71 -28.94
C ALA R 72 -5.37 -51.12 -30.40
N HIS R 73 -4.90 -50.27 -31.28
CA HIS R 73 -5.10 -50.41 -32.71
C HIS R 73 -3.75 -50.71 -33.41
N ILE R 74 -2.68 -50.90 -32.65
CA ILE R 74 -1.34 -51.11 -33.23
C ILE R 74 -0.49 -52.08 -32.42
N GLY R 75 -0.03 -53.14 -33.07
CA GLY R 75 1.01 -54.00 -32.50
C GLY R 75 2.34 -53.91 -33.23
N CYS R 76 3.34 -54.50 -32.59
CA CYS R 76 4.68 -54.48 -33.04
C CYS R 76 5.37 -55.82 -32.83
N ALA R 77 5.87 -56.40 -33.91
CA ALA R 77 6.80 -57.57 -33.87
C ALA R 77 8.24 -57.12 -34.11
N MET R 78 9.16 -57.69 -33.37
CA MET R 78 10.56 -57.29 -33.45
C MET R 78 11.50 -58.49 -33.70
N SER R 79 12.59 -58.22 -34.40
CA SER R 79 13.68 -59.16 -34.50
C SER R 79 15.01 -58.45 -34.43
N GLY R 80 15.95 -59.03 -33.68
CA GLY R 80 17.32 -58.66 -33.71
C GLY R 80 17.80 -58.72 -32.29
N LEU R 81 18.40 -57.65 -31.81
CA LEU R 81 18.81 -57.52 -30.43
C LEU R 81 17.63 -56.94 -29.68
N ILE R 82 16.95 -57.80 -28.96
CA ILE R 82 15.69 -57.51 -28.30
C ILE R 82 15.79 -56.38 -27.27
N ALA R 83 16.89 -56.30 -26.54
CA ALA R 83 17.04 -55.31 -25.51
C ALA R 83 17.02 -53.90 -26.13
N ASP R 84 17.60 -53.76 -27.32
CA ASP R 84 17.58 -52.51 -28.04
C ASP R 84 16.18 -52.02 -28.38
N ALA R 85 15.28 -52.96 -28.64
CA ALA R 85 13.95 -52.62 -29.07
C ALA R 85 13.13 -51.87 -27.98
N LYS R 86 13.46 -52.05 -26.69
CA LYS R 86 12.71 -51.46 -25.60
C LYS R 86 12.57 -49.98 -25.75
N THR R 87 13.67 -49.25 -25.91
CA THR R 87 13.50 -47.81 -26.03
C THR R 87 12.67 -47.42 -27.24
N LEU R 88 12.73 -48.20 -28.32
CA LEU R 88 11.92 -47.84 -29.49
C LEU R 88 10.40 -48.02 -29.25
N ILE R 89 10.04 -49.15 -28.64
CA ILE R 89 8.68 -49.51 -28.32
C ILE R 89 8.07 -48.46 -27.33
N ASP R 90 8.84 -48.09 -26.31
CA ASP R 90 8.41 -47.11 -25.34
C ASP R 90 8.15 -45.83 -26.03
N LYS R 91 9.04 -45.46 -26.94
CA LYS R 91 8.88 -44.25 -27.67
C LYS R 91 7.63 -44.28 -28.53
N ALA R 92 7.37 -45.43 -29.18
CA ALA R 92 6.15 -45.56 -29.98
C ALA R 92 4.88 -45.37 -29.08
N ARG R 93 4.90 -45.98 -27.91
CA ARG R 93 3.83 -45.91 -26.95
C ARG R 93 3.52 -44.48 -26.48
N VAL R 94 4.58 -43.81 -26.07
CA VAL R 94 4.53 -42.44 -25.61
C VAL R 94 4.10 -41.51 -26.70
N GLU R 95 4.59 -41.69 -27.90
CA GLU R 95 4.11 -40.87 -29.02
C GLU R 95 2.61 -41.02 -29.35
N THR R 96 2.08 -42.24 -29.30
CA THR R 96 0.66 -42.46 -29.64
C THR R 96 -0.21 -41.80 -28.55
N GLN R 97 0.24 -41.86 -27.30
CA GLN R 97 -0.48 -41.21 -26.20
C GLN R 97 -0.41 -39.69 -26.23
N ASN R 98 0.72 -39.14 -26.65
CA ASN R 98 0.88 -37.72 -26.88
C ASN R 98 -0.01 -37.21 -28.00
N HIS R 99 -0.10 -37.98 -29.08
CA HIS R 99 -0.98 -37.65 -30.14
C HIS R 99 -2.44 -37.64 -29.66
N TRP R 100 -2.83 -38.63 -28.88
CA TRP R 100 -4.16 -38.72 -28.34
C TRP R 100 -4.40 -37.51 -27.39
N PHE R 101 -3.45 -37.21 -26.54
CA PHE R 101 -3.58 -36.08 -25.60
C PHE R 101 -3.88 -34.76 -26.35
N THR R 102 -3.09 -34.47 -27.38
CA THR R 102 -3.14 -33.21 -28.06
C THR R 102 -4.32 -33.09 -29.01
N TYR R 103 -4.55 -34.14 -29.79
CA TYR R 103 -5.51 -34.10 -30.90
C TYR R 103 -6.79 -34.87 -30.68
N ASN R 104 -6.90 -35.58 -29.56
CA ASN R 104 -8.10 -36.38 -29.26
C ASN R 104 -8.53 -37.37 -30.38
N GLU R 105 -7.54 -38.05 -30.95
CA GLU R 105 -7.72 -38.99 -32.01
C GLU R 105 -6.59 -40.03 -31.95
N THR R 106 -6.79 -41.14 -32.63
CA THR R 106 -5.75 -42.19 -32.75
C THR R 106 -4.74 -41.82 -33.82
N MET R 107 -3.51 -42.19 -33.59
CA MET R 107 -2.42 -41.87 -34.48
C MET R 107 -2.42 -42.93 -35.56
N THR R 108 -2.15 -42.57 -36.79
CA THR R 108 -2.04 -43.56 -37.84
C THR R 108 -0.79 -44.49 -37.68
N VAL R 109 -0.92 -45.72 -38.22
CA VAL R 109 0.19 -46.70 -38.18
C VAL R 109 1.42 -46.09 -38.84
N GLU R 110 1.22 -45.47 -40.00
CA GLU R 110 2.34 -44.82 -40.72
C GLU R 110 3.03 -43.68 -39.90
N SER R 111 2.24 -42.83 -39.25
CA SER R 111 2.77 -41.83 -38.33
C SER R 111 3.52 -42.39 -37.16
N VAL R 112 3.04 -43.44 -36.53
CA VAL R 112 3.80 -44.03 -35.43
C VAL R 112 5.13 -44.55 -35.99
N THR R 113 5.12 -45.16 -37.18
CA THR R 113 6.32 -45.80 -37.71
C THR R 113 7.33 -44.72 -38.01
N GLN R 114 6.84 -43.67 -38.68
CA GLN R 114 7.63 -42.48 -38.99
C GLN R 114 8.32 -41.85 -37.76
N ALA R 115 7.60 -41.72 -36.67
CA ALA R 115 8.16 -41.10 -35.49
C ALA R 115 9.26 -41.96 -34.92
N VAL R 116 9.05 -43.27 -34.90
CA VAL R 116 10.07 -44.18 -34.40
C VAL R 116 11.28 -44.16 -35.35
N SER R 117 11.03 -44.12 -36.64
CA SER R 117 12.12 -44.16 -37.60
C SER R 117 12.98 -42.90 -37.58
N ASN R 118 12.42 -41.76 -37.17
CA ASN R 118 13.23 -40.58 -36.93
C ASN R 118 14.28 -40.70 -35.81
N LEU R 119 14.20 -41.72 -34.99
CA LEU R 119 15.27 -41.97 -34.03
C LEU R 119 16.49 -42.70 -34.62
N ALA R 120 16.24 -43.37 -35.75
N ALA R 120 16.41 -43.41 -35.74
CA ALA R 120 17.24 -44.08 -36.47
CA ALA R 120 17.46 -44.46 -36.06
C ALA R 120 17.85 -42.92 -37.21
C ALA R 120 18.94 -44.03 -36.33
N LEU R 121 19.14 -42.91 -37.02
CA LEU R 121 20.37 -42.20 -37.27
C LEU R 121 20.74 -41.17 -36.20
N GLN R 122 19.92 -40.99 -35.16
CA GLN R 122 20.32 -40.12 -34.04
C GLN R 122 21.28 -40.75 -33.04
N PHE R 123 22.50 -41.03 -33.52
CA PHE R 123 23.60 -41.52 -32.67
C PHE R 123 24.86 -40.76 -33.10
N GLY R 124 25.85 -40.66 -32.25
CA GLY R 124 27.07 -39.97 -32.59
C GLY R 124 27.84 -39.72 -31.35
N GLU R 125 29.00 -39.10 -31.47
CA GLU R 125 29.92 -38.97 -30.36
C GLU R 125 30.72 -37.65 -30.28
N GLU R 126 30.26 -36.54 -30.81
CA GLU R 126 30.90 -35.23 -30.44
C GLU R 126 29.88 -34.08 -30.43
N ASP R 127 28.93 -34.12 -31.37
CA ASP R 127 27.68 -33.27 -31.20
C ASP R 127 27.00 -33.47 -29.81
N ALA R 128 26.39 -34.67 -29.64
CA ALA R 128 26.05 -35.43 -28.37
C ALA R 128 25.70 -34.75 -27.03
N ASP R 129 24.43 -34.94 -26.60
CA ASP R 129 23.75 -34.18 -25.55
C ASP R 129 23.94 -34.68 -24.05
N PRO R 130 23.09 -35.65 -23.55
CA PRO R 130 23.40 -36.53 -22.37
C PRO R 130 24.73 -37.27 -22.53
N GLY R 131 24.74 -38.55 -22.12
CA GLY R 131 25.41 -39.63 -22.88
C GLY R 131 24.35 -40.27 -23.82
N ALA R 132 23.73 -39.45 -24.71
CA ALA R 132 22.79 -39.89 -25.81
C ALA R 132 23.40 -41.07 -26.61
N MET R 133 22.67 -41.56 -27.62
CA MET R 133 22.94 -42.88 -28.23
C MET R 133 24.33 -42.92 -28.87
N SER R 134 25.13 -43.89 -28.49
CA SER R 134 26.45 -44.11 -29.04
C SER R 134 26.52 -44.95 -30.36
N ARG R 135 25.41 -45.56 -30.79
CA ARG R 135 25.41 -46.50 -31.90
C ARG R 135 23.97 -46.66 -32.36
N PRO R 136 23.75 -47.17 -33.56
CA PRO R 136 22.38 -47.52 -33.95
C PRO R 136 21.75 -48.70 -33.15
N PHE R 137 20.45 -48.87 -33.40
CA PHE R 137 19.65 -49.93 -32.81
C PHE R 137 19.76 -51.16 -33.69
N GLY R 138 20.05 -52.30 -33.08
CA GLY R 138 20.19 -53.57 -33.82
C GLY R 138 18.90 -54.37 -33.96
N VAL R 139 17.85 -53.71 -34.47
CA VAL R 139 16.49 -54.17 -34.42
C VAL R 139 15.85 -53.90 -35.73
N ALA R 140 15.03 -54.82 -36.23
CA ALA R 140 14.00 -54.50 -37.21
C ALA R 140 12.63 -54.64 -36.56
N LEU R 141 11.65 -53.91 -37.10
CA LEU R 141 10.31 -53.88 -36.57
C LEU R 141 9.28 -53.96 -37.66
N LEU R 142 8.23 -54.70 -37.34
CA LEU R 142 7.01 -54.74 -38.08
C LEU R 142 5.94 -54.09 -37.17
N PHE R 143 5.34 -53.00 -37.67
CA PHE R 143 4.20 -52.36 -37.02
C PHE R 143 2.97 -52.78 -37.81
N GLY R 144 2.05 -53.45 -37.14
CA GLY R 144 0.78 -53.86 -37.73
C GLY R 144 -0.38 -53.26 -36.97
N GLY R 145 -1.30 -52.65 -37.70
CA GLY R 145 -2.42 -52.02 -37.06
C GLY R 145 -3.53 -51.60 -37.99
N VAL R 146 -4.56 -50.97 -37.39
CA VAL R 146 -5.72 -50.50 -38.13
C VAL R 146 -6.01 -49.03 -37.81
N ASP R 147 -6.14 -48.24 -38.87
CA ASP R 147 -6.52 -46.85 -38.78
C ASP R 147 -7.57 -46.64 -39.88
N GLU R 148 -7.92 -45.40 -40.18
CA GLU R 148 -8.90 -45.12 -41.25
C GLU R 148 -8.44 -45.43 -42.67
N LYS R 149 -7.14 -45.57 -42.90
CA LYS R 149 -6.64 -46.13 -44.18
C LYS R 149 -7.01 -47.61 -44.29
N GLY R 150 -7.57 -48.21 -43.21
CA GLY R 150 -7.80 -49.64 -43.10
C GLY R 150 -6.64 -50.39 -42.42
N PRO R 151 -6.59 -51.73 -42.60
CA PRO R 151 -5.50 -52.51 -42.01
C PRO R 151 -4.16 -52.16 -42.67
N GLN R 152 -3.10 -52.07 -41.86
CA GLN R 152 -1.77 -51.71 -42.36
C GLN R 152 -0.55 -52.27 -41.66
N LEU R 153 0.41 -52.69 -42.49
CA LEU R 153 1.66 -53.27 -42.01
C LEU R 153 2.83 -52.45 -42.59
N PHE R 154 3.75 -52.07 -41.72
CA PHE R 154 4.95 -51.35 -42.10
C PHE R 154 6.16 -52.03 -41.52
N HIS R 155 7.26 -51.89 -42.24
CA HIS R 155 8.55 -52.46 -41.85
C HIS R 155 9.53 -51.34 -41.60
N MET R 156 10.33 -51.45 -40.57
CA MET R 156 11.37 -50.49 -40.31
C MET R 156 12.67 -51.24 -40.00
N ASP R 157 13.81 -50.74 -40.51
CA ASP R 157 15.13 -51.28 -40.17
C ASP R 157 16.06 -50.21 -39.58
N PRO R 158 17.26 -50.58 -39.11
CA PRO R 158 18.13 -49.63 -38.41
C PRO R 158 18.60 -48.37 -39.21
N SER R 159 18.41 -48.37 -40.52
CA SER R 159 18.67 -47.21 -41.33
C SER R 159 17.64 -46.07 -41.19
N GLY R 160 16.49 -46.34 -40.59
CA GLY R 160 15.41 -45.39 -40.57
C GLY R 160 14.57 -45.40 -41.81
N THR R 161 14.83 -46.31 -42.72
CA THR R 161 13.93 -46.49 -43.84
C THR R 161 12.72 -47.29 -43.34
N PHE R 162 11.51 -46.82 -43.68
CA PHE R 162 10.31 -47.56 -43.36
C PHE R 162 9.42 -47.60 -44.56
N VAL R 163 8.60 -48.64 -44.70
CA VAL R 163 7.77 -48.78 -45.89
C VAL R 163 6.58 -49.70 -45.59
N GLN R 164 5.45 -49.45 -46.25
CA GLN R 164 4.25 -50.30 -46.16
C GLN R 164 4.55 -51.65 -46.87
N CYS R 165 4.02 -52.76 -46.34
CA CYS R 165 4.26 -54.11 -46.90
C CYS R 165 3.01 -54.94 -46.85
N ASP R 166 2.65 -55.60 -47.95
CA ASP R 166 1.49 -56.47 -47.96
C ASP R 166 1.76 -57.69 -47.11
N ALA R 167 3.01 -58.08 -47.04
CA ALA R 167 3.50 -59.17 -46.20
C ALA R 167 5.03 -59.06 -46.15
N ARG R 168 5.63 -59.43 -45.04
CA ARG R 168 7.03 -59.24 -44.83
C ARG R 168 7.51 -60.14 -43.71
N ALA R 169 8.71 -60.68 -43.88
CA ALA R 169 9.40 -61.44 -42.85
C ALA R 169 10.71 -60.76 -42.49
N ILE R 170 11.16 -60.93 -41.27
CA ILE R 170 12.42 -60.33 -40.81
C ILE R 170 13.11 -61.36 -39.96
N GLY R 171 14.40 -61.15 -39.75
CA GLY R 171 15.19 -62.10 -39.00
C GLY R 171 15.91 -63.13 -39.90
N SER R 172 16.45 -64.17 -39.25
CA SER R 172 17.42 -65.11 -39.87
C SER R 172 16.91 -65.74 -41.13
N ALA R 173 15.67 -66.15 -41.12
CA ALA R 173 15.20 -66.95 -42.27
C ALA R 173 14.31 -66.11 -43.20
N SER R 174 14.57 -64.79 -43.30
CA SER R 174 13.66 -63.90 -43.98
C SER R 174 13.65 -64.02 -45.49
N GLU R 175 14.81 -64.30 -46.09
CA GLU R 175 14.92 -64.56 -47.57
C GLU R 175 13.95 -65.67 -48.02
N GLY R 176 14.11 -66.81 -47.38
CA GLY R 176 13.24 -68.00 -47.57
C GLY R 176 11.78 -67.74 -47.25
N ALA R 177 11.56 -67.18 -46.08
CA ALA R 177 10.20 -66.87 -45.63
C ALA R 177 9.52 -65.89 -46.60
N GLN R 178 10.25 -64.86 -47.01
CA GLN R 178 9.73 -63.89 -47.98
C GLN R 178 9.33 -64.53 -49.30
N SER R 179 10.13 -65.52 -49.75
CA SER R 179 9.87 -66.24 -50.99
C SER R 179 8.51 -67.03 -50.94
N SER R 180 8.34 -67.74 -49.81
CA SER R 180 7.08 -68.39 -49.49
C SER R 180 5.90 -67.37 -49.39
N LEU R 181 6.13 -66.17 -48.82
CA LEU R 181 5.07 -65.14 -48.73
C LEU R 181 4.65 -64.62 -50.09
N GLN R 182 5.60 -64.44 -51.04
CA GLN R 182 5.21 -64.04 -52.44
C GLN R 182 4.28 -65.09 -53.09
N GLU R 183 4.51 -66.35 -52.77
CA GLU R 183 3.78 -67.46 -53.37
C GLU R 183 2.32 -67.51 -52.90
N VAL R 184 2.13 -67.49 -51.58
CA VAL R 184 0.78 -67.58 -50.99
C VAL R 184 0.04 -66.21 -51.00
N TYR R 185 0.73 -65.08 -50.86
CA TYR R 185 -0.02 -63.82 -50.75
C TYR R 185 -0.90 -63.46 -51.95
N HIS R 186 -2.18 -63.18 -51.66
CA HIS R 186 -3.06 -62.49 -52.64
C HIS R 186 -3.85 -61.40 -51.90
N LYS R 187 -4.30 -60.39 -52.63
CA LYS R 187 -4.97 -59.21 -52.00
C LYS R 187 -6.31 -59.54 -51.36
N SER R 188 -7.05 -60.45 -51.98
CA SER R 188 -8.37 -60.86 -51.45
C SER R 188 -8.30 -62.00 -50.40
N MET R 189 -7.11 -62.35 -49.96
CA MET R 189 -6.87 -63.29 -48.86
C MET R 189 -7.57 -62.91 -47.54
N THR R 190 -8.13 -63.89 -46.85
CA THR R 190 -8.77 -63.70 -45.55
C THR R 190 -7.74 -63.63 -44.44
N LEU R 191 -8.13 -63.09 -43.29
CA LEU R 191 -7.26 -63.08 -42.13
C LEU R 191 -6.95 -64.49 -41.63
N LYS R 192 -7.95 -65.38 -41.61
CA LYS R 192 -7.70 -66.76 -41.13
C LYS R 192 -6.75 -67.56 -42.02
N GLU R 193 -6.81 -67.32 -43.34
CA GLU R 193 -5.83 -67.84 -44.30
C GLU R 193 -4.44 -67.27 -44.05
N ALA R 194 -4.35 -65.95 -43.82
CA ALA R 194 -3.07 -65.32 -43.51
C ALA R 194 -2.44 -65.84 -42.23
N ILE R 195 -3.26 -66.10 -41.21
CA ILE R 195 -2.77 -66.72 -39.99
C ILE R 195 -2.17 -68.13 -40.25
N LYS R 196 -2.90 -68.95 -40.98
CA LYS R 196 -2.45 -70.32 -41.30
C LYS R 196 -1.15 -70.27 -42.16
N SER R 197 -1.15 -69.44 -43.20
CA SER R 197 0.03 -69.23 -44.07
C SER R 197 1.27 -68.90 -43.26
N SER R 198 1.14 -67.99 -42.31
CA SER R 198 2.32 -67.56 -41.57
C SER R 198 2.78 -68.65 -40.62
N LEU R 199 1.85 -69.44 -40.10
CA LEU R 199 2.25 -70.56 -39.24
C LEU R 199 2.92 -71.66 -40.05
N ILE R 200 2.40 -71.92 -41.25
CA ILE R 200 2.99 -72.86 -42.16
C ILE R 200 4.42 -72.47 -42.43
N ILE R 201 4.64 -71.20 -42.75
CA ILE R 201 5.96 -70.71 -43.09
C ILE R 201 6.91 -70.72 -41.87
N LEU R 202 6.45 -70.34 -40.69
CA LEU R 202 7.32 -70.45 -39.49
C LEU R 202 7.69 -71.87 -39.24
N LYS R 203 6.73 -72.79 -39.37
CA LYS R 203 7.04 -74.23 -39.25
C LYS R 203 8.25 -74.68 -40.13
N GLN R 204 8.23 -74.33 -41.43
CA GLN R 204 9.34 -74.62 -42.36
C GLN R 204 10.65 -74.03 -41.87
N VAL R 205 10.64 -72.75 -41.56
CA VAL R 205 11.91 -72.02 -41.39
C VAL R 205 12.51 -72.11 -40.00
N MET R 206 11.70 -72.49 -39.02
CA MET R 206 12.18 -72.66 -37.62
C MET R 206 13.13 -73.88 -37.48
N GLU R 207 14.18 -73.76 -36.65
CA GLU R 207 15.08 -74.93 -36.34
C GLU R 207 14.41 -75.89 -35.34
N GLU R 208 13.56 -75.34 -34.43
CA GLU R 208 12.70 -76.19 -33.52
C GLU R 208 11.34 -76.58 -34.15
N LYS R 209 10.84 -77.76 -33.78
CA LYS R 209 9.51 -78.22 -34.17
C LYS R 209 8.48 -77.27 -33.58
N LEU R 210 7.70 -76.63 -34.43
CA LEU R 210 6.67 -75.68 -33.98
C LEU R 210 5.66 -76.34 -33.05
N ASN R 211 5.30 -75.61 -31.99
CA ASN R 211 4.19 -75.94 -31.12
C ASN R 211 3.60 -74.66 -30.52
N ALA R 212 2.64 -74.81 -29.61
CA ALA R 212 1.86 -73.70 -29.05
C ALA R 212 2.56 -72.83 -28.01
N THR R 213 3.74 -73.25 -27.57
CA THR R 213 4.56 -72.54 -26.58
C THR R 213 5.83 -71.88 -27.13
N ASN R 214 6.27 -72.23 -28.32
CA ASN R 214 7.49 -71.61 -28.91
C ASN R 214 7.28 -70.65 -30.10
N ILE R 215 6.02 -70.28 -30.35
CA ILE R 215 5.67 -69.15 -31.20
C ILE R 215 4.74 -68.15 -30.47
N GLU R 216 4.60 -66.95 -31.03
CA GLU R 216 3.53 -66.02 -30.60
C GLU R 216 2.83 -65.50 -31.83
N LEU R 217 1.53 -65.28 -31.70
CA LEU R 217 0.74 -64.71 -32.76
C LEU R 217 -0.20 -63.63 -32.19
N ALA R 218 -0.35 -62.55 -32.94
CA ALA R 218 -1.30 -61.49 -32.61
C ALA R 218 -1.98 -60.97 -33.85
N THR R 219 -3.20 -60.45 -33.67
CA THR R 219 -3.91 -59.78 -34.73
C THR R 219 -4.34 -58.36 -34.32
N VAL R 220 -4.64 -57.55 -35.31
CA VAL R 220 -5.43 -56.38 -35.12
C VAL R 220 -6.41 -56.36 -36.28
N GLN R 221 -7.69 -56.16 -35.94
CA GLN R 221 -8.82 -56.16 -36.91
C GLN R 221 -9.63 -54.84 -36.88
N PRO R 222 -10.31 -54.48 -37.98
CA PRO R 222 -11.24 -53.32 -37.96
C PRO R 222 -12.20 -53.35 -36.76
N GLY R 223 -12.91 -54.46 -36.59
CA GLY R 223 -13.78 -54.56 -35.44
C GLY R 223 -13.05 -54.43 -34.10
N GLN R 224 -11.86 -55.04 -33.99
CA GLN R 224 -11.37 -55.47 -32.71
C GLN R 224 -9.97 -54.97 -32.37
N ASN R 225 -9.75 -54.72 -31.09
CA ASN R 225 -8.45 -54.34 -30.59
C ASN R 225 -7.35 -55.42 -30.69
N PHE R 226 -6.12 -54.96 -30.56
CA PHE R 226 -4.94 -55.80 -30.57
C PHE R 226 -5.21 -56.99 -29.65
N HIS R 227 -4.97 -58.18 -30.19
CA HIS R 227 -5.20 -59.42 -29.46
C HIS R 227 -4.02 -60.40 -29.63
N MET R 228 -3.31 -60.65 -28.52
CA MET R 228 -2.37 -61.76 -28.39
C MET R 228 -3.12 -63.09 -28.24
N PHE R 229 -2.79 -64.07 -29.08
CA PHE R 229 -3.37 -65.40 -28.98
C PHE R 229 -2.91 -66.14 -27.71
N THR R 230 -3.85 -66.84 -27.10
CA THR R 230 -3.62 -67.76 -25.95
C THR R 230 -3.02 -69.11 -26.41
N LYS R 231 -2.47 -69.90 -25.47
CA LYS R 231 -2.01 -71.28 -25.76
C LYS R 231 -3.15 -72.02 -26.44
N GLU R 232 -4.34 -71.91 -25.90
CA GLU R 232 -5.53 -72.62 -26.41
C GLU R 232 -5.94 -72.17 -27.83
N GLU R 233 -5.99 -70.87 -28.07
CA GLU R 233 -6.30 -70.38 -29.43
C GLU R 233 -5.23 -70.76 -30.46
N LEU R 234 -3.98 -70.88 -30.00
CA LEU R 234 -2.86 -71.32 -30.85
C LEU R 234 -2.97 -72.77 -31.20
N GLU R 235 -3.22 -73.60 -30.20
CA GLU R 235 -3.51 -75.01 -30.41
C GLU R 235 -4.59 -75.23 -31.48
N GLU R 236 -5.69 -74.47 -31.43
CA GLU R 236 -6.75 -74.55 -32.46
C GLU R 236 -6.21 -74.38 -33.90
N VAL R 237 -5.42 -73.32 -34.11
CA VAL R 237 -4.87 -73.02 -35.44
C VAL R 237 -3.75 -73.99 -35.81
N ILE R 238 -3.00 -74.49 -34.83
CA ILE R 238 -1.94 -75.49 -35.07
C ILE R 238 -2.46 -76.86 -35.61
N LYS R 239 -3.71 -77.22 -35.34
CA LYS R 239 -4.30 -78.52 -35.76
C LYS R 239 -4.21 -78.84 -37.27
N ASP R 240 -4.51 -77.83 -38.10
CA ASP R 240 -4.32 -77.89 -39.55
C ASP R 240 -2.83 -78.18 -39.93
N ILE R 241 -1.92 -77.82 -39.02
CA ILE R 241 -0.47 -78.16 -39.02
C ILE R 241 0.27 -77.37 -40.12
N ASN S 4 43.97 -44.73 -46.69
CA ASN S 4 43.31 -45.19 -45.47
C ASN S 4 43.38 -44.25 -44.28
N GLN S 5 44.54 -43.62 -44.05
CA GLN S 5 44.65 -42.65 -42.96
C GLN S 5 43.93 -41.31 -43.26
N TYR S 6 43.64 -41.05 -44.54
CA TYR S 6 42.84 -39.91 -44.97
C TYR S 6 41.37 -40.20 -45.30
N ASP S 7 40.82 -41.38 -45.04
CA ASP S 7 39.44 -41.54 -45.53
C ASP S 7 38.36 -41.71 -44.51
N ASN S 8 38.68 -41.64 -43.24
CA ASN S 8 37.64 -41.86 -42.24
C ASN S 8 37.06 -40.65 -41.56
N ASP S 9 37.75 -39.51 -41.65
CA ASP S 9 37.35 -38.27 -40.93
C ASP S 9 37.12 -37.11 -41.85
N VAL S 10 35.96 -36.50 -41.72
CA VAL S 10 35.64 -35.32 -42.48
C VAL S 10 36.56 -34.14 -42.18
N THR S 11 37.27 -34.12 -41.05
CA THR S 11 38.27 -33.12 -40.78
C THR S 11 39.71 -33.34 -41.31
N VAL S 12 39.95 -34.41 -42.08
CA VAL S 12 41.28 -34.69 -42.57
C VAL S 12 41.30 -34.42 -44.05
N TRP S 13 41.99 -33.37 -44.45
CA TRP S 13 42.35 -33.15 -45.85
C TRP S 13 43.33 -34.21 -46.28
N SER S 14 43.13 -34.70 -47.50
CA SER S 14 44.13 -35.57 -48.13
C SER S 14 45.27 -34.75 -48.73
N PRO S 15 46.36 -35.42 -49.11
CA PRO S 15 47.40 -34.67 -49.76
C PRO S 15 47.03 -34.07 -51.13
N GLN S 16 45.97 -34.56 -51.77
CA GLN S 16 45.49 -34.02 -53.06
C GLN S 16 44.50 -32.89 -52.89
N GLY S 17 44.24 -32.46 -51.65
CA GLY S 17 43.28 -31.40 -51.39
C GLY S 17 41.85 -31.86 -51.54
N ARG S 18 41.61 -33.10 -51.08
N ARG S 18 41.49 -33.11 -51.20
CA ARG S 18 40.28 -33.68 -51.07
CA ARG S 18 40.04 -33.37 -50.99
C ARG S 18 39.85 -34.10 -49.66
C ARG S 18 39.84 -34.04 -49.67
N ILE S 19 38.55 -34.28 -49.47
CA ILE S 19 38.01 -34.82 -48.23
C ILE S 19 37.21 -36.04 -48.64
N HIS S 20 37.83 -37.20 -48.43
CA HIS S 20 37.24 -38.49 -48.82
C HIS S 20 35.87 -38.75 -48.16
N GLN S 21 35.69 -38.38 -46.90
CA GLN S 21 34.37 -38.60 -46.31
C GLN S 21 33.21 -37.90 -47.06
N ILE S 22 33.50 -36.75 -47.67
CA ILE S 22 32.52 -36.04 -48.45
C ILE S 22 32.26 -36.77 -49.75
N GLU S 23 33.34 -37.19 -50.44
CA GLU S 23 33.19 -38.00 -51.66
C GLU S 23 32.42 -39.27 -51.36
N TYR S 24 32.70 -39.91 -50.23
CA TYR S 24 31.99 -41.15 -49.93
C TYR S 24 30.52 -40.91 -49.65
N ALA S 25 30.18 -39.81 -48.97
CA ALA S 25 28.78 -39.39 -48.85
C ALA S 25 28.09 -39.19 -50.21
N MET S 26 28.84 -38.66 -51.19
CA MET S 26 28.31 -38.45 -52.54
C MET S 26 27.95 -39.75 -53.23
N GLU S 27 28.58 -40.86 -52.84
CA GLU S 27 28.24 -42.16 -53.38
C GLU S 27 26.89 -42.63 -52.93
N ALA S 28 26.50 -42.28 -51.71
CA ALA S 28 25.13 -42.50 -51.29
C ALA S 28 24.13 -41.95 -52.30
N VAL S 29 24.38 -40.78 -52.85
CA VAL S 29 23.38 -40.23 -53.75
C VAL S 29 23.45 -40.91 -55.12
N LYS S 30 24.64 -41.27 -55.61
CA LYS S 30 24.77 -41.97 -56.91
C LYS S 30 24.06 -43.29 -56.91
N GLN S 31 23.93 -43.90 -55.73
CA GLN S 31 23.25 -45.16 -55.61
C GLN S 31 21.74 -45.11 -55.42
N GLY S 32 21.18 -43.94 -55.12
CA GLY S 32 19.73 -43.79 -55.04
C GLY S 32 19.08 -43.91 -56.40
N SER S 33 17.79 -44.19 -56.45
CA SER S 33 17.14 -44.28 -57.74
C SER S 33 17.05 -42.91 -58.35
N ALA S 34 17.04 -42.84 -59.66
CA ALA S 34 17.15 -41.60 -60.34
C ALA S 34 15.94 -40.73 -60.14
N THR S 35 16.21 -39.43 -60.18
CA THR S 35 15.20 -38.42 -60.31
C THR S 35 15.64 -37.31 -61.27
N VAL S 36 14.65 -36.69 -61.88
CA VAL S 36 14.83 -35.64 -62.87
C VAL S 36 14.10 -34.35 -62.36
N GLY S 37 14.76 -33.22 -62.55
CA GLY S 37 14.17 -31.91 -62.33
C GLY S 37 14.29 -31.06 -63.58
N LEU S 38 13.20 -30.39 -63.95
CA LEU S 38 13.27 -29.43 -65.06
C LEU S 38 12.23 -28.31 -64.93
N LYS S 39 12.43 -27.25 -65.70
CA LYS S 39 11.51 -26.11 -65.69
C LYS S 39 11.29 -25.47 -67.01
N SER S 40 10.11 -24.84 -67.11
CA SER S 40 9.73 -23.96 -68.19
C SER S 40 9.69 -22.52 -67.66
N LYS S 41 9.14 -21.59 -68.46
CA LYS S 41 8.86 -20.19 -68.06
C LYS S 41 7.95 -20.13 -66.84
N THR S 42 6.99 -21.07 -66.78
CA THR S 42 5.88 -21.03 -65.81
C THR S 42 5.82 -22.13 -64.77
N HIS S 43 6.43 -23.29 -65.03
CA HIS S 43 6.40 -24.40 -64.05
C HIS S 43 7.76 -25.04 -63.75
N ALA S 44 7.86 -25.64 -62.57
CA ALA S 44 8.99 -26.49 -62.19
C ALA S 44 8.42 -27.85 -61.89
N VAL S 45 9.03 -28.89 -62.49
CA VAL S 45 8.58 -30.29 -62.30
C VAL S 45 9.72 -31.24 -61.90
N LEU S 46 9.35 -32.15 -61.01
CA LEU S 46 10.18 -33.22 -60.53
C LEU S 46 9.55 -34.50 -61.03
N VAL S 47 10.39 -35.46 -61.35
CA VAL S 47 9.92 -36.76 -61.76
C VAL S 47 10.85 -37.73 -61.11
N ALA S 48 10.33 -38.81 -60.56
CA ALA S 48 11.19 -39.75 -59.86
C ALA S 48 10.83 -41.22 -60.07
N LEU S 49 11.86 -42.05 -60.20
CA LEU S 49 11.71 -43.51 -60.14
C LEU S 49 11.70 -44.02 -58.71
N LYS S 50 10.67 -44.74 -58.33
CA LYS S 50 10.59 -45.33 -56.99
C LYS S 50 10.96 -46.82 -57.07
N ARG S 51 11.86 -47.27 -56.18
CA ARG S 51 12.17 -48.71 -55.99
C ARG S 51 11.29 -49.41 -54.96
N ALA S 52 10.90 -50.63 -55.24
CA ALA S 52 10.22 -51.45 -54.24
C ALA S 52 11.17 -52.58 -53.82
N GLN S 53 11.51 -52.61 -52.52
CA GLN S 53 12.48 -53.61 -51.93
C GLN S 53 12.12 -55.04 -52.33
N SER S 54 10.82 -55.37 -52.37
CA SER S 54 10.29 -56.64 -52.94
C SER S 54 8.98 -56.41 -53.74
N GLU S 55 8.41 -57.48 -54.29
CA GLU S 55 7.15 -57.40 -55.06
C GLU S 55 5.95 -56.98 -54.17
N LEU S 56 5.99 -57.34 -52.88
CA LEU S 56 4.93 -57.05 -51.86
C LEU S 56 5.09 -55.74 -51.09
N ALA S 57 6.30 -55.19 -51.10
CA ALA S 57 6.56 -53.86 -50.58
C ALA S 57 5.98 -52.79 -51.51
N ALA S 58 5.63 -51.66 -50.89
CA ALA S 58 5.25 -50.45 -51.59
C ALA S 58 6.57 -49.79 -52.02
N HIS S 59 6.45 -49.02 -53.09
CA HIS S 59 7.52 -48.23 -53.65
C HIS S 59 7.82 -47.03 -52.73
N GLN S 60 9.12 -46.79 -52.55
CA GLN S 60 9.66 -45.78 -51.66
C GLN S 60 9.25 -44.36 -52.10
N LYS S 61 8.80 -43.53 -51.15
CA LYS S 61 8.54 -42.13 -51.47
C LYS S 61 9.87 -41.46 -51.86
N LYS S 62 9.82 -40.73 -52.98
CA LYS S 62 10.93 -39.88 -53.42
C LYS S 62 10.64 -38.36 -53.45
N ILE S 63 9.38 -37.98 -53.36
CA ILE S 63 8.96 -36.58 -53.55
C ILE S 63 8.23 -36.14 -52.28
N LEU S 64 8.67 -35.02 -51.69
CA LEU S 64 8.13 -34.48 -50.42
C LEU S 64 7.72 -33.01 -50.54
N HIS S 65 6.55 -32.71 -49.96
CA HIS S 65 6.05 -31.33 -49.91
CA HIS S 65 6.02 -31.33 -49.83
C HIS S 65 6.90 -30.54 -48.85
N VAL S 66 7.34 -29.33 -49.18
CA VAL S 66 8.03 -28.45 -48.22
C VAL S 66 7.11 -27.26 -47.82
N ASP S 67 6.59 -26.53 -48.79
CA ASP S 67 5.62 -25.49 -48.56
C ASP S 67 4.71 -25.47 -49.81
N ASN S 68 3.73 -24.59 -49.84
CA ASN S 68 2.88 -24.50 -51.02
C ASN S 68 3.59 -24.18 -52.31
N HIS S 69 4.78 -23.62 -52.18
CA HIS S 69 5.52 -23.14 -53.31
C HIS S 69 6.84 -23.89 -53.53
N ILE S 70 7.09 -24.93 -52.73
CA ILE S 70 8.33 -25.70 -52.78
C ILE S 70 8.08 -27.17 -52.52
N GLY S 71 8.66 -28.00 -53.37
CA GLY S 71 8.80 -29.43 -53.07
C GLY S 71 10.18 -29.96 -53.47
N ILE S 72 10.46 -31.18 -53.04
CA ILE S 72 11.77 -31.78 -53.21
C ILE S 72 11.69 -33.22 -53.69
N SER S 73 12.79 -33.64 -54.31
CA SER S 73 13.04 -35.01 -54.71
C SER S 73 14.36 -35.41 -54.08
N ILE S 74 14.45 -36.64 -53.62
CA ILE S 74 15.55 -37.05 -52.78
C ILE S 74 16.32 -38.25 -53.40
N ALA S 75 17.61 -38.31 -53.15
CA ALA S 75 18.43 -39.44 -53.46
C ALA S 75 19.55 -39.61 -52.41
N GLY S 76 19.68 -40.79 -51.83
CA GLY S 76 20.65 -41.01 -50.76
C GLY S 76 19.95 -41.55 -49.54
N LEU S 77 20.49 -41.29 -48.36
CA LEU S 77 19.92 -41.87 -47.13
C LEU S 77 18.57 -41.21 -46.80
N THR S 78 17.49 -41.99 -46.75
CA THR S 78 16.16 -41.47 -46.52
C THR S 78 16.02 -40.68 -45.19
N ALA S 79 16.68 -41.15 -44.14
CA ALA S 79 16.63 -40.59 -42.83
C ALA S 79 17.24 -39.21 -42.84
N ASP S 80 18.35 -39.03 -43.56
CA ASP S 80 18.90 -37.71 -43.76
C ASP S 80 17.99 -36.84 -44.63
N ALA S 81 17.31 -37.45 -45.59
CA ALA S 81 16.37 -36.70 -46.40
C ALA S 81 15.23 -36.13 -45.55
N ARG S 82 14.64 -36.95 -44.69
CA ARG S 82 13.59 -36.51 -43.78
C ARG S 82 14.07 -35.40 -42.83
N LEU S 83 15.29 -35.49 -42.33
CA LEU S 83 15.81 -34.51 -41.38
C LEU S 83 16.00 -33.16 -42.07
N LEU S 84 16.56 -33.20 -43.28
CA LEU S 84 16.70 -32.01 -44.08
C LEU S 84 15.38 -31.39 -44.53
N CYS S 85 14.45 -32.23 -44.92
CA CYS S 85 13.12 -31.79 -45.32
C CYS S 85 12.38 -31.15 -44.13
N ASN S 86 12.60 -31.67 -42.94
CA ASN S 86 11.98 -31.09 -41.76
C ASN S 86 12.56 -29.69 -41.45
N PHE S 87 13.87 -29.55 -41.58
CA PHE S 87 14.58 -28.27 -41.50
C PHE S 87 14.03 -27.25 -42.48
N MET S 88 13.83 -27.70 -43.71
CA MET S 88 13.33 -26.83 -44.76
C MET S 88 11.88 -26.36 -44.49
N ARG S 89 11.05 -27.29 -44.07
CA ARG S 89 9.72 -27.03 -43.68
C ARG S 89 9.63 -25.95 -42.57
N GLN S 90 10.50 -26.09 -41.58
CA GLN S 90 10.54 -25.21 -40.45
C GLN S 90 10.96 -23.80 -40.91
N GLU S 91 11.95 -23.69 -41.81
CA GLU S 91 12.41 -22.37 -42.26
C GLU S 91 11.32 -21.68 -43.04
N CYS S 92 10.58 -22.44 -43.83
CA CYS S 92 9.43 -21.91 -44.55
C CYS S 92 8.30 -21.43 -43.61
N LEU S 93 7.99 -22.18 -42.57
CA LEU S 93 7.02 -21.75 -41.56
C LEU S 93 7.46 -20.50 -40.83
N ASP S 94 8.72 -20.46 -40.42
CA ASP S 94 9.27 -19.29 -39.75
C ASP S 94 9.12 -18.03 -40.59
N SER S 95 9.47 -18.15 -41.83
CA SER S 95 9.40 -17.05 -42.72
C SER S 95 7.97 -16.56 -42.87
N ARG S 96 6.98 -17.46 -42.98
CA ARG S 96 5.57 -17.05 -43.05
C ARG S 96 5.07 -16.51 -41.71
N PHE S 97 5.61 -17.00 -40.62
CA PHE S 97 5.26 -16.48 -39.33
C PHE S 97 5.68 -15.00 -39.21
N VAL S 98 6.93 -14.73 -39.55
CA VAL S 98 7.56 -13.45 -39.34
C VAL S 98 7.10 -12.38 -40.35
N PHE S 99 7.05 -12.75 -41.63
CA PHE S 99 6.85 -11.81 -42.75
C PHE S 99 5.55 -11.93 -43.48
N ASP S 100 4.80 -12.98 -43.16
CA ASP S 100 3.55 -13.26 -43.86
C ASP S 100 3.70 -13.40 -45.37
N ARG S 101 4.84 -13.93 -45.81
CA ARG S 101 5.09 -14.22 -47.23
C ARG S 101 6.03 -15.37 -47.44
N PRO S 102 5.89 -16.06 -48.59
CA PRO S 102 6.74 -17.27 -48.80
C PRO S 102 8.24 -16.96 -48.78
N LEU S 103 9.00 -17.85 -48.20
CA LEU S 103 10.44 -17.72 -48.21
C LEU S 103 10.92 -17.90 -49.66
N PRO S 104 11.69 -16.93 -50.18
CA PRO S 104 12.21 -17.14 -51.52
C PRO S 104 13.07 -18.39 -51.65
N VAL S 105 12.92 -19.07 -52.76
CA VAL S 105 13.56 -20.39 -52.95
C VAL S 105 15.09 -20.32 -52.84
N SER S 106 15.73 -19.33 -53.45
CA SER S 106 17.19 -19.17 -53.35
C SER S 106 17.67 -18.92 -51.93
N ARG S 107 16.86 -18.24 -51.08
CA ARG S 107 17.21 -18.08 -49.67
C ARG S 107 17.09 -19.34 -48.90
N LEU S 108 16.05 -20.12 -49.17
CA LEU S 108 15.98 -21.45 -48.53
C LEU S 108 17.20 -22.29 -48.91
N VAL S 109 17.60 -22.23 -50.18
CA VAL S 109 18.74 -23.09 -50.63
C VAL S 109 20.05 -22.67 -49.95
N SER S 110 20.31 -21.38 -49.85
CA SER S 110 21.39 -20.86 -49.00
C SER S 110 21.41 -21.39 -47.59
N LEU S 111 20.23 -21.42 -46.96
CA LEU S 111 20.10 -21.93 -45.57
C LEU S 111 20.52 -23.41 -45.50
N ILE S 112 20.13 -24.18 -46.50
CA ILE S 112 20.56 -25.60 -46.59
C ILE S 112 22.12 -25.72 -46.72
N GLY S 113 22.70 -24.88 -47.57
CA GLY S 113 24.14 -24.82 -47.72
C GLY S 113 24.88 -24.54 -46.42
N SER S 114 24.38 -23.55 -45.66
CA SER S 114 25.01 -23.21 -44.38
C SER S 114 24.88 -24.33 -43.46
N LYS S 115 23.67 -24.85 -43.35
CA LYS S 115 23.41 -25.87 -42.38
C LYS S 115 24.21 -27.14 -42.67
N THR S 116 24.23 -27.56 -43.92
CA THR S 116 24.94 -28.82 -44.29
C THR S 116 26.45 -28.68 -44.34
N GLN S 117 26.96 -27.46 -44.45
CA GLN S 117 28.43 -27.27 -44.45
C GLN S 117 29.02 -27.51 -43.05
N ILE S 118 28.25 -27.19 -42.01
CA ILE S 118 28.75 -27.24 -40.64
C ILE S 118 29.41 -28.53 -40.24
N PRO S 119 28.72 -29.67 -40.38
CA PRO S 119 29.37 -30.90 -39.99
C PRO S 119 30.51 -31.35 -40.90
N THR S 120 30.71 -30.73 -42.07
CA THR S 120 31.87 -31.10 -42.88
C THR S 120 33.20 -30.57 -42.32
N GLN S 121 33.16 -29.80 -41.24
CA GLN S 121 34.34 -29.16 -40.69
C GLN S 121 34.63 -29.48 -39.26
N ARG S 122 33.86 -30.36 -38.64
CA ARG S 122 34.01 -30.69 -37.24
C ARG S 122 34.26 -32.18 -36.99
N TYR S 123 35.17 -32.47 -36.07
CA TYR S 123 35.60 -33.75 -35.82
C TYR S 123 34.48 -34.60 -35.29
N GLY S 124 34.37 -35.82 -35.80
CA GLY S 124 33.35 -36.75 -35.35
C GLY S 124 31.98 -36.50 -35.97
N ARG S 125 31.82 -35.50 -36.83
CA ARG S 125 30.54 -35.28 -37.48
C ARG S 125 30.64 -35.85 -38.87
N ARG S 126 29.56 -35.84 -39.63
CA ARG S 126 29.60 -36.42 -40.95
C ARG S 126 28.79 -35.59 -41.90
N PRO S 127 29.12 -35.61 -43.19
CA PRO S 127 28.21 -35.00 -44.14
C PRO S 127 26.80 -35.62 -44.14
N TYR S 128 25.86 -34.85 -44.65
CA TYR S 128 24.54 -35.36 -44.97
C TYR S 128 24.69 -36.23 -46.19
N GLY S 129 24.11 -37.40 -46.16
CA GLY S 129 24.30 -38.29 -47.28
C GLY S 129 23.12 -38.23 -48.19
N VAL S 130 22.72 -37.04 -48.60
CA VAL S 130 21.53 -36.90 -49.41
C VAL S 130 21.74 -35.80 -50.42
N GLY S 131 21.14 -35.97 -51.58
CA GLY S 131 21.22 -34.99 -52.61
C GLY S 131 19.78 -34.67 -52.89
N LEU S 132 19.48 -33.39 -53.09
CA LEU S 132 18.12 -32.96 -53.36
C LEU S 132 18.03 -32.29 -54.73
N LEU S 133 16.90 -32.53 -55.38
CA LEU S 133 16.40 -31.60 -56.39
C LEU S 133 15.22 -30.85 -55.79
N ILE S 134 15.23 -29.53 -55.96
CA ILE S 134 14.27 -28.63 -55.31
C ILE S 134 13.54 -27.88 -56.38
N ALA S 135 12.23 -28.05 -56.43
CA ALA S 135 11.38 -27.33 -57.35
C ALA S 135 10.62 -26.23 -56.54
N GLY S 136 10.61 -25.02 -57.08
CA GLY S 136 9.92 -23.93 -56.43
C GLY S 136 9.43 -22.88 -57.37
N TYR S 137 8.53 -22.05 -56.88
CA TYR S 137 8.04 -20.88 -57.61
C TYR S 137 7.90 -19.68 -56.69
N ASP S 138 8.48 -18.57 -57.09
CA ASP S 138 8.44 -17.33 -56.32
C ASP S 138 8.44 -16.14 -57.30
N ASP S 139 8.79 -14.95 -56.83
CA ASP S 139 8.70 -13.74 -57.69
C ASP S 139 9.65 -13.77 -58.84
N MET S 140 10.75 -14.50 -58.70
CA MET S 140 11.68 -14.67 -59.81
C MET S 140 11.31 -15.85 -60.72
N GLY S 141 10.15 -16.46 -60.53
CA GLY S 141 9.62 -17.49 -61.41
C GLY S 141 9.98 -18.91 -60.97
N PRO S 142 9.98 -19.90 -61.91
CA PRO S 142 10.27 -21.29 -61.52
C PRO S 142 11.73 -21.50 -61.21
N HIS S 143 12.00 -22.44 -60.32
CA HIS S 143 13.37 -22.83 -60.03
C HIS S 143 13.55 -24.33 -59.88
N ILE S 144 14.74 -24.77 -60.30
CA ILE S 144 15.23 -26.09 -60.00
C ILE S 144 16.61 -25.95 -59.40
N PHE S 145 16.76 -26.29 -58.12
CA PHE S 145 18.06 -26.28 -57.48
C PHE S 145 18.43 -27.74 -57.19
N GLN S 146 19.72 -27.94 -57.01
CA GLN S 146 20.29 -29.21 -56.64
C GLN S 146 21.17 -28.94 -55.45
N THR S 147 21.03 -29.75 -54.41
CA THR S 147 21.93 -29.67 -53.25
C THR S 147 22.75 -30.98 -53.13
N 6V1 S 148 23.95 -30.91 -52.54
CA 6V1 S 148 24.86 -32.05 -52.38
C 6V1 S 148 25.43 -32.22 -51.01
O 6V1 S 148 25.48 -31.29 -50.27
CB 6V1 S 148 26.15 -31.88 -53.17
SG 6V1 S 148 25.75 -31.60 -54.86
C1 6V1 S 148 26.73 -32.83 -55.75
C2 6V1 S 148 26.12 -34.22 -55.82
N3 6V1 S 148 26.19 -34.75 -57.05
C4 6V1 S 148 26.71 -33.87 -57.93
C5 6V1 S 148 27.03 -32.53 -57.23
C6 6V1 S 148 25.72 -36.14 -57.30
O7 6V1 S 148 25.60 -34.85 -54.91
O8 6V1 S 148 26.84 -34.08 -59.14
C3 6V1 S 148 26.67 -37.08 -56.63
N PRO S 149 25.96 -33.40 -50.72
CA PRO S 149 26.61 -33.68 -49.45
C PRO S 149 27.78 -32.82 -49.13
N SER S 150 28.44 -32.26 -50.15
CA SER S 150 29.51 -31.30 -49.92
C SER S 150 29.01 -29.95 -49.33
N ALA S 151 27.70 -29.76 -49.31
CA ALA S 151 27.02 -28.50 -48.93
C ALA S 151 26.97 -27.50 -50.06
N ASN S 152 27.61 -27.78 -51.20
CA ASN S 152 27.47 -26.96 -52.37
CA ASN S 152 27.44 -27.00 -52.41
C ASN S 152 26.06 -27.13 -52.97
N TYR S 153 25.64 -26.16 -53.79
CA TYR S 153 24.35 -26.23 -54.45
C TYR S 153 24.44 -25.51 -55.75
N PHE S 154 23.46 -25.75 -56.61
CA PHE S 154 23.52 -25.33 -57.98
C PHE S 154 22.16 -24.90 -58.41
N ASP S 155 22.10 -23.89 -59.26
CA ASP S 155 20.86 -23.43 -59.86
C ASP S 155 20.84 -24.02 -61.28
N CYS S 156 19.73 -24.65 -61.67
CA CYS S 156 19.71 -25.52 -62.84
C CYS S 156 18.62 -25.17 -63.84
N ARG S 157 18.94 -25.26 -65.14
CA ARG S 157 17.89 -25.33 -66.16
C ARG S 157 17.13 -26.65 -66.04
N ALA S 158 17.89 -27.71 -65.73
CA ALA S 158 17.37 -29.04 -65.46
C ALA S 158 18.49 -29.86 -64.86
N MET S 159 18.14 -30.99 -64.25
CA MET S 159 19.16 -31.83 -63.63
C MET S 159 18.60 -33.24 -63.44
N SER S 160 19.52 -34.21 -63.29
CA SER S 160 19.19 -35.55 -62.83
C SER S 160 20.33 -36.07 -61.96
N ILE S 161 19.93 -36.81 -60.92
CA ILE S 161 20.85 -37.38 -59.95
C ILE S 161 20.39 -38.82 -59.68
N GLY S 162 21.32 -39.61 -59.15
CA GLY S 162 21.06 -40.99 -58.79
C GLY S 162 21.57 -41.93 -59.86
N ALA S 163 21.19 -43.19 -59.75
CA ALA S 163 21.83 -44.25 -60.51
C ALA S 163 21.46 -44.11 -61.95
N ARG S 164 22.47 -44.17 -62.78
CA ARG S 164 22.33 -44.02 -64.20
C ARG S 164 21.72 -42.72 -64.67
N SER S 165 21.82 -41.69 -63.84
CA SER S 165 21.32 -40.35 -64.15
C SER S 165 22.08 -39.66 -65.30
N GLN S 166 23.33 -40.11 -65.58
CA GLN S 166 24.13 -39.58 -66.70
C GLN S 166 23.37 -39.67 -68.04
N SER S 167 22.56 -40.72 -68.18
CA SER S 167 21.72 -40.87 -69.34
C SER S 167 20.64 -39.83 -69.41
N ALA S 168 20.05 -39.52 -68.26
CA ALA S 168 19.00 -38.50 -68.22
C ALA S 168 19.62 -37.14 -68.59
N ARG S 169 20.77 -36.84 -67.99
CA ARG S 169 21.51 -35.58 -68.23
C ARG S 169 21.73 -35.36 -69.70
N THR S 170 22.21 -36.40 -70.35
CA THR S 170 22.45 -36.38 -71.78
C THR S 170 21.17 -36.12 -72.61
N TYR S 171 20.03 -36.70 -72.21
CA TYR S 171 18.75 -36.37 -72.84
C TYR S 171 18.39 -34.90 -72.56
N LEU S 172 18.51 -34.46 -71.30
CA LEU S 172 18.09 -33.09 -70.91
C LEU S 172 18.87 -32.04 -71.71
N GLU S 173 20.19 -32.21 -71.86
CA GLU S 173 21.02 -31.32 -72.69
C GLU S 173 20.58 -31.26 -74.13
N ARG S 174 20.21 -32.42 -74.65
CA ARG S 174 19.78 -32.53 -76.03
C ARG S 174 18.52 -31.69 -76.27
N HIS S 175 17.63 -31.57 -75.30
CA HIS S 175 16.31 -30.94 -75.53
C HIS S 175 16.04 -29.67 -74.72
N MET S 176 17.05 -29.13 -74.05
CA MET S 176 16.82 -28.09 -73.05
C MET S 176 16.45 -26.77 -73.66
N SER S 177 16.92 -26.51 -74.87
CA SER S 177 16.53 -25.32 -75.60
C SER S 177 15.03 -25.29 -75.94
N GLU S 178 14.33 -26.42 -75.79
CA GLU S 178 12.88 -26.46 -75.95
C GLU S 178 12.13 -26.16 -74.64
N PHE S 179 12.76 -26.35 -73.49
CA PHE S 179 12.01 -26.36 -72.22
C PHE S 179 11.30 -25.05 -71.89
N MET S 180 11.94 -23.90 -72.15
CA MET S 180 11.43 -22.61 -71.63
C MET S 180 10.01 -22.31 -72.15
N GLU S 181 9.69 -22.73 -73.37
CA GLU S 181 8.38 -22.49 -73.97
C GLU S 181 7.44 -23.71 -73.99
N CYS S 182 7.73 -24.76 -73.23
CA CYS S 182 6.80 -25.91 -73.16
C CYS S 182 5.60 -25.55 -72.32
N ASN S 183 4.42 -25.98 -72.75
CA ASN S 183 3.27 -26.09 -71.85
C ASN S 183 3.57 -27.21 -70.86
N LEU S 184 2.72 -27.37 -69.87
CA LEU S 184 3.03 -28.27 -68.76
C LEU S 184 3.12 -29.76 -69.18
N ASN S 185 2.20 -30.24 -70.00
CA ASN S 185 2.23 -31.63 -70.39
C ASN S 185 3.51 -31.98 -71.14
N GLU S 186 3.86 -31.15 -72.12
CA GLU S 186 5.15 -31.25 -72.84
C GLU S 186 6.31 -31.33 -71.85
N LEU S 187 6.34 -30.44 -70.85
CA LEU S 187 7.46 -30.40 -69.92
C LEU S 187 7.58 -31.68 -69.09
N VAL S 188 6.45 -32.20 -68.61
CA VAL S 188 6.44 -33.44 -67.81
C VAL S 188 6.86 -34.63 -68.72
N LYS S 189 6.31 -34.67 -69.94
CA LYS S 189 6.67 -35.69 -70.97
C LYS S 189 8.20 -35.71 -71.13
N HIS S 190 8.82 -34.53 -71.28
CA HIS S 190 10.28 -34.39 -71.28
C HIS S 190 10.95 -34.96 -70.02
N GLY S 191 10.43 -34.66 -68.84
CA GLY S 191 10.97 -35.23 -67.60
C GLY S 191 10.93 -36.76 -67.58
N LEU S 192 9.78 -37.31 -67.98
CA LEU S 192 9.53 -38.73 -68.01
C LEU S 192 10.46 -39.44 -69.04
N ARG S 193 10.62 -38.86 -70.24
CA ARG S 193 11.54 -39.39 -71.21
C ARG S 193 12.99 -39.40 -70.72
N ALA S 194 13.41 -38.34 -70.03
CA ALA S 194 14.74 -38.30 -69.47
C ALA S 194 14.91 -39.39 -68.40
N LEU S 195 13.88 -39.57 -67.58
CA LEU S 195 13.91 -40.57 -66.56
C LEU S 195 13.92 -41.98 -67.20
N ARG S 196 13.13 -42.17 -68.24
CA ARG S 196 13.00 -43.46 -68.91
C ARG S 196 14.34 -43.95 -69.52
N GLU S 197 15.21 -43.02 -69.89
CA GLU S 197 16.58 -43.31 -70.33
C GLU S 197 17.49 -43.95 -69.30
N THR S 198 17.16 -43.82 -68.03
CA THR S 198 17.98 -44.41 -66.99
C THR S 198 17.67 -45.87 -66.83
N LEU S 199 16.57 -46.35 -67.43
CA LEU S 199 16.07 -47.70 -67.20
C LEU S 199 16.71 -48.71 -68.11
N PRO S 200 17.02 -49.92 -67.58
CA PRO S 200 17.44 -51.02 -68.41
C PRO S 200 16.47 -51.18 -69.59
N ALA S 201 16.97 -51.61 -70.75
CA ALA S 201 16.17 -51.71 -71.98
C ALA S 201 14.82 -52.43 -71.81
N GLU S 202 14.80 -53.46 -70.95
CA GLU S 202 13.63 -54.32 -70.65
C GLU S 202 12.56 -53.59 -69.82
N GLN S 203 13.02 -52.80 -68.86
CA GLN S 203 12.17 -52.11 -67.88
C GLN S 203 11.42 -50.92 -68.50
N ASP S 204 10.22 -50.64 -67.99
CA ASP S 204 9.41 -49.51 -68.46
C ASP S 204 8.82 -48.66 -67.32
N LEU S 205 8.45 -47.41 -67.61
CA LEU S 205 7.75 -46.55 -66.64
C LEU S 205 6.34 -47.09 -66.44
N THR S 206 5.95 -47.24 -65.19
CA THR S 206 4.60 -47.68 -64.87
C THR S 206 4.02 -46.71 -63.85
N THR S 207 2.73 -46.87 -63.58
CA THR S 207 2.10 -46.13 -62.51
C THR S 207 2.58 -46.56 -61.14
N LYS S 208 3.12 -47.76 -61.00
CA LYS S 208 3.72 -48.20 -59.74
C LYS S 208 5.07 -47.52 -59.45
N ASN S 209 5.88 -47.27 -60.47
CA ASN S 209 7.24 -46.78 -60.24
C ASN S 209 7.53 -45.30 -60.54
N VAL S 210 6.57 -44.56 -61.07
CA VAL S 210 6.76 -43.11 -61.33
C VAL S 210 6.06 -42.27 -60.27
N SER S 211 6.76 -41.25 -59.79
CA SER S 211 6.20 -40.20 -58.97
C SER S 211 6.52 -38.84 -59.62
N ILE S 212 5.53 -37.94 -59.64
CA ILE S 212 5.67 -36.63 -60.24
C ILE S 212 5.32 -35.51 -59.22
N GLY S 213 6.12 -34.46 -59.27
CA GLY S 213 5.92 -33.26 -58.47
C GLY S 213 5.88 -32.04 -59.36
N ILE S 214 4.88 -31.18 -59.18
CA ILE S 214 4.70 -29.98 -60.01
C ILE S 214 4.36 -28.76 -59.16
N VAL S 215 5.01 -27.65 -59.46
CA VAL S 215 4.65 -26.35 -58.96
C VAL S 215 4.77 -25.30 -60.05
N GLY S 216 3.95 -24.26 -59.99
CA GLY S 216 4.15 -23.08 -60.83
C GLY S 216 3.14 -21.96 -60.65
N LYS S 217 3.06 -21.08 -61.65
CA LYS S 217 2.25 -19.85 -61.62
C LYS S 217 0.78 -20.14 -61.20
N ASP S 218 0.22 -21.23 -61.70
CA ASP S 218 -1.19 -21.55 -61.51
C ASP S 218 -1.43 -22.61 -60.47
N LEU S 219 -0.39 -23.07 -59.78
CA LEU S 219 -0.45 -24.38 -59.12
C LEU S 219 0.49 -24.49 -57.91
N GLU S 220 -0.10 -24.82 -56.77
CA GLU S 220 0.68 -25.12 -55.57
C GLU S 220 1.38 -26.48 -55.73
N PHE S 221 2.51 -26.65 -55.05
CA PHE S 221 3.22 -27.89 -55.13
C PHE S 221 2.31 -29.10 -54.90
N THR S 222 2.19 -29.94 -55.93
CA THR S 222 1.30 -31.09 -55.91
C THR S 222 2.08 -32.37 -56.28
N ILE S 223 1.79 -33.47 -55.59
CA ILE S 223 2.46 -34.73 -55.81
C ILE S 223 1.48 -35.70 -56.45
N TYR S 224 1.95 -36.38 -57.49
CA TYR S 224 1.13 -37.40 -58.18
C TYR S 224 1.77 -38.79 -58.10
N ASP S 225 1.02 -39.74 -57.54
CA ASP S 225 1.43 -41.13 -57.42
C ASP S 225 0.35 -42.00 -57.97
N ASP S 226 0.75 -43.22 -58.37
CA ASP S 226 -0.14 -44.32 -58.64
C ASP S 226 -1.20 -43.94 -59.69
N ASP S 227 -2.49 -44.08 -59.43
CA ASP S 227 -3.49 -43.79 -60.48
C ASP S 227 -3.39 -42.36 -61.03
N ASP S 228 -2.96 -41.42 -60.20
CA ASP S 228 -2.82 -40.03 -60.65
C ASP S 228 -1.68 -39.73 -61.65
N VAL S 229 -0.73 -40.66 -61.86
CA VAL S 229 0.31 -40.44 -62.89
C VAL S 229 -0.12 -40.92 -64.26
N SER S 230 -1.18 -41.72 -64.34
CA SER S 230 -1.65 -42.27 -65.61
C SER S 230 -1.88 -41.24 -66.71
N PRO S 231 -2.51 -40.10 -66.39
CA PRO S 231 -2.67 -39.05 -67.41
C PRO S 231 -1.36 -38.54 -68.04
N PHE S 232 -0.31 -38.49 -67.24
CA PHE S 232 1.01 -38.10 -67.74
C PHE S 232 1.72 -39.20 -68.57
N LEU S 233 1.46 -40.47 -68.29
CA LEU S 233 2.11 -41.57 -69.01
C LEU S 233 1.52 -41.88 -70.38
N GLU S 234 0.26 -41.56 -70.61
CA GLU S 234 -0.26 -41.67 -71.96
C GLU S 234 -0.66 -40.28 -72.53
N GLY S 235 0.23 -39.57 -73.23
CA GLY S 235 1.68 -39.80 -73.28
C GLY S 235 2.08 -40.88 -74.26
N LEU S 236 3.24 -41.49 -74.00
CA LEU S 236 3.79 -42.73 -74.66
C LEU S 236 4.68 -42.56 -75.91
N GLU S 237 5.32 -41.40 -76.06
CA GLU S 237 6.22 -41.15 -77.21
C GLU S 237 7.49 -42.04 -77.15
N GLU S 238 7.37 -43.26 -77.69
CA GLU S 238 8.48 -44.27 -77.91
C GLU S 238 8.08 -45.69 -77.50
N ARG S 239 8.80 -46.75 -77.91
CA ARG S 239 9.98 -46.79 -78.87
C ARG S 239 11.22 -45.96 -78.46
N THR T 6 53.16 -38.18 -45.32
CA THR T 6 54.02 -37.87 -44.12
C THR T 6 53.69 -38.82 -42.92
N GLY T 7 54.38 -38.57 -41.80
CA GLY T 7 54.12 -39.28 -40.50
C GLY T 7 52.74 -39.22 -39.84
N TYR T 8 52.06 -38.06 -39.55
CA TYR T 8 52.46 -36.54 -39.31
C TYR T 8 51.59 -35.43 -39.95
N ASP T 9 50.69 -35.79 -40.84
CA ASP T 9 49.92 -34.82 -41.60
C ASP T 9 48.40 -35.00 -41.42
N LEU T 10 47.98 -35.53 -40.28
CA LEU T 10 46.58 -35.87 -40.07
C LEU T 10 45.77 -34.83 -39.27
N SER T 11 46.45 -33.92 -38.57
CA SER T 11 45.82 -32.92 -37.71
C SER T 11 46.54 -31.57 -37.78
N ALA T 12 45.75 -30.50 -37.88
CA ALA T 12 46.23 -29.12 -37.69
C ALA T 12 46.80 -28.83 -36.29
N SER T 13 46.59 -29.68 -35.28
CA SER T 13 47.33 -29.54 -34.01
C SER T 13 48.69 -30.28 -33.96
N THR T 14 49.17 -30.79 -35.10
CA THR T 14 50.48 -31.52 -35.15
C THR T 14 51.44 -30.83 -36.09
N PHE T 15 52.57 -30.40 -35.56
CA PHE T 15 53.67 -29.95 -36.39
C PHE T 15 54.39 -31.17 -36.93
N SER T 16 54.84 -31.05 -38.17
CA SER T 16 55.85 -32.01 -38.72
C SER T 16 57.24 -31.71 -38.17
N PRO T 17 58.20 -32.65 -38.31
CA PRO T 17 59.55 -32.37 -37.76
C PRO T 17 60.31 -31.17 -38.39
N ASP T 18 59.86 -30.73 -39.57
CA ASP T 18 60.44 -29.56 -40.23
C ASP T 18 59.67 -28.31 -39.94
N GLY T 19 58.64 -28.39 -39.11
CA GLY T 19 57.91 -27.23 -38.62
C GLY T 19 56.79 -26.82 -39.53
N ARG T 20 56.19 -27.78 -40.24
CA ARG T 20 55.11 -27.45 -41.14
C ARG T 20 53.82 -27.99 -40.56
N VAL T 21 52.70 -27.45 -41.03
CA VAL T 21 51.40 -27.92 -40.65
C VAL T 21 50.75 -28.39 -41.94
N PHE T 22 50.94 -29.67 -42.28
CA PHE T 22 50.49 -30.16 -43.56
C PHE T 22 48.96 -30.08 -43.80
N GLN T 23 48.12 -30.21 -42.75
CA GLN T 23 46.69 -30.05 -42.99
C GLN T 23 46.35 -28.65 -43.59
N VAL T 24 47.09 -27.63 -43.19
CA VAL T 24 46.96 -26.31 -43.79
C VAL T 24 47.48 -26.30 -45.24
N GLU T 25 48.65 -26.92 -45.48
CA GLU T 25 49.13 -27.07 -46.84
C GLU T 25 48.13 -27.80 -47.73
N TYR T 26 47.44 -28.84 -47.19
CA TYR T 26 46.55 -29.65 -48.03
C TYR T 26 45.30 -28.89 -48.39
N ALA T 27 44.82 -28.07 -47.46
CA ALA T 27 43.76 -27.10 -47.77
C ALA T 27 44.13 -26.08 -48.85
N MET T 28 45.33 -25.54 -48.76
CA MET T 28 45.92 -24.73 -49.86
C MET T 28 45.87 -25.42 -51.21
N LYS T 29 46.12 -26.74 -51.22
CA LYS T 29 46.01 -27.50 -52.46
C LYS T 29 44.61 -27.51 -53.03
N ALA T 30 43.57 -27.51 -52.18
CA ALA T 30 42.19 -27.44 -52.69
C ALA T 30 41.89 -26.15 -53.46
N VAL T 31 42.51 -25.07 -53.01
CA VAL T 31 42.42 -23.76 -53.67
C VAL T 31 43.21 -23.80 -54.96
N GLU T 32 44.43 -24.26 -54.86
CA GLU T 32 45.25 -24.40 -56.06
C GLU T 32 44.70 -25.34 -57.14
N ASN T 33 43.73 -26.19 -56.84
CA ASN T 33 42.97 -26.94 -57.87
C ASN T 33 41.73 -26.23 -58.41
N SER T 34 41.33 -25.11 -57.79
CA SER T 34 40.18 -24.34 -58.23
C SER T 34 40.53 -23.47 -59.45
N SER T 35 39.55 -23.19 -60.29
CA SER T 35 39.75 -22.26 -61.39
C SER T 35 40.07 -20.86 -60.83
N THR T 36 40.59 -19.98 -61.66
CA THR T 36 41.28 -18.82 -61.19
C THR T 36 40.31 -17.60 -60.93
N ALA T 37 40.56 -16.89 -59.85
CA ALA T 37 39.95 -15.60 -59.63
C ALA T 37 41.07 -14.53 -59.53
N ILE T 38 40.82 -13.32 -60.03
CA ILE T 38 41.74 -12.21 -59.85
C ILE T 38 41.06 -10.91 -59.35
N GLY T 39 41.86 -10.13 -58.64
CA GLY T 39 41.48 -8.80 -58.29
C GLY T 39 42.54 -7.80 -58.71
N ILE T 40 42.10 -6.66 -59.20
CA ILE T 40 42.99 -5.56 -59.50
C ILE T 40 42.47 -4.26 -58.86
N ARG T 41 43.31 -3.66 -58.02
CA ARG T 41 43.14 -2.29 -57.51
C ARG T 41 43.68 -1.22 -58.50
N CYS T 42 42.87 -0.22 -58.79
CA CYS T 42 43.34 0.86 -59.58
C CYS T 42 43.16 2.24 -58.94
N LYS T 43 43.21 3.30 -59.77
CA LYS T 43 43.20 4.74 -59.29
C LYS T 43 41.93 5.01 -58.49
N ASP T 44 40.80 4.43 -58.90
CA ASP T 44 39.47 4.81 -58.44
C ASP T 44 38.54 3.63 -58.11
N GLY T 45 39.14 2.47 -57.81
CA GLY T 45 38.38 1.29 -57.39
C GLY T 45 39.12 -0.03 -57.49
N VAL T 46 38.35 -1.08 -57.32
CA VAL T 46 38.83 -2.45 -57.37
C VAL T 46 37.89 -3.19 -58.31
N VAL T 47 38.47 -4.04 -59.16
CA VAL T 47 37.67 -4.90 -60.05
C VAL T 47 38.00 -6.39 -59.80
N PHE T 48 36.98 -7.24 -59.84
CA PHE T 48 37.16 -8.68 -59.66
C PHE T 48 36.68 -9.39 -60.90
N GLY T 49 37.42 -10.45 -61.24
CA GLY T 49 37.01 -11.35 -62.31
C GLY T 49 37.26 -12.78 -61.92
N VAL T 50 36.38 -13.66 -62.37
CA VAL T 50 36.49 -15.07 -62.05
C VAL T 50 36.25 -15.93 -63.29
N GLU T 51 37.14 -16.90 -63.46
CA GLU T 51 37.01 -17.94 -64.48
C GLU T 51 36.07 -18.98 -63.91
N LYS T 52 34.85 -19.04 -64.40
CA LYS T 52 33.88 -19.94 -63.80
C LYS T 52 33.66 -21.08 -64.75
N LEU T 53 34.20 -22.25 -64.37
CA LEU T 53 34.15 -23.40 -65.28
C LEU T 53 32.71 -23.86 -65.36
N VAL T 54 32.29 -24.23 -66.58
CA VAL T 54 30.97 -24.83 -66.73
C VAL T 54 31.14 -26.34 -66.83
N LEU T 55 30.76 -26.99 -65.72
CA LEU T 55 30.86 -28.42 -65.55
C LEU T 55 29.70 -29.09 -66.23
N SER T 56 28.58 -28.39 -66.39
CA SER T 56 27.46 -28.89 -67.21
C SER T 56 26.70 -27.72 -67.86
N LYS T 57 26.25 -27.94 -69.09
CA LYS T 57 25.38 -26.99 -69.79
C LYS T 57 23.94 -26.98 -69.23
N LEU T 58 23.64 -27.88 -68.29
CA LEU T 58 22.34 -27.91 -67.60
C LEU T 58 22.20 -26.83 -66.50
N TYR T 59 23.32 -26.38 -65.95
CA TYR T 59 23.34 -25.26 -65.02
C TYR T 59 22.95 -23.90 -65.64
N GLU T 60 22.36 -23.02 -64.81
CA GLU T 60 21.93 -21.66 -65.22
C GLU T 60 23.13 -20.74 -65.30
N GLU T 61 23.12 -19.87 -66.30
CA GLU T 61 24.14 -18.82 -66.42
C GLU T 61 24.02 -17.83 -65.27
N GLY T 62 24.91 -17.93 -64.27
CA GLY T 62 24.74 -17.26 -62.96
C GLY T 62 25.02 -18.19 -61.78
N SER T 63 24.60 -19.46 -61.87
CA SER T 63 24.87 -20.51 -60.81
C SER T 63 26.29 -20.52 -60.23
N ASN T 64 26.47 -21.17 -59.09
CA ASN T 64 27.74 -21.11 -58.36
C ASN T 64 28.50 -19.81 -58.49
N LYS T 65 27.84 -18.67 -58.26
CA LYS T 65 28.54 -17.40 -58.10
C LYS T 65 29.75 -17.55 -57.17
N ARG T 66 30.83 -16.91 -57.56
CA ARG T 66 32.07 -16.85 -56.76
C ARG T 66 32.42 -15.43 -56.39
N LEU T 67 31.54 -14.51 -56.73
CA LEU T 67 31.64 -13.12 -56.27
C LEU T 67 30.45 -12.81 -55.40
N PHE T 68 30.71 -12.33 -54.18
CA PHE T 68 29.68 -12.00 -53.15
C PHE T 68 29.77 -10.55 -52.65
N ASN T 69 28.61 -9.96 -52.31
CA ASN T 69 28.56 -8.72 -51.54
C ASN T 69 28.63 -9.13 -50.10
N VAL T 70 29.62 -8.66 -49.36
CA VAL T 70 29.64 -8.92 -47.91
C VAL T 70 29.26 -7.70 -47.04
N ASP T 71 29.36 -6.52 -47.62
CA ASP T 71 28.68 -5.34 -47.13
C ASP T 71 28.38 -4.49 -48.36
N ARG T 72 27.72 -3.37 -48.18
CA ARG T 72 27.28 -2.58 -49.33
C ARG T 72 28.47 -1.98 -50.04
N HIS T 73 29.55 -1.81 -49.30
CA HIS T 73 30.83 -1.27 -49.80
C HIS T 73 31.95 -2.34 -50.02
N VAL T 74 31.68 -3.61 -49.79
CA VAL T 74 32.70 -4.71 -49.86
C VAL T 74 32.25 -5.90 -50.67
N GLY T 75 33.08 -6.25 -51.64
CA GLY T 75 32.96 -7.45 -52.44
C GLY T 75 33.99 -8.49 -52.03
N MET T 76 33.60 -9.73 -52.23
CA MET T 76 34.44 -10.89 -51.92
C MET T 76 34.52 -11.77 -53.15
N ALA T 77 35.74 -12.20 -53.46
CA ALA T 77 36.00 -13.07 -54.59
C ALA T 77 36.73 -14.32 -54.06
N VAL T 78 36.24 -15.50 -54.44
CA VAL T 78 36.68 -16.73 -53.77
C VAL T 78 37.24 -17.76 -54.76
N ALA T 79 38.09 -18.62 -54.23
CA ALA T 79 38.51 -19.83 -54.93
C ALA T 79 38.66 -20.96 -53.94
N GLY T 80 38.34 -22.17 -54.37
CA GLY T 80 38.50 -23.34 -53.53
C GLY T 80 37.18 -24.01 -53.27
N LEU T 81 37.03 -24.58 -52.08
CA LEU T 81 35.83 -25.39 -51.78
C LEU T 81 34.69 -24.41 -51.54
N LEU T 82 33.65 -24.49 -52.35
CA LEU T 82 32.71 -23.41 -52.46
C LEU T 82 31.86 -23.28 -51.18
N ALA T 83 31.44 -24.40 -50.60
CA ALA T 83 30.71 -24.40 -49.31
C ALA T 83 31.51 -23.76 -48.16
N ASP T 84 32.82 -24.02 -48.10
CA ASP T 84 33.67 -23.33 -47.14
C ASP T 84 33.72 -21.82 -47.48
N ALA T 85 33.86 -21.47 -48.77
CA ALA T 85 33.87 -20.08 -49.18
C ALA T 85 32.56 -19.33 -48.76
N ARG T 86 31.40 -19.94 -49.02
CA ARG T 86 30.10 -19.36 -48.69
C ARG T 86 29.88 -19.14 -47.18
N SER T 87 30.43 -20.02 -46.40
CA SER T 87 30.35 -19.93 -44.97
C SER T 87 31.24 -18.79 -44.45
N LEU T 88 32.41 -18.64 -45.08
CA LEU T 88 33.27 -17.48 -44.87
C LEU T 88 32.66 -16.13 -45.29
N ALA T 89 31.90 -16.12 -46.39
CA ALA T 89 31.15 -14.94 -46.75
C ALA T 89 30.11 -14.59 -45.70
N ASP T 90 29.46 -15.60 -45.10
CA ASP T 90 28.55 -15.33 -43.97
C ASP T 90 29.24 -14.78 -42.71
N ILE T 91 30.43 -15.29 -42.38
CA ILE T 91 31.21 -14.77 -41.27
C ILE T 91 31.54 -13.30 -41.55
N ALA T 92 31.98 -13.00 -42.78
CA ALA T 92 32.36 -11.64 -43.11
C ALA T 92 31.15 -10.76 -43.00
N ARG T 93 30.00 -11.21 -43.49
CA ARG T 93 28.79 -10.43 -43.45
C ARG T 93 28.47 -10.12 -42.00
N GLU T 94 28.47 -11.13 -41.15
CA GLU T 94 28.14 -10.94 -39.73
C GLU T 94 29.10 -9.93 -39.07
N GLU T 95 30.39 -10.02 -39.39
CA GLU T 95 31.38 -9.12 -38.82
C GLU T 95 31.15 -7.63 -39.20
N ALA T 96 30.82 -7.39 -40.45
CA ALA T 96 30.50 -6.09 -40.94
C ALA T 96 29.18 -5.55 -40.34
N SER T 97 28.17 -6.40 -40.26
CA SER T 97 26.90 -6.06 -39.63
C SER T 97 27.09 -5.67 -38.17
N ASN T 98 27.81 -6.48 -37.41
CA ASN T 98 28.07 -6.19 -36.00
C ASN T 98 28.88 -4.93 -35.80
N PHE T 99 29.88 -4.72 -36.67
CA PHE T 99 30.66 -3.51 -36.64
C PHE T 99 29.75 -2.26 -36.70
N ARG T 100 28.82 -2.24 -37.67
CA ARG T 100 27.98 -1.09 -37.87
C ARG T 100 27.09 -0.91 -36.63
N SER T 101 26.57 -1.99 -36.08
CA SER T 101 25.81 -1.95 -34.87
C SER T 101 26.53 -1.40 -33.61
N ASN T 102 27.77 -1.81 -33.38
CA ASN T 102 28.54 -1.40 -32.17
C ASN T 102 29.16 -0.01 -32.27
N PHE T 103 29.74 0.29 -33.43
CA PHE T 103 30.55 1.53 -33.66
C PHE T 103 29.90 2.54 -34.57
N GLY T 104 28.89 2.16 -35.32
CA GLY T 104 28.07 3.12 -36.04
C GLY T 104 28.46 3.55 -37.40
N TYR T 105 29.37 2.85 -38.08
CA TYR T 105 29.77 3.25 -39.48
C TYR T 105 30.28 2.00 -40.25
N ASN T 106 30.41 2.11 -41.58
CA ASN T 106 30.92 1.06 -42.43
C ASN T 106 32.29 0.56 -41.97
N ILE T 107 32.41 -0.75 -41.87
CA ILE T 107 33.64 -1.34 -41.38
C ILE T 107 34.76 -0.98 -42.38
N PRO T 108 35.89 -0.48 -41.85
CA PRO T 108 37.07 -0.29 -42.67
C PRO T 108 37.53 -1.63 -43.24
N LEU T 109 37.88 -1.67 -44.51
CA LEU T 109 38.22 -2.94 -45.17
C LEU T 109 39.33 -3.72 -44.51
N LYS T 110 40.36 -2.99 -44.16
CA LYS T 110 41.50 -3.56 -43.45
C LYS T 110 41.07 -4.27 -42.19
N HIS T 111 40.18 -3.64 -41.43
CA HIS T 111 39.72 -4.20 -40.19
C HIS T 111 38.85 -5.43 -40.39
N LEU T 112 37.97 -5.41 -41.36
CA LEU T 112 37.19 -6.61 -41.70
C LEU T 112 38.12 -7.78 -42.18
N ALA T 113 39.07 -7.48 -43.06
CA ALA T 113 40.07 -8.48 -43.48
C ALA T 113 40.76 -9.07 -42.29
N ASP T 114 41.28 -8.26 -41.36
CA ASP T 114 41.98 -8.81 -40.17
C ASP T 114 41.08 -9.71 -39.30
N ARG T 115 39.83 -9.28 -39.10
CA ARG T 115 38.89 -10.02 -38.26
C ARG T 115 38.53 -11.37 -38.88
N VAL T 116 38.14 -11.38 -40.14
CA VAL T 116 37.84 -12.61 -40.85
C VAL T 116 39.09 -13.54 -40.94
N ALA T 117 40.27 -12.97 -41.14
CA ALA T 117 41.52 -13.76 -41.16
C ALA T 117 41.80 -14.44 -39.85
N MET T 118 41.53 -13.78 -38.74
CA MET T 118 41.68 -14.41 -37.43
C MET T 118 40.73 -15.55 -37.23
N TYR T 119 39.54 -15.44 -37.81
CA TYR T 119 38.59 -16.53 -37.76
C TYR T 119 39.15 -17.70 -38.58
N VAL T 120 39.62 -17.46 -39.80
CA VAL T 120 40.27 -18.49 -40.61
C VAL T 120 41.46 -19.14 -39.87
N HIS T 121 42.26 -18.31 -39.20
CA HIS T 121 43.37 -18.79 -38.42
C HIS T 121 43.02 -19.74 -37.30
N ALA T 122 41.89 -19.51 -36.66
CA ALA T 122 41.47 -20.34 -35.55
C ALA T 122 41.19 -21.77 -35.99
N TYR T 123 40.90 -22.00 -37.26
CA TYR T 123 40.70 -23.33 -37.75
C TYR T 123 42.01 -24.04 -38.20
N THR T 124 43.17 -23.55 -37.75
CA THR T 124 44.46 -24.11 -38.09
C THR T 124 45.30 -24.55 -36.89
N LEU T 125 44.67 -24.68 -35.73
CA LEU T 125 45.36 -25.02 -34.49
C LEU T 125 44.91 -26.33 -33.82
N TYR T 126 43.84 -26.94 -34.30
CA TYR T 126 43.14 -27.98 -33.51
C TYR T 126 42.89 -29.25 -34.25
N SER T 127 42.91 -30.36 -33.55
CA SER T 127 42.36 -31.60 -34.11
C SER T 127 40.83 -31.55 -34.23
N ALA T 128 40.16 -30.74 -33.41
CA ALA T 128 38.69 -30.68 -33.42
C ALA T 128 38.07 -30.15 -34.72
N VAL T 129 38.81 -29.36 -35.50
CA VAL T 129 38.26 -28.79 -36.73
C VAL T 129 39.31 -28.87 -37.84
N ARG T 130 38.88 -28.71 -39.11
CA ARG T 130 39.81 -28.59 -40.21
C ARG T 130 39.95 -27.21 -40.77
N PRO T 131 41.10 -26.93 -41.38
CA PRO T 131 41.23 -25.66 -42.10
C PRO T 131 40.24 -25.45 -43.23
N PHE T 132 39.88 -24.18 -43.47
CA PHE T 132 39.03 -23.85 -44.61
C PHE T 132 39.78 -24.15 -45.88
N GLY T 133 39.08 -24.70 -46.85
CA GLY T 133 39.66 -24.96 -48.14
C GLY T 133 39.42 -23.84 -49.11
N CYS T 134 39.69 -22.62 -48.69
CA CYS T 134 39.46 -21.50 -49.58
CA CYS T 134 39.33 -21.41 -49.46
C CYS T 134 40.37 -20.32 -49.32
N SER T 135 40.57 -19.58 -50.39
CA SER T 135 41.26 -18.31 -50.35
C SER T 135 40.25 -17.33 -50.90
N PHE T 136 40.30 -16.12 -50.41
CA PHE T 136 39.36 -15.11 -50.88
C PHE T 136 39.98 -13.70 -50.87
N MET T 137 39.47 -12.88 -51.78
CA MET T 137 39.87 -11.50 -51.84
C MET T 137 38.67 -10.63 -51.36
N LEU T 138 38.99 -9.55 -50.65
CA LEU T 138 38.06 -8.53 -50.26
C LEU T 138 38.43 -7.19 -50.93
N GLY T 139 37.46 -6.56 -51.59
CA GLY T 139 37.68 -5.28 -52.23
C GLY T 139 36.69 -4.18 -51.82
N SER T 140 37.18 -2.97 -51.65
CA SER T 140 36.29 -1.82 -51.45
C SER T 140 36.87 -0.50 -51.97
N TYR T 141 35.99 0.50 -52.00
CA TYR T 141 36.36 1.87 -52.27
C TYR T 141 35.50 2.82 -51.43
N SER T 142 36.16 3.84 -50.88
CA SER T 142 35.49 4.99 -50.25
C SER T 142 36.36 6.23 -50.53
N VAL T 143 35.80 7.42 -50.29
CA VAL T 143 36.58 8.65 -50.47
C VAL T 143 37.68 8.77 -49.41
N ASN T 144 37.37 8.51 -48.14
CA ASN T 144 38.40 8.54 -47.08
C ASN T 144 39.57 7.53 -47.16
N ASP T 145 39.26 6.26 -47.44
CA ASP T 145 40.22 5.15 -47.43
C ASP T 145 40.83 4.80 -48.81
N GLY T 146 40.27 5.37 -49.89
CA GLY T 146 40.62 4.96 -51.25
C GLY T 146 40.20 3.53 -51.62
N ALA T 147 40.83 3.01 -52.68
CA ALA T 147 40.63 1.64 -53.14
C ALA T 147 41.47 0.72 -52.30
N GLN T 148 40.89 -0.39 -51.85
CA GLN T 148 41.68 -1.40 -51.13
C GLN T 148 41.31 -2.83 -51.50
N LEU T 149 42.34 -3.67 -51.59
CA LEU T 149 42.21 -5.06 -52.02
C LEU T 149 43.07 -5.94 -51.13
N TYR T 150 42.41 -6.86 -50.44
CA TYR T 150 43.08 -7.75 -49.47
C TYR T 150 42.85 -9.16 -49.93
N MET T 151 43.75 -10.03 -49.53
CA MET T 151 43.60 -11.44 -49.84
C MET T 151 43.99 -12.25 -48.62
N ILE T 152 43.19 -13.28 -48.39
CA ILE T 152 43.34 -14.15 -47.24
C ILE T 152 43.39 -15.60 -47.77
N ASP T 153 44.33 -16.38 -47.24
CA ASP T 153 44.46 -17.78 -47.57
C ASP T 153 44.13 -18.67 -46.35
N PRO T 154 44.11 -20.02 -46.55
CA PRO T 154 43.75 -20.94 -45.51
C PRO T 154 44.60 -20.90 -44.25
N SER T 155 45.81 -20.33 -44.27
CA SER T 155 46.54 -20.21 -43.00
C SER T 155 46.00 -19.07 -42.13
N GLY T 156 45.22 -18.17 -42.72
CA GLY T 156 44.78 -16.92 -42.07
C GLY T 156 45.69 -15.72 -42.24
N VAL T 157 46.71 -15.83 -43.10
CA VAL T 157 47.53 -14.69 -43.50
C VAL T 157 46.69 -13.80 -44.43
N SER T 158 46.88 -12.50 -44.22
CA SER T 158 46.13 -11.42 -44.87
C SER T 158 47.09 -10.29 -45.27
N TYR T 159 47.06 -9.88 -46.52
CA TYR T 159 47.88 -8.81 -47.02
C TYR T 159 47.05 -7.93 -47.95
N GLY T 160 47.47 -6.68 -48.09
CA GLY T 160 46.94 -5.78 -49.11
C GLY T 160 47.71 -5.86 -50.42
N TYR T 161 47.00 -5.67 -51.53
CA TYR T 161 47.52 -5.87 -52.87
C TYR T 161 47.14 -4.81 -53.87
N TRP T 162 48.03 -4.60 -54.85
CA TRP T 162 47.67 -3.88 -56.06
C TRP T 162 46.99 -4.80 -57.07
N GLY T 163 47.45 -6.03 -57.11
CA GLY T 163 46.87 -7.05 -57.97
C GLY T 163 47.10 -8.39 -57.36
N CYS T 164 46.17 -9.30 -57.61
CA CYS T 164 46.18 -10.57 -56.93
C CYS T 164 45.45 -11.63 -57.72
N ALA T 165 45.92 -12.86 -57.56
CA ALA T 165 45.31 -14.02 -58.20
C ALA T 165 45.39 -15.25 -57.31
N ILE T 166 44.36 -16.05 -57.41
CA ILE T 166 44.20 -17.23 -56.60
C ILE T 166 43.59 -18.29 -57.48
N GLY T 167 43.90 -19.54 -57.15
CA GLY T 167 43.51 -20.69 -57.95
C GLY T 167 44.66 -21.22 -58.77
N LYS T 168 44.31 -22.02 -59.78
CA LYS T 168 45.28 -22.89 -60.46
C LYS T 168 46.20 -22.22 -61.44
N ALA T 169 45.73 -21.17 -62.12
CA ALA T 169 46.59 -20.37 -62.98
C ALA T 169 47.03 -19.05 -62.29
N ARG T 170 47.25 -19.16 -60.98
CA ARG T 170 47.76 -18.06 -60.17
C ARG T 170 49.00 -17.36 -60.76
N GLN T 171 50.07 -18.10 -60.90
CA GLN T 171 51.35 -17.56 -61.39
C GLN T 171 51.29 -16.93 -62.79
N ALA T 172 50.68 -17.65 -63.74
CA ALA T 172 50.39 -17.11 -65.05
C ALA T 172 49.57 -15.80 -64.97
N ALA T 173 48.58 -15.75 -64.10
CA ALA T 173 47.79 -14.52 -63.93
C ALA T 173 48.62 -13.33 -63.38
N LYS T 174 49.41 -13.59 -62.35
CA LYS T 174 50.28 -12.58 -61.75
C LYS T 174 51.25 -11.99 -62.75
N THR T 175 51.87 -12.80 -63.62
CA THR T 175 52.79 -12.22 -64.62
C THR T 175 52.05 -11.33 -65.62
N GLU T 176 50.83 -11.67 -66.01
CA GLU T 176 50.06 -10.76 -66.87
C GLU T 176 49.66 -9.45 -66.14
N ILE T 177 49.26 -9.58 -64.87
CA ILE T 177 48.84 -8.43 -64.04
C ILE T 177 49.99 -7.42 -63.87
N GLU T 178 51.20 -7.93 -63.58
CA GLU T 178 52.46 -7.13 -63.54
C GLU T 178 52.79 -6.29 -64.75
N LYS T 179 52.20 -6.59 -65.91
CA LYS T 179 52.35 -5.75 -67.11
C LYS T 179 51.48 -4.50 -67.13
N LEU T 180 50.50 -4.42 -66.24
CA LEU T 180 49.62 -3.25 -66.15
C LEU T 180 50.21 -2.19 -65.25
N GLN T 181 50.09 -0.93 -65.68
CA GLN T 181 50.22 0.20 -64.78
C GLN T 181 48.86 0.52 -64.15
N MET T 182 48.44 -0.33 -63.20
CA MET T 182 47.09 -0.18 -62.58
C MET T 182 46.90 1.08 -61.73
N LYS T 183 47.96 1.59 -61.08
CA LYS T 183 47.91 2.85 -60.29
C LYS T 183 47.32 4.05 -61.01
N GLU T 184 47.49 4.10 -62.32
CA GLU T 184 47.09 5.24 -63.13
C GLU T 184 45.86 4.96 -64.00
N MET T 185 45.29 3.78 -63.88
CA MET T 185 44.17 3.38 -64.74
C MET T 185 42.88 3.42 -63.94
N THR T 186 41.76 3.39 -64.68
CA THR T 186 40.44 3.39 -64.08
C THR T 186 39.74 2.04 -64.22
N CYS T 187 38.78 1.83 -63.33
CA CYS T 187 37.91 0.69 -63.40
C CYS T 187 37.35 0.38 -64.79
N ARG T 188 36.89 1.39 -65.54
CA ARG T 188 36.29 1.16 -66.88
C ARG T 188 37.32 0.57 -67.81
N ASP T 189 38.59 0.92 -67.58
CA ASP T 189 39.72 0.35 -68.34
C ASP T 189 40.12 -1.07 -67.85
N ILE T 190 40.22 -1.22 -66.53
CA ILE T 190 40.69 -2.43 -65.91
C ILE T 190 39.78 -3.63 -66.15
N VAL T 191 38.46 -3.44 -66.22
CA VAL T 191 37.54 -4.59 -66.53
C VAL T 191 37.97 -5.35 -67.78
N LYS T 192 38.32 -4.59 -68.80
CA LYS T 192 38.71 -5.16 -70.10
C LYS T 192 39.95 -6.02 -69.87
N GLU T 193 40.88 -5.51 -69.06
CA GLU T 193 42.14 -6.16 -68.76
C GLU T 193 42.03 -7.34 -67.85
N VAL T 194 41.04 -7.32 -66.94
CA VAL T 194 40.70 -8.47 -66.11
C VAL T 194 40.14 -9.58 -67.01
N ALA T 195 39.22 -9.25 -67.91
CA ALA T 195 38.66 -10.22 -68.83
C ALA T 195 39.74 -10.80 -69.72
N LYS T 196 40.62 -9.92 -70.20
CA LYS T 196 41.73 -10.32 -71.08
C LYS T 196 42.60 -11.33 -70.37
N ILE T 197 43.03 -11.03 -69.14
CA ILE T 197 43.89 -11.94 -68.39
C ILE T 197 43.21 -13.28 -68.11
N ILE T 198 41.92 -13.26 -67.79
CA ILE T 198 41.20 -14.53 -67.57
C ILE T 198 41.27 -15.38 -68.86
N TYR T 199 41.04 -14.79 -70.03
CA TYR T 199 41.08 -15.57 -71.28
C TYR T 199 42.49 -16.13 -71.63
N ILE T 200 43.53 -15.45 -71.16
CA ILE T 200 44.88 -15.87 -71.39
C ILE T 200 45.22 -17.10 -70.56
N VAL T 201 44.95 -17.04 -69.28
CA VAL T 201 45.31 -18.12 -68.36
C VAL T 201 44.37 -19.33 -68.40
N HIS T 202 43.20 -19.15 -69.01
CA HIS T 202 42.25 -20.24 -69.22
C HIS T 202 42.83 -21.25 -70.17
N ASP T 203 42.84 -22.50 -69.72
CA ASP T 203 43.35 -23.62 -70.53
C ASP T 203 42.18 -24.24 -71.33
N GLU T 204 41.91 -23.69 -72.53
CA GLU T 204 40.68 -24.02 -73.31
C GLU T 204 40.67 -25.43 -73.93
N VAL T 205 41.87 -26.02 -74.04
CA VAL T 205 41.96 -27.45 -74.23
C VAL T 205 41.51 -28.16 -72.91
N LYS T 206 42.27 -28.02 -71.81
CA LYS T 206 42.01 -28.75 -70.54
C LYS T 206 40.92 -27.97 -69.89
N ASP T 207 39.69 -28.48 -69.91
CA ASP T 207 38.49 -27.73 -69.46
C ASP T 207 38.06 -26.63 -70.47
N LYS T 208 37.30 -27.06 -71.49
CA LYS T 208 36.50 -26.15 -72.34
C LYS T 208 35.40 -25.45 -71.50
N ALA T 209 34.85 -24.41 -72.12
CA ALA T 209 33.65 -23.67 -71.66
C ALA T 209 33.71 -23.10 -70.25
N PHE T 210 33.65 -21.77 -70.25
CA PHE T 210 33.54 -21.01 -69.02
C PHE T 210 32.68 -19.75 -69.20
N GLU T 211 32.14 -19.31 -68.07
CA GLU T 211 31.50 -18.03 -67.94
C GLU T 211 32.52 -17.15 -67.26
N LEU T 212 32.55 -15.89 -67.70
CA LEU T 212 33.29 -14.86 -67.01
C LEU T 212 32.39 -14.17 -65.98
N GLU T 213 32.90 -14.01 -64.77
CA GLU T 213 32.13 -13.33 -63.74
C GLU T 213 32.89 -12.04 -63.39
N LEU T 214 32.22 -10.90 -63.47
CA LEU T 214 32.87 -9.61 -63.20
C LEU T 214 32.07 -8.76 -62.20
N SER T 215 32.79 -8.17 -61.25
CA SER T 215 32.24 -7.20 -60.34
C SER T 215 33.28 -6.12 -60.07
N TRP T 216 32.79 -5.00 -59.55
CA TRP T 216 33.62 -3.85 -59.17
C TRP T 216 33.05 -2.98 -58.04
N VAL T 217 33.96 -2.21 -57.46
CA VAL T 217 33.62 -1.24 -56.48
C VAL T 217 34.54 -0.04 -56.65
N GLY T 218 33.96 1.15 -56.83
CA GLY T 218 34.74 2.36 -57.07
C GLY T 218 33.95 3.65 -57.07
N GLU T 219 34.62 4.76 -57.44
CA GLU T 219 33.93 6.02 -57.61
C GLU T 219 32.70 5.89 -58.50
N LEU T 220 32.82 5.17 -59.59
CA LEU T 220 31.73 5.01 -60.56
C LEU T 220 30.53 4.21 -60.08
N THR T 221 30.64 3.56 -58.91
CA THR T 221 29.51 2.89 -58.27
C THR T 221 29.13 3.54 -56.94
N ASN T 222 29.81 4.65 -56.68
CA ASN T 222 29.66 5.44 -55.46
C ASN T 222 29.97 4.62 -54.24
N GLY T 223 31.03 3.82 -54.34
CA GLY T 223 31.49 3.06 -53.20
C GLY T 223 30.65 1.85 -52.89
N ARG T 224 29.71 1.51 -53.77
CA ARG T 224 28.92 0.29 -53.66
C ARG T 224 29.58 -0.87 -54.49
N HIS T 225 29.67 -2.07 -53.89
CA HIS T 225 30.09 -3.26 -54.64
C HIS T 225 28.91 -3.80 -55.45
N GLU T 226 29.14 -4.01 -56.74
CA GLU T 226 28.08 -4.30 -57.72
C GLU T 226 28.63 -5.24 -58.84
N ILE T 227 27.76 -6.09 -59.41
CA ILE T 227 28.07 -6.74 -60.67
C ILE T 227 28.39 -5.69 -61.70
N VAL T 228 29.34 -6.00 -62.57
CA VAL T 228 29.57 -5.23 -63.77
C VAL T 228 28.35 -5.44 -64.65
N PRO T 229 27.75 -4.35 -65.18
CA PRO T 229 26.58 -4.49 -66.06
C PRO T 229 26.84 -5.37 -67.31
N LYS T 230 25.81 -6.07 -67.76
CA LYS T 230 25.85 -7.07 -68.84
C LYS T 230 26.55 -6.55 -70.12
N ASP T 231 26.10 -5.40 -70.62
CA ASP T 231 26.69 -4.76 -71.81
C ASP T 231 28.20 -4.46 -71.67
N ILE T 232 28.64 -4.04 -70.50
CA ILE T 232 30.09 -3.81 -70.26
C ILE T 232 30.86 -5.13 -70.16
N ARG T 233 30.25 -6.14 -69.53
CA ARG T 233 30.89 -7.47 -69.46
C ARG T 233 31.13 -8.00 -70.86
N GLU T 234 30.10 -7.90 -71.70
CA GLU T 234 30.14 -8.43 -73.04
C GLU T 234 31.17 -7.74 -73.91
N GLU T 235 31.31 -6.42 -73.77
CA GLU T 235 32.37 -5.68 -74.48
C GLU T 235 33.75 -6.06 -73.98
N ALA T 236 33.90 -6.30 -72.68
CA ALA T 236 35.20 -6.78 -72.15
C ALA T 236 35.52 -8.21 -72.61
N GLU T 237 34.49 -9.06 -72.69
CA GLU T 237 34.66 -10.39 -73.26
C GLU T 237 35.10 -10.31 -74.72
N LYS T 238 34.40 -9.50 -75.50
CA LYS T 238 34.70 -9.34 -76.91
C LYS T 238 36.15 -8.85 -77.11
N TYR T 239 36.57 -7.83 -76.34
CA TYR T 239 37.98 -7.34 -76.32
C TYR T 239 39.00 -8.41 -75.97
N ALA T 240 38.68 -9.21 -74.97
CA ALA T 240 39.59 -10.29 -74.49
C ALA T 240 39.77 -11.38 -75.57
N LYS T 241 38.64 -11.79 -76.13
CA LYS T 241 38.54 -12.82 -77.15
C LYS T 241 39.30 -12.42 -78.43
N GLU T 242 39.07 -11.19 -78.89
CA GLU T 242 39.70 -10.66 -80.09
C GLU T 242 41.21 -10.34 -79.88
N SER T 243 41.62 -9.97 -78.66
CA SER T 243 43.04 -9.81 -78.28
C SER T 243 43.83 -11.11 -78.30
N LEU T 244 43.17 -12.21 -77.94
CA LEU T 244 43.70 -13.59 -78.01
C LEU T 244 43.98 -14.04 -79.48
N LYS T 245 42.98 -13.85 -80.35
CA LYS T 245 43.11 -14.09 -81.80
C LYS T 245 43.90 -12.97 -82.47
N SER U 2 67.23 -43.63 -24.80
CA SER U 2 67.66 -42.18 -24.75
C SER U 2 68.64 -41.80 -25.87
N ARG U 3 68.73 -40.48 -26.11
CA ARG U 3 69.37 -39.78 -27.27
C ARG U 3 68.56 -39.90 -28.58
N GLY U 4 67.55 -39.03 -28.74
CA GLY U 4 66.58 -39.11 -29.85
C GLY U 4 65.63 -40.35 -29.84
N SER U 5 65.35 -40.87 -28.62
CA SER U 5 64.37 -41.95 -28.50
C SER U 5 62.91 -41.42 -28.51
N SER U 6 62.00 -42.30 -28.92
CA SER U 6 60.57 -42.00 -29.08
C SER U 6 59.69 -43.19 -28.66
N ALA U 7 58.63 -42.89 -27.91
CA ALA U 7 57.59 -43.85 -27.57
C ALA U 7 56.20 -43.21 -27.86
N GLY U 8 55.28 -44.03 -28.35
CA GLY U 8 53.89 -43.68 -28.43
C GLY U 8 53.68 -42.50 -29.34
N PHE U 9 52.97 -41.52 -28.82
CA PHE U 9 52.57 -40.35 -29.60
C PHE U 9 53.39 -39.09 -29.30
N ASP U 10 54.58 -39.28 -28.71
CA ASP U 10 55.42 -38.16 -28.27
C ASP U 10 56.02 -37.30 -29.37
N ARG U 11 55.91 -37.72 -30.65
CA ARG U 11 56.21 -36.84 -31.77
C ARG U 11 55.01 -36.10 -32.36
N HIS U 12 53.81 -36.45 -31.91
CA HIS U 12 52.56 -35.92 -32.46
C HIS U 12 51.84 -34.91 -31.59
N ILE U 13 51.92 -35.10 -30.28
CA ILE U 13 51.31 -34.21 -29.31
C ILE U 13 52.31 -33.90 -28.23
N THR U 14 51.98 -32.90 -27.43
CA THR U 14 52.86 -32.42 -26.38
C THR U 14 52.87 -33.28 -25.12
N ILE U 15 53.40 -34.52 -25.26
CA ILE U 15 53.68 -35.41 -24.11
C ILE U 15 55.16 -35.59 -24.06
N PHE U 16 55.67 -36.05 -22.92
CA PHE U 16 57.08 -36.28 -22.76
C PHE U 16 57.54 -37.48 -23.57
N SER U 17 58.72 -37.33 -24.18
CA SER U 17 59.45 -38.44 -24.78
C SER U 17 60.25 -39.08 -23.65
N PRO U 18 60.93 -40.22 -23.93
CA PRO U 18 61.61 -40.86 -22.80
C PRO U 18 62.73 -40.04 -22.12
N GLU U 19 63.31 -39.11 -22.92
CA GLU U 19 64.37 -38.22 -22.42
C GLU U 19 63.79 -37.05 -21.63
N GLY U 20 62.48 -36.85 -21.69
CA GLY U 20 61.87 -35.71 -21.04
C GLY U 20 61.68 -34.51 -21.95
N ARG U 21 61.73 -34.74 -23.26
CA ARG U 21 61.56 -33.70 -24.24
C ARG U 21 60.10 -33.55 -24.75
N LEU U 22 59.81 -32.40 -25.33
CA LEU U 22 58.59 -32.14 -26.01
C LEU U 22 58.91 -31.88 -27.46
N TYR U 23 58.93 -32.94 -28.25
CA TYR U 23 59.22 -32.81 -29.67
C TYR U 23 58.33 -31.81 -30.42
N GLN U 24 57.05 -31.71 -30.04
CA GLN U 24 56.16 -30.77 -30.73
C GLN U 24 56.57 -29.32 -30.47
N VAL U 25 57.08 -29.05 -29.28
CA VAL U 25 57.60 -27.73 -28.97
C VAL U 25 58.88 -27.49 -29.80
N GLU U 26 59.81 -28.44 -29.74
CA GLU U 26 61.00 -28.30 -30.57
C GLU U 26 60.63 -28.04 -32.03
N TYR U 27 59.61 -28.70 -32.55
CA TYR U 27 59.20 -28.46 -33.95
C TYR U 27 58.58 -27.07 -34.20
N ALA U 28 57.99 -26.49 -33.16
CA ALA U 28 57.47 -25.13 -33.25
C ALA U 28 58.62 -24.14 -33.47
N PHE U 29 59.79 -24.41 -32.88
CA PHE U 29 60.98 -23.60 -33.14
C PHE U 29 61.41 -23.68 -34.61
N LYS U 30 61.34 -24.84 -35.23
CA LYS U 30 61.64 -24.96 -36.63
C LYS U 30 60.64 -24.19 -37.46
N ALA U 31 59.37 -24.20 -37.05
CA ALA U 31 58.32 -23.46 -37.78
C ALA U 31 58.62 -21.97 -37.87
N ILE U 32 59.31 -21.43 -36.86
CA ILE U 32 59.74 -20.03 -36.84
C ILE U 32 60.60 -19.69 -38.06
N ASN U 33 61.51 -20.59 -38.43
CA ASN U 33 62.39 -20.38 -39.57
C ASN U 33 61.76 -20.59 -40.96
N GLN U 34 60.57 -21.18 -41.02
CA GLN U 34 59.83 -21.32 -42.30
C GLN U 34 59.56 -19.97 -43.00
N GLY U 35 59.29 -18.92 -42.24
CA GLY U 35 59.17 -17.55 -42.79
C GLY U 35 60.40 -17.04 -43.52
N GLY U 36 61.58 -17.57 -43.16
CA GLY U 36 62.84 -17.20 -43.84
C GLY U 36 63.45 -15.86 -43.45
N LEU U 37 62.90 -15.20 -42.43
CA LEU U 37 63.33 -13.87 -42.01
C LEU U 37 64.13 -13.93 -40.72
N THR U 38 64.88 -12.85 -40.49
CA THR U 38 65.61 -12.58 -39.24
C THR U 38 65.28 -11.18 -38.66
N SER U 39 65.31 -11.09 -37.34
CA SER U 39 64.96 -9.85 -36.61
C SER U 39 65.97 -9.66 -35.50
N VAL U 40 66.31 -8.39 -35.23
CA VAL U 40 67.28 -8.02 -34.21
C VAL U 40 66.73 -6.89 -33.35
N ALA U 41 67.10 -6.89 -32.08
CA ALA U 41 66.68 -5.81 -31.19
C ALA U 41 67.76 -5.51 -30.20
N VAL U 42 67.93 -4.23 -29.89
CA VAL U 42 68.96 -3.82 -28.94
C VAL U 42 68.46 -2.66 -28.07
N ARG U 43 68.97 -2.63 -26.85
CA ARG U 43 68.60 -1.65 -25.85
C ARG U 43 69.85 -0.83 -25.46
N GLY U 44 69.70 0.49 -25.45
CA GLY U 44 70.69 1.39 -24.87
C GLY U 44 70.11 2.05 -23.63
N LYS U 45 70.85 3.02 -23.09
CA LYS U 45 70.38 3.79 -21.93
C LYS U 45 69.18 4.71 -22.27
N ASP U 46 69.16 5.24 -23.50
CA ASP U 46 68.19 6.27 -23.97
C ASP U 46 67.07 5.72 -24.83
N 6V1 U 47 67.29 4.58 -25.49
CA 6V1 U 47 66.35 4.07 -26.48
C 6V1 U 47 66.39 2.57 -26.57
O 6V1 U 47 67.32 1.92 -26.06
CB 6V1 U 47 66.49 4.77 -27.86
SG 6V1 U 47 68.13 4.85 -28.57
C1 6V1 U 47 68.51 5.68 -30.18
C2 6V1 U 47 68.26 7.18 -30.46
N3 6V1 U 47 67.80 7.42 -31.72
C4 6V1 U 47 67.67 6.29 -32.43
C5 6V1 U 47 67.81 5.11 -31.44
C6 6V1 U 47 67.37 8.72 -32.24
O7 6V1 U 47 68.45 8.03 -29.62
O8 6V1 U 47 67.42 6.20 -33.64
C3 6V1 U 47 65.84 8.67 -32.34
N ALA U 48 65.34 2.02 -27.19
CA ALA U 48 65.31 0.63 -27.60
C ALA U 48 64.84 0.57 -29.05
N VAL U 49 65.42 -0.36 -29.81
CA VAL U 49 65.19 -0.43 -31.26
C VAL U 49 64.97 -1.86 -31.73
N ILE U 50 64.11 -1.99 -32.72
CA ILE U 50 63.84 -3.25 -33.38
C ILE U 50 64.07 -2.98 -34.84
N VAL U 51 64.83 -3.87 -35.49
CA VAL U 51 64.99 -3.88 -36.95
C VAL U 51 64.75 -5.30 -37.50
N THR U 52 64.03 -5.41 -38.59
CA THR U 52 63.74 -6.70 -39.22
C THR U 52 63.80 -6.50 -40.71
N GLN U 53 63.90 -7.62 -41.41
CA GLN U 53 63.93 -7.64 -42.87
C GLN U 53 62.53 -7.39 -43.38
N LYS U 54 62.45 -6.68 -44.49
CA LYS U 54 61.21 -6.50 -45.16
C LYS U 54 61.44 -7.07 -46.55
N LYS U 55 60.94 -8.28 -46.79
CA LYS U 55 61.04 -8.94 -48.10
C LYS U 55 59.71 -8.71 -48.82
N VAL U 56 59.76 -7.95 -49.92
CA VAL U 56 58.63 -7.69 -50.83
C VAL U 56 59.10 -8.16 -52.23
N PRO U 57 59.12 -9.50 -52.44
CA PRO U 57 59.56 -10.01 -53.76
C PRO U 57 58.65 -9.52 -54.90
N ASP U 58 57.33 -9.52 -54.62
CA ASP U 58 56.28 -9.28 -55.62
C ASP U 58 56.16 -7.81 -56.16
N LYS U 59 55.61 -6.89 -55.38
CA LYS U 59 55.34 -5.52 -55.85
C LYS U 59 53.96 -5.38 -56.53
N LEU U 60 53.30 -6.52 -56.79
CA LEU U 60 51.85 -6.54 -56.85
C LEU U 60 51.27 -6.43 -55.42
N LEU U 61 52.12 -6.58 -54.40
CA LEU U 61 51.79 -6.34 -53.05
C LEU U 61 51.75 -4.87 -52.75
N ASP U 62 50.80 -4.47 -51.90
CA ASP U 62 50.79 -3.11 -51.33
C ASP U 62 51.75 -3.22 -50.15
N SER U 63 52.97 -2.70 -50.34
CA SER U 63 54.07 -2.89 -49.41
C SER U 63 53.86 -2.25 -48.04
N SER U 64 53.00 -1.23 -47.97
CA SER U 64 52.58 -0.69 -46.66
C SER U 64 51.92 -1.73 -45.75
N THR U 65 51.29 -2.77 -46.33
CA THR U 65 50.63 -3.82 -45.54
C THR U 65 51.53 -5.00 -45.24
N VAL U 66 52.78 -4.97 -45.71
CA VAL U 66 53.77 -6.02 -45.42
C VAL U 66 54.63 -5.47 -44.30
N THR U 67 54.41 -5.97 -43.10
CA THR U 67 55.14 -5.52 -41.95
C THR U 67 55.10 -6.61 -40.91
N HIS U 68 56.13 -6.67 -40.10
CA HIS U 68 56.19 -7.48 -38.91
C HIS U 68 56.37 -6.62 -37.69
N LEU U 69 56.11 -5.31 -37.82
CA LEU U 69 56.18 -4.38 -36.72
C LEU U 69 54.79 -4.06 -36.31
N PHE U 70 54.54 -4.17 -35.01
CA PHE U 70 53.19 -3.94 -34.45
C PHE U 70 53.21 -3.08 -33.20
N LYS U 71 52.23 -2.18 -33.15
CA LYS U 71 51.92 -1.40 -31.97
C LYS U 71 51.01 -2.27 -31.08
N ILE U 72 51.43 -2.47 -29.84
CA ILE U 72 50.63 -3.20 -28.84
C ILE U 72 49.79 -2.21 -28.03
N THR U 73 50.45 -1.24 -27.41
CA THR U 73 49.84 -0.03 -26.85
C THR U 73 50.56 1.14 -27.53
N GLU U 74 50.26 2.37 -27.13
CA GLU U 74 50.95 3.55 -27.66
C GLU U 74 52.45 3.58 -27.25
N ASN U 75 52.78 3.00 -26.10
CA ASN U 75 54.14 2.93 -25.59
C ASN U 75 54.83 1.55 -25.70
N ILE U 76 54.17 0.56 -26.30
CA ILE U 76 54.77 -0.76 -26.43
C ILE U 76 54.73 -1.18 -27.86
N GLY U 77 55.93 -1.48 -28.36
CA GLY U 77 56.08 -1.97 -29.72
C GLY U 77 56.55 -3.40 -29.77
N CYS U 78 56.45 -3.96 -30.96
CA CYS U 78 56.71 -5.36 -31.10
C CYS U 78 57.15 -5.76 -32.49
N VAL U 79 58.09 -6.70 -32.57
CA VAL U 79 58.43 -7.37 -33.82
C VAL U 79 58.13 -8.87 -33.70
N MET U 80 57.43 -9.40 -34.71
CA MET U 80 57.05 -10.80 -34.78
CA MET U 80 57.05 -10.80 -34.78
C MET U 80 57.94 -11.53 -35.79
N THR U 81 58.45 -12.69 -35.38
CA THR U 81 59.21 -13.57 -36.27
C THR U 81 58.53 -14.94 -36.29
N GLY U 82 58.20 -15.41 -37.49
CA GLY U 82 57.69 -16.75 -37.67
C GLY U 82 56.46 -16.82 -38.53
N MET U 83 55.61 -17.80 -38.24
CA MET U 83 54.42 -18.00 -38.99
C MET U 83 53.52 -16.75 -38.79
N THR U 84 53.04 -16.23 -39.91
CA THR U 84 52.47 -14.90 -39.97
C THR U 84 51.14 -14.85 -39.25
N ALA U 85 50.20 -15.72 -39.64
CA ALA U 85 48.88 -15.79 -39.03
C ALA U 85 48.98 -16.09 -37.53
N ASP U 86 49.84 -17.01 -37.15
CA ASP U 86 50.10 -17.22 -35.73
C ASP U 86 50.55 -15.94 -35.02
N SER U 87 51.49 -15.24 -35.67
CA SER U 87 52.01 -13.98 -35.17
C SER U 87 50.91 -12.91 -34.97
N ARG U 88 50.05 -12.73 -35.98
CA ARG U 88 48.97 -11.79 -35.93
C ARG U 88 48.06 -12.09 -34.70
N SER U 89 47.74 -13.35 -34.49
CA SER U 89 46.96 -13.84 -33.36
C SER U 89 47.64 -13.53 -32.03
N GLN U 90 48.96 -13.69 -31.97
CA GLN U 90 49.63 -13.40 -30.71
C GLN U 90 49.66 -11.88 -30.45
N VAL U 91 49.70 -11.07 -31.52
CA VAL U 91 49.66 -9.62 -31.41
C VAL U 91 48.27 -9.17 -30.82
N GLN U 92 47.17 -9.71 -31.35
CA GLN U 92 45.84 -9.48 -30.79
C GLN U 92 45.74 -9.85 -29.34
N ARG U 93 46.26 -10.97 -28.98
CA ARG U 93 46.20 -11.34 -27.61
C ARG U 93 46.97 -10.34 -26.73
N ALA U 94 48.16 -9.96 -27.17
CA ALA U 94 48.97 -8.98 -26.44
C ALA U 94 48.23 -7.64 -26.27
N ARG U 95 47.61 -7.15 -27.32
CA ARG U 95 46.82 -5.93 -27.28
C ARG U 95 45.68 -6.03 -26.28
N TYR U 96 45.00 -7.17 -26.30
CA TYR U 96 43.89 -7.44 -25.42
C TYR U 96 44.41 -7.47 -23.97
N GLU U 97 45.53 -8.17 -23.73
CA GLU U 97 46.06 -8.27 -22.36
C GLU U 97 46.43 -6.92 -21.81
N ALA U 98 47.03 -6.09 -22.67
CA ALA U 98 47.49 -4.74 -22.28
C ALA U 98 46.34 -3.77 -21.98
N ALA U 99 45.33 -3.78 -22.84
CA ALA U 99 44.13 -2.97 -22.63
C ALA U 99 43.41 -3.37 -21.33
N ASN U 100 43.27 -4.66 -21.10
CA ASN U 100 42.62 -5.16 -19.94
C ASN U 100 43.39 -4.77 -18.66
N TRP U 101 44.71 -4.89 -18.66
CA TRP U 101 45.54 -4.51 -17.52
C TRP U 101 45.28 -3.06 -17.13
N LYS U 102 45.29 -2.20 -18.13
CA LYS U 102 45.07 -0.79 -17.93
C LYS U 102 43.68 -0.48 -17.33
N TYR U 103 42.68 -1.19 -17.84
CA TYR U 103 41.31 -1.07 -17.36
C TYR U 103 41.16 -1.48 -15.90
N LYS U 104 41.78 -2.58 -15.52
CA LYS U 104 41.69 -3.07 -14.16
C LYS U 104 42.56 -2.38 -13.14
N TYR U 105 43.75 -1.98 -13.55
CA TYR U 105 44.78 -1.55 -12.59
C TYR U 105 45.17 -0.11 -12.66
N GLY U 106 44.77 0.58 -13.73
CA GLY U 106 44.91 2.04 -13.83
C GLY U 106 46.24 2.60 -14.27
N TYR U 107 47.08 1.74 -14.85
CA TYR U 107 48.40 2.13 -15.30
C TYR U 107 48.82 1.18 -16.37
N GLU U 108 49.69 1.65 -17.25
CA GLU U 108 50.14 0.88 -18.43
C GLU U 108 50.87 -0.41 -18.04
N ILE U 109 50.60 -1.49 -18.77
CA ILE U 109 51.29 -2.77 -18.47
C ILE U 109 52.83 -2.58 -18.65
N PRO U 110 53.65 -2.98 -17.64
CA PRO U 110 55.06 -3.09 -17.83
C PRO U 110 55.36 -4.10 -18.94
N VAL U 111 56.42 -3.84 -19.72
CA VAL U 111 56.81 -4.73 -20.81
C VAL U 111 57.11 -6.12 -20.27
N ASP U 112 57.79 -6.20 -19.13
CA ASP U 112 58.12 -7.52 -18.56
C ASP U 112 56.89 -8.38 -18.20
N MET U 113 55.84 -7.71 -17.76
CA MET U 113 54.58 -8.35 -17.40
C MET U 113 53.85 -8.78 -18.64
N LEU U 114 53.83 -7.96 -19.69
CA LEU U 114 53.15 -8.34 -20.89
C LEU U 114 53.80 -9.61 -21.54
N CYS U 115 55.14 -9.60 -21.57
CA CYS U 115 55.91 -10.68 -22.09
C CYS U 115 55.63 -11.93 -21.27
N LYS U 116 55.66 -11.79 -19.96
CA LYS U 116 55.39 -12.92 -19.06
C LYS U 116 54.03 -13.54 -19.30
N ARG U 117 53.04 -12.66 -19.45
CA ARG U 117 51.70 -13.09 -19.70
C ARG U 117 51.58 -13.87 -21.00
N ILE U 118 52.13 -13.34 -22.07
CA ILE U 118 52.12 -14.07 -23.36
C ILE U 118 52.87 -15.45 -23.26
N ALA U 119 53.96 -15.48 -22.52
CA ALA U 119 54.71 -16.69 -22.29
C ALA U 119 53.93 -17.73 -21.49
N ASP U 120 53.22 -17.26 -20.47
CA ASP U 120 52.38 -18.13 -19.65
C ASP U 120 51.24 -18.75 -20.49
N ILE U 121 50.71 -17.98 -21.43
CA ILE U 121 49.68 -18.46 -22.35
C ILE U 121 50.27 -19.49 -23.31
N SER U 122 51.46 -19.20 -23.83
CA SER U 122 52.17 -20.18 -24.70
C SER U 122 52.42 -21.48 -23.93
N GLN U 123 52.77 -21.34 -22.65
CA GLN U 123 53.02 -22.52 -21.83
C GLN U 123 51.85 -23.51 -21.87
N VAL U 124 50.61 -22.99 -21.83
CA VAL U 124 49.45 -23.84 -21.79
C VAL U 124 49.42 -24.77 -23.01
N TYR U 125 49.85 -24.28 -24.17
CA TYR U 125 49.85 -25.12 -25.36
C TYR U 125 50.97 -26.19 -25.33
N THR U 126 51.93 -26.08 -24.44
CA THR U 126 52.96 -27.09 -24.31
C THR U 126 52.54 -28.23 -23.38
N GLN U 127 51.46 -28.03 -22.66
CA GLN U 127 50.99 -28.97 -21.65
C GLN U 127 49.62 -29.59 -21.96
N ASN U 128 48.84 -28.99 -22.86
CA ASN U 128 47.53 -29.46 -23.19
C ASN U 128 47.56 -30.06 -24.59
N ALA U 129 47.13 -31.30 -24.79
CA ALA U 129 47.34 -32.04 -26.06
C ALA U 129 46.55 -31.57 -27.30
N GLU U 130 45.46 -30.86 -27.09
CA GLU U 130 44.51 -30.65 -28.20
C GLU U 130 44.85 -29.53 -29.22
N MET U 131 45.75 -28.64 -28.86
CA MET U 131 46.17 -27.57 -29.81
C MET U 131 47.68 -27.57 -29.99
N ARG U 132 48.18 -27.04 -31.10
CA ARG U 132 49.61 -26.91 -31.27
C ARG U 132 50.14 -25.66 -30.66
N PRO U 133 51.44 -25.64 -30.38
CA PRO U 133 52.04 -24.33 -30.14
C PRO U 133 51.94 -23.41 -31.36
N LEU U 134 52.05 -22.10 -31.10
CA LEU U 134 52.11 -21.12 -32.18
C LEU U 134 53.57 -21.12 -32.65
N GLY U 135 53.76 -21.17 -33.97
CA GLY U 135 55.09 -21.17 -34.55
C GLY U 135 55.67 -19.77 -34.72
N CYS U 136 55.83 -19.07 -33.61
CA CYS U 136 56.26 -17.68 -33.65
C CYS U 136 56.94 -17.22 -32.38
N YCM U 137 57.66 -16.13 -32.56
CA YCM U 137 58.48 -15.49 -31.55
CB YCM U 137 59.88 -15.67 -32.12
SG YCM U 137 60.97 -15.31 -30.79
CD YCM U 137 61.60 -17.01 -30.60
CE YCM U 137 63.07 -17.45 -30.92
OZ1 YCM U 137 63.85 -17.65 -29.97
NZ2 YCM U 137 63.47 -17.71 -32.19
C YCM U 137 58.18 -14.02 -31.50
O YCM U 137 58.05 -13.37 -32.54
N MET U 138 58.08 -13.47 -30.30
CA MET U 138 57.64 -12.07 -30.10
C MET U 138 58.74 -11.37 -29.38
N ILE U 139 59.15 -10.24 -29.95
CA ILE U 139 60.06 -9.33 -29.24
C ILE U 139 59.34 -8.02 -28.95
N LEU U 140 59.39 -7.60 -27.69
CA LEU U 140 58.67 -6.39 -27.22
C LEU U 140 59.67 -5.33 -26.82
N ILE U 141 59.44 -4.08 -27.24
CA ILE U 141 60.18 -2.93 -26.69
C ILE U 141 59.26 -1.91 -25.98
N GLY U 142 59.78 -1.30 -24.92
CA GLY U 142 59.11 -0.18 -24.24
C GLY U 142 60.00 0.48 -23.20
N ILE U 143 59.58 1.65 -22.72
CA ILE U 143 60.29 2.31 -21.64
C ILE U 143 59.60 2.00 -20.32
N ASP U 144 60.35 1.53 -19.34
CA ASP U 144 59.93 1.49 -17.95
C ASP U 144 60.36 2.76 -17.18
N GLU U 145 59.47 3.27 -16.34
CA GLU U 145 59.69 4.50 -15.52
C GLU U 145 60.90 4.43 -14.57
N GLU U 146 61.15 3.25 -13.99
CA GLU U 146 62.33 3.03 -13.14
C GLU U 146 63.54 2.40 -13.89
N GLN U 147 63.30 1.30 -14.65
CA GLN U 147 64.42 0.52 -15.29
C GLN U 147 64.97 1.10 -16.63
N GLY U 148 64.27 2.06 -17.26
CA GLY U 148 64.66 2.59 -18.58
C GLY U 148 64.17 1.72 -19.73
N PRO U 149 64.78 1.85 -20.92
CA PRO U 149 64.39 1.05 -22.09
C PRO U 149 64.47 -0.46 -21.84
N GLN U 150 63.53 -1.19 -22.39
CA GLN U 150 63.50 -2.62 -22.18
C GLN U 150 63.32 -3.32 -23.52
N VAL U 151 64.02 -4.46 -23.68
CA VAL U 151 63.66 -5.43 -24.73
C VAL U 151 63.43 -6.80 -24.07
N TYR U 152 62.32 -7.41 -24.45
CA TYR U 152 61.89 -8.69 -23.94
C TYR U 152 61.50 -9.57 -25.11
N LYS U 153 61.71 -10.86 -24.92
CA LYS U 153 61.37 -11.87 -25.92
C LYS U 153 60.75 -13.04 -25.24
N CYS U 154 59.73 -13.60 -25.84
CA CYS U 154 59.20 -14.89 -25.44
C CYS U 154 59.08 -15.83 -26.67
N ASP U 155 59.02 -17.13 -26.41
CA ASP U 155 59.09 -18.14 -27.46
C ASP U 155 58.00 -19.20 -27.31
N PRO U 156 57.88 -20.13 -28.27
CA PRO U 156 56.80 -21.13 -28.17
C PRO U 156 56.89 -22.14 -27.04
N ALA U 157 58.04 -22.22 -26.37
CA ALA U 157 58.17 -23.07 -25.19
C ALA U 157 57.60 -22.41 -23.95
N GLY U 158 57.27 -21.12 -24.06
CA GLY U 158 56.87 -20.30 -22.91
C GLY U 158 58.03 -19.75 -22.10
N TYR U 159 59.25 -19.81 -22.62
CA TYR U 159 60.40 -19.15 -21.96
C TYR U 159 60.32 -17.65 -22.30
N TYR U 160 60.80 -16.80 -21.39
CA TYR U 160 60.88 -15.37 -21.69
C TYR U 160 62.07 -14.75 -20.98
N 6V1 U 161 62.56 -13.66 -21.53
CA 6V1 U 161 63.63 -12.95 -20.89
C 6V1 U 161 63.70 -11.53 -21.34
O 6V1 U 161 63.21 -11.18 -22.43
CB 6V1 U 161 64.94 -13.68 -21.22
SG 6V1 U 161 66.18 -13.26 -20.04
C1 6V1 U 161 66.16 -14.46 -18.72
C2 6V1 U 161 66.59 -15.90 -19.06
N3 6V1 U 161 67.66 -16.26 -18.33
C4 6V1 U 161 68.11 -15.21 -17.60
C5 6V1 U 161 67.15 -14.03 -17.63
C6 6V1 U 161 68.19 -17.64 -18.27
O7 6V1 U 161 66.00 -16.64 -19.85
O8 6V1 U 161 69.13 -15.15 -16.93
C3 6V1 U 161 68.86 -18.00 -19.58
N GLY U 162 64.32 -10.72 -20.46
CA GLY U 162 64.83 -9.39 -20.78
C GLY U 162 66.25 -9.49 -21.35
N PHE U 163 66.54 -8.65 -22.34
CA PHE U 163 67.81 -8.69 -23.04
C PHE U 163 68.47 -7.32 -23.14
N LYS U 164 69.79 -7.33 -23.23
CA LYS U 164 70.58 -6.17 -23.65
C LYS U 164 70.49 -6.00 -25.17
N ALA U 165 70.54 -7.13 -25.86
CA ALA U 165 70.18 -7.21 -27.27
C ALA U 165 69.81 -8.65 -27.57
N THR U 166 69.07 -8.89 -28.64
CA THR U 166 68.69 -10.25 -29.01
C THR U 166 68.25 -10.34 -30.45
N ALA U 167 67.90 -11.56 -30.86
CA ALA U 167 67.50 -11.82 -32.24
C ALA U 167 66.58 -12.99 -32.35
N ALA U 168 65.97 -13.11 -33.52
CA ALA U 168 65.03 -14.18 -33.80
C ALA U 168 65.10 -14.53 -35.26
N GLY U 169 64.74 -15.78 -35.60
CA GLY U 169 64.64 -16.23 -37.00
C GLY U 169 65.90 -16.91 -37.54
N VAL U 170 65.99 -16.99 -38.87
CA VAL U 170 66.89 -17.92 -39.55
C VAL U 170 68.36 -17.72 -39.10
N LYS U 171 68.78 -16.46 -38.93
CA LYS U 171 70.18 -16.12 -38.52
C LYS U 171 70.32 -15.71 -37.05
N GLN U 172 69.48 -16.28 -36.17
CA GLN U 172 69.50 -15.98 -34.73
C GLN U 172 70.84 -16.21 -34.05
N THR U 173 71.41 -17.40 -34.24
CA THR U 173 72.70 -17.81 -33.62
C THR U 173 73.92 -16.95 -34.12
N GLU U 174 73.90 -16.56 -35.39
CA GLU U 174 74.92 -15.66 -36.00
C GLU U 174 74.75 -14.22 -35.49
N SER U 175 73.51 -13.72 -35.39
CA SER U 175 73.23 -12.41 -34.76
C SER U 175 73.61 -12.38 -33.28
N THR U 176 73.27 -13.44 -32.56
CA THR U 176 73.70 -13.62 -31.16
C THR U 176 75.22 -13.52 -31.00
N SER U 177 75.98 -14.29 -31.79
CA SER U 177 77.46 -14.18 -31.81
C SER U 177 77.98 -12.77 -32.12
N PHE U 178 77.38 -12.12 -33.12
CA PHE U 178 77.78 -10.75 -33.51
C PHE U 178 77.58 -9.80 -32.32
N LEU U 179 76.39 -9.89 -31.70
CA LEU U 179 76.01 -9.01 -30.60
C LEU U 179 76.82 -9.32 -29.33
N GLU U 180 77.04 -10.60 -29.04
CA GLU U 180 77.96 -11.04 -27.96
C GLU U 180 79.35 -10.39 -28.01
N LYS U 181 80.08 -10.55 -29.13
CA LYS U 181 81.44 -9.94 -29.29
C LYS U 181 81.39 -8.39 -29.19
N LYS U 182 80.32 -7.79 -29.67
CA LYS U 182 80.12 -6.33 -29.59
C LYS U 182 79.77 -5.82 -28.16
N VAL U 183 78.84 -6.49 -27.47
CA VAL U 183 78.46 -6.21 -26.06
C VAL U 183 79.58 -6.56 -25.05
N LYS U 184 80.53 -7.45 -25.43
CA LYS U 184 81.65 -7.84 -24.55
C LYS U 184 82.58 -6.70 -24.14
N LYS U 185 82.76 -5.70 -25.00
CA LYS U 185 83.49 -4.43 -24.65
C LYS U 185 82.74 -3.42 -23.73
N LYS U 186 83.53 -2.79 -22.84
CA LYS U 186 83.11 -1.65 -21.97
C LYS U 186 83.71 -0.35 -22.52
N GLN U 193 75.93 3.59 -30.24
CA GLN U 193 74.77 3.92 -31.09
C GLN U 193 73.81 2.72 -31.37
N THR U 194 72.59 2.76 -30.85
CA THR U 194 71.72 1.57 -30.82
C THR U 194 71.08 1.20 -32.19
N VAL U 195 70.57 2.19 -32.92
CA VAL U 195 70.03 1.92 -34.27
C VAL U 195 71.15 1.46 -35.23
N GLU U 196 72.33 2.09 -35.17
CA GLU U 196 73.45 1.66 -35.98
C GLU U 196 73.83 0.19 -35.70
N THR U 197 73.93 -0.21 -34.42
CA THR U 197 74.30 -1.59 -34.05
C THR U 197 73.30 -2.61 -34.59
N ALA U 198 72.01 -2.28 -34.47
CA ALA U 198 70.99 -3.21 -34.91
C ALA U 198 71.00 -3.48 -36.42
N ILE U 199 71.17 -2.42 -37.20
CA ILE U 199 71.13 -2.53 -38.66
C ILE U 199 72.47 -3.12 -39.18
N THR U 200 73.60 -2.71 -38.59
CA THR U 200 74.93 -3.34 -38.83
C THR U 200 74.90 -4.86 -38.54
N CYS U 201 74.37 -5.27 -37.38
CA CYS U 201 74.24 -6.70 -37.03
C CYS U 201 73.46 -7.45 -38.10
N LEU U 202 72.29 -6.92 -38.43
CA LEU U 202 71.46 -7.59 -39.43
C LEU U 202 72.14 -7.70 -40.80
N SER U 203 72.87 -6.65 -41.19
CA SER U 203 73.48 -6.55 -42.52
C SER U 203 74.70 -7.49 -42.64
N THR U 204 75.48 -7.60 -41.56
CA THR U 204 76.57 -8.57 -41.44
C THR U 204 76.08 -10.00 -41.59
N VAL U 205 75.18 -10.43 -40.71
CA VAL U 205 74.77 -11.85 -40.67
C VAL U 205 74.06 -12.33 -41.95
N LEU U 206 73.41 -11.42 -42.67
CA LEU U 206 72.81 -11.68 -44.01
C LEU U 206 73.72 -11.33 -45.20
N SER U 207 74.81 -10.60 -44.93
CA SER U 207 75.71 -10.09 -45.97
C SER U 207 75.00 -9.33 -47.11
N ILE U 208 74.12 -8.39 -46.76
CA ILE U 208 73.32 -7.71 -47.78
C ILE U 208 73.72 -6.25 -48.04
N ASP U 209 73.79 -5.41 -47.01
CA ASP U 209 73.98 -3.94 -47.22
C ASP U 209 72.71 -3.33 -47.86
N PHE U 210 71.80 -2.87 -47.00
CA PHE U 210 70.40 -2.70 -47.36
C PHE U 210 70.07 -1.44 -48.15
N LYS U 211 69.02 -1.54 -48.97
CA LYS U 211 68.22 -0.38 -49.38
C LYS U 211 67.24 -0.02 -48.24
N PRO U 212 66.80 1.25 -48.18
CA PRO U 212 65.90 1.64 -47.10
C PRO U 212 64.51 0.95 -47.09
N SER U 213 64.06 0.44 -48.24
CA SER U 213 62.81 -0.36 -48.35
C SER U 213 62.96 -1.86 -47.99
N GLU U 214 64.17 -2.32 -47.70
CA GLU U 214 64.42 -3.73 -47.35
C GLU U 214 64.53 -3.99 -45.85
N ILE U 215 64.43 -2.92 -45.04
CA ILE U 215 64.25 -3.09 -43.59
C ILE U 215 63.12 -2.24 -43.06
N GLU U 216 62.71 -2.57 -41.83
CA GLU U 216 61.76 -1.80 -41.03
C GLU U 216 62.43 -1.57 -39.70
N VAL U 217 62.18 -0.39 -39.14
CA VAL U 217 62.78 0.01 -37.87
C VAL U 217 61.70 0.62 -36.96
N GLY U 218 61.74 0.19 -35.70
CA GLY U 218 60.84 0.67 -34.68
C GLY U 218 61.67 1.09 -33.49
N VAL U 219 61.24 2.18 -32.84
CA VAL U 219 61.96 2.76 -31.69
C VAL U 219 61.01 3.20 -30.58
N VAL U 220 61.55 3.19 -29.38
CA VAL U 220 60.97 3.91 -28.25
C VAL U 220 62.17 4.58 -27.62
N THR U 221 61.98 5.80 -27.10
CA THR U 221 63.07 6.53 -26.42
C THR U 221 62.56 7.09 -25.09
N VAL U 222 63.48 7.29 -24.14
CA VAL U 222 63.18 7.90 -22.83
C VAL U 222 62.49 9.28 -22.99
N GLU U 223 62.96 10.06 -23.96
CA GLU U 223 62.38 11.35 -24.33
C GLU U 223 61.03 11.25 -25.01
N ASN U 224 60.87 10.24 -25.88
CA ASN U 224 59.66 10.07 -26.69
C ASN U 224 59.22 8.63 -26.57
N PRO U 225 58.48 8.32 -25.48
CA PRO U 225 58.22 6.89 -25.23
C PRO U 225 57.19 6.26 -26.14
N LYS U 226 56.46 7.04 -26.94
CA LYS U 226 55.50 6.51 -27.91
C LYS U 226 56.20 5.69 -28.99
N PHE U 227 55.83 4.42 -29.15
CA PHE U 227 56.39 3.54 -30.19
C PHE U 227 56.27 4.21 -31.54
N ARG U 228 57.39 4.28 -32.24
CA ARG U 228 57.46 4.94 -33.53
C ARG U 228 58.07 4.03 -34.58
N ILE U 229 57.45 4.01 -35.76
CA ILE U 229 57.95 3.29 -36.92
C ILE U 229 58.62 4.32 -37.83
N LEU U 230 59.87 4.06 -38.20
CA LEU U 230 60.62 4.99 -39.07
C LEU U 230 60.10 4.95 -40.49
N THR U 231 60.15 6.10 -41.15
CA THR U 231 59.87 6.20 -42.56
C THR U 231 61.11 5.77 -43.35
N GLU U 232 60.93 5.60 -44.65
CA GLU U 232 62.00 5.20 -45.55
C GLU U 232 63.14 6.24 -45.53
N ALA U 233 62.74 7.51 -45.58
CA ALA U 233 63.70 8.60 -45.51
C ALA U 233 64.52 8.57 -44.22
N GLU U 234 63.86 8.35 -43.09
CA GLU U 234 64.56 8.31 -41.80
C GLU U 234 65.57 7.15 -41.75
N ILE U 235 65.14 5.99 -42.24
CA ILE U 235 66.01 4.80 -42.38
C ILE U 235 67.19 5.08 -43.33
N ASP U 236 66.88 5.66 -44.48
CA ASP U 236 67.93 6.08 -45.43
C ASP U 236 69.02 6.93 -44.77
N ALA U 237 68.62 7.88 -43.93
CA ALA U 237 69.60 8.77 -43.27
C ALA U 237 70.57 7.99 -42.36
N HIS U 238 70.10 6.89 -41.77
CA HIS U 238 70.96 6.01 -40.98
C HIS U 238 71.86 5.17 -41.87
N LEU U 239 71.29 4.66 -42.97
CA LEU U 239 72.05 3.87 -43.95
C LEU U 239 73.18 4.68 -44.57
N VAL U 240 72.87 5.92 -44.93
CA VAL U 240 73.88 6.84 -45.46
C VAL U 240 74.96 7.14 -44.41
N ALA U 241 74.57 7.32 -43.14
CA ALA U 241 75.52 7.69 -42.07
C ALA U 241 76.51 6.57 -41.76
N LEU U 242 76.02 5.33 -41.83
CA LEU U 242 76.87 4.13 -41.73
C LEU U 242 77.84 3.97 -42.88
N ALA U 243 77.37 4.16 -44.11
CA ALA U 243 78.18 4.03 -45.34
C ALA U 243 79.46 4.88 -45.39
N GLU U 244 79.49 5.98 -44.62
CA GLU U 244 80.60 6.93 -44.65
C GLU U 244 81.60 6.70 -43.51
N ARG U 245 81.38 5.61 -42.75
CA ARG U 245 82.25 5.01 -41.70
C ARG U 245 82.93 6.07 -40.83
N THR V 1 30.64 6.62 13.02
CA THR V 1 32.04 6.63 12.60
C THR V 1 32.43 7.99 12.06
N THR V 2 33.66 8.40 12.40
CA THR V 2 34.31 9.50 11.73
C THR V 2 35.65 9.00 11.19
N ILE V 3 35.83 9.10 9.87
CA ILE V 3 37.11 8.84 9.24
C ILE V 3 37.45 9.97 8.33
N ALA V 4 38.73 10.18 8.16
CA ALA V 4 39.23 11.35 7.42
C ALA V 4 40.64 11.10 6.91
N GLY V 5 40.99 11.87 5.88
CA GLY V 5 42.32 11.86 5.35
C GLY V 5 42.71 13.23 4.80
N VAL V 6 44.02 13.48 4.82
CA VAL V 6 44.62 14.72 4.35
C VAL V 6 45.91 14.42 3.61
N VAL V 7 46.16 15.18 2.54
CA VAL V 7 47.42 15.20 1.84
C VAL V 7 48.25 16.31 2.43
N TYR V 8 49.45 16.00 2.94
CA TYR V 8 50.41 17.01 3.43
C TYR V 8 51.67 17.08 2.56
N LYS V 9 52.63 17.93 2.93
CA LYS V 9 53.76 18.24 2.03
C LYS V 9 54.45 16.96 1.55
N ASP V 10 54.65 16.01 2.47
CA ASP V 10 55.44 14.79 2.27
C ASP V 10 54.67 13.49 2.23
N GLY V 11 53.33 13.52 2.15
CA GLY V 11 52.55 12.28 2.26
C GLY V 11 51.08 12.45 2.59
N ILE V 12 50.57 11.48 3.36
CA ILE V 12 49.15 11.34 3.68
C ILE V 12 49.05 11.17 5.20
N VAL V 13 48.03 11.80 5.79
CA VAL V 13 47.59 11.43 7.14
C VAL V 13 46.14 10.98 7.10
N LEU V 14 45.89 9.78 7.64
CA LEU V 14 44.56 9.20 7.78
C LEU V 14 44.20 9.16 9.25
N GLY V 15 42.91 9.29 9.50
CA GLY V 15 42.39 9.30 10.86
C GLY V 15 41.08 8.56 11.00
N ALA V 16 40.85 8.04 12.20
CA ALA V 16 39.60 7.41 12.54
C ALA V 16 39.30 7.44 14.01
N ASP V 17 38.01 7.39 14.34
CA ASP V 17 37.60 7.13 15.71
C ASP V 17 37.62 5.63 15.94
N THR V 18 37.33 5.19 17.17
CA THR V 18 37.33 3.76 17.50
C THR V 18 36.03 3.18 18.07
N ARG V 19 34.88 3.81 17.82
CA ARG V 19 33.59 3.29 18.29
C ARG V 19 32.87 2.47 17.24
N ALA V 20 32.31 1.33 17.62
CA ALA V 20 31.36 0.64 16.78
C ALA V 20 30.05 0.50 17.53
N THR V 21 28.95 0.79 16.87
CA THR V 21 27.62 0.72 17.47
C THR V 21 26.75 -0.33 16.82
N GLU V 22 25.84 -0.90 17.59
CA GLU V 22 24.82 -1.83 17.13
C GLU V 22 23.57 -1.15 17.61
N GLY V 23 22.78 -0.61 16.69
CA GLY V 23 21.69 0.27 17.06
C GLY V 23 22.25 1.56 17.67
N MET V 24 21.74 1.92 18.85
CA MET V 24 22.21 3.10 19.57
C MET V 24 22.93 2.65 20.87
N VAL V 25 23.60 1.52 20.77
CA VAL V 25 24.43 0.95 21.82
C VAL V 25 25.84 0.78 21.31
N VAL V 26 26.81 1.07 22.15
CA VAL V 26 28.22 0.88 21.81
C VAL V 26 28.58 -0.58 22.06
N ALA V 27 28.98 -1.23 21.00
CA ALA V 27 29.35 -2.65 21.00
C ALA V 27 30.84 -2.77 21.22
N ASP V 28 31.61 -1.94 20.52
CA ASP V 28 33.05 -1.91 20.64
C ASP V 28 33.51 -0.52 20.94
N LYS V 29 34.28 -0.39 22.02
CA LYS V 29 34.91 0.86 22.36
C LYS V 29 36.21 1.07 21.65
N ASN V 30 36.88 -0.01 21.23
CA ASN V 30 38.23 0.12 20.61
C ASN V 30 38.38 -0.69 19.32
N CYS V 31 37.54 -0.31 18.40
CA CYS V 31 37.47 -0.89 17.11
C CYS V 31 38.58 -0.25 16.29
N SER V 32 39.15 -1.02 15.36
CA SER V 32 40.23 -0.54 14.48
C SER V 32 39.67 -0.31 13.10
N LYS V 33 39.68 0.94 12.65
CA LYS V 33 39.07 1.31 11.37
C LYS V 33 40.05 1.68 10.27
N ILE V 34 41.33 1.71 10.58
CA ILE V 34 42.37 1.98 9.60
C ILE V 34 42.96 0.61 9.18
N HIS V 35 42.56 0.16 7.98
CA HIS V 35 42.91 -1.15 7.41
C HIS V 35 44.17 -1.17 6.52
N PHE V 36 45.03 -2.17 6.72
CA PHE V 36 46.19 -2.40 5.86
C PHE V 36 45.70 -2.78 4.45
N ILE V 37 46.20 -2.06 3.44
CA ILE V 37 46.04 -2.50 2.05
C ILE V 37 47.36 -3.11 1.55
N SER V 38 48.42 -2.33 1.60
CA SER V 38 49.79 -2.78 1.35
C SER V 38 50.73 -1.98 2.25
N PRO V 39 52.04 -2.30 2.26
CA PRO V 39 52.92 -1.54 3.20
C PRO V 39 52.97 -0.02 2.97
N ASN V 40 52.63 0.45 1.76
CA ASN V 40 52.56 1.87 1.42
C ASN V 40 51.13 2.43 1.20
N ILE V 41 50.09 1.62 1.46
CA ILE V 41 48.68 2.02 1.26
C ILE V 41 47.80 1.53 2.40
N TYR V 42 47.02 2.45 2.97
CA TYR V 42 46.02 2.11 3.98
C TYR V 42 44.65 2.68 3.60
N CYS V 43 43.62 2.23 4.30
CA CYS V 43 42.24 2.50 3.92
C CYS V 43 41.34 2.53 5.16
N CYS V 44 40.79 3.69 5.47
CA CYS V 44 39.82 3.83 6.57
C CYS V 44 38.49 3.36 6.07
N GLY V 45 37.71 2.75 6.96
CA GLY V 45 36.40 2.21 6.56
C GLY V 45 35.27 2.69 7.43
N ALA V 46 34.16 3.02 6.81
CA ALA V 46 32.91 3.39 7.49
C ALA V 46 31.76 2.72 6.77
N GLY V 47 30.74 2.34 7.50
CA GLY V 47 29.57 1.70 6.89
C GLY V 47 29.39 0.40 7.59
N THR V 48 28.98 -0.61 6.85
CA THR V 48 28.77 -1.93 7.40
C THR V 48 30.13 -2.56 7.69
N ALA V 49 30.42 -2.88 8.95
CA ALA V 49 31.73 -3.30 9.32
C ALA V 49 32.20 -4.57 8.65
N ALA V 50 31.32 -5.57 8.49
CA ALA V 50 31.69 -6.81 7.81
C ALA V 50 32.13 -6.50 6.38
N ASP V 51 31.45 -5.54 5.76
CA ASP V 51 31.73 -5.17 4.37
C ASP V 51 33.03 -4.39 4.19
N THR V 52 33.37 -3.50 5.11
CA THR V 52 34.60 -2.73 4.99
C THR V 52 35.79 -3.65 5.27
N ASP V 53 35.65 -4.53 6.25
CA ASP V 53 36.65 -5.52 6.60
C ASP V 53 36.93 -6.50 5.45
N MET V 54 35.89 -7.13 4.92
CA MET V 54 36.08 -8.10 3.85
C MET V 54 36.55 -7.46 2.56
N THR V 55 36.04 -6.30 2.25
CA THR V 55 36.40 -5.62 1.01
C THR V 55 37.88 -5.22 1.02
N THR V 56 38.35 -4.68 2.14
CA THR V 56 39.75 -4.27 2.25
C THR V 56 40.72 -5.47 2.28
N GLN V 57 40.37 -6.52 3.01
CA GLN V 57 41.13 -7.75 2.98
C GLN V 57 41.27 -8.33 1.58
N LEU V 58 40.17 -8.37 0.84
CA LEU V 58 40.16 -8.97 -0.47
C LEU V 58 41.06 -8.14 -1.39
N ILE V 59 40.88 -6.84 -1.38
CA ILE V 59 41.70 -6.00 -2.25
C ILE V 59 43.19 -6.05 -1.87
N SER V 60 43.48 -6.08 -0.57
CA SER V 60 44.84 -6.19 -0.06
C SER V 60 45.54 -7.45 -0.55
N SER V 61 44.80 -8.53 -0.45
CA SER V 61 45.19 -9.86 -0.89
C SER V 61 45.52 -9.89 -2.37
N ASN V 62 44.64 -9.32 -3.19
CA ASN V 62 44.83 -9.24 -4.62
C ASN V 62 45.97 -8.35 -5.01
N LEU V 63 46.21 -7.28 -4.22
CA LEU V 63 47.40 -6.44 -4.43
C LEU V 63 48.70 -7.09 -4.04
N GLU V 64 48.68 -7.97 -3.05
CA GLU V 64 49.87 -8.68 -2.67
C GLU V 64 50.21 -9.65 -3.82
N LEU V 65 49.22 -10.36 -4.36
CA LEU V 65 49.38 -11.17 -5.58
C LEU V 65 49.97 -10.33 -6.71
N HIS V 66 49.41 -9.16 -6.92
CA HIS V 66 49.84 -8.28 -7.97
C HIS V 66 51.32 -7.89 -7.83
N SER V 67 51.69 -7.47 -6.62
CA SER V 67 53.07 -7.02 -6.38
C SER V 67 54.10 -8.14 -6.30
N LEU V 68 53.70 -9.32 -5.86
CA LEU V 68 54.51 -10.53 -5.95
C LEU V 68 54.86 -10.82 -7.40
N SER V 69 53.88 -10.65 -8.28
CA SER V 69 54.04 -10.88 -9.70
C SER V 69 54.89 -9.81 -10.36
N THR V 70 54.54 -8.54 -10.14
CA THR V 70 55.28 -7.41 -10.73
C THR V 70 56.64 -7.13 -10.10
N GLY V 71 56.83 -7.59 -8.86
CA GLY V 71 58.02 -7.27 -8.07
C GLY V 71 58.16 -5.77 -7.73
N ARG V 72 57.09 -5.01 -7.79
CA ARG V 72 57.11 -3.56 -7.54
C ARG V 72 56.14 -3.23 -6.45
N LEU V 73 56.33 -2.06 -5.93
CA LEU V 73 55.41 -1.53 -4.96
C LEU V 73 54.07 -1.18 -5.65
N PRO V 74 52.96 -1.52 -5.01
CA PRO V 74 51.67 -1.21 -5.62
C PRO V 74 51.35 0.29 -5.70
N ARG V 75 50.45 0.63 -6.60
CA ARG V 75 50.01 1.99 -6.79
C ARG V 75 48.62 2.19 -6.21
N VAL V 76 48.36 3.42 -5.76
CA VAL V 76 47.10 3.73 -5.09
C VAL V 76 46.00 3.70 -6.11
N VAL V 77 46.25 4.16 -7.33
CA VAL V 77 45.28 4.05 -8.41
C VAL V 77 44.78 2.60 -8.63
N THR V 78 45.63 1.62 -8.39
CA THR V 78 45.25 0.22 -8.56
C THR V 78 44.29 -0.24 -7.47
N ALA V 79 44.60 0.10 -6.21
CA ALA V 79 43.66 -0.13 -5.11
C ALA V 79 42.32 0.55 -5.39
N ASN V 80 42.39 1.79 -5.86
CA ASN V 80 41.17 2.55 -6.17
C ASN V 80 40.31 1.88 -7.22
N ARG V 81 40.89 1.51 -8.34
CA ARG V 81 40.19 0.77 -9.41
C ARG V 81 39.56 -0.53 -8.96
N MET V 82 40.32 -1.31 -8.20
CA MET V 82 39.81 -2.60 -7.76
C MET V 82 38.60 -2.40 -6.81
N LEU V 83 38.72 -1.47 -5.88
CA LEU V 83 37.63 -1.24 -4.94
C LEU V 83 36.41 -0.71 -5.66
N LYS V 84 36.59 0.27 -6.51
CA LYS V 84 35.44 0.93 -7.14
C LYS V 84 34.73 0.05 -8.15
N GLN V 85 35.47 -0.77 -8.88
CA GLN V 85 34.85 -1.74 -9.79
C GLN V 85 34.07 -2.84 -9.07
N MET V 86 34.56 -3.27 -7.93
CA MET V 86 33.84 -4.24 -7.17
C MET V 86 32.57 -3.62 -6.59
N LEU V 87 32.72 -2.47 -5.93
CA LEU V 87 31.58 -1.78 -5.33
C LEU V 87 30.52 -1.43 -6.38
N PHE V 88 30.93 -1.00 -7.55
CA PHE V 88 29.98 -0.75 -8.61
C PHE V 88 29.14 -1.97 -9.00
N ARG V 89 29.81 -3.10 -9.16
CA ARG V 89 29.19 -4.35 -9.52
C ARG V 89 28.07 -4.72 -8.50
N TYR V 90 28.31 -4.46 -7.22
CA TYR V 90 27.36 -4.81 -6.20
C TYR V 90 26.25 -3.74 -5.97
N GLN V 91 26.31 -2.62 -6.70
CA GLN V 91 25.21 -1.65 -6.78
C GLN V 91 24.88 -1.05 -5.43
N GLY V 92 25.88 -0.85 -4.58
CA GLY V 92 25.64 -0.26 -3.27
C GLY V 92 25.27 -1.26 -2.19
N TYR V 93 25.10 -2.52 -2.53
CA TYR V 93 24.76 -3.51 -1.55
C TYR V 93 25.87 -3.91 -0.64
N ILE V 94 27.10 -3.59 -1.01
CA ILE V 94 28.23 -3.69 -0.11
C ILE V 94 28.39 -2.31 0.47
N GLY V 95 28.20 -2.18 1.77
CA GLY V 95 28.06 -0.88 2.41
C GLY V 95 29.37 -0.37 2.93
N ALA V 96 30.29 -0.11 2.02
CA ALA V 96 31.67 0.25 2.36
C ALA V 96 31.91 1.65 1.83
N ALA V 97 32.17 2.56 2.75
CA ALA V 97 32.57 3.90 2.47
C ALA V 97 34.02 4.00 2.95
N LEU V 98 34.91 4.42 2.06
CA LEU V 98 36.35 4.23 2.29
C LEU V 98 37.13 5.49 2.08
N VAL V 99 38.16 5.67 2.88
CA VAL V 99 39.14 6.71 2.61
C VAL V 99 40.45 6.03 2.31
N LEU V 100 40.87 6.10 1.06
CA LEU V 100 42.08 5.38 0.58
C LEU V 100 43.21 6.36 0.45
N GLY V 101 44.30 6.08 1.13
CA GLY V 101 45.46 6.91 1.11
C GLY V 101 46.74 6.11 1.01
N GLY V 102 47.65 6.62 0.20
CA GLY V 102 48.96 6.01 0.14
C GLY V 102 49.98 6.84 -0.59
N VAL V 103 51.18 6.28 -0.64
CA VAL V 103 52.27 6.87 -1.37
C VAL V 103 52.90 5.85 -2.31
N ASP V 104 52.89 6.16 -3.60
CA ASP V 104 53.56 5.30 -4.60
CA ASP V 104 53.50 5.30 -4.59
C ASP V 104 54.64 5.99 -5.37
N VAL V 105 55.11 5.33 -6.42
CA VAL V 105 56.11 5.86 -7.32
C VAL V 105 55.71 7.19 -7.95
N THR V 106 54.42 7.46 -8.11
CA THR V 106 53.94 8.82 -8.48
C THR V 106 53.56 9.78 -7.33
N GLY V 107 53.98 9.50 -6.09
CA GLY V 107 53.73 10.42 -4.97
C GLY V 107 52.50 10.14 -4.12
N PRO V 108 52.06 11.10 -3.27
CA PRO V 108 50.89 10.87 -2.39
C PRO V 108 49.57 10.87 -3.14
N HIS V 109 48.63 10.02 -2.73
CA HIS V 109 47.28 10.04 -3.30
C HIS V 109 46.26 9.75 -2.24
N LEU V 110 45.12 10.42 -2.36
CA LEU V 110 44.02 10.26 -1.42
C LEU V 110 42.70 10.22 -2.19
N TYR V 111 41.91 9.20 -1.93
CA TYR V 111 40.66 9.05 -2.65
C TYR V 111 39.58 8.79 -1.60
N SER V 112 38.38 9.28 -1.82
CA SER V 112 37.26 8.76 -1.09
C SER V 112 36.51 7.84 -2.07
N ILE V 113 36.00 6.73 -1.55
CA ILE V 113 35.27 5.75 -2.34
C ILE V 113 33.95 5.48 -1.66
N TYR V 114 32.88 5.64 -2.42
CA TYR V 114 31.52 5.45 -1.91
C TYR V 114 30.95 4.05 -2.25
N PRO V 115 29.91 3.60 -1.51
CA PRO V 115 29.38 2.24 -1.69
C PRO V 115 28.90 1.88 -3.11
N HIS V 116 28.35 2.85 -3.85
CA HIS V 116 27.91 2.60 -5.22
C HIS V 116 29.06 2.53 -6.26
N GLY V 117 30.29 2.85 -5.85
CA GLY V 117 31.45 2.78 -6.70
C GLY V 117 31.97 4.09 -7.28
N SER V 118 31.48 5.25 -6.83
CA SER V 118 32.06 6.50 -7.29
C SER V 118 33.26 6.74 -6.43
N THR V 119 34.21 7.49 -6.95
CA THR V 119 35.32 7.96 -6.17
C THR V 119 35.57 9.43 -6.46
N ASP V 120 36.19 10.06 -5.49
CA ASP V 120 36.64 11.44 -5.60
C ASP V 120 38.12 11.46 -5.27
N LYS V 121 38.91 12.13 -6.11
CA LYS V 121 40.33 12.33 -5.82
C LYS V 121 40.50 13.74 -5.27
N LEU V 122 40.94 13.87 -4.02
CA LEU V 122 40.89 15.18 -3.32
C LEU V 122 41.98 15.31 -2.30
N PRO V 123 42.28 16.56 -1.87
CA PRO V 123 43.39 16.74 -0.90
C PRO V 123 42.95 16.52 0.54
N TYR V 124 41.63 16.44 0.76
CA TYR V 124 41.07 16.09 2.06
C TYR V 124 39.64 15.57 1.91
N VAL V 125 39.31 14.56 2.70
CA VAL V 125 38.04 13.89 2.64
C VAL V 125 37.64 13.38 4.00
N THR V 126 36.34 13.18 4.15
CA THR V 126 35.78 12.63 5.36
C THR V 126 34.64 11.75 4.96
N MET V 127 34.35 10.77 5.81
CA MET V 127 33.23 9.87 5.63
CA MET V 127 33.23 9.88 5.65
C MET V 127 32.73 9.43 7.00
N GLY V 128 31.55 8.82 7.00
CA GLY V 128 30.91 8.35 8.23
C GLY V 128 29.86 9.33 8.71
N SER V 129 29.14 8.94 9.76
CA SER V 129 28.13 9.77 10.36
C SER V 129 28.71 11.08 10.99
N GLY V 130 29.98 11.08 11.33
CA GLY V 130 30.63 12.26 11.84
C GLY V 130 31.40 13.07 10.79
N SER V 131 31.13 12.83 9.53
CA SER V 131 31.94 13.39 8.50
C SER V 131 31.72 14.86 8.25
N LEU V 132 30.52 15.40 8.49
CA LEU V 132 30.35 16.84 8.32
C LEU V 132 31.07 17.65 9.41
N ALA V 133 31.14 17.12 10.62
CA ALA V 133 31.89 17.74 11.73
C ALA V 133 33.37 17.81 11.41
N ALA V 134 33.91 16.67 10.97
CA ALA V 134 35.29 16.55 10.53
C ALA V 134 35.53 17.47 9.32
N MET V 135 34.61 17.52 8.36
CA MET V 135 34.77 18.40 7.21
C MET V 135 34.73 19.87 7.55
N ALA V 136 33.98 20.25 8.58
CA ALA V 136 33.96 21.63 9.00
C ALA V 136 35.36 22.04 9.46
N VAL V 137 36.02 21.20 10.26
CA VAL V 137 37.39 21.45 10.69
C VAL V 137 38.32 21.64 9.49
N PHE V 138 38.20 20.78 8.48
CA PHE V 138 39.08 20.87 7.28
C PHE V 138 38.80 22.14 6.48
N GLU V 139 37.54 22.47 6.21
CA GLU V 139 37.24 23.70 5.48
C GLU V 139 37.73 24.94 6.21
N ASP V 140 37.68 24.91 7.55
CA ASP V 140 38.12 26.04 8.34
C ASP V 140 39.67 26.16 8.42
N LYS V 141 40.41 25.06 8.41
CA LYS V 141 41.84 25.04 8.80
C LYS V 141 42.84 24.40 7.84
N PHE V 142 42.38 23.72 6.81
CA PHE V 142 43.31 23.08 5.91
C PHE V 142 44.08 24.12 5.10
N ARG V 143 45.39 23.92 4.99
CA ARG V 143 46.24 24.65 4.05
C ARG V 143 46.97 23.62 3.21
N PRO V 144 47.29 23.97 1.95
CA PRO V 144 48.18 23.07 1.21
C PRO V 144 49.60 22.98 1.83
N ASP V 145 50.31 21.90 1.53
CA ASP V 145 51.68 21.69 1.95
C ASP V 145 51.92 21.85 3.44
N MET V 146 51.08 21.26 4.25
CA MET V 146 51.31 21.28 5.68
C MET V 146 52.50 20.40 6.04
N GLU V 147 53.14 20.74 7.14
CA GLU V 147 54.18 19.91 7.70
C GLU V 147 53.51 18.73 8.42
N GLU V 148 54.27 17.67 8.63
CA GLU V 148 53.74 16.42 9.20
C GLU V 148 52.97 16.65 10.48
N GLU V 149 53.52 17.45 11.39
CA GLU V 149 52.85 17.70 12.68
C GLU V 149 51.59 18.56 12.57
N GLU V 150 51.60 19.58 11.71
CA GLU V 150 50.38 20.32 11.39
C GLU V 150 49.28 19.43 10.87
N ALA V 151 49.62 18.55 9.95
CA ALA V 151 48.66 17.65 9.31
C ALA V 151 48.11 16.65 10.30
N LYS V 152 48.94 16.15 11.20
CA LYS V 152 48.51 15.23 12.25
C LYS V 152 47.57 15.91 13.23
N ASN V 153 47.91 17.14 13.61
CA ASN V 153 47.03 17.99 14.43
C ASN V 153 45.69 18.23 13.80
N LEU V 154 45.68 18.56 12.53
CA LEU V 154 44.44 18.84 11.83
C LEU V 154 43.54 17.61 11.77
N VAL V 155 44.11 16.46 11.39
CA VAL V 155 43.31 15.25 11.31
C VAL V 155 42.80 14.87 12.67
N SER V 156 43.60 14.95 13.72
CA SER V 156 43.08 14.53 15.03
C SER V 156 41.99 15.50 15.53
N GLU V 157 42.10 16.78 15.20
CA GLU V 157 41.02 17.71 15.45
C GLU V 157 39.73 17.38 14.70
N ALA V 158 39.87 17.02 13.42
CA ALA V 158 38.74 16.65 12.63
C ALA V 158 38.03 15.43 13.19
N ILE V 159 38.79 14.43 13.62
CA ILE V 159 38.22 13.22 14.20
C ILE V 159 37.59 13.57 15.55
N ALA V 160 38.29 14.33 16.38
CA ALA V 160 37.71 14.81 17.66
C ALA V 160 36.34 15.50 17.47
N ALA V 161 36.22 16.33 16.42
CA ALA V 161 34.94 16.98 16.13
C ALA V 161 33.81 15.97 15.91
N GLY V 162 34.10 14.90 15.17
CA GLY V 162 33.18 13.82 14.98
C GLY V 162 32.86 13.17 16.30
N ILE V 163 33.89 12.88 17.10
CA ILE V 163 33.75 12.15 18.37
C ILE V 163 32.79 12.86 19.34
N PHE V 164 32.91 14.17 19.41
CA PHE V 164 32.18 14.95 20.40
C PHE V 164 30.80 15.41 19.96
N ASN V 165 30.56 15.48 18.65
CA ASN V 165 29.31 15.95 18.09
C ASN V 165 28.43 14.88 17.38
N ASP V 166 28.92 13.66 17.19
CA ASP V 166 28.18 12.59 16.52
C ASP V 166 27.99 11.47 17.50
N LEU V 167 26.74 11.09 17.73
CA LEU V 167 26.45 9.99 18.62
C LEU V 167 26.98 8.67 18.09
N GLY V 168 27.18 8.59 16.80
CA GLY V 168 27.78 7.46 16.17
C GLY V 168 29.30 7.31 16.27
N SER V 169 30.00 8.31 16.83
CA SER V 169 31.45 8.31 16.92
C SER V 169 31.89 8.47 18.35
N GLY V 170 33.06 7.97 18.68
CA GLY V 170 33.55 8.06 20.04
C GLY V 170 34.86 7.37 20.31
N SER V 171 35.19 7.29 21.59
CA SER V 171 36.38 6.66 22.10
C SER V 171 37.68 7.29 21.55
N ASN V 172 38.61 6.51 21.02
CA ASN V 172 39.95 6.99 20.69
C ASN V 172 40.09 7.54 19.29
N ILE V 173 41.19 8.25 19.09
CA ILE V 173 41.63 8.71 17.78
C ILE V 173 42.85 7.87 17.38
N ASP V 174 42.72 7.13 16.28
CA ASP V 174 43.85 6.47 15.61
C ASP V 174 44.32 7.34 14.44
N LEU V 175 45.64 7.43 14.23
CA LEU V 175 46.17 7.98 12.97
C LEU V 175 47.07 7.01 12.22
N CYS V 176 47.19 7.26 10.92
CA CYS V 176 48.19 6.59 10.10
C CYS V 176 48.88 7.62 9.20
N VAL V 177 50.19 7.74 9.36
CA VAL V 177 51.02 8.66 8.63
C VAL V 177 51.90 7.91 7.63
N ILE V 178 51.76 8.26 6.36
CA ILE V 178 52.41 7.59 5.26
C ILE V 178 53.20 8.61 4.46
N SER V 179 54.52 8.41 4.38
CA SER V 179 55.42 9.20 3.50
C SER V 179 56.30 8.28 2.66
N LYS V 180 57.16 8.87 1.80
CA LYS V 180 58.18 8.11 1.07
C LYS V 180 59.04 7.31 2.03
N ASN V 181 59.39 7.93 3.14
CA ASN V 181 60.39 7.39 4.07
C ASN V 181 59.88 6.57 5.27
N LYS V 182 58.57 6.59 5.55
CA LYS V 182 58.08 6.14 6.86
C LYS V 182 56.59 5.72 6.80
N LEU V 183 56.23 4.80 7.68
CA LEU V 183 54.86 4.54 8.00
C LEU V 183 54.72 4.48 9.51
N ASP V 184 53.94 5.45 10.05
CA ASP V 184 53.59 5.48 11.47
C ASP V 184 52.15 5.15 11.68
N PHE V 185 51.92 3.99 12.28
CA PHE V 185 50.58 3.48 12.56
C PHE V 185 50.35 3.78 14.04
N LEU V 186 49.61 4.86 14.31
CA LEU V 186 49.53 5.41 15.64
C LEU V 186 48.16 5.02 16.21
N ARG V 187 48.13 3.91 16.96
CA ARG V 187 46.89 3.37 17.55
C ARG V 187 47.11 2.97 19.01
N PRO V 188 46.54 3.68 19.99
CA PRO V 188 45.83 4.95 19.84
C PRO V 188 46.76 6.11 19.59
N TYR V 189 46.30 7.14 18.89
CA TYR V 189 47.02 8.44 18.81
C TYR V 189 46.71 9.34 20.03
N THR V 190 45.43 9.56 20.32
CA THR V 190 44.93 10.23 21.51
C THR V 190 43.83 9.39 22.16
N VAL V 191 43.67 9.57 23.47
CA VAL V 191 42.61 8.94 24.23
C VAL V 191 41.90 10.09 24.93
N PRO V 192 40.96 10.79 24.22
CA PRO V 192 40.21 11.89 24.83
C PRO V 192 39.06 11.46 25.73
N ASN V 193 38.72 10.19 25.79
CA ASN V 193 37.64 9.69 26.65
C ASN V 193 38.11 8.53 27.53
N LYS V 194 37.58 8.47 28.75
CA LYS V 194 37.88 7.43 29.74
C LYS V 194 36.60 7.15 30.60
N LYS V 195 36.36 5.88 31.00
CA LYS V 195 35.26 5.55 31.93
C LYS V 195 35.62 6.19 33.24
N GLY V 196 34.63 6.77 33.91
CA GLY V 196 34.83 7.33 35.22
C GLY V 196 35.22 6.24 36.22
N THR V 197 35.80 6.67 37.32
CA THR V 197 36.26 5.75 38.34
C THR V 197 35.10 5.09 39.08
N ARG V 198 35.26 3.81 39.41
CA ARG V 198 34.19 2.97 39.98
C ARG V 198 34.09 3.23 41.47
N LEU V 199 32.99 3.81 41.92
CA LEU V 199 32.87 4.29 43.30
C LEU V 199 32.52 3.23 44.36
N GLY V 200 31.85 2.13 43.99
CA GLY V 200 31.53 1.02 44.93
C GLY V 200 32.40 -0.22 44.76
N ARG V 201 32.39 -1.08 45.77
CA ARG V 201 32.93 -2.45 45.67
C ARG V 201 31.71 -3.44 45.65
N TYR V 202 31.62 -4.24 44.60
CA TYR V 202 30.54 -5.25 44.40
C TYR V 202 31.07 -6.68 44.60
N ARG V 203 32.07 -6.77 45.50
CA ARG V 203 33.00 -7.89 45.55
C ARG V 203 32.27 -9.13 46.07
N CYS V 204 31.84 -10.00 45.14
CA CYS V 204 31.03 -11.17 45.51
C CYS V 204 31.93 -12.30 46.05
N GLU V 205 31.63 -12.75 47.27
CA GLU V 205 32.30 -13.91 47.87
C GLU V 205 31.94 -15.21 47.11
N LYS V 206 32.88 -16.16 47.07
CA LYS V 206 32.58 -17.53 46.63
C LYS V 206 31.32 -18.00 47.39
N GLY V 207 30.34 -18.55 46.68
CA GLY V 207 29.08 -19.02 47.30
C GLY V 207 27.87 -18.11 47.15
N THR V 208 28.09 -16.86 46.68
CA THR V 208 27.01 -15.88 46.39
C THR V 208 26.00 -16.40 45.37
N THR V 209 26.50 -17.04 44.32
CA THR V 209 25.69 -17.74 43.34
C THR V 209 25.39 -19.18 43.78
N ALA V 210 24.11 -19.51 43.94
CA ALA V 210 23.69 -20.88 44.19
C ALA V 210 23.85 -21.75 42.92
N VAL V 211 24.42 -22.94 43.10
CA VAL V 211 24.69 -23.86 42.01
C VAL V 211 23.79 -25.09 42.19
N LEU V 212 23.17 -25.55 41.10
CA LEU V 212 22.37 -26.79 41.06
C LEU V 212 23.16 -28.07 40.67
N THR V 213 24.07 -27.92 39.71
CA THR V 213 24.79 -29.01 39.06
C THR V 213 26.21 -28.57 38.84
N GLU V 214 27.15 -29.51 38.98
CA GLU V 214 28.57 -29.26 38.72
C GLU V 214 29.24 -30.47 38.06
N LYS V 215 30.19 -30.19 37.17
CA LYS V 215 31.01 -31.21 36.56
C LYS V 215 32.41 -30.64 36.28
N ILE V 216 33.43 -31.29 36.84
CA ILE V 216 34.82 -31.03 36.49
C ILE V 216 35.25 -32.05 35.43
N THR V 217 35.79 -31.54 34.31
CA THR V 217 36.39 -32.37 33.28
C THR V 217 37.88 -32.00 33.25
N PRO V 218 38.75 -32.92 33.71
CA PRO V 218 40.19 -32.62 33.66
C PRO V 218 40.78 -32.78 32.24
N LEU V 219 41.82 -31.98 31.93
CA LEU V 219 42.53 -31.98 30.63
C LEU V 219 44.06 -32.30 30.76
N GLU V 220 44.87 -32.18 29.68
CA GLU V 220 46.31 -32.58 29.71
C GLU V 220 47.25 -31.69 28.86
N SER W 2 10.61 -9.05 15.38
CA SER W 2 12.06 -9.28 15.02
C SER W 2 12.47 -10.77 14.96
N ILE W 3 13.27 -11.13 13.97
CA ILE W 3 13.66 -12.53 13.75
C ILE W 3 14.49 -13.04 14.91
N MET W 4 15.31 -12.18 15.49
CA MET W 4 16.19 -12.54 16.60
C MET W 4 15.44 -12.68 17.90
N SER W 5 14.26 -12.13 18.04
CA SER W 5 13.52 -12.39 19.27
C SER W 5 12.54 -13.58 19.20
N TYR W 6 12.45 -14.25 18.06
CA TYR W 6 11.46 -15.33 17.88
C TYR W 6 11.68 -16.50 18.85
N ASN W 7 12.94 -16.91 19.02
CA ASN W 7 13.29 -17.95 20.01
C ASN W 7 13.87 -17.36 21.32
N GLY W 8 14.32 -16.11 21.27
CA GLY W 8 14.97 -15.49 22.42
C GLY W 8 16.34 -16.08 22.68
N GLY W 9 16.95 -15.68 23.79
CA GLY W 9 18.20 -16.31 24.22
C GLY W 9 19.33 -15.33 24.41
N ALA W 10 20.35 -15.76 25.13
CA ALA W 10 21.43 -14.86 25.58
C ALA W 10 22.68 -15.66 25.79
N VAL W 11 23.81 -15.13 25.36
CA VAL W 11 25.09 -15.72 25.68
C VAL W 11 26.07 -14.64 26.01
N MET W 12 27.04 -14.95 26.86
CA MET W 12 28.15 -14.01 27.05
C MET W 12 29.44 -14.76 27.33
N ALA W 13 30.56 -14.08 27.07
CA ALA W 13 31.86 -14.58 27.48
C ALA W 13 32.64 -13.52 28.22
N MET W 14 33.56 -13.96 29.06
CA MET W 14 34.27 -13.05 29.94
C MET W 14 35.68 -13.55 30.21
N LYS W 15 36.61 -12.61 30.18
CA LYS W 15 38.04 -12.86 30.36
C LYS W 15 38.52 -12.65 31.81
N GLY W 16 39.37 -13.56 32.29
CA GLY W 16 40.08 -13.43 33.57
C GLY W 16 41.57 -13.63 33.38
N LYS W 17 42.22 -13.87 34.53
N LYS W 17 42.33 -13.87 34.45
CA LYS W 17 43.63 -14.22 34.65
CA LYS W 17 43.82 -13.95 34.36
C LYS W 17 43.73 -15.74 34.51
C LYS W 17 44.39 -14.84 33.21
N ASN W 18 44.29 -16.15 33.40
CA ASN W 18 44.68 -17.32 32.66
C ASN W 18 43.48 -18.27 32.57
N CYS W 19 42.34 -17.69 32.22
CA CYS W 19 41.04 -18.37 32.25
C CYS W 19 40.02 -17.54 31.52
N VAL W 20 38.99 -18.21 31.01
CA VAL W 20 37.84 -17.55 30.38
C VAL W 20 36.56 -18.25 30.81
N ALA W 21 35.45 -17.55 30.64
CA ALA W 21 34.15 -18.10 30.99
C ALA W 21 33.20 -17.81 29.84
N ILE W 22 32.26 -18.71 29.65
CA ILE W 22 31.21 -18.53 28.69
C ILE W 22 29.95 -19.08 29.34
N ALA W 23 28.82 -18.42 29.10
CA ALA W 23 27.56 -18.75 29.76
C ALA W 23 26.41 -18.55 28.78
N ALA W 24 25.29 -19.24 29.05
CA ALA W 24 24.11 -19.08 28.23
C ALA W 24 22.89 -19.40 29.02
N ASP W 25 21.76 -18.79 28.66
CA ASP W 25 20.48 -19.23 29.17
C ASP W 25 20.14 -20.60 28.55
N ARG W 26 19.11 -21.28 29.08
CA ARG W 26 18.75 -22.64 28.68
CA ARG W 26 18.77 -22.65 28.69
C ARG W 26 17.40 -22.80 28.00
N ARG W 27 16.64 -21.69 27.88
CA ARG W 27 15.31 -21.70 27.26
C ARG W 27 15.35 -21.97 25.75
N PHE W 28 14.50 -22.87 25.27
CA PHE W 28 14.09 -22.90 23.90
C PHE W 28 12.62 -22.61 23.95
N GLY W 29 12.23 -21.52 23.30
CA GLY W 29 10.83 -21.16 23.18
C GLY W 29 10.49 -20.62 21.81
N ILE W 30 9.20 -20.63 21.51
CA ILE W 30 8.66 -20.10 20.28
C ILE W 30 7.68 -18.97 20.64
N GLN W 31 8.13 -17.74 20.40
CA GLN W 31 7.47 -16.53 20.82
C GLN W 31 7.16 -16.57 22.27
N ALA W 32 5.92 -16.49 22.72
CA ALA W 32 5.69 -16.52 24.19
C ALA W 32 5.89 -17.92 24.82
N GLN W 33 5.79 -18.98 24.05
CA GLN W 33 5.78 -20.31 24.62
C GLN W 33 7.15 -20.96 24.86
N MET W 34 7.42 -21.32 26.10
CA MET W 34 8.56 -22.18 26.42
C MET W 34 8.24 -23.58 25.93
N VAL W 35 9.22 -24.20 25.25
CA VAL W 35 9.08 -25.57 24.73
C VAL W 35 9.93 -26.50 25.53
N THR W 36 11.14 -26.06 25.80
CA THR W 36 12.12 -26.87 26.51
C THR W 36 13.02 -25.97 27.40
N THR W 37 13.60 -26.53 28.47
CA THR W 37 14.46 -25.76 29.41
C THR W 37 15.89 -26.31 29.52
N ASP W 38 16.33 -27.11 28.55
CA ASP W 38 17.69 -27.65 28.53
C ASP W 38 18.31 -27.56 27.15
N PHE W 39 18.06 -26.48 26.44
CA PHE W 39 18.49 -26.33 25.06
C PHE W 39 19.94 -25.89 25.02
N GLN W 40 20.73 -26.60 24.23
CA GLN W 40 22.16 -26.33 24.17
C GLN W 40 22.49 -25.20 23.17
N LYS W 41 23.26 -24.23 23.64
CA LYS W 41 23.73 -23.09 22.85
C LYS W 41 25.24 -22.91 22.81
N ILE W 42 25.98 -23.59 23.70
CA ILE W 42 27.42 -23.52 23.78
C ILE W 42 27.97 -24.91 23.36
N PHE W 43 28.88 -24.90 22.39
CA PHE W 43 29.42 -26.08 21.76
C PHE W 43 30.92 -26.07 21.81
N PRO W 44 31.53 -27.18 22.28
CA PRO W 44 32.99 -27.26 22.33
C PRO W 44 33.57 -27.35 20.94
N MET W 45 34.66 -26.63 20.72
CA MET W 45 35.31 -26.61 19.43
C MET W 45 36.76 -27.00 19.63
N GLY W 46 37.04 -27.81 20.63
CA GLY W 46 38.38 -27.88 21.18
C GLY W 46 38.31 -28.15 22.65
N ASP W 47 39.43 -28.58 23.18
CA ASP W 47 39.51 -28.90 24.58
C ASP W 47 39.30 -27.64 25.41
N ARG W 48 39.86 -26.51 24.94
CA ARG W 48 39.87 -25.24 25.68
C ARG W 48 39.25 -24.10 24.89
N LEU W 49 38.24 -24.42 24.07
CA LEU W 49 37.69 -23.47 23.11
C LEU W 49 36.24 -23.82 22.76
N TYR W 50 35.39 -22.86 23.03
CA TYR W 50 33.95 -23.02 22.97
C TYR W 50 33.34 -21.84 22.20
N ILE W 51 32.22 -22.13 21.54
CA ILE W 51 31.45 -21.13 20.80
C ILE W 51 30.03 -21.18 21.33
N GLY W 52 29.50 -20.00 21.68
CA GLY W 52 28.15 -19.86 22.15
C GLY W 52 27.38 -19.07 21.13
N LEU W 53 26.18 -19.54 20.80
CA LEU W 53 25.39 -18.91 19.76
C LEU W 53 23.97 -18.56 20.23
N ALA W 54 23.61 -17.30 20.07
CA ALA W 54 22.24 -16.87 20.30
C ALA W 54 21.62 -16.48 19.00
N GLY W 55 20.30 -16.41 18.96
CA GLY W 55 19.61 -16.09 17.74
C GLY W 55 18.59 -17.15 17.43
N LEU W 56 18.27 -17.27 16.14
CA LEU W 56 17.27 -18.19 15.71
C LEU W 56 17.79 -19.62 15.89
N ALA W 57 17.02 -20.44 16.60
CA ALA W 57 17.47 -21.72 17.12
C ALA W 57 17.89 -22.68 15.98
N THR W 58 17.09 -22.74 14.92
CA THR W 58 17.48 -23.54 13.75
C THR W 58 18.89 -23.21 13.22
N ASP W 59 19.24 -21.93 13.17
CA ASP W 59 20.57 -21.48 12.69
C ASP W 59 21.66 -21.61 13.75
N VAL W 60 21.28 -21.53 15.04
CA VAL W 60 22.22 -21.87 16.12
C VAL W 60 22.76 -23.27 15.88
N GLN W 61 21.85 -24.20 15.65
CA GLN W 61 22.21 -25.55 15.41
C GLN W 61 22.97 -25.72 14.08
N THR W 62 22.46 -25.14 12.99
CA THR W 62 23.09 -25.28 11.66
C THR W 62 24.49 -24.70 11.62
N VAL W 63 24.67 -23.53 12.19
CA VAL W 63 26.00 -22.93 12.23
C VAL W 63 26.97 -23.79 13.05
N ALA W 64 26.54 -24.25 14.22
CA ALA W 64 27.40 -25.12 15.05
C ALA W 64 27.84 -26.39 14.29
N GLN W 65 26.90 -27.07 13.64
CA GLN W 65 27.18 -28.29 12.87
C GLN W 65 28.07 -28.02 11.66
N ARG W 66 27.79 -26.94 10.93
CA ARG W 66 28.56 -26.64 9.71
C ARG W 66 29.99 -26.20 10.06
N LEU W 67 30.11 -25.51 11.17
CA LEU W 67 31.39 -25.09 11.66
C LEU W 67 32.27 -26.28 12.10
N LYS W 68 31.66 -27.21 12.83
CA LYS W 68 32.32 -28.41 13.29
C LYS W 68 32.84 -29.27 12.12
N PHE W 69 32.01 -29.45 11.09
CA PHE W 69 32.42 -30.03 9.84
C PHE W 69 33.74 -29.41 9.40
N ARG W 70 33.77 -28.11 9.31
CA ARG W 70 34.93 -27.38 8.83
C ARG W 70 36.11 -27.51 9.78
N LEU W 71 35.86 -27.41 11.08
CA LEU W 71 36.93 -27.58 12.07
C LEU W 71 37.53 -29.00 12.12
N ASN W 72 36.68 -30.00 12.05
CA ASN W 72 37.14 -31.37 12.02
C ASN W 72 38.08 -31.62 10.83
N LEU W 73 37.72 -31.11 9.65
CA LEU W 73 38.60 -31.24 8.49
C LEU W 73 39.89 -30.48 8.67
N TYR W 74 39.79 -29.26 9.17
CA TYR W 74 40.97 -28.47 9.49
C TYR W 74 41.96 -29.21 10.39
N GLU W 75 41.47 -29.80 11.48
CA GLU W 75 42.34 -30.49 12.44
C GLU W 75 42.96 -31.77 11.86
N LEU W 76 42.20 -32.55 11.11
CA LEU W 76 42.74 -33.70 10.37
C LEU W 76 43.88 -33.38 9.40
N LYS W 77 43.72 -32.28 8.69
CA LYS W 77 44.57 -31.87 7.59
C LYS W 77 45.79 -31.10 8.09
N GLU W 78 45.59 -30.27 9.10
CA GLU W 78 46.66 -29.56 9.75
C GLU W 78 47.26 -30.48 10.82
N GLY W 79 48.36 -30.06 11.39
CA GLY W 79 48.91 -30.90 12.43
C GLY W 79 48.15 -31.00 13.75
N ARG W 80 47.03 -30.30 13.93
CA ARG W 80 46.85 -29.58 15.18
C ARG W 80 45.48 -29.07 15.55
N GLN W 81 45.36 -28.63 16.79
CA GLN W 81 44.13 -28.01 17.27
C GLN W 81 44.07 -26.54 16.82
N ILE W 82 42.87 -26.09 16.44
CA ILE W 82 42.72 -24.70 16.00
C ILE W 82 42.99 -23.69 17.12
N LYS W 83 43.64 -22.58 16.74
CA LYS W 83 43.85 -21.43 17.60
C LYS W 83 42.54 -20.61 17.68
N PRO W 84 42.28 -19.95 18.82
CA PRO W 84 41.05 -19.16 19.01
C PRO W 84 40.80 -18.14 17.90
N TYR W 85 41.81 -17.31 17.64
CA TYR W 85 41.77 -16.27 16.62
C TYR W 85 41.45 -16.86 15.24
N THR W 86 42.00 -18.04 14.97
CA THR W 86 41.76 -18.75 13.72
C THR W 86 40.33 -19.29 13.61
N LEU W 87 39.77 -19.75 14.73
CA LEU W 87 38.37 -20.17 14.74
C LEU W 87 37.47 -18.97 14.46
N MET W 88 37.77 -17.83 15.09
CA MET W 88 37.07 -16.59 14.79
C MET W 88 37.03 -16.32 13.27
N SER W 89 38.18 -16.41 12.59
CA SER W 89 38.22 -16.17 11.15
C SER W 89 37.45 -17.15 10.35
N MET W 90 37.50 -18.40 10.78
CA MET W 90 36.76 -19.47 10.15
C MET W 90 35.26 -19.20 10.28
N VAL W 91 34.82 -18.71 11.45
CA VAL W 91 33.40 -18.40 11.65
C VAL W 91 32.99 -17.18 10.82
N ALA W 92 33.80 -16.15 10.87
CA ALA W 92 33.58 -14.96 10.06
C ALA W 92 33.32 -15.32 8.61
N ASN W 93 34.19 -16.19 8.10
CA ASN W 93 34.16 -16.61 6.72
C ASN W 93 32.87 -17.35 6.38
N LEU W 94 32.47 -18.28 7.26
CA LEU W 94 31.23 -19.03 7.10
C LEU W 94 29.99 -18.13 7.11
N LEU W 95 29.94 -17.18 8.03
CA LEU W 95 28.82 -16.25 8.08
C LEU W 95 28.79 -15.30 6.87
N TYR W 96 29.94 -14.76 6.46
CA TYR W 96 29.94 -13.81 5.34
C TYR W 96 29.67 -14.45 3.99
N GLU W 97 29.88 -15.76 3.83
CA GLU W 97 29.37 -16.49 2.63
C GLU W 97 27.87 -16.31 2.42
N LYS W 98 27.14 -16.16 3.53
CA LYS W 98 25.68 -15.90 3.48
C LYS W 98 25.29 -14.44 3.62
N ARG W 99 26.18 -13.53 3.18
CA ARG W 99 26.05 -12.11 3.35
C ARG W 99 24.69 -11.59 2.96
N PHE W 100 24.17 -12.06 1.83
CA PHE W 100 22.85 -11.64 1.36
C PHE W 100 21.66 -12.53 1.70
N GLY W 101 21.81 -13.48 2.61
CA GLY W 101 20.69 -14.31 3.14
C GLY W 101 21.20 -14.99 4.37
N PRO W 102 21.40 -14.19 5.42
CA PRO W 102 22.29 -14.65 6.50
C PRO W 102 21.66 -15.64 7.44
N TYR W 103 22.53 -16.36 8.14
CA TYR W 103 22.15 -17.09 9.33
C TYR W 103 21.84 -16.02 10.37
N TYR W 104 20.74 -16.20 11.12
CA TYR W 104 20.33 -15.27 12.17
C TYR W 104 20.90 -15.70 13.51
N THR W 105 22.22 -15.61 13.62
CA THR W 105 22.91 -15.99 14.84
C THR W 105 24.12 -15.12 15.02
N GLU W 106 24.39 -14.73 16.26
CA GLU W 106 25.49 -13.82 16.60
C GLU W 106 26.38 -14.45 17.66
N PRO W 107 27.44 -15.15 17.23
CA PRO W 107 28.18 -16.00 18.18
C PRO W 107 29.09 -15.27 19.11
N VAL W 108 29.44 -15.91 20.22
CA VAL W 108 30.62 -15.51 21.00
C VAL W 108 31.55 -16.72 21.08
N ILE W 109 32.84 -16.45 21.13
CA ILE W 109 33.86 -17.46 21.22
C ILE W 109 34.66 -17.19 22.47
N ALA W 110 34.93 -18.23 23.26
CA ALA W 110 35.79 -18.09 24.41
C ALA W 110 36.76 -19.25 24.41
N GLY W 111 38.04 -18.95 24.58
CA GLY W 111 38.99 -20.03 24.75
C GLY W 111 40.34 -19.59 25.21
N LEU W 112 41.23 -20.57 25.30
CA LEU W 112 42.64 -20.35 25.63
C LEU W 112 43.45 -20.86 24.46
N ASP W 113 44.54 -20.19 24.15
CA ASP W 113 45.45 -20.71 23.11
C ASP W 113 45.94 -22.15 23.46
N PRO W 114 45.83 -23.12 22.52
CA PRO W 114 46.23 -24.50 22.84
C PRO W 114 47.72 -24.73 23.13
N LYS W 115 48.58 -23.75 22.82
CA LYS W 115 50.01 -23.80 23.22
C LYS W 115 50.34 -22.83 24.39
N THR W 116 50.03 -21.54 24.22
CA THR W 116 50.39 -20.52 25.22
C THR W 116 49.40 -20.34 26.41
N PHE W 117 48.19 -20.89 26.27
CA PHE W 117 47.12 -20.80 27.28
C PHE W 117 46.63 -19.36 27.60
N LYS W 118 46.87 -18.45 26.66
CA LYS W 118 46.46 -17.05 26.78
C LYS W 118 44.95 -16.99 26.55
N PRO W 119 44.21 -16.19 27.35
CA PRO W 119 42.75 -16.09 27.19
C PRO W 119 42.32 -15.31 25.97
N PHE W 120 41.23 -15.73 25.35
CA PHE W 120 40.72 -15.10 24.14
C PHE W 120 39.22 -15.04 24.19
N ILE W 121 38.66 -13.89 23.89
CA ILE W 121 37.22 -13.80 23.66
C ILE W 121 36.93 -12.92 22.48
N CYS W 122 35.83 -13.24 21.82
CA CYS W 122 35.31 -12.40 20.76
C CYS W 122 33.82 -12.65 20.53
N SER W 123 33.23 -11.79 19.73
CA SER W 123 31.88 -12.02 19.22
C SER W 123 31.87 -11.66 17.75
N LEU W 124 30.85 -12.12 17.05
CA LEU W 124 30.68 -11.71 15.69
C LEU W 124 29.23 -11.36 15.47
N ASP W 125 28.98 -10.45 14.55
CA ASP W 125 27.60 -10.20 14.12
C ASP W 125 27.18 -11.25 13.08
N LEU W 126 25.96 -11.16 12.60
CA LEU W 126 25.40 -12.25 11.82
C LEU W 126 25.96 -12.37 10.44
N ILE W 127 26.68 -11.36 9.96
CA ILE W 127 27.38 -11.46 8.67
C ILE W 127 28.88 -11.56 8.81
N GLY W 128 29.36 -11.76 10.02
CA GLY W 128 30.73 -12.15 10.29
C GLY W 128 31.73 -11.04 10.58
N CYS W 129 31.27 -9.86 10.99
CA CYS W 129 32.18 -8.84 11.53
C CYS W 129 32.70 -9.30 12.88
N PRO W 130 34.02 -9.47 13.04
CA PRO W 130 34.51 -9.87 14.35
C PRO W 130 34.86 -8.69 15.26
N MET W 131 34.63 -8.87 16.55
CA MET W 131 35.06 -7.96 17.56
C MET W 131 35.78 -8.73 18.64
N VAL W 132 37.06 -8.44 18.82
CA VAL W 132 37.86 -8.98 19.92
C VAL W 132 37.92 -7.93 21.05
N THR W 133 37.75 -8.35 22.30
CA THR W 133 37.94 -7.49 23.45
C THR W 133 38.79 -8.16 24.53
N ASP W 134 39.26 -7.36 25.47
CA ASP W 134 39.99 -7.85 26.65
C ASP W 134 39.14 -8.01 27.90
N ASP W 135 37.80 -7.85 27.80
CA ASP W 135 36.93 -7.87 29.00
C ASP W 135 35.74 -8.84 28.91
N PHE W 136 34.79 -8.51 28.05
CA PHE W 136 33.57 -9.30 27.91
C PHE W 136 32.91 -9.02 26.59
N VAL W 137 32.04 -9.95 26.19
CA VAL W 137 31.23 -9.80 25.01
C VAL W 137 29.90 -10.42 25.33
N VAL W 138 28.87 -9.90 24.68
CA VAL W 138 27.50 -10.39 24.89
C VAL W 138 26.74 -10.50 23.55
N SER W 139 25.70 -11.32 23.54
CA SER W 139 24.88 -11.48 22.37
C SER W 139 23.53 -12.04 22.78
N GLY W 140 22.45 -11.43 22.32
CA GLY W 140 21.11 -11.97 22.55
C GLY W 140 20.03 -10.91 22.67
N THR W 141 18.84 -11.33 23.06
CA THR W 141 17.71 -10.40 23.23
C THR W 141 17.81 -9.43 24.43
N CYS W 142 18.66 -9.72 25.39
CA CYS W 142 18.87 -8.86 26.53
C CYS W 142 20.28 -8.29 26.54
N ALA W 143 20.78 -7.90 25.38
CA ALA W 143 22.10 -7.30 25.29
C ALA W 143 22.30 -6.05 26.15
N GLU W 144 21.30 -5.19 26.23
CA GLU W 144 21.42 -3.95 27.04
C GLU W 144 21.53 -4.28 28.53
N GLN W 145 20.68 -5.20 28.97
CA GLN W 145 20.73 -5.72 30.32
C GLN W 145 22.08 -6.33 30.62
N MET W 146 22.59 -7.10 29.68
CA MET W 146 23.90 -7.75 29.85
C MET W 146 25.01 -6.71 29.89
N TYR W 147 24.96 -5.68 29.04
CA TYR W 147 25.98 -4.61 29.10
C TYR W 147 25.95 -3.87 30.43
N GLY W 148 24.77 -3.62 30.98
CA GLY W 148 24.66 -2.93 32.26
C GLY W 148 25.38 -3.71 33.35
N MET W 149 25.13 -5.02 33.41
CA MET W 149 25.74 -5.86 34.43
C MET W 149 27.26 -5.98 34.27
N CYS W 150 27.69 -6.36 33.08
CA CYS W 150 29.10 -6.49 32.76
C CYS W 150 29.90 -5.22 32.95
N GLU W 151 29.34 -4.11 32.50
CA GLU W 151 30.01 -2.84 32.58
C GLU W 151 30.21 -2.41 34.03
N SER W 152 29.33 -2.84 34.92
CA SER W 152 29.42 -2.51 36.36
C SER W 152 30.20 -3.53 37.21
N LEU W 153 30.13 -4.81 36.86
CA LEU W 153 30.78 -5.85 37.65
C LEU W 153 32.16 -6.26 37.19
N TRP W 154 32.48 -6.17 35.91
CA TRP W 154 33.73 -6.74 35.44
C TRP W 154 34.94 -5.97 35.94
N GLU W 155 35.89 -6.69 36.53
CA GLU W 155 37.22 -6.13 36.84
C GLU W 155 38.33 -6.95 36.17
N PRO W 156 39.54 -6.36 36.06
CA PRO W 156 40.66 -7.09 35.47
C PRO W 156 41.27 -8.18 36.36
N ASN W 157 41.89 -9.14 35.70
CA ASN W 157 42.73 -10.14 36.35
C ASN W 157 41.99 -11.03 37.38
N MET W 158 40.76 -11.42 37.08
CA MET W 158 39.96 -12.20 38.01
C MET W 158 40.36 -13.65 37.99
N ASP W 159 40.45 -14.24 39.17
CA ASP W 159 40.75 -15.67 39.28
C ASP W 159 39.48 -16.47 38.97
N PRO W 160 39.63 -17.78 38.65
CA PRO W 160 38.49 -18.63 38.30
C PRO W 160 37.23 -18.50 39.18
N ASP W 161 37.39 -18.39 40.49
CA ASP W 161 36.25 -18.28 41.43
C ASP W 161 35.48 -16.98 41.24
N HIS W 162 36.21 -15.86 41.20
CA HIS W 162 35.60 -14.53 41.06
C HIS W 162 35.02 -14.38 39.67
N LEU W 163 35.73 -14.89 38.65
CA LEU W 163 35.18 -14.94 37.29
C LEU W 163 33.85 -15.67 37.24
N PHE W 164 33.75 -16.80 37.94
CA PHE W 164 32.50 -17.55 38.00
C PHE W 164 31.34 -16.75 38.61
N GLU W 165 31.61 -16.10 39.74
CA GLU W 165 30.58 -15.35 40.43
C GLU W 165 30.12 -14.16 39.57
N THR W 166 31.07 -13.44 38.97
CA THR W 166 30.76 -12.31 38.10
C THR W 166 29.94 -12.66 36.86
N ILE W 167 30.39 -13.66 36.10
CA ILE W 167 29.69 -14.03 34.87
C ILE W 167 28.32 -14.51 35.27
N SER W 168 28.23 -15.26 36.37
CA SER W 168 26.93 -15.80 36.82
C SER W 168 25.95 -14.69 37.20
N GLN W 169 26.43 -13.71 37.96
CA GLN W 169 25.61 -12.58 38.43
C GLN W 169 25.21 -11.68 37.28
N ALA W 170 26.14 -11.47 36.34
CA ALA W 170 25.84 -10.73 35.12
C ALA W 170 24.70 -11.38 34.32
N MET W 171 24.80 -12.70 34.08
CA MET W 171 23.76 -13.43 33.34
C MET W 171 22.42 -13.51 34.06
N LEU W 172 22.46 -13.93 35.31
CA LEU W 172 21.21 -14.13 36.10
C LEU W 172 20.34 -12.84 36.19
N ASN W 173 20.96 -11.74 36.57
CA ASN W 173 20.28 -10.44 36.71
C ASN W 173 19.87 -9.82 35.35
N ALA W 174 20.68 -10.01 34.31
CA ALA W 174 20.31 -9.62 32.94
C ALA W 174 19.06 -10.32 32.44
N VAL W 175 19.06 -11.66 32.50
CA VAL W 175 17.97 -12.43 31.92
C VAL W 175 16.67 -12.30 32.71
N ASP W 176 16.80 -11.92 33.98
CA ASP W 176 15.62 -11.65 34.80
C ASP W 176 14.93 -10.34 34.50
N ARG W 177 15.51 -9.53 33.63
CA ARG W 177 14.79 -8.44 33.00
C ARG W 177 14.43 -8.66 31.51
N ASP W 178 14.42 -9.91 31.07
CA ASP W 178 14.07 -10.26 29.68
C ASP W 178 13.05 -11.36 29.68
N ALA W 179 11.89 -11.13 29.09
CA ALA W 179 10.81 -12.10 29.11
C ALA W 179 11.15 -13.40 28.38
N VAL W 180 11.94 -13.32 27.31
CA VAL W 180 12.22 -14.48 26.44
C VAL W 180 13.64 -15.06 26.56
N SER W 181 14.34 -14.73 27.63
CA SER W 181 15.58 -15.39 28.02
C SER W 181 15.46 -15.98 29.43
N GLY W 182 16.20 -17.04 29.67
CA GLY W 182 16.34 -17.59 30.99
C GLY W 182 16.00 -19.08 31.03
N MET W 183 15.07 -19.42 31.92
CA MET W 183 14.71 -20.78 32.31
C MET W 183 15.95 -21.60 32.61
N GLY W 184 16.92 -20.97 33.25
CA GLY W 184 18.15 -21.62 33.62
C GLY W 184 19.32 -21.01 32.94
N VAL W 185 20.50 -21.18 33.56
CA VAL W 185 21.78 -20.69 33.04
C VAL W 185 22.88 -21.76 33.21
N ILE W 186 23.65 -22.00 32.15
CA ILE W 186 24.82 -22.85 32.20
C ILE W 186 26.10 -22.01 32.04
N VAL W 187 27.15 -22.36 32.78
CA VAL W 187 28.42 -21.61 32.77
C VAL W 187 29.57 -22.59 32.66
N HIS W 188 30.50 -22.30 31.75
CA HIS W 188 31.71 -23.11 31.61
C HIS W 188 32.86 -22.21 32.01
N ILE W 189 33.68 -22.62 32.97
CA ILE W 189 34.94 -21.92 33.25
C ILE W 189 36.05 -22.74 32.61
N ILE W 190 36.92 -22.09 31.85
CA ILE W 190 37.94 -22.77 31.10
C ILE W 190 39.30 -22.34 31.60
N GLU W 191 40.02 -23.30 32.19
CA GLU W 191 41.39 -23.13 32.68
C GLU W 191 42.37 -24.01 31.87
N LYS W 192 43.67 -23.76 32.05
CA LYS W 192 44.73 -24.57 31.46
C LYS W 192 44.52 -26.06 31.72
N ASP W 193 44.24 -26.43 32.97
CA ASP W 193 44.21 -27.83 33.38
C ASP W 193 42.81 -28.51 33.46
N LYS W 194 41.72 -27.75 33.35
CA LYS W 194 40.36 -28.32 33.47
C LYS W 194 39.26 -27.41 32.97
N ILE W 195 38.12 -28.04 32.71
CA ILE W 195 36.87 -27.36 32.39
C ILE W 195 35.91 -27.61 33.55
N THR W 196 35.31 -26.54 34.07
CA THR W 196 34.29 -26.56 35.11
C THR W 196 32.96 -26.12 34.53
N THR W 197 31.96 -27.00 34.56
CA THR W 197 30.63 -26.74 34.02
C THR W 197 29.61 -26.76 35.17
N ARG W 198 28.86 -25.65 35.30
CA ARG W 198 27.78 -25.55 36.31
C ARG W 198 26.45 -25.09 35.70
N THR W 199 25.34 -25.61 36.23
CA THR W 199 24.06 -24.96 36.04
C THR W 199 23.74 -24.21 37.33
N LEU W 200 23.10 -23.04 37.16
CA LEU W 200 22.83 -22.12 38.28
C LEU W 200 21.41 -22.27 38.78
N LYS W 201 21.22 -21.99 40.06
CA LYS W 201 19.87 -21.88 40.56
C LYS W 201 19.31 -20.55 40.02
N ALA W 202 18.17 -20.62 39.34
CA ALA W 202 17.67 -19.52 38.57
C ALA W 202 16.16 -19.51 38.53
N ARG W 203 15.59 -18.31 38.35
CA ARG W 203 14.16 -18.15 38.12
C ARG W 203 13.70 -18.96 36.91
N MET W 204 12.53 -19.58 37.06
CA MET W 204 11.89 -20.40 36.02
C MET W 204 10.57 -19.82 35.52
N ASP W 205 10.48 -18.50 35.54
CA ASP W 205 9.39 -17.78 34.85
C ASP W 205 9.87 -16.94 33.60
N MET X 1 -7.97 -28.22 13.25
CA MET X 1 -6.46 -28.02 13.29
C MET X 1 -5.74 -28.96 14.23
N GLU X 2 -4.52 -29.31 13.86
CA GLU X 2 -4.00 -30.64 14.14
C GLU X 2 -3.28 -30.71 15.45
N TYR X 3 -3.54 -31.75 16.22
CA TYR X 3 -2.92 -31.92 17.53
C TYR X 3 -2.02 -33.17 17.52
N LEU X 4 -0.81 -33.00 18.06
CA LEU X 4 0.14 -34.06 18.27
C LEU X 4 0.60 -33.98 19.69
N ILE X 5 0.83 -35.13 20.31
CA ILE X 5 1.34 -35.20 21.66
C ILE X 5 2.20 -36.46 21.85
N GLY X 6 3.25 -36.30 22.65
CA GLY X 6 4.16 -37.34 23.00
C GLY X 6 4.51 -37.28 24.48
N ILE X 7 4.65 -38.45 25.09
CA ILE X 7 5.06 -38.60 26.46
C ILE X 7 6.07 -39.75 26.52
N GLN X 8 7.28 -39.44 26.98
CA GLN X 8 8.37 -40.39 27.11
C GLN X 8 8.42 -40.86 28.55
N GLY X 9 8.26 -42.16 28.75
CA GLY X 9 8.59 -42.82 30.05
C GLY X 9 9.95 -43.53 30.11
N PRO X 10 10.21 -44.28 31.18
CA PRO X 10 11.54 -44.89 31.34
C PRO X 10 11.99 -45.82 30.21
N ASP X 11 11.05 -46.56 29.63
CA ASP X 11 11.34 -47.57 28.64
C ASP X 11 10.29 -47.64 27.54
N TYR X 12 9.68 -46.51 27.22
CA TYR X 12 8.71 -46.44 26.13
C TYR X 12 8.49 -44.97 25.78
N VAL X 13 7.80 -44.75 24.67
CA VAL X 13 7.27 -43.44 24.32
C VAL X 13 5.85 -43.64 23.86
N LEU X 14 4.96 -42.81 24.38
CA LEU X 14 3.54 -42.86 24.06
C LEU X 14 3.25 -41.61 23.20
N VAL X 15 2.48 -41.80 22.12
CA VAL X 15 2.16 -40.75 21.20
C VAL X 15 0.72 -40.84 20.77
N ALA X 16 0.17 -39.68 20.45
CA ALA X 16 -1.20 -39.59 20.02
C ALA X 16 -1.35 -38.40 19.10
N SER X 17 -2.36 -38.46 18.26
CA SER X 17 -2.63 -37.42 17.29
C SER X 17 -4.11 -37.46 16.93
N ASP X 18 -4.71 -36.32 16.60
CA ASP X 18 -6.11 -36.31 16.23
C ASP X 18 -6.33 -36.95 14.87
N ARG X 19 -7.58 -37.19 14.54
CA ARG X 19 -7.92 -37.93 13.32
C ARG X 19 -8.78 -37.16 12.35
N VAL X 20 -8.76 -35.84 12.50
CA VAL X 20 -9.54 -34.98 11.63
C VAL X 20 -8.67 -34.50 10.46
N ALA X 21 -9.22 -34.51 9.27
CA ALA X 21 -8.71 -33.74 8.16
C ALA X 21 -9.77 -32.72 7.84
N ALA X 22 -9.44 -31.47 8.00
CA ALA X 22 -10.43 -30.42 7.79
C ALA X 22 -10.11 -29.54 6.63
N SER X 23 -11.15 -28.92 6.11
CA SER X 23 -11.04 -28.02 5.02
C SER X 23 -12.13 -27.00 5.19
N ASN X 24 -11.76 -25.75 5.46
CA ASN X 24 -12.70 -24.63 5.56
C ASN X 24 -13.57 -24.88 6.82
N ILE X 25 -14.90 -25.00 6.70
CA ILE X 25 -15.76 -25.23 7.85
C ILE X 25 -16.07 -26.70 8.12
N VAL X 26 -15.61 -27.63 7.26
CA VAL X 26 -16.00 -29.05 7.39
C VAL X 26 -14.86 -29.98 7.77
N GLN X 27 -15.18 -31.00 8.55
CA GLN X 27 -14.32 -32.18 8.67
C GLN X 27 -14.56 -33.00 7.39
N MET X 28 -13.47 -33.33 6.70
CA MET X 28 -13.55 -34.14 5.48
C MET X 28 -13.26 -35.59 5.73
N LYS X 29 -12.56 -35.88 6.81
CA LYS X 29 -12.22 -37.22 7.21
C LYS X 29 -12.14 -37.24 8.72
N ASP X 30 -12.73 -38.26 9.33
CA ASP X 30 -12.71 -38.47 10.80
C ASP X 30 -11.77 -39.59 11.25
N ASP X 31 -11.24 -40.34 10.29
CA ASP X 31 -10.26 -41.40 10.58
C ASP X 31 -8.84 -41.15 9.98
N HIS X 32 -8.43 -39.90 9.92
CA HIS X 32 -7.13 -39.56 9.42
C HIS X 32 -6.04 -39.95 10.41
N ASP X 33 -4.90 -40.30 9.86
CA ASP X 33 -3.80 -40.83 10.66
C ASP X 33 -2.59 -39.96 10.35
N LYS X 34 -2.00 -39.35 11.38
CA LYS X 34 -0.92 -38.38 11.22
C LYS X 34 0.45 -38.94 11.57
N MET X 35 0.51 -40.28 11.69
CA MET X 35 1.71 -40.99 12.08
C MET X 35 2.30 -41.76 10.91
N PHE X 36 3.62 -41.80 10.88
CA PHE X 36 4.35 -42.40 9.77
C PHE X 36 5.37 -43.32 10.35
N LYS X 37 5.26 -44.60 10.05
CA LYS X 37 6.26 -45.59 10.47
C LYS X 37 7.52 -45.42 9.63
N MET X 38 8.63 -45.01 10.25
CA MET X 38 9.93 -44.86 9.59
C MET X 38 10.74 -46.17 9.57
N SER X 39 10.67 -46.88 10.71
CA SER X 39 11.37 -48.12 10.95
C SER X 39 10.57 -48.93 11.99
N GLU X 40 11.15 -50.02 12.50
CA GLU X 40 10.46 -50.87 13.46
C GLU X 40 10.19 -50.19 14.79
N LYS X 41 11.08 -49.28 15.17
CA LYS X 41 11.02 -48.62 16.46
C LYS X 41 11.01 -47.07 16.32
N ILE X 42 10.50 -46.56 15.20
CA ILE X 42 10.42 -45.11 14.94
C ILE X 42 9.11 -44.68 14.29
N LEU X 43 8.50 -43.67 14.89
CA LEU X 43 7.31 -43.03 14.36
C LEU X 43 7.60 -41.52 14.20
N LEU X 44 7.14 -41.00 13.07
CA LEU X 44 7.21 -39.58 12.76
C LEU X 44 5.78 -39.06 12.71
N LEU X 45 5.49 -38.05 13.52
CA LEU X 45 4.15 -37.45 13.54
C LEU X 45 4.33 -36.10 12.94
N CYS X 46 3.48 -35.80 11.96
CA CYS X 46 3.67 -34.66 11.09
CA CYS X 46 3.67 -34.67 11.07
C CYS X 46 2.37 -33.91 10.84
N VAL X 47 2.42 -32.61 11.08
CA VAL X 47 1.28 -31.68 10.80
C VAL X 47 1.80 -30.46 10.05
N GLY X 48 0.88 -29.69 9.45
CA GLY X 48 1.19 -28.40 8.85
C GLY X 48 0.45 -28.20 7.56
N GLU X 49 1.12 -27.61 6.59
CA GLU X 49 0.45 -27.22 5.38
C GLU X 49 0.09 -28.42 4.49
N ALA X 50 -1.04 -28.32 3.84
CA ALA X 50 -1.44 -29.33 2.90
C ALA X 50 -0.37 -29.51 1.84
N GLY X 51 -0.14 -30.78 1.49
CA GLY X 51 0.84 -31.17 0.49
C GLY X 51 2.15 -31.39 1.20
N ASP X 52 2.68 -30.32 1.80
CA ASP X 52 3.98 -30.36 2.46
C ASP X 52 4.11 -31.50 3.45
N THR X 53 3.04 -31.77 4.20
CA THR X 53 3.10 -32.72 5.30
C THR X 53 3.37 -34.11 4.78
N VAL X 54 2.54 -34.59 3.87
CA VAL X 54 2.75 -35.91 3.31
C VAL X 54 4.05 -36.00 2.44
N GLN X 55 4.28 -35.01 1.59
CA GLN X 55 5.47 -35.02 0.73
C GLN X 55 6.72 -35.10 1.57
N PHE X 56 6.79 -34.32 2.64
CA PHE X 56 7.96 -34.32 3.47
C PHE X 56 8.15 -35.64 4.21
N ALA X 57 7.11 -36.09 4.90
CA ALA X 57 7.14 -37.27 5.75
C ALA X 57 7.49 -38.56 4.97
N GLU X 58 6.84 -38.73 3.82
CA GLU X 58 7.09 -39.87 2.98
C GLU X 58 8.49 -39.89 2.38
N TYR X 59 9.02 -38.71 2.06
CA TYR X 59 10.36 -38.59 1.57
C TYR X 59 11.38 -39.04 2.63
N ILE X 60 11.20 -38.58 3.86
CA ILE X 60 12.00 -39.04 4.99
C ILE X 60 11.86 -40.57 5.21
N GLN X 61 10.64 -41.06 5.11
CA GLN X 61 10.32 -42.45 5.35
C GLN X 61 11.06 -43.38 4.33
N LYS X 62 10.91 -43.10 3.03
CA LYS X 62 11.59 -43.85 2.00
C LYS X 62 13.11 -43.82 2.17
N ASN X 63 13.66 -42.71 2.62
CA ASN X 63 15.09 -42.58 2.79
C ASN X 63 15.63 -43.32 4.01
N VAL X 64 14.87 -43.33 5.11
CA VAL X 64 15.16 -44.16 6.29
C VAL X 64 15.11 -45.66 5.88
N GLN X 65 14.05 -46.05 5.19
CA GLN X 65 13.92 -47.41 4.67
C GLN X 65 15.07 -47.78 3.72
N LEU X 66 15.47 -46.84 2.87
CA LEU X 66 16.59 -47.05 1.95
C LEU X 66 17.88 -47.27 2.73
N TYR X 67 18.06 -46.54 3.82
CA TYR X 67 19.24 -46.74 4.65
C TYR X 67 19.33 -48.20 5.18
N LYS X 68 18.19 -48.71 5.68
CA LYS X 68 18.06 -50.10 6.13
C LYS X 68 18.38 -51.11 5.02
N MET X 69 17.82 -50.93 3.83
CA MET X 69 18.15 -51.79 2.71
C MET X 69 19.61 -51.75 2.31
N ARG X 70 20.23 -50.58 2.34
CA ARG X 70 21.64 -50.47 1.99
C ARG X 70 22.56 -51.09 3.01
N ASN X 71 22.23 -50.91 4.28
CA ASN X 71 23.14 -51.23 5.34
C ASN X 71 22.80 -52.47 6.18
N GLY X 72 21.60 -53.01 6.04
CA GLY X 72 21.19 -54.15 6.82
C GLY X 72 20.71 -53.88 8.25
N TYR X 73 20.90 -52.67 8.79
CA TYR X 73 20.37 -52.28 10.11
C TYR X 73 19.75 -50.91 9.93
N GLU X 74 19.01 -50.47 10.96
CA GLU X 74 18.25 -49.20 10.94
C GLU X 74 19.00 -48.03 11.56
N LEU X 75 18.61 -46.82 11.17
CA LEU X 75 19.06 -45.64 11.88
C LEU X 75 18.53 -45.63 13.30
N SER X 76 19.30 -45.11 14.24
CA SER X 76 18.80 -44.81 15.56
C SER X 76 17.72 -43.69 15.53
N PRO X 77 16.88 -43.56 16.59
CA PRO X 77 15.95 -42.42 16.67
C PRO X 77 16.66 -41.07 16.57
N THR X 78 17.81 -40.93 17.19
CA THR X 78 18.55 -39.70 17.18
C THR X 78 19.07 -39.40 15.76
N ALA X 79 19.69 -40.40 15.15
CA ALA X 79 20.14 -40.29 13.75
C ALA X 79 19.02 -39.92 12.77
N ALA X 80 17.84 -40.52 12.92
CA ALA X 80 16.70 -40.20 12.03
C ALA X 80 16.18 -38.77 12.28
N ALA X 81 16.24 -38.33 13.54
CA ALA X 81 15.79 -37.01 13.90
C ALA X 81 16.72 -36.00 13.30
N ASN X 82 18.02 -36.26 13.37
CA ASN X 82 18.94 -35.31 12.80
C ASN X 82 18.89 -35.27 11.31
N PHE X 83 18.72 -36.44 10.70
CA PHE X 83 18.51 -36.53 9.26
C PHE X 83 17.31 -35.70 8.83
N THR X 84 16.24 -35.79 9.60
CA THR X 84 14.97 -35.12 9.29
C THR X 84 15.18 -33.60 9.35
N ARG X 85 15.85 -33.16 10.41
CA ARG X 85 16.29 -31.78 10.61
C ARG X 85 17.17 -31.23 9.52
N ARG X 86 18.18 -31.98 9.12
CA ARG X 86 19.09 -31.56 8.05
C ARG X 86 18.30 -31.23 6.82
N ASN X 87 17.36 -32.10 6.47
CA ASN X 87 16.57 -31.89 5.28
C ASN X 87 15.69 -30.65 5.39
N LEU X 88 15.01 -30.50 6.54
CA LEU X 88 14.09 -29.38 6.70
C LEU X 88 14.87 -28.07 6.66
N ALA X 89 16.00 -28.03 7.35
CA ALA X 89 16.83 -26.84 7.40
C ALA X 89 17.46 -26.50 6.06
N ASP X 90 17.91 -27.52 5.33
CA ASP X 90 18.42 -27.32 3.96
C ASP X 90 17.34 -26.74 3.03
N 6V1 X 91 16.08 -27.08 3.24
CA 6V1 X 91 15.01 -26.59 2.38
C 6V1 X 91 14.51 -25.23 2.77
O 6V1 X 91 13.83 -24.58 1.99
CB 6V1 X 91 13.89 -27.66 2.27
SG 6V1 X 91 14.36 -28.80 0.95
C1 6V1 X 91 14.92 -30.37 1.59
C2 6V1 X 91 13.72 -31.25 1.93
N3 6V1 X 91 13.67 -32.37 1.10
C4 6V1 X 91 14.83 -32.50 0.44
C5 6V1 X 91 15.75 -31.30 0.66
C6 6V1 X 91 12.55 -33.22 0.70
O7 6V1 X 91 12.95 -30.86 2.85
O8 6V1 X 91 15.07 -33.41 -0.36
C3 6V1 X 91 11.44 -33.34 1.71
N LEU X 92 14.90 -24.76 3.95
CA LEU X 92 14.32 -23.54 4.54
C LEU X 92 14.53 -22.28 3.73
N ARG X 93 15.73 -22.07 3.21
CA ARG X 93 16.00 -20.91 2.39
C ARG X 93 16.00 -21.21 0.89
N SER X 94 15.47 -22.36 0.48
CA SER X 94 15.38 -22.76 -0.93
C SER X 94 14.06 -22.30 -1.50
N ARG X 95 13.89 -22.61 -2.78
CA ARG X 95 12.59 -22.50 -3.52
C ARG X 95 11.54 -23.50 -3.03
N THR X 96 11.93 -24.53 -2.28
CA THR X 96 10.98 -25.53 -1.81
C THR X 96 11.01 -25.76 -0.30
N PRO X 97 10.68 -24.74 0.52
CA PRO X 97 10.54 -24.98 1.97
C PRO X 97 9.30 -25.83 2.27
N TYR X 98 9.33 -26.59 3.35
CA TYR X 98 8.23 -27.41 3.79
C TYR X 98 7.70 -26.83 5.09
N HIS X 99 6.45 -26.40 5.11
CA HIS X 99 5.82 -25.87 6.36
CA HIS X 99 5.84 -25.86 6.32
C HIS X 99 5.20 -27.02 7.13
N VAL X 100 6.02 -27.64 7.94
CA VAL X 100 5.61 -28.77 8.72
C VAL X 100 6.13 -28.65 10.14
N ASN X 101 5.35 -29.14 11.12
CA ASN X 101 5.84 -29.35 12.48
C ASN X 101 5.78 -30.81 12.80
N LEU X 102 6.76 -31.30 13.57
CA LEU X 102 6.94 -32.71 13.82
C LEU X 102 7.18 -33.09 15.29
N LEU X 103 6.74 -34.31 15.63
CA LEU X 103 7.37 -35.12 16.65
C LEU X 103 7.96 -36.39 16.03
N LEU X 104 9.13 -36.78 16.53
CA LEU X 104 9.74 -38.04 16.23
C LEU X 104 9.84 -38.82 17.52
N ALA X 105 9.20 -39.99 17.56
CA ALA X 105 9.25 -40.92 18.71
C ALA X 105 9.94 -42.19 18.29
N GLY X 106 10.80 -42.68 19.18
CA GLY X 106 11.45 -43.97 18.96
C GLY X 106 12.06 -44.61 20.18
N TYR X 107 12.49 -45.85 19.96
CA TYR X 107 13.17 -46.65 20.97
C TYR X 107 14.43 -47.19 20.38
N ASP X 108 15.55 -46.90 21.04
CA ASP X 108 16.86 -47.45 20.67
C ASP X 108 17.28 -48.55 21.65
N GLU X 109 17.75 -49.68 21.12
CA GLU X 109 18.26 -50.80 21.95
C GLU X 109 19.26 -50.38 23.04
N HIS X 110 20.10 -49.37 22.77
CA HIS X 110 21.15 -48.92 23.72
C HIS X 110 20.85 -47.62 24.49
N GLU X 111 20.16 -46.68 23.87
CA GLU X 111 19.86 -45.37 24.48
C GLU X 111 18.46 -45.31 25.09
N GLY X 112 17.59 -46.25 24.75
CA GLY X 112 16.27 -46.33 25.33
C GLY X 112 15.34 -45.41 24.58
N PRO X 113 14.24 -45.03 25.20
CA PRO X 113 13.22 -44.24 24.50
C PRO X 113 13.63 -42.79 24.24
N ALA X 114 13.06 -42.20 23.19
CA ALA X 114 13.34 -40.81 22.87
C ALA X 114 12.16 -40.16 22.17
N LEU X 115 11.99 -38.87 22.49
CA LEU X 115 11.00 -38.01 21.89
C LEU X 115 11.65 -36.70 21.46
N TYR X 116 11.39 -36.33 20.22
CA TYR X 116 12.03 -35.20 19.58
C TYR X 116 10.96 -34.30 19.08
N TYR X 117 11.19 -33.01 19.32
CA TYR X 117 10.33 -31.93 18.83
C TYR X 117 11.03 -31.16 17.74
N MET X 118 10.32 -30.95 16.64
CA MET X 118 10.77 -30.07 15.61
C MET X 118 9.72 -29.08 15.13
N ASP X 119 10.10 -27.83 14.91
CA ASP X 119 9.18 -26.87 14.29
C ASP X 119 9.58 -26.67 12.83
N TYR X 120 8.77 -25.89 12.10
CA TYR X 120 8.98 -25.69 10.67
C TYR X 120 10.24 -24.93 10.33
N LEU X 121 10.81 -24.20 11.28
CA LEU X 121 12.14 -23.66 11.08
C LEU X 121 13.28 -24.69 11.15
N ALA X 122 12.99 -25.92 11.54
CA ALA X 122 13.97 -26.97 11.75
C ALA X 122 14.86 -26.82 12.99
N ALA X 123 14.35 -26.15 14.04
CA ALA X 123 14.96 -26.27 15.37
C ALA X 123 14.60 -27.65 15.96
N LEU X 124 15.59 -28.38 16.46
CA LEU X 124 15.39 -29.71 17.00
C LEU X 124 15.64 -29.75 18.50
N ALA X 125 14.69 -30.27 19.26
CA ALA X 125 14.82 -30.37 20.72
C ALA X 125 14.37 -31.76 21.23
N LYS X 126 15.21 -32.35 22.06
CA LYS X 126 14.81 -33.52 22.81
C LYS X 126 13.98 -33.08 24.03
N ALA X 127 12.89 -33.79 24.29
CA ALA X 127 11.95 -33.44 25.37
C ALA X 127 11.33 -34.65 26.04
N PRO X 128 11.08 -34.60 27.35
CA PRO X 128 10.41 -35.73 28.01
C PRO X 128 8.96 -35.85 27.63
N PHE X 129 8.34 -34.74 27.21
CA PHE X 129 7.02 -34.72 26.57
C PHE X 129 6.88 -33.47 25.68
N ALA X 130 5.88 -33.45 24.80
CA ALA X 130 5.75 -32.33 23.91
C ALA X 130 4.44 -32.38 23.18
N ALA X 131 4.04 -31.24 22.59
CA ALA X 131 2.83 -31.20 21.80
C ALA X 131 2.87 -30.10 20.77
N HIS X 132 2.14 -30.29 19.68
CA HIS X 132 1.98 -29.35 18.62
C HIS X 132 0.53 -29.03 18.42
N GLY X 133 0.26 -27.87 17.82
CA GLY X 133 -1.10 -27.46 17.50
C GLY X 133 -1.57 -26.47 18.53
N TYR X 134 -2.58 -25.70 18.21
CA TYR X 134 -3.32 -24.92 19.20
C TYR X 134 -3.63 -25.69 20.47
N GLY X 135 -3.99 -26.96 20.35
CA GLY X 135 -4.29 -27.81 21.49
C GLY X 135 -3.17 -27.90 22.47
N ALA X 136 -1.96 -27.75 22.00
CA ALA X 136 -0.79 -27.70 22.92
C ALA X 136 -0.85 -26.59 23.96
N PHE X 137 -1.47 -25.48 23.61
CA PHE X 137 -1.58 -24.36 24.54
C PHE X 137 -2.44 -24.70 25.76
N LEU X 138 -3.48 -25.51 25.54
CA LEU X 138 -4.33 -26.00 26.62
C LEU X 138 -3.84 -27.24 27.39
N THR X 139 -2.90 -28.01 26.81
CA THR X 139 -2.50 -29.29 27.37
C THR X 139 -1.11 -29.35 28.01
N LEU X 140 -0.18 -28.52 27.58
CA LEU X 140 1.20 -28.60 28.08
C LEU X 140 1.34 -28.36 29.57
N SER X 141 0.48 -27.52 30.16
CA SER X 141 0.56 -27.27 31.59
C SER X 141 0.01 -28.43 32.37
N ILE X 142 -0.93 -29.16 31.75
CA ILE X 142 -1.43 -30.36 32.35
C ILE X 142 -0.28 -31.40 32.42
N LEU X 143 0.49 -31.51 31.35
CA LEU X 143 1.70 -32.34 31.38
C LEU X 143 2.74 -31.87 32.40
N ASP X 144 2.97 -30.57 32.51
CA ASP X 144 3.95 -30.06 33.47
C ASP X 144 3.53 -30.35 34.88
N ARG X 145 2.22 -30.31 35.09
CA ARG X 145 1.64 -30.48 36.42
C ARG X 145 1.79 -31.91 36.95
N TYR X 146 1.55 -32.89 36.09
CA TYR X 146 1.40 -34.27 36.50
C TYR X 146 2.53 -35.19 36.04
N TYR X 147 3.32 -34.82 35.04
CA TYR X 147 4.38 -35.73 34.55
C TYR X 147 5.49 -35.90 35.60
N THR X 148 5.99 -37.13 35.71
CA THR X 148 7.26 -37.43 36.39
C THR X 148 8.03 -38.38 35.50
N PRO X 149 9.38 -38.37 35.57
CA PRO X 149 10.18 -39.20 34.62
C PRO X 149 9.93 -40.74 34.72
N THR X 150 9.50 -41.21 35.89
CA THR X 150 9.23 -42.62 36.10
C THR X 150 7.78 -43.03 35.75
N ILE X 151 6.99 -42.12 35.20
CA ILE X 151 5.59 -42.43 34.86
C ILE X 151 5.47 -43.78 34.09
N SER X 152 4.58 -44.63 34.60
CA SER X 152 4.29 -45.92 33.97
C SER X 152 3.40 -45.71 32.78
N ARG X 153 3.29 -46.70 31.91
CA ARG X 153 2.50 -46.53 30.69
C ARG X 153 1.00 -46.47 30.94
N GLU X 154 0.50 -47.24 31.90
CA GLU X 154 -0.92 -47.12 32.33
C GLU X 154 -1.24 -45.68 32.80
N ARG X 155 -0.31 -45.07 33.53
CA ARG X 155 -0.46 -43.71 34.06
C ARG X 155 -0.29 -42.67 32.97
N ALA X 156 0.64 -42.91 32.05
CA ALA X 156 0.82 -42.06 30.88
C ALA X 156 -0.43 -42.04 29.96
N VAL X 157 -1.08 -43.18 29.78
CA VAL X 157 -2.36 -43.21 29.04
C VAL X 157 -3.47 -42.47 29.78
N GLU X 158 -3.42 -42.49 31.12
CA GLU X 158 -4.35 -41.73 31.92
C GLU X 158 -4.15 -40.21 31.76
N LEU X 159 -2.89 -39.78 31.87
CA LEU X 159 -2.46 -38.39 31.69
C LEU X 159 -2.81 -37.88 30.31
N LEU X 160 -2.49 -38.68 29.28
CA LEU X 160 -2.96 -38.41 27.93
C LEU X 160 -4.45 -38.17 27.88
N ARG X 161 -5.22 -39.05 28.49
CA ARG X 161 -6.68 -38.92 28.52
C ARG X 161 -7.15 -37.61 29.17
N LYS X 162 -6.40 -37.13 30.17
CA LYS X 162 -6.69 -35.84 30.84
C LYS X 162 -6.53 -34.68 29.87
N CYS X 163 -5.44 -34.73 29.11
CA CYS X 163 -5.16 -33.78 28.07
C CYS X 163 -6.26 -33.76 27.00
N LEU X 164 -6.63 -34.93 26.52
CA LEU X 164 -7.63 -35.02 25.47
C LEU X 164 -8.99 -34.58 25.95
N GLU X 165 -9.29 -34.86 27.22
CA GLU X 165 -10.54 -34.42 27.83
C GLU X 165 -10.57 -32.90 27.92
N GLU X 166 -9.44 -32.31 28.26
CA GLU X 166 -9.33 -30.86 28.27
C GLU X 166 -9.62 -30.23 26.94
N LEU X 167 -9.22 -30.85 25.84
CA LEU X 167 -9.61 -30.36 24.52
C LEU X 167 -11.12 -30.43 24.27
N GLN X 168 -11.77 -31.49 24.72
CA GLN X 168 -13.23 -31.61 24.58
C GLN X 168 -13.96 -30.50 25.38
N LYS X 169 -13.43 -30.17 26.54
CA LYS X 169 -14.06 -29.20 27.41
C LYS X 169 -13.82 -27.77 26.87
N ARG X 170 -12.56 -27.45 26.60
CA ARG X 170 -12.11 -26.07 26.47
C ARG X 170 -11.73 -25.63 25.07
N PHE X 171 -11.36 -26.53 24.18
CA PHE X 171 -10.84 -26.14 22.85
C PHE X 171 -11.98 -25.88 21.87
N ILE X 172 -11.89 -24.81 21.09
CA ILE X 172 -12.97 -24.41 20.21
C ILE X 172 -13.22 -25.35 18.99
N LEU X 173 -12.25 -26.18 18.65
CA LEU X 173 -12.39 -27.11 17.57
C LEU X 173 -12.85 -28.50 17.98
N ASN X 174 -13.66 -29.07 17.09
CA ASN X 174 -14.25 -30.40 17.21
C ASN X 174 -13.24 -31.48 16.82
N LEU X 175 -12.52 -31.98 17.81
CA LEU X 175 -11.63 -33.10 17.67
C LEU X 175 -12.09 -34.33 18.47
N PRO X 176 -13.05 -35.12 17.93
CA PRO X 176 -13.66 -36.20 18.69
C PRO X 176 -12.90 -37.51 18.93
N THR X 177 -11.89 -37.82 18.12
CA THR X 177 -11.18 -39.09 18.22
C THR X 177 -9.70 -38.87 18.02
N PHE X 178 -8.90 -39.72 18.66
CA PHE X 178 -7.44 -39.69 18.56
C PHE X 178 -6.78 -41.07 18.37
N SER X 179 -5.73 -41.11 17.53
CA SER X 179 -4.87 -42.28 17.34
C SER X 179 -3.88 -42.31 18.46
N VAL X 180 -3.57 -43.50 18.97
CA VAL X 180 -2.68 -43.66 20.10
C VAL X 180 -1.76 -44.86 19.83
N ARG X 181 -0.48 -44.67 20.07
CA ARG X 181 0.52 -45.67 19.83
C ARG X 181 1.63 -45.58 20.84
N ILE X 182 2.26 -46.70 21.13
CA ILE X 182 3.41 -46.72 22.03
C ILE X 182 4.51 -47.50 21.37
N ILE X 183 5.74 -47.12 21.70
CA ILE X 183 6.90 -47.74 21.18
C ILE X 183 7.78 -48.13 22.37
N ASP X 184 8.28 -49.37 22.34
CA ASP X 184 9.19 -49.92 23.34
C ASP X 184 10.18 -50.91 22.69
N LYS X 185 10.93 -51.65 23.49
CA LYS X 185 11.85 -52.69 23.02
C LYS X 185 11.28 -53.65 21.92
N ASN X 186 9.98 -53.94 21.97
CA ASN X 186 9.31 -54.86 21.02
C ASN X 186 8.63 -54.15 19.86
N GLY X 187 9.00 -52.90 19.61
CA GLY X 187 8.47 -52.13 18.50
C GLY X 187 7.27 -51.26 18.80
N ILE X 188 6.44 -51.12 17.77
CA ILE X 188 5.36 -50.17 17.74
C ILE X 188 4.06 -50.89 17.96
N HIS X 189 3.30 -50.46 18.96
CA HIS X 189 2.00 -51.06 19.29
C HIS X 189 0.85 -50.03 19.10
N ASP X 190 -0.22 -50.47 18.45
CA ASP X 190 -1.46 -49.72 18.36
C ASP X 190 -2.27 -49.98 19.61
N LEU X 191 -2.61 -48.91 20.33
CA LEU X 191 -3.58 -48.93 21.40
C LEU X 191 -4.91 -48.53 20.82
N ASP X 192 -5.99 -48.65 21.61
CA ASP X 192 -7.31 -48.33 21.12
C ASP X 192 -7.37 -46.84 20.97
N ASN X 193 -8.18 -46.40 20.03
CA ASN X 193 -8.44 -44.99 19.89
C ASN X 193 -9.15 -44.53 21.17
N ILE X 194 -8.87 -43.28 21.50
CA ILE X 194 -9.55 -42.59 22.55
C ILE X 194 -10.53 -41.74 21.81
N SER X 195 -11.82 -41.94 22.10
CA SER X 195 -12.94 -41.29 21.41
C SER X 195 -13.91 -40.67 22.41
N PHE X 196 -14.71 -39.72 21.91
CA PHE X 196 -15.70 -39.01 22.74
C PHE X 196 -17.11 -39.04 22.10
N THR Y 1 -20.48 -24.94 -8.33
CA THR Y 1 -20.29 -26.35 -8.65
C THR Y 1 -20.62 -27.17 -7.46
N THR Y 2 -21.30 -28.28 -7.70
CA THR Y 2 -21.41 -29.32 -6.66
C THR Y 2 -21.07 -30.68 -7.27
N THR Y 3 -20.13 -31.38 -6.63
CA THR Y 3 -19.82 -32.73 -6.96
C THR Y 3 -19.81 -33.55 -5.72
N LEU Y 4 -20.17 -34.83 -5.83
CA LEU Y 4 -20.02 -35.72 -4.71
C LEU Y 4 -19.69 -37.13 -5.16
N ALA Y 5 -19.13 -37.89 -4.23
CA ALA Y 5 -18.89 -39.29 -4.44
C ALA Y 5 -18.97 -40.05 -3.15
N PHE Y 6 -19.43 -41.30 -3.21
CA PHE Y 6 -19.34 -42.17 -2.05
C PHE Y 6 -19.19 -43.61 -2.42
N LYS Y 7 -18.41 -44.33 -1.61
CA LYS Y 7 -18.28 -45.79 -1.65
C LYS Y 7 -19.41 -46.43 -0.92
N PHE Y 8 -19.83 -47.56 -1.43
CA PHE Y 8 -20.80 -48.40 -0.70
C PHE Y 8 -20.60 -49.82 -1.15
N ARG Y 9 -21.47 -50.71 -0.69
CA ARG Y 9 -21.30 -52.16 -0.93
C ARG Y 9 -21.18 -52.50 -2.41
N HIS Y 10 -21.94 -51.82 -3.25
CA HIS Y 10 -22.01 -52.10 -4.68
C HIS Y 10 -21.17 -51.17 -5.56
N GLY Y 11 -20.15 -50.51 -4.97
CA GLY Y 11 -19.22 -49.71 -5.74
C GLY Y 11 -19.15 -48.25 -5.31
N VAL Y 12 -19.01 -47.36 -6.27
CA VAL Y 12 -18.94 -45.95 -5.93
C VAL Y 12 -19.84 -45.16 -6.83
N ILE Y 13 -20.63 -44.28 -6.18
CA ILE Y 13 -21.48 -43.36 -6.84
C ILE Y 13 -20.76 -42.03 -6.99
N VAL Y 14 -21.01 -41.38 -8.11
CA VAL Y 14 -20.38 -40.13 -8.47
C VAL Y 14 -21.42 -39.25 -9.14
N ALA Y 15 -21.58 -38.03 -8.63
CA ALA Y 15 -22.60 -37.13 -9.18
C ALA Y 15 -22.13 -35.70 -9.20
N ALA Y 16 -22.68 -34.96 -10.13
CA ALA Y 16 -22.30 -33.60 -10.32
C ALA Y 16 -23.44 -32.78 -10.87
N ASP Y 17 -23.40 -31.46 -10.61
CA ASP Y 17 -24.19 -30.50 -11.40
C ASP Y 17 -23.46 -30.19 -12.73
N SER Y 18 -23.97 -29.26 -13.51
CA SER Y 18 -23.43 -28.98 -14.81
C SER Y 18 -23.31 -27.50 -15.17
N ARG Y 19 -23.23 -26.62 -14.15
CA ARG Y 19 -23.20 -25.20 -14.38
C ARG Y 19 -21.77 -24.65 -14.34
N ALA Y 20 -21.48 -23.76 -15.27
CA ALA Y 20 -20.29 -22.93 -15.22
C ALA Y 20 -20.68 -21.43 -15.22
N THR Y 21 -19.96 -20.69 -14.41
CA THR Y 21 -20.12 -19.28 -14.30
C THR Y 21 -18.83 -18.53 -14.56
N ALA Y 22 -18.98 -17.31 -15.08
CA ALA Y 22 -17.90 -16.33 -15.20
C ALA Y 22 -18.41 -15.13 -14.43
N GLY Y 23 -17.95 -14.96 -13.20
CA GLY Y 23 -18.59 -13.98 -12.26
C GLY Y 23 -20.00 -14.48 -11.97
N ALA Y 24 -20.98 -13.59 -12.08
CA ALA Y 24 -22.40 -13.97 -11.97
C ALA Y 24 -23.09 -14.35 -13.28
N TYR Y 25 -22.40 -14.24 -14.42
CA TYR Y 25 -22.92 -14.68 -15.70
C TYR Y 25 -22.86 -16.21 -15.74
N ILE Y 26 -23.92 -16.86 -16.20
CA ILE Y 26 -23.96 -18.32 -16.39
C ILE Y 26 -23.42 -18.58 -17.80
N ALA Y 27 -22.20 -19.11 -17.85
CA ALA Y 27 -21.51 -19.40 -19.12
C ALA Y 27 -22.06 -20.67 -19.76
N SER Y 28 -22.40 -21.70 -18.96
CA SER Y 28 -22.98 -22.93 -19.48
C SER Y 28 -23.80 -23.61 -18.43
N GLN Y 29 -24.82 -24.35 -18.88
CA GLN Y 29 -25.58 -25.35 -18.07
C GLN Y 29 -25.38 -26.82 -18.55
N THR Y 30 -24.45 -27.06 -19.48
CA THR Y 30 -24.23 -28.40 -20.04
C THR Y 30 -22.77 -28.87 -19.87
N VAL Y 31 -22.17 -28.52 -18.75
CA VAL Y 31 -20.77 -28.90 -18.52
C VAL Y 31 -20.76 -30.33 -18.04
N LYS Y 32 -19.81 -31.09 -18.59
CA LYS Y 32 -19.54 -32.45 -18.15
C LYS Y 32 -18.49 -32.41 -17.07
N LYS Y 33 -18.88 -32.45 -15.82
CA LYS Y 33 -17.93 -32.40 -14.71
C LYS Y 33 -17.45 -33.75 -14.19
N VAL Y 34 -17.95 -34.83 -14.74
CA VAL Y 34 -17.37 -36.15 -14.50
C VAL Y 34 -16.51 -36.52 -15.70
N ILE Y 35 -15.25 -36.82 -15.41
CA ILE Y 35 -14.28 -37.00 -16.44
C ILE Y 35 -13.93 -38.46 -16.50
N GLU Y 36 -14.14 -38.97 -17.70
CA GLU Y 36 -13.94 -40.34 -17.98
C GLU Y 36 -12.43 -40.45 -18.22
N ILE Y 37 -11.70 -40.81 -17.16
CA ILE Y 37 -10.24 -41.06 -17.21
C ILE Y 37 -9.90 -42.38 -17.92
N ASN Y 38 -10.78 -43.36 -17.79
CA ASN Y 38 -10.76 -44.59 -18.59
C ASN Y 38 -11.92 -45.52 -18.14
N PRO Y 39 -12.05 -46.72 -18.71
CA PRO Y 39 -13.27 -47.48 -18.37
C PRO Y 39 -13.43 -47.95 -16.93
N TYR Y 40 -12.42 -47.74 -16.07
CA TYR Y 40 -12.45 -48.19 -14.64
C TYR Y 40 -12.22 -47.07 -13.58
N LEU Y 41 -11.97 -45.85 -14.06
CA LEU Y 41 -11.53 -44.73 -13.27
C LEU Y 41 -12.23 -43.44 -13.74
N LEU Y 42 -12.85 -42.76 -12.79
CA LEU Y 42 -13.42 -41.46 -13.03
C LEU Y 42 -12.78 -40.42 -12.16
N GLY Y 43 -12.73 -39.20 -12.70
CA GLY Y 43 -12.41 -38.04 -11.90
C GLY Y 43 -13.54 -37.03 -11.98
N THR Y 44 -13.51 -36.04 -11.10
CA THR Y 44 -14.49 -34.95 -11.09
C THR Y 44 -13.81 -33.58 -11.14
N MET Y 45 -14.57 -32.61 -11.62
CA MET Y 45 -14.14 -31.26 -11.90
C MET Y 45 -14.80 -30.28 -10.87
N ALA Y 46 -13.99 -29.58 -10.12
CA ALA Y 46 -14.40 -28.41 -9.39
C ALA Y 46 -13.23 -27.45 -9.26
N GLY Y 47 -13.50 -26.12 -9.30
CA GLY Y 47 -12.44 -25.12 -9.16
C GLY Y 47 -12.21 -24.59 -10.55
N GLY Y 48 -10.98 -24.64 -11.06
CA GLY Y 48 -10.69 -24.30 -12.45
C GLY Y 48 -11.06 -25.44 -13.43
N ALA Y 49 -11.94 -25.13 -14.39
CA ALA Y 49 -12.36 -26.06 -15.38
C ALA Y 49 -11.11 -26.52 -16.22
N ALA Y 50 -10.36 -25.56 -16.77
CA ALA Y 50 -9.20 -25.89 -17.56
C ALA Y 50 -8.20 -26.69 -16.74
N ASP Y 51 -8.01 -26.33 -15.48
CA ASP Y 51 -7.01 -26.98 -14.66
C ASP Y 51 -7.40 -28.45 -14.38
N CYS Y 52 -8.64 -28.71 -13.99
CA CYS Y 52 -9.13 -30.09 -13.84
C CYS Y 52 -9.03 -30.91 -15.12
N SER Y 53 -9.58 -30.39 -16.22
CA SER Y 53 -9.61 -31.10 -17.49
C SER Y 53 -8.22 -31.41 -17.99
N PHE Y 54 -7.32 -30.45 -17.96
CA PHE Y 54 -6.00 -30.64 -18.43
C PHE Y 54 -5.25 -31.68 -17.61
N TRP Y 55 -5.24 -31.52 -16.30
CA TRP Y 55 -4.44 -32.38 -15.47
C TRP Y 55 -5.00 -33.82 -15.38
N GLU Y 56 -6.31 -33.98 -15.50
CA GLU Y 56 -6.89 -35.27 -15.46
C GLU Y 56 -6.74 -35.99 -16.80
N ARG Y 57 -6.71 -35.22 -17.87
CA ARG Y 57 -6.40 -35.77 -19.20
C ARG Y 57 -4.98 -36.24 -19.25
N LEU Y 58 -4.13 -35.54 -18.49
CA LEU Y 58 -2.76 -35.91 -18.35
C LEU Y 58 -2.58 -37.15 -17.48
N LEU Y 59 -3.39 -37.25 -16.45
CA LEU Y 59 -3.47 -38.43 -15.68
C LEU Y 59 -3.90 -39.64 -16.52
N ALA Y 60 -4.91 -39.47 -17.36
CA ALA Y 60 -5.36 -40.52 -18.26
C ALA Y 60 -4.25 -41.05 -19.17
N ARG Y 61 -3.48 -40.15 -19.78
CA ARG Y 61 -2.29 -40.49 -20.57
C ARG Y 61 -1.31 -41.36 -19.77
N GLN Y 62 -1.03 -40.95 -18.55
CA GLN Y 62 -0.07 -41.60 -17.68
C GLN Y 62 -0.55 -43.02 -17.22
N CYS Y 63 -1.84 -43.15 -16.91
CA CYS Y 63 -2.41 -44.44 -16.56
C CYS Y 63 -2.33 -45.40 -17.76
N ARG Y 64 -2.56 -44.90 -18.96
CA ARG Y 64 -2.57 -45.73 -20.13
C ARG Y 64 -1.15 -46.25 -20.43
N ILE Y 65 -0.16 -45.38 -20.30
CA ILE Y 65 1.24 -45.77 -20.37
C ILE Y 65 1.60 -46.79 -19.30
N TYR Y 66 1.12 -46.58 -18.10
CA TYR Y 66 1.32 -47.54 -17.02
C TYR Y 66 0.79 -48.94 -17.39
N GLU Y 67 -0.42 -48.96 -17.91
CA GLU Y 67 -1.07 -50.18 -18.31
C GLU Y 67 -0.25 -50.90 -19.39
N LEU Y 68 0.25 -50.15 -20.38
CA LEU Y 68 1.02 -50.72 -21.45
C LEU Y 68 2.39 -51.26 -20.98
N ARG Y 69 3.06 -50.54 -20.09
CA ARG Y 69 4.36 -50.96 -19.56
C ARG Y 69 4.27 -52.15 -18.59
N ASN Y 70 3.25 -52.17 -17.73
CA ASN Y 70 3.14 -53.13 -16.62
C ASN Y 70 2.13 -54.27 -16.81
N LYS Y 71 1.35 -54.22 -17.88
CA LYS Y 71 0.36 -55.26 -18.22
C LYS Y 71 -0.73 -55.41 -17.22
N GLU Y 72 -1.04 -54.33 -16.49
CA GLU Y 72 -2.18 -54.29 -15.58
C GLU Y 72 -2.70 -52.87 -15.38
N ARG Y 73 -3.99 -52.73 -15.06
CA ARG Y 73 -4.58 -51.45 -14.66
C ARG Y 73 -3.90 -50.92 -13.41
N ILE Y 74 -3.71 -49.62 -13.43
CA ILE Y 74 -3.22 -48.87 -12.27
C ILE Y 74 -4.28 -48.96 -11.18
N SER Y 75 -3.85 -49.04 -9.94
CA SER Y 75 -4.72 -48.89 -8.81
C SER Y 75 -5.23 -47.45 -8.66
N VAL Y 76 -6.27 -47.31 -7.88
CA VAL Y 76 -6.84 -46.00 -7.54
C VAL Y 76 -5.87 -45.19 -6.67
N ALA Y 77 -5.24 -45.85 -5.72
CA ALA Y 77 -4.21 -45.25 -4.90
C ALA Y 77 -3.07 -44.62 -5.70
N ALA Y 78 -2.58 -45.39 -6.64
CA ALA Y 78 -1.52 -44.97 -7.51
C ALA Y 78 -1.93 -43.89 -8.50
N ALA Y 79 -3.11 -43.98 -9.08
CA ALA Y 79 -3.58 -42.95 -9.99
C ALA Y 79 -3.76 -41.57 -9.26
N SER Y 80 -4.41 -41.61 -8.10
CA SER Y 80 -4.65 -40.42 -7.33
C SER Y 80 -3.31 -39.85 -6.89
N LYS Y 81 -2.35 -40.72 -6.61
CA LYS Y 81 -1.05 -40.25 -6.23
C LYS Y 81 -0.28 -39.60 -7.39
N LEU Y 82 -0.44 -40.10 -8.59
CA LEU Y 82 0.21 -39.52 -9.72
C LEU Y 82 -0.30 -38.11 -9.85
N LEU Y 83 -1.60 -37.96 -9.82
CA LEU Y 83 -2.24 -36.64 -9.92
C LEU Y 83 -1.72 -35.70 -8.84
N ALA Y 84 -1.70 -36.16 -7.58
CA ALA Y 84 -1.25 -35.32 -6.47
C ALA Y 84 0.17 -34.84 -6.66
N ASN Y 85 1.06 -35.76 -7.08
CA ASN Y 85 2.45 -35.39 -7.34
C ASN Y 85 2.63 -34.41 -8.49
N MET Y 86 1.80 -34.51 -9.52
CA MET Y 86 1.85 -33.55 -10.62
C MET Y 86 1.50 -32.11 -10.19
N VAL Y 87 0.40 -31.95 -9.47
CA VAL Y 87 -0.06 -30.64 -9.09
C VAL Y 87 0.78 -30.06 -7.94
N TYR Y 88 1.39 -30.93 -7.12
CA TYR Y 88 2.23 -30.44 -6.01
C TYR Y 88 3.29 -29.43 -6.46
N GLN Y 89 3.89 -29.71 -7.59
CA GLN Y 89 4.95 -28.86 -8.11
C GLN Y 89 4.53 -27.44 -8.37
N TYR Y 90 3.26 -27.22 -8.67
CA TYR Y 90 2.68 -25.96 -9.01
C TYR Y 90 2.01 -25.27 -7.85
N LYS Y 91 2.19 -25.74 -6.61
CA LYS Y 91 1.55 -25.06 -5.45
C LYS Y 91 2.00 -23.60 -5.37
N GLY Y 92 1.02 -22.73 -5.13
CA GLY Y 92 1.26 -21.31 -4.97
C GLY Y 92 1.26 -20.52 -6.28
N MET Y 93 1.02 -21.20 -7.41
CA MET Y 93 0.98 -20.59 -8.73
C MET Y 93 -0.43 -20.33 -9.22
N GLY Y 94 -1.41 -20.76 -8.46
CA GLY Y 94 -2.79 -20.44 -8.76
C GLY Y 94 -3.55 -21.50 -9.47
N LEU Y 95 -3.09 -22.74 -9.45
CA LEU Y 95 -3.99 -23.83 -9.92
C LEU Y 95 -5.16 -23.91 -8.96
N SER Y 96 -6.34 -24.18 -9.52
CA SER Y 96 -7.51 -24.39 -8.73
C SER Y 96 -8.16 -25.70 -9.14
N MET Y 97 -8.02 -26.72 -8.30
CA MET Y 97 -8.53 -28.05 -8.61
CA MET Y 97 -8.58 -28.03 -8.60
C MET Y 97 -9.00 -28.71 -7.32
N GLY Y 98 -10.21 -29.23 -7.33
CA GLY Y 98 -10.68 -30.09 -6.27
C GLY Y 98 -11.32 -31.27 -6.98
N THR Y 99 -10.74 -32.45 -6.81
CA THR Y 99 -11.24 -33.64 -7.52
C THR Y 99 -11.34 -34.93 -6.70
N MET Y 100 -12.24 -35.76 -7.11
CA MET Y 100 -12.36 -37.09 -6.54
C MET Y 100 -11.96 -38.08 -7.61
N ILE Y 101 -11.03 -38.97 -7.26
CA ILE Y 101 -10.63 -40.07 -8.15
C ILE Y 101 -11.34 -41.31 -7.63
N CYS Y 102 -12.17 -41.89 -8.49
CA CYS Y 102 -13.11 -42.94 -8.14
C CYS Y 102 -12.88 -44.18 -9.00
N GLY Y 103 -12.72 -45.34 -8.38
CA GLY Y 103 -12.52 -46.56 -9.11
C GLY Y 103 -12.86 -47.83 -8.32
N TRP Y 104 -12.49 -48.98 -8.92
CA TRP Y 104 -12.58 -50.30 -8.26
C TRP Y 104 -11.34 -51.09 -8.68
N ASP Y 105 -10.50 -51.46 -7.73
CA ASP Y 105 -9.28 -52.22 -8.01
C ASP Y 105 -9.17 -53.43 -7.08
N LYS Y 106 -8.00 -54.01 -6.90
CA LYS Y 106 -7.89 -55.25 -6.11
C LYS Y 106 -8.25 -55.04 -4.65
N ARG Y 107 -8.24 -53.79 -4.16
CA ARG Y 107 -8.67 -53.50 -2.78
C ARG Y 107 -10.16 -53.13 -2.70
N GLY Y 108 -10.88 -53.27 -3.82
CA GLY Y 108 -12.29 -52.99 -3.86
C GLY Y 108 -12.58 -51.56 -4.29
N PRO Y 109 -13.73 -51.04 -3.91
CA PRO Y 109 -14.09 -49.71 -4.34
C PRO Y 109 -13.11 -48.72 -3.76
N GLY Y 110 -12.69 -47.74 -4.60
CA GLY Y 110 -11.70 -46.74 -4.24
C GLY Y 110 -12.20 -45.31 -4.44
N LEU Y 111 -11.88 -44.47 -3.48
CA LEU Y 111 -12.27 -43.03 -3.55
C LEU Y 111 -11.28 -42.14 -2.81
N TYR Y 112 -10.62 -41.26 -3.60
CA TYR Y 112 -9.70 -40.28 -3.08
C TYR Y 112 -10.09 -38.84 -3.41
N TYR Y 113 -9.92 -37.96 -2.44
CA TYR Y 113 -10.01 -36.54 -2.68
C TYR Y 113 -8.62 -36.01 -2.93
N VAL Y 114 -8.44 -35.29 -4.02
CA VAL Y 114 -7.16 -34.68 -4.40
C VAL Y 114 -7.35 -33.21 -4.83
N ASP Y 115 -6.55 -32.31 -4.32
CA ASP Y 115 -6.67 -30.90 -4.69
C ASP Y 115 -5.38 -30.22 -4.99
N SER Y 116 -5.53 -29.00 -5.52
CA SER Y 116 -4.36 -28.13 -5.86
C SER Y 116 -3.60 -27.60 -4.68
N GLU Y 117 -4.17 -27.65 -3.48
CA GLU Y 117 -3.45 -27.30 -2.26
C GLU Y 117 -2.50 -28.35 -1.79
N GLY Y 118 -2.64 -29.55 -2.38
CA GLY Y 118 -1.77 -30.67 -2.07
C GLY Y 118 -2.36 -31.81 -1.25
N ASN Y 119 -3.64 -31.74 -0.93
CA ASN Y 119 -4.29 -32.78 -0.19
C ASN Y 119 -4.50 -34.02 -1.07
N ARG Y 120 -4.34 -35.17 -0.45
CA ARG Y 120 -4.71 -36.44 -1.06
C ARG Y 120 -5.19 -37.36 0.06
N ILE Y 121 -6.47 -37.69 0.09
CA ILE Y 121 -7.03 -38.46 1.18
C ILE Y 121 -8.09 -39.39 0.71
N SER Y 122 -8.04 -40.61 1.26
CA SER Y 122 -9.05 -41.64 1.00
C SER Y 122 -10.23 -41.40 1.90
N GLY Y 123 -11.41 -41.83 1.48
CA GLY Y 123 -12.57 -41.76 2.35
C GLY Y 123 -13.83 -42.38 1.77
N ALA Y 124 -14.82 -42.50 2.63
CA ALA Y 124 -16.06 -43.12 2.28
C ALA Y 124 -16.94 -42.22 1.42
N THR Y 125 -16.97 -40.94 1.78
CA THR Y 125 -17.81 -39.96 1.09
C THR Y 125 -17.04 -38.65 1.03
N PHE Y 126 -17.27 -37.89 -0.05
CA PHE Y 126 -16.76 -36.53 -0.21
C PHE Y 126 -17.74 -35.69 -1.00
N SER Y 127 -17.70 -34.39 -0.80
CA SER Y 127 -18.37 -33.47 -1.70
C SER Y 127 -17.42 -32.31 -1.86
N VAL Y 128 -17.38 -31.77 -3.08
CA VAL Y 128 -16.44 -30.72 -3.46
C VAL Y 128 -17.17 -29.67 -4.27
N GLY Y 129 -16.79 -28.41 -4.04
CA GLY Y 129 -17.30 -27.29 -4.83
C GLY Y 129 -18.02 -26.28 -3.95
N SER Y 130 -18.50 -25.21 -4.58
CA SER Y 130 -19.17 -24.13 -3.87
C SER Y 130 -20.43 -24.60 -3.16
N GLY Y 131 -21.14 -25.55 -3.79
CA GLY Y 131 -22.28 -26.25 -3.19
C GLY Y 131 -22.07 -27.45 -2.27
N SER Y 132 -20.83 -27.80 -2.00
CA SER Y 132 -20.57 -28.97 -1.21
C SER Y 132 -21.14 -28.99 0.20
N VAL Y 133 -21.13 -27.87 0.90
CA VAL Y 133 -21.78 -27.78 2.21
C VAL Y 133 -23.25 -28.25 2.19
N TYR Y 134 -23.98 -27.89 1.15
CA TYR Y 134 -25.38 -28.24 1.00
C TYR Y 134 -25.56 -29.71 0.71
N ALA Y 135 -24.68 -30.27 -0.15
CA ALA Y 135 -24.73 -31.70 -0.45
C ALA Y 135 -24.33 -32.52 0.72
N TYR Y 136 -23.37 -32.08 1.51
CA TYR Y 136 -22.94 -32.86 2.67
C TYR Y 136 -24.08 -33.08 3.64
N GLY Y 137 -24.93 -32.06 3.82
CA GLY Y 137 -26.05 -32.20 4.72
C GLY Y 137 -27.02 -33.32 4.33
N VAL Y 138 -27.42 -33.37 3.06
CA VAL Y 138 -28.40 -34.35 2.67
C VAL Y 138 -27.75 -35.72 2.52
N MET Y 139 -26.58 -35.77 1.88
CA MET Y 139 -25.80 -37.02 1.78
C MET Y 139 -25.55 -37.61 3.14
N ASP Y 140 -25.09 -36.84 4.11
CA ASP Y 140 -24.74 -37.37 5.39
C ASP Y 140 -25.92 -37.95 6.11
N ARG Y 141 -27.09 -37.35 5.96
CA ARG Y 141 -28.26 -37.86 6.66
CA ARG Y 141 -28.28 -37.84 6.67
C ARG Y 141 -28.88 -39.10 6.03
N GLY Y 142 -28.51 -39.39 4.80
CA GLY Y 142 -29.04 -40.57 4.10
C GLY Y 142 -28.07 -41.71 3.82
N TYR Y 143 -26.78 -41.52 4.10
CA TYR Y 143 -25.75 -42.42 3.61
C TYR Y 143 -25.62 -43.63 4.50
N SER Y 144 -25.46 -44.79 3.86
CA SER Y 144 -25.09 -46.04 4.50
C SER Y 144 -24.28 -46.87 3.52
N TYR Y 145 -23.29 -47.57 4.05
CA TYR Y 145 -22.52 -48.55 3.27
C TYR Y 145 -23.48 -49.62 2.72
N ASP Y 146 -24.54 -49.94 3.47
CA ASP Y 146 -25.48 -50.99 3.08
C ASP Y 146 -26.67 -50.51 2.27
N LEU Y 147 -26.53 -49.37 1.62
CA LEU Y 147 -27.59 -48.86 0.75
C LEU Y 147 -27.78 -49.81 -0.43
N GLU Y 148 -29.03 -50.03 -0.80
CA GLU Y 148 -29.40 -50.66 -2.06
C GLU Y 148 -29.02 -49.72 -3.22
N VAL Y 149 -28.78 -50.29 -4.39
CA VAL Y 149 -28.34 -49.54 -5.55
C VAL Y 149 -29.29 -48.38 -5.86
N GLU Y 150 -30.57 -48.64 -6.02
CA GLU Y 150 -31.50 -47.57 -6.42
C GLU Y 150 -31.57 -46.47 -5.35
N GLN Y 151 -31.38 -46.85 -4.09
CA GLN Y 151 -31.37 -45.90 -2.97
C GLN Y 151 -30.15 -45.01 -2.99
N ALA Y 152 -29.01 -45.57 -3.38
CA ALA Y 152 -27.79 -44.83 -3.49
C ALA Y 152 -27.88 -43.83 -4.60
N TYR Y 153 -28.47 -44.23 -5.72
CA TYR Y 153 -28.73 -43.30 -6.82
C TYR Y 153 -29.63 -42.14 -6.36
N ASP Y 154 -30.71 -42.45 -5.64
CA ASP Y 154 -31.66 -41.44 -5.14
C ASP Y 154 -31.00 -40.41 -4.24
N LEU Y 155 -30.18 -40.89 -3.32
CA LEU Y 155 -29.46 -40.06 -2.40
C LEU Y 155 -28.53 -39.06 -3.08
N ALA Y 156 -27.72 -39.57 -4.03
CA ALA Y 156 -26.77 -38.76 -4.80
C ALA Y 156 -27.50 -37.67 -5.59
N ARG Y 157 -28.55 -38.08 -6.30
CA ARG Y 157 -29.31 -37.21 -7.15
C ARG Y 157 -30.00 -36.11 -6.30
N ARG Y 158 -30.52 -36.48 -5.13
CA ARG Y 158 -31.20 -35.58 -4.24
C ARG Y 158 -30.24 -34.60 -3.57
N ALA Y 159 -29.09 -35.07 -3.12
CA ALA Y 159 -28.07 -34.23 -2.54
C ALA Y 159 -27.54 -33.14 -3.50
N ILE Y 160 -27.24 -33.53 -4.72
CA ILE Y 160 -26.86 -32.55 -5.71
C ILE Y 160 -27.99 -31.60 -5.95
N TYR Y 161 -29.21 -32.10 -6.07
CA TYR Y 161 -30.38 -31.29 -6.35
C TYR Y 161 -30.55 -30.17 -5.29
N GLN Y 162 -30.43 -30.54 -4.03
CA GLN Y 162 -30.57 -29.63 -2.94
C GLN Y 162 -29.48 -28.56 -2.94
N ALA Y 163 -28.26 -28.95 -3.32
CA ALA Y 163 -27.18 -28.01 -3.54
C ALA Y 163 -27.51 -27.03 -4.63
N THR Y 164 -28.05 -27.47 -5.74
CA THR Y 164 -28.38 -26.48 -6.81
C THR Y 164 -29.44 -25.46 -6.33
N TYR Y 165 -30.27 -25.87 -5.38
CA TYR Y 165 -31.35 -25.02 -4.86
C TYR Y 165 -30.82 -23.84 -4.05
N ARG Y 166 -29.91 -24.11 -3.14
CA ARG Y 166 -29.32 -23.10 -2.29
C ARG Y 166 -28.15 -22.29 -2.89
N ASP Y 167 -27.29 -22.95 -3.68
CA ASP Y 167 -26.02 -22.38 -4.20
C ASP Y 167 -26.24 -21.81 -5.57
N ALA Y 168 -26.01 -20.50 -5.67
CA ALA Y 168 -26.19 -19.79 -6.94
C ALA Y 168 -25.27 -20.33 -8.03
N TYR Y 169 -24.10 -20.83 -7.62
CA TYR Y 169 -23.09 -21.28 -8.55
C TYR Y 169 -23.28 -22.75 -8.97
N SER Y 170 -24.35 -23.41 -8.56
CA SER Y 170 -24.64 -24.79 -8.91
C SER Y 170 -25.98 -24.86 -9.60
N GLY Y 171 -26.05 -25.70 -10.64
CA GLY Y 171 -27.28 -25.85 -11.39
C GLY Y 171 -27.20 -26.69 -12.64
N GLY Y 172 -28.23 -26.57 -13.45
CA GLY Y 172 -28.34 -27.22 -14.73
C GLY Y 172 -29.00 -28.58 -14.65
N ALA Y 173 -28.18 -29.63 -14.58
CA ALA Y 173 -28.65 -31.00 -14.58
C ALA Y 173 -27.80 -31.81 -13.64
N VAL Y 174 -28.37 -32.87 -13.07
CA VAL Y 174 -27.61 -33.79 -12.25
C VAL Y 174 -27.21 -34.99 -13.11
N ASN Y 175 -25.90 -35.27 -13.15
CA ASN Y 175 -25.32 -36.33 -13.94
C ASN Y 175 -24.75 -37.29 -12.94
N LEU Y 176 -25.19 -38.53 -13.08
CA LEU Y 176 -24.92 -39.60 -12.13
C LEU Y 176 -24.19 -40.76 -12.81
N TYR Y 177 -23.19 -41.27 -12.11
CA TYR Y 177 -22.37 -42.38 -12.57
C TYR Y 177 -22.24 -43.40 -11.44
N HIS Y 178 -21.98 -44.65 -11.85
CA HIS Y 178 -21.78 -45.74 -10.92
C HIS Y 178 -20.55 -46.53 -11.35
N VAL Y 179 -19.55 -46.55 -10.49
CA VAL Y 179 -18.40 -47.40 -10.69
C VAL Y 179 -18.67 -48.77 -10.09
N ARG Y 180 -18.74 -49.77 -10.96
CA ARG Y 180 -18.87 -51.21 -10.63
C ARG Y 180 -17.54 -51.95 -10.95
N GLU Y 181 -17.40 -53.16 -10.46
CA GLU Y 181 -16.13 -53.89 -10.52
C GLU Y 181 -15.60 -54.12 -11.97
N ASP Y 182 -16.52 -54.29 -12.92
CA ASP Y 182 -16.23 -54.39 -14.34
C ASP Y 182 -16.33 -53.10 -15.17
N GLY Y 183 -16.16 -51.95 -14.54
CA GLY Y 183 -16.26 -50.67 -15.24
C GLY Y 183 -17.34 -49.72 -14.69
N TRP Y 184 -17.21 -48.44 -15.02
CA TRP Y 184 -18.21 -47.49 -14.69
C TRP Y 184 -19.27 -47.50 -15.75
N ILE Y 185 -20.45 -47.08 -15.33
CA ILE Y 185 -21.57 -46.79 -16.20
C ILE Y 185 -22.12 -45.41 -15.89
N ARG Y 186 -22.70 -44.81 -16.93
CA ARG Y 186 -23.48 -43.59 -16.85
CA ARG Y 186 -23.47 -43.57 -16.81
C ARG Y 186 -24.91 -43.93 -16.49
N VAL Y 187 -25.35 -43.57 -15.31
CA VAL Y 187 -26.67 -43.96 -14.82
C VAL Y 187 -27.75 -43.02 -15.31
N SER Y 188 -27.56 -41.70 -15.20
CA SER Y 188 -28.63 -40.76 -15.58
C SER Y 188 -28.18 -39.33 -15.71
N SER Y 189 -28.89 -38.59 -16.56
CA SER Y 189 -28.78 -37.15 -16.67
C SER Y 189 -30.18 -36.53 -16.54
N ASP Y 190 -30.43 -35.85 -15.42
CA ASP Y 190 -31.77 -35.27 -15.16
C ASP Y 190 -31.73 -33.76 -14.94
N ASN Y 191 -32.44 -33.03 -15.77
CA ASN Y 191 -32.55 -31.61 -15.57
C ASN Y 191 -33.14 -31.30 -14.18
N VAL Y 192 -32.54 -30.30 -13.53
CA VAL Y 192 -32.96 -29.85 -12.21
C VAL Y 192 -34.41 -29.33 -12.22
N ALA Y 193 -34.87 -28.75 -13.33
CA ALA Y 193 -36.28 -28.37 -13.46
C ALA Y 193 -37.27 -29.55 -13.48
N ASP Y 194 -36.88 -30.66 -14.10
CA ASP Y 194 -37.70 -31.89 -14.02
C ASP Y 194 -37.68 -32.54 -12.63
N LEU Y 195 -36.53 -32.53 -11.94
CA LEU Y 195 -36.46 -33.04 -10.57
C LEU Y 195 -37.27 -32.21 -9.60
N HIS Y 196 -37.38 -30.91 -9.85
CA HIS Y 196 -38.16 -30.03 -8.99
C HIS Y 196 -39.63 -30.50 -9.02
N GLU Y 197 -40.15 -30.67 -10.23
CA GLU Y 197 -41.50 -31.20 -10.45
C GLU Y 197 -41.73 -32.50 -9.62
N LYS Y 198 -40.75 -33.38 -9.65
CA LYS Y 198 -40.77 -34.61 -8.91
C LYS Y 198 -40.70 -34.53 -7.36
N TYR Y 199 -39.75 -33.80 -6.78
CA TYR Y 199 -39.49 -33.92 -5.30
C TYR Y 199 -40.45 -33.11 -4.40
N ARG Z 1 3.06 0.82 -13.83
CA ARG Z 1 3.34 -0.58 -14.27
C ARG Z 1 2.85 -0.68 -15.75
N PHE Z 2 3.76 -1.05 -16.64
CA PHE Z 2 3.37 -1.54 -17.97
C PHE Z 2 2.35 -2.67 -17.80
N SER Z 3 1.21 -2.58 -18.48
CA SER Z 3 0.32 -3.73 -18.67
C SER Z 3 0.46 -4.33 -20.07
N PRO Z 4 0.62 -5.66 -20.15
CA PRO Z 4 0.75 -6.35 -21.49
C PRO Z 4 -0.57 -6.63 -22.20
N TYR Z 5 -1.69 -6.21 -21.63
CA TYR Z 5 -3.00 -6.44 -22.21
C TYR Z 5 -3.77 -5.17 -22.40
N VAL Z 6 -4.65 -5.17 -23.35
CA VAL Z 6 -5.63 -4.16 -23.52
C VAL Z 6 -6.87 -4.83 -24.12
N PHE Z 7 -8.06 -4.29 -23.85
CA PHE Z 7 -9.31 -4.86 -24.35
C PHE Z 7 -9.66 -4.22 -25.68
N ASN Z 8 -9.85 -5.01 -26.74
CA ASN Z 8 -10.10 -4.42 -28.07
C ASN Z 8 -11.47 -4.69 -28.62
N GLY Z 9 -12.33 -5.30 -27.81
CA GLY Z 9 -13.75 -5.37 -28.16
C GLY Z 9 -14.05 -6.56 -29.04
N GLY Z 10 -15.27 -6.62 -29.50
CA GLY Z 10 -15.62 -7.70 -30.40
C GLY Z 10 -16.52 -8.77 -29.80
N THR Z 11 -17.51 -9.13 -30.62
CA THR Z 11 -18.47 -10.14 -30.33
C THR Z 11 -18.42 -11.22 -31.46
N ILE Z 12 -18.38 -12.49 -31.02
CA ILE Z 12 -18.43 -13.65 -31.90
C ILE Z 12 -19.61 -14.58 -31.56
N LEU Z 13 -20.06 -15.29 -32.58
CA LEU Z 13 -21.16 -16.20 -32.45
C LEU Z 13 -20.93 -17.40 -33.37
N ALA Z 14 -21.30 -18.59 -32.91
CA ALA Z 14 -21.37 -19.75 -33.80
C ALA Z 14 -22.59 -20.59 -33.52
N ILE Z 15 -23.16 -21.13 -34.61
CA ILE Z 15 -24.32 -22.00 -34.56
C ILE Z 15 -24.07 -23.29 -35.39
N ALA Z 16 -24.41 -24.43 -34.78
CA ALA Z 16 -24.34 -25.74 -35.42
C ALA Z 16 -25.71 -26.18 -35.92
N GLY Z 17 -25.81 -26.32 -37.22
CA GLY Z 17 -26.92 -27.05 -37.85
C GLY Z 17 -26.67 -28.52 -38.12
N GLU Z 18 -27.68 -29.17 -38.66
CA GLU Z 18 -27.61 -30.58 -39.00
C GLU Z 18 -26.53 -30.82 -40.10
N ASP Z 19 -26.41 -29.89 -41.05
CA ASP Z 19 -25.43 -29.98 -42.12
C ASP Z 19 -24.75 -28.63 -42.44
N PHE Z 20 -24.58 -27.80 -41.42
CA PHE Z 20 -23.97 -26.51 -41.63
C PHE Z 20 -23.43 -26.02 -40.34
N ALA Z 21 -22.51 -25.08 -40.43
CA ALA Z 21 -22.13 -24.29 -39.28
C ALA Z 21 -21.99 -22.83 -39.69
N ILE Z 22 -22.41 -21.93 -38.79
CA ILE Z 22 -22.29 -20.47 -38.97
C ILE Z 22 -21.29 -19.96 -37.96
N VAL Z 23 -20.40 -19.08 -38.40
CA VAL Z 23 -19.57 -18.37 -37.47
C VAL Z 23 -19.65 -16.91 -37.87
N ALA Z 24 -19.97 -16.08 -36.90
CA ALA Z 24 -20.25 -14.69 -37.17
C ALA Z 24 -19.57 -13.78 -36.15
N SER Z 25 -19.29 -12.56 -36.60
CA SER Z 25 -18.64 -11.57 -35.75
C SER Z 25 -18.85 -10.18 -36.30
N ASP Z 26 -18.70 -9.19 -35.43
CA ASP Z 26 -18.80 -7.79 -35.86
C ASP Z 26 -17.40 -7.39 -36.32
N THR Z 27 -17.27 -6.26 -36.98
CA THR Z 27 -16.00 -5.86 -37.58
C THR Z 27 -15.31 -4.64 -36.95
N ARG Z 28 -15.75 -4.22 -35.78
CA ARG Z 28 -15.14 -3.04 -35.12
C ARG Z 28 -13.98 -3.46 -34.27
N LEU Z 29 -12.87 -2.76 -34.40
CA LEU Z 29 -11.77 -2.91 -33.48
C LEU Z 29 -11.63 -1.61 -32.70
N SER Z 30 -11.58 -1.72 -31.39
CA SER Z 30 -11.74 -0.55 -30.43
C SER Z 30 -10.62 -0.54 -29.48
N GLU Z 31 -10.43 0.55 -28.82
CA GLU Z 31 -9.55 0.68 -27.69
C GLU Z 31 -9.96 1.93 -26.91
N GLY Z 32 -10.10 1.81 -25.61
CA GLY Z 32 -10.61 2.86 -24.75
C GLY Z 32 -11.99 3.31 -25.21
N PHE Z 33 -12.11 4.57 -25.54
CA PHE Z 33 -13.34 5.09 -26.13
C PHE Z 33 -13.26 5.38 -27.63
N SER Z 34 -12.25 4.80 -28.32
CA SER Z 34 -11.97 5.07 -29.73
C SER Z 34 -12.16 3.82 -30.58
N ILE Z 35 -12.28 4.07 -31.88
CA ILE Z 35 -12.36 3.03 -32.86
C ILE Z 35 -11.04 3.06 -33.65
N HIS Z 36 -10.29 1.98 -33.60
CA HIS Z 36 -9.12 1.80 -34.48
C HIS Z 36 -9.55 1.63 -35.93
N THR Z 37 -10.44 0.70 -36.17
CA THR Z 37 -10.96 0.54 -37.52
C THR Z 37 -12.33 -0.06 -37.48
N ARG Z 38 -13.12 0.25 -38.50
CA ARG Z 38 -14.44 -0.33 -38.70
C ARG Z 38 -14.47 -1.61 -39.53
N ASP Z 39 -13.30 -2.10 -39.95
CA ASP Z 39 -13.19 -3.26 -40.87
C ASP Z 39 -12.11 -4.24 -40.41
N SER Z 40 -12.38 -4.94 -39.34
CA SER Z 40 -11.41 -5.85 -38.74
C SER Z 40 -12.25 -7.02 -38.27
N PRO Z 41 -12.49 -7.99 -39.14
CA PRO Z 41 -13.19 -9.22 -38.71
C PRO Z 41 -12.40 -10.07 -37.72
N LYS Z 42 -13.19 -10.88 -37.03
CA LYS Z 42 -12.71 -11.74 -35.97
C LYS Z 42 -12.83 -13.24 -36.30
N CYS Z 43 -13.25 -13.53 -37.55
CA CYS Z 43 -13.33 -14.90 -38.04
CA CYS Z 43 -13.40 -14.85 -38.17
C CYS Z 43 -12.11 -15.14 -38.97
N TYR Z 44 -11.55 -16.35 -38.83
CA TYR Z 44 -10.38 -16.80 -39.60
C TYR Z 44 -10.66 -18.21 -40.12
N LYS Z 45 -10.47 -18.39 -41.41
CA LYS Z 45 -10.66 -19.66 -42.05
C LYS Z 45 -9.42 -20.53 -41.72
N LEU Z 46 -9.64 -21.74 -41.19
CA LEU Z 46 -8.57 -22.66 -40.87
C LEU Z 46 -8.37 -23.78 -41.93
N THR Z 47 -9.48 -24.43 -42.32
CA THR Z 47 -9.53 -25.43 -43.39
C THR Z 47 -10.85 -25.18 -44.10
N ASP Z 48 -11.09 -25.94 -45.15
CA ASP Z 48 -12.34 -25.94 -45.92
C ASP Z 48 -13.58 -26.23 -45.08
N LYS Z 49 -13.41 -26.87 -43.91
CA LYS Z 49 -14.48 -27.29 -43.03
C LYS Z 49 -14.47 -26.58 -41.68
N THR Z 50 -13.49 -25.73 -41.39
CA THR Z 50 -13.33 -25.17 -40.05
C THR Z 50 -13.03 -23.68 -40.10
N VAL Z 51 -13.75 -22.93 -39.27
CA VAL Z 51 -13.53 -21.51 -39.12
C VAL Z 51 -13.41 -21.25 -37.62
N ILE Z 52 -12.57 -20.31 -37.23
CA ILE Z 52 -12.46 -19.93 -35.83
C ILE Z 52 -12.78 -18.41 -35.65
N GLY Z 53 -13.43 -18.07 -34.55
CA GLY Z 53 -13.70 -16.70 -34.18
C GLY Z 53 -12.93 -16.33 -32.93
N CYS Z 54 -12.27 -15.17 -32.93
CA CYS Z 54 -11.40 -14.75 -31.84
C CYS Z 54 -11.69 -13.30 -31.47
N SER Z 55 -11.89 -13.07 -30.19
CA SER Z 55 -12.03 -11.72 -29.68
C SER Z 55 -11.34 -11.59 -28.36
N GLY Z 56 -10.98 -10.36 -28.03
CA GLY Z 56 -10.36 -10.04 -26.77
C GLY Z 56 -9.24 -9.05 -27.08
N PHE Z 57 -8.03 -9.36 -26.65
CA PHE Z 57 -6.89 -8.56 -26.89
C PHE Z 57 -6.39 -8.85 -28.29
N HIS Z 58 -6.39 -7.88 -29.17
CA HIS Z 58 -6.04 -8.10 -30.55
C HIS Z 58 -4.59 -8.61 -30.79
N GLY Z 59 -3.61 -8.16 -30.01
CA GLY Z 59 -2.27 -8.64 -30.09
C GLY Z 59 -2.21 -10.16 -29.96
N ASP Z 60 -3.00 -10.70 -29.04
CA ASP Z 60 -3.09 -12.13 -28.81
C ASP Z 60 -3.89 -12.83 -29.86
N CYS Z 61 -4.93 -12.21 -30.36
CA CYS Z 61 -5.67 -12.81 -31.44
C CYS Z 61 -4.82 -13.03 -32.67
N LEU Z 62 -4.03 -12.02 -33.01
CA LEU Z 62 -3.14 -12.13 -34.13
C LEU Z 62 -2.09 -13.25 -33.96
N THR Z 63 -1.46 -13.30 -32.78
CA THR Z 63 -0.43 -14.24 -32.51
C THR Z 63 -0.96 -15.66 -32.51
N LEU Z 64 -2.06 -15.87 -31.81
CA LEU Z 64 -2.63 -17.18 -31.66
C LEU Z 64 -3.05 -17.75 -33.01
N THR Z 65 -3.71 -16.96 -33.84
CA THR Z 65 -4.16 -17.46 -35.11
C THR Z 65 -2.97 -17.84 -36.05
N LYS Z 66 -1.88 -17.09 -36.01
CA LYS Z 66 -0.66 -17.44 -36.72
C LYS Z 66 -0.02 -18.72 -36.18
N ILE Z 67 -0.08 -18.93 -34.88
CA ILE Z 67 0.33 -20.19 -34.30
C ILE Z 67 -0.52 -21.36 -34.81
N ILE Z 68 -1.82 -21.20 -34.82
CA ILE Z 68 -2.71 -22.21 -35.27
C ILE Z 68 -2.44 -22.55 -36.72
N GLU Z 69 -2.31 -21.53 -37.57
CA GLU Z 69 -2.04 -21.75 -38.99
C GLU Z 69 -0.76 -22.58 -39.20
N ALA Z 70 0.29 -22.29 -38.45
CA ALA Z 70 1.53 -23.01 -38.49
C ALA Z 70 1.34 -24.46 -38.06
N ARG Z 71 0.65 -24.65 -36.94
CA ARG Z 71 0.39 -25.97 -36.42
C ARG Z 71 -0.44 -26.84 -37.36
N LEU Z 72 -1.37 -26.26 -38.09
CA LEU Z 72 -2.11 -27.03 -39.07
C LEU Z 72 -1.28 -27.59 -40.23
N LYS Z 73 -0.34 -26.78 -40.74
CA LYS Z 73 0.59 -27.21 -41.76
C LYS Z 73 1.54 -28.26 -41.24
N MET Z 74 2.06 -28.10 -40.03
CA MET Z 74 2.92 -29.13 -39.43
C MET Z 74 2.18 -30.45 -39.35
N TYR Z 75 0.92 -30.41 -38.90
CA TYR Z 75 0.09 -31.59 -38.76
C TYR Z 75 -0.09 -32.24 -40.13
N LYS Z 76 -0.44 -31.45 -41.14
CA LYS Z 76 -0.59 -31.98 -42.48
C LYS Z 76 0.70 -32.64 -43.01
N HIS Z 77 1.86 -32.02 -42.78
CA HIS Z 77 3.13 -32.60 -43.13
C HIS Z 77 3.48 -33.92 -42.43
N SER Z 78 3.19 -34.08 -41.15
CA SER Z 78 3.61 -35.29 -40.48
C SER Z 78 2.59 -36.42 -40.53
N ASN Z 79 1.33 -36.09 -40.78
CA ASN Z 79 0.27 -37.09 -40.84
C ASN Z 79 -0.39 -37.26 -42.21
N ASN Z 80 -0.14 -36.41 -43.17
CA ASN Z 80 -0.74 -36.54 -44.52
C ASN Z 80 -2.24 -36.49 -44.63
N LYS Z 81 -2.83 -35.62 -43.84
CA LYS Z 81 -4.24 -35.26 -43.95
C LYS Z 81 -4.42 -33.93 -43.22
N ALA Z 82 -5.49 -33.22 -43.55
CA ALA Z 82 -5.86 -32.02 -42.84
C ALA Z 82 -6.41 -32.38 -41.46
N MET Z 83 -6.20 -31.51 -40.50
CA MET Z 83 -6.82 -31.66 -39.17
C MET Z 83 -8.34 -31.51 -39.22
N THR Z 84 -9.03 -32.33 -38.44
CA THR Z 84 -10.44 -32.29 -38.34
C THR Z 84 -10.81 -31.18 -37.39
N THR Z 85 -12.08 -30.77 -37.44
CA THR Z 85 -12.61 -29.74 -36.56
C THR Z 85 -12.31 -30.09 -35.10
N GLY Z 86 -12.64 -31.30 -34.70
CA GLY Z 86 -12.40 -31.81 -33.38
C GLY Z 86 -10.97 -31.85 -32.97
N ALA Z 87 -10.08 -32.23 -33.92
CA ALA Z 87 -8.66 -32.25 -33.59
C ALA Z 87 -8.12 -30.82 -33.39
N ILE Z 88 -8.58 -29.87 -34.18
CA ILE Z 88 -8.21 -28.45 -34.01
C ILE Z 88 -8.64 -27.93 -32.62
N ALA Z 89 -9.84 -28.28 -32.20
CA ALA Z 89 -10.34 -27.89 -30.89
C ALA Z 89 -9.48 -28.47 -29.79
N ALA Z 90 -9.17 -29.78 -29.88
CA ALA Z 90 -8.32 -30.43 -28.90
C ALA Z 90 -6.94 -29.78 -28.83
N MET Z 91 -6.36 -29.50 -30.00
CA MET Z 91 -5.08 -28.88 -30.06
C MET Z 91 -5.09 -27.46 -29.44
N LEU Z 92 -6.10 -26.68 -29.82
CA LEU Z 92 -6.21 -25.31 -29.35
C LEU Z 92 -6.28 -25.29 -27.82
N SER Z 93 -6.94 -26.25 -27.23
CA SER Z 93 -6.96 -26.39 -25.79
C SER Z 93 -5.56 -26.48 -25.17
N THR Z 94 -4.69 -27.30 -25.79
CA THR Z 94 -3.33 -27.41 -25.32
C THR Z 94 -2.55 -26.12 -25.55
N ILE Z 95 -2.79 -25.43 -26.64
CA ILE Z 95 -2.03 -24.27 -26.94
C ILE Z 95 -2.36 -23.17 -25.89
N LEU Z 96 -3.63 -23.04 -25.58
CA LEU Z 96 -4.06 -22.05 -24.61
C LEU Z 96 -3.52 -22.37 -23.22
N TYR Z 97 -3.45 -23.65 -22.87
CA TYR Z 97 -3.01 -24.05 -21.56
C TYR Z 97 -1.51 -23.86 -21.43
N SER Z 98 -0.80 -23.94 -22.54
CA SER Z 98 0.65 -23.73 -22.49
C SER Z 98 1.01 -22.31 -21.96
N ARG Z 99 0.06 -21.39 -22.09
CA ARG Z 99 0.15 -20.05 -21.47
C ARG Z 99 -0.68 -19.89 -20.19
N ARG Z 100 -0.97 -20.98 -19.50
CA ARG Z 100 -1.75 -20.96 -18.30
C ARG Z 100 -1.32 -19.85 -17.31
N PHE Z 101 -0.03 -19.60 -17.19
CA PHE Z 101 0.49 -18.55 -16.27
C PHE Z 101 0.78 -17.16 -16.91
N PHE Z 102 0.52 -16.98 -18.22
CA PHE Z 102 0.55 -15.63 -18.91
C PHE Z 102 -0.43 -15.74 -20.09
N PRO Z 103 -1.73 -15.83 -19.80
CA PRO Z 103 -2.72 -16.28 -20.79
C PRO Z 103 -2.87 -15.46 -22.02
N TYR Z 104 -3.21 -16.09 -23.13
CA TYR Z 104 -3.77 -15.43 -24.27
C TYR Z 104 -5.13 -14.86 -23.84
N TYR Z 105 -5.30 -13.55 -23.94
CA TYR Z 105 -6.57 -12.89 -23.64
C TYR Z 105 -7.49 -12.92 -24.83
N VAL Z 106 -8.04 -14.10 -25.07
CA VAL Z 106 -8.77 -14.38 -26.28
C VAL Z 106 -9.92 -15.27 -25.90
N TYR Z 107 -11.07 -15.01 -26.48
CA TYR Z 107 -12.22 -15.92 -26.43
C TYR Z 107 -12.39 -16.50 -27.83
N ASN Z 108 -12.34 -17.82 -27.90
CA ASN Z 108 -12.38 -18.54 -29.14
C ASN Z 108 -13.62 -19.36 -29.25
N ILE Z 109 -14.22 -19.29 -30.40
CA ILE Z 109 -15.27 -20.20 -30.76
C ILE Z 109 -14.91 -20.82 -32.12
N ILE Z 110 -14.88 -22.12 -32.20
CA ILE Z 110 -14.67 -22.83 -33.50
C ILE Z 110 -16.02 -23.27 -34.07
N GLY Z 111 -16.21 -23.07 -35.37
CA GLY Z 111 -17.36 -23.58 -36.03
C GLY Z 111 -16.95 -24.30 -37.29
N GLY Z 112 -17.53 -25.46 -37.50
CA GLY Z 112 -17.26 -26.23 -38.71
C GLY Z 112 -18.07 -27.51 -38.82
N LEU Z 113 -17.66 -28.40 -39.73
CA LEU Z 113 -18.28 -29.71 -39.90
C LEU Z 113 -17.44 -30.79 -39.24
N ASP Z 114 -18.11 -31.75 -38.62
CA ASP Z 114 -17.46 -32.87 -38.04
C ASP Z 114 -17.27 -33.94 -39.13
N GLU Z 115 -16.82 -35.13 -38.76
CA GLU Z 115 -16.44 -36.14 -39.81
C GLU Z 115 -17.62 -36.83 -40.45
N GLU Z 116 -18.77 -36.77 -39.79
CA GLU Z 116 -20.01 -37.22 -40.39
C GLU Z 116 -20.71 -36.14 -41.22
N GLY Z 117 -20.10 -34.97 -41.40
CA GLY Z 117 -20.73 -33.88 -42.14
C GLY Z 117 -21.65 -32.96 -41.32
N LYS Z 118 -21.76 -33.20 -40.01
CA LYS Z 118 -22.69 -32.44 -39.16
C LYS Z 118 -22.04 -31.19 -38.60
N GLY Z 119 -22.88 -30.17 -38.32
CA GLY Z 119 -22.40 -28.94 -37.76
C GLY Z 119 -21.77 -29.21 -36.42
N ALA Z 120 -20.64 -28.58 -36.16
CA ALA Z 120 -19.99 -28.64 -34.87
C ALA Z 120 -19.51 -27.26 -34.41
N VAL Z 121 -19.77 -26.96 -33.14
CA VAL Z 121 -19.32 -25.76 -32.50
C VAL Z 121 -18.58 -26.13 -31.22
N TYR Z 122 -17.40 -25.52 -31.05
CA TYR Z 122 -16.60 -25.68 -29.83
C TYR Z 122 -16.31 -24.32 -29.24
N SER Z 123 -16.46 -24.18 -27.94
CA SER Z 123 -16.24 -22.87 -27.30
C SER Z 123 -15.21 -22.98 -26.20
N PHE Z 124 -14.37 -21.96 -26.07
CA PHE Z 124 -13.21 -22.04 -25.20
C PHE Z 124 -13.18 -20.88 -24.20
N ASP Z 125 -12.63 -21.12 -23.02
CA ASP Z 125 -12.23 -20.03 -22.15
C ASP Z 125 -10.72 -19.70 -22.46
N PRO Z 126 -10.18 -18.63 -21.86
CA PRO Z 126 -8.84 -18.19 -22.28
C PRO Z 126 -7.72 -19.19 -22.05
N VAL Z 127 -7.86 -20.13 -21.13
CA VAL Z 127 -6.78 -21.06 -20.80
C VAL Z 127 -7.08 -22.46 -21.33
N GLY Z 128 -8.11 -22.60 -22.16
CA GLY Z 128 -8.35 -23.78 -22.92
C GLY Z 128 -9.41 -24.79 -22.49
N SER Z 129 -10.10 -24.53 -21.39
CA SER Z 129 -11.29 -25.29 -21.06
C SER Z 129 -12.26 -25.17 -22.23
N TYR Z 130 -12.81 -26.29 -22.69
CA TYR Z 130 -13.67 -26.27 -23.87
C TYR Z 130 -14.67 -27.37 -23.88
N GLN Z 131 -15.67 -27.19 -24.71
CA GLN Z 131 -16.65 -28.21 -24.89
C GLN Z 131 -17.36 -28.00 -26.18
N ARG Z 132 -18.05 -29.03 -26.62
CA ARG Z 132 -18.91 -28.93 -27.77
C ARG Z 132 -20.27 -28.33 -27.37
N ASP Z 133 -20.84 -27.49 -28.21
CA ASP Z 133 -22.12 -26.83 -27.99
C ASP Z 133 -22.98 -26.84 -29.25
N SER Z 134 -24.26 -26.64 -29.09
CA SER Z 134 -25.15 -26.42 -30.21
C SER Z 134 -25.00 -25.00 -30.82
N PHE Z 135 -24.80 -24.05 -29.93
CA PHE Z 135 -24.66 -22.66 -30.30
C PHE Z 135 -23.97 -21.92 -29.16
N LYS Z 136 -23.24 -20.88 -29.52
CA LYS Z 136 -22.48 -20.15 -28.51
C LYS Z 136 -22.15 -18.73 -28.92
N ALA Z 137 -22.34 -17.78 -27.98
CA ALA Z 137 -21.91 -16.41 -28.20
C ALA Z 137 -20.71 -16.18 -27.35
N GLY Z 138 -19.80 -15.36 -27.84
CA GLY Z 138 -18.63 -14.96 -27.04
C GLY Z 138 -18.22 -13.52 -27.23
N GLY Z 139 -17.39 -13.06 -26.31
CA GLY Z 139 -16.93 -11.71 -26.39
C GLY Z 139 -17.87 -10.70 -25.77
N SER Z 140 -17.75 -9.48 -26.24
CA SER Z 140 -18.24 -8.29 -25.57
C SER Z 140 -19.78 -8.27 -25.29
N ALA Z 141 -20.57 -8.66 -26.28
CA ALA Z 141 -21.98 -8.68 -26.17
C ALA Z 141 -22.55 -10.09 -25.87
N SER Z 142 -21.77 -11.03 -25.33
CA SER Z 142 -22.30 -12.42 -25.21
C SER Z 142 -23.49 -12.55 -24.35
N ALA Z 143 -23.54 -11.78 -23.26
CA ALA Z 143 -24.65 -11.83 -22.35
C ALA Z 143 -25.89 -11.22 -22.98
N MET Z 144 -25.75 -10.39 -23.98
CA MET Z 144 -26.89 -9.94 -24.75
C MET Z 144 -27.37 -10.93 -25.82
N LEU Z 145 -26.46 -11.73 -26.38
CA LEU Z 145 -26.84 -12.64 -27.43
C LEU Z 145 -27.37 -13.95 -26.92
N GLN Z 146 -26.74 -14.47 -25.87
CA GLN Z 146 -26.97 -15.85 -25.42
C GLN Z 146 -28.44 -16.10 -24.98
N PRO Z 147 -29.07 -15.17 -24.25
CA PRO Z 147 -30.41 -15.51 -23.78
C PRO Z 147 -31.44 -15.75 -24.87
N LEU Z 148 -31.39 -14.95 -25.92
CA LEU Z 148 -32.34 -15.12 -27.01
C LEU Z 148 -32.05 -16.45 -27.77
N LEU Z 149 -30.78 -16.82 -27.88
CA LEU Z 149 -30.44 -18.12 -28.50
C LEU Z 149 -30.93 -19.30 -27.66
N ASP Z 150 -30.72 -19.24 -26.34
CA ASP Z 150 -31.32 -20.21 -25.41
C ASP Z 150 -32.80 -20.44 -25.66
N ASN Z 151 -33.49 -19.34 -25.94
CA ASN Z 151 -34.93 -19.32 -26.11
C ASN Z 151 -35.37 -19.79 -27.49
N GLN Z 152 -34.78 -19.21 -28.52
CA GLN Z 152 -35.17 -19.46 -29.90
C GLN Z 152 -34.57 -20.74 -30.51
N VAL Z 153 -33.40 -21.13 -30.07
CA VAL Z 153 -32.75 -22.33 -30.56
C VAL Z 153 -32.96 -23.49 -29.60
N GLY Z 154 -32.84 -23.26 -28.29
CA GLY Z 154 -33.02 -24.33 -27.29
C GLY Z 154 -34.46 -24.54 -26.91
N PHE Z 155 -35.34 -23.68 -27.42
CA PHE Z 155 -36.77 -23.68 -27.09
C PHE Z 155 -37.10 -23.50 -25.60
N LYS Z 156 -36.19 -22.88 -24.87
CA LYS Z 156 -36.36 -22.78 -23.43
C LYS Z 156 -37.44 -21.81 -22.96
N ASN Z 157 -38.10 -22.19 -21.86
CA ASN Z 157 -39.20 -21.47 -21.20
C ASN Z 157 -40.48 -21.38 -22.00
N MET Z 158 -40.56 -22.17 -23.08
CA MET Z 158 -41.75 -22.19 -23.94
C MET Z 158 -42.57 -23.48 -23.77
N GLN Z 159 -43.88 -23.33 -23.64
CA GLN Z 159 -44.84 -24.44 -23.61
C GLN Z 159 -45.59 -24.50 -24.95
N ASN Z 160 -46.01 -25.71 -25.37
CA ASN Z 160 -46.90 -25.89 -26.54
C ASN Z 160 -46.32 -25.23 -27.81
N VAL Z 161 -45.06 -25.54 -28.10
CA VAL Z 161 -44.30 -25.06 -29.26
C VAL Z 161 -43.59 -26.25 -29.88
N GLU Z 162 -43.73 -26.48 -31.20
CA GLU Z 162 -43.04 -27.63 -31.88
C GLU Z 162 -41.50 -27.41 -31.94
N HIS Z 163 -40.76 -28.38 -31.39
CA HIS Z 163 -39.29 -28.33 -31.37
C HIS Z 163 -38.72 -28.72 -32.76
N VAL Z 164 -38.95 -27.87 -33.77
CA VAL Z 164 -38.51 -28.14 -35.15
C VAL Z 164 -36.99 -28.03 -35.30
N PRO Z 165 -36.41 -28.78 -36.28
CA PRO Z 165 -34.94 -28.66 -36.56
C PRO Z 165 -34.57 -27.26 -37.10
N LEU Z 166 -33.32 -26.85 -36.91
CA LEU Z 166 -32.91 -25.50 -37.24
C LEU Z 166 -32.50 -25.36 -38.71
N SER Z 167 -33.36 -24.73 -39.51
CA SER Z 167 -33.00 -24.42 -40.88
C SER Z 167 -31.90 -23.36 -40.92
N LEU Z 168 -31.13 -23.38 -42.00
CA LEU Z 168 -30.14 -22.35 -42.26
C LEU Z 168 -30.79 -20.96 -42.30
N ASP Z 169 -31.91 -20.84 -43.02
CA ASP Z 169 -32.63 -19.59 -43.14
C ASP Z 169 -33.01 -18.99 -41.77
N ARG Z 170 -33.62 -19.80 -40.91
CA ARG Z 170 -33.96 -19.35 -39.60
C ARG Z 170 -32.68 -18.98 -38.80
N ALA Z 171 -31.63 -19.81 -38.88
CA ALA Z 171 -30.42 -19.55 -38.12
C ALA Z 171 -29.80 -18.21 -38.56
N MET Z 172 -29.82 -17.97 -39.85
CA MET Z 172 -29.38 -16.71 -40.40
C MET Z 172 -30.13 -15.44 -39.92
N ARG Z 173 -31.47 -15.54 -39.91
CA ARG Z 173 -32.32 -14.48 -39.39
C ARG Z 173 -31.98 -14.28 -37.93
N LEU Z 174 -31.80 -15.37 -37.17
CA LEU Z 174 -31.45 -15.22 -35.77
C LEU Z 174 -30.15 -14.48 -35.56
N VAL Z 175 -29.15 -14.86 -36.35
CA VAL Z 175 -27.83 -14.29 -36.21
C VAL Z 175 -27.87 -12.78 -36.42
N LYS Z 176 -28.55 -12.34 -37.45
CA LYS Z 176 -28.64 -10.96 -37.75
C LYS Z 176 -29.43 -10.16 -36.68
N ASP Z 177 -30.57 -10.72 -36.25
CA ASP Z 177 -31.37 -10.11 -35.21
C ASP Z 177 -30.61 -9.95 -33.88
N VAL Z 178 -29.86 -10.95 -33.42
CA VAL Z 178 -29.15 -10.78 -32.16
C VAL Z 178 -28.04 -9.72 -32.26
N PHE Z 179 -27.40 -9.61 -33.42
CA PHE Z 179 -26.35 -8.63 -33.55
C PHE Z 179 -26.88 -7.19 -33.68
N ILE Z 180 -27.95 -7.04 -34.44
CA ILE Z 180 -28.62 -5.77 -34.51
C ILE Z 180 -29.13 -5.31 -33.13
N SER Z 181 -29.75 -6.20 -32.37
CA SER Z 181 -30.11 -5.94 -30.99
C SER Z 181 -28.89 -5.64 -30.12
N ALA Z 182 -27.80 -6.35 -30.33
CA ALA Z 182 -26.59 -6.05 -29.55
C ALA Z 182 -25.95 -4.70 -29.92
N ALA Z 183 -25.98 -4.31 -31.19
CA ALA Z 183 -25.39 -3.07 -31.60
C ALA Z 183 -26.12 -1.86 -30.94
N GLU Z 184 -27.39 -2.04 -30.56
CA GLU Z 184 -28.15 -0.99 -29.87
C GLU Z 184 -27.54 -0.66 -28.49
N ARG Z 185 -26.92 -1.64 -27.82
CA ARG Z 185 -26.60 -1.52 -26.41
C ARG Z 185 -25.14 -1.72 -26.02
N ASP Z 186 -24.44 -2.61 -26.68
CA ASP Z 186 -22.97 -2.78 -26.49
C ASP Z 186 -22.20 -1.75 -27.34
N VAL Z 187 -21.49 -0.84 -26.67
CA VAL Z 187 -20.77 0.24 -27.39
C VAL Z 187 -19.67 -0.33 -28.29
N TYR Z 188 -19.17 -1.51 -27.97
CA TYR Z 188 -18.12 -2.14 -28.81
C TYR Z 188 -18.59 -2.86 -30.08
N THR Z 189 -19.86 -3.21 -30.17
CA THR Z 189 -20.37 -4.00 -31.26
C THR Z 189 -21.01 -3.09 -32.25
N GLY Z 190 -20.49 -3.09 -33.46
CA GLY Z 190 -21.00 -2.13 -34.44
C GLY Z 190 -20.31 -2.27 -35.78
N ASP Z 191 -20.61 -1.32 -36.66
CA ASP Z 191 -20.04 -1.21 -38.02
C ASP Z 191 -20.56 -2.21 -39.04
N ALA Z 192 -20.21 -3.47 -38.85
CA ALA Z 192 -20.63 -4.51 -39.77
C ALA Z 192 -20.58 -5.90 -39.15
N LEU Z 193 -21.43 -6.78 -39.67
CA LEU Z 193 -21.58 -8.17 -39.21
C LEU Z 193 -21.09 -9.03 -40.36
N ARG Z 194 -20.05 -9.78 -40.12
CA ARG Z 194 -19.50 -10.75 -41.09
C ARG Z 194 -20.01 -12.13 -40.66
N ILE Z 195 -20.66 -12.83 -41.59
CA ILE Z 195 -21.19 -14.18 -41.37
C ILE Z 195 -20.49 -15.18 -42.32
N CYS Z 196 -19.82 -16.19 -41.74
CA CYS Z 196 -19.25 -17.32 -42.54
C CYS Z 196 -20.19 -18.54 -42.42
N ILE Z 197 -20.58 -19.11 -43.55
CA ILE Z 197 -21.41 -20.32 -43.56
C ILE Z 197 -20.56 -21.50 -44.11
N VAL Z 198 -20.33 -22.49 -43.26
CA VAL Z 198 -19.62 -23.69 -43.62
C VAL Z 198 -20.60 -24.80 -43.96
N THR Z 199 -20.57 -25.27 -45.22
CA THR Z 199 -21.27 -26.51 -45.63
C THR Z 199 -20.32 -27.43 -46.38
N LYS Z 200 -20.79 -28.60 -46.83
CA LYS Z 200 -19.94 -29.50 -47.65
C LYS Z 200 -19.48 -28.87 -48.98
N GLU Z 201 -20.23 -27.91 -49.50
CA GLU Z 201 -19.85 -27.17 -50.72
C GLU Z 201 -18.73 -26.16 -50.50
N GLY Z 202 -18.43 -25.82 -49.25
CA GLY Z 202 -17.35 -24.92 -48.91
C GLY Z 202 -17.82 -23.83 -47.97
N ILE Z 203 -17.16 -22.68 -48.04
CA ILE Z 203 -17.38 -21.61 -47.07
C ILE Z 203 -17.84 -20.34 -47.77
N ARG Z 204 -19.09 -19.93 -47.57
CA ARG Z 204 -19.50 -18.63 -48.10
C ARG Z 204 -19.69 -17.54 -47.05
N GLU Z 205 -19.66 -16.33 -47.56
CA GLU Z 205 -19.49 -15.13 -46.79
C GLU Z 205 -20.64 -14.18 -47.08
N GLU Z 206 -21.35 -13.72 -46.04
CA GLU Z 206 -22.30 -12.55 -46.15
C GLU Z 206 -21.78 -11.44 -45.24
N THR Z 207 -22.06 -10.20 -45.62
CA THR Z 207 -21.89 -9.11 -44.68
C THR Z 207 -23.15 -8.23 -44.61
N VAL Z 208 -23.50 -7.82 -43.39
CA VAL Z 208 -24.60 -6.87 -43.21
C VAL Z 208 -24.14 -5.66 -42.38
N SER Z 209 -24.70 -4.53 -42.71
CA SER Z 209 -24.31 -3.27 -42.11
C SER Z 209 -24.84 -3.18 -40.67
N LEU Z 210 -24.02 -2.71 -39.73
CA LEU Z 210 -24.49 -2.32 -38.39
C LEU Z 210 -24.32 -0.82 -38.10
N ARG Z 211 -25.01 -0.34 -37.07
CA ARG Z 211 -24.87 1.06 -36.59
C ARG Z 211 -23.40 1.45 -36.38
N LYS Z 212 -23.05 2.65 -36.84
CA LYS Z 212 -21.68 3.21 -36.78
C LYS Z 212 -21.30 4.10 -35.57
N ASP Z 213 -22.28 4.43 -34.73
CA ASP Z 213 -22.06 5.26 -33.54
C ASP Z 213 -21.54 4.43 -32.35
N THR AA 1 12.07 -0.83 -22.54
CA THR AA 1 11.76 0.40 -21.77
C THR AA 1 10.58 0.18 -20.85
N GLN AA 2 10.80 0.35 -19.56
CA GLN AA 2 9.70 0.50 -18.58
C GLN AA 2 9.17 1.97 -18.50
N ASN AA 3 10.09 2.93 -18.58
CA ASN AA 3 9.79 4.35 -18.48
C ASN AA 3 10.27 5.14 -19.66
N PRO AA 4 9.38 5.60 -20.50
CA PRO AA 4 9.86 6.36 -21.63
C PRO AA 4 10.52 7.71 -21.21
N MET AA 5 11.46 8.20 -22.00
CA MET AA 5 12.25 9.36 -21.66
C MET AA 5 11.96 10.42 -22.70
N VAL AA 6 12.82 10.66 -23.69
CA VAL AA 6 12.53 11.58 -24.75
C VAL AA 6 11.54 10.95 -25.68
N THR AA 7 10.41 11.63 -25.97
CA THR AA 7 9.27 11.06 -26.69
C THR AA 7 8.78 11.95 -27.82
N GLY AA 8 8.13 11.34 -28.79
CA GLY AA 8 7.50 12.06 -29.87
C GLY AA 8 6.01 11.83 -29.80
N THR AA 9 5.25 12.80 -30.31
CA THR AA 9 3.82 12.77 -30.30
C THR AA 9 3.29 12.15 -31.57
N SER AA 10 2.10 12.56 -31.99
CA SER AA 10 1.38 11.94 -33.08
C SER AA 10 2.14 11.69 -34.40
N VAL AA 11 1.68 10.66 -35.12
CA VAL AA 11 2.06 10.41 -36.48
C VAL AA 11 0.78 10.18 -37.21
N LEU AA 12 0.66 10.76 -38.39
CA LEU AA 12 -0.54 10.64 -39.24
C LEU AA 12 -0.18 9.90 -40.53
N GLY AA 13 -1.16 9.21 -41.11
CA GLY AA 13 -1.04 8.59 -42.41
C GLY AA 13 -2.36 8.54 -43.15
N VAL AA 14 -2.32 8.74 -44.46
CA VAL AA 14 -3.47 8.58 -45.31
C VAL AA 14 -3.05 8.03 -46.72
N LYS AA 15 -3.90 7.19 -47.28
CA LYS AA 15 -3.72 6.63 -48.59
C LYS AA 15 -4.31 7.56 -49.57
N PHE AA 16 -3.63 7.67 -50.71
CA PHE AA 16 -4.15 8.34 -51.87
C PHE AA 16 -3.91 7.48 -53.11
N GLU AA 17 -4.51 7.88 -54.21
CA GLU AA 17 -4.37 7.16 -55.46
C GLU AA 17 -2.94 7.26 -56.00
N GLY AA 18 -2.19 6.17 -55.88
CA GLY AA 18 -0.79 6.13 -56.28
C GLY AA 18 0.19 6.22 -55.15
N GLY AA 19 -0.29 6.20 -53.93
CA GLY AA 19 0.63 6.34 -52.83
C GLY AA 19 0.05 6.46 -51.47
N VAL AA 20 0.93 6.83 -50.55
CA VAL AA 20 0.60 7.04 -49.17
C VAL AA 20 1.43 8.24 -48.70
N VAL AA 21 0.86 9.03 -47.79
CA VAL AA 21 1.57 10.17 -47.18
C VAL AA 21 1.53 9.97 -45.65
N ILE AA 22 2.67 10.15 -44.98
CA ILE AA 22 2.70 10.21 -43.54
C ILE AA 22 3.31 11.55 -43.07
N ALA AA 23 2.92 12.00 -41.88
CA ALA AA 23 3.45 13.23 -41.30
C ALA AA 23 3.78 13.09 -39.84
N ALA AA 24 4.84 13.78 -39.43
CA ALA AA 24 5.18 13.85 -38.03
C ALA AA 24 6.02 15.06 -37.76
N ASP AA 25 5.82 15.65 -36.58
CA ASP AA 25 6.56 16.81 -36.16
C ASP AA 25 7.95 16.43 -35.72
N MET AA 26 8.80 17.43 -35.58
CA MET AA 26 10.22 17.23 -35.40
C MET AA 26 10.69 17.39 -33.96
N LEU AA 27 9.84 17.01 -33.00
CA LEU AA 27 10.12 17.25 -31.60
C LEU AA 27 10.36 15.97 -30.77
N GLY AA 28 11.40 16.03 -29.96
CA GLY AA 28 11.58 15.12 -28.85
C GLY AA 28 11.29 15.84 -27.53
N SER AA 29 10.18 15.47 -26.88
CA SER AA 29 9.83 16.08 -25.57
C SER AA 29 10.38 15.25 -24.44
N TYR AA 30 10.70 15.89 -23.34
CA TYR AA 30 11.17 15.30 -22.13
C TYR AA 30 10.22 15.75 -21.07
N GLY AA 31 9.18 14.97 -20.86
CA GLY AA 31 8.03 15.44 -20.13
C GLY AA 31 7.37 16.56 -20.89
N SER AA 32 7.06 17.65 -20.19
CA SER AA 32 6.47 18.82 -20.89
C SER AA 32 7.54 19.63 -21.65
N LEU AA 33 8.81 19.48 -21.30
CA LEU AA 33 9.85 20.23 -21.94
C LEU AA 33 10.02 19.89 -23.41
N ALA AA 34 10.01 20.91 -24.26
CA ALA AA 34 10.24 20.72 -25.69
C ALA AA 34 11.76 20.73 -25.87
N ARG AA 35 12.40 19.56 -25.86
CA ARG AA 35 13.83 19.48 -25.58
C ARG AA 35 14.73 19.43 -26.82
N PHE AA 36 14.38 18.56 -27.74
CA PHE AA 36 15.12 18.34 -28.98
C PHE AA 36 14.20 18.71 -30.12
N ARG AA 37 14.47 19.86 -30.71
CA ARG AA 37 13.55 20.48 -31.61
C ARG AA 37 13.81 20.26 -33.10
N ASN AA 38 14.82 19.50 -33.48
CA ASN AA 38 15.04 19.21 -34.88
C ASN AA 38 15.46 17.72 -35.11
N ILE AA 39 14.58 16.79 -34.71
CA ILE AA 39 14.80 15.38 -34.85
C ILE AA 39 13.73 14.88 -35.77
N SER AA 40 14.11 13.93 -36.65
CA SER AA 40 13.19 13.27 -37.56
C SER AA 40 12.64 12.03 -36.86
N ARG AA 41 11.34 11.84 -37.00
CA ARG AA 41 10.66 10.69 -36.47
C ARG AA 41 10.11 9.84 -37.61
N ILE AA 42 10.65 10.08 -38.79
CA ILE AA 42 10.30 9.33 -39.98
C ILE AA 42 11.57 8.63 -40.53
N MET AA 43 11.37 7.45 -41.07
CA MET AA 43 12.45 6.60 -41.65
C MET AA 43 12.03 6.11 -43.02
N ARG AA 44 12.91 6.25 -43.98
CA ARG AA 44 12.81 5.43 -45.21
C ARG AA 44 13.31 3.98 -44.90
N VAL AA 45 12.46 2.99 -45.05
CA VAL AA 45 12.87 1.61 -44.80
C VAL AA 45 13.57 1.01 -46.03
N ASN AA 46 12.88 1.05 -47.16
CA ASN AA 46 13.44 0.75 -48.45
C ASN AA 46 12.65 1.50 -49.52
N ASN AA 47 12.80 1.19 -50.78
CA ASN AA 47 12.14 1.99 -51.79
C ASN AA 47 10.64 1.98 -51.82
N SER AA 48 10.05 1.00 -51.18
CA SER AA 48 8.62 0.81 -51.22
C SER AA 48 7.94 1.21 -49.88
N THR AA 49 8.73 1.48 -48.83
CA THR AA 49 8.23 1.45 -47.48
C THR AA 49 8.84 2.54 -46.62
N MET AA 50 7.97 3.17 -45.83
CA MET AA 50 8.41 4.15 -44.86
C MET AA 50 7.69 3.96 -43.55
N LEU AA 51 8.31 4.53 -42.51
CA LEU AA 51 7.85 4.32 -41.14
C LEU AA 51 7.92 5.65 -40.38
N GLY AA 52 6.85 5.93 -39.62
CA GLY AA 52 6.88 7.03 -38.60
C GLY AA 52 6.58 6.50 -37.19
N ALA AA 53 7.22 7.06 -36.15
CA ALA AA 53 7.10 6.57 -34.78
C ALA AA 53 6.77 7.66 -33.72
N SER AA 54 5.72 7.37 -32.94
CA SER AA 54 5.43 8.01 -31.67
C SER AA 54 6.15 7.29 -30.55
N GLY AA 55 6.38 7.97 -29.44
CA GLY AA 55 6.82 7.31 -28.25
C GLY AA 55 8.29 7.50 -28.07
N ASP AA 56 8.93 6.60 -27.33
CA ASP AA 56 10.29 6.77 -26.89
C ASP AA 56 11.26 6.79 -28.11
N TYR AA 57 12.01 7.87 -28.20
CA TYR AA 57 12.83 8.13 -29.32
C TYR AA 57 14.05 7.19 -29.35
N ALA AA 58 14.67 6.88 -28.22
CA ALA AA 58 15.75 5.90 -28.13
C ALA AA 58 15.32 4.54 -28.67
N ASP AA 59 14.10 4.09 -28.34
CA ASP AA 59 13.55 2.89 -28.89
C ASP AA 59 13.32 2.94 -30.40
N PHE AA 60 12.86 4.07 -30.90
CA PHE AA 60 12.75 4.24 -32.31
C PHE AA 60 14.12 4.14 -32.99
N GLN AA 61 15.16 4.74 -32.40
CA GLN AA 61 16.49 4.70 -33.01
C GLN AA 61 17.02 3.27 -33.08
N TYR AA 62 16.65 2.46 -32.11
CA TYR AA 62 17.00 1.05 -32.08
C TYR AA 62 16.31 0.33 -33.21
N LEU AA 63 15.01 0.56 -33.36
CA LEU AA 63 14.30 -0.02 -34.44
C LEU AA 63 14.84 0.40 -35.76
N LYS AA 64 15.21 1.66 -35.92
CA LYS AA 64 15.84 2.11 -37.16
C LYS AA 64 17.13 1.35 -37.48
N GLN AA 65 17.96 1.17 -36.46
CA GLN AA 65 19.21 0.48 -36.54
C GLN AA 65 18.98 -1.00 -36.98
N VAL AA 66 18.01 -1.69 -36.36
CA VAL AA 66 17.70 -3.09 -36.66
C VAL AA 66 17.12 -3.24 -38.08
N LEU AA 67 16.15 -2.43 -38.38
CA LEU AA 67 15.44 -2.54 -39.62
C LEU AA 67 16.35 -2.08 -40.76
N GLY AA 68 17.20 -1.09 -40.50
CA GLY AA 68 18.16 -0.64 -41.51
C GLY AA 68 19.14 -1.74 -41.88
N GLN AA 69 19.61 -2.49 -40.89
CA GLN AA 69 20.51 -3.59 -41.11
C GLN AA 69 19.81 -4.76 -41.83
N MET AA 70 18.51 -4.99 -41.60
CA MET AA 70 17.79 -6.02 -42.33
C MET AA 70 17.65 -5.69 -43.79
N VAL AA 71 17.47 -4.41 -44.12
CA VAL AA 71 17.32 -4.09 -45.55
C VAL AA 71 18.69 -4.22 -46.24
N ILE AA 72 19.75 -3.77 -45.59
CA ILE AA 72 21.11 -3.94 -46.09
C ILE AA 72 21.41 -5.42 -46.37
N ASP AA 73 21.16 -6.29 -45.39
CA ASP AA 73 21.32 -7.75 -45.53
C ASP AA 73 20.62 -8.29 -46.76
N GLU AA 74 19.38 -7.90 -46.96
CA GLU AA 74 18.62 -8.33 -48.12
C GLU AA 74 19.21 -7.84 -49.44
N GLU AA 75 19.68 -6.59 -49.48
CA GLU AA 75 20.26 -6.02 -50.68
C GLU AA 75 21.59 -6.66 -51.07
N LEU AA 76 22.31 -7.19 -50.10
CA LEU AA 76 23.52 -7.91 -50.36
C LEU AA 76 23.27 -9.13 -51.25
N LEU AA 77 22.10 -9.72 -51.19
CA LEU AA 77 21.84 -10.93 -51.95
C LEU AA 77 21.54 -10.66 -53.42
N GLY AA 78 21.06 -9.47 -53.74
CA GLY AA 78 20.75 -9.08 -55.12
C GLY AA 78 20.01 -10.17 -55.88
N ASP AA 79 18.98 -10.71 -55.23
CA ASP AA 79 18.30 -11.89 -55.68
C ASP AA 79 16.86 -11.63 -56.19
N GLY AA 80 16.50 -10.37 -56.45
CA GLY AA 80 15.17 -10.04 -56.98
C GLY AA 80 13.98 -10.05 -56.02
N HIS AA 81 14.21 -10.19 -54.71
CA HIS AA 81 13.14 -10.18 -53.74
C HIS AA 81 13.43 -9.11 -52.76
N SER AA 82 12.37 -8.42 -52.33
CA SER AA 82 12.45 -7.26 -51.44
C SER AA 82 11.35 -7.31 -50.44
N TYR AA 83 11.65 -6.97 -49.19
CA TYR AA 83 10.59 -6.87 -48.18
C TYR AA 83 9.56 -5.86 -48.68
N SER AA 84 8.33 -6.34 -48.87
CA SER AA 84 7.22 -5.49 -49.20
C SER AA 84 6.79 -4.72 -47.93
N PRO AA 85 5.95 -3.68 -48.10
CA PRO AA 85 5.44 -2.95 -46.94
C PRO AA 85 4.68 -3.81 -45.94
N ARG AA 86 3.86 -4.70 -46.46
CA ARG AA 86 3.17 -5.71 -45.67
C ARG AA 86 4.07 -6.63 -44.86
N ALA AA 87 5.21 -7.00 -45.43
CA ALA AA 87 6.15 -7.86 -44.73
C ALA AA 87 6.87 -7.15 -43.60
N ILE AA 88 7.23 -5.89 -43.83
CA ILE AA 88 7.86 -5.06 -42.85
C ILE AA 88 6.85 -4.87 -41.69
N HIS AA 89 5.61 -4.59 -42.01
CA HIS AA 89 4.54 -4.46 -41.03
C HIS AA 89 4.38 -5.77 -40.22
N SER AA 90 4.42 -6.91 -40.92
CA SER AA 90 4.33 -8.22 -40.25
C SER AA 90 5.45 -8.39 -39.28
N TRP AA 91 6.64 -8.09 -39.71
CA TRP AA 91 7.83 -8.30 -38.86
C TRP AA 91 7.74 -7.44 -37.60
N LEU AA 92 7.24 -6.21 -37.79
CA LEU AA 92 7.18 -5.24 -36.72
C LEU AA 92 6.11 -5.65 -35.72
N THR AA 93 4.99 -6.16 -36.20
CA THR AA 93 4.06 -6.74 -35.30
C THR AA 93 4.72 -7.83 -34.42
N ARG AA 94 5.48 -8.74 -35.04
CA ARG AA 94 6.10 -9.83 -34.31
C ARG AA 94 7.09 -9.35 -33.32
N ALA AA 95 7.90 -8.39 -33.72
CA ALA AA 95 8.93 -7.86 -32.85
C ALA AA 95 8.31 -7.12 -31.62
N MET AA 96 7.30 -6.29 -31.83
CA MET AA 96 6.64 -5.61 -30.70
C MET AA 96 5.92 -6.58 -29.79
N TYR AA 97 5.19 -7.56 -30.38
CA TYR AA 97 4.56 -8.61 -29.59
C TYR AA 97 5.52 -9.38 -28.71
N SER AA 98 6.62 -9.72 -29.32
CA SER AA 98 7.67 -10.48 -28.64
C SER AA 98 8.30 -9.73 -27.47
N ARG AA 99 8.60 -8.46 -27.69
CA ARG AA 99 9.09 -7.56 -26.63
C ARG AA 99 8.03 -7.31 -25.49
N ARG AA 100 6.79 -7.16 -25.86
CA ARG AA 100 5.66 -7.13 -24.92
C ARG AA 100 5.55 -8.42 -24.08
N SER AA 101 5.75 -9.58 -24.73
CA SER AA 101 5.60 -10.84 -24.04
C SER AA 101 6.78 -11.17 -23.13
N LYS AA 102 7.87 -10.43 -23.28
CA LYS AA 102 8.96 -10.44 -22.29
C LYS AA 102 8.88 -9.37 -21.20
N MET AA 103 7.78 -8.59 -21.17
CA MET AA 103 7.53 -7.53 -20.18
C MET AA 103 8.60 -6.40 -20.32
N ASN AA 104 9.03 -6.16 -21.54
CA ASN AA 104 10.09 -5.21 -21.79
C ASN AA 104 9.83 -4.58 -23.14
N PRO AA 105 8.79 -3.74 -23.21
CA PRO AA 105 8.36 -3.30 -24.55
C PRO AA 105 9.35 -2.29 -25.18
N LEU AA 106 9.21 -2.11 -26.46
CA LEU AA 106 9.74 -1.01 -27.14
C LEU AA 106 8.56 -0.04 -27.13
N TRP AA 107 8.76 1.12 -26.52
CA TRP AA 107 7.63 2.04 -26.17
C TRP AA 107 7.29 2.94 -27.32
N ASN AA 108 6.63 2.38 -28.31
CA ASN AA 108 6.37 3.09 -29.55
C ASN AA 108 5.07 2.69 -30.14
N THR AA 109 4.48 3.62 -30.88
CA THR AA 109 3.38 3.31 -31.77
C THR AA 109 3.79 3.78 -33.11
N MET AA 110 3.51 2.95 -34.13
CA MET AA 110 4.05 3.17 -35.46
C MET AA 110 3.07 3.08 -36.58
N VAL AA 111 3.39 3.85 -37.62
CA VAL AA 111 2.63 3.92 -38.85
C VAL AA 111 3.58 3.54 -39.97
N ILE AA 112 3.27 2.47 -40.69
CA ILE AA 112 4.03 2.00 -41.86
C ILE AA 112 3.21 2.36 -43.06
N GLY AA 113 3.84 3.07 -43.96
CA GLY AA 113 3.23 3.44 -45.21
C GLY AA 113 4.03 2.83 -46.33
N GLY AA 114 3.35 2.48 -47.42
CA GLY AA 114 4.06 1.88 -48.54
C GLY AA 114 3.32 1.90 -49.82
N TYR AA 115 4.04 1.66 -50.90
CA TYR AA 115 3.45 1.47 -52.21
C TYR AA 115 4.20 0.31 -52.93
N ALA AA 116 3.46 -0.71 -53.37
CA ALA AA 116 4.00 -1.89 -54.01
C ALA AA 116 2.93 -2.53 -54.89
N ASP AA 117 3.32 -2.98 -56.10
CA ASP AA 117 2.41 -3.66 -57.03
C ASP AA 117 1.09 -2.89 -57.30
N GLY AA 118 1.15 -1.57 -57.46
CA GLY AA 118 -0.10 -0.78 -57.61
C GLY AA 118 -1.02 -0.60 -56.40
N GLU AA 119 -0.65 -1.06 -55.21
CA GLU AA 119 -1.49 -1.03 -54.04
C GLU AA 119 -0.82 -0.16 -52.96
N SER AA 120 -1.57 0.84 -52.45
CA SER AA 120 -1.13 1.62 -51.28
C SER AA 120 -1.24 0.80 -50.01
N PHE AA 121 -0.19 0.77 -49.20
CA PHE AA 121 -0.22 0.14 -47.91
C PHE AA 121 -0.15 1.16 -46.74
N LEU AA 122 -1.00 0.97 -45.74
CA LEU AA 122 -0.91 1.74 -44.52
C LEU AA 122 -1.22 0.84 -43.37
N GLY AA 123 -0.29 0.74 -42.44
CA GLY AA 123 -0.54 -0.10 -41.28
C GLY AA 123 -0.07 0.48 -39.97
N TYR AA 124 -0.71 0.05 -38.90
CA TYR AA 124 -0.43 0.45 -37.58
C TYR AA 124 0.17 -0.67 -36.78
N VAL AA 125 1.13 -0.38 -35.91
CA VAL AA 125 1.59 -1.30 -34.88
C VAL AA 125 1.83 -0.58 -33.58
N ASP AA 126 1.31 -1.10 -32.45
CA ASP AA 126 1.58 -0.48 -31.11
C ASP AA 126 2.52 -1.36 -30.32
N MET AA 127 2.90 -0.89 -29.13
CA MET AA 127 3.85 -1.58 -28.31
C MET AA 127 3.41 -2.92 -27.72
N LEU AA 128 2.15 -3.28 -27.86
CA LEU AA 128 1.66 -4.52 -27.41
C LEU AA 128 1.51 -5.54 -28.58
N GLY AA 129 1.84 -5.15 -29.81
CA GLY AA 129 1.56 -5.98 -30.97
C GLY AA 129 0.16 -5.89 -31.53
N VAL AA 130 -0.62 -4.87 -31.15
CA VAL AA 130 -1.87 -4.61 -31.81
C VAL AA 130 -1.51 -4.04 -33.18
N ALA AA 131 -2.10 -4.58 -34.23
CA ALA AA 131 -1.77 -4.18 -35.58
C ALA AA 131 -2.95 -4.36 -36.52
N TYR AA 132 -3.05 -3.48 -37.49
CA TYR AA 132 -4.13 -3.55 -38.41
C TYR AA 132 -3.80 -2.62 -39.54
N GLU AA 133 -4.67 -2.63 -40.53
CA GLU AA 133 -4.55 -1.77 -41.69
C GLU AA 133 -5.78 -0.86 -41.84
N ALA AA 134 -5.58 0.33 -42.38
CA ALA AA 134 -6.73 1.21 -42.64
C ALA AA 134 -6.40 2.27 -43.67
N PRO AA 135 -7.43 2.91 -44.27
CA PRO AA 135 -7.20 3.99 -45.19
C PRO AA 135 -6.51 5.24 -44.58
N SER AA 136 -6.67 5.45 -43.29
CA SER AA 136 -5.98 6.52 -42.58
C SER AA 136 -5.70 6.09 -41.17
N LEU AA 137 -4.63 6.61 -40.61
CA LEU AA 137 -4.20 6.29 -39.28
C LEU AA 137 -3.76 7.57 -38.58
N ALA AA 138 -3.82 7.56 -37.26
CA ALA AA 138 -3.33 8.65 -36.43
C ALA AA 138 -3.03 8.15 -35.04
N THR AA 139 -1.81 8.32 -34.60
CA THR AA 139 -1.42 7.87 -33.28
C THR AA 139 -1.57 9.05 -32.26
N GLY AA 140 -1.52 8.75 -30.95
CA GLY AA 140 -1.44 9.76 -29.88
C GLY AA 140 -2.69 10.62 -29.88
N TYR AA 141 -2.51 11.89 -29.68
CA TYR AA 141 -3.66 12.85 -29.72
C TYR AA 141 -4.28 12.92 -31.12
N GLY AA 142 -3.51 12.53 -32.14
CA GLY AA 142 -4.04 12.36 -33.47
C GLY AA 142 -5.22 11.46 -33.55
N ALA AA 143 -5.21 10.40 -32.77
CA ALA AA 143 -6.38 9.51 -32.73
C ALA AA 143 -7.69 10.25 -32.39
N TYR AA 144 -7.61 11.27 -31.54
CA TYR AA 144 -8.77 12.04 -31.08
C TYR AA 144 -9.07 13.29 -31.90
N LEU AA 145 -8.01 13.91 -32.40
CA LEU AA 145 -8.09 15.20 -33.11
C LEU AA 145 -8.04 15.06 -34.65
N ALA AA 146 -7.16 14.21 -35.21
CA ALA AA 146 -6.95 14.13 -36.65
C ALA AA 146 -7.85 13.11 -37.29
N GLN AA 147 -7.90 11.92 -36.72
CA GLN AA 147 -8.67 10.83 -37.31
C GLN AA 147 -10.16 11.13 -37.55
N PRO AA 148 -10.86 11.81 -36.63
CA PRO AA 148 -12.20 12.24 -37.00
C PRO AA 148 -12.29 13.01 -38.32
N LEU AA 149 -11.37 13.95 -38.53
CA LEU AA 149 -11.32 14.71 -39.78
C LEU AA 149 -11.00 13.80 -40.99
N LEU AA 150 -9.90 13.04 -40.88
CA LEU AA 150 -9.50 12.10 -41.92
C LEU AA 150 -10.65 11.16 -42.33
N ARG AA 151 -11.30 10.50 -41.39
CA ARG AA 151 -12.40 9.58 -41.73
C ARG AA 151 -13.66 10.25 -42.26
N GLU AA 152 -13.92 11.47 -41.82
CA GLU AA 152 -15.04 12.21 -42.36
C GLU AA 152 -14.90 12.50 -43.87
N VAL AA 153 -13.67 12.87 -44.29
CA VAL AA 153 -13.36 13.09 -45.71
C VAL AA 153 -13.43 11.74 -46.47
N LEU AA 154 -12.67 10.77 -46.02
CA LEU AA 154 -12.65 9.42 -46.62
C LEU AA 154 -13.98 8.65 -46.73
N GLU AA 155 -15.02 9.10 -46.03
CA GLU AA 155 -16.38 8.51 -46.16
C GLU AA 155 -17.10 9.16 -47.35
N LYS AA 156 -17.08 10.48 -47.40
CA LYS AA 156 -17.55 11.25 -48.52
C LYS AA 156 -16.80 10.95 -49.90
N GLN AA 157 -15.56 10.47 -49.82
CA GLN AA 157 -14.66 10.36 -50.96
C GLN AA 157 -13.50 9.44 -50.61
N PRO AA 158 -13.73 8.11 -50.68
CA PRO AA 158 -12.68 7.13 -50.36
C PRO AA 158 -11.37 7.28 -51.14
N VAL AA 159 -11.42 7.84 -52.36
CA VAL AA 159 -10.26 7.96 -53.22
C VAL AA 159 -9.87 9.41 -53.31
N LEU AA 160 -8.69 9.70 -52.78
CA LEU AA 160 -8.11 11.03 -52.71
C LEU AA 160 -6.96 11.10 -53.68
N SER AA 161 -6.76 12.26 -54.30
CA SER AA 161 -5.55 12.55 -55.02
C SER AA 161 -4.44 12.90 -54.06
N GLN AA 162 -3.21 12.93 -54.57
CA GLN AA 162 -2.05 13.24 -53.77
C GLN AA 162 -2.15 14.65 -53.16
N THR AA 163 -2.72 15.61 -53.89
CA THR AA 163 -2.73 16.97 -53.42
C THR AA 163 -3.86 17.14 -52.36
N GLU AA 164 -5.02 16.54 -52.60
CA GLU AA 164 -6.09 16.44 -51.60
C GLU AA 164 -5.64 15.84 -50.26
N ALA AA 165 -4.88 14.76 -50.32
CA ALA AA 165 -4.35 14.09 -49.17
C ALA AA 165 -3.31 14.93 -48.46
N ARG AA 166 -2.46 15.56 -49.22
CA ARG AA 166 -1.51 16.49 -48.65
C ARG AA 166 -2.19 17.72 -47.93
N ASP AA 167 -3.21 18.33 -48.54
CA ASP AA 167 -3.91 19.42 -47.90
CA ASP AA 167 -4.07 19.41 -47.92
C ASP AA 167 -4.63 18.93 -46.60
N LEU AA 168 -5.13 17.69 -46.62
CA LEU AA 168 -5.85 17.13 -45.54
C LEU AA 168 -4.92 16.91 -44.34
N VAL AA 169 -3.74 16.38 -44.64
CA VAL AA 169 -2.68 16.25 -43.66
C VAL AA 169 -2.26 17.61 -43.04
N GLU AA 170 -1.99 18.63 -43.86
CA GLU AA 170 -1.65 19.97 -43.33
C GLU AA 170 -2.70 20.53 -42.35
N ARG AA 171 -3.98 20.32 -42.67
CA ARG AA 171 -5.12 20.71 -41.84
C ARG AA 171 -5.12 19.98 -40.48
N CYS AA 172 -4.86 18.68 -40.48
CA CYS AA 172 -4.78 17.94 -39.27
C CYS AA 172 -3.61 18.38 -38.44
N MET AA 173 -2.48 18.66 -39.05
CA MET AA 173 -1.28 19.05 -38.30
C MET AA 173 -1.49 20.43 -37.64
N ARG AA 174 -2.31 21.27 -38.29
CA ARG AA 174 -2.69 22.54 -37.74
C ARG AA 174 -3.52 22.31 -36.44
N VAL AA 175 -4.58 21.50 -36.54
CA VAL AA 175 -5.43 21.20 -35.41
C VAL AA 175 -4.58 20.68 -34.25
N LEU AA 176 -3.60 19.84 -34.57
CA LEU AA 176 -2.72 19.26 -33.53
C LEU AA 176 -1.86 20.30 -32.87
N TYR AA 177 -1.33 21.20 -33.66
CA TYR AA 177 -0.51 22.25 -33.12
C TYR AA 177 -1.39 23.18 -32.21
N TYR AA 178 -2.64 23.38 -32.56
CA TYR AA 178 -3.57 24.13 -31.67
C TYR AA 178 -3.89 23.45 -30.31
N ARG AA 179 -3.98 22.10 -30.29
CA ARG AA 179 -4.65 21.37 -29.20
C ARG AA 179 -3.86 20.33 -28.50
N ASP AA 180 -2.67 19.99 -29.01
CA ASP AA 180 -1.77 19.04 -28.33
C ASP AA 180 -0.61 19.84 -27.75
N ALA AA 181 -0.51 19.88 -26.41
CA ALA AA 181 0.56 20.58 -25.72
C ALA AA 181 1.98 20.00 -25.89
N ARG AA 182 2.13 18.87 -26.55
CA ARG AA 182 3.44 18.31 -26.82
C ARG AA 182 3.78 18.42 -28.31
N SER AA 183 3.00 19.14 -29.08
CA SER AA 183 3.33 19.36 -30.48
C SER AA 183 4.28 20.54 -30.71
N TYR AA 184 4.72 20.65 -31.95
CA TYR AA 184 5.69 21.63 -32.35
C TYR AA 184 5.39 22.00 -33.79
N ASN AA 185 5.62 23.25 -34.16
CA ASN AA 185 5.18 23.68 -35.51
C ASN AA 185 6.24 23.57 -36.58
N ARG AA 186 6.84 22.43 -36.67
CA ARG AA 186 7.94 22.17 -37.51
C ARG AA 186 7.83 20.68 -37.78
N PHE AA 187 7.41 20.31 -38.97
CA PHE AA 187 7.12 18.91 -39.24
C PHE AA 187 7.67 18.41 -40.56
N GLN AA 188 7.62 17.10 -40.74
CA GLN AA 188 7.94 16.52 -42.03
C GLN AA 188 6.76 15.80 -42.62
N ILE AA 189 6.80 15.68 -43.94
CA ILE AA 189 5.86 14.88 -44.69
C ILE AA 189 6.69 13.92 -45.50
N ALA AA 190 6.30 12.65 -45.49
CA ALA AA 190 6.93 11.63 -46.29
C ALA AA 190 5.91 10.99 -47.21
N THR AA 191 6.29 10.79 -48.46
CA THR AA 191 5.38 10.32 -49.44
C THR AA 191 6.05 9.13 -50.12
N VAL AA 192 5.28 8.07 -50.36
CA VAL AA 192 5.77 6.95 -51.10
C VAL AA 192 4.82 6.82 -52.27
N THR AA 193 5.42 6.72 -53.45
CA THR AA 193 4.76 6.45 -54.72
C THR AA 193 5.60 5.36 -55.50
N GLU AA 194 5.18 5.05 -56.71
CA GLU AA 194 5.97 4.28 -57.71
C GLU AA 194 7.45 4.67 -57.80
N LYS AA 195 7.71 5.97 -57.66
CA LYS AA 195 9.05 6.52 -57.80
C LYS AA 195 9.89 6.34 -56.55
N GLY AA 196 9.32 5.89 -55.45
CA GLY AA 196 10.08 5.72 -54.21
C GLY AA 196 9.56 6.58 -53.06
N VAL AA 197 10.45 6.84 -52.09
CA VAL AA 197 10.18 7.54 -50.86
C VAL AA 197 10.90 8.90 -50.77
N GLU AA 198 10.11 9.98 -50.67
CA GLU AA 198 10.60 11.34 -50.42
C GLU AA 198 10.16 11.81 -49.01
N ILE AA 199 11.10 12.40 -48.28
CA ILE AA 199 10.88 13.04 -47.05
C ILE AA 199 11.05 14.54 -47.28
N GLU AA 200 9.99 15.32 -47.06
CA GLU AA 200 10.08 16.79 -47.11
C GLU AA 200 10.03 17.43 -45.73
N GLY AA 201 10.81 18.50 -45.56
N GLY AA 201 10.83 18.48 -45.53
CA GLY AA 201 10.79 19.33 -44.38
CA GLY AA 201 10.83 19.23 -44.30
C GLY AA 201 12.06 20.12 -44.27
C GLY AA 201 12.08 20.06 -44.22
N PRO AA 202 12.20 20.94 -43.20
CA PRO AA 202 11.18 21.24 -42.19
C PRO AA 202 10.08 22.14 -42.78
N LEU AA 203 8.84 21.85 -42.43
CA LEU AA 203 7.65 22.59 -42.82
C LEU AA 203 7.02 23.17 -41.55
N SER AA 204 6.19 24.19 -41.72
CA SER AA 204 5.35 24.81 -40.68
C SER AA 204 3.94 24.93 -41.22
N THR AA 205 2.95 24.99 -40.34
CA THR AA 205 1.58 25.41 -40.74
C THR AA 205 1.43 26.88 -40.38
N GLU AA 206 0.68 27.61 -41.23
CA GLU AA 206 0.12 28.86 -40.89
C GLU AA 206 -0.92 28.63 -39.74
N THR AA 207 -1.04 29.59 -38.85
CA THR AA 207 -1.96 29.49 -37.73
C THR AA 207 -2.72 30.79 -37.64
N ASN AA 208 -3.95 30.70 -37.16
CA ASN AA 208 -4.76 31.89 -36.98
C ASN AA 208 -5.07 32.05 -35.47
N TRP AA 209 -4.84 33.27 -34.97
CA TRP AA 209 -5.02 33.60 -33.55
C TRP AA 209 -6.10 34.71 -33.40
N ASP AA 210 -7.07 34.76 -34.33
CA ASP AA 210 -8.12 35.81 -34.36
C ASP AA 210 -8.99 35.75 -33.10
N ILE AA 211 -9.25 34.53 -32.63
CA ILE AA 211 -10.10 34.33 -31.50
C ILE AA 211 -9.54 35.00 -30.25
N ALA AA 212 -8.22 35.22 -30.20
CA ALA AA 212 -7.59 35.94 -29.08
C ALA AA 212 -8.20 37.28 -28.77
N HIS AA 213 -8.86 37.90 -29.75
CA HIS AA 213 -9.62 39.17 -29.58
C HIS AA 213 -11.15 39.04 -29.46
N MET AA 214 -11.71 37.82 -29.45
CA MET AA 214 -13.16 37.54 -29.33
C MET AA 214 -13.51 37.05 -27.91
N ILE AA 215 -13.03 37.76 -26.88
CA ILE AA 215 -13.38 37.31 -25.51
C ILE AA 215 -14.84 37.74 -25.32
N SER AA 216 -15.70 36.75 -25.70
CA SER AA 216 -16.82 36.92 -26.72
C SER AA 216 -18.11 37.71 -26.41
N THR BA 1 24.04 19.56 -11.22
CA THR BA 1 25.07 19.67 -12.28
C THR BA 1 24.62 20.52 -13.42
N THR BA 2 25.55 21.25 -14.02
CA THR BA 2 25.31 21.84 -15.32
C THR BA 2 26.49 21.54 -16.23
N ILE BA 3 26.18 21.02 -17.43
CA ILE BA 3 27.19 20.70 -18.44
C ILE BA 3 26.77 21.30 -19.75
N MET BA 4 27.79 21.65 -20.52
CA MET BA 4 27.57 22.32 -21.78
C MET BA 4 28.72 22.05 -22.76
N ALA BA 5 28.39 21.94 -24.04
CA ALA BA 5 29.42 21.95 -25.06
C ALA BA 5 28.96 22.67 -26.31
N VAL BA 6 29.92 23.33 -26.97
CA VAL BA 6 29.64 24.11 -28.13
C VAL BA 6 30.61 23.80 -29.27
N GLN BA 7 30.06 23.69 -30.47
CA GLN BA 7 30.85 23.50 -31.67
C GLN BA 7 31.32 24.87 -32.21
N PHE BA 8 32.61 24.96 -32.54
CA PHE BA 8 33.12 26.00 -33.43
C PHE BA 8 33.83 25.41 -34.67
N ASP BA 9 34.16 26.26 -35.62
CA ASP BA 9 34.85 25.83 -36.85
C ASP BA 9 36.30 25.51 -36.48
N GLY BA 10 36.63 24.22 -36.40
CA GLY BA 10 37.93 23.76 -35.90
C GLY BA 10 37.94 23.03 -34.55
N GLY BA 11 36.84 22.97 -33.83
CA GLY BA 11 36.94 22.33 -32.52
C GLY BA 11 35.71 22.43 -31.70
N VAL BA 12 35.88 22.20 -30.40
CA VAL BA 12 34.78 22.27 -29.44
C VAL BA 12 35.25 22.94 -28.16
N VAL BA 13 34.27 23.58 -27.51
CA VAL BA 13 34.39 24.04 -26.16
C VAL BA 13 33.41 23.24 -25.28
N LEU BA 14 33.91 22.80 -24.12
CA LEU BA 14 33.14 22.08 -23.12
C LEU BA 14 33.22 22.83 -21.83
N GLY BA 15 32.15 22.73 -21.04
CA GLY BA 15 32.14 23.28 -19.68
C GLY BA 15 31.29 22.50 -18.73
N ALA BA 16 31.66 22.64 -17.45
CA ALA BA 16 30.84 22.14 -16.34
C ALA BA 16 31.04 22.88 -15.07
N ASP BA 17 30.04 22.78 -14.18
CA ASP BA 17 30.23 23.21 -12.79
C ASP BA 17 31.05 22.15 -12.09
N SER BA 18 31.24 22.29 -10.78
CA SER BA 18 32.04 21.33 -10.03
C SER BA 18 31.39 20.78 -8.76
N ARG BA 19 30.08 20.90 -8.64
CA ARG BA 19 29.37 20.49 -7.42
C ARG BA 19 28.78 19.03 -7.52
N THR BA 20 29.12 18.18 -6.56
CA THR BA 20 28.51 16.88 -6.39
C THR BA 20 27.79 16.86 -5.05
N THR BA 21 26.52 16.56 -5.10
CA THR BA 21 25.71 16.51 -3.90
C THR BA 21 25.26 15.11 -3.54
N THR BA 22 25.11 14.86 -2.25
CA THR BA 22 24.26 13.80 -1.72
C THR BA 22 23.15 14.50 -0.92
N GLY BA 23 21.94 14.46 -1.47
CA GLY BA 23 20.82 15.26 -0.93
C GLY BA 23 21.21 16.70 -1.08
N SER BA 24 21.29 17.43 0.02
CA SER BA 24 21.78 18.81 -0.07
C SER BA 24 23.13 19.05 0.63
N TYR BA 25 23.86 17.97 0.98
CA TYR BA 25 25.28 18.05 1.35
C TYR BA 25 26.22 18.00 0.10
N ILE BA 26 27.25 18.82 0.10
CA ILE BA 26 28.13 18.94 -1.03
C ILE BA 26 29.31 18.08 -0.72
N ALA BA 27 29.33 16.91 -1.36
CA ALA BA 27 30.32 15.89 -1.07
C ALA BA 27 31.64 16.24 -1.77
N ASN BA 28 31.56 16.93 -2.90
CA ASN BA 28 32.72 17.47 -3.56
C ASN BA 28 32.36 18.83 -4.15
N ARG BA 29 33.07 19.89 -3.74
CA ARG BA 29 32.85 21.24 -4.30
C ARG BA 29 33.69 21.50 -5.56
N VAL BA 30 34.71 20.66 -5.82
CA VAL BA 30 35.62 20.91 -6.94
C VAL BA 30 35.76 19.67 -7.84
N THR BA 31 34.65 19.02 -8.09
CA THR BA 31 34.57 17.90 -8.97
C THR BA 31 35.03 18.23 -10.39
N ASP BA 32 35.71 17.27 -11.01
CA ASP BA 32 36.02 17.39 -12.42
C ASP BA 32 35.10 16.51 -13.23
N LYS BA 33 34.14 17.13 -13.91
CA LYS BA 33 33.10 16.43 -14.66
C LYS BA 33 33.35 16.27 -16.16
N LEU BA 34 34.48 16.79 -16.63
CA LEU BA 34 34.88 16.72 -18.03
C LEU BA 34 35.94 15.64 -18.07
N THR BA 35 35.60 14.45 -18.54
CA THR BA 35 36.58 13.36 -18.45
C THR BA 35 37.10 13.00 -19.81
N PRO BA 36 38.43 12.92 -19.93
CA PRO BA 36 39.01 12.55 -21.21
C PRO BA 36 38.76 11.06 -21.54
N ILE BA 37 38.28 10.82 -22.75
CA ILE BA 37 37.98 9.48 -23.26
C ILE BA 37 39.09 9.01 -24.23
N HIS BA 38 39.66 9.94 -24.99
CA HIS BA 38 40.85 9.70 -25.82
C HIS BA 38 41.57 11.05 -25.93
N ASP BA 39 42.65 11.14 -26.70
CA ASP BA 39 43.41 12.40 -26.83
C ASP BA 39 42.60 13.68 -27.12
N ARG BA 40 41.58 13.60 -27.97
CA ARG BA 40 40.78 14.75 -28.38
C ARG BA 40 39.27 14.54 -28.28
N ILE BA 41 38.86 13.66 -27.38
CA ILE BA 41 37.45 13.33 -27.16
C ILE BA 41 37.22 13.33 -25.66
N PHE BA 42 36.23 14.10 -25.22
CA PHE BA 42 35.89 14.21 -23.81
C PHE BA 42 34.43 13.84 -23.62
N CYS BA 43 34.06 13.45 -22.42
CA CYS BA 43 32.63 13.49 -22.07
C CYS BA 43 32.38 14.40 -20.89
N CYS BA 44 31.23 15.05 -20.94
CA CYS BA 44 30.69 15.81 -19.79
C CYS BA 44 29.70 14.91 -19.12
N ARG BA 45 29.86 14.72 -17.82
CA ARG BA 45 29.08 13.76 -17.03
C ARG BA 45 28.03 14.45 -16.11
N SER BA 46 26.77 14.05 -16.23
CA SER BA 46 25.79 14.31 -15.23
C SER BA 46 25.01 13.06 -14.90
N GLY BA 47 24.46 13.06 -13.67
CA GLY BA 47 23.60 12.02 -13.15
C GLY BA 47 24.37 11.34 -12.06
N SER BA 48 24.16 10.06 -11.91
CA SER BA 48 24.84 9.30 -10.89
C SER BA 48 26.37 9.31 -11.16
N ALA BA 49 27.15 9.70 -10.16
CA ALA BA 49 28.57 9.70 -10.27
C ALA BA 49 29.13 8.29 -10.47
N ALA BA 50 28.61 7.31 -9.74
CA ALA BA 50 29.07 5.94 -9.89
C ALA BA 50 28.84 5.46 -11.33
N ASP BA 51 27.66 5.71 -11.85
CA ASP BA 51 27.29 5.30 -13.18
C ASP BA 51 28.11 5.92 -14.30
N THR BA 52 28.24 7.23 -14.28
CA THR BA 52 28.93 7.96 -15.34
C THR BA 52 30.45 7.68 -15.32
N GLN BA 53 31.03 7.56 -14.12
CA GLN BA 53 32.42 7.12 -13.99
C GLN BA 53 32.63 5.69 -14.53
N ALA BA 54 31.72 4.77 -14.22
CA ALA BA 54 31.84 3.37 -14.61
C ALA BA 54 31.76 3.25 -16.11
N VAL BA 55 30.80 3.94 -16.69
CA VAL BA 55 30.58 3.96 -18.12
C VAL BA 55 31.73 4.64 -18.86
N ALA BA 56 32.22 5.77 -18.34
CA ALA BA 56 33.30 6.48 -19.00
C ALA BA 56 34.58 5.62 -19.02
N ASP BA 57 34.91 4.93 -17.92
CA ASP BA 57 36.05 4.04 -17.88
C ASP BA 57 35.90 2.88 -18.90
N ALA BA 58 34.69 2.34 -19.02
CA ALA BA 58 34.47 1.25 -19.95
C ALA BA 58 34.61 1.71 -21.38
N VAL BA 59 34.07 2.85 -21.69
CA VAL BA 59 34.18 3.37 -23.05
C VAL BA 59 35.61 3.72 -23.39
N THR BA 60 36.31 4.29 -22.42
CA THR BA 60 37.74 4.58 -22.58
C THR BA 60 38.50 3.34 -23.01
N TYR BA 61 38.24 2.23 -22.32
CA TYR BA 61 38.83 0.92 -22.64
C TYR BA 61 38.43 0.48 -24.06
N GLN BA 62 37.15 0.54 -24.39
CA GLN BA 62 36.71 0.10 -25.72
C GLN BA 62 37.31 0.89 -26.87
N LEU BA 63 37.32 2.19 -26.69
CA LEU BA 63 37.80 3.10 -27.68
C LEU BA 63 39.33 3.04 -27.87
N GLY BA 64 40.08 2.84 -26.78
CA GLY BA 64 41.49 2.71 -26.83
C GLY BA 64 41.94 1.47 -27.61
N PHE BA 65 41.26 0.35 -27.33
CA PHE BA 65 41.54 -0.93 -28.01
C PHE BA 65 41.18 -0.81 -29.47
N HIS BA 66 39.99 -0.27 -29.75
CA HIS BA 66 39.51 0.01 -31.12
C HIS BA 66 40.47 0.87 -31.94
N SER BA 67 40.99 1.91 -31.28
CA SER BA 67 41.92 2.82 -31.91
C SER BA 67 43.23 2.15 -32.36
N ILE BA 68 43.80 1.30 -31.49
CA ILE BA 68 45.05 0.57 -31.81
C ILE BA 68 44.89 -0.40 -32.97
N GLU BA 69 43.78 -1.13 -32.97
CA GLU BA 69 43.40 -2.08 -34.02
C GLU BA 69 43.28 -1.45 -35.41
N LEU BA 70 42.59 -0.31 -35.46
CA LEU BA 70 42.43 0.45 -36.70
C LEU BA 70 43.66 1.27 -37.04
N ASN BA 71 44.53 1.50 -36.03
CA ASN BA 71 45.72 2.32 -36.15
C ASN BA 71 45.43 3.75 -36.64
N GLU BA 72 44.35 4.33 -36.13
CA GLU BA 72 43.89 5.67 -36.50
C GLU BA 72 43.27 6.35 -35.31
N PRO BA 73 43.34 7.70 -35.25
CA PRO BA 73 42.59 8.38 -34.15
C PRO BA 73 41.09 8.05 -34.20
N PRO BA 74 40.46 7.91 -33.06
CA PRO BA 74 39.06 7.55 -33.08
C PRO BA 74 38.15 8.71 -33.52
N LEU BA 75 37.08 8.40 -34.24
CA LEU BA 75 36.03 9.35 -34.60
C LEU BA 75 35.19 9.72 -33.39
N VAL BA 76 34.75 10.98 -33.33
CA VAL BA 76 33.97 11.41 -32.17
C VAL BA 76 32.66 10.65 -32.14
N HIS BA 77 32.05 10.49 -33.31
CA HIS BA 77 30.85 9.72 -33.50
C HIS BA 77 30.94 8.26 -32.97
N THR BA 78 32.10 7.66 -33.13
CA THR BA 78 32.34 6.31 -32.59
C THR BA 78 32.34 6.31 -31.06
N ALA BA 79 32.97 7.30 -30.43
CA ALA BA 79 32.97 7.39 -29.00
C ALA BA 79 31.53 7.56 -28.52
N ALA BA 80 30.76 8.33 -29.26
CA ALA BA 80 29.37 8.62 -28.87
C ALA BA 80 28.50 7.41 -29.06
N SER BA 81 28.73 6.67 -30.14
CA SER BA 81 28.03 5.41 -30.38
C SER BA 81 28.28 4.41 -29.27
N LEU BA 82 29.50 4.33 -28.76
CA LEU BA 82 29.82 3.43 -27.67
C LEU BA 82 29.07 3.84 -26.36
N PHE BA 83 29.03 5.14 -26.05
CA PHE BA 83 28.26 5.62 -24.92
C PHE BA 83 26.79 5.30 -25.12
N LYS BA 84 26.26 5.58 -26.32
CA LYS BA 84 24.88 5.31 -26.67
C LYS BA 84 24.51 3.86 -26.45
N GLU BA 85 25.33 2.91 -26.91
CA GLU BA 85 25.00 1.49 -26.77
C GLU BA 85 24.92 1.06 -25.30
N MET BA 86 25.84 1.55 -24.50
CA MET BA 86 25.85 1.20 -23.09
C MET BA 86 24.66 1.88 -22.36
N CYS BA 87 24.42 3.14 -22.60
CA CYS BA 87 23.33 3.88 -21.96
C CYS BA 87 21.95 3.44 -22.40
N TYR BA 88 21.80 2.92 -23.62
CA TYR BA 88 20.54 2.40 -24.07
C TYR BA 88 20.25 0.97 -23.57
N ARG BA 89 21.24 0.09 -23.67
CA ARG BA 89 21.11 -1.30 -23.23
C ARG BA 89 20.85 -1.39 -21.73
N TYR BA 90 21.56 -0.60 -20.96
CA TYR BA 90 21.40 -0.54 -19.52
C TYR BA 90 20.59 0.71 -19.02
N ARG BA 91 19.62 1.17 -19.83
CA ARG BA 91 18.76 2.30 -19.49
C ARG BA 91 17.96 2.11 -18.21
N GLU BA 92 17.54 0.88 -17.92
CA GLU BA 92 16.88 0.60 -16.68
C GLU BA 92 17.81 0.57 -15.50
N ASP BA 93 19.13 0.58 -15.67
CA ASP BA 93 20.02 0.48 -14.53
C ASP BA 93 21.03 1.59 -14.43
N LEU BA 94 20.92 2.64 -15.22
CA LEU BA 94 21.85 3.74 -15.18
C LEU BA 94 21.08 5.00 -15.03
N MET BA 95 21.67 5.97 -14.37
CA MET BA 95 21.17 7.34 -14.33
C MET BA 95 22.30 8.22 -14.86
N ALA BA 96 22.34 8.44 -16.17
CA ALA BA 96 23.49 9.07 -16.83
C ALA BA 96 22.99 9.99 -17.93
N GLY BA 97 23.39 11.24 -17.91
CA GLY BA 97 23.04 12.20 -18.97
C GLY BA 97 24.38 12.72 -19.44
N ILE BA 98 24.77 12.32 -20.65
CA ILE BA 98 26.11 12.55 -21.15
C ILE BA 98 26.17 13.48 -22.37
N ILE BA 99 27.20 14.32 -22.41
CA ILE BA 99 27.56 15.00 -23.64
C ILE BA 99 28.93 14.51 -24.07
N ILE BA 100 29.03 14.08 -25.32
CA ILE BA 100 30.34 13.65 -25.91
C ILE BA 100 30.78 14.71 -26.88
N ALA BA 101 31.98 15.26 -26.66
CA ALA BA 101 32.46 16.27 -27.58
C ALA BA 101 33.92 16.16 -27.81
N GLY BA 102 34.31 16.49 -29.03
CA GLY BA 102 35.73 16.45 -29.38
C GLY BA 102 36.00 16.70 -30.83
N TRP BA 103 37.21 16.34 -31.23
CA TRP BA 103 37.69 16.62 -32.57
C TRP BA 103 38.27 15.35 -33.16
N ASP BA 104 37.97 15.10 -34.42
CA ASP BA 104 38.72 14.12 -35.22
C ASP BA 104 39.04 14.65 -36.63
N PRO BA 105 40.01 14.01 -37.34
CA PRO BA 105 40.43 14.56 -38.66
C PRO BA 105 39.41 14.48 -39.78
N GLN BA 106 38.41 13.67 -39.61
CA GLN BA 106 37.47 13.43 -40.67
C GLN BA 106 36.32 14.45 -40.60
N GLU BA 107 35.78 14.70 -39.41
CA GLU BA 107 34.56 15.51 -39.25
C GLU BA 107 34.76 16.74 -38.41
N GLY BA 108 35.97 16.94 -37.91
CA GLY BA 108 36.31 18.13 -37.13
C GLY BA 108 35.67 18.12 -35.75
N GLY BA 109 35.14 19.29 -35.35
CA GLY BA 109 34.60 19.49 -34.03
C GLY BA 109 33.17 19.03 -33.98
N GLN BA 110 32.86 18.20 -33.00
CA GLN BA 110 31.52 17.66 -32.91
C GLN BA 110 31.03 17.55 -31.49
N VAL BA 111 29.74 17.78 -31.35
CA VAL BA 111 29.02 17.67 -30.05
C VAL BA 111 27.87 16.70 -30.21
N TYR BA 112 27.85 15.68 -29.37
CA TYR BA 112 26.71 14.71 -29.32
C TYR BA 112 26.06 14.71 -27.94
N SER BA 113 24.74 14.78 -27.89
CA SER BA 113 24.03 14.46 -26.64
C SER BA 113 23.58 12.98 -26.57
N VAL BA 114 23.86 12.35 -25.42
CA VAL BA 114 23.27 11.08 -25.07
C VAL BA 114 22.54 11.26 -23.76
N PRO BA 115 21.28 11.68 -23.82
CA PRO BA 115 20.51 11.87 -22.58
C PRO BA 115 20.06 10.54 -21.99
N MET BA 116 19.46 10.59 -20.82
CA MET BA 116 18.92 9.40 -20.18
C MET BA 116 17.92 8.71 -21.11
N GLY BA 117 18.04 7.37 -21.17
CA GLY BA 117 17.32 6.57 -22.10
C GLY BA 117 18.19 6.06 -23.22
N GLY BA 118 19.27 6.77 -23.48
CA GLY BA 118 20.22 6.42 -24.48
C GLY BA 118 19.92 6.69 -25.94
N MET BA 119 19.20 7.76 -26.23
CA MET BA 119 19.14 8.24 -27.59
C MET BA 119 20.44 8.99 -27.86
N MET BA 120 20.70 9.27 -29.11
CA MET BA 120 21.88 10.03 -29.49
C MET BA 120 21.56 10.99 -30.61
N VAL BA 121 22.04 12.20 -30.45
CA VAL BA 121 21.77 13.20 -31.44
C VAL BA 121 22.95 14.15 -31.49
N ARG BA 122 23.34 14.50 -32.70
CA ARG BA 122 24.34 15.55 -32.90
C ARG BA 122 23.73 16.93 -32.81
N GLN BA 123 24.45 17.84 -32.21
CA GLN BA 123 23.97 19.23 -32.04
C GLN BA 123 25.07 20.30 -32.18
N SER BA 124 24.70 21.51 -32.61
CA SER BA 124 25.61 22.68 -32.58
C SER BA 124 26.15 22.95 -31.21
N PHE BA 125 25.25 22.89 -30.26
CA PHE BA 125 25.61 22.98 -28.86
C PHE BA 125 24.62 22.19 -28.04
N ALA BA 126 25.08 21.76 -26.89
CA ALA BA 126 24.28 20.95 -26.00
C ALA BA 126 24.42 21.42 -24.57
N ILE BA 127 23.34 21.26 -23.82
CA ILE BA 127 23.38 21.47 -22.39
C ILE BA 127 22.70 20.30 -21.73
N GLY BA 128 23.04 20.07 -20.48
CA GLY BA 128 22.42 19.00 -19.67
C GLY BA 128 22.70 19.20 -18.19
N GLY BA 129 22.22 18.28 -17.38
CA GLY BA 129 22.25 18.38 -15.93
C GLY BA 129 21.04 19.10 -15.39
N SER BA 130 20.85 19.02 -14.09
CA SER BA 130 19.69 19.66 -13.44
C SER BA 130 19.64 21.17 -13.66
N GLY BA 131 20.82 21.81 -13.65
CA GLY BA 131 20.90 23.26 -13.92
C GLY BA 131 20.50 23.73 -15.30
N SER BA 132 20.60 22.84 -16.28
CA SER BA 132 20.28 23.19 -17.66
C SER BA 132 18.88 23.77 -17.83
N SER BA 133 17.93 23.34 -17.02
CA SER BA 133 16.58 23.91 -17.11
C SER BA 133 16.55 25.44 -17.04
N TYR BA 134 17.37 25.99 -16.16
CA TYR BA 134 17.35 27.42 -15.92
C TYR BA 134 18.05 28.26 -17.01
N ILE BA 135 18.66 27.64 -18.00
CA ILE BA 135 19.32 28.36 -19.04
C ILE BA 135 18.84 28.08 -20.43
N TYR BA 136 17.73 27.36 -20.64
CA TYR BA 136 17.25 27.17 -22.01
C TYR BA 136 16.93 28.50 -22.68
N GLY BA 137 16.22 29.36 -21.97
CA GLY BA 137 15.90 30.65 -22.48
C GLY BA 137 17.09 31.49 -22.88
N TYR BA 138 18.08 31.52 -22.00
CA TYR BA 138 19.30 32.22 -22.25
C TYR BA 138 20.09 31.70 -23.51
N VAL BA 139 20.32 30.41 -23.59
CA VAL BA 139 21.06 29.84 -24.73
C VAL BA 139 20.27 30.01 -26.02
N ASP BA 140 18.95 29.90 -26.00
CA ASP BA 140 18.15 30.17 -27.18
C ASP BA 140 18.23 31.65 -27.62
N ALA BA 141 18.41 32.59 -26.69
CA ALA BA 141 18.46 34.03 -27.02
C ALA BA 141 19.86 34.52 -27.46
N THR BA 142 20.90 33.82 -26.99
CA THR BA 142 22.27 34.23 -27.11
C THR BA 142 23.02 33.43 -28.22
N TYR BA 143 22.75 32.14 -28.40
CA TYR BA 143 23.44 31.38 -29.45
C TYR BA 143 23.39 32.10 -30.80
N ARG BA 144 24.56 32.24 -31.45
CA ARG BA 144 24.66 32.77 -32.83
C ARG BA 144 25.47 31.74 -33.64
N GLU BA 145 25.01 31.50 -34.86
CA GLU BA 145 25.76 30.75 -35.84
C GLU BA 145 27.12 31.45 -36.11
N GLY BA 146 28.20 30.69 -36.13
CA GLY BA 146 29.50 31.18 -36.52
C GLY BA 146 30.39 31.78 -35.45
N MET BA 147 30.11 31.53 -34.19
CA MET BA 147 30.94 32.04 -33.08
CA MET BA 147 30.92 32.06 -33.10
C MET BA 147 32.36 31.50 -33.17
N THR BA 148 33.34 32.30 -32.80
CA THR BA 148 34.72 31.88 -32.69
C THR BA 148 34.90 31.04 -31.44
N LYS BA 149 36.09 30.46 -31.28
CA LYS BA 149 36.44 29.77 -30.06
C LYS BA 149 36.32 30.64 -28.80
N GLU BA 150 36.81 31.86 -28.84
CA GLU BA 150 36.75 32.75 -27.69
C GLU BA 150 35.31 33.13 -27.29
N GLU BA 151 34.46 33.38 -28.28
CA GLU BA 151 33.06 33.59 -28.09
C GLU BA 151 32.35 32.39 -27.44
N CYS BA 152 32.66 31.17 -27.92
CA CYS BA 152 32.12 29.94 -27.36
C CYS BA 152 32.56 29.75 -25.93
N LEU BA 153 33.80 30.10 -25.61
CA LEU BA 153 34.24 30.05 -24.21
C LEU BA 153 33.46 31.02 -23.29
N GLN BA 154 33.19 32.22 -23.77
CA GLN BA 154 32.49 33.23 -23.01
C GLN BA 154 31.02 32.84 -22.88
N PHE BA 155 30.41 32.33 -23.97
CA PHE BA 155 29.03 31.87 -24.00
C PHE BA 155 28.80 30.79 -22.97
N THR BA 156 29.71 29.83 -22.97
CA THR BA 156 29.68 28.73 -22.08
C THR BA 156 29.87 29.18 -20.62
N ALA BA 157 30.86 30.02 -20.35
CA ALA BA 157 31.04 30.45 -18.98
C ALA BA 157 29.81 31.27 -18.40
N ASN BA 158 29.18 32.10 -19.25
CA ASN BA 158 28.06 32.89 -18.90
C ASN BA 158 26.85 31.99 -18.57
N ALA BA 159 26.57 31.01 -19.46
CA ALA BA 159 25.48 30.10 -19.32
C ALA BA 159 25.63 29.30 -18.06
N LEU BA 160 26.82 28.76 -17.82
CA LEU BA 160 27.06 28.00 -16.62
C LEU BA 160 26.98 28.82 -15.35
N ALA BA 161 27.47 30.05 -15.35
CA ALA BA 161 27.40 30.91 -14.16
C ALA BA 161 25.95 31.24 -13.75
N LEU BA 162 25.11 31.47 -14.74
CA LEU BA 162 23.68 31.69 -14.58
C LEU BA 162 22.92 30.46 -14.00
N ALA BA 163 23.16 29.29 -14.57
CA ALA BA 163 22.69 28.04 -14.02
C ALA BA 163 23.19 27.84 -12.60
N MET BA 164 24.48 28.08 -12.35
CA MET BA 164 25.02 27.88 -11.01
C MET BA 164 24.42 28.81 -9.96
N GLU BA 165 23.98 29.97 -10.35
CA GLU BA 165 23.42 30.95 -9.40
C GLU BA 165 22.06 30.41 -8.89
N ARG BA 166 21.31 29.76 -9.76
CA ARG BA 166 19.96 29.32 -9.51
C ARG BA 166 19.76 27.88 -8.99
N ASP BA 167 20.53 26.92 -9.49
CA ASP BA 167 20.38 25.51 -9.17
C ASP BA 167 21.17 25.23 -7.94
N GLY BA 168 20.52 24.87 -6.84
CA GLY BA 168 21.22 24.40 -5.63
C GLY BA 168 22.12 23.17 -5.91
N SER BA 169 21.78 22.36 -6.90
CA SER BA 169 22.62 21.21 -7.30
C SER BA 169 23.82 21.52 -8.21
N SER BA 170 23.99 22.79 -8.62
CA SER BA 170 25.15 23.23 -9.37
C SER BA 170 25.93 24.29 -8.59
N GLY BA 171 27.23 24.41 -8.80
CA GLY BA 171 28.00 25.46 -8.14
C GLY BA 171 29.49 25.18 -8.14
N GLY BA 172 30.20 25.98 -7.37
CA GLY BA 172 31.64 25.80 -7.15
C GLY BA 172 32.43 26.57 -8.16
N VAL BA 173 33.23 25.88 -8.99
CA VAL BA 173 34.02 26.52 -10.05
C VAL BA 173 33.52 26.12 -11.40
N ILE BA 174 33.92 26.86 -12.41
CA ILE BA 174 33.61 26.48 -13.78
C ILE BA 174 34.88 25.89 -14.38
N ARG BA 175 34.76 24.66 -14.89
CA ARG BA 175 35.82 24.03 -15.65
C ARG BA 175 35.46 24.07 -17.12
N LEU BA 176 36.45 24.53 -17.90
CA LEU BA 176 36.34 24.67 -19.33
C LEU BA 176 37.45 23.91 -19.98
N ALA BA 177 37.17 23.48 -21.20
CA ALA BA 177 38.14 22.87 -22.06
C ALA BA 177 37.83 23.25 -23.49
N ALA BA 178 38.90 23.49 -24.24
CA ALA BA 178 38.81 23.65 -25.66
C ALA BA 178 39.63 22.53 -26.33
N ILE BA 179 39.04 21.96 -27.37
CA ILE BA 179 39.61 20.84 -28.10
C ILE BA 179 39.65 21.18 -29.58
N ALA BA 180 40.83 21.01 -30.18
CA ALA BA 180 41.00 21.18 -31.59
C ALA BA 180 42.17 20.28 -32.05
N GLU BA 181 42.53 20.38 -33.34
CA GLU BA 181 43.65 19.61 -33.84
C GLU BA 181 44.90 19.82 -32.97
N SER BA 182 45.21 21.08 -32.63
CA SER BA 182 46.45 21.42 -31.91
C SER BA 182 46.53 20.77 -30.55
N GLY BA 183 45.39 20.48 -29.95
CA GLY BA 183 45.35 19.80 -28.65
C GLY BA 183 44.19 20.22 -27.77
N VAL BA 184 44.41 20.07 -26.47
CA VAL BA 184 43.40 20.33 -25.42
C VAL BA 184 43.95 21.40 -24.45
N GLU BA 185 43.16 22.45 -24.25
CA GLU BA 185 43.48 23.51 -23.31
C GLU BA 185 42.40 23.50 -22.24
N ARG BA 186 42.81 23.31 -20.99
CA ARG BA 186 41.92 23.30 -19.88
C ARG BA 186 42.16 24.54 -18.99
N GLN BA 187 41.06 25.09 -18.47
CA GLN BA 187 41.14 26.13 -17.45
C GLN BA 187 39.99 26.07 -16.47
N VAL BA 188 40.23 26.68 -15.33
CA VAL BA 188 39.24 26.87 -14.28
C VAL BA 188 38.92 28.36 -14.13
N LEU BA 189 37.63 28.72 -14.07
CA LEU BA 189 37.19 30.05 -13.59
C LEU BA 189 36.69 29.88 -12.17
N LEU BA 190 37.35 30.56 -11.26
CA LEU BA 190 36.98 30.60 -9.84
C LEU BA 190 36.84 32.03 -9.27
N GLY BA 191 36.13 32.13 -8.15
CA GLY BA 191 35.83 33.41 -7.51
C GLY BA 191 35.39 34.51 -8.49
N ASP BA 192 36.14 35.61 -8.51
CA ASP BA 192 35.83 36.78 -9.36
C ASP BA 192 35.94 36.59 -10.86
N GLN BA 193 36.55 35.49 -11.28
CA GLN BA 193 36.67 35.18 -12.67
C GLN BA 193 35.35 34.66 -13.26
N ILE BA 194 34.42 34.20 -12.39
CA ILE BA 194 33.10 33.71 -12.80
C ILE BA 194 32.22 34.92 -13.16
N PRO BA 195 31.61 34.95 -14.37
CA PRO BA 195 30.76 36.05 -14.73
C PRO BA 195 29.67 36.28 -13.67
N LYS BA 196 29.40 37.56 -13.43
CA LYS BA 196 28.65 38.09 -12.30
C LYS BA 196 27.47 38.87 -12.91
N PHE BA 197 26.28 38.71 -12.33
CA PHE BA 197 25.04 39.40 -12.79
C PHE BA 197 24.21 39.89 -11.56
N ALA BA 198 24.06 41.19 -11.38
CA ALA BA 198 23.36 41.74 -10.17
C ALA BA 198 22.07 40.99 -9.66
N VAL BA 199 21.92 40.87 -8.32
CA VAL BA 199 20.60 40.61 -7.68
C VAL BA 199 19.83 41.91 -7.89
N ALA BA 200 18.62 41.80 -8.44
CA ALA BA 200 17.87 42.96 -8.96
C ALA BA 200 17.10 43.70 -7.85
N THR BA 201 17.83 44.44 -7.03
CA THR BA 201 17.30 45.07 -5.80
C THR BA 201 16.30 46.19 -6.17
N LEU BA 202 15.63 46.70 -5.14
CA LEU BA 202 14.47 47.59 -5.35
C LEU BA 202 14.80 49.08 -5.66
N PRO BA 203 14.30 49.58 -6.83
CA PRO BA 203 14.35 51.03 -7.12
C PRO BA 203 13.45 51.88 -6.19
K K CA . -39.69 46.79 16.28
MG MG DA . -20.18 6.89 -30.78
OH2 1PE EA . -28.13 18.12 3.20
C12 1PE EA . -26.77 17.67 3.30
C22 1PE EA . -26.19 17.35 1.93
OH3 1PE EA . -27.19 17.32 0.89
C13 1PE EA . -27.55 16.71 -1.49
C23 1PE EA . -26.85 16.42 -0.17
OH4 1PE EA . -26.53 17.09 -2.45
C14 1PE EA . -25.67 18.95 -3.82
C24 1PE EA . -26.76 18.41 -2.90
OH5 1PE EA . -26.16 20.03 -4.64
C15 1PE EA . -26.27 22.32 -3.69
C25 1PE EA . -27.02 21.04 -4.06
OH6 1PE EA . -27.03 23.02 -2.69
C16 1PE EA . -27.70 22.69 -0.38
C26 1PE EA . -26.55 23.06 -1.32
OH7 1PE EA . -27.92 23.66 0.66
MG MG FA . -30.75 -17.14 -12.48
OH2 1PE GA . -32.06 8.63 12.29
C12 1PE GA . -32.51 7.85 11.17
C22 1PE GA . -32.59 8.69 9.90
OH3 1PE GA . -31.31 8.58 9.23
C13 1PE GA . -31.62 8.32 6.80
C23 1PE GA . -31.25 7.65 8.14
OH4 1PE GA . -32.61 9.34 7.00
C14 1PE GA . -33.38 11.36 6.01
C24 1PE GA . -33.35 9.83 5.86
OH5 1PE GA . -33.99 12.08 4.92
C15 1PE GA . -32.15 13.82 4.67
C25 1PE GA . -33.18 12.88 4.02
OH6 1PE GA . -30.81 13.41 4.33
C16 1PE GA . -28.56 13.95 3.52
C26 1PE GA . -29.87 14.49 4.13
OH7 1PE GA . -27.74 13.20 4.45
MG MG HA . -28.23 -22.93 -7.93
MG MG IA . -18.83 -0.48 16.07
MG MG JA . 6.92 -16.79 32.50
OH2 1PE KA . -15.00 12.28 36.08
C12 1PE KA . -13.67 11.73 36.27
C22 1PE KA . -12.64 12.45 35.38
OH3 1PE KA . -12.32 11.70 34.20
C13 1PE KA . -13.00 11.50 31.79
C23 1PE KA . -13.41 11.43 33.28
OH4 1PE KA . -12.41 10.27 31.27
C14 1PE KA . -11.52 9.03 29.33
C24 1PE KA . -12.49 10.11 29.84
OH5 1PE KA . -10.48 9.52 28.45
C15 1PE KA . -9.86 10.70 26.45
C25 1PE KA . -10.94 9.88 27.15
OH6 1PE KA . -10.35 11.89 25.79
C16 1PE KA . -11.36 10.72 23.80
C26 1PE KA . -11.47 11.82 24.86
OH7 1PE KA . -12.53 10.61 22.95
OH2 1PE LA . 21.26 11.63 2.31
C12 1PE LA . 22.57 12.19 2.52
C22 1PE LA . 22.49 13.25 3.61
OH3 1PE LA . 23.74 13.30 4.29
C13 1PE LA . 22.87 14.17 6.41
C23 1PE LA . 23.84 14.37 5.25
OH4 1PE LA . 23.49 14.66 7.61
C14 1PE LA . 24.71 13.01 8.95
C24 1PE LA . 23.40 13.79 8.75
OH5 1PE LA . 24.45 11.61 9.13
C15 1PE LA . 23.36 9.85 10.52
C25 1PE LA . 23.91 11.28 10.42
OH6 1PE LA . 23.33 9.15 9.27
C16 1PE LA . 24.65 7.07 9.02
C26 1PE LA . 24.58 8.59 8.82
OH7 1PE LA . 25.90 6.53 8.53
K K MA . 27.42 7.71 26.19
MG MG NA . 30.23 10.87 19.86
OH2 1PE OA . -15.03 25.15 0.15
C12 1PE OA . -13.91 25.03 -0.74
C22 1PE OA . -13.00 26.27 -0.61
OH3 1PE OA . -11.66 25.97 -0.26
C13 1PE OA . -10.80 28.28 -0.29
C23 1PE OA . -10.70 26.85 -0.84
OH4 1PE OA . -11.36 29.11 -1.30
C14 1PE OA . -11.70 31.22 -2.35
C24 1PE OA . -10.86 30.43 -1.35
OH5 1PE OA . -13.01 31.32 -1.81
C15 1PE OA . -15.34 31.97 -2.02
C25 1PE OA . -14.01 31.71 -2.76
OH6 1PE OA . -15.13 32.99 -1.03
C16 1PE OA . -15.70 35.24 -0.26
C26 1PE OA . -16.24 33.87 -0.73
OH7 1PE OA . -16.63 36.29 -0.58
K K PA . 4.92 25.69 -25.79
K K QA . 49.65 -28.94 -27.20
MG MG RA . 22.92 1.93 -10.00
MG MG SA . 14.00 -13.94 31.60
OH2 1PE TA . 23.18 -16.31 0.11
C12 1PE TA . 23.05 -17.52 -0.66
C22 1PE TA . 24.20 -17.69 -1.65
OH3 1PE TA . 24.98 -18.86 -1.35
C13 1PE TA . 27.25 -19.87 -1.09
C23 1PE TA . 26.40 -18.61 -1.33
OH4 1PE TA . 27.07 -20.40 0.24
C14 1PE TA . 28.12 -22.59 0.61
C24 1PE TA . 28.21 -21.07 0.84
OH5 1PE TA . 27.47 -23.22 1.74
C15 1PE TA . 25.42 -24.24 2.65
C25 1PE TA . 26.31 -24.03 1.41
OH6 1PE TA . 24.04 -24.00 2.30
C16 1PE TA . 21.86 -25.12 2.10
C26 1PE TA . 23.06 -24.76 3.02
OH7 1PE TA . 21.90 -26.49 1.64
MG MG UA . 5.47 -24.25 -0.72
OH2 1PE VA . 4.24 -33.03 -26.67
C12 1PE VA . 3.10 -33.14 -25.78
C22 1PE VA . 3.46 -33.86 -24.48
OH3 1PE VA . 2.33 -33.88 -23.60
C13 1PE VA . 2.59 -31.70 -22.56
C23 1PE VA . 2.53 -33.22 -22.35
OH4 1PE VA . 2.40 -31.00 -21.31
C14 1PE VA . 3.33 -30.20 -19.15
C24 1PE VA . 3.55 -31.00 -20.45
OH5 1PE VA . 2.73 -28.94 -19.44
C15 1PE VA . 2.74 -26.83 -18.27
C25 1PE VA . 2.14 -28.24 -18.34
OH6 1PE VA . 1.72 -25.89 -17.98
C16 1PE VA . 3.24 -23.98 -18.57
C26 1PE VA . 1.84 -24.62 -18.63
OH7 1PE VA . 3.82 -24.08 -17.26
K K WA . -23.03 -0.35 -30.72
OH2 1PE XA . -6.92 14.16 -18.16
C12 1PE XA . -7.54 14.91 -19.21
C22 1PE XA . -7.13 14.33 -20.54
OH3 1PE XA . -8.11 14.65 -21.53
C13 1PE XA . -7.88 12.82 -23.17
C23 1PE XA . -7.68 14.31 -22.86
OH4 1PE XA . -8.99 12.77 -24.06
C14 1PE XA . -10.81 11.52 -24.87
C24 1PE XA . -9.31 11.51 -24.61
OH5 1PE XA . -11.48 11.05 -23.69
C15 1PE XA . -12.53 9.14 -22.58
C25 1PE XA . -11.68 9.63 -23.75
OH6 1PE XA . -12.25 9.90 -21.40
C16 1PE XA . -14.32 10.35 -20.14
C26 1PE XA . -13.22 10.91 -21.06
OH7 1PE XA . -14.71 11.34 -19.19
OH2 1PE YA . 35.62 -4.34 -20.08
C12 1PE YA . 34.36 -4.12 -20.74
C22 1PE YA . 33.53 -3.03 -20.04
OH3 1PE YA . 33.13 -3.39 -18.70
C13 1PE YA . 31.77 -2.49 -16.76
C23 1PE YA . 31.87 -2.81 -18.27
OH4 1PE YA . 31.08 -1.23 -16.56
C14 1PE YA . 28.85 -0.22 -17.12
C24 1PE YA . 29.66 -1.35 -16.50
OH5 1PE YA . 27.46 -0.60 -17.30
C15 1PE YA . 25.29 -1.06 -16.10
C25 1PE YA . 26.79 -0.84 -16.05
OH6 1PE YA . 24.86 -2.17 -15.30
C16 1PE YA . 25.43 -3.61 -13.49
C26 1PE YA . 25.16 -2.16 -13.90
OH7 1PE YA . 26.12 -3.75 -12.23
K K ZA . 24.09 26.98 -6.82
#